data_8W0F
#
_entry.id   8W0F
#
_cell.length_a   1.00
_cell.length_b   1.00
_cell.length_c   1.00
_cell.angle_alpha   90.00
_cell.angle_beta   90.00
_cell.angle_gamma   90.00
#
_symmetry.space_group_name_H-M   'P 1'
#
loop_
_entity.id
_entity.type
_entity.pdbx_description
1 polymer 'DNA replication licensing factor MCM2'
2 polymer 'DNA replication licensing factor MCM3'
3 polymer 'DNA replication licensing factor MCM4'
4 polymer 'DNA replication licensing factor MCM5'
5 polymer 'DNA replication licensing factor MCM6'
6 polymer 'DNA replication licensing factor MCM7'
7 polymer 'DNA (47-MER)'
8 polymer 'DNA (47-MER)'
9 non-polymer 'ZINC ION'
10 non-polymer 'MAGNESIUM ION'
11 non-polymer "ADENOSINE-5'-TRIPHOSPHATE"
12 non-polymer "ADENOSINE-5'-DIPHOSPHATE"
#
loop_
_entity_poly.entity_id
_entity_poly.type
_entity_poly.pdbx_seq_one_letter_code
_entity_poly.pdbx_strand_id
1 'polypeptide(L)'
;MAESSESFTMASSPAQRRRGNDPLTSSPGRSSRRTDALTSSPGRDLPPFEDESEGLLGTEGPLEEEEDGEELIGDGMERD
YRAIPELDAYEAEGLALDDEDVEELTASQREAAERAMRQRDREAGRGLGRMRRGLLYDSDEEDEERPARKRRQVERATED
GEEDEEMIESIENLEDLKGHSVREWVSMAGPRLEIHHRFKNFLRTHVDSHGHNVFKERISDMCKENRESLVVNYEDLAAR
EHVLAYFLPEAPAELLQIFDEAALEVVLAMYPKYDRITNHIHVRISHLPLVEELRSLRQLHLNQLIRTSGVVTSCTGVLP
QLSMVKYNCNKCNFVLGPFCQSQNQEVKPGSCPECQSAGPFEVNMEETIYQNYQRIRIQESPGKVAAGRLPRSKDAILLA
DLVDSCKPGDEIELTGIYHNNYDGSLNTANGFPVFATVILANHVAKKDNKVAVGELTDEDVKMITSLSKDQQIGEKIFAS
IAPSIYGHEDIKRGLALALFGGEPKNPGGKHKVRGDINVLLCGDPGTAKSQFLKYIEKVSSRAIFTTGQGASAVGLTAYV
QRHPVSREWTLEAGALVLADRGVCLIDEFDKMNDQDRTSIHEAMEQQSISISKAGIVTSLQARCTVIAAANPIGGRYDPS
LTFSENVDLTEPIISRFDILCVVRDTVDPVQDEMLARFVVGSHVRHHPSNKEEEGLANGSAAEPAMPNTYGVEPLPQEVL
KKYIIYAKERVHPKLNQMDQDKVAKMYSDLRKESMATGSIPITVRHIESMIRMAEAHARIHLRDYVIEDDVNMAIRVMLE
SFIDTQKFSVMRSMRKTFARYLSFRRDNNELLLFILKQLVAEQVTYQRNRFGAQQDTIEVPEKDLVDKARQINIHNLSAF
YDSELFRMNKFSHDLKRKMILQQF
;
2,A
2 'polypeptide(L)'
;SNAAGTVVLDDVELREAQRDYLDFLDDEEDQGIYQSKVRELISDNQYRLIVNVNDLRRKNEKRANRLLNNAFEELVAFQR
ALKDFVASIDATYAKQYEEFYVGLEGSFGSKHVSPRTLTSCFLSCVVCVEGIVTKCSLVRPKVVRSVHYCPATKKTIERR
YSDLTTLVAFPSSSVYPTKDEENNPLETEYGLSVYKDHQTITIQEMPEKAPAGQLPRSVDVILDDDLVDKAKPGDRVQVV
GTYRCLPGKKGGYTSGTFRTVLIACNVKQMSKDAQPSFSAEDIAKIKKFSKTRSKDIFDQLAKSLAPSIHGHDYVKKAIL
CLLLGGVERDLENGSHIRGDINILLIGDPSVAKSQLLRYVLCTAPRAIPTTGRGSSGVGLTAAVTTDQETGERRLEAGAM
VLADRGVVCIDEFDKMSDMDRTAIHEVMEQGRVTIAKAGIHARLNARCSVLAAANPVYGRYDQYKTPMENIGLQDSLLSR
FDLLFIMLDQMDPEQDREISDHVLRMHRYRAPGEQDGDAMPLGSAVDILATDDPNFSQEDQQDTQIYEKHDNLLHGTKKK
KEKMVSAAFMKKYIHVAKIIKPVLTQESATYIAEEYSRLRSQDSMSSDTARTSPVTARTLETLIRLATAHAKARMSKTVD
LQDAEEAVELVQYAYFKKVLEKEKKRKKRSEDESETEDEEEKSQEDQEQKRKRRKTRQPDAKDGDSYDPYDFSDTEEEMP
QVHTPKTADSQETKESQKVELSESRLKAFKVALLDVFREAHAQSIGMNRLTESINRDSEEPFSSVEIQAALSKMQDDNQV
MVSEGIIFLI
;
3,B
3 'polypeptide(L)'
;SNAMSSPASTPSRRGSRRGRATPAQTPRSEDARSSPSQRRRGEDSTSTGELQPMPTSPGVDLQSPAAQDVLFSSPPQMHS
SAIPLDFDVSSPLTYGTPSSRVEGTPRSGVRGTPVRQRPDLGSAQKGLQVDLQSDGAAAEDIVASEQSLGQKLVIWGTDV
NVAACKENFQRFLQRFIDPLAKEEENVGIDITEPLYMQRLGEINVIGEPFLNVNCEHIKSFDKNLYRQLISYPQEVIPTF
DMAVNEIFFDRYPDSILEHQIQVRPFNALKTKNMRNLNPEDIDQLITISGMVIRTSQLIPEMQEAFFQCQVCAHTTRVEM
DRGRIAEPSVCGRCHTTHSMALIHNRSLFSDKQMIKLQESPEDMPAGQTPHTVILFAHNDLVDKVQPGDRVNVTGIYRAV
PIRVNPRVSNVKSVYKTHIDVIHYRKTDAKRLHGLDEEAEQKLFSEKRVELLKELSRKPDIYERLASALAPSIYEHEDIK
KGILLQLFGGTRKDFSHTGRGKFRAEINILLCGDPGTSKSQLLQYVYNLVPRGQYTSGKGSSAVGLTAYVMKDPETRQLV
LQTGALVLSDNGICCIDEFDKMNESTRSVLHEVMEQQTLSIAKAGIICQLNARTSVLAAANPIESQWNPKKTTIENIQLP
HTLLSRFDLIFLMLDPQDEAYDRRLAHHLVALYYQSEEQAEEELLDMAVLKDYIAYAHSTIMPRLSEEASQALIEAYVDM
RKIGSSRGMVSAYPRQLESLIRLAEAHAKVRLSNKVEAIDVEEAKRLHREALKQSATDPRTGIVDISILTTGMSATSRKR
KEELAEALKKLILSKGKTPALKYQQLFEDIRGQSDIAITKDMFEEALRALADDDFLTVTGKTVRLL
;
4,C
4 'polypeptide(L)'
;MSGFDDPGIFYSDSFGGDAQADEGQARKSQLQRRFKEFLRQYRVGTDRTGFTFKYRDELKRHYNLGEYWIEVEMEDLASF
DEDLADYLYKQPAEHLQLLEEAAKEVADEVTRPRPSGEEVLQDIQVMLKSDASPSSIRSLKSDMMSHLVKIPGIIIAASA
VRAKATRISIQCRSCRNTLTNIAMRPGLEGYALPRKCNTDQAGRPKCPLDPYFIMPDKCKCVDFQTLKLQELPDAVPHGE
MPRHMQLYCDRYLCDKVVPGNRVTIMGIYSIKKFGLTTSRGRDRVGVGIRSSYIRVLGIQVDTDGSGRSFAGAVSPQEEE
EFRRLAALPNVYEVISKSIAPSIFGGTDMKKAIACLLFGGSRKRLPDGLTRRGDINLLMLGDPGTAKSQLLKFVEKCSPI
GVYTSGKGSSAAGLTASVMRDPSSRNFIMEGGAMVLADGGVVCIDEFDKMREDDRVAIHEAMEQQTISIAKAGITTTLNS
RCSVLAAANSVFGRWDETKGEDNIDFMPTILSRFDMIFIVKDEHNEERDVMLAKHVITLHVSALTQTQAVEGEIDLAKLK
KFIAYCRVKCGPRLSAEAAEKLKNRYIIMRSGARQHERDSDRRSSIPITVRQLEAIVRIAEALSKMKLQPFATEADVEEA
LRLFQVSTLDAALSGTLSGVEGFTSQEDQEMLSRIEKQLKRRFAIGSQVSEHSIIKDFTKQKYPEHAIHKVLQLMLRRGE
IQHRMQRKVLYRLK
;
5,D
5 'polypeptide(L)'
;MDLAAAAEPGAGSQHLEVRDEVAEKCQKLFLDFLEEFQSSDGEIKYLQLAEELIRPERNTLVVSFVDLEQFNQQLSTTIQ
EEFYRVYPYLCRALKTFVKDRKEIPLAKDFYVAFQDLPTRHKIRELTSSRIGLLTRISGQVVRTHPVHPELVSGTFLCLD
CQTVIRDVEQQFKYTQPNICRNPVCANRRRFLLDTNKSRFVDFQKVRIQETQAELPRGSIPRSLEVILRAEAVESAQAGD
KCDFTGTLIVVPDVSKLSTPGARAETNSRVSGVDGYETEGIRGLRALGVRDLSYRLVFLACCVAPTNPRFGGKELRDEEQ
TAESIKNQMTVKEWEKVFEMSQDKNLYHNLCTSLFPTIHGNDEVKRGVLLMLFGGVPKTTGEGTSLRGDINVCIVGDPST
AKSQFLKHVEEFSPRAVYTSGKASSAAGLTAAVVRDEESHEFVIEAGALMLADNGVCCIDEFDKMDVRDQVAIHEAMEQQ
TISITKAGVKATLNARTSILAAANPISGHYDRSKSLKQNINLSAPIMSRFDLFFILVDECNEVTDYAIARRIVDLHSRIE
ESIDRVYSLDDIRRYLLFARQFKPKISKESEDFIVEQYKHLRQRDGSGVTKSSWRITVRQLESMIRLSEAMARMHCCDEV
QPKHVKEAFRLLNKSIIRVETPDVNLDQEEEIQMEVDEGAGGINGHADSPAPVNGINGYNEDINQESAPKASLRLGFSEY
CRISNLIVLHLRKVEEEEDESALKRSELVNWYLKEIESEIDSEEELINKKRIIEKVIHRLTHYDHVLIELTQAGLKGSTE
GSESYEEDPYLVVNPNYLLED
;
6,E
6 'polypeptide(L)'
;MALKDYALEKEKVKKFLQEFYQDDELGKKQFKYGNQLVRLAHREQVALYVDLDDVAEDDPELVDSICENARRYAKLFADA
VQELLPQYKEREVVNKDVLDVYIEHRLMMEQRSRDPGMVRSPQNQYPAELMRRFELYFQGPSSNKPRVIREVRADSVGKL
VTVRGIVTRVSEVKPKMVVATYTCDQCGAETYQPIQSPTFMPLIMCPSQECQTNRSGGRLYLQTRGSRFIKFQEMKMQEH
SDQVPVGNIPRSITVLVEGENTRIAQPGDHVSVTGIFLPILRTGFRQVVQGLLSETYLEAHRIVKMNKSEDDESGAGELT
REELRQIAEEDFYEKLAASIAPEIYGHEDVKKALLLLLVGGVDQSPRGMKIRGNINICLMGDPGVAKSQLLSYIDRLAPR
SQYTTGRGSSGVGLTAAVLRDSVSGELTLEGGALVLADQGVCCIDEFDKMAEADRTAIHEVMEQQTISIAKAGILTTLNA
RCSILAAANPAYGRYNPRRSLEQNIQLPAALLSRFDLLWLIQDRPDRDNDLRLAQHITYVHQHSRQPPSQFEPLDMKLMR
RYIAMCREKQPMVPESLADYITAAYVEMRREAWASKDATYTSARTLLAILRLSTALARLRMVDVVEKEDVNEAIRLMEMS
KDSLLGDKGQTARTQRPADVIFATVRELVSGGRSVRFSEAEQRCVSRGFTPAQFQAALDEYEELNVWQVNASRTRITFV
;
7,F
7 'polydeoxyribonucleotide'
;(DA)(DA)(DA)(DA)(DA)(DA)(DA)(DA)(DA)(DA)(DA)(DA)(DA)(DA)(DA)(DA)(DA)(DA)(DA)(DA)
(DA)(DA)(DA)(DT)(DT)(DT)(DT)(DT)(DT)(DT)(DT)(DT)(DT)(DT)(DT)(DT)(DT)(DT)(DT)(DT)
(DT)(DT)(DT)(DT)(DT)(DT)(DT)
;
O
8 'polydeoxyribonucleotide'
;(DA)(DA)(DA)(DA)(DA)(DA)(DA)(DA)(DA)(DA)(DA)(DA)(DA)(DA)(DA)(DA)(DA)(DA)(DA)(DA)
(DA)(DA)(DA)(DA)(DT)(DT)(DT)(DT)(DT)(DT)(DT)(DT)(DT)(DT)(DT)(DT)(DT)(DT)(DT)(DT)
(DT)(DT)(DT)(DT)(DT)(DT)(DT)
;
S
#
# COMPACT_ATOMS: atom_id res chain seq x y z
N ASP A 176 -30.38 28.45 40.20
CA ASP A 176 -31.79 28.15 40.44
C ASP A 176 -32.39 27.33 39.30
N LEU A 177 -32.87 28.02 38.28
CA LEU A 177 -33.56 27.41 37.15
C LEU A 177 -33.67 28.47 36.05
N LYS A 178 -34.48 28.19 35.03
CA LYS A 178 -34.76 29.11 33.94
C LYS A 178 -33.46 29.63 33.31
N GLY A 179 -32.76 28.71 32.64
CA GLY A 179 -31.60 29.06 31.86
C GLY A 179 -31.97 29.31 30.41
N HIS A 180 -31.51 28.45 29.51
CA HIS A 180 -31.82 28.54 28.10
C HIS A 180 -32.42 27.25 27.55
N SER A 181 -31.95 26.09 28.02
CA SER A 181 -32.55 24.81 27.69
C SER A 181 -32.37 23.90 28.90
N VAL A 182 -33.28 22.93 29.05
CA VAL A 182 -33.23 22.07 30.22
C VAL A 182 -31.99 21.18 30.18
N ARG A 183 -31.75 20.54 29.03
CA ARG A 183 -30.63 19.62 28.93
C ARG A 183 -29.31 20.34 29.18
N GLU A 184 -29.06 21.44 28.47
CA GLU A 184 -27.81 22.16 28.64
C GLU A 184 -27.70 22.77 30.03
N TRP A 185 -28.81 23.29 30.55
CA TRP A 185 -28.81 23.90 31.87
C TRP A 185 -28.38 22.90 32.92
N VAL A 186 -28.95 21.69 32.89
CA VAL A 186 -28.52 20.68 33.85
C VAL A 186 -27.16 20.10 33.49
N SER A 187 -26.71 20.27 32.24
CA SER A 187 -25.38 19.81 31.85
C SER A 187 -24.29 20.69 32.44
N MET A 188 -24.54 21.99 32.56
CA MET A 188 -23.51 22.89 33.08
C MET A 188 -23.09 22.45 34.48
N ALA A 189 -21.79 22.64 34.77
CA ALA A 189 -21.20 22.04 35.96
C ALA A 189 -21.86 22.54 37.23
N GLY A 190 -22.09 23.83 37.35
CA GLY A 190 -22.67 24.40 38.54
C GLY A 190 -24.06 23.84 38.80
N PRO A 191 -24.91 23.86 37.78
CA PRO A 191 -26.21 23.18 37.92
C PRO A 191 -26.10 21.71 38.23
N ARG A 192 -25.11 21.02 37.68
CA ARG A 192 -24.93 19.60 38.01
C ARG A 192 -24.66 19.41 39.48
N LEU A 193 -23.74 20.22 40.03
CA LEU A 193 -23.45 20.13 41.46
C LEU A 193 -24.66 20.48 42.29
N GLU A 194 -25.41 21.50 41.87
CA GLU A 194 -26.59 21.91 42.61
C GLU A 194 -27.64 20.79 42.64
N ILE A 195 -27.87 20.15 41.50
CA ILE A 195 -28.82 19.03 41.44
C ILE A 195 -28.33 17.88 42.30
N HIS A 196 -27.04 17.56 42.22
CA HIS A 196 -26.49 16.47 43.02
C HIS A 196 -26.71 16.73 44.50
N HIS A 197 -26.37 17.94 44.96
CA HIS A 197 -26.54 18.27 46.37
C HIS A 197 -28.01 18.25 46.78
N ARG A 198 -28.89 18.77 45.93
CA ARG A 198 -30.31 18.77 46.25
C ARG A 198 -30.84 17.35 46.40
N PHE A 199 -30.43 16.46 45.50
CA PHE A 199 -30.92 15.07 45.58
C PHE A 199 -30.34 14.37 46.80
N LYS A 200 -29.07 14.63 47.13
CA LYS A 200 -28.50 14.08 48.36
C LYS A 200 -29.30 14.54 49.58
N ASN A 201 -29.60 15.84 49.64
CA ASN A 201 -30.36 16.37 50.78
C ASN A 201 -31.75 15.76 50.82
N PHE A 202 -32.39 15.58 49.67
CA PHE A 202 -33.71 14.96 49.63
C PHE A 202 -33.65 13.54 50.17
N LEU A 203 -32.66 12.76 49.73
CA LEU A 203 -32.53 11.40 50.23
C LEU A 203 -32.31 11.39 51.73
N ARG A 204 -31.48 12.32 52.24
CA ARG A 204 -31.19 12.34 53.67
C ARG A 204 -32.42 12.74 54.49
N THR A 205 -33.13 13.77 54.06
CA THR A 205 -34.13 14.42 54.90
C THR A 205 -35.58 14.10 54.50
N HIS A 206 -35.78 13.18 53.56
CA HIS A 206 -37.14 12.71 53.25
C HIS A 206 -37.46 11.60 54.24
N VAL A 207 -38.12 11.97 55.34
CA VAL A 207 -38.27 11.04 56.45
C VAL A 207 -39.42 10.09 56.18
N ASP A 208 -40.64 10.61 56.19
CA ASP A 208 -41.84 9.84 55.85
C ASP A 208 -43.04 10.74 56.04
N SER A 209 -44.22 10.24 55.63
CA SER A 209 -45.46 10.88 56.04
C SER A 209 -45.65 10.80 57.56
N HIS A 210 -45.09 9.76 58.20
CA HIS A 210 -45.20 9.55 59.63
C HIS A 210 -43.85 9.61 60.33
N GLY A 211 -42.82 10.12 59.67
CA GLY A 211 -41.52 10.23 60.30
C GLY A 211 -40.82 8.90 60.52
N HIS A 212 -40.38 8.25 59.43
CA HIS A 212 -39.74 6.95 59.52
C HIS A 212 -38.46 6.82 58.71
N ASN A 213 -38.08 7.82 57.92
CA ASN A 213 -36.87 7.76 57.10
C ASN A 213 -36.90 6.53 56.19
N VAL A 214 -37.85 6.55 55.26
CA VAL A 214 -38.09 5.40 54.40
C VAL A 214 -36.82 5.02 53.65
N PHE A 215 -36.07 6.01 53.16
CA PHE A 215 -34.88 5.70 52.38
C PHE A 215 -33.80 5.04 53.24
N LYS A 216 -33.78 5.30 54.54
CA LYS A 216 -32.82 4.62 55.41
C LYS A 216 -32.97 3.11 55.31
N GLU A 217 -34.15 2.59 55.65
CA GLU A 217 -34.32 1.14 55.61
C GLU A 217 -34.41 0.63 54.18
N ARG A 218 -34.79 1.46 53.21
CA ARG A 218 -34.70 1.04 51.81
C ARG A 218 -33.25 0.73 51.44
N ILE A 219 -32.33 1.62 51.81
CA ILE A 219 -30.92 1.38 51.53
C ILE A 219 -30.41 0.19 52.34
N SER A 220 -30.90 0.06 53.59
CA SER A 220 -30.49 -1.08 54.40
C SER A 220 -30.86 -2.39 53.72
N ASP A 221 -32.10 -2.49 53.23
CA ASP A 221 -32.53 -3.70 52.56
C ASP A 221 -31.80 -3.89 51.24
N MET A 222 -31.53 -2.80 50.52
CA MET A 222 -30.78 -2.91 49.27
C MET A 222 -29.40 -3.50 49.51
N CYS A 223 -28.70 -3.00 50.54
CA CYS A 223 -27.39 -3.54 50.86
C CYS A 223 -27.50 -4.98 51.36
N LYS A 224 -28.55 -5.27 52.12
CA LYS A 224 -28.74 -6.63 52.64
C LYS A 224 -28.89 -7.64 51.52
N GLU A 225 -29.68 -7.30 50.50
CA GLU A 225 -29.97 -8.22 49.40
C GLU A 225 -29.08 -8.01 48.19
N ASN A 226 -28.13 -7.08 48.25
CA ASN A 226 -27.20 -6.85 47.14
C ASN A 226 -27.96 -6.60 45.85
N ARG A 227 -28.96 -5.71 45.91
CA ARG A 227 -29.86 -5.47 44.79
C ARG A 227 -29.38 -4.37 43.85
N GLU A 228 -28.46 -3.52 44.28
CA GLU A 228 -27.88 -2.45 43.46
C GLU A 228 -28.91 -1.49 42.91
N SER A 229 -30.15 -1.52 43.43
CA SER A 229 -31.23 -0.71 42.90
C SER A 229 -31.98 -0.03 44.02
N LEU A 230 -32.47 1.18 43.74
CA LEU A 230 -33.21 1.98 44.71
C LEU A 230 -34.40 2.60 44.00
N VAL A 231 -35.60 2.32 44.50
CA VAL A 231 -36.84 2.81 43.90
C VAL A 231 -37.29 4.05 44.66
N VAL A 232 -37.55 5.14 43.93
CA VAL A 232 -37.95 6.40 44.52
C VAL A 232 -39.28 6.82 43.90
N ASN A 233 -40.23 7.23 44.75
CA ASN A 233 -41.54 7.66 44.28
C ASN A 233 -41.45 9.06 43.70
N TYR A 234 -41.86 9.20 42.44
CA TYR A 234 -41.91 10.53 41.83
C TYR A 234 -42.85 11.44 42.59
N GLU A 235 -43.89 10.89 43.20
CA GLU A 235 -44.83 11.70 43.96
C GLU A 235 -44.11 12.38 45.12
N ASP A 236 -43.37 11.61 45.91
CA ASP A 236 -42.62 12.20 47.03
C ASP A 236 -41.51 13.10 46.52
N LEU A 237 -40.89 12.74 45.40
CA LEU A 237 -39.85 13.59 44.83
C LEU A 237 -40.40 14.98 44.50
N ALA A 238 -41.57 15.02 43.86
CA ALA A 238 -42.19 16.31 43.55
C ALA A 238 -42.65 17.01 44.81
N ALA A 239 -43.16 16.27 45.78
CA ALA A 239 -43.64 16.88 47.02
C ALA A 239 -42.51 17.59 47.75
N ARG A 240 -41.33 16.98 47.80
CA ARG A 240 -40.21 17.55 48.54
C ARG A 240 -39.43 18.55 47.68
N GLU A 241 -38.90 18.10 46.55
CA GLU A 241 -38.13 18.94 45.63
C GLU A 241 -38.84 18.90 44.28
N HIS A 242 -39.67 19.91 44.02
CA HIS A 242 -40.49 19.94 42.81
C HIS A 242 -39.69 20.33 41.57
N VAL A 243 -38.63 21.12 41.74
CA VAL A 243 -37.87 21.59 40.58
C VAL A 243 -37.23 20.40 39.86
N LEU A 244 -36.63 19.49 40.61
CA LEU A 244 -36.08 18.28 40.00
C LEU A 244 -37.18 17.44 39.37
N ALA A 245 -38.36 17.41 40.00
CA ALA A 245 -39.48 16.67 39.41
C ALA A 245 -39.83 17.22 38.03
N TYR A 246 -39.87 18.55 37.90
CA TYR A 246 -40.11 19.14 36.59
C TYR A 246 -38.97 18.83 35.63
N PHE A 247 -37.72 18.94 36.09
CA PHE A 247 -36.58 18.71 35.21
C PHE A 247 -36.54 17.28 34.70
N LEU A 248 -37.03 16.33 35.49
CA LEU A 248 -36.81 14.92 35.19
C LEU A 248 -37.34 14.51 33.82
N PRO A 249 -38.61 14.74 33.48
CA PRO A 249 -39.10 14.30 32.16
C PRO A 249 -38.40 14.96 30.99
N GLU A 250 -37.99 16.22 31.12
CA GLU A 250 -37.37 16.91 29.99
C GLU A 250 -35.97 16.38 29.73
N ALA A 251 -35.17 16.16 30.78
CA ALA A 251 -33.80 15.68 30.66
C ALA A 251 -33.66 14.44 31.53
N PRO A 252 -34.13 13.29 31.05
CA PRO A 252 -34.08 12.09 31.90
C PRO A 252 -32.68 11.54 32.08
N ALA A 253 -31.89 11.48 31.01
CA ALA A 253 -30.58 10.85 31.11
C ALA A 253 -29.70 11.55 32.13
N GLU A 254 -29.61 12.87 32.05
CA GLU A 254 -28.69 13.60 32.91
C GLU A 254 -29.14 13.57 34.36
N LEU A 255 -30.42 13.81 34.61
CA LEU A 255 -30.94 13.77 35.97
C LEU A 255 -30.80 12.38 36.56
N LEU A 256 -31.05 11.34 35.76
CA LEU A 256 -30.89 9.98 36.26
C LEU A 256 -29.43 9.68 36.58
N GLN A 257 -28.49 10.17 35.76
CA GLN A 257 -27.08 9.98 36.08
C GLN A 257 -26.70 10.67 37.38
N ILE A 258 -27.18 11.91 37.58
CA ILE A 258 -26.86 12.62 38.80
C ILE A 258 -27.47 11.92 40.00
N PHE A 259 -28.71 11.44 39.87
CA PHE A 259 -29.32 10.68 40.95
C PHE A 259 -28.54 9.41 41.24
N ASP A 260 -28.08 8.73 40.20
CA ASP A 260 -27.23 7.55 40.36
C ASP A 260 -26.03 7.88 41.23
N GLU A 261 -25.29 8.93 40.86
CA GLU A 261 -24.09 9.29 41.61
C GLU A 261 -24.42 9.66 43.05
N ALA A 262 -25.48 10.45 43.25
CA ALA A 262 -25.84 10.88 44.60
C ALA A 262 -26.23 9.69 45.46
N ALA A 263 -27.04 8.78 44.92
CA ALA A 263 -27.45 7.61 45.68
C ALA A 263 -26.25 6.72 45.97
N LEU A 264 -25.32 6.60 45.02
CA LEU A 264 -24.11 5.84 45.28
C LEU A 264 -23.34 6.42 46.45
N GLU A 265 -23.18 7.74 46.47
CA GLU A 265 -22.47 8.37 47.57
C GLU A 265 -23.20 8.16 48.90
N VAL A 266 -24.53 8.30 48.90
CA VAL A 266 -25.29 8.17 50.14
C VAL A 266 -25.19 6.74 50.66
N VAL A 267 -25.35 5.75 49.78
CA VAL A 267 -25.28 4.36 50.23
C VAL A 267 -23.86 4.02 50.68
N LEU A 268 -22.85 4.58 50.02
CA LEU A 268 -21.48 4.37 50.49
C LEU A 268 -21.30 4.92 51.89
N ALA A 269 -21.82 6.14 52.14
CA ALA A 269 -21.72 6.72 53.47
C ALA A 269 -22.42 5.84 54.51
N MET A 270 -23.59 5.33 54.17
CA MET A 270 -24.33 4.48 55.10
C MET A 270 -23.58 3.19 55.37
N TYR A 271 -23.10 2.52 54.31
CA TYR A 271 -22.39 1.25 54.40
C TYR A 271 -21.12 1.37 53.56
N PRO A 272 -20.04 1.90 54.14
CA PRO A 272 -18.81 2.07 53.35
C PRO A 272 -18.30 0.78 52.74
N LYS A 273 -18.62 -0.37 53.33
CA LYS A 273 -18.13 -1.65 52.84
C LYS A 273 -18.85 -2.15 51.60
N TYR A 274 -19.87 -1.43 51.13
CA TYR A 274 -20.67 -1.91 50.00
C TYR A 274 -20.02 -1.66 48.65
N ASP A 275 -18.98 -0.83 48.58
CA ASP A 275 -18.42 -0.46 47.29
C ASP A 275 -17.99 -1.68 46.48
N ARG A 276 -17.65 -2.77 47.15
CA ARG A 276 -17.17 -3.95 46.44
C ARG A 276 -18.28 -4.73 45.74
N ILE A 277 -19.52 -4.23 45.78
CA ILE A 277 -20.63 -4.92 45.13
C ILE A 277 -21.12 -4.08 43.96
N THR A 278 -20.57 -4.33 42.78
CA THR A 278 -21.03 -3.75 41.52
C THR A 278 -20.67 -2.28 41.36
N ASN A 279 -20.16 -1.65 42.43
CA ASN A 279 -19.67 -0.28 42.38
C ASN A 279 -20.58 0.62 41.55
N HIS A 280 -21.88 0.36 41.58
CA HIS A 280 -22.82 1.10 40.74
C HIS A 280 -24.26 0.87 41.20
N ILE A 281 -25.03 1.94 41.34
CA ILE A 281 -26.39 1.89 41.84
C ILE A 281 -27.33 2.50 40.81
N HIS A 282 -28.48 1.87 40.63
CA HIS A 282 -29.49 2.34 39.69
C HIS A 282 -30.69 2.90 40.47
N VAL A 283 -31.07 4.12 40.15
CA VAL A 283 -32.22 4.77 40.77
C VAL A 283 -33.41 4.63 39.83
N ARG A 284 -34.38 3.81 40.22
CA ARG A 284 -35.60 3.64 39.45
C ARG A 284 -36.66 4.61 39.95
N ILE A 285 -37.49 5.09 39.01
CA ILE A 285 -38.53 6.06 39.28
C ILE A 285 -39.88 5.40 39.15
N SER A 286 -40.74 5.61 40.15
CA SER A 286 -42.06 5.00 40.18
C SER A 286 -43.12 6.08 40.35
N HIS A 287 -44.33 5.77 39.89
CA HIS A 287 -45.48 6.66 40.01
C HIS A 287 -45.27 7.95 39.20
N LEU A 288 -44.93 7.78 37.93
CA LEU A 288 -44.90 8.93 37.03
C LEU A 288 -46.33 9.41 36.80
N PRO A 289 -46.61 10.72 36.91
CA PRO A 289 -48.01 11.16 36.85
C PRO A 289 -48.67 10.91 35.50
N LEU A 290 -48.05 11.36 34.41
CA LEU A 290 -48.66 11.29 33.09
C LEU A 290 -48.30 9.95 32.45
N VAL A 291 -49.33 9.17 32.11
CA VAL A 291 -49.16 7.87 31.47
C VAL A 291 -49.65 7.99 30.04
N GLU A 292 -48.73 7.86 29.09
CA GLU A 292 -49.07 7.92 27.67
C GLU A 292 -49.62 6.57 27.22
N GLU A 293 -49.76 6.39 25.91
CA GLU A 293 -50.15 5.11 25.34
C GLU A 293 -49.29 4.85 24.12
N LEU A 294 -49.01 3.57 23.86
CA LEU A 294 -48.09 3.21 22.79
C LEU A 294 -48.52 3.81 21.46
N ARG A 295 -49.82 3.91 21.22
CA ARG A 295 -50.29 4.53 19.99
C ARG A 295 -50.11 6.04 19.99
N SER A 296 -49.95 6.65 21.16
CA SER A 296 -49.89 8.10 21.29
C SER A 296 -48.48 8.59 21.61
N LEU A 297 -47.46 7.90 21.11
CA LEU A 297 -46.08 8.33 21.24
C LEU A 297 -45.64 8.97 19.94
N ARG A 298 -45.35 10.28 20.00
CA ARG A 298 -44.97 11.07 18.84
C ARG A 298 -43.57 11.62 19.07
N GLN A 299 -42.97 12.13 17.98
CA GLN A 299 -41.62 12.67 18.07
C GLN A 299 -41.51 13.73 19.17
N LEU A 300 -42.63 14.31 19.60
CA LEU A 300 -42.59 15.27 20.69
C LEU A 300 -42.09 14.66 21.99
N HIS A 301 -42.20 13.34 22.15
CA HIS A 301 -41.82 12.68 23.39
C HIS A 301 -40.37 12.21 23.40
N LEU A 302 -39.62 12.42 22.32
CA LEU A 302 -38.26 11.91 22.24
C LEU A 302 -37.42 12.44 23.40
N ASN A 303 -36.52 11.59 23.90
CA ASN A 303 -35.60 11.97 24.96
C ASN A 303 -36.34 12.47 26.19
N GLN A 304 -37.42 11.79 26.55
CA GLN A 304 -38.17 12.11 27.76
C GLN A 304 -38.63 10.82 28.43
N LEU A 305 -38.76 10.89 29.75
CA LEU A 305 -39.18 9.75 30.56
C LEU A 305 -40.70 9.62 30.46
N ILE A 306 -41.17 8.61 29.73
CA ILE A 306 -42.58 8.40 29.50
C ILE A 306 -43.02 7.14 30.25
N ARG A 307 -44.28 7.15 30.69
CA ARG A 307 -44.91 6.03 31.38
C ARG A 307 -45.95 5.42 30.46
N THR A 308 -45.93 4.09 30.34
CA THR A 308 -46.85 3.37 29.47
C THR A 308 -47.20 2.06 30.15
N SER A 309 -48.21 1.37 29.59
CA SER A 309 -48.60 0.05 30.06
C SER A 309 -48.78 -0.85 28.85
N GLY A 310 -48.61 -2.15 29.07
CA GLY A 310 -48.75 -3.07 27.95
C GLY A 310 -48.55 -4.51 28.36
N VAL A 311 -48.55 -5.37 27.34
CA VAL A 311 -48.37 -6.81 27.49
C VAL A 311 -47.14 -7.21 26.68
N VAL A 312 -46.19 -7.88 27.34
CA VAL A 312 -44.98 -8.30 26.66
C VAL A 312 -45.31 -9.41 25.67
N THR A 313 -44.92 -9.21 24.41
CA THR A 313 -45.13 -10.22 23.38
C THR A 313 -43.90 -11.06 23.11
N SER A 314 -42.71 -10.47 23.20
CA SER A 314 -41.47 -11.18 23.01
C SER A 314 -40.46 -10.69 24.05
N CYS A 315 -39.54 -11.57 24.43
CA CYS A 315 -38.53 -11.24 25.42
C CYS A 315 -37.32 -12.13 25.17
N THR A 316 -36.27 -11.56 24.56
CA THR A 316 -35.09 -12.35 24.24
C THR A 316 -34.35 -12.73 25.53
N GLY A 317 -33.40 -13.64 25.39
CA GLY A 317 -32.62 -14.07 26.53
C GLY A 317 -31.72 -12.99 27.06
N VAL A 318 -31.25 -13.18 28.28
CA VAL A 318 -30.40 -12.19 28.94
C VAL A 318 -29.01 -12.25 28.32
N LEU A 319 -28.75 -11.34 27.38
CA LEU A 319 -27.44 -11.31 26.73
C LEU A 319 -26.46 -10.49 27.56
N PRO A 320 -25.17 -10.81 27.48
CA PRO A 320 -24.17 -9.97 28.17
C PRO A 320 -23.70 -8.82 27.31
N GLN A 321 -23.76 -7.60 27.85
CA GLN A 321 -23.39 -6.40 27.12
C GLN A 321 -22.13 -5.78 27.71
N LEU A 322 -21.33 -5.17 26.85
CA LEU A 322 -20.12 -4.48 27.30
C LEU A 322 -20.51 -3.24 28.12
N SER A 323 -19.90 -3.08 29.28
CA SER A 323 -20.14 -1.94 30.14
C SER A 323 -18.90 -1.07 30.30
N MET A 324 -17.78 -1.64 30.74
CA MET A 324 -16.50 -0.95 30.81
C MET A 324 -15.52 -1.80 29.99
N VAL A 325 -15.51 -1.59 28.69
CA VAL A 325 -14.80 -2.49 27.79
C VAL A 325 -13.32 -2.14 27.78
N LYS A 326 -12.48 -3.16 27.89
CA LYS A 326 -11.04 -3.05 27.66
C LYS A 326 -10.69 -3.82 26.40
N TYR A 327 -9.64 -3.37 25.72
CA TYR A 327 -9.26 -3.98 24.45
C TYR A 327 -7.82 -4.47 24.51
N ASN A 328 -7.48 -5.37 23.60
CA ASN A 328 -6.12 -5.82 23.37
C ASN A 328 -5.70 -5.31 22.01
N CYS A 329 -4.60 -4.58 21.97
CA CYS A 329 -4.01 -4.17 20.71
C CYS A 329 -3.29 -5.38 20.13
N ASN A 330 -3.87 -6.00 19.09
CA ASN A 330 -3.22 -7.15 18.47
C ASN A 330 -2.12 -6.71 17.52
N LYS A 331 -1.23 -5.87 18.03
CA LYS A 331 0.03 -5.53 17.38
C LYS A 331 1.16 -5.37 18.39
N CYS A 332 0.85 -5.08 19.65
CA CYS A 332 1.83 -5.11 20.73
C CYS A 332 1.29 -5.78 21.99
N ASN A 333 0.02 -6.19 22.01
CA ASN A 333 -0.63 -6.87 23.12
C ASN A 333 -0.89 -5.98 24.33
N PHE A 334 -0.78 -4.66 24.17
CA PHE A 334 -1.13 -3.77 25.27
C PHE A 334 -2.64 -3.76 25.49
N VAL A 335 -3.03 -3.58 26.74
CA VAL A 335 -4.44 -3.60 27.13
C VAL A 335 -4.93 -2.16 27.19
N LEU A 336 -5.64 -1.74 26.14
CA LEU A 336 -6.28 -0.44 26.13
C LEU A 336 -7.35 -0.37 27.20
N GLY A 337 -7.30 0.70 28.00
CA GLY A 337 -8.02 0.80 29.24
C GLY A 337 -9.52 0.74 29.10
N PRO A 338 -10.22 0.90 30.22
CA PRO A 338 -11.67 0.69 30.26
C PRO A 338 -12.42 1.84 29.64
N PHE A 339 -13.10 1.58 28.53
CA PHE A 339 -13.93 2.57 27.86
C PHE A 339 -15.38 2.32 28.20
N CYS A 340 -16.03 3.30 28.82
CA CYS A 340 -17.45 3.16 29.14
C CYS A 340 -18.26 2.96 27.86
N GLN A 341 -19.11 1.95 27.86
CA GLN A 341 -19.92 1.60 26.70
C GLN A 341 -21.28 2.26 26.83
N SER A 342 -21.61 3.13 25.88
CA SER A 342 -22.89 3.80 25.87
C SER A 342 -23.91 2.97 25.11
N GLN A 343 -25.18 3.24 25.38
CA GLN A 343 -26.27 2.48 24.79
C GLN A 343 -26.58 2.88 23.37
N ASN A 344 -25.94 3.93 22.85
CA ASN A 344 -26.28 4.48 21.55
C ASN A 344 -25.16 4.41 20.52
N GLN A 345 -23.92 4.18 20.93
CA GLN A 345 -22.80 4.18 20.00
C GLN A 345 -21.84 3.07 20.35
N GLU A 346 -21.37 2.35 19.33
CA GLU A 346 -20.38 1.30 19.52
C GLU A 346 -19.03 1.93 19.83
N VAL A 347 -18.57 1.80 21.06
CA VAL A 347 -17.27 2.35 21.44
C VAL A 347 -16.19 1.73 20.58
N LYS A 348 -15.43 2.57 19.89
CA LYS A 348 -14.29 2.12 19.11
C LYS A 348 -13.10 3.01 19.45
N PRO A 349 -11.95 2.44 19.81
CA PRO A 349 -10.79 3.26 20.16
C PRO A 349 -10.10 3.78 18.90
N GLY A 350 -9.09 4.62 19.12
CA GLY A 350 -8.36 5.23 18.04
C GLY A 350 -7.05 4.50 17.79
N SER A 351 -5.96 5.03 18.32
CA SER A 351 -4.66 4.38 18.27
C SER A 351 -4.37 3.67 19.58
N CYS A 352 -3.31 2.89 19.57
CA CYS A 352 -2.83 2.28 20.81
C CYS A 352 -1.90 3.26 21.51
N PRO A 353 -2.12 3.58 22.79
CA PRO A 353 -1.24 4.53 23.47
C PRO A 353 0.22 4.09 23.51
N GLU A 354 0.50 2.80 23.41
CA GLU A 354 1.89 2.35 23.43
C GLU A 354 2.53 2.44 22.04
N CYS A 355 2.01 1.68 21.08
CA CYS A 355 2.61 1.64 19.75
C CYS A 355 1.97 2.63 18.79
N GLN A 356 1.01 3.43 19.24
CA GLN A 356 0.38 4.44 18.41
C GLN A 356 -0.07 3.86 17.07
N SER A 357 -0.73 2.70 17.15
CA SER A 357 -1.23 2.01 15.97
C SER A 357 -2.74 1.99 15.99
N ALA A 358 -3.34 2.22 14.83
CA ALA A 358 -4.78 2.05 14.63
C ALA A 358 -5.13 0.60 14.30
N GLY A 359 -4.31 -0.34 14.72
CA GLY A 359 -4.48 -1.74 14.39
C GLY A 359 -5.86 -2.24 14.75
N PRO A 360 -6.17 -3.47 14.36
CA PRO A 360 -7.55 -3.96 14.50
C PRO A 360 -8.11 -3.85 15.90
N PHE A 361 -7.32 -4.13 16.94
CA PHE A 361 -7.84 -4.20 18.31
C PHE A 361 -8.83 -5.36 18.43
N GLU A 362 -9.00 -5.87 19.65
CA GLU A 362 -10.00 -6.92 19.88
C GLU A 362 -10.38 -6.91 21.35
N VAL A 363 -11.67 -7.11 21.64
CA VAL A 363 -12.13 -7.00 23.01
C VAL A 363 -11.36 -7.98 23.89
N ASN A 364 -11.07 -7.56 25.12
CA ASN A 364 -10.40 -8.41 26.10
C ASN A 364 -11.48 -8.85 27.09
N MET A 365 -12.10 -10.01 26.80
CA MET A 365 -13.24 -10.42 27.60
C MET A 365 -12.84 -10.72 29.04
N GLU A 366 -11.60 -11.14 29.28
CA GLU A 366 -11.19 -11.45 30.64
C GLU A 366 -11.16 -10.21 31.51
N GLU A 367 -10.72 -9.07 30.94
CA GLU A 367 -10.64 -7.82 31.68
C GLU A 367 -11.89 -6.98 31.57
N THR A 368 -12.67 -7.14 30.50
CA THR A 368 -13.91 -6.39 30.34
C THR A 368 -14.90 -6.78 31.43
N ILE A 369 -15.70 -5.80 31.87
CA ILE A 369 -16.79 -6.02 32.80
C ILE A 369 -18.09 -5.74 32.05
N TYR A 370 -19.03 -6.68 32.13
CA TYR A 370 -20.23 -6.66 31.31
C TYR A 370 -21.44 -6.23 32.14
N GLN A 371 -22.59 -6.22 31.48
CA GLN A 371 -23.87 -5.95 32.16
C GLN A 371 -24.97 -6.66 31.40
N ASN A 372 -25.96 -7.14 32.14
CA ASN A 372 -27.05 -7.90 31.53
C ASN A 372 -27.85 -7.01 30.59
N TYR A 373 -28.22 -7.57 29.45
CA TYR A 373 -29.00 -6.84 28.44
C TYR A 373 -30.12 -7.74 27.96
N GLN A 374 -31.36 -7.29 28.14
CA GLN A 374 -32.52 -8.02 27.68
C GLN A 374 -33.36 -7.12 26.79
N ARG A 375 -33.88 -7.67 25.70
CA ARG A 375 -34.69 -6.92 24.74
C ARG A 375 -36.10 -7.48 24.76
N ILE A 376 -37.06 -6.65 25.17
CA ILE A 376 -38.46 -7.05 25.22
C ILE A 376 -39.22 -6.23 24.19
N ARG A 377 -40.40 -6.73 23.83
CA ARG A 377 -41.35 -6.00 22.99
C ARG A 377 -42.67 -5.95 23.72
N ILE A 378 -43.18 -4.75 23.97
CA ILE A 378 -44.41 -4.54 24.72
C ILE A 378 -45.43 -3.92 23.78
N GLN A 379 -46.60 -4.54 23.69
CA GLN A 379 -47.66 -4.06 22.81
C GLN A 379 -48.85 -3.58 23.62
N GLU A 380 -49.74 -2.87 22.93
CA GLU A 380 -50.97 -2.39 23.56
C GLU A 380 -51.80 -3.57 24.05
N SER A 381 -52.39 -3.41 25.22
CA SER A 381 -53.29 -4.43 25.73
C SER A 381 -54.52 -4.53 24.83
N PRO A 382 -54.91 -5.72 24.38
CA PRO A 382 -56.11 -5.81 23.53
C PRO A 382 -57.34 -5.23 24.20
N GLY A 383 -57.43 -5.31 25.53
CA GLY A 383 -58.54 -4.67 26.21
C GLY A 383 -58.56 -3.17 26.03
N LYS A 384 -57.37 -2.55 25.94
CA LYS A 384 -57.28 -1.11 25.76
C LYS A 384 -57.30 -0.69 24.29
N VAL A 385 -57.06 -1.60 23.36
CA VAL A 385 -57.16 -1.25 21.95
C VAL A 385 -58.57 -0.78 21.66
N ALA A 386 -58.70 0.11 20.67
CA ALA A 386 -59.98 0.69 20.33
C ALA A 386 -60.79 -0.26 19.45
N ALA A 387 -61.97 0.20 19.01
CA ALA A 387 -62.86 -0.64 18.20
C ALA A 387 -62.16 -1.10 16.93
N GLY A 388 -61.91 -0.17 16.01
CA GLY A 388 -61.17 -0.48 14.81
C GLY A 388 -59.75 0.00 14.94
N ARG A 389 -58.83 -0.92 15.19
CA ARG A 389 -57.42 -0.59 15.44
C ARG A 389 -56.66 -1.87 15.71
N LEU A 390 -55.39 -1.87 15.30
CA LEU A 390 -54.50 -2.98 15.64
C LEU A 390 -53.54 -2.55 16.73
N PRO A 391 -53.25 -3.40 17.72
CA PRO A 391 -52.35 -2.97 18.80
C PRO A 391 -50.97 -2.62 18.26
N ARG A 392 -50.37 -1.58 18.83
CA ARG A 392 -49.04 -1.13 18.46
C ARG A 392 -48.02 -1.58 19.50
N SER A 393 -46.81 -1.87 19.03
CA SER A 393 -45.76 -2.45 19.84
C SER A 393 -44.52 -1.57 19.84
N LYS A 394 -43.87 -1.48 21.00
CA LYS A 394 -42.63 -0.74 21.16
C LYS A 394 -41.60 -1.65 21.82
N ASP A 395 -40.36 -1.55 21.36
CA ASP A 395 -39.26 -2.32 21.92
C ASP A 395 -38.67 -1.60 23.12
N ALA A 396 -38.25 -2.37 24.12
CA ALA A 396 -37.67 -1.82 25.34
C ALA A 396 -36.44 -2.63 25.72
N ILE A 397 -35.53 -1.97 26.42
CA ILE A 397 -34.24 -2.55 26.81
C ILE A 397 -34.16 -2.56 28.33
N LEU A 398 -33.84 -3.72 28.90
CA LEU A 398 -33.63 -3.90 30.32
C LEU A 398 -32.16 -4.14 30.57
N LEU A 399 -31.59 -3.44 31.55
CA LEU A 399 -30.13 -3.41 31.73
C LEU A 399 -29.74 -3.74 33.17
N ALA A 400 -29.24 -4.95 33.36
CA ALA A 400 -28.36 -5.29 34.48
C ALA A 400 -29.06 -5.37 35.83
N ASP A 401 -30.30 -4.91 35.93
CA ASP A 401 -31.09 -5.14 37.13
C ASP A 401 -32.54 -5.46 36.83
N LEU A 402 -33.02 -5.21 35.61
CA LEU A 402 -34.41 -5.46 35.25
C LEU A 402 -34.58 -6.68 34.37
N VAL A 403 -33.50 -7.31 33.93
CA VAL A 403 -33.63 -8.49 33.07
C VAL A 403 -34.42 -9.56 33.78
N ASP A 404 -35.31 -10.22 33.04
CA ASP A 404 -36.17 -11.27 33.59
C ASP A 404 -36.99 -10.78 34.76
N SER A 405 -37.34 -9.49 34.75
CA SER A 405 -38.35 -8.95 35.66
C SER A 405 -39.74 -8.95 35.03
N CYS A 406 -39.85 -9.43 33.79
CA CYS A 406 -41.14 -9.56 33.13
C CYS A 406 -41.06 -10.76 32.19
N LYS A 407 -42.23 -11.31 31.87
CA LYS A 407 -42.33 -12.51 31.05
C LYS A 407 -43.36 -12.29 29.96
N PRO A 408 -43.19 -12.92 28.80
CA PRO A 408 -44.20 -12.81 27.74
C PRO A 408 -45.59 -13.11 28.27
N GLY A 409 -46.52 -12.18 28.03
CA GLY A 409 -47.85 -12.27 28.55
C GLY A 409 -48.08 -11.45 29.81
N ASP A 410 -47.02 -10.99 30.45
CA ASP A 410 -47.17 -10.19 31.67
C ASP A 410 -47.73 -8.82 31.34
N GLU A 411 -48.58 -8.31 32.24
CA GLU A 411 -49.08 -6.95 32.15
C GLU A 411 -48.17 -6.05 32.96
N ILE A 412 -47.49 -5.13 32.28
CA ILE A 412 -46.42 -4.36 32.90
C ILE A 412 -46.61 -2.87 32.62
N GLU A 413 -46.33 -2.05 33.63
CA GLU A 413 -46.14 -0.63 33.47
C GLU A 413 -44.66 -0.35 33.30
N LEU A 414 -44.31 0.38 32.25
CA LEU A 414 -42.94 0.68 31.88
C LEU A 414 -42.73 2.18 31.93
N THR A 415 -41.82 2.63 32.77
CA THR A 415 -41.35 4.00 32.78
C THR A 415 -39.96 4.01 32.16
N GLY A 416 -39.82 4.70 31.03
CA GLY A 416 -38.56 4.64 30.30
C GLY A 416 -38.42 5.78 29.31
N ILE A 417 -37.20 5.96 28.85
CA ILE A 417 -36.85 7.09 27.99
C ILE A 417 -37.18 6.71 26.55
N TYR A 418 -38.21 7.34 26.00
CA TYR A 418 -38.46 7.22 24.57
C TYR A 418 -37.22 7.71 23.85
N HIS A 419 -36.49 6.81 23.21
CA HIS A 419 -35.14 7.06 22.78
C HIS A 419 -35.03 6.79 21.28
N ASN A 420 -34.23 7.61 20.60
CA ASN A 420 -34.19 7.55 19.14
C ASN A 420 -32.77 7.53 18.59
N ASN A 421 -31.81 8.09 19.33
CA ASN A 421 -30.47 8.32 18.80
C ASN A 421 -29.50 7.24 19.28
N TYR A 422 -29.64 6.05 18.69
CA TYR A 422 -28.63 5.01 18.85
C TYR A 422 -28.03 4.61 17.51
N ASP A 423 -28.80 3.99 16.63
CA ASP A 423 -28.37 3.72 15.27
C ASP A 423 -29.54 3.67 14.31
N GLY A 424 -30.76 3.94 14.75
CA GLY A 424 -31.94 3.66 13.97
C GLY A 424 -32.28 4.78 13.02
N SER A 425 -31.90 4.61 11.75
CA SER A 425 -32.15 5.60 10.72
C SER A 425 -32.07 4.90 9.39
N LEU A 426 -33.19 4.85 8.66
CA LEU A 426 -33.20 4.16 7.38
C LEU A 426 -32.46 4.98 6.34
N ASN A 427 -31.13 5.04 6.47
CA ASN A 427 -30.28 5.76 5.53
C ASN A 427 -30.00 4.97 4.27
N THR A 428 -30.73 3.88 4.03
CA THR A 428 -30.52 3.04 2.87
C THR A 428 -31.47 3.43 1.75
N ALA A 429 -31.15 2.97 0.54
CA ALA A 429 -31.97 3.27 -0.62
C ALA A 429 -33.33 2.59 -0.49
N ASN A 430 -34.34 3.17 -1.14
CA ASN A 430 -35.71 2.71 -1.04
C ASN A 430 -36.20 2.78 0.40
N GLY A 431 -36.01 3.94 1.01
CA GLY A 431 -36.43 4.13 2.40
C GLY A 431 -36.61 5.57 2.79
N PHE A 432 -37.77 5.89 3.36
CA PHE A 432 -37.96 7.22 3.92
C PHE A 432 -37.05 7.41 5.12
N PRO A 433 -36.54 8.63 5.33
CA PRO A 433 -35.59 8.83 6.43
C PRO A 433 -36.27 8.76 7.80
N VAL A 434 -36.93 7.64 8.07
CA VAL A 434 -37.61 7.46 9.34
C VAL A 434 -36.64 6.85 10.33
N PHE A 435 -36.90 7.09 11.61
CA PHE A 435 -36.06 6.60 12.69
C PHE A 435 -36.81 5.53 13.47
N ALA A 436 -36.18 4.37 13.65
CA ALA A 436 -36.66 3.43 14.63
C ALA A 436 -36.49 4.02 16.03
N THR A 437 -37.22 3.46 16.98
CA THR A 437 -37.17 3.98 18.34
C THR A 437 -37.30 2.83 19.33
N VAL A 438 -36.83 3.08 20.54
CA VAL A 438 -36.86 2.14 21.64
C VAL A 438 -37.16 2.90 22.92
N ILE A 439 -37.28 2.17 24.02
CA ILE A 439 -37.55 2.76 25.33
C ILE A 439 -36.50 2.21 26.30
N LEU A 440 -35.61 3.07 26.76
CA LEU A 440 -34.66 2.67 27.79
C LEU A 440 -35.40 2.52 29.11
N ALA A 441 -35.85 1.31 29.42
CA ALA A 441 -36.64 1.08 30.60
C ALA A 441 -35.88 1.52 31.85
N ASN A 442 -36.44 2.50 32.55
CA ASN A 442 -35.90 2.93 33.83
C ASN A 442 -36.63 2.29 35.00
N HIS A 443 -37.84 1.79 34.79
CA HIS A 443 -38.58 1.15 35.88
C HIS A 443 -39.68 0.29 35.29
N VAL A 444 -39.92 -0.86 35.92
CA VAL A 444 -40.93 -1.81 35.49
C VAL A 444 -41.76 -2.22 36.70
N ALA A 445 -43.07 -2.29 36.52
CA ALA A 445 -43.97 -2.72 37.59
C ALA A 445 -45.03 -3.63 37.00
N LYS A 446 -44.97 -4.91 37.35
CA LYS A 446 -46.01 -5.84 36.92
C LYS A 446 -47.28 -5.59 37.70
N LYS A 447 -48.42 -5.69 37.03
CA LYS A 447 -49.74 -5.52 37.65
C LYS A 447 -50.43 -6.88 37.67
N ASP A 448 -50.44 -7.51 38.84
CA ASP A 448 -51.04 -8.83 39.00
C ASP A 448 -51.04 -9.23 40.47
N GLU A 455 -44.33 -19.75 45.06
CA GLU A 455 -45.33 -20.28 45.98
C GLU A 455 -44.69 -21.04 47.13
N LEU A 456 -43.50 -20.59 47.54
CA LEU A 456 -42.76 -21.18 48.66
C LEU A 456 -42.94 -20.26 49.86
N THR A 457 -44.03 -20.45 50.59
CA THR A 457 -44.37 -19.62 51.74
C THR A 457 -44.16 -20.40 53.03
N ASP A 458 -44.44 -19.72 54.14
CA ASP A 458 -44.30 -20.31 55.47
C ASP A 458 -45.48 -19.85 56.32
N GLU A 459 -45.84 -20.68 57.30
CA GLU A 459 -47.04 -20.60 58.11
C GLU A 459 -48.27 -21.06 57.33
N ASP A 460 -48.15 -21.27 56.01
CA ASP A 460 -49.18 -21.98 55.30
C ASP A 460 -49.32 -23.39 55.83
N VAL A 461 -48.23 -23.97 56.35
CA VAL A 461 -48.32 -25.27 56.98
C VAL A 461 -49.21 -25.20 58.23
N LYS A 462 -49.05 -24.14 59.03
CA LYS A 462 -49.89 -23.97 60.20
C LYS A 462 -51.35 -23.82 59.81
N MET A 463 -51.63 -22.96 58.82
CA MET A 463 -53.02 -22.77 58.41
C MET A 463 -53.59 -24.05 57.85
N ILE A 464 -52.79 -24.80 57.09
CA ILE A 464 -53.25 -26.03 56.48
C ILE A 464 -53.57 -27.08 57.54
N THR A 465 -52.73 -27.20 58.56
CA THR A 465 -53.04 -28.11 59.66
C THR A 465 -54.31 -27.68 60.39
N SER A 466 -54.46 -26.37 60.62
CA SER A 466 -55.62 -25.88 61.34
C SER A 466 -56.90 -26.18 60.58
N LEU A 467 -56.88 -26.06 59.26
CA LEU A 467 -58.07 -26.37 58.47
C LEU A 467 -58.15 -27.85 58.07
N SER A 468 -57.11 -28.63 58.33
CA SER A 468 -57.14 -30.07 58.07
C SER A 468 -57.64 -30.87 59.25
N LYS A 469 -57.47 -30.35 60.48
CA LYS A 469 -58.06 -31.04 61.62
C LYS A 469 -59.58 -31.05 61.60
N ASP A 470 -60.21 -30.42 60.60
CA ASP A 470 -61.65 -30.23 60.62
C ASP A 470 -62.40 -31.56 60.57
N GLN A 471 -61.92 -32.51 59.79
CA GLN A 471 -62.53 -33.82 59.54
C GLN A 471 -63.64 -33.76 58.50
N GLN A 472 -63.99 -32.57 57.98
CA GLN A 472 -64.88 -32.45 56.83
C GLN A 472 -64.20 -31.70 55.70
N ILE A 473 -62.87 -31.51 55.79
CA ILE A 473 -62.13 -30.80 54.76
C ILE A 473 -62.27 -31.49 53.42
N GLY A 474 -62.51 -32.80 53.41
CA GLY A 474 -62.70 -33.49 52.15
C GLY A 474 -63.90 -32.94 51.38
N GLU A 475 -65.05 -32.86 52.05
CA GLU A 475 -66.22 -32.27 51.41
C GLU A 475 -65.99 -30.80 51.13
N LYS A 476 -65.28 -30.10 52.03
CA LYS A 476 -64.98 -28.70 51.77
C LYS A 476 -64.28 -28.53 50.43
N ILE A 477 -63.24 -29.31 50.19
CA ILE A 477 -62.51 -29.21 48.93
C ILE A 477 -63.38 -29.65 47.77
N PHE A 478 -64.09 -30.79 47.93
CA PHE A 478 -64.94 -31.27 46.86
C PHE A 478 -65.88 -30.19 46.40
N ALA A 479 -66.45 -29.43 47.35
CA ALA A 479 -67.34 -28.34 47.00
C ALA A 479 -66.57 -27.14 46.46
N SER A 480 -65.33 -26.95 46.92
CA SER A 480 -64.53 -25.82 46.52
C SER A 480 -63.84 -26.02 45.17
N ILE A 481 -64.15 -27.10 44.47
CA ILE A 481 -63.69 -27.28 43.10
C ILE A 481 -64.79 -26.82 42.16
N ALA A 482 -64.45 -25.90 41.27
CA ALA A 482 -65.35 -25.36 40.23
C ALA A 482 -66.56 -24.67 40.85
N PRO A 483 -66.38 -23.53 41.53
CA PRO A 483 -67.54 -22.83 42.10
C PRO A 483 -68.44 -22.19 41.06
N SER A 484 -67.93 -21.91 39.87
CA SER A 484 -68.73 -21.32 38.79
C SER A 484 -69.54 -22.37 38.04
N ILE A 485 -69.59 -23.60 38.54
CA ILE A 485 -70.34 -24.68 37.92
C ILE A 485 -71.26 -25.28 38.96
N TYR A 486 -72.51 -25.53 38.58
CA TYR A 486 -73.55 -25.98 39.49
C TYR A 486 -73.72 -27.49 39.36
N GLY A 487 -73.82 -28.17 40.51
CA GLY A 487 -73.98 -29.61 40.51
C GLY A 487 -72.70 -30.32 40.15
N HIS A 488 -72.85 -31.51 39.55
CA HIS A 488 -71.71 -32.33 39.15
C HIS A 488 -70.77 -32.58 40.33
N GLU A 489 -71.37 -32.93 41.47
CA GLU A 489 -70.58 -33.22 42.67
C GLU A 489 -69.64 -34.39 42.43
N ASP A 490 -70.10 -35.40 41.68
CA ASP A 490 -69.25 -36.54 41.38
C ASP A 490 -68.01 -36.12 40.61
N ILE A 491 -68.19 -35.27 39.60
CA ILE A 491 -67.06 -34.80 38.81
C ILE A 491 -66.16 -33.92 39.66
N LYS A 492 -66.73 -33.10 40.55
CA LYS A 492 -65.91 -32.27 41.43
C LYS A 492 -65.04 -33.14 42.32
N ARG A 493 -65.61 -34.18 42.92
CA ARG A 493 -64.83 -35.08 43.76
C ARG A 493 -63.76 -35.80 42.96
N GLY A 494 -64.11 -36.29 41.78
CA GLY A 494 -63.13 -36.98 40.95
C GLY A 494 -61.97 -36.07 40.57
N LEU A 495 -62.27 -34.82 40.23
CA LEU A 495 -61.21 -33.89 39.91
C LEU A 495 -60.38 -33.51 41.13
N ALA A 496 -60.98 -33.47 42.31
CA ALA A 496 -60.19 -33.26 43.53
C ALA A 496 -59.19 -34.39 43.71
N LEU A 497 -59.66 -35.63 43.53
CA LEU A 497 -58.77 -36.78 43.66
C LEU A 497 -57.68 -36.73 42.59
N ALA A 498 -58.03 -36.33 41.37
CA ALA A 498 -57.04 -36.21 40.31
C ALA A 498 -55.99 -35.16 40.64
N LEU A 499 -56.42 -34.02 41.18
CA LEU A 499 -55.48 -32.98 41.55
C LEU A 499 -54.52 -33.47 42.62
N PHE A 500 -55.05 -34.06 43.69
CA PHE A 500 -54.18 -34.50 44.78
C PHE A 500 -53.33 -35.71 44.38
N GLY A 501 -53.73 -36.44 43.35
CA GLY A 501 -52.91 -37.52 42.85
C GLY A 501 -52.74 -38.65 43.84
N GLY A 502 -52.24 -39.79 43.37
CA GLY A 502 -51.99 -40.93 44.25
C GLY A 502 -50.58 -40.88 44.82
N GLU A 503 -49.87 -41.99 44.72
CA GLU A 503 -48.49 -42.07 45.17
C GLU A 503 -47.68 -42.90 44.18
N PRO A 504 -46.67 -42.34 43.52
CA PRO A 504 -45.91 -43.14 42.54
C PRO A 504 -45.13 -44.24 43.24
N LYS A 505 -45.12 -45.41 42.62
CA LYS A 505 -44.40 -46.55 43.16
C LYS A 505 -43.66 -47.28 42.05
N ASN A 506 -42.54 -47.87 42.40
CA ASN A 506 -41.74 -48.67 41.46
C ASN A 506 -40.96 -49.70 42.27
N PRO A 507 -41.61 -50.76 42.73
CA PRO A 507 -40.89 -51.78 43.48
C PRO A 507 -39.71 -52.31 42.69
N GLY A 508 -38.57 -52.43 43.35
CA GLY A 508 -37.34 -52.67 42.61
C GLY A 508 -37.11 -51.53 41.64
N GLY A 509 -36.85 -51.88 40.38
CA GLY A 509 -36.73 -50.89 39.33
C GLY A 509 -37.33 -51.39 38.04
N LYS A 510 -38.36 -52.22 38.14
CA LYS A 510 -38.89 -52.93 36.98
C LYS A 510 -40.40 -52.99 36.91
N HIS A 511 -41.12 -52.43 37.89
CA HIS A 511 -42.58 -52.46 37.92
C HIS A 511 -43.07 -51.03 38.18
N LYS A 512 -43.27 -50.27 37.11
CA LYS A 512 -43.75 -48.90 37.25
C LYS A 512 -45.26 -48.88 37.40
N VAL A 513 -45.74 -48.12 38.38
CA VAL A 513 -47.16 -47.84 38.53
C VAL A 513 -47.29 -46.34 38.78
N ARG A 514 -48.03 -45.66 37.91
CA ARG A 514 -48.20 -44.22 38.02
C ARG A 514 -49.04 -43.87 39.24
N GLY A 515 -48.63 -42.83 39.96
CA GLY A 515 -49.40 -42.27 41.05
C GLY A 515 -50.37 -41.20 40.62
N ASP A 516 -50.56 -41.01 39.31
CA ASP A 516 -51.41 -39.97 38.76
C ASP A 516 -52.77 -40.54 38.39
N ILE A 517 -53.82 -39.77 38.69
CA ILE A 517 -55.20 -40.18 38.44
C ILE A 517 -55.72 -39.37 37.26
N ASN A 518 -56.13 -40.06 36.21
CA ASN A 518 -56.66 -39.42 35.01
C ASN A 518 -58.18 -39.45 35.04
N VAL A 519 -58.80 -38.38 34.56
CA VAL A 519 -60.25 -38.24 34.54
C VAL A 519 -60.68 -37.95 33.11
N LEU A 520 -61.69 -38.68 32.64
CA LEU A 520 -62.27 -38.49 31.31
C LEU A 520 -63.73 -38.12 31.47
N LEU A 521 -64.07 -36.89 31.11
CA LEU A 521 -65.45 -36.40 31.18
C LEU A 521 -66.07 -36.57 29.79
N CYS A 522 -66.85 -37.63 29.61
CA CYS A 522 -67.59 -37.84 28.38
C CYS A 522 -69.06 -37.54 28.65
N GLY A 523 -69.66 -36.70 27.81
CA GLY A 523 -71.03 -36.31 28.06
C GLY A 523 -71.61 -35.52 26.93
N ASP A 524 -72.94 -35.43 26.94
CA ASP A 524 -73.64 -34.68 25.91
C ASP A 524 -73.31 -33.19 26.03
N PRO A 525 -73.33 -32.46 24.92
CA PRO A 525 -72.79 -31.09 24.93
C PRO A 525 -73.52 -30.18 25.90
N GLY A 526 -72.91 -29.02 26.14
CA GLY A 526 -73.49 -28.02 27.02
C GLY A 526 -73.63 -28.51 28.45
N THR A 527 -72.58 -29.12 29.00
CA THR A 527 -72.61 -29.64 30.35
C THR A 527 -71.40 -29.22 31.18
N ALA A 528 -70.74 -28.11 30.79
CA ALA A 528 -69.68 -27.50 31.58
C ALA A 528 -68.39 -28.31 31.60
N LYS A 529 -68.17 -29.16 30.60
CA LYS A 529 -66.93 -29.92 30.55
C LYS A 529 -65.73 -29.00 30.34
N SER A 530 -65.81 -28.12 29.34
CA SER A 530 -64.74 -27.14 29.13
C SER A 530 -64.61 -26.23 30.33
N GLN A 531 -65.72 -25.92 31.00
CA GLN A 531 -65.64 -25.10 32.21
C GLN A 531 -64.82 -25.79 33.28
N PHE A 532 -65.04 -27.10 33.49
CA PHE A 532 -64.23 -27.84 34.45
C PHE A 532 -62.77 -27.85 34.05
N LEU A 533 -62.49 -28.10 32.77
CA LEU A 533 -61.10 -28.13 32.33
C LEU A 533 -60.42 -26.79 32.58
N LYS A 534 -61.10 -25.69 32.26
CA LYS A 534 -60.50 -24.38 32.46
C LYS A 534 -60.39 -24.02 33.93
N TYR A 535 -61.31 -24.50 34.77
CA TYR A 535 -61.14 -24.28 36.20
C TYR A 535 -59.89 -24.99 36.70
N ILE A 536 -59.66 -26.22 36.24
CA ILE A 536 -58.44 -26.92 36.63
C ILE A 536 -57.21 -26.14 36.15
N GLU A 537 -57.25 -25.67 34.91
CA GLU A 537 -56.15 -24.87 34.40
C GLU A 537 -55.88 -23.67 35.29
N LYS A 538 -56.94 -23.01 35.75
CA LYS A 538 -56.79 -21.81 36.56
C LYS A 538 -56.34 -22.12 37.98
N VAL A 539 -56.71 -23.29 38.51
CA VAL A 539 -56.49 -23.55 39.93
C VAL A 539 -55.18 -24.29 40.20
N SER A 540 -54.76 -25.20 39.33
CA SER A 540 -53.60 -26.04 39.59
C SER A 540 -52.37 -25.46 38.92
N SER A 541 -51.27 -25.38 39.68
CA SER A 541 -50.00 -24.92 39.12
C SER A 541 -49.44 -25.97 38.16
N ARG A 542 -48.67 -25.49 37.19
CA ARG A 542 -48.16 -26.35 36.12
C ARG A 542 -49.31 -27.07 35.42
N ALA A 543 -50.32 -26.29 35.06
CA ALA A 543 -51.47 -26.79 34.30
C ALA A 543 -51.45 -26.16 32.92
N ILE A 544 -51.42 -26.99 31.89
CA ILE A 544 -51.35 -26.52 30.51
C ILE A 544 -52.52 -27.11 29.73
N PHE A 545 -53.09 -26.30 28.86
CA PHE A 545 -54.32 -26.62 28.14
C PHE A 545 -54.00 -26.95 26.68
N THR A 546 -54.78 -27.86 26.12
CA THR A 546 -54.65 -28.22 24.72
C THR A 546 -55.97 -28.79 24.26
N THR A 547 -56.19 -28.78 22.95
CA THR A 547 -57.45 -29.19 22.37
C THR A 547 -57.21 -30.18 21.24
N GLY A 548 -58.16 -31.11 21.07
CA GLY A 548 -58.05 -32.08 20.00
C GLY A 548 -57.95 -31.46 18.63
N GLN A 549 -58.47 -30.24 18.46
CA GLN A 549 -58.34 -29.51 17.21
C GLN A 549 -56.98 -28.80 17.19
N GLY A 550 -56.77 -27.97 16.18
CA GLY A 550 -55.51 -27.24 16.05
C GLY A 550 -55.61 -25.82 16.61
N ALA A 551 -56.58 -25.60 17.49
CA ALA A 551 -56.88 -24.27 18.03
C ALA A 551 -56.25 -24.04 19.40
N SER A 552 -55.05 -24.59 19.62
CA SER A 552 -54.37 -24.46 20.90
C SER A 552 -52.92 -24.05 20.66
N ALA A 553 -52.36 -23.32 21.64
CA ALA A 553 -50.97 -22.89 21.53
C ALA A 553 -50.02 -24.08 21.55
N VAL A 554 -50.30 -25.08 22.37
CA VAL A 554 -49.42 -26.22 22.58
C VAL A 554 -50.13 -27.48 22.10
N GLY A 555 -49.45 -28.26 21.27
CA GLY A 555 -49.97 -29.53 20.80
C GLY A 555 -49.45 -30.69 21.63
N LEU A 556 -50.07 -31.85 21.43
CA LEU A 556 -49.65 -33.05 22.16
C LEU A 556 -48.34 -33.61 21.61
N THR A 557 -48.17 -33.60 20.30
CA THR A 557 -46.98 -34.16 19.69
C THR A 557 -45.77 -33.26 19.96
N ALA A 558 -44.59 -33.86 19.92
CA ALA A 558 -43.33 -33.15 20.05
C ALA A 558 -42.70 -32.99 18.68
N TYR A 559 -42.04 -31.86 18.46
CA TYR A 559 -41.44 -31.57 17.17
C TYR A 559 -40.20 -30.70 17.39
N VAL A 560 -39.47 -30.46 16.30
CA VAL A 560 -38.27 -29.63 16.34
C VAL A 560 -38.33 -28.66 15.17
N GLN A 561 -38.09 -27.39 15.45
CA GLN A 561 -38.13 -26.39 14.39
C GLN A 561 -37.61 -25.07 14.94
N ARG A 562 -37.30 -24.15 14.02
CA ARG A 562 -36.88 -22.81 14.38
C ARG A 562 -38.10 -21.99 14.78
N HIS A 563 -38.10 -21.50 16.02
CA HIS A 563 -39.27 -20.83 16.54
C HIS A 563 -39.60 -19.61 15.70
N PRO A 564 -40.87 -19.40 15.32
CA PRO A 564 -41.18 -18.25 14.45
C PRO A 564 -40.79 -16.91 15.04
N VAL A 565 -40.99 -16.70 16.34
CA VAL A 565 -40.76 -15.38 16.92
C VAL A 565 -39.32 -15.22 17.41
N SER A 566 -38.76 -16.23 18.06
CA SER A 566 -37.39 -16.15 18.56
C SER A 566 -36.35 -16.57 17.52
N ARG A 567 -36.76 -17.26 16.45
CA ARG A 567 -35.87 -17.66 15.37
C ARG A 567 -34.82 -18.67 15.82
N GLU A 568 -34.94 -19.21 17.03
CA GLU A 568 -33.95 -20.12 17.59
C GLU A 568 -34.40 -21.55 17.37
N TRP A 569 -33.55 -22.35 16.72
CA TRP A 569 -33.83 -23.77 16.58
C TRP A 569 -34.16 -24.37 17.94
N THR A 570 -35.33 -24.98 18.04
CA THR A 570 -35.87 -25.38 19.32
C THR A 570 -36.50 -26.76 19.22
N LEU A 571 -36.49 -27.46 20.36
CA LEU A 571 -37.21 -28.72 20.54
C LEU A 571 -38.52 -28.40 21.23
N GLU A 572 -39.57 -28.22 20.44
CA GLU A 572 -40.89 -28.01 21.00
C GLU A 572 -41.40 -29.32 21.57
N ALA A 573 -41.18 -29.50 22.86
CA ALA A 573 -41.64 -30.71 23.55
C ALA A 573 -43.14 -30.65 23.74
N GLY A 574 -43.81 -31.77 23.50
CA GLY A 574 -45.25 -31.79 23.46
C GLY A 574 -45.93 -31.21 24.69
N ALA A 575 -47.25 -31.06 24.59
CA ALA A 575 -48.03 -30.56 25.72
C ALA A 575 -47.89 -31.48 26.92
N LEU A 576 -47.89 -32.79 26.68
CA LEU A 576 -47.79 -33.74 27.78
C LEU A 576 -46.48 -33.57 28.53
N VAL A 577 -45.36 -33.58 27.82
CA VAL A 577 -44.06 -33.40 28.48
C VAL A 577 -44.01 -32.05 29.18
N LEU A 578 -44.48 -30.99 28.51
CA LEU A 578 -44.49 -29.69 29.16
C LEU A 578 -45.30 -29.73 30.45
N ALA A 579 -46.29 -30.62 30.53
CA ALA A 579 -46.98 -30.91 31.79
C ALA A 579 -46.33 -32.09 32.50
N ASP A 580 -45.02 -32.01 32.70
CA ASP A 580 -44.27 -33.17 33.18
C ASP A 580 -44.72 -33.58 34.57
N ARG A 581 -44.90 -32.63 35.48
CA ARG A 581 -45.29 -32.90 36.85
C ARG A 581 -46.51 -32.08 37.25
N GLY A 582 -47.45 -31.93 36.33
CA GLY A 582 -48.66 -31.16 36.58
C GLY A 582 -49.83 -31.75 35.85
N VAL A 583 -50.65 -30.88 35.25
CA VAL A 583 -51.90 -31.28 34.62
C VAL A 583 -51.86 -30.88 33.15
N CYS A 584 -52.24 -31.80 32.28
CA CYS A 584 -52.44 -31.55 30.86
C CYS A 584 -53.93 -31.72 30.57
N LEU A 585 -54.59 -30.63 30.22
CA LEU A 585 -56.04 -30.63 30.02
C LEU A 585 -56.32 -30.73 28.53
N ILE A 586 -56.71 -31.93 28.10
CA ILE A 586 -56.96 -32.22 26.70
C ILE A 586 -58.47 -32.14 26.46
N ASP A 587 -58.90 -31.06 25.80
CA ASP A 587 -60.30 -30.86 25.47
C ASP A 587 -60.58 -31.36 24.06
N GLU A 588 -61.85 -31.67 23.80
CA GLU A 588 -62.25 -32.27 22.54
C GLU A 588 -61.45 -33.54 22.28
N PHE A 589 -61.30 -34.35 23.34
CA PHE A 589 -60.43 -35.52 23.28
C PHE A 589 -60.83 -36.47 22.15
N ASP A 590 -62.11 -36.50 21.78
CA ASP A 590 -62.59 -37.42 20.77
C ASP A 590 -62.23 -37.03 19.36
N LYS A 591 -61.66 -35.85 19.14
CA LYS A 591 -61.39 -35.33 17.81
C LYS A 591 -59.90 -35.35 17.46
N MET A 592 -59.06 -35.98 18.28
CA MET A 592 -57.63 -35.98 18.02
C MET A 592 -57.32 -36.68 16.71
N ASN A 593 -56.26 -36.23 16.06
CA ASN A 593 -55.79 -36.85 14.82
C ASN A 593 -55.02 -38.13 15.16
N ASP A 594 -54.56 -38.83 14.13
CA ASP A 594 -53.86 -40.10 14.36
C ASP A 594 -52.57 -39.87 15.14
N GLN A 595 -51.81 -38.84 14.78
CA GLN A 595 -50.56 -38.57 15.49
C GLN A 595 -50.81 -38.23 16.95
N ASP A 596 -51.84 -37.43 17.21
CA ASP A 596 -52.17 -37.09 18.59
C ASP A 596 -52.66 -38.31 19.36
N ARG A 597 -53.39 -39.21 18.70
CA ARG A 597 -53.80 -40.45 19.34
C ARG A 597 -52.59 -41.27 19.75
N THR A 598 -51.63 -41.43 18.83
CA THR A 598 -50.42 -42.18 19.15
C THR A 598 -49.67 -41.53 20.30
N SER A 599 -49.57 -40.19 20.27
CA SER A 599 -48.81 -39.49 21.29
C SER A 599 -49.46 -39.65 22.66
N ILE A 600 -50.79 -39.50 22.73
CA ILE A 600 -51.45 -39.65 24.01
C ILE A 600 -51.35 -41.09 24.50
N HIS A 601 -51.47 -42.06 23.58
CA HIS A 601 -51.31 -43.45 23.97
C HIS A 601 -49.95 -43.68 24.63
N GLU A 602 -48.88 -43.25 23.96
CA GLU A 602 -47.55 -43.45 24.52
C GLU A 602 -47.38 -42.72 25.84
N ALA A 603 -47.85 -41.47 25.92
CA ALA A 603 -47.65 -40.69 27.14
C ALA A 603 -48.39 -41.30 28.31
N MET A 604 -49.61 -41.80 28.09
CA MET A 604 -50.37 -42.39 29.18
C MET A 604 -49.87 -43.79 29.53
N GLU A 605 -49.25 -44.49 28.58
CA GLU A 605 -48.74 -45.82 28.86
C GLU A 605 -47.38 -45.76 29.56
N GLN A 606 -46.38 -45.21 28.88
CA GLN A 606 -45.02 -45.14 29.39
C GLN A 606 -44.76 -43.95 30.29
N GLN A 607 -45.63 -42.95 30.30
CA GLN A 607 -45.32 -41.66 30.93
C GLN A 607 -44.03 -41.08 30.36
N SER A 608 -43.82 -41.27 29.06
CA SER A 608 -42.66 -40.74 28.37
C SER A 608 -42.99 -40.61 26.89
N ILE A 609 -42.18 -39.81 26.20
CA ILE A 609 -42.38 -39.52 24.79
C ILE A 609 -41.02 -39.61 24.10
N SER A 610 -40.98 -40.28 22.95
CA SER A 610 -39.73 -40.59 22.28
C SER A 610 -39.66 -39.87 20.93
N ILE A 611 -38.69 -38.98 20.79
CA ILE A 611 -38.50 -38.20 19.57
C ILE A 611 -37.34 -38.79 18.78
N SER A 612 -37.54 -38.98 17.48
CA SER A 612 -36.49 -39.40 16.57
C SER A 612 -36.60 -38.65 15.24
N LYS A 613 -36.83 -37.34 15.30
CA LYS A 613 -37.31 -36.61 14.12
C LYS A 613 -36.18 -36.23 13.16
N ALA A 614 -35.29 -35.34 13.58
CA ALA A 614 -34.25 -34.84 12.69
C ALA A 614 -32.93 -35.59 12.87
N GLY A 615 -32.33 -35.45 14.04
CA GLY A 615 -31.19 -36.27 14.44
C GLY A 615 -31.25 -36.54 15.92
N ILE A 616 -32.38 -36.18 16.53
CA ILE A 616 -32.54 -36.17 17.98
C ILE A 616 -33.28 -37.45 18.34
N VAL A 617 -32.53 -38.44 18.84
CA VAL A 617 -33.12 -39.67 19.35
C VAL A 617 -33.05 -39.57 20.86
N THR A 618 -34.14 -39.05 21.45
CA THR A 618 -34.21 -38.86 22.89
C THR A 618 -35.57 -39.33 23.38
N SER A 619 -35.68 -39.47 24.70
CA SER A 619 -36.93 -39.89 25.33
C SER A 619 -37.05 -39.15 26.66
N LEU A 620 -37.79 -38.06 26.67
CA LEU A 620 -37.99 -37.26 27.86
C LEU A 620 -39.36 -37.55 28.45
N GLN A 621 -39.40 -37.71 29.78
CA GLN A 621 -40.56 -38.28 30.44
C GLN A 621 -41.70 -37.29 30.55
N ALA A 622 -42.92 -37.79 30.39
CA ALA A 622 -44.15 -37.01 30.47
C ALA A 622 -45.01 -37.62 31.57
N ARG A 623 -44.78 -37.20 32.80
CA ARG A 623 -45.52 -37.75 33.95
C ARG A 623 -46.73 -36.87 34.25
N CYS A 624 -47.59 -36.73 33.24
CA CYS A 624 -48.75 -35.86 33.33
C CYS A 624 -49.98 -36.63 33.82
N THR A 625 -50.86 -35.91 34.50
CA THR A 625 -52.16 -36.45 34.93
C THR A 625 -53.23 -35.92 33.97
N VAL A 626 -53.36 -36.59 32.83
CA VAL A 626 -54.23 -36.11 31.78
C VAL A 626 -55.67 -36.07 32.26
N ILE A 627 -56.28 -34.90 32.19
CA ILE A 627 -57.70 -34.71 32.45
C ILE A 627 -58.32 -34.19 31.16
N ALA A 628 -59.25 -34.96 30.60
CA ALA A 628 -59.75 -34.67 29.27
C ALA A 628 -61.27 -34.78 29.24
N ALA A 629 -61.86 -34.12 28.23
CA ALA A 629 -63.29 -34.16 27.98
C ALA A 629 -63.54 -34.57 26.54
N ALA A 630 -64.62 -35.30 26.32
CA ALA A 630 -64.97 -35.80 25.00
C ALA A 630 -66.48 -35.76 24.82
N ASN A 631 -66.90 -35.72 23.55
CA ASN A 631 -68.32 -35.71 23.20
C ASN A 631 -68.74 -37.08 22.69
N PRO A 632 -69.79 -37.69 23.23
CA PRO A 632 -70.20 -39.01 22.74
C PRO A 632 -70.60 -38.95 21.28
N ILE A 633 -70.30 -40.03 20.57
CA ILE A 633 -70.67 -40.11 19.16
C ILE A 633 -72.18 -39.95 19.02
N GLY A 634 -72.60 -39.25 17.97
CA GLY A 634 -74.00 -38.94 17.76
C GLY A 634 -74.48 -37.69 18.47
N GLY A 635 -73.63 -37.03 19.25
CA GLY A 635 -73.98 -35.80 19.92
C GLY A 635 -74.72 -35.97 21.22
N ARG A 636 -75.18 -37.18 21.55
CA ARG A 636 -75.88 -37.42 22.80
C ARG A 636 -75.47 -38.78 23.34
N TYR A 637 -75.29 -38.85 24.65
CA TYR A 637 -74.91 -40.11 25.29
C TYR A 637 -76.10 -41.06 25.30
N ASP A 638 -75.85 -42.31 24.88
CA ASP A 638 -76.91 -43.30 24.74
C ASP A 638 -76.71 -44.40 25.78
N PRO A 639 -77.42 -44.36 26.91
CA PRO A 639 -77.16 -45.35 27.97
C PRO A 639 -77.43 -46.78 27.55
N SER A 640 -78.24 -47.02 26.51
CA SER A 640 -78.49 -48.38 26.08
C SER A 640 -77.22 -49.06 25.59
N LEU A 641 -76.30 -48.29 25.02
CA LEU A 641 -75.02 -48.81 24.58
C LEU A 641 -73.98 -48.61 25.68
N THR A 642 -72.77 -49.10 25.43
CA THR A 642 -71.70 -49.02 26.41
C THR A 642 -70.85 -47.77 26.19
N PHE A 643 -70.16 -47.35 27.25
CA PHE A 643 -69.29 -46.20 27.19
C PHE A 643 -68.30 -46.32 26.03
N SER A 644 -67.69 -47.50 25.89
CA SER A 644 -66.66 -47.68 24.87
C SER A 644 -67.23 -47.49 23.46
N GLU A 645 -68.42 -48.01 23.21
CA GLU A 645 -68.99 -47.97 21.87
C GLU A 645 -69.79 -46.71 21.60
N ASN A 646 -70.04 -45.88 22.61
CA ASN A 646 -70.68 -44.59 22.39
C ASN A 646 -69.71 -43.41 22.52
N VAL A 647 -68.46 -43.68 22.89
CA VAL A 647 -67.40 -42.67 22.82
C VAL A 647 -66.39 -43.13 21.78
N ASP A 648 -66.02 -42.22 20.88
CA ASP A 648 -65.13 -42.56 19.76
C ASP A 648 -63.67 -42.63 20.23
N LEU A 649 -63.43 -43.48 21.22
CA LEU A 649 -62.11 -43.71 21.77
C LEU A 649 -61.86 -45.21 21.84
N THR A 650 -60.66 -45.62 21.45
CA THR A 650 -60.34 -47.04 21.44
C THR A 650 -60.14 -47.55 22.86
N GLU A 651 -60.35 -48.87 23.02
CA GLU A 651 -60.26 -49.47 24.35
C GLU A 651 -58.90 -49.24 25.02
N PRO A 652 -57.76 -49.35 24.33
CA PRO A 652 -56.49 -49.04 25.01
C PRO A 652 -56.45 -47.64 25.57
N ILE A 653 -57.01 -46.66 24.86
CA ILE A 653 -57.03 -45.30 25.36
C ILE A 653 -57.97 -45.18 26.55
N ILE A 654 -59.15 -45.79 26.45
CA ILE A 654 -60.13 -45.68 27.53
C ILE A 654 -59.62 -46.37 28.79
N SER A 655 -58.79 -47.40 28.65
CA SER A 655 -58.30 -48.14 29.81
C SER A 655 -57.32 -47.33 30.66
N ARG A 656 -56.75 -46.27 30.10
CA ARG A 656 -55.73 -45.49 30.80
C ARG A 656 -56.32 -44.47 31.76
N PHE A 657 -57.64 -44.33 31.81
CA PHE A 657 -58.30 -43.31 32.61
C PHE A 657 -58.82 -43.91 33.91
N ASP A 658 -58.43 -43.33 35.04
CA ASP A 658 -58.86 -43.85 36.32
C ASP A 658 -60.34 -43.59 36.56
N ILE A 659 -60.79 -42.36 36.33
CA ILE A 659 -62.18 -41.97 36.53
C ILE A 659 -62.79 -41.69 35.16
N LEU A 660 -63.95 -42.30 34.91
CA LEU A 660 -64.75 -42.01 33.73
C LEU A 660 -66.06 -41.42 34.20
N CYS A 661 -66.25 -40.12 33.95
CA CYS A 661 -67.44 -39.41 34.37
C CYS A 661 -68.35 -39.20 33.17
N VAL A 662 -69.56 -39.72 33.25
CA VAL A 662 -70.57 -39.58 32.20
C VAL A 662 -71.46 -38.41 32.58
N VAL A 663 -71.55 -37.43 31.69
CA VAL A 663 -72.35 -36.23 31.89
C VAL A 663 -73.54 -36.32 30.95
N ARG A 664 -74.73 -36.49 31.51
CA ARG A 664 -75.96 -36.63 30.75
C ARG A 664 -76.85 -35.42 31.01
N ASP A 665 -77.46 -34.91 29.94
CA ASP A 665 -78.31 -33.73 29.98
C ASP A 665 -79.75 -34.22 29.85
N THR A 666 -80.40 -34.43 30.99
CA THR A 666 -81.77 -34.90 31.04
C THR A 666 -82.69 -33.77 31.49
N VAL A 667 -83.82 -33.63 30.82
CA VAL A 667 -84.76 -32.55 31.12
C VAL A 667 -85.29 -32.75 32.53
N ASP A 668 -84.98 -31.81 33.42
CA ASP A 668 -85.45 -31.83 34.79
C ASP A 668 -85.88 -30.42 35.17
N PRO A 669 -87.15 -30.20 35.51
CA PRO A 669 -87.58 -28.81 35.78
C PRO A 669 -86.84 -28.15 36.93
N VAL A 670 -86.67 -28.85 38.05
CA VAL A 670 -86.04 -28.23 39.21
C VAL A 670 -84.60 -27.85 38.92
N GLN A 671 -83.83 -28.80 38.39
CA GLN A 671 -82.42 -28.54 38.11
C GLN A 671 -82.27 -27.50 37.01
N ASP A 672 -83.14 -27.53 36.01
CA ASP A 672 -83.10 -26.50 34.98
C ASP A 672 -83.36 -25.12 35.58
N GLU A 673 -84.31 -25.02 36.49
CA GLU A 673 -84.58 -23.74 37.15
C GLU A 673 -83.36 -23.27 37.92
N MET A 674 -82.74 -24.18 38.69
CA MET A 674 -81.56 -23.79 39.46
C MET A 674 -80.44 -23.34 38.54
N LEU A 675 -80.19 -24.07 37.45
CA LEU A 675 -79.13 -23.71 36.53
C LEU A 675 -79.39 -22.37 35.85
N ALA A 676 -80.65 -22.14 35.44
CA ALA A 676 -80.99 -20.87 34.81
C ALA A 676 -80.79 -19.72 35.78
N ARG A 677 -81.23 -19.88 37.03
CA ARG A 677 -80.99 -18.84 38.02
C ARG A 677 -79.50 -18.61 38.21
N PHE A 678 -78.72 -19.69 38.25
CA PHE A 678 -77.27 -19.55 38.43
C PHE A 678 -76.65 -18.71 37.32
N VAL A 679 -76.94 -19.09 36.06
CA VAL A 679 -76.31 -18.39 34.94
C VAL A 679 -76.81 -16.95 34.85
N VAL A 680 -78.10 -16.74 35.10
CA VAL A 680 -78.64 -15.39 35.01
C VAL A 680 -78.06 -14.50 36.10
N GLY A 681 -77.92 -15.03 37.32
CA GLY A 681 -77.27 -14.26 38.38
C GLY A 681 -75.83 -13.95 38.05
N SER A 682 -75.12 -14.90 37.44
CA SER A 682 -73.76 -14.63 36.99
C SER A 682 -73.75 -13.47 36.00
N HIS A 683 -74.64 -13.51 35.01
CA HIS A 683 -74.72 -12.43 34.03
C HIS A 683 -75.02 -11.10 34.71
N VAL A 684 -75.97 -11.09 35.64
CA VAL A 684 -76.36 -9.86 36.31
C VAL A 684 -75.19 -9.27 37.08
N ARG A 685 -74.49 -10.11 37.85
CA ARG A 685 -73.41 -9.59 38.68
C ARG A 685 -72.21 -9.18 37.83
N HIS A 686 -72.01 -9.80 36.67
CA HIS A 686 -70.89 -9.49 35.82
C HIS A 686 -71.25 -8.53 34.69
N HIS A 687 -72.44 -7.94 34.73
CA HIS A 687 -72.74 -6.84 33.83
C HIS A 687 -71.72 -5.72 34.05
N PRO A 688 -71.19 -5.12 32.98
CA PRO A 688 -70.09 -4.15 33.17
C PRO A 688 -70.45 -2.97 34.03
N SER A 689 -71.74 -2.64 34.16
CA SER A 689 -72.12 -1.50 34.99
C SER A 689 -71.73 -1.72 36.45
N ASN A 690 -71.94 -2.93 36.96
CA ASN A 690 -71.65 -3.23 38.36
C ASN A 690 -70.18 -3.55 38.61
N LYS A 691 -69.35 -3.59 37.57
CA LYS A 691 -67.93 -3.89 37.73
C LYS A 691 -67.27 -2.94 38.73
N GLY A 711 -72.89 -29.26 53.54
CA GLY A 711 -73.23 -27.95 54.06
C GLY A 711 -72.04 -27.24 54.69
N VAL A 712 -70.99 -27.04 53.90
CA VAL A 712 -69.77 -26.39 54.35
C VAL A 712 -69.38 -25.32 53.35
N GLU A 713 -68.66 -24.31 53.84
CA GLU A 713 -68.27 -23.19 53.00
C GLU A 713 -66.99 -23.53 52.23
N PRO A 714 -66.99 -23.41 50.91
CA PRO A 714 -65.76 -23.68 50.15
C PRO A 714 -64.63 -22.76 50.56
N LEU A 715 -63.40 -23.27 50.45
CA LEU A 715 -62.22 -22.50 50.79
C LEU A 715 -61.91 -21.46 49.71
N PRO A 716 -61.21 -20.39 50.06
CA PRO A 716 -60.71 -19.47 49.03
C PRO A 716 -59.75 -20.19 48.10
N GLN A 717 -59.69 -19.71 46.86
CA GLN A 717 -58.94 -20.41 45.82
C GLN A 717 -57.44 -20.45 46.14
N GLU A 718 -56.89 -19.35 46.65
CA GLU A 718 -55.46 -19.32 46.95
C GLU A 718 -55.12 -20.22 48.13
N VAL A 719 -55.96 -20.20 49.17
CA VAL A 719 -55.76 -21.11 50.30
C VAL A 719 -55.85 -22.55 49.80
N LEU A 720 -56.78 -22.81 48.88
CA LEU A 720 -56.91 -24.15 48.32
C LEU A 720 -55.64 -24.54 47.56
N LYS A 721 -55.06 -23.62 46.80
CA LYS A 721 -53.83 -23.93 46.08
C LYS A 721 -52.69 -24.23 47.03
N LYS A 722 -52.55 -23.42 48.09
CA LYS A 722 -51.51 -23.68 49.07
C LYS A 722 -51.69 -25.05 49.72
N TYR A 723 -52.92 -25.38 50.10
CA TYR A 723 -53.19 -26.68 50.69
C TYR A 723 -52.88 -27.80 49.70
N ILE A 724 -53.25 -27.61 48.43
CA ILE A 724 -53.00 -28.63 47.43
C ILE A 724 -51.51 -28.89 47.30
N ILE A 725 -50.71 -27.83 47.22
CA ILE A 725 -49.27 -28.02 47.05
C ILE A 725 -48.66 -28.68 48.28
N TYR A 726 -49.05 -28.24 49.48
CA TYR A 726 -48.52 -28.85 50.69
C TYR A 726 -48.83 -30.35 50.69
N ALA A 727 -50.10 -30.71 50.52
CA ALA A 727 -50.48 -32.12 50.59
C ALA A 727 -49.83 -32.92 49.46
N LYS A 728 -49.63 -32.30 48.30
CA LYS A 728 -49.09 -33.02 47.15
C LYS A 728 -47.59 -33.24 47.28
N GLU A 729 -46.88 -32.36 47.98
CA GLU A 729 -45.42 -32.44 48.01
C GLU A 729 -44.85 -32.97 49.32
N ARG A 730 -45.59 -32.92 50.43
CA ARG A 730 -45.05 -33.35 51.71
C ARG A 730 -45.71 -34.64 52.22
N VAL A 731 -47.02 -34.67 52.35
CA VAL A 731 -47.69 -35.84 52.91
C VAL A 731 -47.65 -36.98 51.90
N HIS A 732 -47.26 -38.16 52.38
CA HIS A 732 -47.22 -39.37 51.57
C HIS A 732 -48.00 -40.45 52.29
N PRO A 733 -48.96 -41.10 51.64
CA PRO A 733 -49.70 -42.19 52.29
C PRO A 733 -49.07 -43.55 52.09
N LYS A 734 -49.26 -44.41 53.08
CA LYS A 734 -48.79 -45.79 53.06
C LYS A 734 -49.98 -46.70 53.31
N LEU A 735 -50.11 -47.74 52.48
CA LEU A 735 -51.27 -48.64 52.57
C LEU A 735 -50.95 -49.86 53.44
N ASN A 736 -50.45 -49.60 54.64
CA ASN A 736 -50.13 -50.68 55.58
C ASN A 736 -51.32 -51.11 56.42
N GLN A 737 -52.41 -50.35 56.43
CA GLN A 737 -53.59 -50.67 57.22
C GLN A 737 -54.75 -51.17 56.36
N MET A 738 -54.52 -51.45 55.08
CA MET A 738 -55.60 -51.87 54.21
C MET A 738 -56.14 -53.24 54.63
N ASP A 739 -57.46 -53.41 54.51
CA ASP A 739 -58.12 -54.68 54.74
C ASP A 739 -57.99 -55.50 53.46
N GLN A 740 -56.82 -56.14 53.32
CA GLN A 740 -56.52 -56.86 52.09
C GLN A 740 -57.55 -57.94 51.81
N ASP A 741 -58.05 -58.59 52.86
CA ASP A 741 -59.07 -59.62 52.67
C ASP A 741 -60.35 -59.02 52.10
N LYS A 742 -60.79 -57.89 52.67
CA LYS A 742 -62.01 -57.26 52.16
C LYS A 742 -61.83 -56.81 50.72
N VAL A 743 -60.67 -56.26 50.38
CA VAL A 743 -60.45 -55.79 49.02
C VAL A 743 -60.41 -56.96 48.05
N ALA A 744 -59.78 -58.07 48.45
CA ALA A 744 -59.75 -59.26 47.60
C ALA A 744 -61.16 -59.79 47.37
N LYS A 745 -61.97 -59.85 48.42
CA LYS A 745 -63.35 -60.29 48.26
C LYS A 745 -64.11 -59.33 47.35
N MET A 746 -63.89 -58.03 47.52
CA MET A 746 -64.46 -57.03 46.62
C MET A 746 -64.17 -57.39 45.17
N TYR A 747 -62.89 -57.53 44.85
CA TYR A 747 -62.49 -57.75 43.46
C TYR A 747 -63.06 -59.06 42.93
N SER A 748 -63.04 -60.11 43.76
CA SER A 748 -63.57 -61.40 43.32
C SER A 748 -65.07 -61.28 43.02
N ASP A 749 -65.83 -60.62 43.89
CA ASP A 749 -67.26 -60.48 43.66
C ASP A 749 -67.54 -59.68 42.39
N LEU A 750 -66.83 -58.57 42.21
CA LEU A 750 -67.04 -57.77 41.00
C LEU A 750 -66.70 -58.59 39.76
N ARG A 751 -65.60 -59.35 39.81
CA ARG A 751 -65.23 -60.20 38.68
C ARG A 751 -66.33 -61.19 38.37
N LYS A 752 -66.83 -61.89 39.40
CA LYS A 752 -67.85 -62.90 39.18
C LYS A 752 -69.11 -62.30 38.59
N GLU A 753 -69.54 -61.14 39.10
CA GLU A 753 -70.76 -60.52 38.59
C GLU A 753 -70.57 -60.07 37.14
N SER A 754 -69.44 -59.43 36.85
CA SER A 754 -69.22 -58.92 35.49
C SER A 754 -69.02 -60.05 34.49
N MET A 755 -68.57 -61.22 34.96
CA MET A 755 -68.45 -62.36 34.06
C MET A 755 -69.80 -63.06 33.89
N ALA A 756 -70.59 -63.14 34.95
CA ALA A 756 -71.91 -63.73 34.84
C ALA A 756 -72.78 -62.93 33.87
N THR A 757 -72.69 -61.60 33.94
CA THR A 757 -73.36 -60.75 32.96
C THR A 757 -72.46 -60.55 31.76
N GLY A 758 -73.07 -60.52 30.57
CA GLY A 758 -72.30 -60.31 29.35
C GLY A 758 -71.86 -58.86 29.25
N SER A 759 -70.97 -58.46 30.15
CA SER A 759 -70.62 -57.06 30.35
C SER A 759 -69.11 -56.89 30.30
N ILE A 760 -68.66 -55.66 30.50
CA ILE A 760 -67.23 -55.34 30.55
C ILE A 760 -66.69 -55.87 31.87
N PRO A 761 -65.65 -56.70 31.88
CA PRO A 761 -65.16 -57.25 33.14
C PRO A 761 -64.20 -56.31 33.84
N ILE A 762 -64.26 -56.34 35.17
CA ILE A 762 -63.32 -55.60 36.00
C ILE A 762 -62.00 -56.33 36.00
N THR A 763 -60.90 -55.58 35.86
CA THR A 763 -59.57 -56.16 35.77
C THR A 763 -58.67 -55.57 36.86
N VAL A 764 -57.39 -55.95 36.81
CA VAL A 764 -56.45 -55.55 37.86
C VAL A 764 -56.25 -54.05 37.86
N ARG A 765 -56.25 -53.42 36.69
CA ARG A 765 -56.05 -51.97 36.64
C ARG A 765 -57.14 -51.24 37.41
N HIS A 766 -58.33 -51.84 37.52
CA HIS A 766 -59.37 -51.21 38.34
C HIS A 766 -58.98 -51.19 39.81
N ILE A 767 -58.41 -52.30 40.32
CA ILE A 767 -57.97 -52.29 41.71
C ILE A 767 -56.78 -51.33 41.87
N GLU A 768 -55.94 -51.22 40.85
CA GLU A 768 -54.85 -50.25 40.93
C GLU A 768 -55.37 -48.82 41.00
N SER A 769 -56.39 -48.50 40.21
CA SER A 769 -57.02 -47.19 40.28
C SER A 769 -57.67 -46.98 41.65
N MET A 770 -58.27 -48.03 42.19
CA MET A 770 -58.80 -47.96 43.54
C MET A 770 -57.71 -47.58 44.53
N ILE A 771 -56.54 -48.20 44.40
CA ILE A 771 -55.42 -47.87 45.29
C ILE A 771 -54.99 -46.43 45.10
N ARG A 772 -54.89 -45.98 43.85
CA ARG A 772 -54.50 -44.60 43.58
C ARG A 772 -55.47 -43.62 44.24
N MET A 773 -56.76 -43.87 44.09
CA MET A 773 -57.75 -42.95 44.66
C MET A 773 -57.76 -43.01 46.18
N ALA A 774 -57.51 -44.18 46.76
CA ALA A 774 -57.39 -44.26 48.21
C ALA A 774 -56.22 -43.42 48.69
N GLU A 775 -55.09 -43.51 48.01
CA GLU A 775 -53.94 -42.69 48.37
C GLU A 775 -54.24 -41.21 48.19
N ALA A 776 -54.98 -40.86 47.14
CA ALA A 776 -55.34 -39.46 46.92
C ALA A 776 -56.23 -38.94 48.04
N HIS A 777 -57.20 -39.75 48.48
CA HIS A 777 -58.05 -39.34 49.59
C HIS A 777 -57.23 -39.17 50.87
N ALA A 778 -56.29 -40.09 51.11
CA ALA A 778 -55.41 -39.93 52.26
C ALA A 778 -54.60 -38.66 52.16
N ARG A 779 -54.10 -38.34 50.96
CA ARG A 779 -53.37 -37.11 50.75
C ARG A 779 -54.23 -35.89 51.06
N ILE A 780 -55.49 -35.92 50.60
CA ILE A 780 -56.41 -34.83 50.89
C ILE A 780 -56.55 -34.66 52.40
N HIS A 781 -56.71 -35.76 53.11
CA HIS A 781 -56.95 -35.67 54.55
C HIS A 781 -55.67 -35.51 55.37
N LEU A 782 -54.49 -35.56 54.75
CA LEU A 782 -53.23 -35.39 55.46
C LEU A 782 -53.09 -36.42 56.59
N ARG A 783 -53.05 -37.69 56.19
CA ARG A 783 -53.02 -38.81 57.12
C ARG A 783 -51.69 -39.55 57.14
N ASP A 784 -51.13 -39.82 55.96
CA ASP A 784 -49.93 -40.66 55.81
C ASP A 784 -50.25 -42.13 56.02
N TYR A 785 -51.50 -42.44 56.39
CA TYR A 785 -51.94 -43.82 56.56
C TYR A 785 -53.34 -43.93 55.99
N VAL A 786 -53.48 -44.76 54.95
CA VAL A 786 -54.79 -44.94 54.31
C VAL A 786 -55.73 -45.63 55.31
N ILE A 787 -56.83 -44.97 55.63
CA ILE A 787 -57.77 -45.44 56.63
C ILE A 787 -58.96 -46.09 55.94
N GLU A 788 -59.74 -46.85 56.72
CA GLU A 788 -60.90 -47.54 56.19
C GLU A 788 -61.82 -46.59 55.41
N ASP A 789 -62.02 -45.37 55.92
CA ASP A 789 -62.89 -44.44 55.24
C ASP A 789 -62.33 -44.05 53.88
N ASP A 790 -61.02 -43.82 53.79
CA ASP A 790 -60.42 -43.51 52.50
C ASP A 790 -60.54 -44.68 51.54
N VAL A 791 -60.33 -45.90 52.05
CA VAL A 791 -60.46 -47.09 51.21
C VAL A 791 -61.88 -47.18 50.67
N ASN A 792 -62.87 -46.96 51.54
CA ASN A 792 -64.26 -47.05 51.12
C ASN A 792 -64.59 -45.96 50.09
N MET A 793 -64.06 -44.75 50.30
CA MET A 793 -64.29 -43.68 49.33
C MET A 793 -63.73 -44.04 47.97
N ALA A 794 -62.50 -44.55 47.93
CA ALA A 794 -61.91 -44.94 46.65
C ALA A 794 -62.69 -46.06 46.00
N ILE A 795 -63.12 -47.05 46.79
CA ILE A 795 -63.95 -48.13 46.26
C ILE A 795 -65.23 -47.57 45.67
N ARG A 796 -65.87 -46.64 46.38
CA ARG A 796 -67.11 -46.06 45.92
C ARG A 796 -66.91 -45.35 44.58
N VAL A 797 -65.85 -44.54 44.48
CA VAL A 797 -65.63 -43.79 43.24
C VAL A 797 -65.36 -44.76 42.09
N MET A 798 -64.51 -45.75 42.32
CA MET A 798 -64.20 -46.70 41.25
C MET A 798 -65.44 -47.47 40.81
N LEU A 799 -66.24 -47.92 41.78
CA LEU A 799 -67.46 -48.65 41.45
C LEU A 799 -68.44 -47.79 40.69
N GLU A 800 -68.60 -46.53 41.11
CA GLU A 800 -69.50 -45.63 40.38
C GLU A 800 -69.05 -45.47 38.94
N SER A 801 -67.75 -45.24 38.74
CA SER A 801 -67.24 -45.12 37.37
C SER A 801 -67.52 -46.38 36.57
N PHE A 802 -67.26 -47.54 37.16
CA PHE A 802 -67.43 -48.80 36.44
C PHE A 802 -68.89 -49.04 36.07
N ILE A 803 -69.80 -48.85 37.02
CA ILE A 803 -71.21 -49.11 36.75
C ILE A 803 -71.76 -48.10 35.74
N ASP A 804 -71.31 -46.84 35.82
CA ASP A 804 -71.77 -45.86 34.86
C ASP A 804 -71.26 -46.17 33.46
N THR A 805 -70.04 -46.70 33.37
CA THR A 805 -69.56 -47.17 32.07
C THR A 805 -70.41 -48.33 31.58
N GLN A 806 -70.85 -49.19 32.49
CA GLN A 806 -71.71 -50.31 32.11
C GLN A 806 -73.04 -49.81 31.55
N LYS A 807 -73.64 -50.62 30.69
CA LYS A 807 -74.89 -50.23 30.05
C LYS A 807 -76.03 -50.23 31.07
N PHE A 808 -77.23 -49.84 30.61
CA PHE A 808 -78.33 -49.56 31.53
C PHE A 808 -78.71 -50.80 32.34
N SER A 809 -78.95 -51.93 31.67
CA SER A 809 -79.34 -53.14 32.38
C SER A 809 -78.24 -53.57 33.33
N VAL A 810 -77.00 -53.62 32.82
CA VAL A 810 -75.86 -53.98 33.66
C VAL A 810 -75.68 -52.94 34.76
N MET A 811 -75.92 -51.67 34.43
CA MET A 811 -75.80 -50.61 35.43
C MET A 811 -76.74 -50.87 36.60
N ARG A 812 -78.01 -51.17 36.32
CA ARG A 812 -78.97 -51.40 37.38
C ARG A 812 -78.65 -52.67 38.16
N SER A 813 -78.24 -53.74 37.45
CA SER A 813 -77.89 -54.97 38.15
C SER A 813 -76.74 -54.73 39.12
N MET A 814 -75.68 -54.05 38.66
CA MET A 814 -74.55 -53.76 39.52
C MET A 814 -74.96 -52.87 40.68
N ARG A 815 -75.78 -51.85 40.41
CA ARG A 815 -76.20 -50.94 41.46
C ARG A 815 -76.97 -51.66 42.55
N LYS A 816 -77.90 -52.54 42.15
CA LYS A 816 -78.65 -53.30 43.14
C LYS A 816 -77.73 -54.24 43.91
N THR A 817 -76.82 -54.92 43.21
CA THR A 817 -75.98 -55.91 43.88
C THR A 817 -75.05 -55.25 44.89
N PHE A 818 -74.47 -54.10 44.55
CA PHE A 818 -73.43 -53.47 45.36
C PHE A 818 -73.88 -52.13 45.92
N ALA A 819 -75.19 -51.95 46.12
CA ALA A 819 -75.68 -50.69 46.67
C ALA A 819 -75.04 -50.38 48.02
N ARG A 820 -74.69 -51.41 48.79
CA ARG A 820 -74.05 -51.18 50.09
C ARG A 820 -72.69 -50.52 49.91
N TYR A 821 -71.94 -50.91 48.89
CA TYR A 821 -70.62 -50.30 48.65
C TYR A 821 -70.77 -48.88 48.11
N LEU A 822 -71.66 -48.69 47.14
CA LEU A 822 -71.83 -47.37 46.54
C LEU A 822 -72.53 -46.38 47.46
N SER A 823 -73.06 -46.84 48.59
CA SER A 823 -73.78 -45.98 49.52
C SER A 823 -72.91 -45.40 50.62
N PHE A 824 -71.60 -45.67 50.59
CA PHE A 824 -70.71 -45.15 51.62
C PHE A 824 -70.75 -43.63 51.64
N ARG A 825 -71.04 -43.05 52.80
CA ARG A 825 -71.13 -41.62 53.01
C ARG A 825 -72.20 -40.96 52.15
N ARG A 826 -73.07 -41.74 51.50
CA ARG A 826 -74.16 -41.21 50.70
C ARG A 826 -75.40 -41.14 51.58
N ASP A 827 -75.78 -39.94 51.97
CA ASP A 827 -76.77 -39.77 53.03
C ASP A 827 -78.15 -40.25 52.60
N ASN A 828 -78.90 -40.76 53.57
CA ASN A 828 -80.26 -41.23 53.31
C ASN A 828 -81.12 -40.11 52.73
N ASN A 829 -80.86 -38.87 53.12
CA ASN A 829 -81.64 -37.76 52.56
C ASN A 829 -81.51 -37.70 51.05
N GLU A 830 -80.28 -37.72 50.54
CA GLU A 830 -80.08 -37.64 49.10
C GLU A 830 -80.49 -38.94 48.41
N LEU A 831 -80.34 -40.08 49.07
CA LEU A 831 -80.84 -41.32 48.48
C LEU A 831 -82.35 -41.27 48.27
N LEU A 832 -83.08 -40.83 49.29
CA LEU A 832 -84.53 -40.70 49.17
C LEU A 832 -84.89 -39.64 48.15
N LEU A 833 -84.12 -38.55 48.08
CA LEU A 833 -84.37 -37.53 47.08
C LEU A 833 -84.23 -38.10 45.67
N PHE A 834 -83.19 -38.90 45.44
CA PHE A 834 -83.01 -39.53 44.14
C PHE A 834 -84.17 -40.46 43.82
N ILE A 835 -84.60 -41.26 44.79
CA ILE A 835 -85.70 -42.18 44.55
C ILE A 835 -86.97 -41.41 44.21
N LEU A 836 -87.26 -40.35 44.98
CA LEU A 836 -88.45 -39.56 44.74
C LEU A 836 -88.38 -38.87 43.37
N LYS A 837 -87.20 -38.38 43.00
CA LYS A 837 -87.05 -37.76 41.69
C LYS A 837 -87.28 -38.77 40.58
N GLN A 838 -86.80 -40.00 40.75
CA GLN A 838 -87.06 -41.04 39.76
C GLN A 838 -88.55 -41.29 39.63
N LEU A 839 -89.25 -41.42 40.76
CA LEU A 839 -90.69 -41.68 40.71
C LEU A 839 -91.44 -40.52 40.07
N VAL A 840 -91.10 -39.28 40.42
CA VAL A 840 -91.81 -38.13 39.88
C VAL A 840 -91.51 -37.98 38.39
N ALA A 841 -90.28 -38.29 37.97
CA ALA A 841 -89.96 -38.29 36.55
C ALA A 841 -90.80 -39.32 35.81
N GLU A 842 -90.96 -40.52 36.40
CA GLU A 842 -91.82 -41.52 35.79
C GLU A 842 -93.24 -41.00 35.65
N GLN A 843 -93.76 -40.36 36.71
CA GLN A 843 -95.12 -39.83 36.66
C GLN A 843 -95.26 -38.75 35.59
N VAL A 844 -94.28 -37.86 35.48
CA VAL A 844 -94.34 -36.79 34.49
C VAL A 844 -94.28 -37.38 33.08
N THR A 845 -93.42 -38.37 32.87
CA THR A 845 -93.35 -39.01 31.56
C THR A 845 -94.68 -39.66 31.21
N TYR A 846 -95.31 -40.35 32.17
CA TYR A 846 -96.61 -40.95 31.91
C TYR A 846 -97.63 -39.88 31.57
N GLN A 847 -97.62 -38.76 32.29
CA GLN A 847 -98.60 -37.70 32.03
C GLN A 847 -98.42 -37.12 30.64
N ARG A 848 -97.18 -36.86 30.23
CA ARG A 848 -96.94 -36.19 28.96
C ARG A 848 -96.93 -37.16 27.77
N ASN A 849 -96.91 -38.47 28.02
CA ASN A 849 -96.98 -39.44 26.93
C ASN A 849 -98.43 -39.72 26.56
N ALA B 4 14.84 -16.81 -13.58
CA ALA B 4 15.13 -18.02 -12.81
C ALA B 4 15.03 -17.73 -11.32
N GLY B 5 14.82 -18.78 -10.54
CA GLY B 5 14.66 -18.64 -9.10
C GLY B 5 15.38 -19.72 -8.32
N THR B 6 14.94 -19.97 -7.09
CA THR B 6 15.61 -20.92 -6.19
C THR B 6 15.25 -22.34 -6.61
N VAL B 7 16.05 -22.92 -7.50
CA VAL B 7 15.91 -24.33 -7.86
C VAL B 7 16.57 -25.16 -6.78
N VAL B 8 16.33 -26.46 -6.79
CA VAL B 8 16.91 -27.39 -5.82
C VAL B 8 18.03 -28.15 -6.51
N LEU B 9 19.23 -28.10 -5.92
CA LEU B 9 20.38 -28.78 -6.51
C LEU B 9 20.34 -30.27 -6.23
N ASP B 10 20.40 -30.65 -4.96
CA ASP B 10 20.25 -32.04 -4.55
C ASP B 10 19.37 -32.10 -3.32
N ASP B 11 18.56 -33.15 -3.23
CA ASP B 11 17.63 -33.33 -2.13
C ASP B 11 17.73 -34.78 -1.68
N VAL B 12 18.26 -35.01 -0.48
CA VAL B 12 18.53 -36.37 -0.03
C VAL B 12 17.23 -37.16 0.09
N GLU B 13 16.22 -36.57 0.73
CA GLU B 13 14.98 -37.30 0.95
C GLU B 13 14.28 -37.61 -0.37
N LEU B 14 14.23 -36.64 -1.28
CA LEU B 14 13.59 -36.88 -2.57
C LEU B 14 14.34 -37.93 -3.36
N ARG B 15 15.67 -37.89 -3.34
CA ARG B 15 16.44 -38.89 -4.06
C ARG B 15 16.21 -40.28 -3.50
N GLU B 16 16.21 -40.40 -2.16
CA GLU B 16 15.94 -41.69 -1.54
C GLU B 16 14.55 -42.20 -1.90
N ALA B 17 13.55 -41.32 -1.83
CA ALA B 17 12.18 -41.73 -2.13
C ALA B 17 12.06 -42.20 -3.57
N GLN B 18 12.62 -41.44 -4.51
CA GLN B 18 12.50 -41.82 -5.91
C GLN B 18 13.25 -43.11 -6.19
N ARG B 19 14.42 -43.29 -5.60
CA ARG B 19 15.16 -44.53 -5.78
C ARG B 19 14.37 -45.72 -5.23
N ASP B 20 13.79 -45.57 -4.04
CA ASP B 20 13.01 -46.67 -3.46
C ASP B 20 11.81 -47.00 -4.33
N TYR B 21 11.10 -45.98 -4.82
CA TYR B 21 9.92 -46.24 -5.62
C TYR B 21 10.28 -46.86 -6.97
N LEU B 22 11.38 -46.42 -7.58
CA LEU B 22 11.82 -47.03 -8.83
C LEU B 22 12.22 -48.48 -8.61
N ASP B 23 12.89 -48.77 -7.49
CA ASP B 23 13.23 -50.15 -7.18
C ASP B 23 11.97 -50.99 -7.00
N PHE B 24 10.99 -50.46 -6.27
CA PHE B 24 9.73 -51.19 -6.06
C PHE B 24 9.02 -51.44 -7.38
N LEU B 25 9.06 -50.47 -8.29
CA LEU B 25 8.38 -50.64 -9.57
C LEU B 25 9.13 -51.57 -10.51
N ASP B 26 10.45 -51.62 -10.42
CA ASP B 26 11.23 -52.51 -11.28
C ASP B 26 11.21 -53.91 -10.67
N ASP B 27 10.47 -54.82 -11.30
CA ASP B 27 10.28 -56.18 -10.81
C ASP B 27 10.66 -57.16 -11.92
N GLU B 28 11.92 -57.57 -11.93
CA GLU B 28 12.36 -58.70 -12.74
C GLU B 28 13.06 -59.76 -11.91
N GLU B 29 13.87 -59.35 -10.92
CA GLU B 29 14.37 -60.29 -9.94
C GLU B 29 13.28 -60.77 -9.00
N ASP B 30 12.22 -59.98 -8.84
CA ASP B 30 11.06 -60.38 -8.07
C ASP B 30 10.05 -61.04 -9.01
N GLN B 31 8.81 -61.20 -8.55
CA GLN B 31 7.80 -61.90 -9.36
C GLN B 31 7.57 -61.21 -10.69
N GLY B 32 7.48 -59.89 -10.70
CA GLY B 32 7.21 -59.13 -11.91
C GLY B 32 5.85 -58.49 -11.97
N ILE B 33 5.10 -58.45 -10.87
CA ILE B 33 3.73 -57.96 -10.89
C ILE B 33 3.67 -56.54 -11.44
N TYR B 34 4.50 -55.65 -10.93
CA TYR B 34 4.35 -54.24 -11.29
C TYR B 34 5.01 -53.90 -12.61
N GLN B 35 6.07 -54.62 -13.00
CA GLN B 35 6.56 -54.49 -14.37
C GLN B 35 5.48 -54.89 -15.36
N SER B 36 4.78 -56.00 -15.07
CA SER B 36 3.67 -56.42 -15.92
C SER B 36 2.56 -55.38 -15.93
N LYS B 37 2.26 -54.79 -14.78
CA LYS B 37 1.20 -53.78 -14.72
C LYS B 37 1.56 -52.55 -15.54
N VAL B 38 2.82 -52.11 -15.47
CA VAL B 38 3.24 -50.96 -16.26
C VAL B 38 3.16 -51.30 -17.75
N ARG B 39 3.60 -52.50 -18.12
CA ARG B 39 3.45 -52.92 -19.52
C ARG B 39 1.98 -52.92 -19.92
N GLU B 40 1.10 -53.36 -19.02
CA GLU B 40 -0.33 -53.38 -19.33
C GLU B 40 -0.86 -51.98 -19.58
N LEU B 41 -0.49 -51.02 -18.72
CA LEU B 41 -0.99 -49.66 -18.92
C LEU B 41 -0.40 -49.03 -20.17
N ILE B 42 0.85 -49.37 -20.50
CA ILE B 42 1.43 -48.92 -21.77
C ILE B 42 0.60 -49.45 -22.93
N SER B 43 0.26 -50.73 -22.89
CA SER B 43 -0.53 -51.32 -23.97
C SER B 43 -1.91 -50.70 -24.05
N ASP B 44 -2.53 -50.41 -22.91
CA ASP B 44 -3.88 -49.88 -22.86
C ASP B 44 -3.94 -48.36 -23.04
N ASN B 45 -2.81 -47.69 -23.12
CA ASN B 45 -2.77 -46.24 -23.34
C ASN B 45 -3.46 -45.51 -22.18
N GLN B 46 -2.91 -45.70 -20.98
CA GLN B 46 -3.35 -45.00 -19.80
C GLN B 46 -2.16 -44.32 -19.15
N TYR B 47 -2.44 -43.49 -18.13
CA TYR B 47 -1.38 -42.76 -17.44
C TYR B 47 -1.59 -42.80 -15.93
N ARG B 48 -2.27 -43.82 -15.42
CA ARG B 48 -2.40 -44.02 -13.99
C ARG B 48 -2.14 -45.49 -13.68
N LEU B 49 -1.34 -45.73 -12.65
CA LEU B 49 -1.02 -47.08 -12.19
C LEU B 49 -1.59 -47.27 -10.80
N ILE B 50 -2.23 -48.42 -10.58
CA ILE B 50 -2.79 -48.77 -9.28
C ILE B 50 -1.76 -49.64 -8.57
N VAL B 51 -1.21 -49.13 -7.47
CA VAL B 51 -0.15 -49.79 -6.73
C VAL B 51 -0.73 -50.26 -5.39
N ASN B 52 -0.50 -51.53 -5.07
CA ASN B 52 -1.05 -52.10 -3.86
C ASN B 52 -0.23 -51.65 -2.65
N VAL B 53 -0.89 -50.96 -1.72
CA VAL B 53 -0.20 -50.52 -0.52
C VAL B 53 0.34 -51.72 0.24
N ASN B 54 -0.33 -52.87 0.15
CA ASN B 54 0.18 -54.07 0.81
C ASN B 54 1.51 -54.49 0.21
N ASP B 55 1.62 -54.50 -1.13
CA ASP B 55 2.89 -54.84 -1.76
C ASP B 55 3.98 -53.84 -1.39
N LEU B 56 3.62 -52.55 -1.39
CA LEU B 56 4.62 -51.54 -1.03
C LEU B 56 5.09 -51.72 0.40
N ARG B 57 4.18 -52.02 1.32
CA ARG B 57 4.57 -52.25 2.71
C ARG B 57 5.42 -53.51 2.83
N ARG B 58 5.10 -54.54 2.05
CA ARG B 58 5.85 -55.79 2.11
C ARG B 58 7.29 -55.57 1.65
N LYS B 59 7.47 -54.90 0.52
CA LYS B 59 8.82 -54.71 0.00
C LYS B 59 9.59 -53.64 0.77
N ASN B 60 8.90 -52.64 1.33
CA ASN B 60 9.59 -51.55 2.02
C ASN B 60 8.60 -50.93 3.02
N GLU B 61 8.79 -51.26 4.30
CA GLU B 61 7.92 -50.72 5.34
C GLU B 61 8.07 -49.20 5.44
N LYS B 62 9.30 -48.72 5.37
CA LYS B 62 9.53 -47.28 5.54
C LYS B 62 8.83 -46.47 4.46
N ARG B 63 8.93 -46.91 3.20
CA ARG B 63 8.24 -46.20 2.13
C ARG B 63 6.74 -46.24 2.32
N ALA B 64 6.20 -47.37 2.79
CA ALA B 64 4.77 -47.43 3.03
C ALA B 64 4.34 -46.43 4.08
N ASN B 65 5.05 -46.39 5.21
CA ASN B 65 4.68 -45.43 6.25
C ASN B 65 4.81 -44.00 5.76
N ARG B 66 5.89 -43.69 5.03
CA ARG B 66 6.08 -42.34 4.52
C ARG B 66 4.96 -41.97 3.55
N LEU B 67 4.60 -42.89 2.64
CA LEU B 67 3.57 -42.59 1.66
C LEU B 67 2.22 -42.39 2.32
N LEU B 68 1.91 -43.19 3.34
CA LEU B 68 0.60 -43.09 3.98
C LEU B 68 0.52 -41.96 4.99
N ASN B 69 1.65 -41.41 5.45
CA ASN B 69 1.60 -40.34 6.43
C ASN B 69 1.91 -38.96 5.86
N ASN B 70 2.69 -38.88 4.78
CA ASN B 70 2.95 -37.61 4.09
C ASN B 70 2.81 -37.91 2.59
N ALA B 71 1.59 -37.74 2.08
CA ALA B 71 1.24 -38.31 0.78
C ALA B 71 1.69 -37.42 -0.38
N PHE B 72 1.59 -36.10 -0.22
CA PHE B 72 1.75 -35.21 -1.37
C PHE B 72 3.12 -35.37 -2.00
N GLU B 73 4.18 -35.03 -1.26
CA GLU B 73 5.52 -35.15 -1.82
C GLU B 73 5.89 -36.59 -2.08
N GLU B 74 5.43 -37.53 -1.25
CA GLU B 74 5.70 -38.93 -1.51
C GLU B 74 5.06 -39.38 -2.82
N LEU B 75 3.81 -38.96 -3.08
CA LEU B 75 3.19 -39.29 -4.35
C LEU B 75 3.89 -38.60 -5.50
N VAL B 76 4.41 -37.38 -5.28
CA VAL B 76 5.17 -36.70 -6.33
C VAL B 76 6.40 -37.52 -6.70
N ALA B 77 7.13 -37.99 -5.68
CA ALA B 77 8.31 -38.81 -5.93
C ALA B 77 7.93 -40.12 -6.62
N PHE B 78 6.84 -40.75 -6.17
CA PHE B 78 6.39 -41.99 -6.77
C PHE B 78 6.04 -41.78 -8.23
N GLN B 79 5.39 -40.67 -8.56
CA GLN B 79 5.01 -40.41 -9.95
C GLN B 79 6.22 -40.07 -10.80
N ARG B 80 7.21 -39.38 -10.24
CA ARG B 80 8.46 -39.16 -10.97
C ARG B 80 9.13 -40.48 -11.27
N ALA B 81 9.18 -41.38 -10.29
CA ALA B 81 9.75 -42.70 -10.52
C ALA B 81 8.95 -43.47 -11.56
N LEU B 82 7.62 -43.34 -11.51
CA LEU B 82 6.78 -44.02 -12.49
C LEU B 82 7.07 -43.52 -13.89
N LYS B 83 7.19 -42.21 -14.07
CA LYS B 83 7.49 -41.67 -15.38
C LYS B 83 8.86 -42.12 -15.85
N ASP B 84 9.84 -42.14 -14.95
CA ASP B 84 11.17 -42.60 -15.32
C ASP B 84 11.14 -44.06 -15.76
N PHE B 85 10.41 -44.90 -15.02
CA PHE B 85 10.32 -46.32 -15.36
C PHE B 85 9.61 -46.51 -16.69
N VAL B 86 8.54 -45.75 -16.94
CA VAL B 86 7.83 -45.85 -18.21
C VAL B 86 8.72 -45.40 -19.35
N ALA B 87 9.53 -44.38 -19.12
CA ALA B 87 10.49 -43.95 -20.14
C ALA B 87 11.51 -45.05 -20.41
N SER B 88 11.99 -45.72 -19.35
CA SER B 88 12.95 -46.80 -19.53
C SER B 88 12.34 -47.92 -20.37
N ILE B 89 11.10 -48.31 -20.06
CA ILE B 89 10.45 -49.35 -20.85
C ILE B 89 10.26 -48.90 -22.29
N ASP B 90 9.75 -47.68 -22.48
CA ASP B 90 9.56 -47.12 -23.81
C ASP B 90 9.44 -45.61 -23.65
N ALA B 91 10.41 -44.87 -24.18
CA ALA B 91 10.42 -43.42 -24.01
C ALA B 91 9.40 -42.75 -24.93
N THR B 92 9.11 -43.33 -26.09
CA THR B 92 8.21 -42.68 -27.04
C THR B 92 6.81 -42.52 -26.44
N TYR B 93 6.36 -43.53 -25.69
CA TYR B 93 5.06 -43.41 -25.02
C TYR B 93 5.16 -42.49 -23.81
N ALA B 94 6.25 -42.56 -23.06
CA ALA B 94 6.41 -41.69 -21.90
C ALA B 94 6.40 -40.22 -22.30
N LYS B 95 6.79 -39.92 -23.54
CA LYS B 95 6.79 -38.53 -24.00
C LYS B 95 5.37 -38.06 -24.31
N GLN B 96 4.46 -38.98 -24.64
CA GLN B 96 3.10 -38.58 -24.99
C GLN B 96 2.41 -37.89 -23.83
N TYR B 97 2.52 -38.44 -22.62
CA TYR B 97 1.82 -37.94 -21.45
C TYR B 97 2.77 -37.14 -20.59
N GLU B 98 2.33 -35.95 -20.18
CA GLU B 98 3.18 -35.09 -19.38
C GLU B 98 3.55 -35.75 -18.06
N GLU B 99 2.57 -36.36 -17.39
CA GLU B 99 2.79 -36.95 -16.08
C GLU B 99 1.99 -38.24 -15.97
N PHE B 100 2.45 -39.10 -15.06
CA PHE B 100 1.77 -40.34 -14.72
C PHE B 100 1.38 -40.30 -13.25
N TYR B 101 0.26 -40.93 -12.93
CA TYR B 101 -0.33 -40.84 -11.60
C TYR B 101 -0.31 -42.20 -10.91
N VAL B 102 -0.29 -42.16 -9.58
CA VAL B 102 -0.16 -43.35 -8.75
C VAL B 102 -1.40 -43.40 -7.86
N GLY B 103 -2.37 -44.23 -8.24
CA GLY B 103 -3.45 -44.56 -7.35
C GLY B 103 -3.10 -45.73 -6.46
N LEU B 104 -3.76 -45.84 -5.32
CA LEU B 104 -3.48 -46.87 -4.34
C LEU B 104 -4.68 -47.80 -4.19
N GLU B 105 -4.42 -48.98 -3.64
CA GLU B 105 -5.47 -49.92 -3.31
C GLU B 105 -4.96 -50.82 -2.19
N GLY B 106 -5.67 -51.91 -1.94
CA GLY B 106 -5.27 -52.83 -0.90
C GLY B 106 -5.90 -52.52 0.44
N SER B 107 -5.16 -52.75 1.52
CA SER B 107 -5.66 -52.58 2.87
C SER B 107 -4.95 -51.41 3.54
N PHE B 108 -5.72 -50.50 4.11
CA PHE B 108 -5.22 -49.39 4.89
C PHE B 108 -5.66 -49.59 6.32
N GLY B 109 -4.69 -49.77 7.22
CA GLY B 109 -5.02 -50.17 8.58
C GLY B 109 -5.92 -49.19 9.30
N SER B 110 -5.38 -48.04 9.69
CA SER B 110 -6.15 -47.00 10.34
C SER B 110 -6.54 -45.88 9.40
N LYS B 111 -6.04 -45.89 8.17
CA LYS B 111 -6.39 -44.89 7.17
C LYS B 111 -7.65 -45.26 6.39
N HIS B 112 -8.28 -46.39 6.70
CA HIS B 112 -9.54 -46.77 6.09
C HIS B 112 -10.66 -46.27 6.99
N VAL B 113 -11.32 -45.19 6.57
CA VAL B 113 -12.29 -44.49 7.40
C VAL B 113 -13.54 -44.18 6.60
N SER B 114 -14.61 -43.90 7.31
CA SER B 114 -15.84 -43.39 6.74
C SER B 114 -15.87 -41.87 6.80
N PRO B 115 -16.74 -41.23 6.02
CA PRO B 115 -16.82 -39.76 6.09
C PRO B 115 -17.09 -39.25 7.48
N ARG B 116 -17.74 -40.05 8.34
CA ARG B 116 -17.94 -39.64 9.72
C ARG B 116 -16.65 -39.72 10.52
N THR B 117 -15.76 -40.66 10.18
CA THR B 117 -14.52 -40.87 10.91
C THR B 117 -13.33 -40.17 10.28
N LEU B 118 -13.50 -39.48 9.17
CA LEU B 118 -12.41 -38.77 8.50
C LEU B 118 -12.24 -37.42 9.18
N THR B 119 -11.40 -37.40 10.21
CA THR B 119 -11.23 -36.23 11.06
C THR B 119 -9.93 -35.50 10.72
N SER B 120 -9.60 -34.49 11.53
CA SER B 120 -8.42 -33.68 11.27
C SER B 120 -7.14 -34.50 11.34
N CYS B 121 -7.13 -35.58 12.12
CA CYS B 121 -5.92 -36.36 12.30
C CYS B 121 -5.36 -36.90 10.99
N PHE B 122 -6.19 -37.01 9.96
CA PHE B 122 -5.78 -37.60 8.70
C PHE B 122 -5.44 -36.56 7.64
N LEU B 123 -5.12 -35.35 8.06
CA LEU B 123 -4.77 -34.29 7.10
C LEU B 123 -3.39 -34.56 6.52
N SER B 124 -3.29 -34.51 5.20
CA SER B 124 -2.09 -34.75 4.40
C SER B 124 -1.79 -36.24 4.29
N CYS B 125 -2.50 -37.11 5.01
CA CYS B 125 -2.28 -38.54 4.89
C CYS B 125 -3.08 -39.10 3.72
N VAL B 126 -2.72 -40.32 3.32
CA VAL B 126 -3.55 -41.07 2.38
C VAL B 126 -4.65 -41.77 3.15
N VAL B 127 -5.88 -41.62 2.68
CA VAL B 127 -7.03 -42.25 3.33
C VAL B 127 -7.84 -42.96 2.26
N CYS B 128 -8.55 -44.00 2.70
CA CYS B 128 -9.48 -44.76 1.89
C CYS B 128 -10.86 -44.63 2.52
N VAL B 129 -11.79 -44.04 1.78
CA VAL B 129 -13.13 -43.77 2.29
C VAL B 129 -14.13 -44.47 1.37
N GLU B 130 -14.99 -45.29 1.97
CA GLU B 130 -16.07 -45.95 1.24
C GLU B 130 -17.38 -45.29 1.62
N GLY B 131 -18.16 -44.91 0.62
CA GLY B 131 -19.40 -44.22 0.90
C GLY B 131 -20.31 -44.20 -0.31
N ILE B 132 -21.40 -43.46 -0.19
CA ILE B 132 -22.42 -43.38 -1.21
C ILE B 132 -22.40 -41.98 -1.81
N VAL B 133 -22.37 -41.92 -3.15
CA VAL B 133 -22.31 -40.64 -3.84
C VAL B 133 -23.66 -39.95 -3.75
N THR B 134 -23.64 -38.68 -3.35
CA THR B 134 -24.84 -37.85 -3.32
C THR B 134 -24.85 -36.80 -4.42
N LYS B 135 -23.78 -36.03 -4.55
CA LYS B 135 -23.69 -34.96 -5.53
C LYS B 135 -22.56 -35.25 -6.51
N CYS B 136 -22.79 -34.94 -7.78
CA CYS B 136 -21.80 -35.16 -8.84
C CYS B 136 -21.88 -33.98 -9.80
N SER B 137 -20.98 -33.02 -9.61
CA SER B 137 -21.00 -31.81 -10.43
C SER B 137 -20.66 -32.14 -11.89
N LEU B 138 -20.76 -31.13 -12.73
CA LEU B 138 -20.40 -31.27 -14.14
C LEU B 138 -18.89 -31.41 -14.28
N VAL B 139 -18.47 -32.05 -15.37
CA VAL B 139 -17.06 -32.20 -15.69
C VAL B 139 -16.62 -30.93 -16.43
N ARG B 140 -15.95 -30.04 -15.70
CA ARG B 140 -15.52 -28.80 -16.34
C ARG B 140 -14.06 -28.91 -16.77
N PRO B 141 -13.66 -28.37 -17.91
CA PRO B 141 -12.24 -28.31 -18.23
C PRO B 141 -11.55 -27.21 -17.43
N LYS B 142 -10.38 -27.55 -16.89
CA LYS B 142 -9.54 -26.61 -16.16
C LYS B 142 -8.25 -26.45 -16.95
N VAL B 143 -7.93 -25.21 -17.32
CA VAL B 143 -6.79 -24.95 -18.18
C VAL B 143 -5.51 -25.05 -17.36
N VAL B 144 -4.57 -25.86 -17.84
CA VAL B 144 -3.27 -26.00 -17.20
C VAL B 144 -2.15 -25.41 -18.03
N ARG B 145 -2.37 -25.17 -19.32
CA ARG B 145 -1.36 -24.57 -20.19
C ARG B 145 -2.07 -23.90 -21.35
N SER B 146 -2.01 -22.57 -21.38
CA SER B 146 -2.76 -21.77 -22.35
C SER B 146 -1.83 -21.20 -23.41
N VAL B 147 -2.21 -21.36 -24.67
CA VAL B 147 -1.45 -20.85 -25.80
C VAL B 147 -2.13 -19.58 -26.30
N HIS B 148 -1.33 -18.54 -26.56
CA HIS B 148 -1.85 -17.25 -26.99
C HIS B 148 -1.09 -16.80 -28.23
N TYR B 149 -1.77 -16.00 -29.05
CA TYR B 149 -1.21 -15.53 -30.31
C TYR B 149 -1.43 -14.02 -30.40
N CYS B 150 -0.39 -13.30 -30.80
CA CYS B 150 -0.49 -11.86 -30.94
C CYS B 150 -0.55 -11.52 -32.43
N PRO B 151 -1.72 -11.13 -32.96
CA PRO B 151 -1.78 -10.83 -34.40
C PRO B 151 -0.84 -9.73 -34.83
N ALA B 152 -0.58 -8.76 -33.96
CA ALA B 152 0.28 -7.63 -34.33
C ALA B 152 1.71 -8.10 -34.56
N THR B 153 2.28 -8.84 -33.61
CA THR B 153 3.67 -9.24 -33.66
C THR B 153 3.88 -10.67 -34.14
N LYS B 154 2.80 -11.39 -34.46
CA LYS B 154 2.86 -12.78 -34.92
C LYS B 154 3.48 -13.71 -33.89
N LYS B 155 3.69 -13.25 -32.66
CA LYS B 155 4.29 -14.09 -31.64
C LYS B 155 3.27 -15.07 -31.07
N THR B 156 3.78 -16.17 -30.54
CA THR B 156 2.98 -17.15 -29.80
C THR B 156 3.59 -17.36 -28.44
N ILE B 157 2.74 -17.46 -27.43
CA ILE B 157 3.16 -17.54 -26.03
C ILE B 157 2.46 -18.72 -25.37
N GLU B 158 3.10 -19.24 -24.32
CA GLU B 158 2.52 -20.30 -23.51
C GLU B 158 2.58 -19.89 -22.05
N ARG B 159 1.44 -19.95 -21.38
CA ARG B 159 1.34 -19.63 -19.96
C ARG B 159 1.03 -20.92 -19.21
N ARG B 160 1.78 -21.17 -18.14
CA ARG B 160 1.69 -22.40 -17.37
C ARG B 160 1.08 -22.09 -16.00
N TYR B 161 0.04 -22.83 -15.65
CA TYR B 161 -0.64 -22.67 -14.37
C TYR B 161 -0.44 -23.94 -13.56
N SER B 162 0.12 -23.79 -12.36
CA SER B 162 0.37 -24.94 -11.51
C SER B 162 -0.91 -25.34 -10.78
N ASP B 163 -1.05 -26.64 -10.55
CA ASP B 163 -2.20 -27.19 -9.84
C ASP B 163 -2.03 -26.88 -8.35
N LEU B 164 -2.48 -25.70 -7.94
CA LEU B 164 -2.37 -25.22 -6.57
C LEU B 164 -3.66 -25.42 -5.79
N THR B 165 -4.37 -26.51 -6.07
CA THR B 165 -5.65 -26.77 -5.41
C THR B 165 -5.53 -26.65 -3.90
N THR B 166 -4.43 -27.17 -3.34
CA THR B 166 -4.24 -27.17 -1.89
C THR B 166 -2.99 -26.42 -1.45
N LEU B 167 -2.24 -25.83 -2.37
CA LEU B 167 -1.06 -25.05 -2.04
C LEU B 167 -1.40 -23.56 -2.10
N VAL B 168 -0.57 -22.76 -1.42
CA VAL B 168 -0.75 -21.32 -1.45
C VAL B 168 -0.60 -20.85 -2.90
N ALA B 169 -1.56 -20.05 -3.35
CA ALA B 169 -1.57 -19.55 -4.72
C ALA B 169 -1.58 -18.03 -4.68
N PHE B 170 -0.74 -17.42 -5.51
CA PHE B 170 -0.67 -15.97 -5.63
C PHE B 170 -1.25 -15.53 -6.97
N PRO B 171 -1.80 -14.31 -7.04
CA PRO B 171 -2.50 -13.92 -8.28
C PRO B 171 -1.64 -14.03 -9.53
N SER B 172 -0.35 -13.72 -9.43
CA SER B 172 0.52 -13.81 -10.60
C SER B 172 0.45 -15.18 -11.25
N SER B 173 0.28 -16.23 -10.44
CA SER B 173 0.16 -17.58 -11.00
C SER B 173 -1.06 -17.70 -11.89
N SER B 174 -2.19 -17.13 -11.45
CA SER B 174 -3.47 -17.32 -12.12
C SER B 174 -3.83 -16.22 -13.09
N VAL B 175 -2.97 -15.22 -13.28
CA VAL B 175 -3.25 -14.15 -14.23
C VAL B 175 -3.33 -14.73 -15.63
N TYR B 176 -4.51 -14.71 -16.22
CA TYR B 176 -4.68 -15.13 -17.61
C TYR B 176 -4.28 -13.98 -18.53
N PRO B 177 -3.31 -14.17 -19.44
CA PRO B 177 -2.85 -13.04 -20.25
C PRO B 177 -3.83 -12.69 -21.36
N THR B 178 -4.01 -11.39 -21.57
CA THR B 178 -4.86 -10.88 -22.64
C THR B 178 -4.17 -9.87 -23.54
N LYS B 179 -3.13 -9.18 -23.07
CA LYS B 179 -2.44 -8.17 -23.85
C LYS B 179 -0.96 -8.50 -23.91
N ASP B 180 -0.33 -8.14 -25.03
CA ASP B 180 1.10 -8.34 -25.20
C ASP B 180 1.86 -7.38 -24.28
N GLU B 181 3.18 -7.37 -24.41
CA GLU B 181 3.99 -6.46 -23.61
C GLU B 181 3.67 -5.00 -23.93
N GLU B 182 3.41 -4.70 -25.20
CA GLU B 182 3.02 -3.36 -25.63
C GLU B 182 1.51 -3.25 -25.85
N ASN B 183 0.72 -3.97 -25.07
CA ASN B 183 -0.73 -3.85 -25.06
C ASN B 183 -1.36 -4.24 -26.39
N ASN B 184 -0.71 -5.13 -27.14
CA ASN B 184 -1.38 -5.69 -28.30
C ASN B 184 -2.38 -6.75 -27.85
N PRO B 185 -3.48 -6.93 -28.57
CA PRO B 185 -4.46 -7.94 -28.16
C PRO B 185 -3.93 -9.35 -28.40
N LEU B 186 -4.20 -10.23 -27.44
CA LEU B 186 -3.82 -11.64 -27.52
C LEU B 186 -5.08 -12.48 -27.71
N GLU B 187 -5.03 -13.40 -28.66
CA GLU B 187 -6.10 -14.34 -28.91
C GLU B 187 -5.68 -15.71 -28.40
N THR B 188 -6.50 -16.31 -27.53
CA THR B 188 -6.20 -17.62 -26.99
C THR B 188 -6.53 -18.69 -28.04
N GLU B 189 -5.58 -19.60 -28.27
CA GLU B 189 -5.74 -20.69 -29.22
C GLU B 189 -6.22 -21.91 -28.43
N TYR B 190 -7.51 -22.22 -28.54
CA TYR B 190 -8.06 -23.32 -27.78
C TYR B 190 -7.54 -24.66 -28.27
N GLY B 191 -7.31 -24.78 -29.58
CA GLY B 191 -6.83 -26.04 -30.13
C GLY B 191 -5.45 -26.42 -29.66
N LEU B 192 -4.67 -25.45 -29.17
CA LEU B 192 -3.31 -25.71 -28.70
C LEU B 192 -3.18 -25.69 -27.19
N SER B 193 -4.03 -24.94 -26.49
CA SER B 193 -4.00 -24.95 -25.04
C SER B 193 -4.27 -26.36 -24.52
N VAL B 194 -4.00 -26.56 -23.23
CA VAL B 194 -4.16 -27.85 -22.58
C VAL B 194 -5.12 -27.70 -21.42
N TYR B 195 -6.17 -28.53 -21.40
CA TYR B 195 -7.15 -28.54 -20.34
C TYR B 195 -7.29 -29.95 -19.80
N LYS B 196 -7.62 -30.06 -18.52
CA LYS B 196 -7.86 -31.33 -17.87
C LYS B 196 -9.27 -31.34 -17.27
N ASP B 197 -9.95 -32.47 -17.41
CA ASP B 197 -11.29 -32.59 -16.83
C ASP B 197 -11.19 -32.54 -15.30
N HIS B 198 -12.11 -31.80 -14.70
CA HIS B 198 -12.17 -31.64 -13.25
C HIS B 198 -13.61 -31.80 -12.80
N GLN B 199 -13.81 -32.48 -11.67
CA GLN B 199 -15.13 -32.69 -11.14
C GLN B 199 -15.05 -32.72 -9.62
N THR B 200 -16.17 -32.36 -8.98
CA THR B 200 -16.29 -32.44 -7.54
C THR B 200 -17.52 -33.27 -7.22
N ILE B 201 -17.36 -34.25 -6.32
CA ILE B 201 -18.47 -35.07 -5.86
C ILE B 201 -18.50 -35.03 -4.35
N THR B 202 -19.55 -35.61 -3.78
CA THR B 202 -19.70 -35.72 -2.34
C THR B 202 -19.96 -37.17 -1.98
N ILE B 203 -19.24 -37.67 -0.99
CA ILE B 203 -19.36 -39.05 -0.52
C ILE B 203 -20.00 -39.00 0.86
N GLN B 204 -21.10 -39.73 1.02
CA GLN B 204 -21.85 -39.73 2.27
C GLN B 204 -21.69 -41.05 2.98
N GLU B 205 -21.71 -41.00 4.31
CA GLU B 205 -21.68 -42.21 5.12
C GLU B 205 -22.81 -43.14 4.71
N MET B 206 -22.48 -44.40 4.47
CA MET B 206 -23.47 -45.33 3.95
C MET B 206 -24.66 -45.40 4.91
N PRO B 207 -25.90 -45.31 4.41
CA PRO B 207 -27.04 -45.27 5.34
C PRO B 207 -27.11 -46.46 6.27
N GLU B 208 -26.77 -47.65 5.79
CA GLU B 208 -26.84 -48.84 6.63
C GLU B 208 -25.73 -48.84 7.67
N LYS B 209 -24.54 -48.36 7.31
CA LYS B 209 -23.42 -48.38 8.24
C LYS B 209 -23.42 -47.18 9.19
N ALA B 210 -24.09 -46.10 8.82
CA ALA B 210 -24.13 -44.93 9.68
C ALA B 210 -24.97 -45.20 10.92
N PRO B 211 -24.69 -44.52 12.03
CA PRO B 211 -25.56 -44.65 13.20
C PRO B 211 -26.99 -44.27 12.85
N ALA B 212 -27.95 -45.03 13.39
CA ALA B 212 -29.34 -44.80 13.05
C ALA B 212 -29.83 -43.43 13.52
N GLY B 213 -29.44 -43.04 14.73
CA GLY B 213 -30.05 -41.85 15.33
C GLY B 213 -29.69 -40.56 14.62
N GLN B 214 -28.43 -40.39 14.26
CA GLN B 214 -27.91 -39.07 13.90
C GLN B 214 -27.93 -38.84 12.39
N LEU B 215 -27.72 -37.57 12.02
CA LEU B 215 -27.76 -37.16 10.63
C LEU B 215 -26.51 -37.64 9.90
N PRO B 216 -26.54 -37.66 8.57
CA PRO B 216 -25.40 -38.15 7.80
C PRO B 216 -24.19 -37.24 7.94
N ARG B 217 -23.05 -37.78 7.54
CA ARG B 217 -21.80 -37.04 7.42
C ARG B 217 -21.22 -37.29 6.04
N SER B 218 -20.72 -36.23 5.40
CA SER B 218 -20.25 -36.30 4.03
C SER B 218 -18.89 -35.63 3.90
N VAL B 219 -18.21 -35.95 2.81
CA VAL B 219 -16.89 -35.40 2.50
C VAL B 219 -16.86 -35.03 1.03
N ASP B 220 -16.19 -33.93 0.72
CA ASP B 220 -16.06 -33.44 -0.64
C ASP B 220 -14.82 -34.07 -1.29
N VAL B 221 -14.97 -34.50 -2.54
CA VAL B 221 -13.93 -35.22 -3.25
C VAL B 221 -13.68 -34.53 -4.57
N ILE B 222 -12.42 -34.20 -4.84
CA ILE B 222 -11.99 -33.62 -6.10
C ILE B 222 -11.43 -34.74 -6.97
N LEU B 223 -11.98 -34.89 -8.17
CA LEU B 223 -11.51 -35.85 -9.15
C LEU B 223 -10.92 -35.09 -10.33
N ASP B 224 -9.65 -35.33 -10.61
CA ASP B 224 -8.99 -34.73 -11.75
C ASP B 224 -9.11 -35.68 -12.94
N ASP B 225 -8.40 -35.37 -14.03
CA ASP B 225 -8.50 -36.16 -15.24
C ASP B 225 -8.38 -37.65 -14.94
N ASP B 226 -9.09 -38.46 -15.72
CA ASP B 226 -9.10 -39.91 -15.67
C ASP B 226 -9.94 -40.44 -14.51
N LEU B 227 -10.46 -39.59 -13.63
CA LEU B 227 -11.29 -40.02 -12.51
C LEU B 227 -12.59 -39.24 -12.43
N VAL B 228 -13.03 -38.63 -13.52
CA VAL B 228 -14.11 -37.66 -13.46
C VAL B 228 -15.48 -38.34 -13.54
N ASP B 229 -15.70 -39.19 -14.54
CA ASP B 229 -16.99 -39.83 -14.74
C ASP B 229 -17.00 -41.27 -14.24
N LYS B 230 -16.23 -41.56 -13.19
CA LYS B 230 -16.19 -42.91 -12.63
C LYS B 230 -17.35 -43.18 -11.69
N ALA B 231 -17.99 -42.15 -11.15
CA ALA B 231 -19.06 -42.33 -10.19
C ALA B 231 -20.21 -41.38 -10.52
N LYS B 232 -21.40 -41.78 -10.11
CA LYS B 232 -22.62 -41.01 -10.29
C LYS B 232 -23.40 -41.03 -8.99
N PRO B 233 -24.35 -40.12 -8.81
CA PRO B 233 -25.07 -40.05 -7.53
C PRO B 233 -25.75 -41.37 -7.21
N GLY B 234 -25.75 -41.72 -5.93
CA GLY B 234 -26.35 -42.95 -5.45
C GLY B 234 -25.46 -44.16 -5.49
N ASP B 235 -24.34 -44.10 -6.20
CA ASP B 235 -23.42 -45.22 -6.26
C ASP B 235 -22.64 -45.35 -4.95
N ARG B 236 -22.26 -46.59 -4.65
CA ARG B 236 -21.37 -46.88 -3.54
C ARG B 236 -19.96 -47.06 -4.10
N VAL B 237 -19.01 -46.27 -3.61
CA VAL B 237 -17.67 -46.22 -4.17
C VAL B 237 -16.64 -46.14 -3.05
N GLN B 238 -15.43 -46.56 -3.38
CA GLN B 238 -14.25 -46.43 -2.54
C GLN B 238 -13.33 -45.42 -3.20
N VAL B 239 -13.05 -44.32 -2.50
CA VAL B 239 -12.14 -43.29 -2.99
C VAL B 239 -10.91 -43.29 -2.10
N VAL B 240 -9.75 -43.44 -2.72
CA VAL B 240 -8.47 -43.36 -2.03
C VAL B 240 -7.77 -42.09 -2.49
N GLY B 241 -7.30 -41.31 -1.53
CA GLY B 241 -6.64 -40.06 -1.89
C GLY B 241 -6.17 -39.33 -0.65
N THR B 242 -5.64 -38.14 -0.88
CA THR B 242 -5.07 -37.33 0.19
C THR B 242 -6.12 -36.40 0.76
N TYR B 243 -6.27 -36.42 2.08
CA TYR B 243 -7.17 -35.51 2.78
C TYR B 243 -6.38 -34.26 3.15
N ARG B 244 -6.79 -33.12 2.57
CA ARG B 244 -6.02 -31.89 2.67
C ARG B 244 -6.93 -30.75 3.09
N CYS B 245 -6.35 -29.56 3.17
CA CYS B 245 -7.08 -28.33 3.47
C CYS B 245 -7.06 -27.42 2.25
N LEU B 246 -8.19 -26.83 1.94
CA LEU B 246 -8.27 -25.91 0.81
C LEU B 246 -7.96 -24.49 1.25
N PRO B 247 -7.07 -23.78 0.57
CA PRO B 247 -6.84 -22.38 0.92
C PRO B 247 -8.11 -21.56 0.71
N GLY B 248 -8.28 -20.55 1.56
CA GLY B 248 -9.36 -19.61 1.38
C GLY B 248 -9.04 -18.63 0.27
N LYS B 249 -9.43 -17.37 0.45
CA LYS B 249 -9.08 -16.30 -0.48
C LYS B 249 -8.35 -15.21 0.28
N LYS B 250 -7.62 -14.39 -0.47
CA LYS B 250 -6.81 -13.34 0.14
C LYS B 250 -7.68 -12.45 1.02
N GLY B 251 -7.21 -12.23 2.24
CA GLY B 251 -7.94 -11.40 3.18
C GLY B 251 -7.11 -11.09 4.41
N GLY B 252 -7.19 -9.86 4.90
CA GLY B 252 -6.43 -9.47 6.06
C GLY B 252 -6.92 -10.07 7.36
N TYR B 253 -8.08 -10.71 7.35
CA TYR B 253 -8.65 -11.34 8.53
C TYR B 253 -9.07 -12.75 8.16
N THR B 254 -8.98 -13.65 9.13
CA THR B 254 -9.36 -15.04 8.91
C THR B 254 -9.80 -15.67 10.22
N SER B 255 -10.80 -16.51 10.14
CA SER B 255 -11.14 -17.43 11.22
C SER B 255 -10.32 -18.71 11.08
N GLY B 256 -10.15 -19.41 12.18
CA GLY B 256 -9.38 -20.64 12.14
C GLY B 256 -9.95 -21.68 11.21
N THR B 257 -11.23 -21.56 10.86
CA THR B 257 -11.89 -22.58 10.05
C THR B 257 -11.17 -22.77 8.73
N PHE B 258 -11.06 -24.03 8.30
CA PHE B 258 -10.54 -24.38 7.00
C PHE B 258 -11.49 -25.37 6.34
N ARG B 259 -11.54 -25.33 5.02
CA ARG B 259 -12.41 -26.18 4.22
C ARG B 259 -11.60 -27.37 3.73
N THR B 260 -11.94 -28.55 4.23
CA THR B 260 -11.17 -29.77 3.95
C THR B 260 -11.84 -30.56 2.83
N VAL B 261 -11.02 -31.18 1.99
CA VAL B 261 -11.49 -31.99 0.87
C VAL B 261 -10.61 -33.21 0.76
N LEU B 262 -10.89 -34.03 -0.25
CA LEU B 262 -10.14 -35.25 -0.51
C LEU B 262 -9.80 -35.28 -2.00
N ILE B 263 -8.51 -35.17 -2.32
CA ILE B 263 -8.06 -35.18 -3.71
C ILE B 263 -7.92 -36.65 -4.12
N ALA B 264 -8.96 -37.22 -4.74
CA ALA B 264 -8.94 -38.64 -5.01
C ALA B 264 -7.77 -39.00 -5.90
N CYS B 265 -7.02 -40.02 -5.50
CA CYS B 265 -5.99 -40.59 -6.36
C CYS B 265 -6.48 -41.84 -7.09
N ASN B 266 -7.50 -42.52 -6.56
CA ASN B 266 -8.19 -43.56 -7.31
C ASN B 266 -9.61 -43.70 -6.77
N VAL B 267 -10.53 -44.10 -7.65
CA VAL B 267 -11.90 -44.36 -7.29
C VAL B 267 -12.32 -45.69 -7.89
N LYS B 268 -12.92 -46.55 -7.06
CA LYS B 268 -13.29 -47.89 -7.47
C LYS B 268 -14.73 -48.16 -7.06
N GLN B 269 -15.42 -48.96 -7.87
CA GLN B 269 -16.83 -49.23 -7.61
C GLN B 269 -16.99 -50.20 -6.46
N MET B 270 -18.03 -49.99 -5.65
CA MET B 270 -18.41 -50.98 -4.66
C MET B 270 -18.78 -52.31 -5.32
N SER B 271 -19.28 -52.25 -6.55
CA SER B 271 -19.69 -53.46 -7.27
C SER B 271 -18.46 -54.20 -7.80
N LYS B 272 -17.58 -54.55 -6.86
CA LYS B 272 -16.48 -55.44 -7.19
C LYS B 272 -17.01 -56.80 -7.63
N ASP B 273 -18.22 -57.16 -7.22
CA ASP B 273 -18.88 -58.36 -7.69
C ASP B 273 -19.48 -58.19 -9.09
N ALA B 274 -19.56 -56.96 -9.61
CA ALA B 274 -20.06 -56.74 -10.95
C ALA B 274 -19.09 -57.21 -12.02
N GLN B 275 -17.84 -57.48 -11.67
CA GLN B 275 -16.83 -57.93 -12.61
C GLN B 275 -16.20 -59.22 -12.11
N PRO B 276 -15.68 -60.06 -13.02
CA PRO B 276 -15.10 -61.34 -12.62
C PRO B 276 -13.71 -61.20 -12.03
N SER B 279 -8.15 -66.25 -14.68
CA SER B 279 -6.85 -66.81 -15.01
C SER B 279 -6.99 -67.95 -16.02
N ALA B 280 -5.88 -68.25 -16.72
CA ALA B 280 -5.91 -69.32 -17.71
C ALA B 280 -6.30 -70.65 -17.08
N GLU B 281 -5.89 -70.88 -15.82
CA GLU B 281 -6.29 -72.10 -15.14
C GLU B 281 -7.80 -72.19 -15.03
N ASP B 282 -8.46 -71.10 -14.61
CA ASP B 282 -9.90 -71.11 -14.48
C ASP B 282 -10.57 -71.22 -15.84
N ILE B 283 -10.01 -70.58 -16.86
CA ILE B 283 -10.60 -70.65 -18.20
C ILE B 283 -10.57 -72.08 -18.71
N ALA B 284 -9.44 -72.76 -18.56
CA ALA B 284 -9.35 -74.15 -18.97
C ALA B 284 -10.25 -75.04 -18.13
N LYS B 285 -10.37 -74.73 -16.84
CA LYS B 285 -11.27 -75.49 -15.98
C LYS B 285 -12.71 -75.38 -16.46
N ILE B 286 -13.12 -74.16 -16.84
CA ILE B 286 -14.48 -73.95 -17.36
C ILE B 286 -14.65 -74.70 -18.67
N LYS B 287 -13.65 -74.65 -19.54
CA LYS B 287 -13.75 -75.36 -20.82
C LYS B 287 -13.95 -76.85 -20.59
N LYS B 288 -13.14 -77.45 -19.71
CA LYS B 288 -13.28 -78.88 -19.46
C LYS B 288 -14.62 -79.20 -18.79
N PHE B 289 -15.08 -78.34 -17.88
CA PHE B 289 -16.36 -78.57 -17.24
C PHE B 289 -17.49 -78.57 -18.26
N SER B 290 -17.46 -77.61 -19.19
CA SER B 290 -18.48 -77.57 -20.23
C SER B 290 -18.39 -78.79 -21.14
N LYS B 291 -17.18 -79.21 -21.49
CA LYS B 291 -17.04 -80.27 -22.49
C LYS B 291 -17.39 -81.63 -21.91
N THR B 292 -16.95 -81.93 -20.69
CA THR B 292 -17.05 -83.29 -20.16
C THR B 292 -18.47 -83.81 -20.11
N ARG B 293 -19.32 -83.21 -19.28
CA ARG B 293 -20.71 -83.62 -19.12
C ARG B 293 -21.57 -82.47 -19.65
N SER B 294 -21.80 -82.48 -20.96
CA SER B 294 -22.54 -81.40 -21.60
C SER B 294 -24.05 -81.55 -21.50
N LYS B 295 -24.55 -82.70 -21.04
CA LYS B 295 -25.99 -82.94 -20.98
C LYS B 295 -26.55 -82.69 -19.59
N ASP B 296 -25.90 -83.20 -18.55
CA ASP B 296 -26.36 -83.05 -17.17
C ASP B 296 -25.76 -81.84 -16.48
N ILE B 297 -24.95 -81.04 -17.19
CA ILE B 297 -24.37 -79.85 -16.59
C ILE B 297 -25.46 -78.90 -16.12
N PHE B 298 -26.51 -78.72 -16.93
CA PHE B 298 -27.59 -77.83 -16.56
C PHE B 298 -28.27 -78.30 -15.28
N ASP B 299 -28.57 -79.60 -15.19
CA ASP B 299 -29.23 -80.12 -14.01
C ASP B 299 -28.34 -79.99 -12.78
N GLN B 300 -27.03 -80.25 -12.94
CA GLN B 300 -26.11 -80.12 -11.81
C GLN B 300 -26.06 -78.68 -11.33
N LEU B 301 -25.99 -77.73 -12.26
CA LEU B 301 -26.01 -76.31 -11.89
C LEU B 301 -27.32 -75.96 -11.18
N ALA B 302 -28.44 -76.47 -11.68
CA ALA B 302 -29.73 -76.17 -11.06
C ALA B 302 -29.77 -76.68 -9.63
N LYS B 303 -29.34 -77.91 -9.40
CA LYS B 303 -29.36 -78.46 -8.05
C LYS B 303 -28.41 -77.71 -7.14
N SER B 304 -27.23 -77.32 -7.64
CA SER B 304 -26.25 -76.64 -6.83
C SER B 304 -26.56 -75.15 -6.63
N LEU B 305 -27.53 -74.61 -7.38
CA LEU B 305 -27.82 -73.18 -7.29
C LEU B 305 -28.12 -72.78 -5.85
N ALA B 306 -29.22 -73.27 -5.28
CA ALA B 306 -29.60 -72.91 -3.93
C ALA B 306 -29.41 -74.12 -3.02
N PRO B 307 -28.16 -74.41 -2.60
CA PRO B 307 -27.93 -75.62 -1.80
C PRO B 307 -28.68 -75.65 -0.50
N SER B 308 -28.89 -74.49 0.13
CA SER B 308 -29.50 -74.43 1.46
C SER B 308 -31.01 -74.63 1.42
N ILE B 309 -31.61 -74.72 0.24
CA ILE B 309 -33.05 -74.91 0.08
C ILE B 309 -33.27 -76.25 -0.60
N HIS B 310 -34.06 -77.11 0.04
CA HIS B 310 -34.31 -78.45 -0.46
C HIS B 310 -35.49 -78.45 -1.45
N GLY B 311 -35.45 -79.38 -2.39
CA GLY B 311 -36.52 -79.48 -3.36
C GLY B 311 -36.55 -78.28 -4.31
N HIS B 312 -37.75 -77.95 -4.76
CA HIS B 312 -37.96 -76.84 -5.68
C HIS B 312 -37.06 -76.97 -6.91
N ASP B 313 -37.04 -78.18 -7.47
CA ASP B 313 -36.15 -78.45 -8.60
C ASP B 313 -36.49 -77.56 -9.79
N TYR B 314 -37.76 -77.49 -10.15
CA TYR B 314 -38.16 -76.69 -11.30
C TYR B 314 -37.97 -75.20 -11.04
N VAL B 315 -38.24 -74.76 -9.80
CA VAL B 315 -38.03 -73.37 -9.45
C VAL B 315 -36.57 -73.00 -9.59
N LYS B 316 -35.67 -73.86 -9.12
CA LYS B 316 -34.25 -73.58 -9.25
C LYS B 316 -33.80 -73.61 -10.71
N LYS B 317 -34.37 -74.53 -11.51
CA LYS B 317 -34.07 -74.53 -12.93
C LYS B 317 -34.48 -73.20 -13.57
N ALA B 318 -35.66 -72.70 -13.21
CA ALA B 318 -36.13 -71.43 -13.77
C ALA B 318 -35.25 -70.28 -13.30
N ILE B 319 -34.81 -70.31 -12.04
CA ILE B 319 -33.93 -69.25 -11.54
C ILE B 319 -32.60 -69.27 -12.27
N LEU B 320 -32.09 -70.48 -12.58
CA LEU B 320 -30.87 -70.57 -13.38
C LEU B 320 -31.10 -70.01 -14.78
N CYS B 321 -32.24 -70.33 -15.38
CA CYS B 321 -32.55 -69.78 -16.69
C CYS B 321 -32.60 -68.26 -16.64
N LEU B 322 -33.15 -67.71 -15.55
CA LEU B 322 -33.17 -66.26 -15.37
C LEU B 322 -31.76 -65.71 -15.28
N LEU B 323 -30.93 -66.27 -14.40
CA LEU B 323 -29.56 -65.77 -14.24
C LEU B 323 -28.80 -65.83 -15.55
N LEU B 324 -29.09 -66.81 -16.39
CA LEU B 324 -28.43 -66.88 -17.69
C LEU B 324 -29.01 -65.86 -18.67
N GLY B 325 -30.32 -65.63 -18.61
CA GLY B 325 -30.97 -64.72 -19.52
C GLY B 325 -31.02 -65.26 -20.94
N GLY B 326 -31.96 -64.78 -21.72
CA GLY B 326 -32.07 -65.16 -23.11
C GLY B 326 -31.13 -64.34 -23.98
N VAL B 327 -31.43 -64.34 -25.28
CA VAL B 327 -30.67 -63.58 -26.26
C VAL B 327 -31.61 -62.54 -26.87
N GLU B 328 -31.30 -61.27 -26.65
CA GLU B 328 -32.10 -60.18 -27.22
C GLU B 328 -32.01 -60.19 -28.74
N ARG B 329 -33.07 -59.72 -29.37
CA ARG B 329 -33.13 -59.60 -30.83
C ARG B 329 -33.37 -58.13 -31.17
N ASP B 330 -32.32 -57.46 -31.63
CA ASP B 330 -32.43 -56.09 -32.12
C ASP B 330 -32.53 -56.16 -33.65
N LEU B 331 -33.71 -55.88 -34.17
CA LEU B 331 -33.98 -56.10 -35.59
C LEU B 331 -33.39 -54.97 -36.43
N GLU B 332 -33.45 -55.16 -37.75
CA GLU B 332 -32.91 -54.16 -38.67
C GLU B 332 -33.67 -52.84 -38.62
N ASN B 333 -34.89 -52.83 -38.10
CA ASN B 333 -35.72 -51.63 -38.04
C ASN B 333 -35.71 -50.99 -36.65
N GLY B 334 -34.81 -51.41 -35.77
CA GLY B 334 -34.77 -50.89 -34.42
C GLY B 334 -35.71 -51.57 -33.45
N SER B 335 -36.55 -52.49 -33.92
CA SER B 335 -37.45 -53.19 -33.03
C SER B 335 -36.68 -54.00 -32.01
N HIS B 336 -37.29 -54.18 -30.83
CA HIS B 336 -36.61 -54.79 -29.69
C HIS B 336 -37.45 -55.94 -29.15
N ILE B 337 -36.82 -57.10 -28.99
CA ILE B 337 -37.43 -58.26 -28.33
C ILE B 337 -36.57 -58.58 -27.12
N ARG B 338 -37.17 -58.55 -25.93
CA ARG B 338 -36.38 -58.66 -24.71
C ARG B 338 -35.81 -60.06 -24.56
N GLY B 339 -34.70 -60.14 -23.83
CA GLY B 339 -34.04 -61.40 -23.57
C GLY B 339 -34.11 -61.80 -22.10
N ASP B 340 -34.35 -60.82 -21.22
CA ASP B 340 -34.48 -61.12 -19.80
C ASP B 340 -35.64 -62.10 -19.58
N ILE B 341 -35.68 -62.66 -18.38
CA ILE B 341 -36.67 -63.65 -18.01
C ILE B 341 -37.24 -63.28 -16.65
N ASN B 342 -38.58 -63.24 -16.55
CA ASN B 342 -39.28 -62.83 -15.36
C ASN B 342 -39.94 -64.02 -14.68
N ILE B 343 -39.71 -64.16 -13.38
CA ILE B 343 -40.24 -65.26 -12.58
C ILE B 343 -41.07 -64.70 -11.45
N LEU B 344 -42.26 -65.26 -11.24
CA LEU B 344 -43.12 -64.89 -10.13
C LEU B 344 -43.35 -66.13 -9.28
N LEU B 345 -42.76 -66.14 -8.09
CA LEU B 345 -42.96 -67.21 -7.11
C LEU B 345 -44.17 -66.83 -6.27
N ILE B 346 -45.33 -67.35 -6.63
CA ILE B 346 -46.54 -67.17 -5.83
C ILE B 346 -46.68 -68.39 -4.94
N GLY B 347 -46.60 -68.20 -3.63
CA GLY B 347 -46.40 -69.34 -2.76
C GLY B 347 -47.00 -69.20 -1.38
N ASP B 348 -47.21 -70.36 -0.75
CA ASP B 348 -47.67 -70.41 0.62
C ASP B 348 -46.56 -69.94 1.56
N PRO B 349 -46.93 -69.54 2.78
CA PRO B 349 -45.90 -69.07 3.71
C PRO B 349 -44.86 -70.13 4.01
N SER B 350 -43.62 -69.68 4.19
CA SER B 350 -42.50 -70.53 4.59
C SER B 350 -42.27 -71.65 3.57
N VAL B 351 -41.95 -71.25 2.34
CA VAL B 351 -41.63 -72.20 1.28
C VAL B 351 -40.34 -71.79 0.59
N ALA B 352 -39.58 -70.90 1.22
CA ALA B 352 -38.23 -70.52 0.80
C ALA B 352 -38.20 -69.63 -0.44
N LYS B 353 -39.34 -69.03 -0.81
CA LYS B 353 -39.32 -68.09 -1.94
C LYS B 353 -38.51 -66.84 -1.59
N SER B 354 -38.70 -66.31 -0.37
CA SER B 354 -37.89 -65.17 0.04
C SER B 354 -36.42 -65.55 0.12
N GLN B 355 -36.12 -66.76 0.58
CA GLN B 355 -34.74 -67.20 0.64
C GLN B 355 -34.14 -67.32 -0.75
N LEU B 356 -34.93 -67.78 -1.72
CA LEU B 356 -34.45 -67.78 -3.11
C LEU B 356 -34.16 -66.37 -3.58
N LEU B 357 -35.03 -65.42 -3.23
CA LEU B 357 -34.78 -64.03 -3.57
C LEU B 357 -33.45 -63.55 -3.00
N ARG B 358 -33.21 -63.84 -1.72
CA ARG B 358 -31.96 -63.39 -1.11
C ARG B 358 -30.75 -64.11 -1.71
N TYR B 359 -30.91 -65.37 -2.10
CA TYR B 359 -29.83 -66.06 -2.80
C TYR B 359 -29.48 -65.35 -4.09
N VAL B 360 -30.49 -65.00 -4.89
CA VAL B 360 -30.21 -64.32 -6.14
C VAL B 360 -29.60 -62.95 -5.87
N LEU B 361 -30.03 -62.29 -4.80
CA LEU B 361 -29.41 -61.03 -4.39
C LEU B 361 -27.92 -61.21 -4.16
N CYS B 362 -27.55 -62.22 -3.35
CA CYS B 362 -26.15 -62.44 -3.02
C CYS B 362 -25.34 -62.87 -4.24
N THR B 363 -25.94 -63.62 -5.16
CA THR B 363 -25.19 -64.22 -6.25
C THR B 363 -25.10 -63.31 -7.48
N ALA B 364 -26.25 -62.94 -8.05
CA ALA B 364 -26.25 -62.31 -9.35
C ALA B 364 -25.55 -60.96 -9.29
N PRO B 365 -24.92 -60.53 -10.38
CA PRO B 365 -24.38 -59.17 -10.43
C PRO B 365 -25.47 -58.16 -10.73
N ARG B 366 -25.41 -57.03 -10.03
CA ARG B 366 -26.41 -55.97 -10.17
C ARG B 366 -27.80 -56.49 -9.82
N ALA B 367 -27.96 -56.91 -8.58
CA ALA B 367 -29.24 -57.34 -8.04
C ALA B 367 -29.72 -56.30 -7.05
N ILE B 368 -30.93 -55.78 -7.27
CA ILE B 368 -31.48 -54.70 -6.48
C ILE B 368 -32.65 -55.26 -5.66
N PRO B 369 -32.61 -55.18 -4.33
CA PRO B 369 -33.76 -55.65 -3.53
C PRO B 369 -34.84 -54.58 -3.37
N THR B 370 -36.03 -54.85 -3.85
CA THR B 370 -37.18 -53.96 -3.67
C THR B 370 -38.26 -54.73 -2.91
N THR B 371 -39.09 -53.97 -2.19
CA THR B 371 -40.19 -54.53 -1.42
C THR B 371 -41.50 -53.95 -1.93
N GLY B 372 -42.61 -54.56 -1.51
CA GLY B 372 -43.91 -54.15 -1.95
C GLY B 372 -44.16 -52.66 -1.84
N ARG B 373 -44.23 -52.14 -0.60
CA ARG B 373 -44.52 -50.74 -0.36
C ARG B 373 -43.27 -49.93 0.00
N GLY B 374 -42.10 -50.55 -0.04
CA GLY B 374 -40.87 -49.82 0.24
C GLY B 374 -40.30 -49.07 -0.94
N SER B 375 -40.79 -49.34 -2.15
CA SER B 375 -40.31 -48.68 -3.36
C SER B 375 -41.53 -48.34 -4.21
N SER B 376 -42.00 -47.11 -4.08
CA SER B 376 -43.25 -46.67 -4.73
C SER B 376 -42.93 -45.67 -5.83
N GLY B 377 -43.38 -45.98 -7.04
CA GLY B 377 -43.33 -45.03 -8.14
C GLY B 377 -41.95 -44.53 -8.50
N VAL B 378 -41.69 -43.25 -8.20
CA VAL B 378 -40.44 -42.62 -8.63
C VAL B 378 -39.23 -43.31 -7.99
N GLY B 379 -39.40 -43.91 -6.81
CA GLY B 379 -38.31 -44.66 -6.22
C GLY B 379 -38.04 -45.97 -6.92
N LEU B 380 -39.04 -46.53 -7.59
CA LEU B 380 -38.91 -47.81 -8.27
C LEU B 380 -38.47 -47.66 -9.72
N THR B 381 -38.92 -46.61 -10.40
CA THR B 381 -38.51 -46.31 -11.76
C THR B 381 -37.82 -44.95 -11.77
N ALA B 382 -37.51 -44.47 -12.97
CA ALA B 382 -36.81 -43.19 -13.10
C ALA B 382 -37.67 -42.06 -12.56
N ALA B 383 -37.05 -40.88 -12.46
CA ALA B 383 -37.75 -39.70 -11.96
C ALA B 383 -37.15 -38.46 -12.61
N VAL B 384 -37.89 -37.35 -12.54
CA VAL B 384 -37.44 -36.05 -13.01
C VAL B 384 -37.53 -35.06 -11.87
N THR B 385 -36.46 -34.31 -11.64
CA THR B 385 -36.42 -33.29 -10.60
C THR B 385 -35.79 -32.03 -11.18
N THR B 386 -35.72 -30.98 -10.38
CA THR B 386 -35.05 -29.74 -10.76
C THR B 386 -33.81 -29.53 -9.90
N ASP B 387 -32.75 -29.01 -10.52
CA ASP B 387 -31.49 -28.83 -9.80
C ASP B 387 -31.66 -27.94 -8.58
N GLN B 388 -32.59 -26.99 -8.64
CA GLN B 388 -32.85 -26.08 -7.53
C GLN B 388 -31.75 -25.02 -7.42
N GLU B 389 -30.72 -25.14 -8.26
CA GLU B 389 -29.67 -24.13 -8.38
C GLU B 389 -29.57 -23.56 -9.77
N THR B 390 -29.60 -24.40 -10.81
CA THR B 390 -29.68 -23.93 -12.18
C THR B 390 -31.11 -23.86 -12.69
N GLY B 391 -32.09 -24.29 -11.92
CA GLY B 391 -33.47 -24.27 -12.36
C GLY B 391 -33.69 -25.08 -13.63
N GLU B 392 -33.03 -26.22 -13.73
CA GLU B 392 -33.10 -27.07 -14.92
C GLU B 392 -33.45 -28.49 -14.50
N ARG B 393 -34.12 -29.20 -15.39
CA ARG B 393 -34.62 -30.54 -15.07
C ARG B 393 -33.54 -31.60 -15.30
N ARG B 394 -33.50 -32.56 -14.39
CA ARG B 394 -32.52 -33.64 -14.41
C ARG B 394 -33.23 -34.97 -14.16
N LEU B 395 -32.69 -36.01 -14.77
CA LEU B 395 -33.16 -37.36 -14.54
C LEU B 395 -32.53 -37.94 -13.28
N GLU B 396 -33.25 -38.85 -12.64
CA GLU B 396 -32.75 -39.59 -11.49
C GLU B 396 -33.10 -41.06 -11.67
N ALA B 397 -32.08 -41.91 -11.78
CA ALA B 397 -32.30 -43.32 -12.00
C ALA B 397 -32.97 -43.96 -10.80
N GLY B 398 -33.94 -44.84 -11.06
CA GLY B 398 -34.62 -45.58 -10.03
C GLY B 398 -34.04 -46.97 -9.84
N ALA B 399 -34.78 -47.78 -9.08
CA ALA B 399 -34.31 -49.13 -8.77
C ALA B 399 -34.02 -49.91 -10.04
N MET B 400 -34.96 -49.90 -10.98
CA MET B 400 -34.80 -50.70 -12.19
C MET B 400 -33.77 -50.11 -13.15
N VAL B 401 -33.68 -48.78 -13.22
CA VAL B 401 -32.63 -48.17 -14.02
C VAL B 401 -31.25 -48.59 -13.50
N LEU B 402 -31.09 -48.57 -12.18
CA LEU B 402 -29.85 -49.07 -11.59
C LEU B 402 -29.65 -50.55 -11.91
N ALA B 403 -30.72 -51.33 -11.82
CA ALA B 403 -30.64 -52.77 -12.08
C ALA B 403 -30.51 -53.11 -13.55
N ASP B 404 -30.48 -52.11 -14.44
CA ASP B 404 -30.25 -52.38 -15.85
C ASP B 404 -29.16 -53.42 -16.03
N ARG B 405 -29.37 -54.33 -16.97
CA ARG B 405 -28.49 -55.48 -17.15
C ARG B 405 -28.29 -56.21 -15.83
N GLY B 406 -29.38 -56.43 -15.12
CA GLY B 406 -29.33 -57.06 -13.82
C GLY B 406 -30.65 -57.67 -13.45
N VAL B 407 -30.87 -57.79 -12.14
CA VAL B 407 -32.06 -58.43 -11.59
C VAL B 407 -32.65 -57.54 -10.52
N VAL B 408 -33.98 -57.50 -10.46
CA VAL B 408 -34.71 -56.82 -9.40
C VAL B 408 -35.50 -57.86 -8.63
N CYS B 409 -35.21 -57.98 -7.34
CA CYS B 409 -35.87 -58.96 -6.48
C CYS B 409 -36.97 -58.24 -5.71
N ILE B 410 -38.21 -58.43 -6.15
CA ILE B 410 -39.36 -57.72 -5.61
C ILE B 410 -40.03 -58.64 -4.61
N ASP B 411 -39.72 -58.46 -3.33
CA ASP B 411 -40.37 -59.20 -2.27
C ASP B 411 -41.77 -58.64 -2.02
N GLU B 412 -42.73 -59.53 -1.78
CA GLU B 412 -44.12 -59.13 -1.56
C GLU B 412 -44.65 -58.34 -2.74
N PHE B 413 -44.41 -58.87 -3.95
CA PHE B 413 -44.81 -58.17 -5.16
C PHE B 413 -46.32 -57.98 -5.21
N ASP B 414 -47.09 -58.97 -4.74
CA ASP B 414 -48.53 -58.87 -4.81
C ASP B 414 -49.05 -57.63 -4.11
N LYS B 415 -48.43 -57.23 -3.01
CA LYS B 415 -48.90 -56.11 -2.21
C LYS B 415 -48.34 -54.77 -2.70
N MET B 416 -47.93 -54.69 -3.95
CA MET B 416 -47.62 -53.42 -4.57
C MET B 416 -48.88 -52.76 -5.10
N SER B 417 -48.93 -51.44 -5.01
CA SER B 417 -50.07 -50.70 -5.52
C SER B 417 -50.22 -50.93 -7.03
N ASP B 418 -51.47 -50.97 -7.48
CA ASP B 418 -51.73 -51.14 -8.90
C ASP B 418 -51.02 -50.08 -9.73
N MET B 419 -50.85 -48.88 -9.17
CA MET B 419 -50.12 -47.83 -9.88
C MET B 419 -48.69 -48.28 -10.18
N ASP B 420 -47.97 -48.76 -9.16
CA ASP B 420 -46.60 -49.22 -9.37
C ASP B 420 -46.56 -50.42 -10.29
N ARG B 421 -47.49 -51.36 -10.11
CA ARG B 421 -47.48 -52.56 -10.94
C ARG B 421 -47.70 -52.21 -12.41
N THR B 422 -48.57 -51.25 -12.68
CA THR B 422 -48.75 -50.79 -14.06
C THR B 422 -47.52 -50.05 -14.55
N ALA B 423 -46.90 -49.24 -13.69
CA ALA B 423 -45.70 -48.52 -14.10
C ALA B 423 -44.59 -49.48 -14.51
N ILE B 424 -44.53 -50.65 -13.88
CA ILE B 424 -43.48 -51.62 -14.17
C ILE B 424 -43.68 -52.38 -15.47
N HIS B 425 -44.82 -52.19 -16.14
CA HIS B 425 -45.11 -52.97 -17.34
C HIS B 425 -44.08 -52.74 -18.43
N GLU B 426 -43.71 -51.48 -18.68
CA GLU B 426 -42.76 -51.20 -19.74
C GLU B 426 -41.40 -51.81 -19.43
N VAL B 427 -40.95 -51.73 -18.18
CA VAL B 427 -39.68 -52.34 -17.81
C VAL B 427 -39.73 -53.83 -18.05
N MET B 428 -40.83 -54.48 -17.64
CA MET B 428 -40.93 -55.92 -17.84
C MET B 428 -40.88 -56.28 -19.32
N GLU B 429 -41.60 -55.52 -20.16
CA GLU B 429 -41.75 -55.93 -21.55
C GLU B 429 -40.55 -55.52 -22.40
N GLN B 430 -40.29 -54.22 -22.50
CA GLN B 430 -39.24 -53.70 -23.37
C GLN B 430 -38.02 -53.22 -22.62
N GLY B 431 -38.01 -53.29 -21.30
CA GLY B 431 -36.82 -52.96 -20.53
C GLY B 431 -36.39 -51.52 -20.61
N ARG B 432 -37.33 -50.58 -20.49
CA ARG B 432 -36.96 -49.18 -20.43
C ARG B 432 -38.04 -48.39 -19.71
N VAL B 433 -37.64 -47.21 -19.23
CA VAL B 433 -38.54 -46.28 -18.56
C VAL B 433 -38.57 -45.00 -19.39
N THR B 434 -39.75 -44.68 -19.90
CA THR B 434 -39.97 -43.44 -20.65
C THR B 434 -40.60 -42.43 -19.70
N ILE B 435 -39.83 -41.42 -19.29
CA ILE B 435 -40.31 -40.43 -18.33
C ILE B 435 -40.07 -39.05 -18.90
N ALA B 436 -41.05 -38.16 -18.73
CA ALA B 436 -40.93 -36.82 -19.26
C ALA B 436 -41.67 -35.83 -18.38
N LYS B 437 -41.01 -34.72 -18.07
CA LYS B 437 -41.65 -33.49 -17.68
C LYS B 437 -41.40 -32.46 -18.78
N ALA B 438 -42.13 -31.35 -18.70
CA ALA B 438 -42.12 -30.38 -19.80
C ALA B 438 -40.69 -30.01 -20.18
N GLY B 439 -39.83 -29.80 -19.19
CA GLY B 439 -38.46 -29.42 -19.49
C GLY B 439 -37.67 -30.52 -20.17
N ILE B 440 -37.77 -31.76 -19.68
CA ILE B 440 -36.89 -32.83 -20.09
C ILE B 440 -37.67 -34.11 -20.31
N HIS B 441 -37.42 -34.78 -21.42
CA HIS B 441 -37.97 -36.10 -21.70
C HIS B 441 -36.83 -37.07 -21.95
N ALA B 442 -36.93 -38.26 -21.37
CA ALA B 442 -35.85 -39.24 -21.41
C ALA B 442 -36.41 -40.64 -21.55
N ARG B 443 -35.61 -41.49 -22.19
CA ARG B 443 -35.92 -42.91 -22.42
C ARG B 443 -34.77 -43.72 -21.82
N LEU B 444 -34.85 -43.98 -20.53
CA LEU B 444 -33.79 -44.69 -19.83
C LEU B 444 -33.89 -46.18 -20.08
N ASN B 445 -32.73 -46.84 -20.12
CA ASN B 445 -32.66 -48.28 -20.34
C ASN B 445 -32.59 -49.00 -19.00
N ALA B 446 -33.50 -49.97 -18.81
CA ALA B 446 -33.45 -50.87 -17.66
C ALA B 446 -33.81 -52.26 -18.20
N ARG B 447 -32.81 -52.99 -18.67
CA ARG B 447 -33.01 -54.34 -19.18
C ARG B 447 -32.92 -55.36 -18.05
N CYS B 448 -33.65 -55.11 -16.99
CA CYS B 448 -33.59 -55.95 -15.80
C CYS B 448 -34.55 -57.12 -15.92
N SER B 449 -34.24 -58.19 -15.19
CA SER B 449 -35.12 -59.33 -15.05
C SER B 449 -35.74 -59.30 -13.65
N VAL B 450 -37.04 -59.55 -13.60
CA VAL B 450 -37.80 -59.40 -12.37
C VAL B 450 -37.99 -60.76 -11.72
N LEU B 451 -37.67 -60.85 -10.43
CA LEU B 451 -37.88 -62.04 -9.61
C LEU B 451 -38.78 -61.62 -8.47
N ALA B 452 -40.06 -61.95 -8.56
CA ALA B 452 -41.07 -61.48 -7.63
C ALA B 452 -41.46 -62.60 -6.67
N ALA B 453 -41.71 -62.24 -5.42
CA ALA B 453 -42.14 -63.20 -4.39
C ALA B 453 -43.49 -62.73 -3.84
N ALA B 454 -44.55 -63.40 -4.27
CA ALA B 454 -45.91 -63.03 -3.90
C ALA B 454 -46.55 -64.13 -3.06
N ASN B 455 -47.43 -63.71 -2.15
CA ASN B 455 -48.28 -64.64 -1.44
C ASN B 455 -49.71 -64.52 -1.96
N PRO B 456 -50.48 -65.61 -1.97
CA PRO B 456 -51.81 -65.56 -2.56
C PRO B 456 -52.82 -64.90 -1.64
N VAL B 457 -53.92 -64.47 -2.24
CA VAL B 457 -55.04 -63.91 -1.49
C VAL B 457 -55.46 -64.94 -0.45
N TYR B 458 -55.91 -64.48 0.71
CA TYR B 458 -56.28 -65.27 1.87
C TYR B 458 -55.05 -65.73 2.65
N GLY B 459 -53.84 -65.39 2.22
CA GLY B 459 -52.63 -65.79 2.92
C GLY B 459 -52.06 -67.10 2.44
N ARG B 460 -52.85 -68.16 2.50
CA ARG B 460 -52.43 -69.50 2.10
C ARG B 460 -53.20 -69.93 0.86
N TYR B 461 -52.48 -70.52 -0.09
CA TYR B 461 -53.07 -70.95 -1.34
C TYR B 461 -54.15 -71.99 -1.10
N ASP B 462 -55.41 -71.63 -1.36
CA ASP B 462 -56.52 -72.56 -1.22
C ASP B 462 -56.61 -73.40 -2.50
N GLN B 463 -56.20 -74.67 -2.40
CA GLN B 463 -56.07 -75.51 -3.59
C GLN B 463 -57.41 -75.87 -4.22
N TYR B 464 -58.52 -75.62 -3.53
CA TYR B 464 -59.83 -75.87 -4.12
C TYR B 464 -60.21 -74.83 -5.16
N LYS B 465 -59.72 -73.61 -5.01
CA LYS B 465 -60.03 -72.53 -5.94
C LYS B 465 -59.02 -72.48 -7.07
N THR B 466 -59.45 -71.93 -8.20
CA THR B 466 -58.61 -71.90 -9.39
C THR B 466 -57.39 -71.01 -9.15
N PRO B 467 -56.29 -71.25 -9.87
CA PRO B 467 -55.13 -70.35 -9.73
C PRO B 467 -55.45 -68.91 -10.07
N MET B 468 -56.36 -68.69 -11.03
CA MET B 468 -56.77 -67.32 -11.33
C MET B 468 -57.31 -66.62 -10.11
N GLU B 469 -58.12 -67.32 -9.31
CA GLU B 469 -58.67 -66.73 -8.10
C GLU B 469 -57.62 -66.63 -7.01
N ASN B 470 -56.76 -67.65 -6.88
CA ASN B 470 -55.77 -67.64 -5.81
C ASN B 470 -54.73 -66.54 -6.04
N ILE B 471 -54.50 -66.15 -7.28
CA ILE B 471 -53.56 -65.10 -7.61
C ILE B 471 -54.36 -63.82 -7.79
N GLY B 472 -54.21 -62.88 -6.85
CA GLY B 472 -54.95 -61.63 -6.92
C GLY B 472 -54.37 -60.66 -7.92
N LEU B 473 -54.06 -61.13 -9.12
CA LEU B 473 -53.46 -60.32 -10.17
C LEU B 473 -54.22 -60.51 -11.46
N GLN B 474 -54.22 -59.47 -12.30
CA GLN B 474 -54.94 -59.51 -13.56
C GLN B 474 -54.09 -60.18 -14.64
N ASP B 475 -54.77 -60.69 -15.67
CA ASP B 475 -54.08 -61.41 -16.73
C ASP B 475 -53.07 -60.54 -17.44
N SER B 476 -53.36 -59.24 -17.59
CA SER B 476 -52.40 -58.34 -18.22
C SER B 476 -51.10 -58.29 -17.43
N LEU B 477 -51.19 -58.24 -16.11
CA LEU B 477 -49.98 -58.26 -15.28
C LEU B 477 -49.30 -59.61 -15.34
N LEU B 478 -50.07 -60.69 -15.23
CA LEU B 478 -49.47 -62.03 -15.20
C LEU B 478 -48.73 -62.33 -16.49
N SER B 479 -49.26 -61.88 -17.64
CA SER B 479 -48.57 -62.10 -18.90
C SER B 479 -47.18 -61.50 -18.88
N ARG B 480 -46.94 -60.49 -18.04
CA ARG B 480 -45.60 -59.92 -17.93
C ARG B 480 -44.62 -60.96 -17.42
N PHE B 481 -45.01 -61.74 -16.42
CA PHE B 481 -44.14 -62.78 -15.88
C PHE B 481 -44.14 -63.97 -16.81
N ASP B 482 -42.97 -64.27 -17.40
CA ASP B 482 -42.89 -65.39 -18.33
C ASP B 482 -43.02 -66.73 -17.62
N LEU B 483 -42.53 -66.83 -16.39
CA LEU B 483 -42.70 -68.06 -15.60
C LEU B 483 -43.40 -67.73 -14.29
N LEU B 484 -44.43 -68.50 -13.97
CA LEU B 484 -45.25 -68.31 -12.78
C LEU B 484 -45.32 -69.62 -12.02
N PHE B 485 -44.73 -69.67 -10.83
CA PHE B 485 -44.61 -70.90 -10.06
C PHE B 485 -45.47 -70.81 -8.81
N ILE B 486 -46.44 -71.72 -8.71
CA ILE B 486 -47.28 -71.85 -7.53
C ILE B 486 -46.58 -72.82 -6.59
N MET B 487 -46.06 -72.31 -5.49
CA MET B 487 -45.24 -73.07 -4.55
C MET B 487 -46.05 -73.34 -3.29
N LEU B 488 -46.65 -74.53 -3.22
CA LEU B 488 -47.51 -74.89 -2.12
C LEU B 488 -46.69 -75.54 -1.00
N ASP B 489 -47.21 -75.42 0.22
CA ASP B 489 -46.62 -76.08 1.38
C ASP B 489 -47.25 -77.47 1.49
N GLN B 490 -46.78 -78.38 0.62
CA GLN B 490 -47.35 -79.71 0.56
C GLN B 490 -47.27 -80.40 1.91
N MET B 491 -48.34 -81.11 2.25
CA MET B 491 -48.47 -81.76 3.56
C MET B 491 -48.11 -83.24 3.52
N ASP B 492 -47.16 -83.62 2.67
CA ASP B 492 -46.74 -85.01 2.58
C ASP B 492 -45.77 -85.33 3.71
N PRO B 493 -46.04 -86.34 4.55
CA PRO B 493 -45.09 -86.65 5.63
C PRO B 493 -43.70 -87.00 5.15
N GLU B 494 -43.57 -87.68 4.00
CA GLU B 494 -42.25 -88.05 3.52
C GLU B 494 -41.44 -86.82 3.12
N GLN B 495 -42.02 -85.93 2.32
CA GLN B 495 -41.36 -84.69 1.99
C GLN B 495 -41.09 -83.86 3.24
N ASP B 496 -41.97 -83.96 4.23
CA ASP B 496 -41.73 -83.28 5.50
C ASP B 496 -40.48 -83.82 6.18
N ARG B 497 -40.31 -85.15 6.18
CA ARG B 497 -39.08 -85.74 6.70
C ARG B 497 -37.87 -85.19 5.97
N GLU B 498 -37.93 -85.18 4.63
CA GLU B 498 -36.81 -84.69 3.84
C GLU B 498 -36.46 -83.25 4.24
N ILE B 499 -37.46 -82.39 4.27
CA ILE B 499 -37.24 -80.97 4.54
C ILE B 499 -36.70 -80.77 5.95
N SER B 500 -37.28 -81.49 6.93
CA SER B 500 -36.83 -81.33 8.31
C SER B 500 -35.38 -81.77 8.46
N ASP B 501 -35.02 -82.90 7.84
CA ASP B 501 -33.64 -83.36 7.91
C ASP B 501 -32.70 -82.33 7.28
N HIS B 502 -33.06 -81.80 6.11
CA HIS B 502 -32.22 -80.81 5.46
C HIS B 502 -32.05 -79.58 6.34
N VAL B 503 -33.16 -79.08 6.90
CA VAL B 503 -33.12 -77.87 7.71
C VAL B 503 -32.24 -78.08 8.94
N LEU B 504 -32.40 -79.23 9.61
CA LEU B 504 -31.65 -79.45 10.83
C LEU B 504 -30.16 -79.65 10.52
N ARG B 505 -29.84 -80.30 9.40
CA ARG B 505 -28.43 -80.41 9.01
C ARG B 505 -27.83 -79.03 8.78
N MET B 506 -28.54 -78.17 8.05
CA MET B 506 -28.01 -76.84 7.78
C MET B 506 -27.87 -76.04 9.08
N HIS B 507 -28.81 -76.19 10.00
CA HIS B 507 -28.72 -75.49 11.28
C HIS B 507 -27.58 -76.02 12.13
N ARG B 508 -27.25 -77.30 11.99
CA ARG B 508 -26.14 -77.88 12.75
C ARG B 508 -24.79 -77.52 12.15
N TYR B 509 -24.72 -77.27 10.84
CA TYR B 509 -23.45 -76.97 10.21
C TYR B 509 -22.71 -75.89 10.98
N ARG B 510 -21.38 -75.96 10.94
CA ARG B 510 -20.51 -74.96 11.54
C ARG B 510 -19.39 -74.62 10.55
N ALA B 511 -18.85 -73.42 10.69
CA ALA B 511 -17.77 -73.01 9.81
C ALA B 511 -16.54 -73.89 10.04
N PRO B 512 -15.73 -74.13 9.00
CA PRO B 512 -14.58 -75.03 9.15
C PRO B 512 -13.43 -74.34 9.87
N GLY B 513 -13.20 -74.73 11.11
CA GLY B 513 -12.08 -74.19 11.88
C GLY B 513 -12.29 -72.79 12.39
N GLU B 514 -12.82 -71.89 11.56
CA GLU B 514 -13.00 -70.51 11.96
C GLU B 514 -13.82 -70.39 13.23
N GLN B 515 -14.76 -71.31 13.45
CA GLN B 515 -15.67 -71.26 14.58
C GLN B 515 -15.60 -72.58 15.34
N ASP B 516 -15.76 -72.49 16.67
CA ASP B 516 -15.70 -73.67 17.52
C ASP B 516 -16.74 -73.65 18.64
N GLY B 517 -17.74 -72.77 18.57
CA GLY B 517 -18.73 -72.66 19.63
C GLY B 517 -19.04 -71.22 20.00
N ASP B 518 -18.46 -70.27 19.27
CA ASP B 518 -18.60 -68.86 19.57
C ASP B 518 -19.85 -68.29 18.89
N ALA B 519 -20.08 -67.00 19.11
CA ALA B 519 -21.25 -66.30 18.58
C ALA B 519 -20.83 -65.40 17.42
N MET B 520 -21.69 -65.30 16.42
CA MET B 520 -21.42 -64.43 15.29
C MET B 520 -21.39 -62.98 15.76
N PRO B 521 -20.46 -62.17 15.27
CA PRO B 521 -20.36 -60.79 15.73
C PRO B 521 -21.39 -59.88 15.07
N LEU B 522 -21.66 -58.77 15.75
CA LEU B 522 -22.55 -57.73 15.21
C LEU B 522 -21.73 -56.72 14.39
N ILE B 528 -16.21 -52.30 11.49
CA ILE B 528 -16.00 -52.80 10.14
C ILE B 528 -14.77 -52.13 9.53
N LEU B 529 -14.51 -50.89 9.94
CA LEU B 529 -13.37 -50.16 9.42
C LEU B 529 -12.04 -50.81 9.81
N ALA B 530 -12.04 -51.67 10.83
CA ALA B 530 -10.80 -52.33 11.25
C ALA B 530 -10.23 -53.18 10.13
N THR B 531 -11.09 -53.91 9.41
CA THR B 531 -10.67 -54.78 8.32
C THR B 531 -11.16 -54.23 6.99
N ASP B 532 -10.47 -54.61 5.92
CA ASP B 532 -10.84 -54.15 4.59
C ASP B 532 -12.30 -54.50 4.31
N ASP B 533 -12.97 -53.63 3.58
CA ASP B 533 -14.40 -53.78 3.34
C ASP B 533 -14.63 -54.92 2.34
N PRO B 534 -15.41 -55.95 2.69
CA PRO B 534 -15.57 -57.08 1.76
C PRO B 534 -16.13 -56.71 0.40
N ASN B 535 -17.07 -55.77 0.35
CA ASN B 535 -17.69 -55.42 -0.93
C ASN B 535 -16.67 -54.89 -1.93
N PHE B 536 -15.57 -54.34 -1.43
CA PHE B 536 -14.53 -53.75 -2.26
C PHE B 536 -13.26 -54.61 -2.29
N SER B 537 -13.31 -55.81 -1.73
CA SER B 537 -12.11 -56.64 -1.62
C SER B 537 -11.68 -57.15 -2.99
N GLN B 538 -10.37 -57.27 -3.17
CA GLN B 538 -9.78 -57.72 -4.43
C GLN B 538 -10.49 -58.95 -4.98
N GLN B 545 -11.84 -74.42 -7.28
CA GLN B 545 -12.35 -75.79 -7.15
C GLN B 545 -13.70 -75.92 -7.81
N ILE B 546 -13.82 -76.87 -8.75
CA ILE B 546 -15.08 -77.07 -9.45
C ILE B 546 -16.18 -77.44 -8.47
N TYR B 547 -15.92 -78.43 -7.63
CA TYR B 547 -16.91 -78.95 -6.70
C TYR B 547 -16.52 -78.61 -5.27
N GLU B 548 -17.53 -78.61 -4.39
CA GLU B 548 -17.29 -78.44 -2.97
C GLU B 548 -16.71 -79.71 -2.39
N LYS B 549 -15.99 -79.57 -1.28
CA LYS B 549 -15.57 -80.73 -0.52
C LYS B 549 -16.80 -81.38 0.10
N HIS B 550 -16.95 -82.69 -0.11
CA HIS B 550 -18.20 -83.36 0.22
C HIS B 550 -18.38 -83.50 1.73
N ASP B 551 -18.60 -82.37 2.41
CA ASP B 551 -18.91 -82.42 3.83
C ASP B 551 -20.20 -83.19 4.05
N ASN B 552 -20.19 -84.10 5.02
CA ASN B 552 -21.36 -84.94 5.26
C ASN B 552 -22.48 -84.18 5.95
N LEU B 553 -22.14 -83.15 6.72
CA LEU B 553 -23.14 -82.37 7.43
C LEU B 553 -23.85 -81.37 6.54
N LEU B 554 -23.32 -81.12 5.34
CA LEU B 554 -23.97 -80.24 4.37
C LEU B 554 -24.65 -81.00 3.25
N HIS B 555 -24.17 -82.20 2.93
CA HIS B 555 -24.75 -83.02 1.86
C HIS B 555 -25.35 -84.32 2.35
N GLY B 556 -25.14 -84.70 3.60
CA GLY B 556 -25.67 -85.94 4.13
C GLY B 556 -24.78 -87.13 3.84
N MET B 564 -22.38 -80.89 -6.39
CA MET B 564 -22.45 -79.61 -5.70
C MET B 564 -21.32 -78.69 -6.16
N VAL B 565 -21.56 -77.99 -7.28
CA VAL B 565 -20.55 -77.10 -7.82
C VAL B 565 -20.23 -76.01 -6.80
N SER B 566 -18.98 -75.58 -6.79
CA SER B 566 -18.55 -74.54 -5.86
C SER B 566 -19.24 -73.22 -6.18
N ALA B 567 -19.40 -72.39 -5.15
CA ALA B 567 -20.04 -71.10 -5.36
C ALA B 567 -19.22 -70.21 -6.28
N ALA B 568 -17.92 -70.10 -6.01
CA ALA B 568 -17.08 -69.23 -6.83
C ALA B 568 -16.99 -69.74 -8.27
N PHE B 569 -16.82 -71.04 -8.45
CA PHE B 569 -16.77 -71.58 -9.80
C PHE B 569 -18.10 -71.42 -10.51
N MET B 570 -19.21 -71.58 -9.79
CA MET B 570 -20.51 -71.33 -10.38
C MET B 570 -20.63 -69.89 -10.84
N LYS B 571 -20.16 -68.96 -10.02
CA LYS B 571 -20.18 -67.54 -10.40
C LYS B 571 -19.39 -67.33 -11.69
N LYS B 572 -18.15 -67.83 -11.72
CA LYS B 572 -17.30 -67.61 -12.89
C LYS B 572 -17.89 -68.27 -14.13
N TYR B 573 -18.40 -69.49 -13.99
CA TYR B 573 -18.96 -70.20 -15.13
C TYR B 573 -20.21 -69.51 -15.65
N ILE B 574 -21.08 -69.03 -14.76
CA ILE B 574 -22.26 -68.31 -15.20
C ILE B 574 -21.86 -67.03 -15.90
N HIS B 575 -20.83 -66.35 -15.38
CA HIS B 575 -20.35 -65.14 -16.04
C HIS B 575 -19.89 -65.44 -17.46
N VAL B 576 -19.10 -66.51 -17.62
CA VAL B 576 -18.57 -66.83 -18.95
C VAL B 576 -19.68 -67.31 -19.88
N ALA B 577 -20.66 -68.04 -19.36
CA ALA B 577 -21.74 -68.56 -20.18
C ALA B 577 -22.81 -67.53 -20.50
N LYS B 578 -22.83 -66.41 -19.76
CA LYS B 578 -23.80 -65.37 -20.07
C LYS B 578 -23.52 -64.74 -21.43
N ILE B 579 -22.24 -64.56 -21.77
CA ILE B 579 -21.88 -63.86 -23.00
C ILE B 579 -22.26 -64.68 -24.22
N ILE B 580 -22.12 -66.01 -24.15
CA ILE B 580 -22.36 -66.83 -25.33
C ILE B 580 -23.79 -66.60 -25.83
N LYS B 581 -23.97 -66.64 -27.14
CA LYS B 581 -25.23 -66.29 -27.80
C LYS B 581 -25.65 -67.44 -28.72
N PRO B 582 -26.26 -68.48 -28.17
CA PRO B 582 -26.72 -69.59 -29.02
C PRO B 582 -27.81 -69.13 -29.97
N VAL B 583 -27.87 -69.77 -31.14
CA VAL B 583 -28.81 -69.43 -32.18
C VAL B 583 -29.77 -70.61 -32.37
N LEU B 584 -31.07 -70.31 -32.39
CA LEU B 584 -32.06 -71.35 -32.59
C LEU B 584 -31.82 -72.08 -33.92
N THR B 585 -31.90 -73.41 -33.88
CA THR B 585 -31.77 -74.24 -35.05
C THR B 585 -33.16 -74.63 -35.54
N GLN B 586 -33.26 -74.94 -36.84
CA GLN B 586 -34.56 -75.17 -37.45
C GLN B 586 -35.33 -76.27 -36.74
N GLU B 587 -34.64 -77.31 -36.28
CA GLU B 587 -35.34 -78.40 -35.62
C GLU B 587 -35.97 -77.93 -34.32
N SER B 588 -35.22 -77.17 -33.52
CA SER B 588 -35.76 -76.68 -32.26
C SER B 588 -36.87 -75.68 -32.52
N ALA B 589 -36.76 -74.90 -33.59
CA ALA B 589 -37.81 -73.95 -33.93
C ALA B 589 -39.11 -74.67 -34.25
N THR B 590 -39.02 -75.73 -35.07
CA THR B 590 -40.21 -76.50 -35.40
C THR B 590 -40.83 -77.12 -34.15
N TYR B 591 -39.98 -77.70 -33.29
CA TYR B 591 -40.50 -78.33 -32.08
C TYR B 591 -41.22 -77.31 -31.21
N ILE B 592 -40.60 -76.13 -31.02
CA ILE B 592 -41.18 -75.11 -30.16
C ILE B 592 -42.49 -74.60 -30.77
N ALA B 593 -42.53 -74.43 -32.09
CA ALA B 593 -43.76 -73.96 -32.72
C ALA B 593 -44.89 -74.96 -32.52
N GLU B 594 -44.62 -76.25 -32.73
CA GLU B 594 -45.65 -77.26 -32.52
C GLU B 594 -46.12 -77.27 -31.06
N GLU B 595 -45.17 -77.21 -30.12
CA GLU B 595 -45.57 -77.22 -28.73
C GLU B 595 -46.39 -75.99 -28.37
N TYR B 596 -46.05 -74.83 -28.93
CA TYR B 596 -46.82 -73.63 -28.64
C TYR B 596 -48.23 -73.74 -29.19
N SER B 597 -48.37 -74.28 -30.40
CA SER B 597 -49.71 -74.49 -30.93
C SER B 597 -50.52 -75.38 -30.00
N ARG B 598 -49.92 -76.46 -29.53
CA ARG B 598 -50.63 -77.35 -28.60
C ARG B 598 -50.98 -76.62 -27.31
N LEU B 599 -50.04 -75.86 -26.76
CA LEU B 599 -50.29 -75.14 -25.51
C LEU B 599 -51.46 -74.19 -25.66
N ARG B 600 -51.53 -73.47 -26.78
CA ARG B 600 -52.69 -72.62 -27.02
C ARG B 600 -53.96 -73.46 -27.13
N SER B 601 -53.88 -74.60 -27.80
CA SER B 601 -55.05 -75.45 -27.96
C SER B 601 -55.63 -75.83 -26.60
N GLN B 602 -56.90 -76.23 -26.61
CA GLN B 602 -57.58 -76.59 -25.37
C GLN B 602 -57.13 -77.97 -24.87
N ASP B 603 -56.76 -78.86 -25.78
CA ASP B 603 -56.41 -80.23 -25.39
C ASP B 603 -55.18 -80.27 -24.49
N SER B 604 -54.31 -79.26 -24.56
CA SER B 604 -53.09 -79.29 -23.75
C SER B 604 -53.39 -79.35 -22.26
N MET B 605 -54.57 -78.90 -21.84
CA MET B 605 -55.00 -78.99 -20.45
C MET B 605 -56.18 -79.93 -20.36
N SER B 606 -56.08 -80.93 -19.49
CA SER B 606 -57.14 -81.92 -19.33
C SER B 606 -58.25 -81.33 -18.47
N SER B 607 -59.15 -82.17 -17.99
CA SER B 607 -60.15 -81.74 -17.03
C SER B 607 -59.53 -81.62 -15.65
N ASP B 608 -60.10 -80.73 -14.83
CA ASP B 608 -59.68 -80.47 -13.46
C ASP B 608 -58.34 -79.78 -13.37
N THR B 609 -57.74 -79.38 -14.50
CA THR B 609 -56.52 -78.59 -14.52
C THR B 609 -56.85 -77.20 -15.04
N ALA B 610 -56.36 -76.18 -14.34
CA ALA B 610 -56.65 -74.79 -14.66
C ALA B 610 -55.35 -74.07 -15.04
N ARG B 611 -55.45 -73.17 -16.01
CA ARG B 611 -54.30 -72.38 -16.41
C ARG B 611 -53.92 -71.41 -15.29
N THR B 612 -52.64 -71.41 -14.93
CA THR B 612 -52.14 -70.42 -13.96
C THR B 612 -51.83 -69.09 -14.61
N SER B 613 -51.78 -69.03 -15.95
CA SER B 613 -51.54 -67.80 -16.66
C SER B 613 -51.93 -67.99 -18.13
N PRO B 614 -52.65 -67.06 -18.74
CA PRO B 614 -53.09 -67.26 -20.12
C PRO B 614 -51.88 -67.40 -21.05
N VAL B 615 -52.04 -68.23 -22.06
CA VAL B 615 -50.96 -68.55 -23.00
C VAL B 615 -51.12 -67.64 -24.22
N THR B 616 -50.17 -66.72 -24.38
CA THR B 616 -50.13 -65.80 -25.50
C THR B 616 -48.82 -66.01 -26.27
N ALA B 617 -48.54 -65.15 -27.24
CA ALA B 617 -47.25 -65.17 -27.89
C ALA B 617 -46.13 -64.84 -26.91
N ARG B 618 -46.47 -64.18 -25.80
CA ARG B 618 -45.48 -63.98 -24.75
C ARG B 618 -44.95 -65.32 -24.24
N THR B 619 -45.79 -66.35 -24.24
CA THR B 619 -45.33 -67.67 -23.80
C THR B 619 -44.44 -68.33 -24.83
N LEU B 620 -44.67 -68.08 -26.12
CA LEU B 620 -43.71 -68.55 -27.12
C LEU B 620 -42.37 -67.87 -26.92
N GLU B 621 -42.37 -66.57 -26.64
CA GLU B 621 -41.12 -65.89 -26.33
C GLU B 621 -40.49 -66.47 -25.07
N THR B 622 -41.32 -66.84 -24.10
CA THR B 622 -40.81 -67.52 -22.91
C THR B 622 -40.11 -68.82 -23.27
N LEU B 623 -40.73 -69.61 -24.15
CA LEU B 623 -40.13 -70.86 -24.57
C LEU B 623 -38.78 -70.62 -25.24
N ILE B 624 -38.74 -69.65 -26.16
CA ILE B 624 -37.49 -69.37 -26.87
C ILE B 624 -36.42 -68.92 -25.88
N ARG B 625 -36.78 -68.03 -24.95
CA ARG B 625 -35.80 -67.52 -24.00
C ARG B 625 -35.30 -68.62 -23.08
N LEU B 626 -36.19 -69.50 -22.62
CA LEU B 626 -35.76 -70.58 -21.74
C LEU B 626 -34.87 -71.56 -22.48
N ALA B 627 -35.20 -71.88 -23.73
CA ALA B 627 -34.34 -72.77 -24.51
C ALA B 627 -32.97 -72.15 -24.73
N THR B 628 -32.93 -70.84 -25.01
CA THR B 628 -31.65 -70.16 -25.16
C THR B 628 -30.87 -70.16 -23.86
N ALA B 629 -31.55 -69.98 -22.73
CA ALA B 629 -30.87 -70.01 -21.44
C ALA B 629 -30.27 -71.39 -21.17
N HIS B 630 -31.00 -72.45 -21.52
CA HIS B 630 -30.48 -73.80 -21.36
C HIS B 630 -29.26 -74.02 -22.26
N ALA B 631 -29.37 -73.60 -23.53
CA ALA B 631 -28.24 -73.72 -24.44
C ALA B 631 -27.03 -72.96 -23.92
N LYS B 632 -27.26 -71.80 -23.30
CA LYS B 632 -26.16 -71.05 -22.71
C LYS B 632 -25.56 -71.78 -21.52
N ALA B 633 -26.42 -72.37 -20.67
CA ALA B 633 -25.92 -73.18 -19.56
C ALA B 633 -24.97 -74.25 -20.08
N ARG B 634 -25.29 -74.83 -21.23
CA ARG B 634 -24.42 -75.82 -21.83
C ARG B 634 -23.33 -75.22 -22.71
N MET B 635 -23.32 -73.90 -22.89
CA MET B 635 -22.42 -73.25 -23.84
C MET B 635 -22.55 -73.89 -25.22
N SER B 636 -23.80 -74.20 -25.59
CA SER B 636 -24.05 -75.02 -26.77
C SER B 636 -23.59 -74.32 -28.05
N LYS B 637 -23.87 -73.03 -28.18
CA LYS B 637 -23.74 -72.24 -29.40
C LYS B 637 -24.90 -72.53 -30.35
N THR B 638 -25.77 -73.49 -30.04
CA THR B 638 -26.98 -73.74 -30.81
C THR B 638 -28.04 -74.27 -29.86
N VAL B 639 -29.26 -73.73 -29.96
CA VAL B 639 -30.37 -74.16 -29.11
C VAL B 639 -30.97 -75.39 -29.78
N ASP B 640 -30.71 -76.56 -29.21
CA ASP B 640 -31.07 -77.83 -29.82
C ASP B 640 -32.36 -78.39 -29.22
N LEU B 641 -32.78 -79.54 -29.76
CA LEU B 641 -34.02 -80.16 -29.32
C LEU B 641 -34.01 -80.46 -27.84
N GLN B 642 -32.83 -80.76 -27.27
CA GLN B 642 -32.73 -80.96 -25.83
C GLN B 642 -33.18 -79.70 -25.09
N ASP B 643 -32.62 -78.55 -25.47
CA ASP B 643 -32.98 -77.30 -24.82
C ASP B 643 -34.45 -76.98 -25.02
N ALA B 644 -34.94 -77.18 -26.24
CA ALA B 644 -36.34 -76.89 -26.52
C ALA B 644 -37.26 -77.76 -25.66
N GLU B 645 -36.94 -79.05 -25.53
CA GLU B 645 -37.76 -79.94 -24.72
C GLU B 645 -37.71 -79.55 -23.26
N GLU B 646 -36.54 -79.16 -22.75
CA GLU B 646 -36.46 -78.74 -21.36
C GLU B 646 -37.31 -77.50 -21.12
N ALA B 647 -37.24 -76.52 -22.03
CA ALA B 647 -38.05 -75.32 -21.88
C ALA B 647 -39.53 -75.67 -21.95
N VAL B 648 -39.90 -76.55 -22.86
CA VAL B 648 -41.30 -76.97 -22.99
C VAL B 648 -41.78 -77.62 -21.70
N GLU B 649 -40.96 -78.50 -21.13
CA GLU B 649 -41.35 -79.17 -19.89
C GLU B 649 -41.52 -78.17 -18.75
N LEU B 650 -40.60 -77.21 -18.64
CA LEU B 650 -40.70 -76.23 -17.58
C LEU B 650 -41.95 -75.38 -17.73
N VAL B 651 -42.26 -74.95 -18.96
CA VAL B 651 -43.47 -74.18 -19.20
C VAL B 651 -44.71 -75.00 -18.89
N GLN B 652 -44.71 -76.27 -19.29
CA GLN B 652 -45.84 -77.14 -19.00
C GLN B 652 -46.07 -77.26 -17.50
N TYR B 653 -44.98 -77.41 -16.74
CA TYR B 653 -45.11 -77.48 -15.29
C TYR B 653 -45.63 -76.17 -14.71
N ALA B 654 -45.18 -75.04 -15.25
CA ALA B 654 -45.46 -73.75 -14.63
C ALA B 654 -46.85 -73.21 -14.96
N TYR B 655 -47.36 -73.46 -16.16
CA TYR B 655 -48.55 -72.77 -16.64
C TYR B 655 -49.85 -73.53 -16.36
N PHE B 656 -49.81 -74.60 -15.59
CA PHE B 656 -51.02 -75.34 -15.29
C PHE B 656 -51.02 -75.81 -13.85
N LYS B 657 -52.21 -75.95 -13.29
CA LYS B 657 -52.39 -76.41 -11.92
C LYS B 657 -53.62 -77.30 -11.86
N LYS B 658 -53.53 -78.38 -11.09
CA LYS B 658 -54.63 -79.34 -10.95
C LYS B 658 -55.42 -78.96 -9.70
N VAL B 659 -56.66 -78.54 -9.90
CA VAL B 659 -57.51 -78.11 -8.80
C VAL B 659 -58.29 -79.32 -8.27
N LEU B 660 -58.19 -79.55 -6.97
CA LEU B 660 -58.86 -80.68 -6.34
C LEU B 660 -60.26 -80.28 -5.88
N GLU B 661 -61.10 -81.29 -5.69
CA GLU B 661 -62.49 -81.08 -5.28
C GLU B 661 -62.70 -81.54 -3.85
N VAL C 110 -46.15 25.82 -36.95
CA VAL C 110 -45.97 26.17 -35.55
C VAL C 110 -46.62 27.50 -35.24
N ARG C 111 -47.27 27.57 -34.07
CA ARG C 111 -47.94 28.78 -33.60
C ARG C 111 -47.48 29.13 -32.20
N GLY C 112 -46.26 28.74 -31.85
CA GLY C 112 -45.76 28.91 -30.50
C GLY C 112 -46.24 27.86 -29.52
N THR C 113 -47.03 26.89 -29.96
CA THR C 113 -47.50 25.84 -29.08
C THR C 113 -46.33 24.91 -28.75
N PRO C 114 -46.19 24.48 -27.49
CA PRO C 114 -45.02 23.65 -27.14
C PRO C 114 -45.00 22.34 -27.93
N VAL C 115 -43.78 21.92 -28.28
CA VAL C 115 -43.57 20.62 -28.91
C VAL C 115 -43.33 19.60 -27.80
N ARG C 116 -44.30 18.73 -27.58
CA ARG C 116 -44.20 17.76 -26.50
C ARG C 116 -43.19 16.68 -26.84
N GLN C 117 -42.34 16.34 -25.88
CA GLN C 117 -41.44 15.21 -26.06
C GLN C 117 -42.24 13.92 -26.20
N ARG C 118 -41.72 13.01 -27.02
CA ARG C 118 -42.40 11.74 -27.32
C ARG C 118 -41.55 10.60 -26.81
N PRO C 119 -41.76 10.15 -25.57
CA PRO C 119 -40.99 9.00 -25.06
C PRO C 119 -41.15 7.75 -25.89
N ASP C 120 -42.31 7.56 -26.52
CA ASP C 120 -42.54 6.36 -27.32
C ASP C 120 -41.52 6.22 -28.45
N LEU C 121 -40.91 7.31 -28.89
CA LEU C 121 -39.85 7.26 -29.88
C LEU C 121 -38.48 7.01 -29.26
N GLY C 122 -38.39 6.94 -27.94
CA GLY C 122 -37.13 6.70 -27.28
C GLY C 122 -36.31 7.96 -27.12
N SER C 123 -35.15 7.79 -26.49
CA SER C 123 -34.23 8.92 -26.32
C SER C 123 -33.72 9.36 -27.68
N ALA C 124 -33.62 10.67 -27.87
CA ALA C 124 -33.16 11.21 -29.13
C ALA C 124 -31.74 10.72 -29.44
N GLN C 125 -31.31 10.95 -30.66
CA GLN C 125 -29.98 10.59 -31.13
C GLN C 125 -29.23 11.87 -31.50
N LYS C 126 -28.02 11.70 -32.03
CA LYS C 126 -27.27 12.85 -32.52
C LYS C 126 -27.99 13.53 -33.67
N GLY C 127 -28.71 12.77 -34.48
CA GLY C 127 -29.26 13.30 -35.72
C GLY C 127 -28.19 13.73 -36.68
N LEU C 128 -27.05 13.05 -36.68
CA LEU C 128 -25.94 13.44 -37.54
C LEU C 128 -26.34 13.28 -39.01
N GLN C 129 -25.87 14.22 -39.84
CA GLN C 129 -26.20 14.27 -41.25
C GLN C 129 -24.96 13.93 -42.06
N VAL C 130 -25.14 13.13 -43.10
CA VAL C 130 -24.06 12.69 -43.97
C VAL C 130 -24.43 13.00 -45.41
N ASP C 131 -23.49 13.60 -46.14
CA ASP C 131 -23.66 13.88 -47.56
C ASP C 131 -23.14 12.67 -48.35
N LEU C 132 -24.00 12.11 -49.19
CA LEU C 132 -23.67 10.92 -49.96
C LEU C 132 -22.95 11.23 -51.26
N GLN C 133 -22.36 12.42 -51.39
CA GLN C 133 -21.64 12.80 -52.59
C GLN C 133 -20.40 13.60 -52.20
N SER C 134 -19.38 13.53 -53.05
CA SER C 134 -18.13 14.25 -52.82
C SER C 134 -17.79 15.14 -54.01
N LYS C 152 -28.65 12.53 -51.09
CA LYS C 152 -27.93 13.79 -51.03
C LYS C 152 -27.43 14.06 -49.61
N LEU C 153 -28.35 14.38 -48.71
CA LEU C 153 -28.02 14.88 -47.38
C LEU C 153 -28.70 14.01 -46.33
N VAL C 154 -28.48 12.70 -46.41
CA VAL C 154 -29.26 11.75 -45.62
C VAL C 154 -28.85 11.85 -44.15
N ILE C 155 -29.61 11.21 -43.27
CA ILE C 155 -29.20 11.07 -41.88
C ILE C 155 -28.24 9.89 -41.77
N TRP C 156 -27.32 9.97 -40.82
CA TRP C 156 -26.32 8.94 -40.68
C TRP C 156 -26.98 7.59 -40.41
N GLY C 157 -26.70 6.62 -41.26
CA GLY C 157 -27.24 5.29 -41.13
C GLY C 157 -28.59 5.06 -41.77
N THR C 158 -29.18 6.10 -42.37
CA THR C 158 -30.49 5.99 -42.99
C THR C 158 -30.44 6.70 -44.34
N ASP C 159 -31.60 6.79 -44.99
CA ASP C 159 -31.74 7.53 -46.25
C ASP C 159 -33.03 8.33 -46.23
N VAL C 160 -33.28 9.01 -45.11
CA VAL C 160 -34.58 9.64 -44.90
C VAL C 160 -34.66 11.03 -45.51
N ASN C 161 -33.62 11.86 -45.36
CA ASN C 161 -33.62 13.20 -45.94
C ASN C 161 -34.81 14.02 -45.42
N VAL C 162 -34.69 14.39 -44.15
CA VAL C 162 -35.78 15.00 -43.39
C VAL C 162 -36.61 15.96 -44.25
N ALA C 163 -35.95 16.81 -45.04
CA ALA C 163 -36.67 17.77 -45.86
C ALA C 163 -37.57 17.06 -46.87
N ALA C 164 -37.00 16.12 -47.64
CA ALA C 164 -37.79 15.40 -48.63
C ALA C 164 -38.89 14.60 -47.97
N CYS C 165 -38.59 13.96 -46.84
CA CYS C 165 -39.60 13.17 -46.13
C CYS C 165 -40.76 14.05 -45.68
N LYS C 166 -40.45 15.23 -45.12
CA LYS C 166 -41.50 16.13 -44.66
C LYS C 166 -42.35 16.62 -45.83
N GLU C 167 -41.71 16.99 -46.94
CA GLU C 167 -42.46 17.43 -48.10
C GLU C 167 -43.36 16.32 -48.63
N ASN C 168 -42.83 15.10 -48.70
CA ASN C 168 -43.62 13.99 -49.23
C ASN C 168 -44.79 13.67 -48.31
N PHE C 169 -44.59 13.78 -46.99
CA PHE C 169 -45.69 13.51 -46.07
C PHE C 169 -46.74 14.61 -46.14
N GLN C 170 -46.34 15.86 -46.31
CA GLN C 170 -47.33 16.91 -46.53
C GLN C 170 -48.12 16.64 -47.80
N ARG C 171 -47.44 16.19 -48.86
CA ARG C 171 -48.12 15.87 -50.09
C ARG C 171 -49.14 14.75 -49.89
N PHE C 172 -48.74 13.70 -49.17
CA PHE C 172 -49.66 12.61 -48.87
C PHE C 172 -50.85 13.11 -48.06
N LEU C 173 -50.59 13.92 -47.05
CA LEU C 173 -51.66 14.38 -46.15
C LEU C 173 -52.64 15.27 -46.89
N GLN C 174 -52.18 16.07 -47.84
CA GLN C 174 -53.06 16.98 -48.57
C GLN C 174 -53.60 16.41 -49.87
N ARG C 175 -53.18 15.21 -50.30
CA ARG C 175 -53.58 14.72 -51.60
C ARG C 175 -53.90 13.23 -51.60
N PHE C 176 -54.32 12.66 -50.47
CA PHE C 176 -54.64 11.24 -50.41
C PHE C 176 -56.15 11.05 -50.45
N ILE C 177 -56.61 10.24 -51.41
CA ILE C 177 -58.00 9.82 -51.51
C ILE C 177 -58.02 8.31 -51.61
N ASP C 178 -58.78 7.67 -50.73
CA ASP C 178 -58.88 6.21 -50.74
C ASP C 178 -59.90 5.79 -51.80
N PRO C 179 -59.47 5.21 -52.91
CA PRO C 179 -60.42 4.95 -54.01
C PRO C 179 -61.51 3.95 -53.65
N LEU C 180 -61.13 2.77 -53.17
CA LEU C 180 -62.09 1.72 -52.84
C LEU C 180 -62.62 1.84 -51.41
N ALA C 181 -62.53 3.02 -50.80
CA ALA C 181 -63.07 3.19 -49.47
C ALA C 181 -64.57 2.93 -49.45
N LYS C 182 -65.12 2.80 -48.25
CA LYS C 182 -66.54 2.60 -48.04
C LYS C 182 -67.05 3.57 -47.00
N GLU C 183 -68.29 4.04 -47.20
CA GLU C 183 -68.90 4.93 -46.22
C GLU C 183 -69.07 4.25 -44.88
N GLU C 184 -69.41 2.95 -44.90
CA GLU C 184 -69.48 2.20 -43.65
C GLU C 184 -68.14 2.21 -42.93
N GLU C 185 -67.06 1.99 -43.67
CA GLU C 185 -65.73 2.00 -43.07
C GLU C 185 -65.40 3.37 -42.49
N ASN C 186 -65.70 4.43 -43.23
CA ASN C 186 -65.36 5.80 -42.85
C ASN C 186 -66.63 6.51 -42.41
N VAL C 187 -66.73 6.80 -41.12
CA VAL C 187 -67.92 7.41 -40.53
C VAL C 187 -67.60 8.86 -40.20
N GLY C 188 -68.50 9.77 -40.58
CA GLY C 188 -68.32 11.17 -40.32
C GLY C 188 -67.27 11.84 -41.17
N ILE C 189 -66.89 11.22 -42.29
CA ILE C 189 -65.83 11.72 -43.15
C ILE C 189 -66.36 11.83 -44.57
N ASP C 190 -66.22 13.01 -45.16
CA ASP C 190 -66.56 13.21 -46.56
C ASP C 190 -65.55 12.46 -47.43
N ILE C 191 -66.03 11.47 -48.18
CA ILE C 191 -65.13 10.59 -48.92
C ILE C 191 -64.33 11.38 -49.96
N THR C 192 -65.01 12.24 -50.70
CA THR C 192 -64.31 12.96 -51.78
C THR C 192 -63.25 13.90 -51.22
N GLU C 193 -63.54 14.57 -50.10
CA GLU C 193 -62.57 15.49 -49.51
C GLU C 193 -61.39 14.71 -48.93
N PRO C 194 -60.19 15.30 -48.95
CA PRO C 194 -59.03 14.60 -48.38
C PRO C 194 -59.28 14.09 -46.97
N LEU C 195 -59.01 12.79 -46.79
CA LEU C 195 -59.34 12.12 -45.54
C LEU C 195 -58.62 12.76 -44.36
N TYR C 196 -57.31 12.91 -44.45
CA TYR C 196 -56.55 13.42 -43.31
C TYR C 196 -56.72 14.92 -43.11
N MET C 197 -57.09 15.66 -44.16
CA MET C 197 -57.50 17.04 -43.94
C MET C 197 -58.79 17.10 -43.13
N GLN C 198 -59.73 16.20 -43.42
CA GLN C 198 -60.92 16.11 -42.59
C GLN C 198 -60.55 15.71 -41.16
N ARG C 199 -59.57 14.82 -41.03
CA ARG C 199 -59.09 14.45 -39.70
C ARG C 199 -58.55 15.66 -38.95
N LEU C 200 -57.79 16.51 -39.65
CA LEU C 200 -57.28 17.73 -39.03
C LEU C 200 -58.43 18.65 -38.61
N GLY C 201 -59.46 18.74 -39.45
CA GLY C 201 -60.63 19.51 -39.05
C GLY C 201 -61.26 18.97 -37.79
N GLU C 202 -61.38 17.65 -37.69
CA GLU C 202 -61.91 17.04 -36.47
C GLU C 202 -61.02 17.36 -35.27
N ILE C 203 -59.70 17.32 -35.47
CA ILE C 203 -58.78 17.65 -34.39
C ILE C 203 -59.00 19.08 -33.92
N ASN C 204 -59.14 20.01 -34.86
CA ASN C 204 -59.39 21.40 -34.50
C ASN C 204 -60.70 21.54 -33.74
N VAL C 205 -61.72 20.79 -34.15
CA VAL C 205 -63.01 20.84 -33.46
C VAL C 205 -62.87 20.33 -32.03
N ILE C 206 -62.17 19.22 -31.84
CA ILE C 206 -62.19 18.51 -30.56
C ILE C 206 -61.14 19.09 -29.61
N GLY C 207 -59.87 18.98 -29.98
CA GLY C 207 -58.79 19.49 -29.15
C GLY C 207 -57.77 18.46 -28.74
N GLU C 208 -57.88 17.23 -29.25
CA GLU C 208 -56.92 16.18 -28.94
C GLU C 208 -55.84 16.16 -30.02
N PRO C 209 -54.60 16.53 -29.72
CA PRO C 209 -53.58 16.65 -30.79
C PRO C 209 -52.96 15.32 -31.18
N PHE C 210 -53.79 14.36 -31.57
CA PHE C 210 -53.32 13.06 -32.03
C PHE C 210 -53.95 12.77 -33.39
N LEU C 211 -53.10 12.53 -34.39
CA LEU C 211 -53.55 12.22 -35.74
C LEU C 211 -53.19 10.78 -36.04
N ASN C 212 -54.20 9.92 -36.15
CA ASN C 212 -53.98 8.51 -36.45
C ASN C 212 -53.92 8.33 -37.96
N VAL C 213 -52.80 7.82 -38.45
CA VAL C 213 -52.54 7.67 -39.88
C VAL C 213 -52.35 6.20 -40.20
N ASN C 214 -52.87 5.77 -41.34
CA ASN C 214 -52.82 4.37 -41.72
C ASN C 214 -51.58 4.09 -42.57
N CYS C 215 -50.74 3.18 -42.09
CA CYS C 215 -49.56 2.80 -42.85
C CYS C 215 -49.93 2.16 -44.18
N GLU C 216 -51.11 1.54 -44.26
CA GLU C 216 -51.55 1.03 -45.56
C GLU C 216 -51.86 2.17 -46.52
N HIS C 217 -52.47 3.25 -46.02
CA HIS C 217 -52.66 4.42 -46.86
C HIS C 217 -51.32 4.99 -47.32
N ILE C 218 -50.35 5.06 -46.41
CA ILE C 218 -49.03 5.56 -46.77
C ILE C 218 -48.41 4.66 -47.85
N LYS C 219 -48.54 3.34 -47.68
CA LYS C 219 -48.00 2.41 -48.67
C LYS C 219 -48.65 2.60 -50.03
N SER C 220 -49.98 2.77 -50.04
CA SER C 220 -50.67 2.97 -51.31
C SER C 220 -50.23 4.26 -51.99
N PHE C 221 -50.10 5.34 -51.21
CA PHE C 221 -49.73 6.62 -51.80
C PHE C 221 -48.30 6.59 -52.33
N ASP C 222 -47.36 6.14 -51.51
CA ASP C 222 -45.96 6.10 -51.92
C ASP C 222 -45.27 4.97 -51.15
N LYS C 223 -44.86 3.93 -51.87
CA LYS C 223 -44.26 2.77 -51.22
C LYS C 223 -42.95 3.14 -50.53
N ASN C 224 -42.13 3.98 -51.15
CA ASN C 224 -40.84 4.33 -50.56
C ASN C 224 -41.01 5.04 -49.23
N LEU C 225 -41.98 5.96 -49.15
CA LEU C 225 -42.23 6.63 -47.88
C LEU C 225 -42.67 5.64 -46.81
N TYR C 226 -43.50 4.67 -47.18
CA TYR C 226 -43.92 3.65 -46.23
C TYR C 226 -42.73 2.86 -45.73
N ARG C 227 -41.83 2.47 -46.64
CA ARG C 227 -40.66 1.71 -46.24
C ARG C 227 -39.77 2.53 -45.31
N GLN C 228 -39.57 3.81 -45.63
CA GLN C 228 -38.75 4.65 -44.77
C GLN C 228 -39.37 4.80 -43.39
N LEU C 229 -40.68 5.00 -43.33
CA LEU C 229 -41.34 5.08 -42.03
C LEU C 229 -41.17 3.79 -41.24
N ILE C 230 -41.35 2.65 -41.91
CA ILE C 230 -41.26 1.37 -41.21
C ILE C 230 -39.86 1.16 -40.65
N SER C 231 -38.84 1.34 -41.50
CA SER C 231 -37.47 0.99 -41.11
C SER C 231 -36.80 2.05 -40.25
N TYR C 232 -37.25 3.30 -40.28
CA TYR C 232 -36.66 4.38 -39.50
C TYR C 232 -37.75 5.19 -38.82
N PRO C 233 -38.47 4.60 -37.86
CA PRO C 233 -39.55 5.35 -37.19
C PRO C 233 -39.05 6.51 -36.36
N GLN C 234 -38.02 6.29 -35.55
CA GLN C 234 -37.58 7.31 -34.60
C GLN C 234 -37.16 8.59 -35.32
N GLU C 235 -36.78 8.50 -36.58
CA GLU C 235 -36.42 9.66 -37.38
C GLU C 235 -37.58 10.16 -38.24
N VAL C 236 -38.30 9.26 -38.89
CA VAL C 236 -39.34 9.67 -39.84
C VAL C 236 -40.52 10.29 -39.11
N ILE C 237 -40.93 9.71 -37.98
CA ILE C 237 -42.15 10.16 -37.32
C ILE C 237 -42.09 11.62 -36.92
N PRO C 238 -41.02 12.12 -36.28
CA PRO C 238 -41.00 13.55 -35.94
C PRO C 238 -41.11 14.46 -37.16
N THR C 239 -40.58 14.04 -38.31
CA THR C 239 -40.80 14.82 -39.53
C THR C 239 -42.27 14.87 -39.89
N PHE C 240 -42.99 13.75 -39.69
CA PHE C 240 -44.43 13.75 -39.89
C PHE C 240 -45.12 14.69 -38.92
N ASP C 241 -44.67 14.73 -37.67
CA ASP C 241 -45.21 15.68 -36.70
C ASP C 241 -45.04 17.11 -37.19
N MET C 242 -43.83 17.42 -37.67
CA MET C 242 -43.57 18.77 -38.18
C MET C 242 -44.47 19.09 -39.37
N ALA C 243 -44.60 18.16 -40.30
CA ALA C 243 -45.45 18.39 -41.47
C ALA C 243 -46.89 18.61 -41.07
N VAL C 244 -47.41 17.78 -40.17
CA VAL C 244 -48.81 17.90 -39.77
C VAL C 244 -49.04 19.23 -39.06
N ASN C 245 -48.12 19.62 -38.18
CA ASN C 245 -48.29 20.90 -37.49
C ASN C 245 -48.22 22.07 -38.46
N GLU C 246 -47.31 22.00 -39.43
CA GLU C 246 -47.24 23.05 -40.45
C GLU C 246 -48.57 23.19 -41.18
N ILE C 247 -49.12 22.07 -41.64
CA ILE C 247 -50.38 22.12 -42.37
C ILE C 247 -51.49 22.65 -41.46
N PHE C 248 -51.56 22.13 -40.23
CA PHE C 248 -52.65 22.42 -39.33
C PHE C 248 -52.63 23.85 -38.80
N PHE C 249 -51.47 24.51 -38.81
CA PHE C 249 -51.40 25.90 -38.39
C PHE C 249 -51.35 26.87 -39.57
N ASP C 250 -50.93 26.43 -40.75
CA ASP C 250 -51.20 27.20 -41.97
C ASP C 250 -52.70 27.34 -42.16
N ARG C 251 -53.44 26.26 -41.96
CA ARG C 251 -54.87 26.32 -41.80
C ARG C 251 -55.19 26.48 -40.31
N TYR C 252 -56.48 26.71 -40.01
CA TYR C 252 -56.93 26.86 -38.63
C TYR C 252 -55.90 27.63 -37.80
N PRO C 253 -55.45 28.80 -38.25
CA PRO C 253 -54.31 29.45 -37.60
C PRO C 253 -54.59 29.92 -36.18
N ASP C 254 -55.85 29.92 -35.74
CA ASP C 254 -56.20 30.45 -34.42
C ASP C 254 -56.55 29.35 -33.43
N SER C 255 -56.36 28.09 -33.79
CA SER C 255 -56.70 27.00 -32.89
C SER C 255 -55.78 26.99 -31.67
N ILE C 256 -56.32 26.50 -30.56
CA ILE C 256 -55.57 26.38 -29.31
C ILE C 256 -55.44 24.90 -28.96
N LEU C 257 -54.21 24.47 -28.71
CA LEU C 257 -53.93 23.08 -28.36
C LEU C 257 -52.88 23.06 -27.25
N GLU C 258 -53.05 22.15 -26.30
CA GLU C 258 -52.11 22.04 -25.20
C GLU C 258 -50.70 21.66 -25.69
N HIS C 259 -50.60 21.07 -26.88
CA HIS C 259 -49.30 20.73 -27.44
C HIS C 259 -49.48 20.43 -28.93
N GLN C 260 -48.36 20.41 -29.64
CA GLN C 260 -48.38 20.15 -31.07
C GLN C 260 -49.03 18.80 -31.35
N ILE C 261 -49.34 18.58 -32.63
CA ILE C 261 -49.95 17.32 -33.06
C ILE C 261 -48.90 16.23 -33.08
N GLN C 262 -49.29 15.04 -32.65
CA GLN C 262 -48.46 13.84 -32.74
C GLN C 262 -49.11 12.85 -33.69
N VAL C 263 -48.34 12.38 -34.66
CA VAL C 263 -48.83 11.45 -35.67
C VAL C 263 -48.57 10.03 -35.19
N ARG C 264 -49.61 9.21 -35.19
CA ARG C 264 -49.53 7.80 -34.80
C ARG C 264 -49.78 6.93 -36.01
N PRO C 265 -48.75 6.33 -36.60
CA PRO C 265 -49.00 5.34 -37.66
C PRO C 265 -49.52 4.04 -37.07
N PHE C 266 -50.14 3.24 -37.93
CA PHE C 266 -50.65 1.95 -37.51
C PHE C 266 -51.00 1.14 -38.76
N ASN C 267 -51.47 -0.08 -38.53
CA ASN C 267 -51.84 -1.00 -39.62
C ASN C 267 -50.64 -1.27 -40.53
N ALA C 268 -49.45 -1.36 -39.94
CA ALA C 268 -48.29 -1.79 -40.70
C ALA C 268 -48.52 -3.19 -41.23
N LEU C 269 -47.66 -3.62 -42.14
CA LEU C 269 -47.77 -4.97 -42.68
C LEU C 269 -47.69 -5.97 -41.54
N LYS C 270 -48.78 -6.68 -41.29
CA LYS C 270 -48.91 -7.49 -40.09
C LYS C 270 -47.76 -8.49 -39.99
N THR C 271 -47.12 -8.53 -38.83
CA THR C 271 -46.12 -9.55 -38.52
C THR C 271 -46.85 -10.76 -37.96
N LYS C 272 -46.88 -11.85 -38.72
CA LYS C 272 -47.70 -12.99 -38.33
C LYS C 272 -47.28 -13.53 -36.97
N ASN C 273 -45.99 -13.82 -36.80
CA ASN C 273 -45.46 -14.37 -35.57
C ASN C 273 -44.31 -13.50 -35.10
N MET C 274 -44.41 -12.96 -33.89
CA MET C 274 -43.42 -12.02 -33.38
C MET C 274 -42.07 -12.68 -33.14
N ARG C 275 -41.99 -14.00 -33.13
CA ARG C 275 -40.72 -14.70 -32.96
C ARG C 275 -40.06 -15.03 -34.28
N ASN C 276 -40.63 -14.57 -35.40
CA ASN C 276 -39.94 -14.57 -36.68
C ASN C 276 -39.12 -13.30 -36.88
N LEU C 277 -39.11 -12.40 -35.90
CA LEU C 277 -38.39 -11.14 -36.02
C LEU C 277 -36.90 -11.38 -35.75
N ASN C 278 -36.07 -11.07 -36.73
CA ASN C 278 -34.63 -11.18 -36.61
C ASN C 278 -34.06 -9.91 -35.97
N PRO C 279 -32.82 -9.97 -35.48
CA PRO C 279 -32.21 -8.74 -34.94
C PRO C 279 -32.11 -7.62 -35.96
N GLU C 280 -32.04 -7.94 -37.25
CA GLU C 280 -32.03 -6.90 -38.27
C GLU C 280 -33.37 -6.19 -38.40
N ASP C 281 -34.36 -6.54 -37.57
CA ASP C 281 -35.64 -5.84 -37.52
C ASP C 281 -35.79 -5.05 -36.23
N ILE C 282 -34.70 -4.75 -35.55
CA ILE C 282 -34.75 -4.03 -34.29
C ILE C 282 -34.91 -2.54 -34.55
N ASP C 283 -35.51 -1.85 -33.59
CA ASP C 283 -35.72 -0.40 -33.65
C ASP C 283 -36.41 -0.01 -34.96
N GLN C 284 -37.53 -0.68 -35.25
CA GLN C 284 -38.33 -0.32 -36.40
C GLN C 284 -39.79 -0.62 -36.08
N LEU C 285 -40.68 -0.09 -36.92
CA LEU C 285 -42.11 -0.13 -36.65
C LEU C 285 -42.69 -1.48 -37.06
N ILE C 286 -43.45 -2.09 -36.15
CA ILE C 286 -44.15 -3.35 -36.43
C ILE C 286 -45.53 -3.30 -35.80
N THR C 287 -46.42 -4.14 -36.31
CA THR C 287 -47.77 -4.29 -35.79
C THR C 287 -47.99 -5.76 -35.44
N ILE C 288 -48.49 -6.00 -34.22
CA ILE C 288 -48.76 -7.34 -33.75
C ILE C 288 -50.19 -7.39 -33.21
N SER C 289 -50.73 -8.59 -33.13
CA SER C 289 -52.04 -8.84 -32.54
C SER C 289 -51.85 -9.66 -31.27
N GLY C 290 -52.54 -9.28 -30.21
CA GLY C 290 -52.35 -10.00 -28.96
C GLY C 290 -53.51 -9.78 -28.00
N MET C 291 -53.37 -10.37 -26.82
CA MET C 291 -54.35 -10.25 -25.75
C MET C 291 -53.65 -9.67 -24.54
N VAL C 292 -54.26 -8.66 -23.92
CA VAL C 292 -53.64 -7.99 -22.78
C VAL C 292 -53.80 -8.87 -21.55
N ILE C 293 -52.67 -9.33 -21.01
CA ILE C 293 -52.68 -10.17 -19.82
C ILE C 293 -52.59 -9.34 -18.55
N ARG C 294 -51.76 -8.30 -18.55
CA ARG C 294 -51.58 -7.50 -17.36
C ARG C 294 -51.13 -6.10 -17.72
N THR C 295 -51.45 -5.14 -16.86
CA THR C 295 -51.02 -3.76 -17.03
C THR C 295 -50.51 -3.24 -15.69
N SER C 296 -49.30 -2.70 -15.68
CA SER C 296 -48.67 -2.27 -14.45
C SER C 296 -49.17 -0.89 -14.03
N GLN C 297 -48.79 -0.51 -12.82
CA GLN C 297 -49.09 0.82 -12.32
C GLN C 297 -48.33 1.85 -13.14
N LEU C 298 -48.59 3.13 -12.88
CA LEU C 298 -47.94 4.21 -13.60
C LEU C 298 -46.53 4.45 -13.08
N ILE C 299 -45.59 4.58 -14.01
CA ILE C 299 -44.18 4.82 -13.71
C ILE C 299 -43.88 6.28 -14.05
N PRO C 300 -43.60 7.15 -13.07
CA PRO C 300 -43.27 8.53 -13.41
C PRO C 300 -41.89 8.65 -14.04
N GLU C 301 -41.85 9.01 -15.32
CA GLU C 301 -40.61 9.17 -16.06
C GLU C 301 -40.20 10.64 -16.05
N MET C 302 -39.01 10.94 -15.55
CA MET C 302 -38.56 12.31 -15.50
C MET C 302 -38.29 12.84 -16.91
N GLN C 303 -38.58 14.14 -17.10
CA GLN C 303 -38.33 14.81 -18.36
C GLN C 303 -37.54 16.10 -18.22
N GLU C 304 -37.58 16.77 -17.06
CA GLU C 304 -36.87 18.03 -16.88
C GLU C 304 -36.53 18.15 -15.41
N ALA C 305 -35.28 17.86 -15.06
CA ALA C 305 -34.82 18.01 -13.69
C ALA C 305 -34.81 19.47 -13.30
N PHE C 306 -35.20 19.75 -12.07
CA PHE C 306 -35.25 21.10 -11.52
C PHE C 306 -34.23 21.18 -10.39
N PHE C 307 -33.10 21.83 -10.65
CA PHE C 307 -32.04 21.97 -9.66
C PHE C 307 -32.15 23.31 -8.97
N GLN C 308 -31.77 23.34 -7.69
CA GLN C 308 -31.78 24.55 -6.90
C GLN C 308 -30.51 24.59 -6.06
N CYS C 309 -29.86 25.75 -6.03
CA CYS C 309 -28.69 25.92 -5.20
C CYS C 309 -29.09 25.92 -3.73
N GLN C 310 -28.29 25.24 -2.91
CA GLN C 310 -28.52 25.21 -1.47
C GLN C 310 -27.87 26.37 -0.75
N VAL C 311 -27.21 27.27 -1.47
CA VAL C 311 -26.60 28.46 -0.88
C VAL C 311 -27.41 29.72 -1.21
N CYS C 312 -27.62 29.99 -2.49
CA CYS C 312 -28.31 31.19 -2.94
C CYS C 312 -29.70 30.92 -3.51
N ALA C 313 -30.13 29.66 -3.57
CA ALA C 313 -31.45 29.27 -4.03
C ALA C 313 -31.70 29.57 -5.50
N HIS C 314 -30.66 29.86 -6.27
CA HIS C 314 -30.83 30.02 -7.71
C HIS C 314 -31.28 28.69 -8.32
N THR C 315 -32.29 28.74 -9.19
CA THR C 315 -32.91 27.55 -9.74
C THR C 315 -32.66 27.47 -11.24
N THR C 316 -32.45 26.24 -11.73
CA THR C 316 -32.29 25.98 -13.15
C THR C 316 -33.02 24.70 -13.49
N ARG C 317 -33.17 24.45 -14.79
CA ARG C 317 -33.86 23.27 -15.29
C ARG C 317 -33.05 22.65 -16.40
N VAL C 318 -32.89 21.33 -16.36
CA VAL C 318 -32.13 20.58 -17.35
C VAL C 318 -33.05 19.52 -17.94
N GLU C 319 -33.22 19.55 -19.26
CA GLU C 319 -34.07 18.58 -19.93
C GLU C 319 -33.29 17.33 -20.31
N MET C 320 -33.99 16.21 -20.37
CA MET C 320 -33.38 14.94 -20.77
C MET C 320 -32.65 15.10 -22.09
N ASP C 321 -31.34 14.88 -22.07
CA ASP C 321 -30.56 15.02 -23.29
C ASP C 321 -30.67 13.78 -24.16
N ARG C 322 -30.18 12.65 -23.67
CA ARG C 322 -30.26 11.36 -24.36
C ARG C 322 -30.59 10.26 -23.38
N GLY C 323 -31.48 10.56 -22.44
CA GLY C 323 -31.70 9.68 -21.31
C GLY C 323 -30.86 10.02 -20.10
N ARG C 324 -30.01 11.03 -20.18
CA ARG C 324 -29.18 11.46 -19.08
C ARG C 324 -29.46 12.93 -18.77
N ILE C 325 -29.41 13.27 -17.48
CA ILE C 325 -29.61 14.64 -17.04
C ILE C 325 -28.26 15.15 -16.53
N ALA C 326 -27.61 15.99 -17.33
CA ALA C 326 -26.32 16.56 -16.96
C ALA C 326 -26.56 17.59 -15.86
N GLU C 327 -26.22 17.24 -14.63
CA GLU C 327 -26.47 18.13 -13.51
C GLU C 327 -25.61 19.38 -13.62
N PRO C 328 -26.02 20.48 -12.98
CA PRO C 328 -25.29 21.74 -13.12
C PRO C 328 -23.81 21.63 -12.76
N SER C 329 -23.52 21.10 -11.57
CA SER C 329 -22.18 20.93 -11.00
C SER C 329 -21.60 22.26 -10.55
N VAL C 330 -22.20 23.40 -10.88
CA VAL C 330 -21.73 24.70 -10.44
C VAL C 330 -22.88 25.68 -10.57
N CYS C 331 -23.05 26.54 -9.57
CA CYS C 331 -24.17 27.47 -9.58
C CYS C 331 -23.88 28.63 -10.53
N GLY C 332 -24.85 28.97 -11.36
CA GLY C 332 -24.72 30.10 -12.25
C GLY C 332 -24.96 31.45 -11.62
N ARG C 333 -25.31 31.47 -10.34
CA ARG C 333 -25.61 32.71 -9.62
C ARG C 333 -24.50 33.10 -8.65
N CYS C 334 -24.11 32.20 -7.75
CA CYS C 334 -23.04 32.46 -6.80
C CYS C 334 -21.75 31.74 -7.16
N HIS C 335 -21.74 30.94 -8.23
CA HIS C 335 -20.54 30.28 -8.72
C HIS C 335 -19.96 29.32 -7.69
N THR C 336 -20.80 28.77 -6.82
CA THR C 336 -20.38 27.73 -5.90
C THR C 336 -20.44 26.38 -6.60
N THR C 337 -19.44 25.54 -6.36
CA THR C 337 -19.32 24.26 -7.04
C THR C 337 -20.13 23.19 -6.30
N HIS C 338 -20.88 22.40 -7.06
CA HIS C 338 -21.65 21.28 -6.53
C HIS C 338 -22.51 21.72 -5.34
N SER C 339 -23.26 22.80 -5.55
CA SER C 339 -24.24 23.26 -4.59
C SER C 339 -25.67 23.09 -5.08
N MET C 340 -25.85 22.63 -6.33
CA MET C 340 -27.17 22.51 -6.94
C MET C 340 -27.73 21.13 -6.65
N ALA C 341 -28.77 21.07 -5.82
CA ALA C 341 -29.46 19.83 -5.50
C ALA C 341 -30.69 19.68 -6.38
N LEU C 342 -30.95 18.46 -6.81
CA LEU C 342 -32.09 18.17 -7.68
C LEU C 342 -33.34 18.02 -6.82
N ILE C 343 -34.28 18.94 -6.97
CA ILE C 343 -35.57 18.83 -6.29
C ILE C 343 -36.46 17.90 -7.12
N HIS C 344 -36.87 16.79 -6.51
CA HIS C 344 -37.54 15.75 -7.28
C HIS C 344 -38.97 16.15 -7.66
N ASN C 345 -39.70 16.75 -6.74
CA ASN C 345 -41.12 17.01 -6.95
C ASN C 345 -41.39 18.35 -7.62
N ARG C 346 -40.36 19.10 -7.99
CA ARG C 346 -40.52 20.30 -8.79
C ARG C 346 -40.00 20.10 -10.21
N SER C 347 -39.87 18.85 -10.64
CA SER C 347 -39.43 18.52 -11.99
C SER C 347 -40.64 18.23 -12.88
N LEU C 348 -40.38 17.97 -14.15
CA LEU C 348 -41.41 17.60 -15.10
C LEU C 348 -41.31 16.11 -15.37
N PHE C 349 -42.43 15.41 -15.25
CA PHE C 349 -42.47 13.96 -15.37
C PHE C 349 -43.43 13.52 -16.45
N SER C 350 -43.18 12.33 -16.97
CA SER C 350 -44.02 11.65 -17.93
C SER C 350 -44.67 10.44 -17.29
N ASP C 351 -45.52 9.75 -18.05
CA ASP C 351 -46.19 8.56 -17.59
C ASP C 351 -45.77 7.38 -18.45
N LYS C 352 -45.46 6.26 -17.78
CA LYS C 352 -45.11 5.02 -18.45
C LYS C 352 -45.89 3.88 -17.83
N GLN C 353 -46.24 2.89 -18.66
CA GLN C 353 -46.94 1.72 -18.20
C GLN C 353 -46.39 0.50 -18.92
N MET C 354 -46.32 -0.62 -18.20
CA MET C 354 -45.83 -1.88 -18.75
C MET C 354 -47.03 -2.77 -19.03
N ILE C 355 -47.18 -3.20 -20.28
CA ILE C 355 -48.28 -4.05 -20.68
C ILE C 355 -47.71 -5.42 -21.00
N LYS C 356 -48.06 -6.42 -20.19
CA LYS C 356 -47.75 -7.81 -20.48
C LYS C 356 -48.87 -8.34 -21.36
N LEU C 357 -48.55 -8.60 -22.64
CA LEU C 357 -49.51 -8.99 -23.65
C LEU C 357 -49.12 -10.35 -24.21
N GLN C 358 -50.05 -11.29 -24.18
CA GLN C 358 -49.82 -12.62 -24.74
C GLN C 358 -50.11 -12.56 -26.22
N GLU C 359 -49.07 -12.74 -27.04
CA GLU C 359 -49.23 -12.63 -28.48
C GLU C 359 -50.22 -13.67 -28.98
N SER C 360 -51.02 -13.29 -29.97
CA SER C 360 -52.01 -14.16 -30.60
C SER C 360 -51.64 -14.34 -32.07
N PRO C 361 -50.52 -14.99 -32.35
CA PRO C 361 -50.07 -15.11 -33.75
C PRO C 361 -51.03 -15.96 -34.57
N GLU C 362 -51.09 -15.63 -35.86
CA GLU C 362 -51.88 -16.41 -36.80
C GLU C 362 -51.03 -17.37 -37.62
N ASP C 363 -49.71 -17.29 -37.52
CA ASP C 363 -48.79 -18.28 -38.09
C ASP C 363 -48.15 -19.03 -36.93
N MET C 364 -48.57 -20.26 -36.73
CA MET C 364 -48.11 -21.09 -35.61
C MET C 364 -47.40 -22.33 -36.15
N PRO C 365 -46.07 -22.36 -36.13
CA PRO C 365 -45.37 -23.55 -36.61
C PRO C 365 -45.45 -24.70 -35.59
N ALA C 366 -45.05 -25.87 -36.06
CA ALA C 366 -45.14 -27.07 -35.23
C ALA C 366 -44.33 -26.90 -33.95
N GLY C 367 -44.97 -27.18 -32.81
CA GLY C 367 -44.28 -27.25 -31.55
C GLY C 367 -44.11 -25.93 -30.82
N GLN C 368 -44.34 -24.81 -31.48
CA GLN C 368 -44.15 -23.51 -30.84
C GLN C 368 -45.25 -23.22 -29.85
N THR C 369 -44.89 -22.67 -28.71
CA THR C 369 -45.80 -22.43 -27.60
C THR C 369 -46.27 -20.98 -27.61
N PRO C 370 -47.26 -20.65 -26.79
CA PRO C 370 -47.71 -19.25 -26.70
C PRO C 370 -46.59 -18.32 -26.28
N HIS C 371 -46.68 -17.07 -26.74
CA HIS C 371 -45.64 -16.07 -26.56
C HIS C 371 -46.19 -14.92 -25.74
N THR C 372 -45.43 -14.50 -24.73
CA THR C 372 -45.74 -13.30 -23.95
C THR C 372 -44.70 -12.23 -24.25
N VAL C 373 -45.17 -11.02 -24.53
CA VAL C 373 -44.29 -9.90 -24.89
C VAL C 373 -44.61 -8.73 -23.98
N ILE C 374 -43.63 -7.86 -23.81
CA ILE C 374 -43.74 -6.69 -22.96
C ILE C 374 -43.90 -5.45 -23.84
N LEU C 375 -44.86 -4.61 -23.49
CA LEU C 375 -45.09 -3.35 -24.18
C LEU C 375 -44.98 -2.21 -23.19
N PHE C 376 -44.58 -1.04 -23.70
CA PHE C 376 -44.49 0.17 -22.89
C PHE C 376 -45.31 1.27 -23.55
N ALA C 377 -46.23 1.85 -22.79
CA ALA C 377 -47.11 2.92 -23.25
C ALA C 377 -46.75 4.22 -22.55
N HIS C 378 -46.83 5.34 -23.28
CA HIS C 378 -46.24 6.60 -22.85
C HIS C 378 -47.25 7.75 -22.90
N ASN C 379 -47.66 8.22 -21.72
CA ASN C 379 -48.23 9.55 -21.49
C ASN C 379 -49.63 9.78 -22.02
N ASP C 380 -50.10 8.94 -22.94
CA ASP C 380 -51.50 9.01 -23.35
C ASP C 380 -52.12 7.64 -23.60
N LEU C 381 -51.33 6.63 -23.94
CA LEU C 381 -51.80 5.27 -24.09
C LEU C 381 -51.79 4.52 -22.77
N VAL C 382 -51.44 5.19 -21.68
CA VAL C 382 -51.50 4.59 -20.37
C VAL C 382 -52.95 4.39 -19.97
N ASP C 383 -53.28 3.18 -19.50
CA ASP C 383 -54.61 2.82 -19.04
C ASP C 383 -55.64 2.85 -20.17
N LYS C 384 -55.20 2.73 -21.42
CA LYS C 384 -56.11 2.67 -22.55
C LYS C 384 -56.48 1.24 -22.93
N VAL C 385 -55.88 0.23 -22.29
CA VAL C 385 -56.23 -1.16 -22.50
C VAL C 385 -56.24 -1.86 -21.15
N GLN C 386 -57.29 -2.64 -20.89
CA GLN C 386 -57.43 -3.39 -19.66
C GLN C 386 -57.15 -4.86 -19.91
N PRO C 387 -56.86 -5.63 -18.85
CA PRO C 387 -56.63 -7.07 -19.05
C PRO C 387 -57.84 -7.73 -19.67
N GLY C 388 -57.58 -8.68 -20.57
CA GLY C 388 -58.62 -9.35 -21.32
C GLY C 388 -58.90 -8.75 -22.67
N ASP C 389 -58.35 -7.58 -22.97
CA ASP C 389 -58.63 -6.89 -24.22
C ASP C 389 -57.72 -7.43 -25.32
N ARG C 390 -58.32 -7.79 -26.45
CA ARG C 390 -57.58 -8.17 -27.64
C ARG C 390 -57.31 -6.92 -28.48
N VAL C 391 -56.04 -6.70 -28.79
CA VAL C 391 -55.62 -5.46 -29.43
C VAL C 391 -54.70 -5.77 -30.59
N ASN C 392 -54.58 -4.79 -31.48
CA ASN C 392 -53.50 -4.72 -32.46
C ASN C 392 -52.62 -3.55 -32.04
N VAL C 393 -51.42 -3.86 -31.61
CA VAL C 393 -50.47 -2.86 -31.13
C VAL C 393 -49.47 -2.57 -32.23
N THR C 394 -49.31 -1.29 -32.55
CA THR C 394 -48.28 -0.82 -33.47
C THR C 394 -47.24 -0.05 -32.67
N GLY C 395 -45.98 -0.46 -32.80
CA GLY C 395 -44.94 0.14 -31.99
C GLY C 395 -43.57 -0.21 -32.51
N ILE C 396 -42.57 0.32 -31.84
CA ILE C 396 -41.18 0.16 -32.24
C ILE C 396 -40.61 -1.08 -31.58
N TYR C 397 -40.00 -1.95 -32.39
CA TYR C 397 -39.37 -3.16 -31.88
C TYR C 397 -38.03 -2.76 -31.26
N ARG C 398 -37.95 -2.78 -29.94
CA ARG C 398 -36.77 -2.31 -29.21
C ARG C 398 -36.08 -3.45 -28.52
N ALA C 399 -34.77 -3.55 -28.72
CA ALA C 399 -33.91 -4.48 -27.99
C ALA C 399 -33.06 -3.69 -27.00
N VAL C 400 -33.04 -4.14 -25.75
CA VAL C 400 -32.36 -3.40 -24.69
C VAL C 400 -31.45 -4.33 -23.91
N PRO C 401 -30.34 -3.82 -23.35
CA PRO C 401 -29.49 -4.68 -22.51
C PRO C 401 -30.14 -4.99 -21.18
N ILE C 402 -29.64 -6.05 -20.55
CA ILE C 402 -30.10 -6.49 -19.24
C ILE C 402 -28.91 -6.55 -18.31
N ARG C 403 -28.99 -5.85 -17.18
CA ARG C 403 -27.90 -5.86 -16.23
C ARG C 403 -27.85 -7.20 -15.51
N VAL C 404 -26.63 -7.72 -15.34
CA VAL C 404 -26.46 -9.03 -14.71
C VAL C 404 -27.00 -8.99 -13.28
N ASN C 405 -26.79 -7.88 -12.59
CA ASN C 405 -27.34 -7.65 -11.26
C ASN C 405 -28.02 -6.30 -11.23
N PRO C 406 -28.96 -6.10 -10.31
CA PRO C 406 -29.54 -4.75 -10.16
C PRO C 406 -28.54 -3.70 -9.73
N ARG C 407 -27.40 -4.12 -9.15
CA ARG C 407 -26.46 -3.20 -8.54
C ARG C 407 -25.18 -3.02 -9.33
N VAL C 408 -25.12 -3.53 -10.56
CA VAL C 408 -23.92 -3.42 -11.39
C VAL C 408 -24.34 -2.97 -12.79
N SER C 409 -23.38 -2.36 -13.49
CA SER C 409 -23.63 -1.84 -14.83
C SER C 409 -23.22 -2.81 -15.93
N ASN C 410 -22.70 -3.99 -15.59
CA ASN C 410 -22.43 -4.99 -16.61
C ASN C 410 -23.74 -5.49 -17.19
N VAL C 411 -23.73 -5.77 -18.49
CA VAL C 411 -24.93 -6.19 -19.20
C VAL C 411 -24.62 -7.46 -19.99
N LYS C 412 -25.56 -8.41 -19.96
CA LYS C 412 -25.39 -9.64 -20.69
C LYS C 412 -25.30 -9.38 -22.18
N SER C 413 -24.49 -10.18 -22.87
CA SER C 413 -24.34 -10.03 -24.32
C SER C 413 -25.61 -10.34 -25.08
N VAL C 414 -26.60 -10.96 -24.44
CA VAL C 414 -27.87 -11.28 -25.07
C VAL C 414 -28.89 -10.22 -24.64
N TYR C 415 -29.64 -9.69 -25.60
CA TYR C 415 -30.58 -8.61 -25.36
C TYR C 415 -32.00 -9.14 -25.32
N LYS C 416 -32.82 -8.59 -24.43
CA LYS C 416 -34.23 -8.87 -24.38
C LYS C 416 -35.00 -7.75 -25.08
N THR C 417 -36.00 -8.14 -25.86
CA THR C 417 -36.74 -7.19 -26.68
C THR C 417 -38.09 -6.87 -26.04
N HIS C 418 -38.60 -5.69 -26.39
CA HIS C 418 -39.94 -5.27 -25.99
C HIS C 418 -40.41 -4.23 -26.99
N ILE C 419 -41.72 -3.94 -26.96
CA ILE C 419 -42.35 -3.07 -27.94
C ILE C 419 -42.69 -1.75 -27.25
N ASP C 420 -42.21 -0.64 -27.82
CA ASP C 420 -42.65 0.68 -27.42
C ASP C 420 -43.90 1.02 -28.24
N VAL C 421 -45.03 1.17 -27.56
CA VAL C 421 -46.32 1.27 -28.23
C VAL C 421 -46.49 2.66 -28.82
N ILE C 422 -46.95 2.71 -30.07
CA ILE C 422 -47.36 3.96 -30.70
C ILE C 422 -48.88 4.05 -30.83
N HIS C 423 -49.53 2.95 -31.21
CA HIS C 423 -50.96 2.99 -31.48
C HIS C 423 -51.64 1.70 -31.02
N TYR C 424 -52.73 1.85 -30.28
CA TYR C 424 -53.66 0.77 -30.00
C TYR C 424 -54.74 0.73 -31.06
N ARG C 425 -55.14 -0.47 -31.47
CA ARG C 425 -56.26 -0.65 -32.37
C ARG C 425 -57.15 -1.74 -31.82
N LYS C 426 -58.35 -1.36 -31.37
CA LYS C 426 -59.30 -2.29 -30.78
C LYS C 426 -60.25 -2.90 -31.79
N THR C 427 -60.07 -2.60 -33.08
CA THR C 427 -60.99 -3.04 -34.12
C THR C 427 -60.51 -4.33 -34.75
N ASP C 428 -61.40 -5.32 -34.82
CA ASP C 428 -61.13 -6.56 -35.52
C ASP C 428 -62.35 -6.92 -36.37
N ALA C 429 -62.10 -7.48 -37.55
CA ALA C 429 -63.16 -7.78 -38.49
C ALA C 429 -63.92 -9.06 -38.18
N LYS C 430 -63.38 -9.92 -37.32
CA LYS C 430 -63.98 -11.21 -37.00
C LYS C 430 -64.44 -11.29 -35.55
N ARG C 431 -64.71 -10.15 -34.91
CA ARG C 431 -65.20 -10.11 -33.55
C ARG C 431 -66.30 -9.07 -33.45
N LEU C 432 -67.00 -9.07 -32.32
CA LEU C 432 -68.00 -8.04 -32.04
C LEU C 432 -67.28 -6.74 -31.70
N HIS C 433 -68.04 -5.73 -31.30
CA HIS C 433 -67.46 -4.45 -30.92
C HIS C 433 -67.20 -4.41 -29.42
N GLY C 434 -66.03 -3.88 -29.06
CA GLY C 434 -65.65 -3.82 -27.66
C GLY C 434 -66.46 -2.79 -26.90
N LEU C 435 -66.28 -2.83 -25.57
CA LEU C 435 -67.00 -1.91 -24.71
C LEU C 435 -66.67 -0.46 -25.03
N ASP C 436 -65.38 -0.18 -25.28
CA ASP C 436 -64.99 1.19 -25.60
C ASP C 436 -65.59 1.64 -26.92
N GLU C 437 -65.57 0.77 -27.94
CA GLU C 437 -66.15 1.13 -29.22
C GLU C 437 -67.64 1.41 -29.09
N GLU C 438 -68.36 0.57 -28.34
CA GLU C 438 -69.78 0.80 -28.13
C GLU C 438 -70.01 2.10 -27.37
N ALA C 439 -69.21 2.36 -26.34
CA ALA C 439 -69.40 3.58 -25.56
C ALA C 439 -69.18 4.83 -26.39
N GLU C 440 -68.17 4.81 -27.27
CA GLU C 440 -67.95 5.95 -28.15
C GLU C 440 -69.19 6.22 -28.98
N GLN C 441 -69.58 7.50 -29.05
CA GLN C 441 -70.86 7.85 -29.67
C GLN C 441 -70.78 7.74 -31.18
N LYS C 442 -69.85 8.45 -31.81
CA LYS C 442 -69.76 8.51 -33.27
C LYS C 442 -69.13 7.21 -33.79
N LEU C 443 -69.91 6.14 -33.67
CA LEU C 443 -69.51 4.82 -34.15
C LEU C 443 -70.24 4.43 -35.43
N PHE C 444 -71.51 4.79 -35.56
CA PHE C 444 -72.32 4.46 -36.72
C PHE C 444 -72.74 5.72 -37.45
N SER C 445 -72.79 5.65 -38.77
CA SER C 445 -73.38 6.71 -39.56
C SER C 445 -74.90 6.69 -39.42
N GLU C 446 -75.53 7.79 -39.81
CA GLU C 446 -76.98 7.85 -39.74
C GLU C 446 -77.61 6.83 -40.68
N LYS C 447 -77.01 6.64 -41.85
CA LYS C 447 -77.51 5.63 -42.78
C LYS C 447 -77.43 4.24 -42.16
N ARG C 448 -76.31 3.93 -41.50
CA ARG C 448 -76.17 2.61 -40.87
C ARG C 448 -77.16 2.45 -39.73
N VAL C 449 -77.37 3.50 -38.94
CA VAL C 449 -78.36 3.42 -37.86
C VAL C 449 -79.74 3.13 -38.44
N GLU C 450 -80.11 3.83 -39.52
CA GLU C 450 -81.42 3.60 -40.12
C GLU C 450 -81.53 2.18 -40.67
N LEU C 451 -80.45 1.67 -41.27
CA LEU C 451 -80.48 0.30 -41.75
C LEU C 451 -80.70 -0.69 -40.60
N LEU C 452 -79.98 -0.49 -39.49
CA LEU C 452 -80.17 -1.37 -38.34
C LEU C 452 -81.60 -1.28 -37.82
N LYS C 453 -82.16 -0.08 -37.78
CA LYS C 453 -83.54 0.05 -37.32
C LYS C 453 -84.49 -0.68 -38.26
N GLU C 454 -84.23 -0.61 -39.56
CA GLU C 454 -85.04 -1.37 -40.52
C GLU C 454 -84.96 -2.87 -40.23
N LEU C 455 -83.74 -3.38 -40.03
CA LEU C 455 -83.59 -4.79 -39.76
C LEU C 455 -84.35 -5.18 -38.50
N SER C 456 -84.27 -4.37 -37.46
CA SER C 456 -85.08 -4.63 -36.26
C SER C 456 -86.56 -4.57 -36.56
N ARG C 457 -86.95 -3.73 -37.52
CA ARG C 457 -88.36 -3.62 -37.89
C ARG C 457 -88.83 -4.81 -38.70
N LYS C 458 -87.91 -5.61 -39.24
CA LYS C 458 -88.31 -6.84 -39.91
C LYS C 458 -89.00 -7.77 -38.92
N PRO C 459 -89.84 -8.70 -39.41
CA PRO C 459 -90.63 -9.53 -38.48
C PRO C 459 -89.82 -10.64 -37.83
N ASP C 460 -88.91 -11.26 -38.58
CA ASP C 460 -88.16 -12.42 -38.13
C ASP C 460 -86.69 -12.10 -37.90
N ILE C 461 -86.42 -10.94 -37.29
CA ILE C 461 -85.03 -10.56 -37.03
C ILE C 461 -84.38 -11.55 -36.08
N TYR C 462 -85.14 -12.05 -35.10
CA TYR C 462 -84.61 -13.03 -34.18
C TYR C 462 -84.12 -14.27 -34.92
N GLU C 463 -84.96 -14.80 -35.81
CA GLU C 463 -84.58 -15.98 -36.58
C GLU C 463 -83.39 -15.67 -37.48
N ARG C 464 -83.39 -14.49 -38.10
CA ARG C 464 -82.30 -14.13 -38.99
C ARG C 464 -80.97 -14.10 -38.26
N LEU C 465 -80.93 -13.45 -37.10
CA LEU C 465 -79.69 -13.38 -36.33
C LEU C 465 -79.27 -14.76 -35.84
N ALA C 466 -80.22 -15.57 -35.38
CA ALA C 466 -79.88 -16.91 -34.93
C ALA C 466 -79.27 -17.73 -36.06
N SER C 467 -79.87 -17.67 -37.25
CA SER C 467 -79.32 -18.38 -38.39
C SER C 467 -77.97 -17.83 -38.80
N ALA C 468 -77.75 -16.53 -38.63
CA ALA C 468 -76.44 -15.95 -38.91
C ALA C 468 -75.39 -16.54 -37.99
N LEU C 469 -75.73 -16.71 -36.71
CA LEU C 469 -74.78 -17.29 -35.76
C LEU C 469 -74.33 -18.68 -36.23
N ALA C 470 -73.01 -18.91 -36.19
CA ALA C 470 -72.42 -20.22 -36.45
C ALA C 470 -72.99 -20.83 -37.73
N PRO C 471 -72.64 -20.32 -38.91
CA PRO C 471 -73.22 -20.85 -40.15
C PRO C 471 -72.77 -22.26 -40.50
N SER C 472 -71.70 -22.76 -39.90
CA SER C 472 -71.17 -24.07 -40.24
C SER C 472 -71.73 -25.19 -39.39
N ILE C 473 -72.56 -24.89 -38.40
CA ILE C 473 -73.19 -25.89 -37.53
C ILE C 473 -74.67 -25.94 -37.85
N TYR C 474 -75.19 -27.15 -38.04
CA TYR C 474 -76.48 -27.35 -38.68
C TYR C 474 -77.60 -27.49 -37.65
N GLU C 475 -78.67 -26.73 -37.86
CA GLU C 475 -79.97 -26.91 -37.19
C GLU C 475 -79.81 -27.10 -35.68
N HIS C 476 -79.35 -26.03 -35.04
CA HIS C 476 -79.41 -25.93 -33.60
C HIS C 476 -80.17 -24.65 -33.23
N GLU C 477 -81.32 -24.44 -33.88
CA GLU C 477 -81.99 -23.14 -33.84
C GLU C 477 -82.16 -22.63 -32.42
N ASP C 478 -82.66 -23.49 -31.52
CA ASP C 478 -82.89 -23.04 -30.15
C ASP C 478 -81.57 -22.71 -29.44
N ILE C 479 -80.54 -23.51 -29.68
CA ILE C 479 -79.25 -23.26 -29.04
C ILE C 479 -78.66 -21.94 -29.53
N LYS C 480 -78.76 -21.69 -30.83
CA LYS C 480 -78.24 -20.45 -31.38
C LYS C 480 -79.06 -19.24 -30.93
N LYS C 481 -80.38 -19.42 -30.73
CA LYS C 481 -81.16 -18.35 -30.14
C LYS C 481 -80.72 -18.05 -28.72
N GLY C 482 -80.46 -19.09 -27.94
CA GLY C 482 -79.92 -18.87 -26.60
C GLY C 482 -78.59 -18.15 -26.63
N ILE C 483 -77.72 -18.53 -27.56
CA ILE C 483 -76.42 -17.88 -27.68
C ILE C 483 -76.60 -16.42 -28.08
N LEU C 484 -77.55 -16.15 -28.98
CA LEU C 484 -77.80 -14.78 -29.40
C LEU C 484 -78.29 -13.93 -28.23
N LEU C 485 -79.21 -14.46 -27.44
CA LEU C 485 -79.65 -13.74 -26.26
C LEU C 485 -78.51 -13.55 -25.28
N GLN C 486 -77.59 -14.52 -25.20
CA GLN C 486 -76.42 -14.36 -24.35
C GLN C 486 -75.54 -13.21 -24.83
N LEU C 487 -75.33 -13.13 -26.15
CA LEU C 487 -74.54 -12.03 -26.70
C LEU C 487 -75.20 -10.69 -26.42
N PHE C 488 -76.51 -10.60 -26.63
CA PHE C 488 -77.21 -9.34 -26.38
C PHE C 488 -77.24 -9.00 -24.89
N GLY C 489 -77.20 -10.00 -24.02
CA GLY C 489 -77.25 -9.75 -22.61
C GLY C 489 -78.64 -9.30 -22.18
N GLY C 490 -78.70 -8.87 -20.92
CA GLY C 490 -79.93 -8.34 -20.37
C GLY C 490 -79.88 -6.84 -20.22
N THR C 491 -80.67 -6.30 -19.29
CA THR C 491 -80.66 -4.88 -18.99
C THR C 491 -79.86 -4.64 -17.71
N ARG C 492 -78.77 -3.90 -17.83
CA ARG C 492 -77.98 -3.58 -16.64
C ARG C 492 -78.76 -2.62 -15.76
N LYS C 493 -78.87 -2.97 -14.48
CA LYS C 493 -79.68 -2.22 -13.54
C LYS C 493 -78.85 -1.81 -12.34
N ASP C 494 -79.18 -0.65 -11.78
CA ASP C 494 -78.49 -0.13 -10.60
C ASP C 494 -79.38 -0.34 -9.38
N PHE C 495 -78.91 -1.17 -8.46
CA PHE C 495 -79.64 -1.50 -7.23
C PHE C 495 -78.97 -0.95 -5.99
N SER C 496 -78.05 0.02 -6.14
CA SER C 496 -77.32 0.53 -4.99
C SER C 496 -78.27 1.11 -3.95
N HIS C 497 -79.25 1.90 -4.40
CA HIS C 497 -80.20 2.50 -3.47
C HIS C 497 -80.99 1.43 -2.74
N THR C 498 -81.41 0.37 -3.44
CA THR C 498 -82.20 -0.68 -2.79
C THR C 498 -81.42 -1.38 -1.68
N GLY C 499 -80.10 -1.27 -1.66
CA GLY C 499 -79.32 -2.06 -0.73
C GLY C 499 -79.47 -3.54 -0.98
N ARG C 500 -79.54 -3.93 -2.25
CA ARG C 500 -79.84 -5.31 -2.63
C ARG C 500 -78.65 -6.05 -3.21
N GLY C 501 -77.62 -5.35 -3.65
CA GLY C 501 -76.49 -6.00 -4.29
C GLY C 501 -76.67 -6.08 -5.79
N LYS C 502 -75.53 -6.11 -6.49
CA LYS C 502 -75.55 -6.13 -7.95
C LYS C 502 -76.44 -7.26 -8.45
N PHE C 503 -77.10 -7.01 -9.58
CA PHE C 503 -77.92 -8.02 -10.25
C PHE C 503 -77.22 -8.47 -11.52
N ARG C 504 -77.05 -9.78 -11.66
CA ARG C 504 -76.41 -10.33 -12.85
C ARG C 504 -77.30 -10.10 -14.06
N ALA C 505 -76.86 -9.25 -14.98
CA ALA C 505 -77.54 -9.05 -16.24
C ALA C 505 -77.07 -10.02 -17.32
N GLU C 506 -76.04 -10.81 -17.05
CA GLU C 506 -75.50 -11.76 -18.01
C GLU C 506 -76.38 -13.00 -18.07
N ILE C 507 -76.25 -13.73 -19.18
CA ILE C 507 -77.04 -14.92 -19.44
C ILE C 507 -76.10 -16.13 -19.41
N ASN C 508 -76.35 -17.04 -18.48
CA ASN C 508 -75.56 -18.26 -18.34
C ASN C 508 -76.26 -19.41 -19.05
N ILE C 509 -75.51 -20.11 -19.90
CA ILE C 509 -76.04 -21.19 -20.71
C ILE C 509 -75.21 -22.44 -20.46
N LEU C 510 -75.89 -23.56 -20.23
CA LEU C 510 -75.27 -24.87 -20.13
C LEU C 510 -75.72 -25.71 -21.32
N LEU C 511 -74.79 -26.43 -21.91
CA LEU C 511 -75.07 -27.40 -22.96
C LEU C 511 -74.76 -28.79 -22.42
N CYS C 512 -75.62 -29.75 -22.73
CA CYS C 512 -75.45 -31.11 -22.26
C CYS C 512 -75.63 -32.08 -23.41
N GLY C 513 -74.66 -32.97 -23.60
CA GLY C 513 -74.75 -33.95 -24.66
C GLY C 513 -73.45 -34.72 -24.75
N ASP C 514 -73.55 -35.90 -25.36
CA ASP C 514 -72.39 -36.79 -25.46
C ASP C 514 -71.33 -36.12 -26.33
N PRO C 515 -70.11 -36.68 -26.40
CA PRO C 515 -69.05 -36.11 -27.25
C PRO C 515 -69.23 -36.43 -28.73
N GLY C 516 -70.47 -36.32 -29.21
CA GLY C 516 -70.77 -36.51 -30.62
C GLY C 516 -71.54 -35.35 -31.19
N THR C 517 -71.96 -34.43 -30.31
CA THR C 517 -72.66 -33.23 -30.70
C THR C 517 -71.70 -32.05 -30.78
N SER C 518 -72.19 -30.95 -31.32
CA SER C 518 -71.36 -29.77 -31.59
C SER C 518 -71.33 -28.80 -30.42
N LYS C 519 -71.49 -29.28 -29.19
CA LYS C 519 -71.40 -28.41 -28.02
C LYS C 519 -70.02 -27.75 -27.94
N SER C 520 -68.96 -28.54 -28.08
CA SER C 520 -67.61 -27.97 -28.04
C SER C 520 -67.38 -27.03 -29.20
N GLN C 521 -67.93 -27.35 -30.37
CA GLN C 521 -67.81 -26.45 -31.52
C GLN C 521 -68.49 -25.13 -31.26
N LEU C 522 -69.67 -25.15 -30.61
CA LEU C 522 -70.34 -23.91 -30.25
C LEU C 522 -69.52 -23.10 -29.28
N LEU C 523 -68.94 -23.76 -28.27
CA LEU C 523 -68.10 -23.04 -27.32
C LEU C 523 -66.90 -22.41 -28.03
N GLN C 524 -66.27 -23.15 -28.95
CA GLN C 524 -65.14 -22.60 -29.69
C GLN C 524 -65.57 -21.43 -30.56
N TYR C 525 -66.75 -21.52 -31.18
CA TYR C 525 -67.23 -20.44 -32.02
C TYR C 525 -67.46 -19.17 -31.19
N VAL C 526 -68.10 -19.32 -30.03
CA VAL C 526 -68.31 -18.16 -29.17
C VAL C 526 -66.97 -17.58 -28.72
N TYR C 527 -66.01 -18.46 -28.39
CA TYR C 527 -64.70 -17.99 -27.96
C TYR C 527 -64.00 -17.20 -29.06
N ASN C 528 -64.06 -17.70 -30.30
CA ASN C 528 -63.42 -17.00 -31.41
C ASN C 528 -64.20 -15.79 -31.86
N LEU C 529 -65.46 -15.65 -31.46
CA LEU C 529 -66.29 -14.54 -31.90
C LEU C 529 -66.23 -13.37 -30.93
N VAL C 530 -66.60 -13.60 -29.67
CA VAL C 530 -66.78 -12.47 -28.75
C VAL C 530 -65.43 -11.87 -28.40
N PRO C 531 -65.32 -10.56 -28.25
CA PRO C 531 -64.17 -9.98 -27.56
C PRO C 531 -64.28 -10.21 -26.07
N ARG C 532 -63.12 -10.31 -25.42
CA ARG C 532 -63.06 -10.74 -24.02
C ARG C 532 -63.67 -12.13 -23.86
N GLY C 533 -63.20 -13.06 -24.69
CA GLY C 533 -63.60 -14.45 -24.59
C GLY C 533 -62.49 -15.30 -24.03
N GLN C 534 -62.74 -15.93 -22.89
CA GLN C 534 -61.78 -16.84 -22.26
C GLN C 534 -62.30 -18.27 -22.37
N TYR C 535 -61.38 -19.22 -22.38
CA TYR C 535 -61.71 -20.63 -22.58
C TYR C 535 -61.08 -21.48 -21.50
N THR C 536 -61.81 -22.51 -21.08
CA THR C 536 -61.33 -23.46 -20.09
C THR C 536 -61.92 -24.83 -20.45
N SER C 537 -61.29 -25.89 -19.97
CA SER C 537 -61.74 -27.21 -20.35
C SER C 537 -61.29 -28.25 -19.32
N GLY C 538 -62.21 -29.11 -18.93
CA GLY C 538 -61.87 -30.25 -18.09
C GLY C 538 -61.19 -29.83 -16.81
N LYS C 539 -60.09 -30.51 -16.48
CA LYS C 539 -59.32 -30.25 -15.28
C LYS C 539 -58.09 -29.39 -15.56
N GLY C 540 -58.02 -28.77 -16.74
CA GLY C 540 -56.90 -27.92 -17.08
C GLY C 540 -56.93 -26.56 -16.39
N SER C 541 -57.81 -26.41 -15.41
CA SER C 541 -57.94 -25.17 -14.66
C SER C 541 -58.06 -25.47 -13.17
N SER C 542 -57.74 -24.47 -12.36
CA SER C 542 -57.81 -24.57 -10.91
C SER C 542 -58.49 -23.31 -10.36
N ALA C 543 -58.77 -23.32 -9.06
CA ALA C 543 -59.46 -22.19 -8.45
C ALA C 543 -58.60 -20.93 -8.50
N VAL C 544 -57.36 -21.03 -8.04
CA VAL C 544 -56.49 -19.86 -8.04
C VAL C 544 -56.18 -19.44 -9.46
N GLY C 545 -56.02 -20.39 -10.37
CA GLY C 545 -55.76 -20.05 -11.75
C GLY C 545 -56.96 -19.51 -12.49
N LEU C 546 -58.16 -19.65 -11.92
CA LEU C 546 -59.35 -19.03 -12.48
C LEU C 546 -59.71 -17.72 -11.79
N THR C 547 -59.18 -17.45 -10.60
CA THR C 547 -59.50 -16.22 -9.88
C THR C 547 -58.33 -15.25 -9.86
N ALA C 548 -57.21 -15.63 -9.27
CA ALA C 548 -56.08 -14.71 -9.11
C ALA C 548 -54.95 -15.45 -8.42
N TYR C 549 -53.75 -14.90 -8.52
CA TYR C 549 -52.60 -15.43 -7.82
C TYR C 549 -51.53 -14.35 -7.75
N VAL C 550 -50.40 -14.68 -7.14
CA VAL C 550 -49.30 -13.75 -6.93
C VAL C 550 -48.05 -14.32 -7.60
N MET C 551 -47.40 -13.50 -8.43
CA MET C 551 -46.18 -13.92 -9.11
C MET C 551 -45.15 -12.81 -9.05
N LYS C 552 -43.88 -13.19 -8.97
CA LYS C 552 -42.79 -12.22 -8.96
C LYS C 552 -42.57 -11.75 -10.39
N ASP C 553 -42.98 -10.51 -10.67
CA ASP C 553 -42.82 -9.91 -11.99
C ASP C 553 -41.39 -10.09 -12.47
N PRO C 554 -41.14 -10.90 -13.51
CA PRO C 554 -39.74 -11.12 -13.93
C PRO C 554 -39.21 -10.03 -14.84
N GLU C 555 -39.61 -8.78 -14.58
CA GLU C 555 -38.91 -7.62 -15.12
C GLU C 555 -38.67 -6.53 -14.10
N THR C 556 -39.44 -6.48 -13.02
CA THR C 556 -39.19 -5.57 -11.90
C THR C 556 -38.83 -6.28 -10.62
N ARG C 557 -38.88 -7.62 -10.60
CA ARG C 557 -38.58 -8.39 -9.40
C ARG C 557 -39.46 -7.94 -8.24
N GLN C 558 -40.73 -7.72 -8.53
CA GLN C 558 -41.74 -7.35 -7.54
C GLN C 558 -42.90 -8.33 -7.61
N LEU C 559 -43.51 -8.58 -6.45
CA LEU C 559 -44.65 -9.49 -6.38
C LEU C 559 -45.89 -8.74 -6.84
N VAL C 560 -46.41 -9.14 -8.01
CA VAL C 560 -47.60 -8.52 -8.60
C VAL C 560 -48.70 -9.57 -8.66
N LEU C 561 -49.93 -9.09 -8.56
CA LEU C 561 -51.10 -9.95 -8.61
C LEU C 561 -51.55 -10.13 -10.06
N GLN C 562 -51.91 -11.37 -10.40
CA GLN C 562 -52.29 -11.75 -11.76
C GLN C 562 -53.67 -12.35 -11.74
N THR C 563 -54.44 -12.08 -12.80
CA THR C 563 -55.83 -12.47 -12.89
C THR C 563 -55.99 -13.86 -13.52
N GLY C 564 -57.14 -14.47 -13.25
CA GLY C 564 -57.50 -15.73 -13.86
C GLY C 564 -58.39 -15.54 -15.09
N ALA C 565 -58.83 -16.67 -15.63
CA ALA C 565 -59.64 -16.63 -16.85
C ALA C 565 -60.96 -15.89 -16.61
N LEU C 566 -61.61 -16.14 -15.48
CA LEU C 566 -62.90 -15.50 -15.24
C LEU C 566 -62.76 -13.99 -15.17
N VAL C 567 -61.73 -13.49 -14.49
CA VAL C 567 -61.53 -12.05 -14.41
C VAL C 567 -61.09 -11.49 -15.75
N LEU C 568 -60.24 -12.20 -16.48
CA LEU C 568 -59.84 -11.74 -17.81
C LEU C 568 -61.04 -11.60 -18.72
N SER C 569 -62.03 -12.47 -18.58
CA SER C 569 -63.30 -12.31 -19.29
C SER C 569 -64.32 -11.56 -18.43
N ASP C 570 -63.93 -10.40 -17.91
CA ASP C 570 -64.78 -9.69 -16.97
C ASP C 570 -66.09 -9.26 -17.61
N ASN C 571 -66.00 -8.45 -18.67
CA ASN C 571 -67.18 -8.01 -19.42
C ASN C 571 -67.32 -8.79 -20.71
N GLY C 572 -67.02 -10.08 -20.67
CA GLY C 572 -67.15 -10.93 -21.83
C GLY C 572 -67.70 -12.29 -21.48
N ILE C 573 -67.21 -13.33 -22.15
CA ILE C 573 -67.76 -14.67 -22.02
C ILE C 573 -66.66 -15.66 -21.68
N CYS C 574 -66.92 -16.53 -20.71
CA CYS C 574 -66.04 -17.64 -20.39
C CYS C 574 -66.71 -18.93 -20.86
N CYS C 575 -66.06 -19.62 -21.79
CA CYS C 575 -66.55 -20.87 -22.34
C CYS C 575 -65.83 -22.01 -21.63
N ILE C 576 -66.59 -22.86 -20.96
CA ILE C 576 -66.04 -23.90 -20.08
C ILE C 576 -66.48 -25.25 -20.65
N ASP C 577 -65.63 -25.85 -21.47
CA ASP C 577 -65.92 -27.16 -22.03
C ASP C 577 -65.64 -28.25 -20.99
N GLU C 578 -66.22 -29.43 -21.22
CA GLU C 578 -66.05 -30.56 -20.31
C GLU C 578 -66.36 -30.16 -18.87
N PHE C 579 -67.45 -29.41 -18.70
CA PHE C 579 -67.78 -28.87 -17.39
C PHE C 579 -68.06 -29.96 -16.37
N ASP C 580 -68.39 -31.18 -16.82
CA ASP C 580 -68.64 -32.27 -15.88
C ASP C 580 -67.34 -32.76 -15.24
N LYS C 581 -66.30 -32.95 -16.05
CA LYS C 581 -65.01 -33.42 -15.55
C LYS C 581 -64.20 -32.24 -15.00
N MET C 582 -64.76 -31.62 -13.96
CA MET C 582 -64.20 -30.40 -13.37
C MET C 582 -64.36 -30.52 -11.86
N ASN C 583 -63.24 -30.71 -11.16
CA ASN C 583 -63.30 -31.03 -9.74
C ASN C 583 -64.05 -29.96 -8.96
N GLU C 584 -64.53 -30.33 -7.79
CA GLU C 584 -65.37 -29.43 -7.01
C GLU C 584 -64.59 -28.20 -6.54
N SER C 585 -63.29 -28.34 -6.29
CA SER C 585 -62.52 -27.21 -5.78
C SER C 585 -62.57 -26.04 -6.74
N THR C 586 -62.40 -26.30 -8.04
CA THR C 586 -62.49 -25.22 -9.03
C THR C 586 -63.92 -24.94 -9.45
N ARG C 587 -64.79 -25.96 -9.41
CA ARG C 587 -66.18 -25.74 -9.81
C ARG C 587 -66.93 -24.87 -8.82
N SER C 588 -66.51 -24.86 -7.55
CA SER C 588 -67.23 -24.11 -6.53
C SER C 588 -67.01 -22.61 -6.64
N VAL C 589 -65.95 -22.17 -7.31
CA VAL C 589 -65.71 -20.74 -7.48
C VAL C 589 -66.83 -20.12 -8.32
N LEU C 590 -67.34 -20.87 -9.30
CA LEU C 590 -68.30 -20.30 -10.23
C LEU C 590 -69.59 -19.88 -9.55
N HIS C 591 -69.89 -20.37 -8.34
CA HIS C 591 -71.08 -19.92 -7.64
C HIS C 591 -71.08 -18.40 -7.48
N GLU C 592 -69.99 -17.86 -6.93
CA GLU C 592 -69.92 -16.43 -6.70
C GLU C 592 -69.98 -15.66 -8.01
N VAL C 593 -69.25 -16.11 -9.02
CA VAL C 593 -69.21 -15.41 -10.30
C VAL C 593 -70.58 -15.37 -10.94
N MET C 594 -71.30 -16.50 -10.92
CA MET C 594 -72.59 -16.58 -11.57
C MET C 594 -73.74 -16.02 -10.73
N GLU C 595 -73.52 -15.77 -9.45
CA GLU C 595 -74.56 -15.20 -8.61
C GLU C 595 -74.40 -13.69 -8.42
N GLN C 596 -73.22 -13.24 -8.00
CA GLN C 596 -73.00 -11.86 -7.63
C GLN C 596 -72.18 -11.07 -8.63
N GLN C 597 -71.53 -11.74 -9.58
CA GLN C 597 -70.65 -11.12 -10.58
C GLN C 597 -69.39 -10.55 -9.94
N THR C 598 -69.14 -10.82 -8.66
CA THR C 598 -67.95 -10.38 -7.97
C THR C 598 -67.06 -11.58 -7.69
N LEU C 599 -65.91 -11.31 -7.08
CA LEU C 599 -64.95 -12.36 -6.76
C LEU C 599 -64.12 -11.85 -5.59
N SER C 600 -64.47 -12.28 -4.38
CA SER C 600 -63.86 -11.75 -3.17
C SER C 600 -62.67 -12.64 -2.79
N ILE C 601 -61.49 -12.25 -3.25
CA ILE C 601 -60.27 -12.99 -2.93
C ILE C 601 -59.71 -12.41 -1.62
N ALA C 602 -59.65 -13.24 -0.59
CA ALA C 602 -59.18 -12.84 0.74
C ALA C 602 -57.97 -13.71 1.07
N LYS C 603 -56.79 -13.27 0.65
CA LYS C 603 -55.54 -13.97 0.89
C LYS C 603 -54.68 -13.18 1.87
N ALA C 604 -53.48 -13.68 2.12
CA ALA C 604 -52.61 -13.08 3.13
C ALA C 604 -52.32 -11.62 2.82
N GLY C 605 -51.63 -11.37 1.70
CA GLY C 605 -51.19 -10.04 1.36
C GLY C 605 -52.29 -9.00 1.33
N ILE C 606 -53.21 -9.13 0.38
CA ILE C 606 -54.28 -8.17 0.18
C ILE C 606 -55.60 -8.92 -0.02
N ILE C 607 -56.68 -8.37 0.53
CA ILE C 607 -58.02 -8.90 0.34
C ILE C 607 -58.81 -7.87 -0.45
N CYS C 608 -59.43 -8.32 -1.54
CA CYS C 608 -60.12 -7.40 -2.43
C CYS C 608 -61.21 -8.15 -3.20
N GLN C 609 -62.20 -7.40 -3.65
CA GLN C 609 -63.35 -7.95 -4.37
C GLN C 609 -63.25 -7.53 -5.83
N LEU C 610 -62.64 -8.37 -6.65
CA LEU C 610 -62.57 -8.13 -8.07
C LEU C 610 -63.95 -8.25 -8.69
N ASN C 611 -64.10 -7.73 -9.90
CA ASN C 611 -65.35 -7.78 -10.66
C ASN C 611 -65.18 -8.74 -11.81
N ALA C 612 -66.01 -9.77 -11.87
CA ALA C 612 -66.05 -10.71 -12.98
C ALA C 612 -67.51 -10.79 -13.42
N ARG C 613 -67.93 -9.84 -14.25
CA ARG C 613 -69.29 -9.80 -14.78
C ARG C 613 -69.39 -10.64 -16.05
N THR C 614 -68.93 -11.88 -15.95
CA THR C 614 -68.77 -12.74 -17.11
C THR C 614 -70.05 -13.50 -17.41
N SER C 615 -70.21 -13.90 -18.67
CA SER C 615 -71.28 -14.79 -19.08
C SER C 615 -70.69 -16.19 -19.25
N VAL C 616 -71.27 -17.16 -18.56
CA VAL C 616 -70.77 -18.52 -18.56
C VAL C 616 -71.45 -19.30 -19.68
N LEU C 617 -70.65 -19.94 -20.53
CA LEU C 617 -71.12 -20.85 -21.56
C LEU C 617 -70.48 -22.20 -21.25
N ALA C 618 -71.16 -23.01 -20.45
CA ALA C 618 -70.63 -24.28 -19.99
C ALA C 618 -71.09 -25.40 -20.92
N ALA C 619 -70.26 -26.44 -21.02
CA ALA C 619 -70.57 -27.64 -21.78
C ALA C 619 -70.20 -28.83 -20.92
N ALA C 620 -71.17 -29.70 -20.64
CA ALA C 620 -70.98 -30.83 -19.75
C ALA C 620 -71.44 -32.10 -20.45
N ASN C 621 -70.79 -33.20 -20.12
CA ASN C 621 -71.15 -34.47 -20.71
C ASN C 621 -72.05 -35.26 -19.75
N PRO C 622 -72.92 -36.12 -20.27
CA PRO C 622 -73.74 -36.95 -19.39
C PRO C 622 -72.90 -37.97 -18.65
N ILE C 623 -73.41 -38.42 -17.51
CA ILE C 623 -72.79 -39.51 -16.78
C ILE C 623 -72.56 -40.65 -17.77
N GLU C 624 -71.48 -41.40 -17.56
CA GLU C 624 -71.06 -42.47 -18.48
C GLU C 624 -71.01 -41.98 -19.93
N SER C 625 -70.73 -40.69 -20.11
CA SER C 625 -70.40 -40.12 -21.42
C SER C 625 -71.45 -40.46 -22.47
N GLN C 626 -72.71 -40.56 -22.08
CA GLN C 626 -73.80 -40.74 -23.03
C GLN C 626 -75.12 -40.64 -22.28
N TRP C 627 -76.14 -40.14 -22.97
CA TRP C 627 -77.46 -39.95 -22.37
C TRP C 627 -78.22 -41.26 -22.48
N ASN C 628 -78.18 -42.06 -21.42
CA ASN C 628 -78.90 -43.33 -21.41
C ASN C 628 -80.38 -43.06 -21.13
N PRO C 629 -81.30 -43.55 -21.97
CA PRO C 629 -82.72 -43.21 -21.79
C PRO C 629 -83.37 -43.94 -20.62
N LYS C 630 -82.58 -44.62 -19.80
CA LYS C 630 -83.10 -45.31 -18.63
C LYS C 630 -82.95 -44.49 -17.35
N LYS C 631 -82.49 -43.24 -17.46
CA LYS C 631 -82.28 -42.38 -16.31
C LYS C 631 -82.96 -41.04 -16.55
N THR C 632 -83.34 -40.37 -15.47
CA THR C 632 -83.99 -39.09 -15.57
C THR C 632 -82.95 -37.98 -15.79
N THR C 633 -83.44 -36.81 -16.18
CA THR C 633 -82.56 -35.74 -16.64
C THR C 633 -81.59 -35.30 -15.56
N ILE C 634 -82.06 -35.17 -14.32
CA ILE C 634 -81.21 -34.63 -13.26
C ILE C 634 -80.02 -35.56 -13.02
N GLU C 635 -80.28 -36.87 -12.90
CA GLU C 635 -79.19 -37.80 -12.65
C GLU C 635 -78.30 -37.97 -13.87
N ASN C 636 -78.88 -37.89 -15.07
CA ASN C 636 -78.06 -37.94 -16.28
C ASN C 636 -77.12 -36.75 -16.33
N ILE C 637 -77.60 -35.57 -15.93
CA ILE C 637 -76.77 -34.37 -15.92
C ILE C 637 -75.67 -34.47 -14.87
N GLN C 638 -76.04 -34.89 -13.66
CA GLN C 638 -75.09 -35.03 -12.56
C GLN C 638 -74.39 -33.69 -12.27
N LEU C 639 -75.20 -32.72 -11.85
CA LEU C 639 -74.68 -31.45 -11.36
C LEU C 639 -75.52 -31.01 -10.17
N PRO C 640 -74.93 -30.30 -9.22
CA PRO C 640 -75.69 -29.89 -8.03
C PRO C 640 -76.87 -29.00 -8.40
N HIS C 641 -77.92 -29.08 -7.57
CA HIS C 641 -79.09 -28.24 -7.79
C HIS C 641 -78.71 -26.77 -7.80
N THR C 642 -77.84 -26.36 -6.89
CA THR C 642 -77.42 -24.95 -6.84
C THR C 642 -76.74 -24.55 -8.14
N LEU C 643 -75.82 -25.38 -8.62
CA LEU C 643 -75.10 -25.05 -9.85
C LEU C 643 -76.05 -24.98 -11.04
N LEU C 644 -77.01 -25.90 -11.12
CA LEU C 644 -77.95 -25.87 -12.24
C LEU C 644 -78.88 -24.66 -12.14
N SER C 645 -79.28 -24.30 -10.93
CA SER C 645 -80.13 -23.12 -10.76
C SER C 645 -79.40 -21.85 -11.14
N ARG C 646 -78.09 -21.79 -10.88
CA ARG C 646 -77.33 -20.61 -11.28
C ARG C 646 -77.35 -20.40 -12.78
N PHE C 647 -77.67 -21.42 -13.56
CA PHE C 647 -77.80 -21.29 -15.01
C PHE C 647 -79.21 -20.84 -15.37
N ASP C 648 -79.31 -19.87 -16.27
CA ASP C 648 -80.59 -19.40 -16.76
C ASP C 648 -81.02 -20.07 -18.05
N LEU C 649 -80.15 -20.89 -18.66
CA LEU C 649 -80.58 -21.73 -19.77
C LEU C 649 -79.82 -23.04 -19.73
N ILE C 650 -80.53 -24.14 -19.98
CA ILE C 650 -79.93 -25.46 -20.08
C ILE C 650 -80.48 -26.13 -21.33
N PHE C 651 -79.59 -26.52 -22.25
CA PHE C 651 -79.95 -27.14 -23.51
C PHE C 651 -79.45 -28.58 -23.49
N LEU C 652 -80.38 -29.53 -23.45
CA LEU C 652 -80.03 -30.95 -23.53
C LEU C 652 -79.92 -31.31 -25.01
N MET C 653 -78.70 -31.42 -25.51
CA MET C 653 -78.46 -31.68 -26.92
C MET C 653 -78.60 -33.17 -27.20
N LEU C 654 -79.80 -33.68 -26.91
CA LEU C 654 -80.09 -35.09 -27.14
C LEU C 654 -80.01 -35.42 -28.63
N ASP C 655 -79.96 -36.72 -28.92
CA ASP C 655 -79.83 -37.20 -30.28
C ASP C 655 -81.10 -37.89 -30.73
N PRO C 656 -81.92 -37.27 -31.59
CA PRO C 656 -83.12 -37.94 -32.09
C PRO C 656 -82.76 -38.89 -33.23
N GLN C 657 -83.22 -40.15 -33.12
CA GLN C 657 -82.93 -41.16 -34.13
C GLN C 657 -83.82 -40.92 -35.35
N ASP C 658 -83.57 -39.79 -36.01
CA ASP C 658 -84.36 -39.34 -37.14
C ASP C 658 -83.56 -39.50 -38.42
N GLU C 659 -84.08 -40.28 -39.37
CA GLU C 659 -83.41 -40.45 -40.64
C GLU C 659 -83.34 -39.13 -41.40
N ALA C 660 -84.40 -38.33 -41.32
CA ALA C 660 -84.39 -37.04 -42.00
C ALA C 660 -83.28 -36.14 -41.46
N TYR C 661 -83.20 -36.03 -40.13
CA TYR C 661 -82.14 -35.22 -39.52
C TYR C 661 -80.77 -35.75 -39.92
N ASP C 662 -80.60 -37.07 -39.87
CA ASP C 662 -79.29 -37.64 -40.19
C ASP C 662 -78.90 -37.35 -41.63
N ARG C 663 -79.84 -37.50 -42.56
CA ARG C 663 -79.54 -37.24 -43.97
C ARG C 663 -79.23 -35.77 -44.21
N ARG C 664 -80.01 -34.87 -43.61
CA ARG C 664 -79.74 -33.45 -43.77
C ARG C 664 -78.36 -33.10 -43.22
N LEU C 665 -78.02 -33.62 -42.05
CA LEU C 665 -76.72 -33.33 -41.45
C LEU C 665 -75.59 -33.91 -42.30
N ALA C 666 -75.78 -35.12 -42.84
CA ALA C 666 -74.74 -35.73 -43.67
C ALA C 666 -74.49 -34.90 -44.92
N HIS C 667 -75.57 -34.46 -45.58
CA HIS C 667 -75.41 -33.60 -46.75
C HIS C 667 -74.73 -32.30 -46.36
N HIS C 668 -75.12 -31.74 -45.21
CA HIS C 668 -74.50 -30.51 -44.74
C HIS C 668 -73.00 -30.69 -44.58
N LEU C 669 -72.57 -31.78 -43.95
CA LEU C 669 -71.15 -31.98 -43.70
C LEU C 669 -70.38 -32.24 -44.99
N VAL C 670 -70.95 -33.03 -45.90
CA VAL C 670 -70.24 -33.31 -47.15
C VAL C 670 -70.12 -32.04 -47.99
N ALA C 671 -71.19 -31.24 -48.03
CA ALA C 671 -71.11 -29.96 -48.72
C ALA C 671 -70.13 -29.02 -48.03
N LEU C 672 -70.00 -29.12 -46.71
CA LEU C 672 -68.97 -28.37 -46.01
C LEU C 672 -67.58 -28.80 -46.49
N TYR C 673 -67.40 -30.11 -46.67
CA TYR C 673 -66.10 -30.62 -47.10
C TYR C 673 -65.77 -30.20 -48.52
N TYR C 674 -66.77 -30.11 -49.41
CA TYR C 674 -66.51 -29.70 -50.79
C TYR C 674 -67.01 -28.29 -51.09
N GLN C 675 -67.11 -27.45 -50.06
CA GLN C 675 -67.57 -26.07 -50.23
C GLN C 675 -66.77 -25.35 -51.32
N LEU C 684 -77.25 -14.89 -46.84
CA LEU C 684 -76.69 -14.86 -45.50
C LEU C 684 -76.81 -13.48 -44.88
N LEU C 685 -76.65 -13.40 -43.57
CA LEU C 685 -76.61 -12.14 -42.84
C LEU C 685 -75.16 -11.86 -42.48
N ASP C 686 -74.65 -10.72 -42.91
CA ASP C 686 -73.21 -10.45 -42.82
C ASP C 686 -72.77 -10.20 -41.38
N MET C 687 -71.55 -10.65 -41.08
CA MET C 687 -71.00 -10.45 -39.75
C MET C 687 -70.85 -8.98 -39.42
N ALA C 688 -70.59 -8.14 -40.43
CA ALA C 688 -70.45 -6.71 -40.18
C ALA C 688 -71.74 -6.12 -39.61
N VAL C 689 -72.86 -6.39 -40.29
CA VAL C 689 -74.14 -5.87 -39.80
C VAL C 689 -74.54 -6.55 -38.51
N LEU C 690 -74.14 -7.81 -38.30
CA LEU C 690 -74.40 -8.45 -37.01
C LEU C 690 -73.70 -7.70 -35.89
N LYS C 691 -72.41 -7.39 -36.09
CA LYS C 691 -71.66 -6.61 -35.12
C LYS C 691 -72.34 -5.26 -34.88
N ASP C 692 -72.73 -4.59 -35.96
CA ASP C 692 -73.34 -3.27 -35.83
C ASP C 692 -74.65 -3.36 -35.03
N TYR C 693 -75.46 -4.38 -35.33
CA TYR C 693 -76.72 -4.54 -34.62
C TYR C 693 -76.49 -4.74 -33.13
N ILE C 694 -75.57 -5.65 -32.78
CA ILE C 694 -75.34 -5.93 -31.36
C ILE C 694 -74.79 -4.69 -30.67
N ALA C 695 -73.84 -3.99 -31.31
CA ALA C 695 -73.25 -2.81 -30.70
C ALA C 695 -74.30 -1.72 -30.50
N TYR C 696 -75.14 -1.49 -31.50
CA TYR C 696 -76.21 -0.50 -31.37
C TYR C 696 -77.16 -0.86 -30.24
N ALA C 697 -77.56 -2.14 -30.18
CA ALA C 697 -78.46 -2.57 -29.12
C ALA C 697 -77.86 -2.35 -27.75
N HIS C 698 -76.59 -2.71 -27.57
CA HIS C 698 -75.93 -2.48 -26.29
C HIS C 698 -75.85 -0.99 -25.98
N SER C 699 -75.54 -0.17 -26.98
CA SER C 699 -75.32 1.25 -26.73
C SER C 699 -76.60 1.95 -26.32
N THR C 700 -77.69 1.73 -27.06
CA THR C 700 -78.91 2.52 -26.89
C THR C 700 -80.01 1.75 -26.16
N ILE C 701 -80.36 0.56 -26.63
CA ILE C 701 -81.54 -0.13 -26.13
C ILE C 701 -81.33 -0.54 -24.69
N MET C 702 -82.23 -0.13 -23.81
CA MET C 702 -82.18 -0.43 -22.38
C MET C 702 -83.57 -0.87 -21.94
N PRO C 703 -83.99 -2.07 -22.34
CA PRO C 703 -85.40 -2.45 -22.16
C PRO C 703 -85.83 -2.38 -20.71
N ARG C 704 -87.07 -1.95 -20.50
CA ARG C 704 -87.69 -1.87 -19.19
C ARG C 704 -88.98 -2.70 -19.20
N LEU C 705 -89.46 -3.02 -18.00
CA LEU C 705 -90.62 -3.90 -17.86
C LEU C 705 -91.92 -3.12 -18.04
N SER C 706 -92.78 -3.60 -18.93
CA SER C 706 -94.13 -3.09 -19.06
C SER C 706 -95.06 -3.90 -18.17
N GLU C 707 -96.29 -3.38 -17.98
CA GLU C 707 -97.23 -4.03 -17.09
C GLU C 707 -97.64 -5.40 -17.61
N GLU C 708 -97.91 -5.50 -18.91
CA GLU C 708 -98.29 -6.79 -19.48
C GLU C 708 -97.15 -7.80 -19.35
N ALA C 709 -95.92 -7.35 -19.59
CA ALA C 709 -94.77 -8.24 -19.41
C ALA C 709 -94.64 -8.68 -17.96
N SER C 710 -94.87 -7.77 -17.01
CA SER C 710 -94.79 -8.13 -15.60
C SER C 710 -95.80 -9.20 -15.26
N GLN C 711 -97.05 -9.03 -15.68
CA GLN C 711 -98.07 -10.02 -15.39
C GLN C 711 -97.77 -11.34 -16.08
N ALA C 712 -97.30 -11.29 -17.33
CA ALA C 712 -96.94 -12.51 -18.03
C ALA C 712 -95.82 -13.24 -17.32
N LEU C 713 -94.83 -12.50 -16.82
CA LEU C 713 -93.72 -13.12 -16.10
C LEU C 713 -94.20 -13.77 -14.82
N ILE C 714 -95.08 -13.12 -14.07
CA ILE C 714 -95.59 -13.71 -12.84
C ILE C 714 -96.32 -15.01 -13.15
N GLU C 715 -97.21 -14.98 -14.14
CA GLU C 715 -97.94 -16.19 -14.51
C GLU C 715 -96.98 -17.27 -14.99
N ALA C 716 -95.98 -16.89 -15.79
CA ALA C 716 -95.03 -17.87 -16.33
C ALA C 716 -94.23 -18.52 -15.22
N TYR C 717 -93.81 -17.74 -14.22
CA TYR C 717 -93.07 -18.32 -13.11
C TYR C 717 -93.94 -19.28 -12.30
N VAL C 718 -95.20 -18.92 -12.05
CA VAL C 718 -96.07 -19.82 -11.31
C VAL C 718 -96.25 -21.13 -12.08
N ASP C 719 -96.52 -21.02 -13.38
CA ASP C 719 -96.70 -22.21 -14.20
C ASP C 719 -95.42 -23.04 -14.24
N MET C 720 -94.26 -22.38 -14.32
CA MET C 720 -92.99 -23.09 -14.37
C MET C 720 -92.75 -23.84 -13.07
N ARG C 721 -93.07 -23.23 -11.93
CA ARG C 721 -92.96 -23.93 -10.66
C ARG C 721 -93.86 -25.15 -10.65
N LYS C 722 -95.10 -24.99 -11.11
CA LYS C 722 -96.03 -26.11 -11.12
C LYS C 722 -95.50 -27.27 -11.96
N ILE C 723 -95.02 -26.97 -13.17
CA ILE C 723 -94.53 -28.03 -14.06
C ILE C 723 -93.27 -28.67 -13.49
N GLY C 724 -92.36 -27.86 -12.95
CA GLY C 724 -91.09 -28.35 -12.47
C GLY C 724 -91.08 -28.90 -11.06
N SER C 725 -92.22 -28.91 -10.38
CA SER C 725 -92.31 -29.50 -9.05
C SER C 725 -92.34 -31.03 -9.09
N SER C 726 -92.03 -31.64 -10.22
CA SER C 726 -92.04 -33.10 -10.35
C SER C 726 -90.77 -33.67 -9.72
N ARG C 727 -90.54 -34.97 -9.92
CA ARG C 727 -89.45 -35.66 -9.23
C ARG C 727 -88.12 -35.45 -9.94
N GLY C 728 -88.01 -35.91 -11.18
CA GLY C 728 -86.76 -35.86 -11.91
C GLY C 728 -86.56 -34.65 -12.78
N MET C 729 -87.56 -33.77 -12.87
CA MET C 729 -87.42 -32.57 -13.67
C MET C 729 -86.52 -31.56 -12.95
N VAL C 730 -85.92 -30.67 -13.71
CA VAL C 730 -85.13 -29.58 -13.14
C VAL C 730 -86.12 -28.58 -12.53
N SER C 731 -86.11 -28.47 -11.21
CA SER C 731 -87.09 -27.64 -10.54
C SER C 731 -86.88 -26.18 -10.91
N ALA C 732 -87.80 -25.33 -10.46
CA ALA C 732 -87.79 -23.90 -10.76
C ALA C 732 -87.75 -23.10 -9.46
N TYR C 733 -87.07 -21.97 -9.51
CA TYR C 733 -86.91 -21.12 -8.34
C TYR C 733 -87.06 -19.64 -8.70
N PRO C 734 -87.05 -18.75 -7.72
CA PRO C 734 -86.97 -17.32 -8.05
C PRO C 734 -85.78 -17.01 -8.93
N ARG C 735 -84.72 -17.82 -8.86
CA ARG C 735 -83.64 -17.71 -9.82
C ARG C 735 -84.15 -17.97 -11.24
N GLN C 736 -85.07 -18.91 -11.40
CA GLN C 736 -85.66 -19.13 -12.72
C GLN C 736 -86.54 -17.95 -13.13
N LEU C 737 -87.23 -17.34 -12.17
CA LEU C 737 -87.98 -16.13 -12.49
C LEU C 737 -87.05 -15.05 -13.03
N GLU C 738 -85.92 -14.83 -12.36
CA GLU C 738 -84.95 -13.85 -12.83
C GLU C 738 -84.35 -14.26 -14.17
N SER C 739 -84.19 -15.56 -14.41
CA SER C 739 -83.73 -16.02 -15.71
C SER C 739 -84.72 -15.64 -16.81
N LEU C 740 -86.01 -15.83 -16.54
CA LEU C 740 -87.03 -15.40 -17.50
C LEU C 740 -86.97 -13.90 -17.72
N ILE C 741 -86.76 -13.13 -16.64
CA ILE C 741 -86.66 -11.68 -16.79
C ILE C 741 -85.50 -11.33 -17.72
N ARG C 742 -84.34 -11.94 -17.48
CA ARG C 742 -83.16 -11.65 -18.30
C ARG C 742 -83.39 -12.03 -19.75
N LEU C 743 -84.00 -13.19 -19.99
CA LEU C 743 -84.25 -13.60 -21.37
C LEU C 743 -85.25 -12.68 -22.06
N ALA C 744 -86.27 -12.21 -21.32
CA ALA C 744 -87.19 -11.25 -21.90
C ALA C 744 -86.49 -9.95 -22.26
N GLU C 745 -85.62 -9.46 -21.37
CA GLU C 745 -84.87 -8.25 -21.68
C GLU C 745 -83.98 -8.47 -22.90
N ALA C 746 -83.37 -9.64 -23.01
CA ALA C 746 -82.53 -9.94 -24.17
C ALA C 746 -83.33 -9.94 -25.46
N HIS C 747 -84.53 -10.54 -25.43
CA HIS C 747 -85.36 -10.53 -26.62
C HIS C 747 -85.80 -9.11 -26.98
N ALA C 748 -86.11 -8.31 -25.96
CA ALA C 748 -86.43 -6.91 -26.21
C ALA C 748 -85.26 -6.20 -26.90
N LYS C 749 -84.04 -6.46 -26.42
CA LYS C 749 -82.87 -5.89 -27.09
C LYS C 749 -82.76 -6.37 -28.53
N VAL C 750 -83.01 -7.65 -28.76
CA VAL C 750 -82.95 -8.19 -30.12
C VAL C 750 -83.90 -7.43 -31.03
N ARG C 751 -85.10 -7.13 -30.53
CA ARG C 751 -86.06 -6.37 -31.31
C ARG C 751 -85.82 -4.86 -31.24
N LEU C 752 -84.85 -4.40 -30.46
CA LEU C 752 -84.62 -2.98 -30.23
C LEU C 752 -85.85 -2.32 -29.62
N SER C 753 -86.64 -3.09 -28.88
CA SER C 753 -87.91 -2.59 -28.36
C SER C 753 -87.71 -1.45 -27.39
N ASN C 754 -86.72 -1.57 -26.50
CA ASN C 754 -86.56 -0.65 -25.37
C ASN C 754 -87.72 -0.75 -24.40
N LYS C 755 -88.49 -1.83 -24.48
CA LYS C 755 -89.66 -2.02 -23.61
C LYS C 755 -89.99 -3.50 -23.62
N VAL C 756 -89.88 -4.15 -22.46
CA VAL C 756 -90.16 -5.57 -22.34
C VAL C 756 -91.66 -5.77 -22.28
N GLU C 757 -92.18 -6.74 -23.03
CA GLU C 757 -93.62 -6.90 -23.18
C GLU C 757 -93.95 -8.37 -23.38
N ALA C 758 -95.22 -8.63 -23.71
CA ALA C 758 -95.76 -9.99 -23.66
C ALA C 758 -95.05 -10.90 -24.66
N ILE C 759 -94.77 -10.41 -25.86
CA ILE C 759 -94.10 -11.25 -26.85
C ILE C 759 -92.73 -11.67 -26.34
N ASP C 760 -91.99 -10.73 -25.73
CA ASP C 760 -90.68 -11.06 -25.17
C ASP C 760 -90.80 -12.11 -24.08
N VAL C 761 -91.76 -11.94 -23.18
CA VAL C 761 -91.93 -12.91 -22.10
C VAL C 761 -92.29 -14.29 -22.67
N GLU C 762 -93.16 -14.31 -23.68
CA GLU C 762 -93.55 -15.58 -24.28
C GLU C 762 -92.37 -16.26 -24.93
N GLU C 763 -91.53 -15.51 -25.64
CA GLU C 763 -90.35 -16.11 -26.25
C GLU C 763 -89.40 -16.65 -25.18
N ALA C 764 -89.23 -15.90 -24.09
CA ALA C 764 -88.38 -16.37 -23.01
C ALA C 764 -88.90 -17.69 -22.46
N LYS C 765 -90.20 -17.77 -22.21
CA LYS C 765 -90.79 -19.00 -21.66
C LYS C 765 -90.63 -20.16 -22.64
N ARG C 766 -90.91 -19.92 -23.91
CA ARG C 766 -90.82 -20.99 -24.91
C ARG C 766 -89.38 -21.49 -25.02
N LEU C 767 -88.41 -20.58 -25.02
CA LEU C 767 -87.02 -20.99 -25.10
C LEU C 767 -86.62 -21.79 -23.86
N HIS C 768 -86.97 -21.28 -22.68
CA HIS C 768 -86.61 -21.97 -21.44
C HIS C 768 -87.26 -23.33 -21.33
N ARG C 769 -88.39 -23.55 -22.02
CA ARG C 769 -89.01 -24.88 -22.02
C ARG C 769 -88.37 -25.79 -23.06
N GLU C 770 -88.34 -25.34 -24.32
CA GLU C 770 -87.77 -26.18 -25.38
C GLU C 770 -86.35 -26.60 -25.03
N ALA C 771 -85.50 -25.64 -24.63
CA ALA C 771 -84.28 -26.01 -23.94
C ALA C 771 -84.67 -26.66 -22.62
N LEU C 772 -84.05 -27.79 -22.33
CA LEU C 772 -84.40 -28.69 -21.24
C LEU C 772 -85.60 -29.56 -21.59
N LYS C 773 -86.27 -29.32 -22.72
CA LYS C 773 -87.24 -30.26 -23.28
C LYS C 773 -88.27 -30.68 -22.23
N GLN C 774 -88.90 -29.69 -21.60
CA GLN C 774 -89.98 -29.97 -20.67
C GLN C 774 -91.13 -30.71 -21.36
N SER C 775 -91.36 -30.40 -22.64
CA SER C 775 -92.46 -31.03 -23.36
C SER C 775 -92.25 -32.52 -23.53
N ALA C 776 -91.08 -32.91 -24.03
CA ALA C 776 -90.81 -34.33 -24.29
C ALA C 776 -90.74 -35.15 -23.00
N THR C 777 -90.57 -34.50 -21.86
CA THR C 777 -90.53 -35.19 -20.58
C THR C 777 -91.96 -35.44 -20.10
N ASP C 778 -92.10 -35.88 -18.85
CA ASP C 778 -93.40 -36.19 -18.28
C ASP C 778 -93.23 -36.28 -16.76
N PRO C 779 -94.34 -36.30 -16.01
CA PRO C 779 -94.21 -36.47 -14.56
C PRO C 779 -93.42 -37.69 -14.18
N ARG C 780 -93.57 -38.78 -14.93
CA ARG C 780 -92.69 -39.95 -14.80
C ARG C 780 -91.44 -39.67 -15.62
N THR C 781 -90.52 -38.95 -14.99
CA THR C 781 -89.35 -38.43 -15.70
C THR C 781 -88.50 -39.58 -16.24
N GLY C 782 -87.91 -39.35 -17.40
CA GLY C 782 -87.06 -40.33 -18.04
C GLY C 782 -87.06 -40.21 -19.55
N SER D 2 30.52 -11.04 4.23
CA SER D 2 30.20 -11.44 5.59
C SER D 2 28.78 -10.99 5.98
N GLY D 3 28.18 -10.15 5.15
CA GLY D 3 26.86 -9.63 5.43
C GLY D 3 25.74 -10.36 4.73
N PHE D 4 26.03 -11.58 4.27
CA PHE D 4 25.05 -12.35 3.49
C PHE D 4 24.17 -13.24 4.36
N ASP D 5 24.76 -13.99 5.28
CA ASP D 5 24.02 -14.93 6.10
C ASP D 5 23.54 -14.28 7.39
N ASP D 6 22.54 -14.91 8.00
CA ASP D 6 22.00 -14.46 9.27
C ASP D 6 21.65 -15.67 10.14
N PRO D 7 22.45 -15.98 11.15
CA PRO D 7 22.06 -17.04 12.09
C PRO D 7 20.90 -16.60 12.96
N GLY D 8 20.20 -17.57 13.50
CA GLY D 8 19.09 -17.27 14.38
C GLY D 8 19.55 -16.59 15.64
N ILE D 9 18.67 -16.52 16.63
CA ILE D 9 18.99 -15.99 17.95
C ILE D 9 18.90 -17.15 18.93
N PHE D 10 20.04 -17.54 19.48
CA PHE D 10 20.10 -18.65 20.42
C PHE D 10 19.90 -18.15 21.85
N TYR D 11 19.45 -19.06 22.71
CA TYR D 11 19.23 -18.71 24.11
C TYR D 11 19.43 -19.95 24.97
N SER D 12 19.67 -19.71 26.25
CA SER D 12 19.95 -20.75 27.22
C SER D 12 18.75 -20.93 28.15
N ASP D 13 18.93 -21.78 29.16
CA ASP D 13 17.90 -21.99 30.17
C ASP D 13 17.93 -20.86 31.18
N SER D 14 16.86 -20.78 31.98
CA SER D 14 16.69 -19.69 32.93
C SER D 14 17.37 -20.00 34.27
N PHE D 15 18.66 -20.27 34.20
CA PHE D 15 19.42 -20.54 35.40
C PHE D 15 19.46 -19.32 36.30
N GLY D 16 19.31 -19.53 37.60
CA GLY D 16 19.29 -18.46 38.55
C GLY D 16 17.90 -17.88 38.77
N GLY D 17 17.76 -17.15 39.86
CA GLY D 17 16.49 -16.53 40.21
C GLY D 17 15.60 -17.44 41.02
N GLY D 24 2.99 -10.90 45.50
CA GLY D 24 2.17 -12.02 45.91
C GLY D 24 1.79 -12.92 44.75
N GLN D 25 1.62 -12.31 43.57
CA GLN D 25 1.25 -13.07 42.39
C GLN D 25 2.37 -14.04 42.01
N ALA D 26 1.97 -15.20 41.49
CA ALA D 26 2.90 -16.22 41.04
C ALA D 26 2.98 -16.18 39.52
N ARG D 27 4.19 -16.25 38.99
CA ARG D 27 4.38 -16.17 37.55
C ARG D 27 3.76 -17.38 36.86
N LYS D 28 3.35 -17.16 35.60
CA LYS D 28 2.72 -18.22 34.84
C LYS D 28 3.63 -19.44 34.70
N SER D 29 4.94 -19.23 34.61
CA SER D 29 5.86 -20.37 34.60
C SER D 29 5.81 -21.12 35.93
N GLN D 30 5.72 -20.40 37.04
CA GLN D 30 5.58 -21.06 38.33
C GLN D 30 4.31 -21.88 38.39
N LEU D 31 3.20 -21.33 37.92
CA LEU D 31 1.94 -22.07 37.95
C LEU D 31 1.98 -23.27 37.01
N GLN D 32 2.65 -23.15 35.87
CA GLN D 32 2.80 -24.29 34.99
C GLN D 32 3.64 -25.37 35.64
N ARG D 33 4.69 -24.98 36.37
CA ARG D 33 5.48 -25.96 37.10
C ARG D 33 4.63 -26.65 38.16
N ARG D 34 3.76 -25.91 38.83
CA ARG D 34 2.89 -26.51 39.84
C ARG D 34 1.87 -27.45 39.20
N PHE D 35 1.36 -27.11 38.02
CA PHE D 35 0.50 -28.04 37.29
C PHE D 35 1.27 -29.31 36.92
N LYS D 36 2.51 -29.16 36.47
CA LYS D 36 3.32 -30.32 36.12
C LYS D 36 3.54 -31.21 37.35
N GLU D 37 3.84 -30.60 38.49
CA GLU D 37 4.03 -31.38 39.71
C GLU D 37 2.74 -32.03 40.15
N PHE D 38 1.59 -31.38 39.95
CA PHE D 38 0.31 -32.00 40.26
C PHE D 38 0.08 -33.23 39.40
N LEU D 39 0.39 -33.14 38.10
CA LEU D 39 0.25 -34.30 37.24
C LEU D 39 1.20 -35.41 37.65
N ARG D 40 2.44 -35.07 38.01
CA ARG D 40 3.42 -36.09 38.33
C ARG D 40 3.13 -36.76 39.67
N GLN D 41 2.66 -36.00 40.64
CA GLN D 41 2.67 -36.40 42.04
C GLN D 41 1.29 -36.28 42.66
N TYR D 42 0.28 -36.79 41.98
CA TYR D 42 -1.04 -36.97 42.58
C TYR D 42 -1.24 -38.45 42.85
N ARG D 43 -1.44 -38.80 44.11
CA ARG D 43 -1.43 -40.18 44.56
C ARG D 43 -2.83 -40.60 44.98
N VAL D 44 -3.31 -41.71 44.42
CA VAL D 44 -4.63 -42.25 44.71
C VAL D 44 -4.46 -43.68 45.21
N GLY D 45 -5.10 -43.99 46.32
CA GLY D 45 -5.07 -45.30 46.92
C GLY D 45 -4.75 -45.21 48.39
N THR D 46 -4.22 -46.31 48.94
CA THR D 46 -3.82 -46.37 50.34
C THR D 46 -2.67 -47.35 50.47
N ASP D 47 -1.92 -47.21 51.57
CA ASP D 47 -0.80 -48.13 51.81
C ASP D 47 -1.28 -49.58 51.79
N ARG D 48 -2.47 -49.84 52.34
CA ARG D 48 -3.03 -51.18 52.29
C ARG D 48 -3.25 -51.63 50.85
N THR D 49 -3.84 -50.76 50.04
CA THR D 49 -4.12 -51.05 48.63
C THR D 49 -3.05 -50.52 47.70
N GLY D 50 -1.98 -49.93 48.23
CA GLY D 50 -0.92 -49.37 47.41
C GLY D 50 -1.26 -47.97 46.92
N PHE D 51 -0.26 -47.36 46.29
CA PHE D 51 -0.37 -46.01 45.76
C PHE D 51 -0.02 -46.01 44.29
N THR D 52 -0.76 -45.21 43.51
CA THR D 52 -0.48 -45.03 42.09
C THR D 52 -0.61 -43.56 41.76
N PHE D 53 0.11 -43.14 40.72
CA PHE D 53 0.03 -41.78 40.22
C PHE D 53 -0.99 -41.76 39.09
N LYS D 54 -2.22 -41.39 39.42
CA LYS D 54 -3.32 -41.53 38.46
C LYS D 54 -3.03 -40.79 37.18
N TYR D 55 -2.68 -39.51 37.28
CA TYR D 55 -2.52 -38.71 36.07
C TYR D 55 -1.28 -39.13 35.29
N ARG D 56 -0.21 -39.50 35.99
CA ARG D 56 0.99 -39.95 35.30
C ARG D 56 0.70 -41.21 34.47
N ASP D 57 0.12 -42.22 35.11
CA ASP D 57 -0.15 -43.46 34.38
C ASP D 57 -1.22 -43.26 33.32
N GLU D 58 -2.21 -42.41 33.58
CA GLU D 58 -3.22 -42.13 32.55
C GLU D 58 -2.59 -41.47 31.34
N LEU D 59 -1.70 -40.50 31.56
CA LEU D 59 -0.99 -39.87 30.46
C LEU D 59 -0.19 -40.91 29.68
N LYS D 60 0.54 -41.76 30.39
CA LYS D 60 1.36 -42.76 29.70
C LYS D 60 0.51 -43.68 28.85
N ARG D 61 -0.56 -44.22 29.44
CA ARG D 61 -1.42 -45.16 28.72
C ARG D 61 -2.07 -44.50 27.52
N HIS D 62 -2.61 -43.29 27.71
CA HIS D 62 -3.27 -42.59 26.61
C HIS D 62 -2.30 -42.31 25.48
N TYR D 63 -1.11 -41.81 25.81
CA TYR D 63 -0.13 -41.50 24.77
C TYR D 63 0.27 -42.76 24.03
N ASN D 64 0.48 -43.87 24.75
CA ASN D 64 0.85 -45.11 24.08
C ASN D 64 -0.26 -45.58 23.16
N LEU D 65 -1.51 -45.49 23.60
CA LEU D 65 -2.63 -45.90 22.76
C LEU D 65 -2.86 -44.93 21.60
N GLY D 66 -2.31 -43.73 21.68
CA GLY D 66 -2.51 -42.73 20.65
C GLY D 66 -3.64 -41.77 20.91
N GLU D 67 -4.02 -41.56 22.18
CA GLU D 67 -5.14 -40.68 22.49
C GLU D 67 -4.71 -39.22 22.49
N TYR D 68 -3.75 -38.87 23.35
CA TYR D 68 -3.25 -37.50 23.47
C TYR D 68 -4.25 -36.60 24.19
N TRP D 69 -5.05 -37.17 25.08
CA TRP D 69 -5.93 -36.38 25.93
C TRP D 69 -6.05 -37.06 27.28
N ILE D 70 -6.36 -36.27 28.30
CA ILE D 70 -6.67 -36.79 29.62
C ILE D 70 -7.81 -35.97 30.21
N GLU D 71 -8.32 -36.45 31.35
CA GLU D 71 -9.39 -35.79 32.07
C GLU D 71 -8.95 -35.56 33.50
N VAL D 72 -9.03 -34.32 33.95
CA VAL D 72 -8.61 -33.94 35.30
C VAL D 72 -9.85 -33.76 36.16
N GLU D 73 -9.71 -34.09 37.43
CA GLU D 73 -10.78 -33.92 38.41
C GLU D 73 -10.54 -32.63 39.18
N MET D 74 -11.52 -31.73 39.15
CA MET D 74 -11.37 -30.47 39.84
C MET D 74 -11.24 -30.67 41.34
N GLU D 75 -11.92 -31.67 41.90
CA GLU D 75 -11.75 -31.97 43.32
C GLU D 75 -10.32 -32.38 43.62
N ASP D 76 -9.74 -33.23 42.78
CA ASP D 76 -8.35 -33.64 42.97
C ASP D 76 -7.42 -32.44 42.89
N LEU D 77 -7.62 -31.58 41.89
CA LEU D 77 -6.76 -30.42 41.73
C LEU D 77 -6.87 -29.48 42.92
N ALA D 78 -8.09 -29.27 43.42
CA ALA D 78 -8.28 -28.38 44.56
C ALA D 78 -7.72 -28.98 45.84
N SER D 79 -7.79 -30.30 45.98
CA SER D 79 -7.21 -30.93 47.17
C SER D 79 -5.70 -30.81 47.17
N PHE D 80 -5.07 -31.10 46.02
CA PHE D 80 -3.61 -31.05 45.96
C PHE D 80 -3.12 -29.61 46.08
N ASP D 81 -3.70 -28.69 45.31
CA ASP D 81 -3.26 -27.30 45.30
C ASP D 81 -4.49 -26.44 45.08
N GLU D 82 -5.03 -25.88 46.16
CA GLU D 82 -6.29 -25.14 46.08
C GLU D 82 -6.14 -23.89 45.21
N ASP D 83 -4.99 -23.23 45.29
CA ASP D 83 -4.81 -22.00 44.51
C ASP D 83 -4.88 -22.29 43.01
N LEU D 84 -4.34 -23.42 42.58
CA LEU D 84 -4.46 -23.78 41.17
C LEU D 84 -5.91 -23.96 40.77
N ALA D 85 -6.71 -24.58 41.65
CA ALA D 85 -8.13 -24.75 41.34
C ALA D 85 -8.82 -23.39 41.24
N ASP D 86 -8.54 -22.49 42.17
CA ASP D 86 -9.18 -21.18 42.14
C ASP D 86 -8.78 -20.42 40.87
N TYR D 87 -7.50 -20.50 40.48
CA TYR D 87 -7.07 -19.85 39.26
C TYR D 87 -7.75 -20.46 38.04
N LEU D 88 -7.86 -21.79 37.98
CA LEU D 88 -8.49 -22.42 36.84
C LEU D 88 -9.99 -22.14 36.78
N TYR D 89 -10.61 -21.82 37.91
CA TYR D 89 -12.01 -21.41 37.90
C TYR D 89 -12.15 -19.95 37.46
N LYS D 90 -11.34 -19.06 38.03
CA LYS D 90 -11.51 -17.63 37.78
C LYS D 90 -11.06 -17.25 36.37
N GLN D 91 -9.91 -17.75 35.95
CA GLN D 91 -9.36 -17.47 34.61
C GLN D 91 -9.06 -18.79 33.93
N PRO D 92 -10.10 -19.49 33.46
CA PRO D 92 -9.87 -20.83 32.88
C PRO D 92 -8.93 -20.83 31.70
N ALA D 93 -8.99 -19.83 30.82
CA ALA D 93 -8.33 -19.93 29.53
C ALA D 93 -6.82 -20.04 29.69
N GLU D 94 -6.19 -19.01 30.28
CA GLU D 94 -4.74 -19.01 30.40
C GLU D 94 -4.27 -20.18 31.25
N HIS D 95 -4.94 -20.42 32.37
CA HIS D 95 -4.52 -21.52 33.25
C HIS D 95 -4.82 -22.87 32.61
N LEU D 96 -5.87 -22.96 31.80
CA LEU D 96 -6.10 -24.19 31.05
C LEU D 96 -4.96 -24.44 30.08
N GLN D 97 -4.46 -23.40 29.43
CA GLN D 97 -3.31 -23.56 28.54
C GLN D 97 -2.07 -23.99 29.32
N LEU D 98 -1.86 -23.40 30.50
CA LEU D 98 -0.74 -23.80 31.34
C LEU D 98 -0.83 -25.27 31.69
N LEU D 99 -2.03 -25.72 32.10
CA LEU D 99 -2.23 -27.12 32.43
C LEU D 99 -2.01 -28.00 31.20
N GLU D 100 -2.44 -27.54 30.03
CA GLU D 100 -2.24 -28.32 28.81
C GLU D 100 -0.77 -28.53 28.52
N GLU D 101 0.04 -27.47 28.66
CA GLU D 101 1.47 -27.62 28.39
C GLU D 101 2.14 -28.47 29.47
N ALA D 102 1.70 -28.34 30.72
CA ALA D 102 2.23 -29.20 31.76
C ALA D 102 1.93 -30.66 31.45
N ALA D 103 0.73 -30.95 30.97
CA ALA D 103 0.38 -32.32 30.57
C ALA D 103 1.25 -32.79 29.43
N LYS D 104 1.51 -31.92 28.45
CA LYS D 104 2.39 -32.31 27.35
C LYS D 104 3.78 -32.67 27.87
N GLU D 105 4.31 -31.87 28.79
CA GLU D 105 5.65 -32.14 29.33
C GLU D 105 5.66 -33.45 30.11
N VAL D 106 4.65 -33.67 30.96
CA VAL D 106 4.61 -34.91 31.74
C VAL D 106 4.50 -36.11 30.81
N ALA D 107 3.67 -36.01 29.77
CA ALA D 107 3.54 -37.10 28.83
C ALA D 107 4.87 -37.40 28.15
N ASP D 108 5.57 -36.34 27.72
CA ASP D 108 6.87 -36.56 27.06
C ASP D 108 7.84 -37.25 28.01
N GLU D 109 7.92 -36.80 29.26
CA GLU D 109 8.90 -37.35 30.17
C GLU D 109 8.51 -38.70 30.73
N VAL D 110 7.24 -39.12 30.60
CA VAL D 110 6.86 -40.47 31.00
C VAL D 110 6.87 -41.45 29.83
N THR D 111 6.86 -40.97 28.58
CA THR D 111 6.94 -41.83 27.41
C THR D 111 8.17 -41.52 26.56
N ARG D 112 9.21 -40.95 27.17
CA ARG D 112 10.32 -40.41 26.39
C ARG D 112 10.93 -41.39 25.40
N PRO D 113 11.23 -42.63 25.76
CA PRO D 113 11.83 -43.55 24.78
C PRO D 113 10.84 -44.01 23.73
N ARG D 114 10.30 -43.08 22.96
CA ARG D 114 9.32 -43.45 21.95
C ARG D 114 9.99 -44.10 20.74
N PRO D 115 9.29 -45.01 20.06
CA PRO D 115 9.85 -45.60 18.85
C PRO D 115 9.91 -44.60 17.71
N SER D 116 10.73 -44.94 16.72
CA SER D 116 10.85 -44.10 15.52
C SER D 116 9.48 -43.88 14.90
N GLY D 117 9.34 -42.80 14.14
CA GLY D 117 8.05 -42.44 13.57
C GLY D 117 7.20 -41.65 14.53
N GLU D 118 6.97 -42.21 15.72
CA GLU D 118 6.22 -41.52 16.77
C GLU D 118 7.14 -40.72 17.69
N GLU D 119 7.98 -39.89 17.09
CA GLU D 119 8.94 -39.10 17.85
C GLU D 119 8.42 -37.70 18.17
N VAL D 120 7.74 -37.06 17.23
CA VAL D 120 7.22 -35.71 17.47
C VAL D 120 6.26 -35.76 18.64
N LEU D 121 6.60 -35.03 19.71
CA LEU D 121 5.72 -34.94 20.85
C LEU D 121 4.39 -34.33 20.44
N GLN D 122 3.30 -34.95 20.87
CA GLN D 122 1.95 -34.51 20.51
C GLN D 122 1.34 -33.69 21.63
N ASP D 123 0.36 -32.88 21.26
CA ASP D 123 -0.31 -32.01 22.21
C ASP D 123 -1.32 -32.81 23.02
N ILE D 124 -1.36 -32.55 24.33
CA ILE D 124 -2.17 -33.32 25.26
C ILE D 124 -3.34 -32.44 25.68
N GLN D 125 -4.51 -32.71 25.11
CA GLN D 125 -5.71 -32.02 25.55
C GLN D 125 -6.05 -32.42 26.98
N VAL D 126 -6.56 -31.46 27.75
CA VAL D 126 -6.89 -31.68 29.15
C VAL D 126 -8.34 -31.29 29.35
N MET D 127 -9.24 -32.27 29.23
CA MET D 127 -10.62 -32.05 29.64
C MET D 127 -10.67 -32.04 31.17
N LEU D 128 -11.75 -31.48 31.71
CA LEU D 128 -11.91 -31.47 33.16
C LEU D 128 -13.35 -31.79 33.52
N LYS D 129 -13.51 -32.33 34.73
CA LYS D 129 -14.81 -32.65 35.28
C LYS D 129 -14.78 -32.34 36.78
N SER D 130 -15.96 -32.07 37.32
CA SER D 130 -16.09 -31.74 38.73
C SER D 130 -17.32 -32.44 39.31
N ASP D 131 -17.30 -32.60 40.63
CA ASP D 131 -18.42 -33.18 41.35
C ASP D 131 -19.39 -32.13 41.86
N ALA D 132 -19.10 -30.84 41.63
CA ALA D 132 -20.02 -29.79 42.01
C ALA D 132 -21.30 -29.89 41.18
N SER D 133 -22.44 -29.63 41.82
CA SER D 133 -23.70 -29.72 41.12
C SER D 133 -23.76 -28.68 40.00
N PRO D 134 -24.29 -29.04 38.83
CA PRO D 134 -24.36 -28.06 37.74
C PRO D 134 -25.33 -26.94 38.05
N SER D 135 -25.09 -25.78 37.44
CA SER D 135 -25.90 -24.60 37.65
C SER D 135 -26.87 -24.41 36.50
N SER D 136 -28.03 -23.83 36.81
CA SER D 136 -29.07 -23.65 35.81
C SER D 136 -28.59 -22.74 34.68
N ILE D 137 -29.01 -23.06 33.46
CA ILE D 137 -28.61 -22.26 32.31
C ILE D 137 -29.07 -20.82 32.49
N ARG D 138 -30.26 -20.63 33.06
CA ARG D 138 -30.79 -19.30 33.26
C ARG D 138 -30.00 -18.50 34.28
N SER D 139 -29.10 -19.14 35.02
CA SER D 139 -28.22 -18.42 35.93
C SER D 139 -26.99 -17.85 35.23
N LEU D 140 -26.82 -18.10 33.93
CA LEU D 140 -25.66 -17.59 33.20
C LEU D 140 -25.85 -16.09 32.97
N LYS D 141 -25.62 -15.32 34.02
CA LYS D 141 -25.66 -13.87 33.95
C LYS D 141 -24.38 -13.37 33.31
N SER D 142 -24.15 -12.05 33.39
CA SER D 142 -22.93 -11.48 32.85
C SER D 142 -21.77 -11.53 33.84
N ASP D 143 -22.05 -11.70 35.13
CA ASP D 143 -20.98 -11.83 36.11
C ASP D 143 -20.16 -13.10 35.91
N MET D 144 -20.68 -14.06 35.15
CA MET D 144 -20.01 -15.33 34.91
C MET D 144 -19.37 -15.40 33.53
N MET D 145 -19.21 -14.27 32.86
CA MET D 145 -18.54 -14.27 31.56
C MET D 145 -17.07 -14.58 31.72
N SER D 146 -16.56 -15.45 30.84
CA SER D 146 -15.13 -15.78 30.81
C SER D 146 -14.75 -16.72 31.94
N HIS D 147 -15.69 -17.01 32.84
CA HIS D 147 -15.43 -17.90 33.96
C HIS D 147 -15.67 -19.36 33.55
N LEU D 148 -15.36 -20.27 34.45
CA LEU D 148 -15.67 -21.68 34.28
C LEU D 148 -17.08 -21.92 34.81
N VAL D 149 -17.92 -22.55 33.99
CA VAL D 149 -19.31 -22.78 34.33
C VAL D 149 -19.65 -24.22 34.01
N LYS D 150 -20.44 -24.84 34.88
CA LYS D 150 -20.99 -26.18 34.68
C LYS D 150 -22.50 -26.06 34.59
N ILE D 151 -23.06 -26.46 33.45
CA ILE D 151 -24.50 -26.31 33.23
C ILE D 151 -25.11 -27.60 32.69
N PRO D 152 -26.36 -27.91 33.02
CA PRO D 152 -27.05 -29.04 32.42
C PRO D 152 -27.89 -28.61 31.22
N GLY D 153 -27.99 -29.51 30.25
CA GLY D 153 -28.82 -29.22 29.10
C GLY D 153 -29.07 -30.47 28.28
N ILE D 154 -29.62 -30.26 27.09
CA ILE D 154 -29.84 -31.33 26.13
C ILE D 154 -29.40 -30.84 24.76
N ILE D 155 -28.62 -31.65 24.06
CA ILE D 155 -28.11 -31.28 22.75
C ILE D 155 -29.19 -31.56 21.72
N ILE D 156 -29.65 -30.50 21.04
CA ILE D 156 -30.65 -30.63 20.00
C ILE D 156 -30.05 -30.56 18.61
N ALA D 157 -28.74 -30.41 18.49
CA ALA D 157 -28.09 -30.42 17.19
C ALA D 157 -26.59 -30.57 17.38
N ALA D 158 -25.92 -30.99 16.33
CA ALA D 158 -24.47 -31.17 16.36
C ALA D 158 -23.96 -31.03 14.94
N SER D 159 -23.22 -29.95 14.68
CA SER D 159 -22.69 -29.72 13.34
C SER D 159 -21.61 -30.74 13.01
N ALA D 160 -21.34 -30.89 11.72
CA ALA D 160 -20.24 -31.74 11.29
C ALA D 160 -18.95 -31.27 11.93
N VAL D 161 -17.98 -32.18 12.01
CA VAL D 161 -16.67 -31.88 12.57
C VAL D 161 -15.80 -31.30 11.47
N ARG D 162 -15.31 -30.08 11.67
CA ARG D 162 -14.51 -29.37 10.68
C ARG D 162 -13.13 -29.08 11.26
N ALA D 163 -12.28 -28.50 10.43
CA ALA D 163 -10.88 -28.28 10.78
C ALA D 163 -10.66 -26.81 11.15
N LYS D 164 -10.28 -26.57 12.40
CA LYS D 164 -9.89 -25.24 12.86
C LYS D 164 -8.38 -25.22 13.04
N ALA D 165 -7.74 -24.24 12.42
CA ALA D 165 -6.28 -24.16 12.48
C ALA D 165 -5.83 -23.71 13.87
N THR D 166 -4.83 -24.40 14.41
CA THR D 166 -4.16 -23.97 15.63
C THR D 166 -2.86 -23.24 15.36
N ARG D 167 -2.19 -23.58 14.26
CA ARG D 167 -1.01 -22.87 13.79
C ARG D 167 -1.17 -22.62 12.30
N ILE D 168 -0.64 -21.50 11.83
CA ILE D 168 -0.65 -21.15 10.42
C ILE D 168 0.73 -20.67 10.01
N SER D 169 1.06 -20.87 8.74
CA SER D 169 2.29 -20.36 8.15
C SER D 169 1.90 -19.46 6.99
N ILE D 170 2.26 -18.19 7.09
CA ILE D 170 1.90 -17.17 6.11
C ILE D 170 3.16 -16.79 5.35
N GLN D 171 3.06 -16.79 4.02
CA GLN D 171 4.19 -16.51 3.15
C GLN D 171 3.94 -15.20 2.39
N CYS D 172 4.98 -14.37 2.31
CA CYS D 172 4.88 -13.12 1.58
C CYS D 172 4.87 -13.39 0.08
N ARG D 173 4.06 -12.62 -0.64
CA ARG D 173 3.95 -12.81 -2.09
C ARG D 173 5.21 -12.38 -2.82
N SER D 174 5.89 -11.34 -2.31
CA SER D 174 7.03 -10.80 -3.03
C SER D 174 8.30 -11.60 -2.79
N CYS D 175 8.75 -11.66 -1.54
CA CYS D 175 10.01 -12.33 -1.20
C CYS D 175 9.84 -13.79 -0.83
N ARG D 176 8.61 -14.28 -0.70
CA ARG D 176 8.30 -15.68 -0.39
C ARG D 176 8.74 -16.09 1.01
N ASN D 177 9.20 -15.15 1.84
CA ASN D 177 9.59 -15.49 3.20
C ASN D 177 8.37 -15.79 4.05
N THR D 178 8.56 -16.64 5.05
CA THR D 178 7.47 -17.23 5.82
C THR D 178 7.50 -16.75 7.26
N LEU D 179 6.34 -16.84 7.91
CA LEU D 179 6.21 -16.48 9.32
C LEU D 179 5.62 -17.65 10.10
N THR D 180 6.19 -18.83 9.92
CA THR D 180 5.62 -20.08 10.41
C THR D 180 5.18 -20.00 11.87
N ASN D 181 4.26 -20.88 12.23
CA ASN D 181 3.90 -21.18 13.62
C ASN D 181 3.42 -19.92 14.36
N ILE D 182 2.27 -19.42 13.89
CA ILE D 182 1.56 -18.35 14.55
C ILE D 182 0.46 -18.97 15.40
N ALA D 183 0.52 -18.75 16.70
CA ALA D 183 -0.35 -19.44 17.65
C ALA D 183 -1.76 -18.85 17.58
N MET D 184 -2.68 -19.58 16.99
CA MET D 184 -4.08 -19.18 16.98
C MET D 184 -4.69 -19.28 18.37
N ARG D 185 -5.64 -18.39 18.65
CA ARG D 185 -6.37 -18.47 19.90
C ARG D 185 -7.39 -19.60 19.83
N PRO D 186 -7.73 -20.22 20.97
CA PRO D 186 -8.74 -21.27 20.97
C PRO D 186 -10.15 -20.71 21.06
N GLY D 187 -11.06 -21.44 20.44
CA GLY D 187 -12.46 -21.07 20.46
C GLY D 187 -12.88 -20.34 19.20
N LEU D 188 -14.00 -19.65 19.31
CA LEU D 188 -14.54 -18.83 18.21
C LEU D 188 -13.79 -17.51 18.22
N GLU D 189 -12.77 -17.41 17.37
CA GLU D 189 -11.95 -16.22 17.29
C GLU D 189 -11.13 -16.27 16.01
N GLY D 190 -10.89 -15.08 15.43
CA GLY D 190 -10.15 -14.97 14.20
C GLY D 190 -8.81 -14.29 14.41
N TYR D 191 -8.02 -14.28 13.33
CA TYR D 191 -6.67 -13.72 13.36
C TYR D 191 -6.52 -12.71 12.23
N ALA D 192 -5.98 -11.54 12.56
CA ALA D 192 -5.73 -10.48 11.58
C ALA D 192 -4.31 -10.63 11.08
N LEU D 193 -4.16 -10.95 9.80
CA LEU D 193 -2.83 -11.19 9.25
C LEU D 193 -1.99 -9.93 9.31
N PRO D 194 -0.66 -10.06 9.43
CA PRO D 194 0.20 -8.88 9.36
C PRO D 194 0.06 -8.18 8.02
N ARG D 195 0.12 -6.85 8.05
CA ARG D 195 -0.04 -6.04 6.86
C ARG D 195 1.27 -5.75 6.14
N LYS D 196 2.40 -5.94 6.81
CA LYS D 196 3.70 -5.60 6.23
C LYS D 196 4.67 -6.74 6.44
N CYS D 197 5.40 -7.09 5.38
CA CYS D 197 6.42 -8.12 5.46
C CYS D 197 7.61 -7.60 6.26
N ASN D 198 7.73 -8.06 7.50
CA ASN D 198 8.79 -7.55 8.38
C ASN D 198 10.18 -7.88 7.87
N THR D 199 10.32 -8.92 7.05
CA THR D 199 11.62 -9.34 6.55
C THR D 199 11.98 -8.59 5.25
N ASP D 200 12.05 -7.27 5.38
CA ASP D 200 12.46 -6.42 4.28
C ASP D 200 13.95 -6.09 4.32
N GLN D 201 14.65 -6.48 5.39
CA GLN D 201 16.07 -6.16 5.50
C GLN D 201 16.93 -6.99 4.56
N ALA D 202 16.43 -8.14 4.10
CA ALA D 202 17.19 -8.96 3.16
C ALA D 202 17.40 -8.28 1.81
N GLY D 203 16.67 -7.20 1.54
CA GLY D 203 16.84 -6.47 0.29
C GLY D 203 16.23 -5.09 0.37
N ARG D 204 16.94 -4.10 -0.17
CA ARG D 204 16.44 -2.73 -0.12
C ARG D 204 15.08 -2.58 -0.77
N PRO D 205 14.82 -3.07 -1.99
CA PRO D 205 13.48 -2.95 -2.55
C PRO D 205 12.46 -3.65 -1.66
N LYS D 206 11.29 -3.03 -1.52
CA LYS D 206 10.37 -3.35 -0.43
C LYS D 206 9.21 -4.20 -0.91
N CYS D 207 8.69 -5.01 0.01
CA CYS D 207 7.52 -5.83 -0.26
C CYS D 207 6.25 -5.00 -0.12
N PRO D 208 5.16 -5.43 -0.75
CA PRO D 208 3.94 -4.60 -0.75
C PRO D 208 3.25 -4.53 0.59
N LEU D 209 2.10 -3.85 0.63
CA LEU D 209 1.26 -3.81 1.80
C LEU D 209 0.26 -4.96 1.75
N ASP D 210 0.02 -5.58 2.90
CA ASP D 210 -0.81 -6.77 2.99
C ASP D 210 -0.30 -7.86 2.04
N PRO D 211 0.91 -8.36 2.25
CA PRO D 211 1.53 -9.30 1.30
C PRO D 211 1.36 -10.78 1.61
N TYR D 212 0.77 -11.13 2.75
CA TYR D 212 0.85 -12.49 3.26
C TYR D 212 -0.32 -13.34 2.80
N PHE D 213 -0.02 -14.52 2.28
CA PHE D 213 -1.00 -15.54 1.95
C PHE D 213 -0.81 -16.71 2.92
N ILE D 214 -1.91 -17.21 3.47
CA ILE D 214 -1.82 -18.37 4.36
C ILE D 214 -1.49 -19.61 3.55
N MET D 215 -0.47 -20.34 3.97
CA MET D 215 -0.12 -21.61 3.33
C MET D 215 -0.92 -22.72 3.98
N PRO D 216 -1.84 -23.39 3.27
CA PRO D 216 -2.71 -24.37 3.93
C PRO D 216 -1.96 -25.59 4.44
N ASP D 217 -1.08 -26.13 3.62
CA ASP D 217 -0.40 -27.39 3.95
C ASP D 217 0.51 -27.27 5.16
N LYS D 218 0.81 -26.05 5.61
CA LYS D 218 1.64 -25.83 6.79
C LYS D 218 0.82 -25.45 8.01
N CYS D 219 -0.44 -25.89 8.07
CA CYS D 219 -1.34 -25.55 9.18
C CYS D 219 -1.55 -26.76 10.06
N LYS D 220 -1.39 -26.57 11.37
CA LYS D 220 -1.73 -27.60 12.35
C LYS D 220 -3.19 -27.41 12.72
N CYS D 221 -4.06 -28.19 12.09
CA CYS D 221 -5.50 -28.09 12.31
C CYS D 221 -5.96 -29.13 13.32
N VAL D 222 -7.12 -28.86 13.92
CA VAL D 222 -7.74 -29.76 14.88
C VAL D 222 -9.22 -29.86 14.58
N ASP D 223 -9.84 -30.91 15.11
CA ASP D 223 -11.28 -31.06 14.99
C ASP D 223 -11.98 -30.02 15.84
N PHE D 224 -13.05 -29.44 15.28
CA PHE D 224 -13.90 -28.53 16.03
C PHE D 224 -15.34 -28.72 15.58
N GLN D 225 -16.25 -28.54 16.52
CA GLN D 225 -17.67 -28.82 16.30
C GLN D 225 -18.50 -27.79 17.03
N THR D 226 -19.72 -27.58 16.53
CA THR D 226 -20.68 -26.66 17.14
C THR D 226 -21.93 -27.43 17.53
N LEU D 227 -22.35 -27.27 18.78
CA LEU D 227 -23.54 -27.92 19.31
C LEU D 227 -24.51 -26.87 19.83
N LYS D 228 -25.79 -27.22 19.85
CA LYS D 228 -26.85 -26.33 20.30
C LYS D 228 -27.46 -26.93 21.56
N LEU D 229 -27.08 -26.40 22.72
CA LEU D 229 -27.63 -26.88 23.97
C LEU D 229 -28.94 -26.17 24.27
N GLN D 230 -29.92 -26.93 24.74
CA GLN D 230 -31.22 -26.40 25.11
C GLN D 230 -31.49 -26.69 26.58
N GLU D 231 -32.11 -25.74 27.26
CA GLU D 231 -32.39 -25.91 28.68
C GLU D 231 -33.14 -27.21 28.92
N LEU D 232 -32.99 -27.74 30.13
CA LEU D 232 -33.69 -28.97 30.48
C LEU D 232 -35.19 -28.73 30.50
N PRO D 233 -36.00 -29.59 29.88
CA PRO D 233 -37.45 -29.38 29.93
C PRO D 233 -37.99 -29.37 31.34
N ASP D 234 -37.42 -30.15 32.25
CA ASP D 234 -37.82 -30.10 33.65
C ASP D 234 -37.26 -28.88 34.37
N ALA D 235 -36.34 -28.14 33.74
CA ALA D 235 -35.83 -26.91 34.33
C ALA D 235 -36.55 -25.67 33.83
N VAL D 236 -37.12 -25.72 32.63
CA VAL D 236 -37.86 -24.58 32.08
C VAL D 236 -39.04 -24.28 32.99
N PRO D 237 -39.19 -23.05 33.49
CA PRO D 237 -40.37 -22.72 34.29
C PRO D 237 -41.65 -22.94 33.51
N HIS D 238 -42.77 -22.92 34.22
CA HIS D 238 -44.04 -23.37 33.66
C HIS D 238 -44.39 -22.62 32.38
N GLY D 239 -44.69 -21.34 32.49
CA GLY D 239 -44.94 -20.54 31.31
C GLY D 239 -43.70 -19.79 30.88
N GLU D 240 -42.95 -20.36 29.94
CA GLU D 240 -41.66 -19.80 29.54
C GLU D 240 -41.24 -20.45 28.24
N MET D 241 -40.12 -19.99 27.72
CA MET D 241 -39.46 -20.59 26.58
C MET D 241 -38.19 -21.30 27.03
N PRO D 242 -37.77 -22.36 26.34
CA PRO D 242 -36.47 -22.98 26.65
C PRO D 242 -35.33 -22.07 26.22
N ARG D 243 -34.45 -21.74 27.16
CA ARG D 243 -33.26 -20.98 26.82
C ARG D 243 -32.31 -21.87 26.02
N HIS D 244 -31.43 -21.23 25.26
CA HIS D 244 -30.49 -21.94 24.41
C HIS D 244 -29.08 -21.45 24.69
N MET D 245 -28.10 -22.23 24.23
CA MET D 245 -26.71 -21.84 24.30
C MET D 245 -25.96 -22.53 23.17
N GLN D 246 -24.87 -21.92 22.76
CA GLN D 246 -24.01 -22.46 21.72
C GLN D 246 -22.76 -23.04 22.36
N LEU D 247 -22.41 -24.26 21.97
CA LEU D 247 -21.26 -24.97 22.50
C LEU D 247 -20.23 -25.14 21.41
N TYR D 248 -18.98 -24.80 21.72
CA TYR D 248 -17.85 -25.03 20.83
C TYR D 248 -17.03 -26.17 21.42
N CYS D 249 -16.83 -27.22 20.62
CA CYS D 249 -16.13 -28.42 21.06
C CYS D 249 -14.86 -28.59 20.25
N ASP D 250 -13.86 -29.19 20.90
CA ASP D 250 -12.47 -29.19 20.47
C ASP D 250 -12.04 -30.62 20.13
N ARG D 251 -10.72 -30.80 19.97
CA ARG D 251 -10.15 -32.00 19.38
C ARG D 251 -10.89 -33.28 19.74
N TYR D 252 -10.95 -33.60 21.03
CA TYR D 252 -11.53 -34.86 21.50
C TYR D 252 -12.88 -34.68 22.17
N LEU D 253 -13.43 -33.47 22.14
CA LEU D 253 -14.82 -33.25 22.50
C LEU D 253 -15.74 -33.31 21.29
N CYS D 254 -15.18 -33.48 20.09
CA CYS D 254 -15.98 -33.64 18.89
C CYS D 254 -16.60 -35.02 18.83
N ASP D 255 -17.88 -35.07 18.45
CA ASP D 255 -18.65 -36.31 18.33
C ASP D 255 -18.66 -37.10 19.63
N LYS D 256 -18.35 -36.46 20.76
CA LYS D 256 -18.48 -37.16 22.04
C LYS D 256 -19.93 -37.31 22.44
N VAL D 257 -20.79 -36.41 21.97
CA VAL D 257 -22.21 -36.44 22.27
C VAL D 257 -22.99 -36.26 20.96
N VAL D 258 -24.23 -36.72 20.98
CA VAL D 258 -25.06 -36.69 19.78
C VAL D 258 -26.40 -36.05 20.14
N PRO D 259 -27.14 -35.57 19.15
CA PRO D 259 -28.40 -34.88 19.44
C PRO D 259 -29.33 -35.76 20.28
N GLY D 260 -29.91 -35.17 21.31
CA GLY D 260 -30.81 -35.85 22.21
C GLY D 260 -30.21 -36.17 23.57
N ASN D 261 -28.89 -36.29 23.66
CA ASN D 261 -28.28 -36.64 24.93
C ASN D 261 -28.49 -35.52 25.95
N ARG D 262 -28.86 -35.91 27.17
CA ARG D 262 -28.93 -34.98 28.28
C ARG D 262 -27.56 -34.93 28.92
N VAL D 263 -26.91 -33.78 28.88
CA VAL D 263 -25.49 -33.66 29.22
C VAL D 263 -25.29 -32.59 30.27
N THR D 264 -24.12 -32.64 30.89
CA THR D 264 -23.58 -31.56 31.71
C THR D 264 -22.29 -31.08 31.06
N ILE D 265 -22.20 -29.78 30.82
CA ILE D 265 -21.09 -29.18 30.10
C ILE D 265 -20.32 -28.29 31.07
N MET D 266 -19.01 -28.51 31.13
CA MET D 266 -18.10 -27.66 31.90
C MET D 266 -17.21 -26.92 30.92
N GLY D 267 -17.31 -25.60 30.90
CA GLY D 267 -16.61 -24.84 29.88
C GLY D 267 -16.52 -23.37 30.22
N ILE D 268 -15.90 -22.62 29.32
CA ILE D 268 -15.66 -21.20 29.51
C ILE D 268 -16.79 -20.42 28.84
N TYR D 269 -17.45 -19.56 29.61
CA TYR D 269 -18.49 -18.68 29.07
C TYR D 269 -17.80 -17.55 28.32
N SER D 270 -17.86 -17.58 26.98
CA SER D 270 -17.09 -16.67 26.16
C SER D 270 -17.94 -16.10 25.05
N ILE D 271 -17.55 -14.93 24.57
CA ILE D 271 -18.23 -14.23 23.49
C ILE D 271 -17.36 -14.27 22.25
N LYS D 272 -18.01 -14.31 21.09
CA LYS D 272 -17.27 -14.34 19.84
C LYS D 272 -16.40 -13.09 19.70
N LYS D 273 -15.17 -13.30 19.27
CA LYS D 273 -14.20 -12.22 19.06
C LYS D 273 -13.69 -12.33 17.63
N PHE D 274 -14.42 -11.71 16.70
CA PHE D 274 -14.13 -11.82 15.28
C PHE D 274 -13.84 -10.48 14.61
N GLY D 275 -13.62 -9.42 15.38
CA GLY D 275 -13.19 -8.16 14.81
C GLY D 275 -13.94 -6.94 15.27
N LEU D 276 -14.75 -7.07 16.32
CA LEU D 276 -15.55 -5.98 16.86
C LEU D 276 -16.18 -5.14 15.75
N THR D 277 -16.96 -5.82 14.91
CA THR D 277 -17.67 -5.15 13.82
C THR D 277 -19.07 -5.74 13.67
N ARG D 282 -31.29 -4.58 9.50
CA ARG D 282 -32.64 -4.18 9.91
C ARG D 282 -32.83 -4.37 11.41
N ASP D 283 -32.62 -5.60 11.86
CA ASP D 283 -32.84 -5.96 13.25
C ASP D 283 -31.55 -5.74 14.04
N ARG D 284 -31.49 -6.28 15.26
CA ARG D 284 -30.33 -6.13 16.13
C ARG D 284 -30.05 -4.65 16.42
N VAL D 285 -31.02 -4.00 17.07
CA VAL D 285 -30.88 -2.59 17.43
C VAL D 285 -29.98 -2.37 18.63
N GLY D 286 -29.41 -3.45 19.19
CA GLY D 286 -28.54 -3.31 20.33
C GLY D 286 -27.09 -3.03 19.94
N VAL D 287 -26.35 -2.48 20.89
CA VAL D 287 -24.94 -2.13 20.68
C VAL D 287 -24.14 -2.68 21.84
N GLY D 288 -22.93 -3.14 21.55
CA GLY D 288 -22.10 -3.76 22.57
C GLY D 288 -22.55 -5.16 22.94
N ILE D 289 -23.21 -5.85 22.01
CA ILE D 289 -23.70 -7.20 22.24
C ILE D 289 -23.04 -8.11 21.21
N ARG D 290 -22.47 -9.21 21.70
CA ARG D 290 -21.76 -10.16 20.86
C ARG D 290 -22.28 -11.56 21.13
N SER D 291 -22.25 -12.41 20.10
CA SER D 291 -22.77 -13.76 20.23
C SER D 291 -22.07 -14.51 21.34
N SER D 292 -22.79 -14.81 22.42
CA SER D 292 -22.22 -15.59 23.50
C SER D 292 -22.20 -17.07 23.13
N TYR D 293 -21.35 -17.81 23.84
CA TYR D 293 -21.26 -19.26 23.66
C TYR D 293 -20.43 -19.82 24.80
N ILE D 294 -20.50 -21.13 24.97
CA ILE D 294 -19.71 -21.85 25.96
C ILE D 294 -18.63 -22.62 25.22
N ARG D 295 -17.38 -22.35 25.56
CA ARG D 295 -16.26 -23.12 25.02
C ARG D 295 -16.16 -24.41 25.83
N VAL D 296 -16.42 -25.54 25.19
CA VAL D 296 -16.55 -26.80 25.92
C VAL D 296 -15.17 -27.31 26.29
N LEU D 297 -15.01 -27.67 27.56
CA LEU D 297 -13.82 -28.34 28.06
C LEU D 297 -14.10 -29.76 28.51
N GLY D 298 -15.24 -30.00 29.16
CA GLY D 298 -15.61 -31.33 29.59
C GLY D 298 -17.08 -31.62 29.40
N ILE D 299 -17.40 -32.79 28.85
CA ILE D 299 -18.76 -33.21 28.58
C ILE D 299 -19.05 -34.46 29.41
N GLN D 300 -20.19 -34.46 30.10
CA GLN D 300 -20.63 -35.60 30.90
C GLN D 300 -22.02 -35.99 30.44
N VAL D 301 -22.12 -37.11 29.72
CA VAL D 301 -23.42 -37.58 29.24
C VAL D 301 -24.12 -38.31 30.37
N ASP D 302 -25.31 -37.85 30.72
CA ASP D 302 -26.09 -38.42 31.82
C ASP D 302 -27.15 -39.38 31.30
N THR D 303 -27.74 -40.12 32.23
CA THR D 303 -28.79 -41.08 31.89
C THR D 303 -30.16 -40.51 32.25
N VAL D 314 -16.48 -55.40 30.30
CA VAL D 314 -16.82 -56.32 31.38
C VAL D 314 -15.55 -56.72 32.13
N SER D 315 -15.50 -56.39 33.42
CA SER D 315 -14.35 -56.70 34.24
C SER D 315 -14.25 -58.21 34.46
N PRO D 316 -13.06 -58.71 34.78
CA PRO D 316 -12.94 -60.15 35.05
C PRO D 316 -13.79 -60.62 36.22
N GLN D 317 -14.01 -59.75 37.20
CA GLN D 317 -14.91 -60.10 38.30
C GLN D 317 -16.30 -60.41 37.79
N GLU D 318 -16.84 -59.54 36.94
CA GLU D 318 -18.15 -59.79 36.35
C GLU D 318 -18.11 -60.99 35.41
N GLU D 319 -16.99 -61.19 34.73
CA GLU D 319 -16.85 -62.35 33.84
C GLU D 319 -17.01 -63.65 34.61
N GLU D 320 -16.26 -63.80 35.70
CA GLU D 320 -16.38 -65.02 36.51
C GLU D 320 -17.72 -65.09 37.21
N GLU D 321 -18.31 -63.94 37.58
CA GLU D 321 -19.65 -63.95 38.15
C GLU D 321 -20.64 -64.55 37.17
N PHE D 322 -20.62 -64.10 35.92
CA PHE D 322 -21.50 -64.65 34.90
C PHE D 322 -21.21 -66.13 34.68
N ARG D 323 -19.94 -66.50 34.66
CA ARG D 323 -19.58 -67.90 34.47
C ARG D 323 -20.22 -68.77 35.55
N ARG D 324 -20.03 -68.41 36.82
CA ARG D 324 -20.60 -69.22 37.89
C ARG D 324 -22.12 -69.21 37.86
N LEU D 325 -22.72 -68.04 37.61
CA LEU D 325 -24.18 -67.94 37.64
C LEU D 325 -24.80 -68.80 36.54
N ALA D 326 -24.17 -68.84 35.36
CA ALA D 326 -24.65 -69.73 34.31
C ALA D 326 -24.36 -71.18 34.64
N ALA D 327 -23.23 -71.45 35.29
CA ALA D 327 -22.89 -72.82 35.66
C ALA D 327 -23.84 -73.39 36.71
N LEU D 328 -24.54 -72.53 37.46
CA LEU D 328 -25.52 -73.01 38.43
C LEU D 328 -26.44 -74.02 37.76
N PRO D 329 -26.95 -75.03 38.48
CA PRO D 329 -27.80 -76.04 37.84
C PRO D 329 -29.10 -75.46 37.30
N ASN D 330 -29.84 -74.75 38.15
CA ASN D 330 -31.16 -74.23 37.79
C ASN D 330 -31.06 -72.78 37.28
N VAL D 331 -30.17 -72.55 36.32
CA VAL D 331 -30.05 -71.22 35.74
C VAL D 331 -31.34 -70.85 35.02
N TYR D 332 -31.93 -71.81 34.31
CA TYR D 332 -33.17 -71.56 33.61
C TYR D 332 -34.26 -71.11 34.58
N GLU D 333 -34.45 -71.85 35.67
CA GLU D 333 -35.48 -71.52 36.63
C GLU D 333 -35.22 -70.17 37.30
N VAL D 334 -33.96 -69.91 37.69
CA VAL D 334 -33.68 -68.66 38.37
C VAL D 334 -33.92 -67.49 37.44
N ILE D 335 -33.49 -67.59 36.18
CA ILE D 335 -33.71 -66.51 35.23
C ILE D 335 -35.20 -66.29 35.00
N SER D 336 -35.96 -67.37 34.79
CA SER D 336 -37.38 -67.24 34.51
C SER D 336 -38.12 -66.63 35.67
N LYS D 337 -37.80 -67.04 36.89
CA LYS D 337 -38.45 -66.46 38.07
C LYS D 337 -37.91 -65.08 38.39
N SER D 338 -36.76 -64.71 37.84
CA SER D 338 -36.13 -63.43 38.16
C SER D 338 -36.54 -62.31 37.23
N ILE D 339 -36.92 -62.62 35.99
CA ILE D 339 -37.18 -61.52 35.05
C ILE D 339 -38.29 -60.61 35.57
N ALA D 340 -39.52 -61.13 35.67
CA ALA D 340 -40.68 -60.31 36.01
C ALA D 340 -41.26 -60.78 37.34
N PRO D 341 -40.56 -60.53 38.44
CA PRO D 341 -41.01 -61.05 39.74
C PRO D 341 -42.36 -60.50 40.18
N SER D 342 -42.71 -59.28 39.78
CA SER D 342 -43.88 -58.61 40.32
C SER D 342 -45.18 -58.95 39.57
N ILE D 343 -45.12 -59.75 38.52
CA ILE D 343 -46.30 -60.13 37.76
C ILE D 343 -46.70 -61.55 38.16
N PHE D 344 -47.95 -61.71 38.59
CA PHE D 344 -48.42 -63.00 39.06
C PHE D 344 -48.55 -63.98 37.91
N GLY D 345 -48.15 -65.22 38.15
CA GLY D 345 -48.39 -66.27 37.19
C GLY D 345 -47.69 -66.04 35.87
N GLY D 346 -48.26 -66.63 34.82
CA GLY D 346 -47.65 -66.54 33.50
C GLY D 346 -46.25 -67.10 33.47
N THR D 347 -46.02 -68.23 34.14
CA THR D 347 -44.67 -68.78 34.22
C THR D 347 -44.16 -69.20 32.85
N ASP D 348 -45.02 -69.81 32.04
CA ASP D 348 -44.60 -70.18 30.69
C ASP D 348 -44.25 -68.96 29.86
N MET D 349 -45.03 -67.89 29.99
CA MET D 349 -44.72 -66.66 29.28
C MET D 349 -43.40 -66.07 29.76
N LYS D 350 -43.13 -66.16 31.07
CA LYS D 350 -41.87 -65.65 31.59
C LYS D 350 -40.68 -66.45 31.08
N LYS D 351 -40.82 -67.77 31.02
CA LYS D 351 -39.75 -68.59 30.44
C LYS D 351 -39.54 -68.24 28.97
N ALA D 352 -40.64 -68.05 28.23
CA ALA D 352 -40.53 -67.63 26.85
C ALA D 352 -39.84 -66.28 26.74
N ILE D 353 -40.11 -65.39 27.69
CA ILE D 353 -39.48 -64.07 27.68
C ILE D 353 -37.99 -64.19 27.92
N ALA D 354 -37.57 -65.07 28.84
CA ALA D 354 -36.15 -65.29 29.05
C ALA D 354 -35.49 -65.85 27.79
N CYS D 355 -36.14 -66.82 27.14
CA CYS D 355 -35.61 -67.35 25.89
C CYS D 355 -35.52 -66.27 24.84
N LEU D 356 -36.51 -65.39 24.78
CA LEU D 356 -36.49 -64.27 23.83
C LEU D 356 -35.32 -63.34 24.12
N LEU D 357 -35.10 -63.02 25.39
CA LEU D 357 -34.01 -62.13 25.76
C LEU D 357 -32.67 -62.72 25.36
N PHE D 358 -32.47 -64.01 25.59
CA PHE D 358 -31.17 -64.61 25.27
C PHE D 358 -31.01 -64.95 23.80
N GLY D 359 -32.10 -65.11 23.07
CA GLY D 359 -32.03 -65.30 21.63
C GLY D 359 -31.34 -66.58 21.21
N GLY D 360 -31.55 -66.99 19.96
CA GLY D 360 -30.90 -68.17 19.43
C GLY D 360 -29.50 -67.86 18.92
N SER D 361 -29.15 -68.42 17.76
CA SER D 361 -27.85 -68.19 17.15
C SER D 361 -28.05 -67.81 15.69
N ARG D 362 -27.55 -66.63 15.32
CA ARG D 362 -27.61 -66.18 13.94
C ARG D 362 -26.59 -66.96 13.11
N LYS D 363 -27.03 -67.45 11.95
CA LYS D 363 -26.21 -68.30 11.11
C LYS D 363 -26.18 -67.78 9.68
N ARG D 364 -25.03 -67.91 9.03
CA ARG D 364 -24.91 -67.68 7.59
C ARG D 364 -24.22 -68.89 6.98
N LEU D 365 -24.88 -69.50 6.00
CA LEU D 365 -24.37 -70.71 5.37
C LEU D 365 -23.40 -70.35 4.24
N PRO D 366 -22.65 -71.32 3.73
CA PRO D 366 -21.63 -71.00 2.72
C PRO D 366 -22.19 -70.30 1.49
N ASP D 367 -23.41 -70.64 1.07
CA ASP D 367 -24.00 -70.01 -0.10
C ASP D 367 -24.29 -68.52 0.12
N GLY D 368 -24.28 -68.06 1.37
CA GLY D 368 -24.50 -66.67 1.70
C GLY D 368 -25.79 -66.40 2.44
N LEU D 369 -26.77 -67.29 2.35
CA LEU D 369 -28.04 -67.09 3.02
C LEU D 369 -27.82 -67.00 4.54
N THR D 370 -28.87 -66.57 5.23
CA THR D 370 -28.80 -66.34 6.66
C THR D 370 -30.03 -66.94 7.33
N ARG D 371 -29.82 -67.42 8.56
CA ARG D 371 -30.91 -67.89 9.43
C ARG D 371 -30.89 -67.04 10.68
N ARG D 372 -31.99 -66.33 10.93
CA ARG D 372 -32.04 -65.42 12.07
C ARG D 372 -32.00 -66.20 13.37
N GLY D 373 -31.29 -65.65 14.35
CA GLY D 373 -31.23 -66.21 15.68
C GLY D 373 -32.09 -65.48 16.70
N ASP D 374 -32.99 -64.61 16.26
CA ASP D 374 -33.82 -63.82 17.16
C ASP D 374 -35.24 -64.38 17.15
N ILE D 375 -35.77 -64.63 18.34
CA ILE D 375 -37.08 -65.23 18.49
C ILE D 375 -38.15 -64.15 18.39
N ASN D 376 -39.31 -64.52 17.86
CA ASN D 376 -40.46 -63.63 17.76
C ASN D 376 -41.58 -64.18 18.62
N LEU D 377 -42.10 -63.34 19.52
CA LEU D 377 -43.12 -63.75 20.47
C LEU D 377 -44.34 -62.84 20.30
N LEU D 378 -45.52 -63.46 20.33
CA LEU D 378 -46.79 -62.74 20.28
C LEU D 378 -47.62 -63.10 21.50
N MET D 379 -48.29 -62.11 22.09
CA MET D 379 -49.08 -62.31 23.30
C MET D 379 -50.48 -61.78 23.06
N LEU D 380 -51.34 -62.59 22.46
CA LEU D 380 -52.75 -62.24 22.37
C LEU D 380 -53.42 -62.58 23.68
N GLY D 381 -54.31 -61.70 24.14
CA GLY D 381 -54.96 -61.98 25.41
C GLY D 381 -55.89 -60.87 25.82
N ASP D 382 -56.57 -61.12 26.93
CA ASP D 382 -57.54 -60.16 27.45
C ASP D 382 -56.82 -58.92 27.95
N PRO D 383 -57.48 -57.76 27.92
CA PRO D 383 -56.80 -56.51 28.32
C PRO D 383 -56.46 -56.45 29.80
N GLY D 384 -57.10 -57.26 30.65
CA GLY D 384 -56.80 -57.21 32.07
C GLY D 384 -55.38 -57.65 32.40
N THR D 385 -54.89 -58.66 31.70
CA THR D 385 -53.56 -59.22 31.95
C THR D 385 -52.49 -58.14 31.81
N ALA D 386 -51.29 -58.45 32.32
CA ALA D 386 -50.17 -57.52 32.31
C ALA D 386 -49.26 -57.70 31.10
N LYS D 387 -49.85 -57.72 29.91
CA LYS D 387 -49.03 -57.84 28.69
C LYS D 387 -48.19 -56.59 28.48
N SER D 388 -48.80 -55.42 28.67
CA SER D 388 -48.05 -54.18 28.53
C SER D 388 -46.95 -54.09 29.56
N GLN D 389 -47.23 -54.53 30.79
CA GLN D 389 -46.20 -54.52 31.84
C GLN D 389 -45.04 -55.44 31.49
N LEU D 390 -45.34 -56.62 30.96
CA LEU D 390 -44.27 -57.52 30.54
C LEU D 390 -43.43 -56.90 29.44
N LEU D 391 -44.10 -56.26 28.46
CA LEU D 391 -43.35 -55.60 27.39
C LEU D 391 -42.47 -54.49 27.94
N LYS D 392 -43.00 -53.72 28.89
CA LYS D 392 -42.23 -52.63 29.49
C LYS D 392 -41.00 -53.18 30.21
N PHE D 393 -41.16 -54.25 30.98
CA PHE D 393 -40.01 -54.82 31.66
C PHE D 393 -38.99 -55.35 30.67
N VAL D 394 -39.45 -56.02 29.60
CA VAL D 394 -38.51 -56.55 28.63
C VAL D 394 -37.71 -55.42 27.99
N GLU D 395 -38.39 -54.32 27.66
CA GLU D 395 -37.67 -53.17 27.11
C GLU D 395 -36.66 -52.62 28.12
N LYS D 396 -37.03 -52.55 29.39
CA LYS D 396 -36.12 -52.00 30.39
C LYS D 396 -34.93 -52.92 30.65
N CYS D 397 -35.12 -54.23 30.55
CA CYS D 397 -34.06 -55.18 30.91
C CYS D 397 -33.18 -55.57 29.73
N SER D 398 -33.67 -55.48 28.50
CA SER D 398 -32.86 -55.84 27.36
C SER D 398 -31.66 -54.89 27.25
N PRO D 399 -30.52 -55.37 26.77
CA PRO D 399 -29.39 -54.44 26.58
C PRO D 399 -29.73 -53.30 25.65
N ILE D 400 -30.34 -53.60 24.52
CA ILE D 400 -30.81 -52.62 23.55
C ILE D 400 -32.27 -52.95 23.28
N GLY D 401 -33.18 -52.18 23.84
CA GLY D 401 -34.59 -52.46 23.72
C GLY D 401 -35.45 -51.22 23.63
N VAL D 402 -36.37 -51.19 22.66
CA VAL D 402 -37.25 -50.06 22.43
C VAL D 402 -38.69 -50.54 22.53
N TYR D 403 -39.48 -49.86 23.36
CA TYR D 403 -40.89 -50.19 23.55
C TYR D 403 -41.74 -49.18 22.82
N THR D 404 -42.47 -49.63 21.81
CA THR D 404 -43.27 -48.74 20.97
C THR D 404 -44.63 -49.37 20.76
N SER D 405 -45.41 -48.78 19.86
CA SER D 405 -46.74 -49.25 19.50
C SER D 405 -46.80 -49.59 18.03
N GLY D 406 -47.90 -50.23 17.62
CA GLY D 406 -48.05 -50.59 16.22
C GLY D 406 -47.97 -49.38 15.30
N LYS D 407 -48.55 -48.26 15.72
CA LYS D 407 -48.46 -47.01 14.97
C LYS D 407 -47.26 -46.19 15.43
N GLY D 408 -46.10 -46.82 15.44
CA GLY D 408 -44.90 -46.12 15.87
C GLY D 408 -45.08 -45.49 17.24
N SER D 409 -44.47 -44.34 17.41
CA SER D 409 -44.55 -43.59 18.66
C SER D 409 -44.64 -42.11 18.34
N SER D 410 -44.85 -41.30 19.38
CA SER D 410 -44.92 -39.86 19.20
C SER D 410 -43.60 -39.31 18.69
N ALA D 411 -43.57 -38.84 17.44
CA ALA D 411 -42.38 -38.28 16.82
C ALA D 411 -41.32 -39.33 16.55
N ALA D 412 -41.65 -40.61 16.71
CA ALA D 412 -40.73 -41.70 16.40
C ALA D 412 -41.51 -42.78 15.67
N GLY D 413 -41.15 -43.04 14.42
CA GLY D 413 -41.83 -44.03 13.64
C GLY D 413 -41.61 -45.43 14.18
N LEU D 414 -42.03 -46.41 13.38
CA LEU D 414 -41.83 -47.81 13.71
C LEU D 414 -40.69 -48.43 12.92
N THR D 415 -40.68 -48.22 11.61
CA THR D 415 -39.62 -48.69 10.73
C THR D 415 -38.83 -47.49 10.21
N ALA D 416 -37.92 -47.75 9.28
CA ALA D 416 -37.00 -46.74 8.78
C ALA D 416 -37.45 -46.22 7.43
N SER D 417 -37.33 -44.92 7.24
CA SER D 417 -37.55 -44.27 5.96
C SER D 417 -36.29 -43.49 5.60
N VAL D 418 -36.11 -43.22 4.31
CA VAL D 418 -34.98 -42.45 3.82
C VAL D 418 -35.49 -41.36 2.90
N MET D 419 -35.05 -40.14 3.11
CA MET D 419 -35.49 -39.00 2.32
C MET D 419 -34.29 -38.15 1.93
N ARG D 420 -34.19 -37.82 0.66
CA ARG D 420 -33.11 -36.96 0.18
C ARG D 420 -33.48 -35.51 0.41
N ASP D 421 -32.63 -34.78 1.11
CA ASP D 421 -32.86 -33.35 1.31
C ASP D 421 -32.55 -32.62 0.01
N PRO D 422 -33.50 -31.90 -0.58
CA PRO D 422 -33.21 -31.29 -1.90
C PRO D 422 -32.06 -30.31 -1.87
N SER D 423 -31.85 -29.60 -0.77
CA SER D 423 -30.79 -28.60 -0.72
C SER D 423 -29.42 -29.25 -0.63
N SER D 424 -29.18 -30.01 0.45
CA SER D 424 -27.89 -30.63 0.66
C SER D 424 -27.70 -31.90 -0.14
N ARG D 425 -28.78 -32.48 -0.66
CA ARG D 425 -28.80 -33.72 -1.43
C ARG D 425 -28.44 -34.93 -0.59
N ASN D 426 -28.16 -34.77 0.70
CA ASN D 426 -27.86 -35.91 1.56
C ASN D 426 -29.13 -36.69 1.86
N PHE D 427 -28.97 -38.01 1.99
CA PHE D 427 -30.09 -38.90 2.29
C PHE D 427 -30.20 -39.02 3.81
N ILE D 428 -31.12 -38.25 4.39
CA ILE D 428 -31.40 -38.37 5.81
C ILE D 428 -32.18 -39.66 6.04
N MET D 429 -31.70 -40.48 6.97
CA MET D 429 -32.30 -41.78 7.29
C MET D 429 -33.05 -41.62 8.60
N GLU D 430 -34.37 -41.48 8.50
CA GLU D 430 -35.23 -41.41 9.67
C GLU D 430 -35.41 -42.84 10.20
N GLY D 431 -34.87 -43.09 11.38
CA GLY D 431 -34.85 -44.43 11.93
C GLY D 431 -36.02 -44.69 12.86
N GLY D 432 -36.76 -45.74 12.58
CA GLY D 432 -37.85 -46.17 13.42
C GLY D 432 -37.37 -47.06 14.55
N ALA D 433 -38.33 -47.68 15.24
CA ALA D 433 -37.99 -48.56 16.35
C ALA D 433 -37.18 -49.75 15.87
N MET D 434 -37.54 -50.31 14.71
CA MET D 434 -36.87 -51.50 14.23
C MET D 434 -35.38 -51.24 13.99
N VAL D 435 -35.05 -50.09 13.40
CA VAL D 435 -33.64 -49.81 13.11
C VAL D 435 -32.94 -49.23 14.32
N LEU D 436 -33.68 -48.60 15.24
CA LEU D 436 -33.05 -48.12 16.47
C LEU D 436 -32.66 -49.28 17.38
N ALA D 437 -33.45 -50.36 17.37
CA ALA D 437 -33.19 -51.52 18.21
C ALA D 437 -32.50 -52.64 17.44
N ASP D 438 -31.64 -52.29 16.49
CA ASP D 438 -30.87 -53.30 15.78
C ASP D 438 -30.00 -54.08 16.75
N GLY D 439 -29.95 -55.39 16.58
CA GLY D 439 -29.25 -56.23 17.54
C GLY D 439 -29.88 -56.16 18.92
N GLY D 440 -31.20 -56.08 18.98
CA GLY D 440 -31.89 -55.89 20.24
C GLY D 440 -33.31 -56.40 20.26
N VAL D 441 -34.18 -55.69 20.97
CA VAL D 441 -35.57 -56.09 21.15
C VAL D 441 -36.49 -54.91 20.85
N VAL D 442 -37.58 -55.18 20.13
CA VAL D 442 -38.64 -54.21 19.91
C VAL D 442 -39.91 -54.76 20.56
N CYS D 443 -40.41 -54.03 21.55
CA CYS D 443 -41.62 -54.41 22.27
C CYS D 443 -42.77 -53.62 21.67
N ILE D 444 -43.49 -54.25 20.75
CA ILE D 444 -44.53 -53.59 19.95
C ILE D 444 -45.87 -53.87 20.61
N ASP D 445 -46.36 -52.94 21.41
CA ASP D 445 -47.70 -53.05 21.96
C ASP D 445 -48.73 -52.74 20.89
N GLU D 446 -49.93 -53.30 21.05
CA GLU D 446 -51.01 -53.11 20.09
C GLU D 446 -50.54 -53.46 18.67
N PHE D 447 -50.15 -54.72 18.50
CA PHE D 447 -49.58 -55.16 17.24
C PHE D 447 -50.59 -55.19 16.11
N ASP D 448 -51.88 -55.14 16.43
CA ASP D 448 -52.93 -55.29 15.43
C ASP D 448 -53.35 -53.96 14.80
N LYS D 449 -52.71 -52.85 15.15
CA LYS D 449 -53.11 -51.52 14.72
C LYS D 449 -51.99 -50.83 13.94
N MET D 450 -51.42 -51.51 12.96
CA MET D 450 -50.34 -50.95 12.16
C MET D 450 -50.84 -50.44 10.82
N ARG D 451 -50.03 -49.58 10.20
CA ARG D 451 -50.29 -49.12 8.86
C ARG D 451 -49.82 -50.17 7.84
N GLU D 452 -50.18 -49.95 6.57
CA GLU D 452 -49.81 -50.92 5.55
C GLU D 452 -48.31 -50.92 5.28
N ASP D 453 -47.69 -49.75 5.24
CA ASP D 453 -46.25 -49.68 5.07
C ASP D 453 -45.53 -50.35 6.23
N ASP D 454 -46.00 -50.09 7.45
CA ASP D 454 -45.43 -50.77 8.61
C ASP D 454 -45.61 -52.27 8.50
N ARG D 455 -46.76 -52.72 8.00
CA ARG D 455 -46.99 -54.15 7.84
C ARG D 455 -45.99 -54.76 6.85
N VAL D 456 -45.76 -54.09 5.73
CA VAL D 456 -44.75 -54.55 4.77
C VAL D 456 -43.40 -54.66 5.44
N ALA D 457 -42.99 -53.58 6.12
CA ALA D 457 -41.66 -53.54 6.70
C ALA D 457 -41.49 -54.63 7.75
N ILE D 458 -42.49 -54.83 8.60
CA ILE D 458 -42.39 -55.85 9.63
C ILE D 458 -42.39 -57.24 9.01
N HIS D 459 -43.22 -57.46 7.98
CA HIS D 459 -43.17 -58.74 7.28
C HIS D 459 -41.76 -59.05 6.81
N GLU D 460 -41.12 -58.08 6.15
CA GLU D 460 -39.82 -58.32 5.55
C GLU D 460 -38.66 -58.17 6.53
N ALA D 461 -38.92 -57.74 7.77
CA ALA D 461 -37.87 -57.57 8.76
C ALA D 461 -37.93 -58.57 9.91
N MET D 462 -39.07 -59.23 10.12
CA MET D 462 -39.17 -60.21 11.21
C MET D 462 -38.44 -61.49 10.89
N GLU D 463 -38.20 -61.78 9.61
CA GLU D 463 -37.54 -63.02 9.20
C GLU D 463 -36.16 -62.77 8.60
N GLN D 464 -36.05 -61.85 7.64
CA GLN D 464 -34.76 -61.54 7.03
C GLN D 464 -34.00 -60.46 7.79
N GLN D 465 -34.59 -59.85 8.81
CA GLN D 465 -33.91 -58.93 9.70
C GLN D 465 -33.41 -57.68 8.98
N THR D 466 -33.96 -57.38 7.81
CA THR D 466 -33.54 -56.23 7.02
C THR D 466 -34.75 -55.45 6.55
N ILE D 467 -34.55 -54.16 6.32
CA ILE D 467 -35.55 -53.27 5.72
C ILE D 467 -34.98 -52.77 4.40
N SER D 468 -35.66 -53.07 3.31
CA SER D 468 -35.20 -52.70 1.97
C SER D 468 -35.95 -51.46 1.50
N ILE D 469 -35.21 -50.41 1.19
CA ILE D 469 -35.77 -49.13 0.78
C ILE D 469 -35.13 -48.73 -0.55
N ALA D 470 -35.94 -48.16 -1.44
CA ALA D 470 -35.46 -47.71 -2.75
C ALA D 470 -36.17 -46.41 -3.09
N LYS D 471 -35.52 -45.29 -2.79
CA LYS D 471 -36.03 -43.97 -3.16
C LYS D 471 -35.51 -43.61 -4.55
N ALA D 472 -35.78 -42.38 -4.98
CA ALA D 472 -35.39 -41.97 -6.32
C ALA D 472 -33.87 -42.03 -6.51
N GLY D 473 -33.11 -41.86 -5.43
CA GLY D 473 -31.67 -41.81 -5.54
C GLY D 473 -30.97 -43.13 -5.28
N ILE D 474 -31.30 -43.79 -4.17
CA ILE D 474 -30.55 -44.92 -3.67
C ILE D 474 -31.45 -46.14 -3.53
N THR D 475 -30.84 -47.30 -3.35
CA THR D 475 -31.54 -48.55 -3.09
C THR D 475 -30.77 -49.27 -1.98
N THR D 476 -31.14 -49.01 -0.74
CA THR D 476 -30.42 -49.51 0.42
C THR D 476 -31.13 -50.74 1.00
N THR D 477 -30.47 -51.36 1.97
CA THR D 477 -31.03 -52.49 2.72
C THR D 477 -30.55 -52.33 4.17
N LEU D 478 -31.36 -51.66 4.97
CA LEU D 478 -30.98 -51.43 6.36
C LEU D 478 -31.02 -52.74 7.14
N ASN D 479 -30.29 -52.76 8.25
CA ASN D 479 -30.19 -53.94 9.09
C ASN D 479 -31.05 -53.73 10.34
N SER D 480 -31.99 -54.64 10.56
CA SER D 480 -32.84 -54.63 11.74
C SER D 480 -32.79 -56.03 12.34
N ARG D 481 -31.78 -56.29 13.18
CA ARG D 481 -31.69 -57.52 13.95
C ARG D 481 -32.40 -57.25 15.28
N CYS D 482 -33.66 -57.64 15.35
CA CYS D 482 -34.45 -57.34 16.54
C CYS D 482 -35.45 -58.46 16.79
N SER D 483 -35.55 -58.86 18.05
CA SER D 483 -36.60 -59.77 18.49
C SER D 483 -37.87 -58.98 18.73
N VAL D 484 -38.96 -59.41 18.09
CA VAL D 484 -40.24 -58.70 18.15
C VAL D 484 -41.07 -59.34 19.26
N LEU D 485 -41.28 -58.60 20.34
CA LEU D 485 -42.19 -59.00 21.41
C LEU D 485 -43.47 -58.20 21.22
N ALA D 486 -44.48 -58.82 20.64
CA ALA D 486 -45.71 -58.13 20.26
C ALA D 486 -46.81 -58.45 21.25
N ALA D 487 -47.61 -57.44 21.57
CA ALA D 487 -48.82 -57.59 22.36
C ALA D 487 -50.02 -57.21 21.50
N ALA D 488 -51.20 -57.67 21.91
CA ALA D 488 -52.42 -57.38 21.18
C ALA D 488 -53.59 -57.85 22.03
N ASN D 489 -54.80 -57.71 21.47
CA ASN D 489 -56.02 -58.16 22.12
C ASN D 489 -56.87 -58.89 21.08
N SER D 490 -57.87 -59.61 21.57
CA SER D 490 -58.79 -60.29 20.66
C SER D 490 -59.55 -59.27 19.83
N VAL D 491 -59.94 -59.69 18.62
CA VAL D 491 -60.60 -58.77 17.70
C VAL D 491 -61.86 -58.20 18.31
N PHE D 492 -62.50 -58.95 19.21
CA PHE D 492 -63.72 -58.52 19.88
C PHE D 492 -63.46 -57.90 21.25
N GLY D 493 -62.19 -57.71 21.60
CA GLY D 493 -61.82 -57.15 22.89
C GLY D 493 -61.59 -58.20 23.96
N ARG D 494 -62.40 -59.27 23.95
CA ARG D 494 -62.22 -60.39 24.85
C ARG D 494 -62.38 -61.67 24.07
N TRP D 495 -61.69 -62.71 24.52
CA TRP D 495 -61.67 -63.98 23.79
C TRP D 495 -62.90 -64.80 24.17
N ASP D 496 -63.76 -65.06 23.19
CA ASP D 496 -64.92 -65.92 23.36
C ASP D 496 -64.65 -67.23 22.64
N GLU D 497 -64.70 -68.34 23.38
CA GLU D 497 -64.44 -69.64 22.79
C GLU D 497 -65.45 -69.99 21.71
N THR D 498 -66.64 -69.38 21.75
CA THR D 498 -67.66 -69.68 20.76
C THR D 498 -67.21 -69.33 19.35
N LYS D 499 -66.27 -68.40 19.21
CA LYS D 499 -65.74 -67.98 17.92
C LYS D 499 -64.25 -68.35 17.80
N GLY D 500 -63.91 -69.57 18.18
CA GLY D 500 -62.54 -70.00 18.05
C GLY D 500 -62.06 -69.90 16.61
N GLU D 501 -60.78 -69.57 16.45
CA GLU D 501 -60.15 -69.30 15.16
C GLU D 501 -60.72 -68.06 14.49
N ASP D 502 -61.53 -67.28 15.20
CA ASP D 502 -62.03 -66.02 14.70
C ASP D 502 -61.76 -64.86 15.65
N ASN D 503 -61.18 -65.12 16.82
CA ASN D 503 -60.77 -64.08 17.75
C ASN D 503 -59.49 -63.39 17.32
N ILE D 504 -58.89 -63.82 16.21
CA ILE D 504 -57.65 -63.24 15.70
C ILE D 504 -57.88 -62.81 14.25
N ASP D 505 -57.48 -61.60 13.93
CA ASP D 505 -57.61 -61.06 12.57
C ASP D 505 -56.31 -61.10 11.80
N PHE D 506 -55.23 -61.62 12.39
CA PHE D 506 -53.95 -61.64 11.71
C PHE D 506 -53.95 -62.67 10.59
N MET D 507 -53.05 -62.47 9.63
CA MET D 507 -52.93 -63.33 8.48
C MET D 507 -51.98 -64.48 8.74
N PRO D 508 -52.11 -65.58 7.99
CA PRO D 508 -51.12 -66.65 8.11
C PRO D 508 -49.71 -66.17 7.80
N THR D 509 -49.57 -65.24 6.85
CA THR D 509 -48.24 -64.77 6.48
C THR D 509 -47.54 -64.06 7.63
N ILE D 510 -48.31 -63.39 8.50
CA ILE D 510 -47.71 -62.69 9.62
C ILE D 510 -47.60 -63.60 10.85
N LEU D 511 -48.51 -64.56 11.01
CA LEU D 511 -48.37 -65.49 12.11
C LEU D 511 -47.26 -66.50 11.88
N SER D 512 -46.89 -66.76 10.61
CA SER D 512 -45.74 -67.59 10.33
C SER D 512 -44.46 -66.95 10.82
N ARG D 513 -44.34 -65.62 10.67
CA ARG D 513 -43.14 -64.93 11.10
C ARG D 513 -42.88 -65.09 12.59
N PHE D 514 -43.89 -65.45 13.37
CA PHE D 514 -43.75 -65.54 14.81
C PHE D 514 -43.25 -66.91 15.23
N ASP D 515 -42.27 -66.93 16.12
CA ASP D 515 -41.78 -68.19 16.66
C ASP D 515 -42.75 -68.79 17.66
N MET D 516 -43.31 -67.95 18.54
CA MET D 516 -44.22 -68.43 19.58
C MET D 516 -45.38 -67.47 19.74
N ILE D 517 -46.57 -68.03 19.94
CA ILE D 517 -47.80 -67.27 20.12
C ILE D 517 -48.49 -67.77 21.38
N PHE D 518 -48.85 -66.86 22.28
CA PHE D 518 -49.51 -67.19 23.52
C PHE D 518 -50.89 -66.54 23.55
N ILE D 519 -51.84 -67.24 24.15
CA ILE D 519 -53.20 -66.75 24.33
C ILE D 519 -53.47 -66.69 25.82
N VAL D 520 -53.84 -65.50 26.31
CA VAL D 520 -53.99 -65.24 27.74
C VAL D 520 -55.46 -64.95 28.02
N LYS D 521 -56.09 -65.80 28.83
CA LYS D 521 -57.48 -65.67 29.20
C LYS D 521 -57.60 -65.32 30.68
N ASP D 522 -58.76 -64.76 31.03
CA ASP D 522 -59.02 -64.30 32.39
C ASP D 522 -60.45 -64.63 32.83
N GLU D 523 -60.98 -65.77 32.39
CA GLU D 523 -62.43 -65.97 32.44
C GLU D 523 -62.92 -66.32 33.85
N HIS D 524 -62.55 -67.48 34.38
CA HIS D 524 -63.23 -68.05 35.55
C HIS D 524 -62.20 -68.64 36.51
N ASN D 525 -61.83 -67.88 37.53
CA ASN D 525 -61.08 -68.44 38.66
C ASN D 525 -61.18 -67.48 39.84
N GLU D 526 -62.08 -67.77 40.78
CA GLU D 526 -62.18 -66.94 41.97
C GLU D 526 -60.89 -67.02 42.78
N GLU D 527 -60.29 -68.21 42.88
CA GLU D 527 -59.03 -68.34 43.58
C GLU D 527 -57.93 -67.52 42.92
N ARG D 528 -57.85 -67.57 41.59
CA ARG D 528 -56.85 -66.77 40.90
C ARG D 528 -57.09 -65.28 41.14
N ASP D 529 -58.36 -64.86 41.13
CA ASP D 529 -58.66 -63.45 41.34
C ASP D 529 -58.25 -62.99 42.73
N VAL D 530 -58.56 -63.78 43.75
CA VAL D 530 -58.17 -63.37 45.10
C VAL D 530 -56.66 -63.36 45.24
N MET D 531 -55.98 -64.35 44.67
CA MET D 531 -54.52 -64.37 44.73
C MET D 531 -53.94 -63.16 44.02
N LEU D 532 -54.50 -62.79 42.87
CA LEU D 532 -54.02 -61.63 42.14
C LEU D 532 -54.22 -60.35 42.92
N ALA D 533 -55.38 -60.20 43.56
CA ALA D 533 -55.62 -59.02 44.38
C ALA D 533 -54.63 -58.96 45.54
N LYS D 534 -54.40 -60.09 46.20
CA LYS D 534 -53.43 -60.13 47.29
C LYS D 534 -52.05 -59.71 46.77
N HIS D 535 -51.63 -60.26 45.63
CA HIS D 535 -50.30 -59.98 45.12
C HIS D 535 -50.15 -58.52 44.75
N VAL D 536 -51.18 -57.93 44.13
CA VAL D 536 -51.09 -56.52 43.72
C VAL D 536 -51.03 -55.62 44.94
N ILE D 537 -51.91 -55.85 45.92
CA ILE D 537 -51.88 -55.03 47.13
C ILE D 537 -50.54 -55.20 47.84
N THR D 538 -50.00 -56.42 47.83
CA THR D 538 -48.66 -56.64 48.37
C THR D 538 -47.66 -55.75 47.65
N LEU D 539 -47.45 -55.99 46.35
CA LEU D 539 -46.57 -55.15 45.55
C LEU D 539 -46.66 -53.69 45.95
N HIS D 540 -47.87 -53.17 46.05
CA HIS D 540 -48.03 -51.74 46.31
C HIS D 540 -47.60 -51.36 47.71
N VAL D 541 -47.91 -52.19 48.71
CA VAL D 541 -47.50 -51.86 50.08
C VAL D 541 -45.99 -51.99 50.24
N SER D 542 -45.41 -53.01 49.60
CA SER D 542 -43.98 -53.28 49.74
C SER D 542 -43.13 -52.26 48.99
N ALA D 543 -43.64 -51.74 47.86
CA ALA D 543 -42.88 -50.77 47.07
C ALA D 543 -42.40 -49.61 47.94
N GLU D 551 -31.85 -63.70 47.06
CA GLU D 551 -33.22 -64.18 47.13
C GLU D 551 -33.61 -64.93 45.86
N GLY D 552 -32.61 -65.28 45.06
CA GLY D 552 -32.85 -65.97 43.80
C GLY D 552 -33.31 -65.10 42.67
N GLU D 553 -33.36 -63.78 42.87
CA GLU D 553 -33.77 -62.84 41.84
C GLU D 553 -32.57 -62.01 41.42
N ILE D 554 -32.16 -62.16 40.17
CA ILE D 554 -31.05 -61.39 39.61
C ILE D 554 -31.54 -59.98 39.36
N ASP D 555 -30.84 -58.99 39.90
CA ASP D 555 -31.27 -57.61 39.71
C ASP D 555 -31.22 -57.24 38.23
N LEU D 556 -31.88 -56.14 37.90
CA LEU D 556 -32.04 -55.75 36.50
C LEU D 556 -30.69 -55.55 35.83
N ALA D 557 -29.78 -54.83 36.49
CA ALA D 557 -28.49 -54.51 35.88
C ALA D 557 -27.69 -55.78 35.59
N LYS D 558 -27.56 -56.65 36.60
CA LYS D 558 -26.78 -57.86 36.41
C LYS D 558 -27.43 -58.78 35.38
N LEU D 559 -28.77 -58.82 35.35
CA LEU D 559 -29.44 -59.65 34.36
C LEU D 559 -29.18 -59.12 32.95
N LYS D 560 -29.23 -57.80 32.76
CA LYS D 560 -28.94 -57.24 31.45
C LYS D 560 -27.50 -57.54 31.04
N LYS D 561 -26.55 -57.37 31.96
CA LYS D 561 -25.16 -57.67 31.64
C LYS D 561 -24.99 -59.15 31.32
N PHE D 562 -25.67 -60.01 32.06
CA PHE D 562 -25.60 -61.45 31.81
C PHE D 562 -26.11 -61.79 30.42
N ILE D 563 -27.23 -61.18 30.03
CA ILE D 563 -27.79 -61.42 28.70
C ILE D 563 -26.81 -60.97 27.63
N ALA D 564 -26.26 -59.77 27.79
CA ALA D 564 -25.32 -59.26 26.79
C ALA D 564 -24.09 -60.16 26.71
N TYR D 565 -23.57 -60.60 27.85
CA TYR D 565 -22.38 -61.44 27.87
C TYR D 565 -22.64 -62.76 27.16
N CYS D 566 -23.77 -63.41 27.46
CA CYS D 566 -24.09 -64.66 26.80
C CYS D 566 -24.21 -64.47 25.30
N ARG D 567 -24.94 -63.43 24.89
CA ARG D 567 -25.15 -63.21 23.45
C ARG D 567 -23.83 -62.98 22.74
N VAL D 568 -22.94 -62.18 23.33
CA VAL D 568 -21.67 -61.88 22.65
C VAL D 568 -20.77 -63.11 22.64
N LYS D 569 -20.75 -63.89 23.72
CA LYS D 569 -19.78 -64.98 23.83
C LYS D 569 -20.26 -66.23 23.09
N CYS D 570 -21.37 -66.82 23.53
CA CYS D 570 -21.72 -68.18 23.14
C CYS D 570 -22.66 -68.17 21.93
N GLY D 571 -22.35 -69.00 20.94
CA GLY D 571 -23.30 -69.36 19.93
C GLY D 571 -23.46 -70.88 19.88
N PRO D 572 -24.58 -71.39 20.38
CA PRO D 572 -24.76 -72.85 20.43
C PRO D 572 -25.13 -73.44 19.08
N ARG D 573 -25.16 -74.78 19.06
CA ARG D 573 -25.64 -75.56 17.94
C ARG D 573 -26.42 -76.75 18.50
N LEU D 574 -26.94 -77.58 17.60
CA LEU D 574 -27.70 -78.76 17.99
C LEU D 574 -26.83 -80.00 17.95
N SER D 575 -26.93 -80.81 19.00
CA SER D 575 -26.34 -82.14 18.94
C SER D 575 -27.14 -83.01 17.97
N ALA D 576 -26.47 -84.05 17.46
CA ALA D 576 -27.13 -84.90 16.47
C ALA D 576 -28.37 -85.57 17.06
N GLU D 577 -28.27 -86.07 18.29
CA GLU D 577 -29.41 -86.72 18.92
C GLU D 577 -30.55 -85.74 19.16
N ALA D 578 -30.23 -84.52 19.61
CA ALA D 578 -31.26 -83.52 19.82
C ALA D 578 -31.93 -83.16 18.51
N ALA D 579 -31.15 -83.02 17.44
CA ALA D 579 -31.72 -82.72 16.13
C ALA D 579 -32.64 -83.84 15.66
N GLU D 580 -32.24 -85.10 15.87
CA GLU D 580 -33.10 -86.21 15.48
C GLU D 580 -34.41 -86.20 16.28
N LYS D 581 -34.32 -85.95 17.58
CA LYS D 581 -35.53 -85.87 18.39
C LYS D 581 -36.44 -84.75 17.91
N LEU D 582 -35.85 -83.59 17.60
CA LEU D 582 -36.64 -82.48 17.09
C LEU D 582 -37.28 -82.83 15.76
N LYS D 583 -36.55 -83.55 14.90
CA LYS D 583 -37.11 -83.95 13.61
C LYS D 583 -38.33 -84.84 13.82
N ASN D 584 -38.22 -85.81 14.71
CA ASN D 584 -39.35 -86.71 14.96
C ASN D 584 -40.54 -85.94 15.52
N ARG D 585 -40.29 -85.09 16.51
CA ARG D 585 -41.39 -84.34 17.11
C ARG D 585 -42.04 -83.39 16.11
N TYR D 586 -41.24 -82.76 15.26
CA TYR D 586 -41.77 -81.87 14.24
C TYR D 586 -42.61 -82.64 13.23
N ILE D 587 -42.16 -83.82 12.83
CA ILE D 587 -42.94 -84.62 11.89
C ILE D 587 -44.29 -84.97 12.48
N ILE D 588 -44.30 -85.44 13.74
CA ILE D 588 -45.57 -85.83 14.34
C ILE D 588 -46.46 -84.61 14.54
N MET D 589 -45.87 -83.46 14.89
CA MET D 589 -46.67 -82.27 15.13
C MET D 589 -47.30 -81.77 13.83
N ARG D 590 -46.54 -81.78 12.73
CA ARG D 590 -47.10 -81.38 11.44
C ARG D 590 -48.19 -82.35 11.01
N SER D 591 -47.99 -83.65 11.23
CA SER D 591 -49.04 -84.61 10.88
C SER D 591 -50.31 -84.35 11.69
N GLY D 592 -50.15 -84.06 12.98
CA GLY D 592 -51.31 -83.75 13.80
C GLY D 592 -52.01 -82.49 13.36
N ALA D 593 -51.25 -81.47 12.97
CA ALA D 593 -51.85 -80.25 12.46
C ALA D 593 -52.63 -80.52 11.18
N ARG D 594 -52.06 -81.31 10.27
CA ARG D 594 -52.78 -81.69 9.06
C ARG D 594 -54.07 -82.41 9.39
N GLN D 595 -54.00 -83.35 10.33
CA GLN D 595 -55.20 -84.11 10.70
C GLN D 595 -56.27 -83.21 11.27
N HIS D 596 -55.89 -82.28 12.16
CA HIS D 596 -56.86 -81.38 12.76
C HIS D 596 -57.47 -80.47 11.71
N GLU D 597 -56.65 -79.94 10.80
CA GLU D 597 -57.19 -79.06 9.77
C GLU D 597 -58.16 -79.80 8.86
N ARG D 598 -57.82 -81.03 8.48
CA ARG D 598 -58.73 -81.79 7.62
C ARG D 598 -60.00 -82.18 8.36
N ASP D 599 -59.91 -82.45 9.66
CA ASP D 599 -61.10 -82.78 10.43
C ASP D 599 -62.02 -81.57 10.56
N SER D 600 -61.46 -80.40 10.85
CA SER D 600 -62.27 -79.21 10.98
C SER D 600 -62.74 -78.68 9.64
N ASP D 601 -62.13 -79.12 8.54
CA ASP D 601 -62.48 -78.68 7.19
C ASP D 601 -62.31 -77.17 7.02
N ARG D 602 -61.59 -76.53 7.95
CA ARG D 602 -61.28 -75.12 7.87
C ARG D 602 -59.79 -74.93 8.14
N ARG D 603 -59.16 -74.07 7.36
CA ARG D 603 -57.71 -73.86 7.45
C ARG D 603 -57.44 -73.03 8.70
N SER D 604 -56.83 -73.66 9.70
CA SER D 604 -56.57 -72.97 10.96
C SER D 604 -55.74 -71.71 10.71
N SER D 605 -56.17 -70.60 11.30
CA SER D 605 -55.46 -69.34 11.13
C SER D 605 -54.28 -69.21 12.08
N ILE D 606 -53.43 -70.23 12.12
CA ILE D 606 -52.20 -70.20 12.90
C ILE D 606 -51.40 -71.44 12.48
N PRO D 607 -50.72 -71.41 11.34
CA PRO D 607 -50.14 -72.64 10.79
C PRO D 607 -48.89 -73.09 11.53
N ILE D 608 -48.51 -74.34 11.26
CA ILE D 608 -47.25 -74.92 11.73
C ILE D 608 -46.39 -75.17 10.51
N THR D 609 -45.16 -74.67 10.53
CA THR D 609 -44.35 -74.62 9.32
C THR D 609 -42.87 -74.74 9.67
N VAL D 610 -42.05 -74.73 8.62
CA VAL D 610 -40.61 -74.79 8.79
C VAL D 610 -40.13 -73.63 9.64
N ARG D 611 -40.85 -72.50 9.60
CA ARG D 611 -40.54 -71.42 10.53
C ARG D 611 -40.74 -71.86 11.96
N GLN D 612 -41.76 -72.70 12.22
CA GLN D 612 -41.94 -73.23 13.56
C GLN D 612 -40.83 -74.20 13.93
N LEU D 613 -40.40 -75.03 12.98
CA LEU D 613 -39.25 -75.89 13.24
C LEU D 613 -38.03 -75.07 13.64
N GLU D 614 -37.72 -74.04 12.85
CA GLU D 614 -36.59 -73.18 13.16
C GLU D 614 -36.80 -72.42 14.46
N ALA D 615 -38.05 -72.10 14.80
CA ALA D 615 -38.32 -71.46 16.08
C ALA D 615 -37.97 -72.38 17.23
N ILE D 616 -38.33 -73.66 17.12
CA ILE D 616 -37.95 -74.62 18.15
C ILE D 616 -36.43 -74.74 18.23
N VAL D 617 -35.78 -74.76 17.07
CA VAL D 617 -34.32 -74.80 17.03
C VAL D 617 -33.74 -73.61 17.80
N ARG D 618 -34.26 -72.42 17.51
CA ARG D 618 -33.73 -71.21 18.14
C ARG D 618 -34.00 -71.20 19.64
N ILE D 619 -35.17 -71.70 20.06
CA ILE D 619 -35.45 -71.75 21.49
C ILE D 619 -34.49 -72.69 22.19
N ALA D 620 -34.22 -73.85 21.57
CA ALA D 620 -33.23 -74.76 22.14
C ALA D 620 -31.86 -74.11 22.23
N GLU D 621 -31.47 -73.39 21.16
CA GLU D 621 -30.18 -72.70 21.18
C GLU D 621 -30.13 -71.67 22.29
N ALA D 622 -31.21 -70.93 22.50
CA ALA D 622 -31.23 -69.94 23.58
C ALA D 622 -31.12 -70.61 24.93
N LEU D 623 -31.81 -71.74 25.11
CA LEU D 623 -31.74 -72.46 26.37
C LEU D 623 -30.31 -72.92 26.66
N SER D 624 -29.64 -73.47 25.65
CA SER D 624 -28.25 -73.86 25.82
C SER D 624 -27.37 -72.64 26.10
N LYS D 625 -27.64 -71.52 25.41
CA LYS D 625 -26.85 -70.33 25.59
C LYS D 625 -26.97 -69.78 27.01
N MET D 626 -28.11 -69.97 27.66
CA MET D 626 -28.23 -69.58 29.06
C MET D 626 -27.12 -70.19 29.89
N LYS D 627 -26.84 -71.48 29.67
CA LYS D 627 -25.78 -72.19 30.38
C LYS D 627 -24.42 -72.05 29.72
N LEU D 628 -24.35 -71.46 28.52
CA LEU D 628 -23.13 -71.35 27.75
C LEU D 628 -22.59 -72.71 27.32
N GLN D 629 -23.49 -73.65 27.02
CA GLN D 629 -23.09 -74.94 26.47
C GLN D 629 -22.98 -74.80 24.96
N PRO D 630 -21.79 -74.96 24.36
CA PRO D 630 -21.68 -74.77 22.91
C PRO D 630 -22.54 -75.72 22.10
N PHE D 631 -23.18 -76.71 22.72
CA PHE D 631 -24.10 -77.61 22.02
C PHE D 631 -25.39 -77.74 22.82
N ALA D 632 -26.48 -77.99 22.09
CA ALA D 632 -27.80 -78.10 22.67
C ALA D 632 -28.18 -79.57 22.84
N THR D 633 -28.76 -79.89 23.99
CA THR D 633 -29.00 -81.26 24.40
C THR D 633 -30.48 -81.60 24.28
N GLU D 634 -30.78 -82.88 24.56
CA GLU D 634 -32.17 -83.35 24.51
C GLU D 634 -33.02 -82.67 25.57
N ALA D 635 -32.44 -82.34 26.72
CA ALA D 635 -33.21 -81.60 27.72
C ALA D 635 -33.63 -80.23 27.18
N ASP D 636 -32.70 -79.52 26.53
CA ASP D 636 -33.03 -78.22 25.98
C ASP D 636 -34.07 -78.33 24.86
N VAL D 637 -33.90 -79.31 23.97
CA VAL D 637 -34.88 -79.44 22.89
C VAL D 637 -36.24 -79.84 23.45
N GLU D 638 -36.26 -80.66 24.51
CA GLU D 638 -37.54 -81.02 25.14
C GLU D 638 -38.20 -79.80 25.75
N GLU D 639 -37.44 -78.94 26.43
CA GLU D 639 -38.03 -77.73 26.99
C GLU D 639 -38.54 -76.81 25.89
N ALA D 640 -37.79 -76.68 24.80
CA ALA D 640 -38.25 -75.87 23.67
C ALA D 640 -39.54 -76.43 23.10
N LEU D 641 -39.62 -77.75 22.97
CA LEU D 641 -40.83 -78.37 22.47
C LEU D 641 -42.00 -78.16 23.44
N ARG D 642 -41.74 -78.18 24.73
CA ARG D 642 -42.80 -77.92 25.69
C ARG D 642 -43.33 -76.51 25.55
N LEU D 643 -42.43 -75.53 25.40
CA LEU D 643 -42.88 -74.15 25.21
C LEU D 643 -43.65 -74.00 23.91
N PHE D 644 -43.16 -74.63 22.84
CA PHE D 644 -43.90 -74.56 21.58
C PHE D 644 -45.24 -75.28 21.70
N GLN D 645 -45.35 -76.28 22.56
CA GLN D 645 -46.64 -76.91 22.81
C GLN D 645 -47.59 -75.96 23.54
N VAL D 646 -47.07 -75.24 24.53
CA VAL D 646 -47.88 -74.23 25.20
C VAL D 646 -48.32 -73.16 24.20
N SER D 647 -47.52 -72.92 23.18
CA SER D 647 -47.96 -72.05 22.08
C SER D 647 -49.01 -72.73 21.21
N THR D 648 -48.84 -74.04 20.97
CA THR D 648 -49.74 -74.82 20.13
C THR D 648 -51.08 -75.08 20.80
N LEU D 649 -51.22 -74.76 22.08
CA LEU D 649 -52.51 -74.94 22.74
C LEU D 649 -53.59 -74.04 22.18
N ASP D 650 -53.29 -73.26 21.15
CA ASP D 650 -54.29 -72.52 20.39
C ASP D 650 -54.36 -72.91 18.93
N ALA D 651 -53.27 -73.44 18.36
CA ALA D 651 -53.30 -73.84 16.96
C ALA D 651 -54.27 -74.99 16.74
N ALA D 652 -54.28 -75.98 17.64
CA ALA D 652 -55.14 -77.14 17.54
C ALA D 652 -56.28 -77.15 18.55
N LEU D 653 -55.99 -76.83 19.81
CA LEU D 653 -57.01 -76.89 20.85
C LEU D 653 -58.09 -75.84 20.63
N SER D 654 -57.72 -74.66 20.14
CA SER D 654 -58.69 -73.58 19.99
C SER D 654 -59.87 -73.99 19.12
N GLY D 655 -59.64 -74.85 18.14
CA GLY D 655 -60.70 -75.30 17.27
C GLY D 655 -61.34 -76.59 17.75
N LEU E 16 -27.83 36.26 -3.58
CA LEU E 16 -28.47 37.01 -2.50
C LEU E 16 -29.70 36.26 -2.02
N GLU E 17 -29.61 34.93 -1.98
CA GLU E 17 -30.72 34.08 -1.56
C GLU E 17 -31.97 34.40 -2.38
N VAL E 18 -31.89 34.05 -3.66
CA VAL E 18 -32.94 34.35 -4.64
C VAL E 18 -34.30 34.06 -4.02
N ARG E 19 -35.24 34.97 -4.21
CA ARG E 19 -36.56 34.87 -3.61
C ARG E 19 -37.53 34.19 -4.56
N ASP E 20 -38.39 33.34 -4.00
CA ASP E 20 -39.48 32.71 -4.74
C ASP E 20 -40.67 33.65 -4.66
N GLU E 21 -40.73 34.59 -5.60
CA GLU E 21 -41.70 35.69 -5.48
C GLU E 21 -43.13 35.18 -5.47
N VAL E 22 -43.44 34.19 -6.31
CA VAL E 22 -44.79 33.64 -6.33
C VAL E 22 -45.15 33.08 -4.96
N ALA E 23 -44.22 32.32 -4.37
CA ALA E 23 -44.50 31.70 -3.08
C ALA E 23 -44.61 32.73 -1.97
N GLU E 24 -43.79 33.79 -2.01
CA GLU E 24 -43.88 34.83 -0.98
C GLU E 24 -45.18 35.61 -1.11
N LYS E 25 -45.60 35.89 -2.34
CA LYS E 25 -46.91 36.53 -2.54
C LYS E 25 -48.02 35.64 -2.00
N CYS E 26 -47.94 34.34 -2.27
CA CYS E 26 -48.93 33.41 -1.74
C CYS E 26 -48.92 33.41 -0.22
N GLN E 27 -47.73 33.45 0.38
CA GLN E 27 -47.64 33.49 1.84
C GLN E 27 -48.30 34.74 2.40
N LYS E 28 -48.02 35.89 1.81
CA LYS E 28 -48.61 37.14 2.30
C LYS E 28 -50.12 37.11 2.16
N LEU E 29 -50.62 36.67 1.00
CA LEU E 29 -52.06 36.61 0.77
C LEU E 29 -52.73 35.63 1.74
N PHE E 30 -52.08 34.50 2.01
CA PHE E 30 -52.66 33.51 2.90
C PHE E 30 -52.66 34.01 4.34
N LEU E 31 -51.62 34.73 4.75
CA LEU E 31 -51.63 35.32 6.08
C LEU E 31 -52.74 36.35 6.21
N ASP E 32 -52.94 37.16 5.16
CA ASP E 32 -54.05 38.10 5.16
C ASP E 32 -55.38 37.37 5.27
N PHE E 33 -55.53 36.26 4.53
CA PHE E 33 -56.75 35.47 4.61
C PHE E 33 -56.97 34.97 6.03
N LEU E 34 -55.91 34.46 6.68
CA LEU E 34 -56.05 33.98 8.04
C LEU E 34 -56.47 35.08 8.98
N GLU E 35 -55.86 36.26 8.87
CA GLU E 35 -56.05 37.33 9.84
C GLU E 35 -57.22 38.25 9.50
N GLU E 36 -57.92 38.02 8.39
CA GLU E 36 -59.02 38.89 8.00
C GLU E 36 -60.31 38.12 7.77
N PHE E 37 -60.20 36.89 7.28
CA PHE E 37 -61.39 36.12 6.95
C PHE E 37 -62.27 35.93 8.18
N GLN E 38 -63.57 36.02 7.99
CA GLN E 38 -64.54 35.91 9.07
C GLN E 38 -65.70 35.04 8.63
N SER E 39 -66.36 34.43 9.61
CA SER E 39 -67.51 33.57 9.35
C SER E 39 -68.79 34.41 9.32
N SER E 40 -69.94 33.73 9.32
CA SER E 40 -71.21 34.45 9.31
C SER E 40 -71.34 35.33 10.55
N ASP E 41 -70.93 34.81 11.71
CA ASP E 41 -70.98 35.60 12.94
C ASP E 41 -70.17 36.88 12.83
N GLY E 42 -69.17 36.91 11.95
CA GLY E 42 -68.35 38.10 11.75
C GLY E 42 -67.05 38.12 12.53
N GLU E 43 -66.79 37.12 13.36
CA GLU E 43 -65.54 37.04 14.09
C GLU E 43 -64.50 36.29 13.26
N ILE E 44 -63.27 36.24 13.76
CA ILE E 44 -62.16 35.64 13.03
C ILE E 44 -62.13 34.16 13.39
N LYS E 45 -62.76 33.35 12.54
CA LYS E 45 -62.88 31.92 12.82
C LYS E 45 -61.50 31.27 12.92
N TYR E 46 -60.59 31.63 12.03
CA TYR E 46 -59.27 31.01 12.06
C TYR E 46 -58.43 31.55 13.21
N LEU E 47 -58.70 32.75 13.70
CA LEU E 47 -58.10 33.18 14.96
C LEU E 47 -58.57 32.28 16.09
N GLN E 48 -59.88 32.00 16.14
CA GLN E 48 -60.38 31.12 17.18
C GLN E 48 -59.79 29.73 17.05
N LEU E 49 -59.60 29.24 15.83
CA LEU E 49 -59.02 27.92 15.64
C LEU E 49 -57.55 27.90 16.05
N ALA E 50 -56.78 28.89 15.61
CA ALA E 50 -55.37 28.96 15.99
C ALA E 50 -55.20 29.15 17.49
N GLU E 51 -56.23 29.65 18.19
CA GLU E 51 -56.15 29.70 19.64
C GLU E 51 -55.86 28.33 20.23
N GLU E 52 -56.31 27.25 19.57
CA GLU E 52 -56.08 25.91 20.06
C GLU E 52 -54.70 25.37 19.70
N LEU E 53 -53.99 26.00 18.76
CA LEU E 53 -52.68 25.51 18.34
C LEU E 53 -51.61 25.73 19.41
N ILE E 54 -51.88 26.54 20.44
CA ILE E 54 -50.86 26.81 21.45
C ILE E 54 -50.56 25.54 22.26
N ARG E 55 -51.57 24.72 22.50
CA ARG E 55 -51.37 23.52 23.28
C ARG E 55 -50.37 22.61 22.58
N PRO E 56 -49.55 21.88 23.35
CA PRO E 56 -48.64 20.90 22.71
C PRO E 56 -49.43 19.81 22.03
N GLU E 57 -48.73 18.85 21.41
CA GLU E 57 -49.36 17.77 20.65
C GLU E 57 -50.49 18.31 19.78
N ARG E 58 -50.32 19.54 19.28
CA ARG E 58 -51.32 20.16 18.42
C ARG E 58 -50.58 21.15 17.54
N ASN E 59 -50.34 20.76 16.28
CA ASN E 59 -49.48 21.56 15.41
C ASN E 59 -50.01 21.66 13.98
N THR E 60 -51.30 21.44 13.76
CA THR E 60 -51.89 21.58 12.44
C THR E 60 -53.15 22.42 12.54
N LEU E 61 -53.36 23.28 11.55
CA LEU E 61 -54.57 24.08 11.42
C LEU E 61 -55.33 23.62 10.19
N VAL E 62 -56.61 23.33 10.35
CA VAL E 62 -57.45 22.88 9.26
C VAL E 62 -58.16 24.09 8.65
N VAL E 63 -58.05 24.24 7.34
CA VAL E 63 -58.57 25.39 6.62
C VAL E 63 -59.42 24.88 5.47
N SER E 64 -60.58 25.50 5.27
CA SER E 64 -61.53 25.07 4.25
C SER E 64 -61.15 25.71 2.92
N PHE E 65 -60.94 24.87 1.90
CA PHE E 65 -60.66 25.38 0.57
C PHE E 65 -61.83 26.21 0.05
N VAL E 66 -63.05 25.90 0.50
CA VAL E 66 -64.21 26.73 0.14
C VAL E 66 -64.02 28.14 0.68
N ASP E 67 -63.65 28.25 1.96
CA ASP E 67 -63.40 29.56 2.54
C ASP E 67 -62.29 30.29 1.81
N LEU E 68 -61.21 29.58 1.50
CA LEU E 68 -60.09 30.21 0.79
C LEU E 68 -60.53 30.74 -0.57
N GLU E 69 -61.29 29.92 -1.32
CA GLU E 69 -61.75 30.34 -2.64
C GLU E 69 -62.68 31.54 -2.53
N GLN E 70 -63.58 31.53 -1.54
CA GLN E 70 -64.46 32.68 -1.35
C GLN E 70 -63.66 33.95 -1.07
N PHE E 71 -62.71 33.87 -0.13
CA PHE E 71 -61.97 35.07 0.25
C PHE E 71 -61.14 35.60 -0.91
N ASN E 72 -60.45 34.72 -1.65
CA ASN E 72 -59.57 35.15 -2.73
C ASN E 72 -59.45 34.00 -3.72
N GLN E 73 -60.15 34.12 -4.85
CA GLN E 73 -60.12 33.05 -5.85
C GLN E 73 -58.72 32.86 -6.41
N GLN E 74 -58.01 33.96 -6.67
CA GLN E 74 -56.67 33.84 -7.23
C GLN E 74 -55.73 33.11 -6.28
N LEU E 75 -55.81 33.42 -4.99
CA LEU E 75 -54.97 32.71 -4.02
C LEU E 75 -55.29 31.23 -4.01
N SER E 76 -56.58 30.87 -4.02
CA SER E 76 -56.95 29.47 -4.00
C SER E 76 -56.45 28.75 -5.24
N THR E 77 -56.60 29.38 -6.41
CA THR E 77 -56.12 28.74 -7.64
C THR E 77 -54.61 28.59 -7.61
N THR E 78 -53.89 29.61 -7.13
CA THR E 78 -52.44 29.51 -7.04
C THR E 78 -52.03 28.36 -6.13
N ILE E 79 -52.69 28.25 -4.97
CA ILE E 79 -52.36 27.17 -4.05
C ILE E 79 -52.64 25.82 -4.69
N GLN E 80 -53.80 25.69 -5.34
CA GLN E 80 -54.16 24.41 -5.94
C GLN E 80 -53.17 24.01 -7.03
N GLU E 81 -52.74 24.97 -7.84
CA GLU E 81 -51.90 24.66 -8.99
C GLU E 81 -50.41 24.63 -8.67
N GLU E 82 -50.00 25.14 -7.51
CA GLU E 82 -48.59 25.12 -7.11
C GLU E 82 -48.48 24.74 -5.64
N PHE E 83 -49.25 23.74 -5.22
CA PHE E 83 -49.35 23.42 -3.80
C PHE E 83 -48.01 23.02 -3.21
N TYR E 84 -47.25 22.16 -3.91
CA TYR E 84 -46.02 21.64 -3.32
C TYR E 84 -45.01 22.74 -3.04
N ARG E 85 -44.76 23.60 -4.03
CA ARG E 85 -43.73 24.62 -3.84
C ARG E 85 -44.15 25.67 -2.82
N VAL E 86 -45.44 25.98 -2.73
CA VAL E 86 -45.91 27.03 -1.84
C VAL E 86 -46.24 26.54 -0.44
N TYR E 87 -46.42 25.23 -0.26
CA TYR E 87 -46.85 24.73 1.04
C TYR E 87 -45.94 25.16 2.18
N PRO E 88 -44.62 25.06 2.07
CA PRO E 88 -43.77 25.51 3.19
C PRO E 88 -43.99 26.97 3.54
N TYR E 89 -44.24 27.80 2.54
CA TYR E 89 -44.49 29.21 2.80
C TYR E 89 -45.82 29.40 3.53
N LEU E 90 -46.84 28.60 3.18
CA LEU E 90 -48.09 28.64 3.92
C LEU E 90 -47.88 28.24 5.37
N CYS E 91 -47.04 27.23 5.59
CA CYS E 91 -46.75 26.81 6.96
C CYS E 91 -46.05 27.93 7.74
N ARG E 92 -45.10 28.61 7.10
CA ARG E 92 -44.42 29.72 7.76
C ARG E 92 -45.40 30.86 8.05
N ALA E 93 -46.32 31.12 7.12
CA ALA E 93 -47.33 32.14 7.35
C ALA E 93 -48.17 31.80 8.57
N LEU E 94 -48.60 30.54 8.67
CA LEU E 94 -49.36 30.11 9.85
C LEU E 94 -48.53 30.25 11.11
N LYS E 95 -47.23 29.94 11.02
CA LYS E 95 -46.36 30.07 12.19
C LYS E 95 -46.31 31.52 12.67
N THR E 96 -46.15 32.45 11.74
CA THR E 96 -46.16 33.87 12.11
C THR E 96 -47.50 34.26 12.70
N PHE E 97 -48.59 33.78 12.10
CA PHE E 97 -49.92 34.10 12.59
C PHE E 97 -50.09 33.64 14.03
N VAL E 98 -49.62 32.44 14.35
CA VAL E 98 -49.74 31.95 15.72
C VAL E 98 -48.81 32.71 16.66
N LYS E 99 -47.59 33.00 16.20
CA LYS E 99 -46.59 33.62 17.07
C LYS E 99 -47.02 35.02 17.48
N ASP E 100 -47.41 35.85 16.52
CA ASP E 100 -47.72 37.24 16.86
C ASP E 100 -48.91 37.32 17.81
N ARG E 101 -49.68 36.25 17.97
CA ARG E 101 -50.76 36.20 18.94
C ARG E 101 -50.31 35.63 20.28
N LYS E 102 -49.65 34.47 20.27
CA LYS E 102 -49.35 33.73 21.49
C LYS E 102 -47.85 33.44 21.60
N GLU E 103 -47.48 32.67 22.62
CA GLU E 103 -46.10 32.42 23.01
C GLU E 103 -45.71 30.96 22.76
N ILE E 104 -46.00 30.45 21.57
CA ILE E 104 -45.66 29.07 21.24
C ILE E 104 -44.14 28.94 21.20
N PRO E 105 -43.58 27.75 21.49
CA PRO E 105 -42.12 27.61 21.49
C PRO E 105 -41.52 28.00 20.14
N LEU E 106 -40.35 28.62 20.20
CA LEU E 106 -39.73 29.14 18.99
C LEU E 106 -39.46 28.03 17.97
N ALA E 107 -39.10 26.84 18.46
CA ALA E 107 -38.75 25.73 17.57
C ALA E 107 -39.96 24.98 17.04
N LYS E 108 -41.16 25.29 17.52
CA LYS E 108 -42.35 24.55 17.10
C LYS E 108 -42.65 24.82 15.64
N ASP E 109 -43.07 23.78 14.94
CA ASP E 109 -43.49 23.87 13.54
C ASP E 109 -45.00 23.76 13.46
N PHE E 110 -45.56 24.36 12.42
CA PHE E 110 -47.00 24.34 12.19
C PHE E 110 -47.28 23.90 10.76
N TYR E 111 -48.38 23.18 10.59
CA TYR E 111 -48.77 22.64 9.30
C TYR E 111 -50.19 23.08 8.97
N VAL E 112 -50.47 23.16 7.68
CA VAL E 112 -51.76 23.62 7.18
C VAL E 112 -52.42 22.46 6.45
N ALA E 113 -53.51 21.96 7.03
CA ALA E 113 -54.33 20.96 6.37
C ALA E 113 -55.46 21.66 5.63
N PHE E 114 -55.78 21.16 4.44
CA PHE E 114 -56.88 21.69 3.64
C PHE E 114 -57.97 20.63 3.53
N GLN E 115 -59.22 21.07 3.53
CA GLN E 115 -60.35 20.15 3.43
C GLN E 115 -61.44 20.79 2.57
N ASP E 116 -62.44 19.98 2.26
CA ASP E 116 -63.59 20.44 1.47
C ASP E 116 -63.18 20.86 0.07
N LEU E 117 -62.11 20.28 -0.46
CA LEU E 117 -61.71 20.56 -1.82
C LEU E 117 -62.84 20.17 -2.76
N PRO E 118 -63.33 21.09 -3.61
CA PRO E 118 -64.54 20.76 -4.39
C PRO E 118 -64.41 19.54 -5.28
N THR E 119 -63.25 19.35 -5.93
CA THR E 119 -63.10 18.29 -6.91
C THR E 119 -62.38 17.09 -6.30
N ARG E 120 -62.75 15.90 -6.77
CA ARG E 120 -62.15 14.65 -6.32
C ARG E 120 -61.68 13.86 -7.53
N HIS E 121 -60.45 13.36 -7.47
CA HIS E 121 -59.87 12.61 -8.57
C HIS E 121 -59.87 11.11 -8.26
N LYS E 122 -59.56 10.33 -9.28
CA LYS E 122 -59.49 8.88 -9.18
C LYS E 122 -58.05 8.42 -9.18
N ILE E 123 -57.77 7.38 -8.41
CA ILE E 123 -56.41 6.84 -8.33
C ILE E 123 -55.89 6.45 -9.71
N ARG E 124 -56.80 6.14 -10.64
CA ARG E 124 -56.37 5.92 -12.02
C ARG E 124 -56.01 7.23 -12.70
N GLU E 125 -56.64 8.32 -12.29
CA GLU E 125 -56.38 9.64 -12.86
C GLU E 125 -55.22 10.35 -12.17
N LEU E 126 -54.66 9.78 -11.11
CA LEU E 126 -53.49 10.38 -10.48
C LEU E 126 -52.26 10.19 -11.35
N THR E 127 -52.21 10.91 -12.48
CA THR E 127 -51.10 10.82 -13.41
C THR E 127 -49.95 11.72 -12.95
N SER E 128 -48.87 11.73 -13.73
CA SER E 128 -47.73 12.57 -13.40
C SER E 128 -48.08 14.06 -13.47
N SER E 129 -49.01 14.43 -14.34
CA SER E 129 -49.41 15.83 -14.45
C SER E 129 -49.98 16.35 -13.14
N ARG E 130 -50.44 15.47 -12.27
CA ARG E 130 -50.94 15.86 -10.95
C ARG E 130 -49.84 15.99 -9.92
N ILE E 131 -48.58 15.78 -10.30
CA ILE E 131 -47.48 15.80 -9.34
C ILE E 131 -47.32 17.21 -8.78
N GLY E 132 -47.26 17.31 -7.45
CA GLY E 132 -46.92 18.55 -6.80
C GLY E 132 -48.04 19.55 -6.65
N LEU E 133 -49.23 19.25 -7.16
CA LEU E 133 -50.36 20.17 -7.07
C LEU E 133 -51.50 19.51 -6.30
N LEU E 134 -52.24 20.34 -5.58
CA LEU E 134 -53.22 19.85 -4.62
C LEU E 134 -54.27 18.97 -5.31
N THR E 135 -54.68 17.92 -4.61
CA THR E 135 -55.66 16.99 -5.14
C THR E 135 -56.34 16.30 -3.95
N ARG E 136 -57.45 15.62 -4.26
CA ARG E 136 -58.17 14.84 -3.28
C ARG E 136 -58.62 13.54 -3.93
N ILE E 137 -58.43 12.43 -3.22
CA ILE E 137 -58.78 11.12 -3.74
C ILE E 137 -59.52 10.34 -2.66
N SER E 138 -60.20 9.27 -3.08
CA SER E 138 -60.93 8.38 -2.19
C SER E 138 -60.32 6.99 -2.30
N GLY E 139 -60.06 6.36 -1.15
CA GLY E 139 -59.44 5.06 -1.14
C GLY E 139 -59.89 4.24 0.06
N GLN E 140 -59.60 2.96 -0.02
CA GLN E 140 -59.87 2.01 1.06
C GLN E 140 -58.55 1.62 1.70
N VAL E 141 -58.44 1.86 3.01
CA VAL E 141 -57.18 1.61 3.71
C VAL E 141 -56.94 0.11 3.77
N VAL E 142 -55.79 -0.32 3.27
CA VAL E 142 -55.41 -1.73 3.33
C VAL E 142 -54.67 -2.05 4.63
N ARG E 143 -53.61 -1.31 4.92
CA ARG E 143 -52.89 -1.47 6.18
C ARG E 143 -52.21 -0.16 6.52
N THR E 144 -51.92 0.01 7.82
CA THR E 144 -51.34 1.24 8.33
C THR E 144 -50.09 0.89 9.13
N HIS E 145 -48.96 1.46 8.73
CA HIS E 145 -47.69 1.22 9.41
C HIS E 145 -47.62 2.06 10.68
N PRO E 146 -46.62 1.79 11.54
CA PRO E 146 -46.55 2.53 12.82
C PRO E 146 -46.15 3.98 12.65
N VAL E 147 -46.00 4.68 13.78
CA VAL E 147 -45.72 6.11 13.80
C VAL E 147 -44.24 6.27 14.16
N HIS E 148 -43.38 6.47 13.13
CA HIS E 148 -41.97 6.73 13.39
C HIS E 148 -41.65 8.21 13.21
N PRO E 149 -40.73 8.77 13.99
CA PRO E 149 -40.20 10.09 13.65
C PRO E 149 -39.51 10.05 12.30
N GLU E 150 -39.65 11.13 11.53
CA GLU E 150 -39.03 11.24 10.23
C GLU E 150 -38.12 12.46 10.21
N LEU E 151 -37.03 12.34 9.45
CA LEU E 151 -36.08 13.44 9.32
C LEU E 151 -36.56 14.40 8.24
N VAL E 152 -36.76 15.66 8.61
CA VAL E 152 -37.18 16.69 7.68
C VAL E 152 -36.03 17.62 7.32
N SER E 153 -35.17 17.92 8.28
CA SER E 153 -34.00 18.76 8.03
C SER E 153 -32.97 18.46 9.10
N GLY E 154 -31.82 17.92 8.71
CA GLY E 154 -30.78 17.54 9.64
C GLY E 154 -29.54 18.40 9.47
N THR E 155 -28.81 18.58 10.57
CA THR E 155 -27.57 19.36 10.57
C THR E 155 -26.41 18.36 10.64
N PHE E 156 -25.62 18.32 9.58
CA PHE E 156 -24.54 17.36 9.45
C PHE E 156 -23.21 17.98 9.86
N LEU E 157 -22.27 17.11 10.23
CA LEU E 157 -20.90 17.48 10.52
C LEU E 157 -19.98 16.87 9.48
N CYS E 158 -19.04 17.67 8.97
CA CYS E 158 -18.09 17.17 7.99
C CYS E 158 -16.95 16.45 8.71
N LEU E 159 -16.66 15.23 8.28
CA LEU E 159 -15.62 14.43 8.91
C LEU E 159 -14.23 14.73 8.37
N ASP E 160 -14.11 15.65 7.41
CA ASP E 160 -12.81 16.05 6.90
C ASP E 160 -12.34 17.39 7.47
N CYS E 161 -13.25 18.28 7.86
CA CYS E 161 -12.85 19.55 8.42
C CYS E 161 -13.73 20.00 9.58
N GLN E 162 -14.66 19.16 10.04
CA GLN E 162 -15.49 19.48 11.20
C GLN E 162 -16.32 20.75 10.98
N THR E 163 -16.70 21.02 9.73
CA THR E 163 -17.61 22.11 9.42
C THR E 163 -19.05 21.63 9.53
N VAL E 164 -19.90 22.46 10.13
CA VAL E 164 -21.29 22.10 10.38
C VAL E 164 -22.13 22.63 9.23
N ILE E 165 -22.73 21.73 8.46
CA ILE E 165 -23.66 22.10 7.40
C ILE E 165 -25.06 22.00 7.97
N ARG E 166 -25.74 23.13 8.08
CA ARG E 166 -26.95 23.24 8.87
C ARG E 166 -28.18 23.32 7.99
N ASP E 167 -29.25 22.65 8.42
CA ASP E 167 -30.57 22.75 7.78
C ASP E 167 -30.52 22.32 6.32
N VAL E 168 -30.22 21.05 6.10
CA VAL E 168 -30.30 20.44 4.78
C VAL E 168 -31.57 19.60 4.73
N GLU E 169 -32.43 19.90 3.76
CA GLU E 169 -33.75 19.27 3.70
C GLU E 169 -33.65 17.83 3.23
N GLN E 170 -34.62 17.03 3.63
CA GLN E 170 -34.71 15.62 3.23
C GLN E 170 -35.88 15.48 2.26
N GLN E 171 -35.59 14.99 1.06
CA GLN E 171 -36.60 14.84 0.02
C GLN E 171 -37.11 13.39 0.00
N PHE E 172 -37.80 13.03 1.08
CA PHE E 172 -38.36 11.68 1.22
C PHE E 172 -37.27 10.63 0.99
N LYS E 173 -36.09 10.92 1.53
CA LYS E 173 -34.92 10.08 1.39
C LYS E 173 -33.83 10.67 2.27
N TYR E 174 -32.91 9.82 2.73
CA TYR E 174 -31.81 10.31 3.54
C TYR E 174 -30.83 11.03 2.63
N THR E 175 -30.85 12.35 2.68
CA THR E 175 -30.03 13.20 1.82
C THR E 175 -28.96 13.87 2.65
N GLN E 176 -27.70 13.59 2.34
CA GLN E 176 -26.57 14.28 2.93
C GLN E 176 -26.28 15.56 2.17
N PRO E 177 -25.55 16.49 2.78
CA PRO E 177 -25.18 17.71 2.05
C PRO E 177 -24.47 17.36 0.74
N ASN E 178 -24.86 18.04 -0.33
CA ASN E 178 -24.27 17.75 -1.63
C ASN E 178 -22.78 18.09 -1.66
N ILE E 179 -22.36 19.04 -0.84
CA ILE E 179 -20.96 19.45 -0.78
C ILE E 179 -20.74 20.12 0.56
N CYS E 180 -19.55 19.97 1.11
CA CYS E 180 -19.20 20.67 2.33
C CYS E 180 -19.17 22.18 2.07
N ARG E 181 -19.61 22.96 3.06
CA ARG E 181 -19.65 24.41 2.88
C ARG E 181 -18.25 24.97 2.66
N ASN E 182 -17.27 24.48 3.41
CA ASN E 182 -15.90 24.96 3.29
C ASN E 182 -15.46 24.91 1.83
N PRO E 183 -15.16 26.04 1.20
CA PRO E 183 -14.77 26.00 -0.22
C PRO E 183 -13.59 25.08 -0.48
N VAL E 184 -12.53 25.17 0.33
CA VAL E 184 -11.43 24.22 0.18
C VAL E 184 -11.72 23.03 1.08
N CYS E 185 -12.74 22.26 0.71
CA CYS E 185 -12.97 20.90 1.18
C CYS E 185 -14.09 20.35 0.32
N ALA E 186 -13.82 19.37 -0.52
CA ALA E 186 -14.84 18.85 -1.41
C ALA E 186 -15.49 17.58 -0.86
N ASN E 187 -15.55 17.47 0.47
CA ASN E 187 -16.15 16.30 1.10
C ASN E 187 -17.59 16.15 0.62
N ARG E 188 -17.87 15.03 -0.06
CA ARG E 188 -19.22 14.70 -0.50
C ARG E 188 -19.69 13.35 0.02
N ARG E 189 -18.89 12.67 0.84
CA ARG E 189 -19.23 11.35 1.36
C ARG E 189 -19.28 11.31 2.87
N ARG E 190 -18.26 11.84 3.55
CA ARG E 190 -18.04 11.59 4.97
C ARG E 190 -18.70 12.68 5.80
N PHE E 191 -19.99 12.49 6.06
CA PHE E 191 -20.77 13.38 6.89
C PHE E 191 -21.37 12.61 8.06
N LEU E 192 -21.57 13.31 9.18
CA LEU E 192 -22.13 12.71 10.38
C LEU E 192 -23.36 13.51 10.80
N LEU E 193 -24.51 12.86 10.77
CA LEU E 193 -25.76 13.52 11.16
C LEU E 193 -25.76 13.84 12.64
N ASP E 194 -26.28 15.01 12.98
CA ASP E 194 -26.42 15.46 14.36
C ASP E 194 -27.89 15.36 14.75
N THR E 195 -28.25 14.26 15.40
CA THR E 195 -29.65 14.03 15.74
C THR E 195 -30.19 15.08 16.69
N ASN E 196 -29.40 15.45 17.69
CA ASN E 196 -29.87 16.43 18.67
C ASN E 196 -30.07 17.81 18.07
N LYS E 197 -29.52 18.06 16.88
CA LYS E 197 -29.72 19.33 16.19
C LYS E 197 -30.71 19.23 15.04
N SER E 198 -31.01 18.03 14.57
CA SER E 198 -31.97 17.84 13.49
C SER E 198 -33.39 17.99 14.02
N ARG E 199 -34.32 18.27 13.10
CA ARG E 199 -35.74 18.36 13.41
C ARG E 199 -36.47 17.19 12.78
N PHE E 200 -37.51 16.71 13.48
CA PHE E 200 -38.28 15.56 13.03
C PHE E 200 -39.75 15.92 12.99
N VAL E 201 -40.49 15.14 12.21
CA VAL E 201 -41.94 15.24 12.13
C VAL E 201 -42.52 13.85 12.25
N ASP E 202 -43.74 13.76 12.79
CA ASP E 202 -44.43 12.48 12.84
C ASP E 202 -44.73 11.99 11.44
N PHE E 203 -44.70 10.67 11.27
CA PHE E 203 -44.75 10.07 9.95
C PHE E 203 -45.47 8.73 10.03
N GLN E 204 -46.39 8.50 9.11
CA GLN E 204 -47.01 7.19 8.97
C GLN E 204 -47.22 6.90 7.49
N LYS E 205 -47.01 5.65 7.11
CA LYS E 205 -47.24 5.20 5.74
C LYS E 205 -48.43 4.24 5.76
N VAL E 206 -49.46 4.55 4.98
CA VAL E 206 -50.67 3.74 4.95
C VAL E 206 -50.93 3.32 3.50
N ARG E 207 -51.09 2.02 3.29
CA ARG E 207 -51.39 1.49 1.97
C ARG E 207 -52.89 1.54 1.74
N ILE E 208 -53.30 2.22 0.67
CA ILE E 208 -54.70 2.29 0.28
C ILE E 208 -54.82 1.67 -1.11
N GLN E 209 -56.05 1.31 -1.47
CA GLN E 209 -56.31 0.70 -2.77
C GLN E 209 -57.58 1.27 -3.36
N GLU E 210 -57.73 1.06 -4.65
CA GLU E 210 -58.86 1.59 -5.40
C GLU E 210 -60.17 1.04 -4.86
N THR E 211 -61.18 1.91 -4.77
CA THR E 211 -62.49 1.48 -4.33
C THR E 211 -63.15 0.60 -5.38
N GLN E 212 -64.16 -0.16 -4.95
CA GLN E 212 -64.81 -1.12 -5.84
C GLN E 212 -65.45 -0.42 -7.04
N ALA E 213 -66.05 0.75 -6.82
CA ALA E 213 -66.75 1.44 -7.90
C ALA E 213 -65.80 1.83 -9.02
N GLU E 214 -64.60 2.31 -8.67
CA GLU E 214 -63.69 2.87 -9.66
C GLU E 214 -63.03 1.80 -10.53
N LEU E 215 -63.18 0.52 -10.20
CA LEU E 215 -62.45 -0.51 -10.93
C LEU E 215 -62.88 -0.54 -12.39
N PRO E 216 -61.95 -0.50 -13.35
CA PRO E 216 -62.32 -0.78 -14.74
C PRO E 216 -62.61 -2.25 -14.95
N ARG E 217 -62.82 -2.65 -16.20
CA ARG E 217 -63.13 -4.04 -16.49
C ARG E 217 -61.86 -4.89 -16.39
N GLY E 218 -61.95 -5.99 -15.66
CA GLY E 218 -60.88 -6.96 -15.59
C GLY E 218 -59.56 -6.40 -15.07
N SER E 219 -59.62 -5.62 -13.99
CA SER E 219 -58.45 -4.97 -13.44
C SER E 219 -58.38 -5.17 -11.94
N ILE E 220 -57.16 -5.29 -11.43
CA ILE E 220 -56.90 -5.37 -9.99
C ILE E 220 -57.01 -3.96 -9.42
N PRO E 221 -57.52 -3.78 -8.21
CA PRO E 221 -57.53 -2.43 -7.62
C PRO E 221 -56.11 -1.92 -7.42
N ARG E 222 -55.78 -0.84 -8.13
CA ARG E 222 -54.48 -0.21 -7.98
C ARG E 222 -54.27 0.21 -6.54
N SER E 223 -53.07 -0.04 -6.02
CA SER E 223 -52.73 0.28 -4.64
C SER E 223 -51.59 1.29 -4.62
N LEU E 224 -51.67 2.24 -3.69
CA LEU E 224 -50.59 3.18 -3.47
C LEU E 224 -50.55 3.54 -2.00
N GLU E 225 -49.39 3.99 -1.55
CA GLU E 225 -49.21 4.37 -0.15
C GLU E 225 -49.29 5.88 -0.01
N VAL E 226 -49.98 6.33 1.03
CA VAL E 226 -50.09 7.74 1.35
C VAL E 226 -49.31 7.98 2.64
N ILE E 227 -48.72 9.17 2.72
CA ILE E 227 -47.87 9.55 3.84
C ILE E 227 -48.64 10.56 4.68
N LEU E 228 -48.89 10.21 5.94
CA LEU E 228 -49.56 11.09 6.88
C LEU E 228 -48.52 11.71 7.78
N ARG E 229 -48.46 13.04 7.78
CA ARG E 229 -47.53 13.79 8.61
C ARG E 229 -48.19 14.12 9.94
N ALA E 230 -47.57 15.02 10.70
CA ALA E 230 -48.06 15.34 12.05
C ALA E 230 -49.54 15.66 12.03
N GLU E 231 -50.24 15.20 13.08
CA GLU E 231 -51.65 15.42 13.35
C GLU E 231 -52.59 14.66 12.42
N ALA E 232 -52.06 14.02 11.37
CA ALA E 232 -52.84 13.12 10.53
C ALA E 232 -52.33 11.70 10.63
N VAL E 233 -51.54 11.41 11.67
CA VAL E 233 -50.68 10.23 11.67
C VAL E 233 -51.38 8.96 12.13
N GLU E 234 -52.52 9.07 12.81
CA GLU E 234 -53.30 7.90 13.21
C GLU E 234 -54.80 8.17 12.99
N SER E 235 -55.12 8.74 11.84
CA SER E 235 -56.50 9.04 11.49
C SER E 235 -57.10 8.06 10.49
N ALA E 236 -56.28 7.35 9.73
CA ALA E 236 -56.75 6.35 8.78
C ALA E 236 -56.47 4.97 9.35
N GLN E 237 -57.48 4.10 9.32
CA GLN E 237 -57.38 2.75 9.84
C GLN E 237 -57.74 1.74 8.77
N ALA E 238 -57.15 0.56 8.86
CA ALA E 238 -57.31 -0.45 7.81
C ALA E 238 -58.78 -0.79 7.62
N GLY E 239 -59.18 -0.91 6.36
CA GLY E 239 -60.53 -1.28 6.00
C GLY E 239 -61.50 -0.13 5.86
N ASP E 240 -61.14 1.06 6.33
CA ASP E 240 -62.03 2.21 6.25
C ASP E 240 -62.00 2.83 4.85
N LYS E 241 -63.12 3.42 4.48
CA LYS E 241 -63.21 4.24 3.27
C LYS E 241 -62.91 5.68 3.66
N CYS E 242 -61.82 6.23 3.12
CA CYS E 242 -61.37 7.56 3.52
C CYS E 242 -61.01 8.39 2.29
N ASP E 243 -61.31 9.68 2.39
CA ASP E 243 -60.86 10.67 1.42
C ASP E 243 -59.60 11.34 1.95
N PHE E 244 -58.52 11.24 1.18
CA PHE E 244 -57.26 11.87 1.50
C PHE E 244 -57.08 13.07 0.58
N THR E 245 -56.79 14.22 1.17
CA THR E 245 -56.47 15.43 0.44
C THR E 245 -55.02 15.79 0.68
N GLY E 246 -54.28 16.03 -0.40
CA GLY E 246 -52.88 16.32 -0.30
C GLY E 246 -52.25 16.59 -1.66
N THR E 247 -51.08 16.02 -1.91
CA THR E 247 -50.37 16.26 -3.16
C THR E 247 -49.69 14.98 -3.61
N LEU E 248 -49.96 14.56 -4.83
CA LEU E 248 -49.21 13.48 -5.42
C LEU E 248 -47.75 13.88 -5.55
N ILE E 249 -46.85 13.00 -5.13
CA ILE E 249 -45.42 13.26 -5.15
C ILE E 249 -44.71 12.05 -5.73
N VAL E 250 -43.41 12.22 -5.99
CA VAL E 250 -42.53 11.15 -6.43
C VAL E 250 -41.40 11.03 -5.43
N VAL E 251 -41.14 9.81 -4.97
CA VAL E 251 -40.06 9.52 -4.05
C VAL E 251 -39.07 8.61 -4.77
N PRO E 252 -37.77 8.92 -4.75
CA PRO E 252 -36.81 8.06 -5.45
C PRO E 252 -36.80 6.67 -4.86
N ASP E 253 -36.63 5.68 -5.74
CA ASP E 253 -36.59 4.28 -5.33
C ASP E 253 -35.48 3.57 -6.06
N VAL E 254 -34.83 2.64 -5.37
CA VAL E 254 -33.79 1.79 -5.99
C VAL E 254 -34.53 0.56 -6.51
N SER E 255 -35.08 0.70 -7.71
CA SER E 255 -35.84 -0.37 -8.34
C SER E 255 -34.91 -1.31 -9.09
N LYS E 256 -35.19 -2.61 -9.01
CA LYS E 256 -34.35 -3.64 -9.61
C LYS E 256 -34.67 -3.82 -11.09
N LEU E 257 -34.56 -2.73 -11.84
CA LEU E 257 -34.79 -2.75 -13.27
C LEU E 257 -33.58 -3.37 -13.97
N SER E 258 -33.79 -4.50 -14.63
CA SER E 258 -32.69 -5.16 -15.34
C SER E 258 -32.17 -4.31 -16.48
N THR E 259 -32.98 -3.40 -17.02
CA THR E 259 -32.56 -2.63 -18.18
C THR E 259 -32.14 -1.22 -17.77
N PRO E 260 -31.05 -0.69 -18.31
CA PRO E 260 -30.67 0.70 -18.01
C PRO E 260 -31.74 1.67 -18.49
N GLY E 261 -31.92 2.75 -17.73
CA GLY E 261 -32.90 3.76 -18.07
C GLY E 261 -32.36 5.16 -17.96
N ALA E 262 -33.03 6.02 -17.18
CA ALA E 262 -32.60 7.38 -16.97
C ALA E 262 -31.53 7.45 -15.90
N ARG E 263 -30.50 8.24 -16.14
CA ARG E 263 -29.41 8.41 -15.18
C ARG E 263 -29.04 9.88 -15.08
N ALA E 264 -28.52 10.26 -13.92
CA ALA E 264 -28.07 11.62 -13.66
C ALA E 264 -26.57 11.59 -13.46
N GLU E 265 -25.87 12.51 -14.14
CA GLU E 265 -24.43 12.61 -14.08
C GLU E 265 -24.04 14.08 -14.21
N THR E 266 -22.83 14.40 -13.79
CA THR E 266 -22.37 15.79 -13.81
C THR E 266 -22.10 16.26 -15.23
N ASN E 267 -22.32 17.55 -15.45
CA ASN E 267 -22.01 18.16 -16.74
C ASN E 267 -20.53 18.55 -16.85
N SER E 268 -19.79 18.55 -15.75
CA SER E 268 -18.37 18.85 -15.82
C SER E 268 -17.67 17.83 -16.69
N ARG E 269 -16.85 18.32 -17.62
CA ARG E 269 -16.29 17.47 -18.68
C ARG E 269 -14.93 16.93 -18.26
N VAL E 270 -14.92 16.23 -17.12
CA VAL E 270 -13.70 15.60 -16.64
C VAL E 270 -13.40 14.35 -17.45
N SER E 271 -12.15 13.90 -17.38
CA SER E 271 -11.74 12.68 -18.04
C SER E 271 -10.58 12.07 -17.24
N GLY E 272 -10.55 10.74 -17.21
CA GLY E 272 -9.55 10.05 -16.41
C GLY E 272 -8.21 9.96 -17.12
N VAL E 273 -7.15 10.08 -16.33
CA VAL E 273 -5.79 9.98 -16.84
C VAL E 273 -5.42 8.51 -16.96
N ASP E 274 -4.31 8.23 -17.66
CA ASP E 274 -3.85 6.85 -17.78
C ASP E 274 -3.58 6.26 -16.40
N GLY E 275 -4.08 5.05 -16.17
CA GLY E 275 -4.03 4.43 -14.87
C GLY E 275 -5.23 4.72 -14.00
N TYR E 276 -5.99 5.76 -14.32
CA TYR E 276 -7.21 6.11 -13.60
C TYR E 276 -8.37 6.35 -14.57
N GLU E 277 -8.35 5.65 -15.70
CA GLU E 277 -9.37 5.85 -16.73
C GLU E 277 -10.75 5.84 -16.09
N THR E 278 -11.51 6.90 -16.31
CA THR E 278 -12.85 7.00 -15.75
C THR E 278 -13.79 6.07 -16.51
N GLU E 279 -13.62 4.77 -16.30
CA GLU E 279 -14.40 3.75 -16.97
C GLU E 279 -14.85 2.73 -15.94
N GLY E 280 -15.83 1.92 -16.32
CA GLY E 280 -16.31 0.88 -15.43
C GLY E 280 -16.91 1.47 -14.17
N ILE E 281 -16.82 0.71 -13.08
CA ILE E 281 -17.37 1.16 -11.81
C ILE E 281 -16.64 2.41 -11.33
N ARG E 282 -15.32 2.46 -11.53
CA ARG E 282 -14.58 3.65 -11.17
C ARG E 282 -15.07 4.87 -11.95
N GLY E 283 -15.28 4.70 -13.26
CA GLY E 283 -15.77 5.81 -14.06
C GLY E 283 -17.15 6.28 -13.62
N LEU E 284 -18.06 5.32 -13.36
CA LEU E 284 -19.40 5.70 -12.92
C LEU E 284 -19.34 6.43 -11.58
N ARG E 285 -18.54 5.93 -10.64
CA ARG E 285 -18.46 6.58 -9.34
C ARG E 285 -17.82 7.95 -9.45
N ALA E 286 -16.87 8.14 -10.38
CA ALA E 286 -16.26 9.44 -10.57
C ALA E 286 -17.25 10.43 -11.16
N LEU E 287 -17.95 10.04 -12.23
CA LEU E 287 -18.94 10.91 -12.83
C LEU E 287 -20.18 11.08 -11.97
N GLY E 288 -20.32 10.31 -10.90
CA GLY E 288 -21.51 10.41 -10.07
C GLY E 288 -22.77 9.94 -10.77
N VAL E 289 -22.66 8.92 -11.63
CA VAL E 289 -23.83 8.40 -12.31
C VAL E 289 -24.76 7.75 -11.30
N ARG E 290 -26.02 8.18 -11.29
CA ARG E 290 -27.01 7.58 -10.40
C ARG E 290 -28.33 7.45 -11.14
N ASP E 291 -28.95 6.27 -11.04
CA ASP E 291 -30.20 6.03 -11.74
C ASP E 291 -31.31 6.91 -11.19
N LEU E 292 -32.18 7.38 -12.07
CA LEU E 292 -33.33 8.20 -11.74
C LEU E 292 -34.57 7.34 -11.91
N SER E 293 -34.94 6.62 -10.85
CA SER E 293 -36.14 5.81 -10.84
C SER E 293 -37.04 6.32 -9.72
N TYR E 294 -38.30 6.58 -10.05
CA TYR E 294 -39.24 7.17 -9.12
C TYR E 294 -40.52 6.34 -9.08
N ARG E 295 -41.24 6.46 -7.98
CA ARG E 295 -42.53 5.82 -7.80
C ARG E 295 -43.50 6.84 -7.22
N LEU E 296 -44.72 6.82 -7.72
CA LEU E 296 -45.72 7.80 -7.29
C LEU E 296 -46.19 7.48 -5.87
N VAL E 297 -46.12 8.49 -5.01
CA VAL E 297 -46.60 8.39 -3.64
C VAL E 297 -47.47 9.59 -3.35
N PHE E 298 -48.38 9.45 -2.40
CA PHE E 298 -49.32 10.49 -2.05
C PHE E 298 -48.97 11.06 -0.68
N LEU E 299 -48.81 12.38 -0.61
CA LEU E 299 -48.51 13.07 0.64
C LEU E 299 -49.79 13.76 1.08
N ALA E 300 -50.58 13.06 1.88
CA ALA E 300 -51.89 13.54 2.29
C ALA E 300 -51.76 14.52 3.43
N CYS E 301 -52.19 15.76 3.21
CA CYS E 301 -52.19 16.76 4.28
C CYS E 301 -53.39 16.60 5.21
N CYS E 302 -54.43 15.90 4.78
CA CYS E 302 -55.56 15.65 5.66
C CYS E 302 -56.31 14.42 5.19
N VAL E 303 -57.02 13.79 6.13
CA VAL E 303 -57.83 12.61 5.87
C VAL E 303 -59.18 12.79 6.55
N ALA E 304 -60.24 12.45 5.85
CA ALA E 304 -61.58 12.50 6.41
C ALA E 304 -62.33 11.24 5.98
N PRO E 305 -63.37 10.85 6.73
CA PRO E 305 -64.21 9.74 6.26
C PRO E 305 -64.93 10.12 4.97
N THR E 306 -65.01 9.17 4.04
CA THR E 306 -65.64 9.44 2.76
C THR E 306 -67.12 9.78 2.95
N ASN E 307 -67.81 9.02 3.79
CA ASN E 307 -69.24 9.21 4.07
C ASN E 307 -69.41 9.32 5.57
N PRO E 308 -69.22 10.51 6.14
CA PRO E 308 -69.27 10.64 7.60
C PRO E 308 -70.59 10.17 8.17
N ARG E 309 -70.52 9.47 9.30
CA ARG E 309 -71.73 9.02 9.98
C ARG E 309 -72.51 10.19 10.56
N PHE E 310 -71.79 11.19 11.08
CA PHE E 310 -72.41 12.34 11.72
C PHE E 310 -71.88 13.62 11.09
N GLY E 311 -72.76 14.62 11.01
CA GLY E 311 -72.36 15.91 10.48
C GLY E 311 -71.47 16.71 11.41
N GLY E 312 -71.51 16.41 12.71
CA GLY E 312 -70.71 17.13 13.67
C GLY E 312 -69.24 16.77 13.60
N GLN E 320 -66.08 7.37 23.22
CA GLN E 320 -67.07 6.82 22.31
C GLN E 320 -68.30 6.35 23.06
N THR E 321 -68.64 7.06 24.14
CA THR E 321 -69.81 6.72 24.94
C THR E 321 -71.07 7.29 24.30
N ALA E 322 -72.21 7.02 24.93
CA ALA E 322 -73.48 7.51 24.41
C ALA E 322 -73.50 9.03 24.36
N GLU E 323 -73.01 9.68 25.42
CA GLU E 323 -72.98 11.15 25.44
C GLU E 323 -72.06 11.69 24.34
N SER E 324 -70.91 11.06 24.14
CA SER E 324 -69.99 11.50 23.10
C SER E 324 -70.63 11.36 21.72
N ILE E 325 -71.30 10.24 21.48
CA ILE E 325 -71.99 10.05 20.19
C ILE E 325 -73.07 11.10 20.03
N LYS E 326 -73.83 11.36 21.10
CA LYS E 326 -74.87 12.38 21.04
C LYS E 326 -74.29 13.73 20.65
N ASN E 327 -73.19 14.13 21.29
CA ASN E 327 -72.56 15.40 20.94
C ASN E 327 -72.08 15.40 19.50
N GLN E 328 -71.48 14.30 19.05
CA GLN E 328 -71.03 14.20 17.68
C GLN E 328 -72.19 14.35 16.69
N MET E 329 -73.38 13.89 17.08
CA MET E 329 -74.53 14.03 16.21
C MET E 329 -74.89 15.50 16.03
N THR E 330 -75.50 15.81 14.89
CA THR E 330 -76.07 17.13 14.68
C THR E 330 -77.44 17.21 15.35
N VAL E 331 -77.96 18.43 15.44
CA VAL E 331 -79.26 18.64 16.08
C VAL E 331 -80.34 17.88 15.33
N LYS E 332 -80.36 18.01 14.01
CA LYS E 332 -81.35 17.29 13.21
C LYS E 332 -81.16 15.78 13.34
N GLU E 333 -79.90 15.32 13.28
CA GLU E 333 -79.65 13.89 13.38
C GLU E 333 -80.08 13.35 14.74
N TRP E 334 -79.77 14.07 15.81
CA TRP E 334 -80.18 13.60 17.13
C TRP E 334 -81.69 13.63 17.28
N GLU E 335 -82.35 14.63 16.71
CA GLU E 335 -83.81 14.66 16.76
C GLU E 335 -84.40 13.45 16.03
N LYS E 336 -83.83 13.10 14.88
CA LYS E 336 -84.31 11.92 14.16
C LYS E 336 -84.09 10.65 14.97
N VAL E 337 -82.91 10.53 15.59
CA VAL E 337 -82.62 9.35 16.40
C VAL E 337 -83.59 9.26 17.58
N PHE E 338 -83.85 10.38 18.24
CA PHE E 338 -84.78 10.39 19.36
C PHE E 338 -86.18 10.02 18.89
N GLU E 339 -86.60 10.53 17.74
CA GLU E 339 -87.92 10.18 17.21
C GLU E 339 -88.01 8.68 16.94
N MET E 340 -86.97 8.10 16.34
CA MET E 340 -87.00 6.67 16.07
C MET E 340 -87.01 5.87 17.36
N SER E 341 -86.25 6.31 18.37
CA SER E 341 -86.25 5.61 19.65
C SER E 341 -87.63 5.65 20.29
N GLN E 342 -88.30 6.81 20.23
CA GLN E 342 -89.63 6.93 20.80
C GLN E 342 -90.69 6.26 19.93
N ASP E 343 -90.36 5.91 18.68
CA ASP E 343 -91.34 5.33 17.77
C ASP E 343 -91.63 3.89 18.15
N LYS E 344 -92.82 3.63 18.68
CA LYS E 344 -93.29 2.26 18.82
C LYS E 344 -93.49 1.65 17.44
N ASN E 345 -93.31 0.34 17.35
CA ASN E 345 -93.26 -0.41 16.10
C ASN E 345 -91.90 -0.23 15.43
N LEU E 346 -90.94 0.36 16.14
CA LEU E 346 -89.60 0.53 15.59
C LEU E 346 -89.02 -0.80 15.14
N TYR E 347 -89.36 -1.89 15.82
CA TYR E 347 -88.87 -3.20 15.44
C TYR E 347 -89.25 -3.51 13.99
N HIS E 348 -90.55 -3.52 13.70
CA HIS E 348 -91.01 -3.82 12.34
C HIS E 348 -90.53 -2.78 11.35
N ASN E 349 -90.48 -1.52 11.76
CA ASN E 349 -90.02 -0.47 10.86
C ASN E 349 -88.58 -0.73 10.42
N LEU E 350 -87.69 -1.02 11.38
CA LEU E 350 -86.31 -1.31 11.04
C LEU E 350 -86.19 -2.57 10.19
N CYS E 351 -86.98 -3.60 10.52
CA CYS E 351 -86.94 -4.81 9.70
C CYS E 351 -87.27 -4.48 8.25
N THR E 352 -88.37 -3.77 8.02
CA THR E 352 -88.78 -3.44 6.66
C THR E 352 -87.75 -2.56 5.96
N SER E 353 -87.22 -1.56 6.66
CA SER E 353 -86.23 -0.69 6.04
C SER E 353 -84.98 -1.46 5.65
N LEU E 354 -84.49 -2.33 6.54
CA LEU E 354 -83.30 -3.11 6.23
C LEU E 354 -83.53 -4.05 5.06
N PHE E 355 -84.68 -4.71 5.02
CA PHE E 355 -84.99 -5.69 3.98
C PHE E 355 -86.35 -5.36 3.37
N PRO E 356 -86.44 -4.31 2.57
CA PRO E 356 -87.71 -3.98 1.91
C PRO E 356 -87.99 -4.88 0.72
N THR E 357 -86.93 -5.41 0.12
CA THR E 357 -87.03 -6.16 -1.12
C THR E 357 -87.07 -7.66 -0.90
N ILE E 358 -87.18 -8.12 0.35
CA ILE E 358 -87.25 -9.53 0.68
C ILE E 358 -88.64 -9.81 1.26
N HIS E 359 -89.38 -10.69 0.61
CA HIS E 359 -90.72 -11.04 1.08
C HIS E 359 -90.65 -12.14 2.13
N GLY E 360 -91.53 -12.06 3.12
CA GLY E 360 -91.54 -13.07 4.14
C GLY E 360 -90.26 -13.03 4.97
N ASN E 361 -89.96 -14.18 5.57
CA ASN E 361 -88.75 -14.34 6.37
C ASN E 361 -88.68 -13.27 7.45
N ASP E 362 -89.82 -13.00 8.08
CA ASP E 362 -89.86 -12.01 9.15
C ASP E 362 -88.96 -12.42 10.30
N GLU E 363 -88.97 -13.71 10.64
CA GLU E 363 -88.11 -14.20 11.71
C GLU E 363 -86.64 -14.00 11.36
N VAL E 364 -86.27 -14.28 10.11
CA VAL E 364 -84.87 -14.12 9.70
C VAL E 364 -84.48 -12.65 9.77
N LYS E 365 -85.35 -11.76 9.31
CA LYS E 365 -85.06 -10.33 9.39
C LYS E 365 -84.89 -9.88 10.83
N ARG E 366 -85.76 -10.37 11.73
CA ARG E 366 -85.63 -10.02 13.13
C ARG E 366 -84.31 -10.52 13.71
N GLY E 367 -83.94 -11.75 13.37
CA GLY E 367 -82.68 -12.28 13.86
C GLY E 367 -81.49 -11.49 13.37
N VAL E 368 -81.49 -11.11 12.09
CA VAL E 368 -80.38 -10.33 11.55
C VAL E 368 -80.32 -8.96 12.21
N LEU E 369 -81.48 -8.36 12.45
CA LEU E 369 -81.52 -7.06 13.14
C LEU E 369 -80.93 -7.18 14.54
N LEU E 370 -81.37 -8.20 15.29
CA LEU E 370 -80.84 -8.38 16.63
C LEU E 370 -79.36 -8.70 16.60
N MET E 371 -78.87 -9.33 15.53
CA MET E 371 -77.44 -9.53 15.38
C MET E 371 -76.73 -8.21 15.20
N LEU E 372 -77.24 -7.37 14.29
CA LEU E 372 -76.63 -6.06 14.07
C LEU E 372 -76.59 -5.24 15.36
N PHE E 373 -77.57 -5.43 16.23
CA PHE E 373 -77.56 -4.68 17.49
C PHE E 373 -76.63 -5.31 18.51
N GLY E 374 -76.70 -6.62 18.69
CA GLY E 374 -75.81 -7.33 19.59
C GLY E 374 -76.24 -7.24 21.04
N GLY E 375 -75.61 -8.08 21.87
CA GLY E 375 -75.84 -8.09 23.29
C GLY E 375 -74.74 -7.38 24.05
N VAL E 376 -74.65 -7.67 25.34
CA VAL E 376 -73.68 -7.02 26.21
C VAL E 376 -72.61 -8.02 26.63
N PRO E 377 -71.42 -7.98 26.03
CA PRO E 377 -70.35 -8.89 26.48
C PRO E 377 -69.93 -8.58 27.91
N LYS E 378 -69.51 -9.63 28.62
CA LYS E 378 -69.14 -9.52 30.02
C LYS E 378 -67.92 -10.40 30.29
N THR E 379 -67.20 -10.05 31.33
CA THR E 379 -66.04 -10.82 31.80
C THR E 379 -66.27 -11.18 33.25
N THR E 380 -66.23 -12.46 33.57
CA THR E 380 -66.49 -12.91 34.93
C THR E 380 -65.34 -12.48 35.84
N GLY E 381 -65.57 -12.61 37.15
CA GLY E 381 -64.53 -12.31 38.11
C GLY E 381 -63.29 -13.16 37.89
N GLU E 382 -63.49 -14.44 37.53
CA GLU E 382 -62.38 -15.32 37.22
C GLU E 382 -61.70 -14.99 35.90
N GLY E 383 -62.30 -14.11 35.09
CA GLY E 383 -61.71 -13.69 33.83
C GLY E 383 -62.39 -14.26 32.60
N THR E 384 -63.28 -15.23 32.75
CA THR E 384 -63.97 -15.79 31.59
C THR E 384 -64.72 -14.70 30.86
N SER E 385 -64.54 -14.64 29.55
CA SER E 385 -65.16 -13.60 28.71
C SER E 385 -66.48 -14.14 28.17
N LEU E 386 -67.59 -13.74 28.78
CA LEU E 386 -68.90 -14.15 28.33
C LEU E 386 -69.23 -13.45 27.02
N ARG E 387 -69.43 -14.23 25.96
CA ARG E 387 -69.72 -13.64 24.65
C ARG E 387 -70.94 -12.75 24.73
N GLY E 388 -70.88 -11.63 24.02
CA GLY E 388 -71.96 -10.66 24.05
C GLY E 388 -72.63 -10.44 22.72
N ASP E 389 -72.01 -10.89 21.64
CA ASP E 389 -72.55 -10.74 20.30
C ASP E 389 -73.08 -12.07 19.80
N ILE E 390 -74.18 -12.04 19.08
CA ILE E 390 -74.88 -13.24 18.65
C ILE E 390 -74.48 -13.57 17.22
N ASN E 391 -74.47 -14.85 16.91
CA ASN E 391 -74.18 -15.35 15.56
C ASN E 391 -75.41 -16.02 15.00
N VAL E 392 -75.64 -15.82 13.69
CA VAL E 392 -76.83 -16.31 13.02
C VAL E 392 -76.40 -17.08 11.78
N CYS E 393 -76.97 -18.26 11.59
CA CYS E 393 -76.71 -19.08 10.41
C CYS E 393 -78.03 -19.38 9.71
N ILE E 394 -78.07 -19.12 8.42
CA ILE E 394 -79.23 -19.40 7.58
C ILE E 394 -78.91 -20.63 6.74
N VAL E 395 -79.72 -21.67 6.90
CA VAL E 395 -79.61 -22.89 6.12
C VAL E 395 -80.93 -23.10 5.40
N GLY E 396 -80.87 -23.35 4.10
CA GLY E 396 -82.12 -23.45 3.37
C GLY E 396 -81.94 -24.02 1.99
N ASP E 397 -83.07 -24.21 1.32
CA ASP E 397 -83.08 -24.74 -0.04
C ASP E 397 -82.49 -23.72 -1.00
N PRO E 398 -82.02 -24.17 -2.17
CA PRO E 398 -81.39 -23.25 -3.12
C PRO E 398 -82.33 -22.12 -3.52
N SER E 399 -81.76 -20.94 -3.71
CA SER E 399 -82.50 -19.76 -4.15
C SER E 399 -83.59 -19.40 -3.14
N THR E 400 -83.16 -19.13 -1.91
CA THR E 400 -84.06 -18.75 -0.84
C THR E 400 -83.59 -17.47 -0.14
N ALA E 401 -82.75 -16.68 -0.79
CA ALA E 401 -82.32 -15.36 -0.34
C ALA E 401 -81.30 -15.40 0.79
N LYS E 402 -80.59 -16.51 0.97
CA LYS E 402 -79.53 -16.54 1.99
C LYS E 402 -78.39 -15.60 1.60
N SER E 403 -77.89 -15.74 0.37
CA SER E 403 -76.89 -14.82 -0.12
C SER E 403 -77.40 -13.39 -0.14
N GLN E 404 -78.70 -13.21 -0.41
CA GLN E 404 -79.26 -11.87 -0.41
C GLN E 404 -79.27 -11.26 0.98
N PHE E 405 -79.59 -12.04 2.01
CA PHE E 405 -79.49 -11.54 3.37
C PHE E 405 -78.05 -11.14 3.68
N LEU E 406 -77.10 -12.00 3.30
CA LEU E 406 -75.69 -11.68 3.55
C LEU E 406 -75.29 -10.39 2.86
N LYS E 407 -75.68 -10.22 1.61
CA LYS E 407 -75.31 -9.02 0.87
C LYS E 407 -75.99 -7.78 1.45
N HIS E 408 -77.25 -7.92 1.86
CA HIS E 408 -77.93 -6.80 2.51
C HIS E 408 -77.16 -6.33 3.73
N VAL E 409 -76.78 -7.27 4.60
CA VAL E 409 -76.07 -6.90 5.81
C VAL E 409 -74.72 -6.28 5.46
N GLU E 410 -74.00 -6.88 4.51
CA GLU E 410 -72.71 -6.33 4.12
C GLU E 410 -72.84 -4.90 3.63
N GLU E 411 -73.78 -4.66 2.71
CA GLU E 411 -73.94 -3.32 2.16
C GLU E 411 -74.35 -2.32 3.23
N PHE E 412 -75.27 -2.70 4.11
CA PHE E 412 -75.76 -1.75 5.10
C PHE E 412 -74.72 -1.46 6.17
N SER E 413 -74.31 -2.49 6.91
CA SER E 413 -73.59 -2.25 8.14
C SER E 413 -72.17 -1.73 7.86
N PRO E 414 -71.67 -0.80 8.67
CA PRO E 414 -70.24 -0.51 8.65
C PRO E 414 -69.48 -1.58 9.40
N ARG E 415 -68.23 -1.80 8.98
CA ARG E 415 -67.43 -2.91 9.49
C ARG E 415 -68.14 -4.24 9.21
N ALA E 416 -68.64 -4.37 7.99
CA ALA E 416 -69.35 -5.57 7.54
C ALA E 416 -68.56 -6.17 6.39
N VAL E 417 -67.80 -7.21 6.68
CA VAL E 417 -66.98 -7.87 5.68
C VAL E 417 -67.77 -9.02 5.10
N TYR E 418 -67.46 -9.40 3.86
CA TYR E 418 -68.10 -10.50 3.19
C TYR E 418 -67.05 -11.41 2.56
N THR E 419 -67.25 -12.71 2.69
CA THR E 419 -66.35 -13.67 2.07
C THR E 419 -67.12 -14.95 1.75
N SER E 420 -66.58 -15.70 0.79
CA SER E 420 -67.20 -16.94 0.37
C SER E 420 -66.65 -18.11 1.19
N GLY E 421 -67.16 -19.31 0.92
CA GLY E 421 -66.78 -20.46 1.71
C GLY E 421 -65.34 -20.89 1.50
N LYS E 422 -64.88 -20.86 0.25
CA LYS E 422 -63.61 -21.49 -0.11
C LYS E 422 -62.66 -20.55 -0.87
N ALA E 423 -63.01 -19.27 -1.00
CA ALA E 423 -62.16 -18.33 -1.72
C ALA E 423 -61.06 -17.74 -0.85
N SER E 424 -61.08 -17.98 0.46
CA SER E 424 -60.15 -17.35 1.40
C SER E 424 -59.27 -18.40 2.05
N SER E 425 -58.05 -17.99 2.38
CA SER E 425 -57.12 -18.83 3.13
C SER E 425 -57.13 -18.41 4.59
N ALA E 426 -56.39 -19.14 5.43
CA ALA E 426 -56.34 -18.81 6.85
C ALA E 426 -55.71 -17.44 7.07
N ALA E 427 -54.61 -17.14 6.37
CA ALA E 427 -53.97 -15.85 6.52
C ALA E 427 -54.88 -14.72 6.06
N GLY E 428 -55.56 -14.92 4.93
CA GLY E 428 -56.47 -13.91 4.41
C GLY E 428 -57.81 -13.87 5.09
N LEU E 429 -58.06 -14.77 6.03
CA LEU E 429 -59.31 -14.79 6.78
C LEU E 429 -59.16 -14.39 8.23
N THR E 430 -57.96 -14.50 8.80
CA THR E 430 -57.71 -14.06 10.17
C THR E 430 -56.74 -12.90 10.23
N ALA E 431 -55.51 -13.08 9.73
CA ALA E 431 -54.50 -12.03 9.79
C ALA E 431 -53.25 -12.54 9.08
N ALA E 432 -52.30 -11.63 8.87
CA ALA E 432 -50.99 -11.97 8.34
C ALA E 432 -49.99 -10.98 8.89
N VAL E 433 -48.70 -11.30 8.75
CA VAL E 433 -47.63 -10.47 9.27
C VAL E 433 -46.68 -10.13 8.14
N VAL E 434 -46.30 -8.85 8.05
CA VAL E 434 -45.20 -8.40 7.19
C VAL E 434 -44.31 -7.53 8.06
N ARG E 435 -43.09 -7.30 7.58
CA ARG E 435 -42.13 -6.50 8.33
C ARG E 435 -42.10 -5.08 7.77
N ASP E 436 -42.17 -4.09 8.65
CA ASP E 436 -42.15 -2.70 8.24
C ASP E 436 -40.93 -2.44 7.36
N GLU E 437 -41.18 -2.07 6.10
CA GLU E 437 -40.10 -1.81 5.17
C GLU E 437 -39.27 -0.60 5.56
N GLU E 438 -39.75 0.22 6.49
CA GLU E 438 -39.05 1.44 6.87
C GLU E 438 -38.44 1.36 8.26
N SER E 439 -38.54 0.22 8.94
CA SER E 439 -38.01 0.10 10.30
C SER E 439 -37.89 -1.38 10.65
N HIS E 440 -37.55 -1.65 11.92
CA HIS E 440 -37.39 -3.02 12.39
C HIS E 440 -38.69 -3.66 12.85
N GLU E 441 -39.77 -2.88 12.98
CA GLU E 441 -41.00 -3.39 13.56
C GLU E 441 -41.75 -4.25 12.56
N PHE E 442 -42.89 -4.79 13.00
CA PHE E 442 -43.71 -5.68 12.19
C PHE E 442 -45.12 -5.11 12.07
N VAL E 443 -45.59 -4.99 10.84
CA VAL E 443 -46.95 -4.57 10.54
C VAL E 443 -47.82 -5.81 10.39
N ILE E 444 -49.08 -5.67 10.79
CA ILE E 444 -50.05 -6.76 10.81
C ILE E 444 -51.09 -6.45 9.75
N GLU E 445 -51.12 -7.27 8.71
CA GLU E 445 -52.14 -7.18 7.65
C GLU E 445 -53.41 -7.83 8.17
N ALA E 446 -54.39 -7.02 8.55
CA ALA E 446 -55.60 -7.53 9.15
C ALA E 446 -56.38 -8.39 8.15
N GLY E 447 -56.96 -9.47 8.66
CA GLY E 447 -57.80 -10.35 7.87
C GLY E 447 -59.26 -9.94 7.93
N ALA E 448 -60.10 -10.78 7.32
CA ALA E 448 -61.53 -10.47 7.25
C ALA E 448 -62.14 -10.38 8.65
N LEU E 449 -61.81 -11.33 9.53
CA LEU E 449 -62.37 -11.30 10.87
C LEU E 449 -61.86 -10.13 11.70
N MET E 450 -60.74 -9.53 11.31
CA MET E 450 -60.29 -8.32 11.99
C MET E 450 -60.98 -7.09 11.42
N LEU E 451 -61.08 -7.00 10.09
CA LEU E 451 -61.79 -5.88 9.49
C LEU E 451 -63.25 -5.86 9.95
N ALA E 452 -63.84 -7.01 10.20
CA ALA E 452 -65.19 -7.08 10.73
C ALA E 452 -65.23 -6.89 12.24
N ASP E 453 -64.11 -6.51 12.86
CA ASP E 453 -64.09 -6.34 14.31
C ASP E 453 -65.15 -5.35 14.74
N ASN E 454 -65.83 -5.67 15.83
CA ASN E 454 -66.94 -4.85 16.33
C ASN E 454 -67.98 -4.62 15.26
N GLY E 455 -68.15 -5.60 14.39
CA GLY E 455 -69.11 -5.52 13.29
C GLY E 455 -69.61 -6.88 12.91
N VAL E 456 -69.73 -7.13 11.61
CA VAL E 456 -70.31 -8.37 11.10
C VAL E 456 -69.39 -8.95 10.04
N CYS E 457 -69.27 -10.27 10.04
CA CYS E 457 -68.60 -11.02 8.98
C CYS E 457 -69.60 -11.97 8.36
N CYS E 458 -69.76 -11.88 7.05
CA CYS E 458 -70.76 -12.65 6.31
C CYS E 458 -70.06 -13.72 5.51
N ILE E 459 -70.19 -14.96 5.95
CA ILE E 459 -69.56 -16.10 5.28
C ILE E 459 -70.65 -16.80 4.47
N ASP E 460 -70.49 -16.77 3.15
CA ASP E 460 -71.43 -17.41 2.24
C ASP E 460 -70.85 -18.75 1.81
N GLU E 461 -71.71 -19.77 1.73
CA GLU E 461 -71.28 -21.14 1.52
C GLU E 461 -70.45 -21.62 2.72
N PHE E 462 -71.00 -21.40 3.90
CA PHE E 462 -70.25 -21.68 5.14
C PHE E 462 -69.87 -23.15 5.23
N ASP E 463 -70.76 -24.05 4.78
CA ASP E 463 -70.46 -25.48 4.85
C ASP E 463 -69.28 -25.85 3.98
N LYS E 464 -69.09 -25.16 2.86
CA LYS E 464 -68.08 -25.51 1.87
C LYS E 464 -66.68 -25.04 2.26
N MET E 465 -66.47 -24.68 3.52
CA MET E 465 -65.18 -24.17 3.98
C MET E 465 -64.37 -25.28 4.61
N ASP E 466 -63.07 -25.29 4.32
CA ASP E 466 -62.18 -26.32 4.84
C ASP E 466 -62.03 -26.21 6.35
N VAL E 467 -61.77 -27.34 6.99
CA VAL E 467 -61.60 -27.36 8.44
C VAL E 467 -60.44 -26.47 8.86
N ARG E 468 -59.42 -26.34 8.00
CA ARG E 468 -58.28 -25.50 8.33
C ARG E 468 -58.70 -24.06 8.60
N ASP E 469 -59.81 -23.62 8.00
CA ASP E 469 -60.35 -22.29 8.25
C ASP E 469 -61.50 -22.30 9.25
N GLN E 470 -62.29 -23.38 9.27
CA GLN E 470 -63.33 -23.50 10.28
C GLN E 470 -62.75 -23.48 11.68
N VAL E 471 -61.54 -24.01 11.86
CA VAL E 471 -60.89 -23.97 13.17
C VAL E 471 -60.61 -22.54 13.58
N ALA E 472 -60.10 -21.72 12.66
CA ALA E 472 -59.85 -20.32 12.96
C ALA E 472 -61.14 -19.59 13.29
N ILE E 473 -62.19 -19.85 12.51
CA ILE E 473 -63.48 -19.21 12.78
C ILE E 473 -64.01 -19.64 14.14
N HIS E 474 -63.82 -20.91 14.49
CA HIS E 474 -64.29 -21.40 15.78
C HIS E 474 -63.53 -20.73 16.92
N GLU E 475 -62.21 -20.58 16.80
CA GLU E 475 -61.47 -19.91 17.85
C GLU E 475 -61.91 -18.46 17.99
N ALA E 476 -62.19 -17.81 16.86
CA ALA E 476 -62.69 -16.44 16.91
C ALA E 476 -64.02 -16.38 17.66
N MET E 477 -64.99 -17.20 17.25
CA MET E 477 -66.28 -17.22 17.92
C MET E 477 -66.17 -17.67 19.37
N GLU E 478 -65.09 -18.36 19.72
CA GLU E 478 -64.93 -18.89 21.06
C GLU E 478 -64.38 -17.84 22.02
N GLN E 479 -63.19 -17.32 21.74
CA GLN E 479 -62.50 -16.44 22.67
C GLN E 479 -62.43 -14.99 22.21
N GLN E 480 -63.15 -14.62 21.14
CA GLN E 480 -63.22 -13.23 20.70
C GLN E 480 -61.83 -12.67 20.46
N THR E 481 -60.92 -13.50 19.95
CA THR E 481 -59.56 -13.07 19.69
C THR E 481 -58.96 -13.94 18.59
N ILE E 482 -57.88 -13.43 18.01
CA ILE E 482 -57.08 -14.15 17.03
C ILE E 482 -55.61 -14.05 17.46
N SER E 483 -55.00 -15.18 17.76
CA SER E 483 -53.59 -15.22 18.14
C SER E 483 -52.75 -15.54 16.91
N ILE E 484 -51.74 -14.71 16.66
CA ILE E 484 -50.87 -14.86 15.50
C ILE E 484 -49.43 -14.97 16.00
N THR E 485 -48.71 -15.97 15.50
CA THR E 485 -47.29 -16.16 15.80
C THR E 485 -46.63 -16.54 14.47
N LYS E 486 -46.15 -15.53 13.74
CA LYS E 486 -45.63 -15.76 12.41
C LYS E 486 -44.50 -14.77 12.13
N ALA E 487 -43.58 -15.20 11.28
CA ALA E 487 -42.54 -14.34 10.71
C ALA E 487 -41.99 -13.36 11.74
N GLY E 488 -41.65 -13.89 12.91
CA GLY E 488 -40.88 -13.12 13.87
C GLY E 488 -41.68 -12.21 14.79
N VAL E 489 -43.00 -12.35 14.86
CA VAL E 489 -43.82 -11.53 15.74
C VAL E 489 -44.95 -12.36 16.32
N LYS E 490 -45.28 -12.08 17.59
CA LYS E 490 -46.41 -12.67 18.26
C LYS E 490 -47.38 -11.57 18.68
N ALA E 491 -48.67 -11.80 18.47
CA ALA E 491 -49.68 -10.81 18.79
C ALA E 491 -51.01 -11.51 19.07
N THR E 492 -51.89 -10.80 19.77
CA THR E 492 -53.22 -11.29 20.13
C THR E 492 -54.23 -10.22 19.77
N LEU E 493 -54.71 -10.26 18.52
CA LEU E 493 -55.68 -9.28 18.05
C LEU E 493 -57.06 -9.58 18.62
N ASN E 494 -57.85 -8.52 18.78
CA ASN E 494 -59.23 -8.64 19.24
C ASN E 494 -60.17 -8.69 18.04
N ALA E 495 -61.07 -9.67 18.03
CA ALA E 495 -62.04 -9.85 16.96
C ALA E 495 -63.42 -10.06 17.59
N ARG E 496 -64.08 -8.95 17.95
CA ARG E 496 -65.43 -9.01 18.50
C ARG E 496 -66.45 -8.81 17.38
N THR E 497 -66.48 -9.78 16.49
CA THR E 497 -67.29 -9.72 15.28
C THR E 497 -68.40 -10.76 15.34
N SER E 498 -69.62 -10.34 15.04
CA SER E 498 -70.70 -11.29 14.86
C SER E 498 -70.54 -12.00 13.52
N ILE E 499 -71.15 -13.19 13.43
CA ILE E 499 -71.03 -14.04 12.25
C ILE E 499 -72.41 -14.23 11.66
N LEU E 500 -72.52 -13.99 10.35
CA LEU E 500 -73.71 -14.32 9.58
C LEU E 500 -73.30 -15.35 8.54
N ALA E 501 -73.78 -16.57 8.69
CA ALA E 501 -73.37 -17.67 7.85
C ALA E 501 -74.51 -18.11 6.94
N ALA E 502 -74.15 -18.59 5.76
CA ALA E 502 -75.09 -19.20 4.82
C ALA E 502 -74.62 -20.61 4.52
N ALA E 503 -75.48 -21.60 4.74
CA ALA E 503 -75.08 -23.00 4.63
C ALA E 503 -76.07 -23.77 3.77
N ASN E 504 -75.54 -24.56 2.84
CA ASN E 504 -76.35 -25.46 2.01
C ASN E 504 -76.50 -26.81 2.70
N PRO E 505 -77.72 -27.32 2.87
CA PRO E 505 -77.88 -28.66 3.45
C PRO E 505 -77.21 -29.71 2.57
N ILE E 506 -76.76 -30.79 3.23
CA ILE E 506 -76.20 -31.91 2.48
C ILE E 506 -77.20 -32.36 1.43
N SER E 507 -76.71 -32.60 0.23
CA SER E 507 -77.49 -32.92 -0.98
C SER E 507 -78.13 -31.68 -1.57
N GLY E 508 -77.95 -30.50 -0.97
CA GLY E 508 -78.52 -29.27 -1.47
C GLY E 508 -79.88 -28.93 -0.88
N HIS E 509 -80.76 -29.91 -0.77
CA HIS E 509 -82.12 -29.70 -0.28
C HIS E 509 -82.24 -30.16 1.16
N TYR E 510 -82.81 -29.32 2.00
CA TYR E 510 -83.03 -29.68 3.39
C TYR E 510 -84.06 -30.78 3.49
N ASP E 511 -83.80 -31.75 4.38
CA ASP E 511 -84.71 -32.85 4.63
C ASP E 511 -85.39 -32.62 5.97
N ARG E 512 -86.71 -32.58 5.96
CA ARG E 512 -87.47 -32.28 7.17
C ARG E 512 -87.62 -33.48 8.11
N SER E 513 -87.27 -34.67 7.64
CA SER E 513 -87.38 -35.88 8.45
C SER E 513 -86.10 -36.19 9.22
N LYS E 514 -85.07 -35.35 9.11
CA LYS E 514 -83.82 -35.53 9.81
C LYS E 514 -83.58 -34.34 10.72
N SER E 515 -82.52 -34.44 11.52
CA SER E 515 -82.11 -33.36 12.41
C SER E 515 -81.20 -32.38 11.67
N LEU E 516 -81.01 -31.22 12.28
CA LEU E 516 -80.17 -30.20 11.66
C LEU E 516 -78.75 -30.71 11.48
N LYS E 517 -78.23 -31.46 12.45
CA LYS E 517 -76.89 -31.99 12.32
C LYS E 517 -76.79 -32.96 11.14
N GLN E 518 -77.81 -33.80 10.96
CA GLN E 518 -77.81 -34.71 9.82
C GLN E 518 -77.96 -33.96 8.51
N ASN E 519 -78.60 -32.80 8.53
CA ASN E 519 -78.82 -32.06 7.29
C ASN E 519 -77.58 -31.28 6.86
N ILE E 520 -76.89 -30.63 7.80
CA ILE E 520 -75.71 -29.85 7.49
C ILE E 520 -74.47 -30.60 7.97
N ASN E 521 -73.33 -30.29 7.34
CA ASN E 521 -72.06 -30.92 7.68
C ASN E 521 -71.11 -29.93 8.36
N LEU E 522 -71.65 -29.09 9.24
CA LEU E 522 -70.82 -28.25 10.08
C LEU E 522 -70.41 -29.01 11.33
N SER E 523 -69.18 -28.78 11.78
CA SER E 523 -68.69 -29.46 12.96
C SER E 523 -69.50 -29.04 14.18
N ALA E 524 -69.69 -30.01 15.09
CA ALA E 524 -70.50 -29.75 16.28
C ALA E 524 -69.99 -28.55 17.08
N PRO E 525 -68.70 -28.36 17.31
CA PRO E 525 -68.26 -27.15 18.02
C PRO E 525 -68.65 -25.88 17.29
N ILE E 526 -68.59 -25.88 15.96
CA ILE E 526 -69.03 -24.72 15.20
C ILE E 526 -70.50 -24.47 15.43
N MET E 527 -71.32 -25.51 15.30
CA MET E 527 -72.77 -25.33 15.39
C MET E 527 -73.19 -24.91 16.79
N SER E 528 -72.52 -25.43 17.83
CA SER E 528 -73.02 -25.26 19.19
C SER E 528 -73.10 -23.79 19.59
N ARG E 529 -72.22 -22.95 19.08
CA ARG E 529 -72.14 -21.56 19.49
C ARG E 529 -72.78 -20.59 18.51
N PHE E 530 -73.55 -21.09 17.55
CA PHE E 530 -74.38 -20.23 16.72
C PHE E 530 -75.65 -19.90 17.49
N ASP E 531 -75.83 -18.63 17.82
CA ASP E 531 -76.95 -18.24 18.68
C ASP E 531 -78.30 -18.54 18.02
N LEU E 532 -78.42 -18.26 16.73
CA LEU E 532 -79.66 -18.48 16.00
C LEU E 532 -79.40 -19.27 14.73
N PHE E 533 -80.28 -20.22 14.44
CA PHE E 533 -80.20 -21.05 13.25
C PHE E 533 -81.56 -21.01 12.56
N PHE E 534 -81.62 -20.34 11.41
CA PHE E 534 -82.87 -20.15 10.68
C PHE E 534 -82.91 -21.07 9.47
N ILE E 535 -83.98 -21.85 9.36
CA ILE E 535 -84.16 -22.82 8.29
C ILE E 535 -85.14 -22.25 7.29
N LEU E 536 -84.72 -22.18 6.03
CA LEU E 536 -85.51 -21.64 4.94
C LEU E 536 -85.85 -22.79 3.99
N VAL E 537 -86.93 -23.50 4.31
CA VAL E 537 -87.39 -24.62 3.50
C VAL E 537 -88.25 -24.08 2.36
N ASP E 538 -87.93 -24.52 1.14
CA ASP E 538 -88.62 -24.04 -0.05
C ASP E 538 -89.91 -24.82 -0.23
N GLU E 539 -90.95 -24.38 0.48
CA GLU E 539 -92.27 -24.98 0.35
C GLU E 539 -92.91 -24.48 -0.93
N CYS E 540 -93.30 -25.42 -1.81
CA CYS E 540 -93.90 -25.07 -3.10
C CYS E 540 -95.38 -24.74 -2.88
N ASN E 541 -95.61 -23.52 -2.42
CA ASN E 541 -96.95 -23.03 -2.08
C ASN E 541 -97.35 -21.94 -3.06
N GLU E 542 -98.61 -21.99 -3.51
CA GLU E 542 -99.09 -21.06 -4.52
C GLU E 542 -99.05 -19.62 -4.01
N VAL E 543 -99.50 -19.40 -2.78
CA VAL E 543 -99.58 -18.03 -2.25
C VAL E 543 -98.19 -17.41 -2.16
N THR E 544 -97.24 -18.15 -1.59
CA THR E 544 -95.88 -17.63 -1.47
C THR E 544 -95.24 -17.45 -2.84
N ASP E 545 -95.49 -18.38 -3.76
CA ASP E 545 -94.96 -18.22 -5.12
C ASP E 545 -95.45 -16.92 -5.73
N TYR E 546 -96.76 -16.66 -5.66
CA TYR E 546 -97.31 -15.44 -6.24
C TYR E 546 -96.75 -14.21 -5.57
N ALA E 547 -96.67 -14.22 -4.23
CA ALA E 547 -96.18 -13.04 -3.51
C ALA E 547 -94.74 -12.74 -3.88
N ILE E 548 -93.89 -13.77 -3.91
CA ILE E 548 -92.48 -13.57 -4.22
C ILE E 548 -92.31 -13.13 -5.68
N ALA E 549 -93.10 -13.71 -6.58
CA ALA E 549 -93.02 -13.28 -7.98
C ALA E 549 -93.41 -11.82 -8.12
N ARG E 550 -94.49 -11.42 -7.42
CA ARG E 550 -94.91 -10.01 -7.48
C ARG E 550 -93.80 -9.11 -6.96
N ARG E 551 -93.19 -9.49 -5.83
CA ARG E 551 -92.13 -8.65 -5.26
C ARG E 551 -90.95 -8.53 -6.22
N ILE E 552 -90.53 -9.65 -6.81
CA ILE E 552 -89.37 -9.62 -7.70
C ILE E 552 -89.67 -8.78 -8.94
N VAL E 553 -90.83 -9.00 -9.56
CA VAL E 553 -91.15 -8.27 -10.78
C VAL E 553 -91.34 -6.80 -10.49
N ASP E 554 -91.92 -6.47 -9.32
CA ASP E 554 -92.03 -5.07 -8.92
C ASP E 554 -90.65 -4.44 -8.76
N LEU E 555 -89.72 -5.17 -8.14
CA LEU E 555 -88.37 -4.64 -7.99
C LEU E 555 -87.73 -4.38 -9.35
N HIS E 556 -87.92 -5.30 -10.30
CA HIS E 556 -87.28 -5.16 -11.60
C HIS E 556 -88.00 -4.17 -12.51
N SER E 557 -89.24 -3.82 -12.20
CA SER E 557 -89.96 -2.82 -12.99
C SER E 557 -89.74 -1.41 -12.46
N ARG E 558 -89.83 -1.24 -11.15
CA ARG E 558 -89.70 0.06 -10.48
C ARG E 558 -88.42 0.02 -9.65
N ILE E 559 -87.31 0.40 -10.26
CA ILE E 559 -86.00 0.18 -9.67
C ILE E 559 -85.75 1.16 -8.53
N GLU E 560 -85.66 2.45 -8.86
CA GLU E 560 -85.33 3.44 -7.84
C GLU E 560 -86.50 3.67 -6.90
N GLU E 561 -87.72 3.70 -7.44
CA GLU E 561 -88.92 3.75 -6.62
C GLU E 561 -89.26 2.33 -6.16
N SER E 562 -90.43 2.14 -5.57
CA SER E 562 -90.93 0.88 -5.05
C SER E 562 -90.28 0.52 -3.72
N ILE E 563 -89.30 1.29 -3.26
CA ILE E 563 -88.68 1.08 -1.96
C ILE E 563 -89.02 2.29 -1.11
N ASP E 564 -89.82 2.09 -0.07
CA ASP E 564 -90.20 3.15 0.85
C ASP E 564 -89.83 2.66 2.25
N ARG E 565 -88.58 2.89 2.63
CA ARG E 565 -88.10 2.52 3.95
C ARG E 565 -88.35 3.69 4.89
N VAL E 566 -89.15 3.46 5.92
CA VAL E 566 -89.56 4.55 6.80
C VAL E 566 -88.35 5.26 7.38
N TYR E 567 -87.22 4.55 7.48
CA TYR E 567 -85.96 5.14 7.94
C TYR E 567 -84.89 4.84 6.90
N SER E 568 -84.13 5.86 6.52
CA SER E 568 -83.07 5.66 5.55
C SER E 568 -81.91 4.90 6.18
N LEU E 569 -81.09 4.29 5.32
CA LEU E 569 -79.97 3.50 5.81
C LEU E 569 -79.02 4.34 6.66
N ASP E 570 -78.82 5.59 6.27
CA ASP E 570 -77.94 6.46 7.07
C ASP E 570 -78.52 6.70 8.46
N ASP E 571 -79.83 6.95 8.55
CA ASP E 571 -80.46 7.12 9.84
C ASP E 571 -80.34 5.85 10.67
N ILE E 572 -80.54 4.69 10.05
CA ILE E 572 -80.43 3.43 10.77
C ILE E 572 -79.00 3.24 11.27
N ARG E 573 -78.01 3.57 10.46
CA ARG E 573 -76.62 3.44 10.89
C ARG E 573 -76.32 4.34 12.07
N ARG E 574 -76.78 5.60 12.01
CA ARG E 574 -76.57 6.50 13.14
C ARG E 574 -77.25 5.96 14.40
N TYR E 575 -78.47 5.43 14.24
CA TYR E 575 -79.18 4.88 15.38
C TYR E 575 -78.45 3.66 15.95
N LEU E 576 -77.88 2.83 15.08
CA LEU E 576 -77.09 1.69 15.55
C LEU E 576 -75.88 2.18 16.34
N LEU E 577 -75.17 3.16 15.81
CA LEU E 577 -73.99 3.66 16.50
C LEU E 577 -74.35 4.26 17.85
N PHE E 578 -75.52 4.89 17.95
CA PHE E 578 -75.94 5.44 19.23
C PHE E 578 -76.38 4.33 20.20
N ALA E 579 -77.14 3.35 19.71
CA ALA E 579 -77.70 2.33 20.58
C ALA E 579 -76.62 1.38 21.09
N ARG E 580 -75.62 1.07 20.26
CA ARG E 580 -74.58 0.14 20.67
C ARG E 580 -73.89 0.61 21.95
N GLN E 581 -73.91 1.92 22.22
CA GLN E 581 -73.35 2.44 23.45
C GLN E 581 -74.22 2.13 24.66
N PHE E 582 -75.44 1.62 24.46
CA PHE E 582 -76.32 1.26 25.55
C PHE E 582 -76.05 -0.18 25.97
N LYS E 583 -75.97 -0.40 27.29
CA LYS E 583 -75.71 -1.70 27.87
C LYS E 583 -76.87 -2.05 28.79
N PRO E 584 -77.91 -2.70 28.28
CA PRO E 584 -79.09 -2.98 29.11
C PRO E 584 -78.76 -3.80 30.35
N LYS E 585 -79.44 -3.49 31.45
CA LYS E 585 -79.33 -4.28 32.66
C LYS E 585 -80.29 -5.46 32.57
N ILE E 586 -80.49 -6.16 33.69
CA ILE E 586 -81.47 -7.23 33.80
C ILE E 586 -82.08 -7.15 35.20
N SER E 587 -83.37 -6.85 35.29
CA SER E 587 -84.04 -6.71 36.56
C SER E 587 -84.51 -8.08 37.07
N LYS E 588 -84.97 -8.11 38.32
CA LYS E 588 -85.37 -9.37 38.93
C LYS E 588 -86.59 -9.97 38.22
N GLU E 589 -87.54 -9.13 37.83
CA GLU E 589 -88.68 -9.65 37.06
C GLU E 589 -88.21 -10.25 35.74
N SER E 590 -87.24 -9.61 35.09
CA SER E 590 -86.68 -10.17 33.87
C SER E 590 -86.00 -11.51 34.15
N GLU E 591 -85.30 -11.62 35.28
CA GLU E 591 -84.68 -12.90 35.64
C GLU E 591 -85.73 -13.99 35.78
N ASP E 592 -86.81 -13.69 36.51
CA ASP E 592 -87.85 -14.70 36.72
C ASP E 592 -88.47 -15.11 35.39
N PHE E 593 -88.78 -14.14 34.55
CA PHE E 593 -89.37 -14.47 33.25
C PHE E 593 -88.39 -15.29 32.42
N ILE E 594 -87.10 -14.98 32.51
CA ILE E 594 -86.09 -15.70 31.74
C ILE E 594 -86.04 -17.16 32.18
N VAL E 595 -86.00 -17.41 33.49
CA VAL E 595 -85.93 -18.79 33.95
C VAL E 595 -87.20 -19.55 33.58
N GLU E 596 -88.35 -18.89 33.67
CA GLU E 596 -89.60 -19.55 33.29
C GLU E 596 -89.60 -19.91 31.81
N GLN E 597 -89.15 -18.98 30.95
CA GLN E 597 -89.10 -19.27 29.52
C GLN E 597 -88.11 -20.38 29.21
N TYR E 598 -86.97 -20.40 29.91
CA TYR E 598 -86.02 -21.49 29.69
C TYR E 598 -86.62 -22.83 30.10
N LYS E 599 -87.36 -22.85 31.21
CA LYS E 599 -88.04 -24.08 31.60
C LYS E 599 -89.02 -24.52 30.51
N HIS E 600 -89.77 -23.57 29.95
CA HIS E 600 -90.73 -23.91 28.91
C HIS E 600 -90.02 -24.48 27.68
N LEU E 601 -88.91 -23.86 27.29
CA LEU E 601 -88.16 -24.35 26.13
C LEU E 601 -87.58 -25.73 26.39
N ARG E 602 -87.09 -25.98 27.60
CA ARG E 602 -86.60 -27.30 27.95
C ARG E 602 -87.73 -28.33 27.89
N GLN E 603 -88.92 -27.96 28.36
CA GLN E 603 -90.06 -28.87 28.26
C GLN E 603 -90.40 -29.16 26.80
N ARG E 604 -90.32 -28.15 25.94
CA ARG E 604 -90.42 -28.40 24.51
C ARG E 604 -89.41 -29.45 24.08
N ASP E 605 -88.17 -29.32 24.56
CA ASP E 605 -87.13 -30.26 24.17
C ASP E 605 -87.48 -31.68 24.61
N GLY E 606 -88.02 -31.82 25.80
CA GLY E 606 -88.35 -33.13 26.35
C GLY E 606 -89.24 -33.96 25.43
N THR E 610 -92.60 -34.46 20.18
CA THR E 610 -91.82 -34.79 18.99
C THR E 610 -90.35 -34.44 19.20
N LYS E 611 -89.56 -34.59 18.14
CA LYS E 611 -88.12 -34.37 18.19
C LYS E 611 -87.77 -33.10 17.42
N SER E 612 -87.11 -32.16 18.10
CA SER E 612 -86.66 -30.94 17.46
C SER E 612 -85.44 -31.21 16.58
N SER E 613 -85.23 -30.32 15.60
CA SER E 613 -84.08 -30.47 14.72
C SER E 613 -82.76 -30.36 15.47
N TRP E 614 -82.77 -29.75 16.65
CA TRP E 614 -81.59 -29.76 17.51
C TRP E 614 -82.04 -29.54 18.94
N ARG E 615 -81.33 -30.19 19.87
CA ARG E 615 -81.70 -30.19 21.28
C ARG E 615 -81.66 -28.78 21.86
N ILE E 616 -82.07 -28.65 23.12
CA ILE E 616 -82.02 -27.38 23.84
C ILE E 616 -81.09 -27.57 25.03
N THR E 617 -80.02 -26.80 25.07
CA THR E 617 -79.05 -26.82 26.16
C THR E 617 -79.00 -25.43 26.80
N VAL E 618 -78.06 -25.25 27.73
CA VAL E 618 -77.89 -23.94 28.36
C VAL E 618 -77.36 -22.93 27.35
N ARG E 619 -76.80 -23.39 26.24
CA ARG E 619 -76.42 -22.46 25.19
C ARG E 619 -77.63 -21.74 24.63
N GLN E 620 -78.78 -22.42 24.57
CA GLN E 620 -80.01 -21.74 24.15
C GLN E 620 -80.41 -20.66 25.14
N LEU E 621 -80.25 -20.93 26.44
CA LEU E 621 -80.52 -19.90 27.44
C LEU E 621 -79.58 -18.71 27.27
N GLU E 622 -78.30 -18.97 27.03
CA GLU E 622 -77.37 -17.87 26.82
C GLU E 622 -77.74 -17.07 25.57
N SER E 623 -78.11 -17.75 24.48
CA SER E 623 -78.53 -17.05 23.28
C SER E 623 -79.77 -16.21 23.54
N MET E 624 -80.72 -16.76 24.30
CA MET E 624 -81.93 -16.01 24.63
C MET E 624 -81.61 -14.78 25.47
N ILE E 625 -80.69 -14.91 26.43
CA ILE E 625 -80.29 -13.75 27.21
C ILE E 625 -79.66 -12.69 26.32
N ARG E 626 -78.79 -13.11 25.40
CA ARG E 626 -78.18 -12.16 24.49
C ARG E 626 -79.22 -11.49 23.59
N LEU E 627 -80.21 -12.25 23.13
CA LEU E 627 -81.25 -11.69 22.29
C LEU E 627 -82.09 -10.68 23.06
N SER E 628 -82.40 -10.98 24.33
CA SER E 628 -83.13 -10.02 25.15
C SER E 628 -82.33 -8.74 25.35
N GLU E 629 -81.02 -8.88 25.60
CA GLU E 629 -80.16 -7.71 25.69
C GLU E 629 -80.17 -6.92 24.38
N ALA E 630 -80.15 -7.62 23.25
CA ALA E 630 -80.17 -6.95 21.96
C ALA E 630 -81.47 -6.18 21.75
N MET E 631 -82.60 -6.77 22.15
CA MET E 631 -83.87 -6.05 22.04
C MET E 631 -83.88 -4.82 22.93
N ALA E 632 -83.41 -4.95 24.16
CA ALA E 632 -83.36 -3.80 25.06
C ALA E 632 -82.47 -2.70 24.47
N ARG E 633 -81.34 -3.09 23.89
CA ARG E 633 -80.46 -2.12 23.25
C ARG E 633 -81.13 -1.49 22.04
N MET E 634 -81.89 -2.27 21.28
CA MET E 634 -82.60 -1.74 20.12
C MET E 634 -83.58 -0.65 20.54
N HIS E 635 -84.31 -0.89 21.64
CA HIS E 635 -85.20 0.14 22.16
C HIS E 635 -84.48 1.15 23.06
N CYS E 636 -83.17 1.01 23.22
CA CYS E 636 -82.35 1.95 23.99
C CYS E 636 -82.74 1.96 25.47
N CYS E 637 -83.47 0.95 25.92
CA CYS E 637 -83.84 0.89 27.32
C CYS E 637 -82.61 0.65 28.20
N ASP E 638 -82.66 1.20 29.41
CA ASP E 638 -81.60 0.98 30.39
C ASP E 638 -81.83 -0.28 31.21
N GLU E 639 -82.93 -0.98 31.00
CA GLU E 639 -83.24 -2.21 31.72
C GLU E 639 -83.88 -3.20 30.76
N VAL E 640 -83.43 -4.45 30.79
CA VAL E 640 -84.06 -5.49 29.99
C VAL E 640 -85.45 -5.77 30.55
N GLN E 641 -86.43 -5.85 29.66
CA GLN E 641 -87.83 -5.93 30.05
C GLN E 641 -88.45 -7.27 29.66
N PRO E 642 -89.52 -7.66 30.37
CA PRO E 642 -90.20 -8.91 30.00
C PRO E 642 -90.69 -8.92 28.56
N LYS E 643 -91.02 -7.76 27.99
CA LYS E 643 -91.40 -7.73 26.58
C LYS E 643 -90.24 -8.17 25.70
N HIS E 644 -89.04 -7.66 25.97
CA HIS E 644 -87.86 -8.07 25.22
C HIS E 644 -87.58 -9.55 25.41
N VAL E 645 -87.69 -10.03 26.65
CA VAL E 645 -87.43 -11.44 26.91
C VAL E 645 -88.44 -12.32 26.17
N LYS E 646 -89.71 -11.91 26.18
CA LYS E 646 -90.74 -12.67 25.48
C LYS E 646 -90.47 -12.70 23.99
N GLU E 647 -90.08 -11.56 23.40
CA GLU E 647 -89.76 -11.54 21.98
C GLU E 647 -88.60 -12.47 21.67
N ALA E 648 -87.55 -12.44 22.50
CA ALA E 648 -86.40 -13.31 22.27
C ALA E 648 -86.80 -14.78 22.37
N PHE E 649 -87.58 -15.13 23.38
CA PHE E 649 -88.02 -16.51 23.54
C PHE E 649 -88.86 -16.96 22.36
N ARG E 650 -89.77 -16.11 21.92
CA ARG E 650 -90.60 -16.45 20.77
C ARG E 650 -89.75 -16.67 19.53
N LEU E 651 -88.77 -15.79 19.30
CA LEU E 651 -87.91 -15.93 18.14
C LEU E 651 -87.15 -17.24 18.19
N LEU E 652 -86.58 -17.57 19.36
CA LEU E 652 -85.83 -18.80 19.49
C LEU E 652 -86.71 -20.02 19.29
N ASN E 653 -87.90 -20.01 19.89
CA ASN E 653 -88.82 -21.15 19.76
C ASN E 653 -89.25 -21.34 18.31
N LYS E 654 -89.56 -20.25 17.61
CA LYS E 654 -89.92 -20.37 16.20
C LYS E 654 -88.75 -20.88 15.38
N SER E 655 -87.54 -20.42 15.71
CA SER E 655 -86.35 -20.90 14.99
C SER E 655 -86.19 -22.40 15.14
N ILE E 656 -86.37 -22.90 16.36
CA ILE E 656 -86.26 -24.34 16.61
C ILE E 656 -87.51 -25.00 16.05
N ILE E 657 -87.38 -25.71 14.95
CA ILE E 657 -88.50 -26.34 14.28
C ILE E 657 -88.59 -27.80 14.71
N ARG E 658 -89.72 -28.42 14.44
CA ARG E 658 -89.91 -29.84 14.71
C ARG E 658 -89.46 -30.68 13.52
N VAL E 659 -89.07 -31.91 13.80
CA VAL E 659 -88.66 -32.86 12.78
C VAL E 659 -89.87 -33.70 12.43
N GLU E 660 -90.48 -33.43 11.28
CA GLU E 660 -91.65 -34.17 10.83
C GLU E 660 -91.21 -35.40 10.06
N THR E 661 -91.74 -36.56 10.45
CA THR E 661 -91.40 -37.83 9.85
C THR E 661 -92.67 -38.60 9.49
N PRO E 662 -92.62 -39.46 8.46
CA PRO E 662 -93.81 -40.25 8.11
C PRO E 662 -94.34 -41.10 9.27
N LEU F 3 2.25 -24.12 -33.98
CA LEU F 3 3.09 -23.01 -34.39
C LEU F 3 3.35 -23.06 -35.90
N LYS F 4 2.52 -22.36 -36.65
CA LYS F 4 2.59 -22.35 -38.10
C LYS F 4 2.37 -20.93 -38.60
N ASP F 5 2.73 -20.69 -39.86
CA ASP F 5 2.63 -19.36 -40.44
C ASP F 5 1.20 -19.14 -40.92
N TYR F 6 0.44 -18.33 -40.16
CA TYR F 6 -0.97 -18.16 -40.48
C TYR F 6 -1.17 -17.42 -41.79
N ALA F 7 -0.20 -16.61 -42.22
CA ALA F 7 -0.28 -16.03 -43.55
C ALA F 7 -0.24 -17.12 -44.62
N LEU F 8 0.66 -18.09 -44.47
CA LEU F 8 0.71 -19.21 -45.40
C LEU F 8 -0.58 -20.03 -45.34
N GLU F 9 -1.11 -20.25 -44.14
CA GLU F 9 -2.36 -20.98 -44.02
C GLU F 9 -3.49 -20.23 -44.71
N LYS F 10 -3.54 -18.91 -44.56
CA LYS F 10 -4.54 -18.10 -45.23
C LYS F 10 -4.41 -18.22 -46.74
N GLU F 11 -3.18 -18.21 -47.25
CA GLU F 11 -2.99 -18.37 -48.69
C GLU F 11 -3.45 -19.75 -49.15
N LYS F 12 -3.21 -20.78 -48.34
CA LYS F 12 -3.64 -22.13 -48.70
C LYS F 12 -5.17 -22.21 -48.77
N VAL F 13 -5.85 -21.66 -47.76
CA VAL F 13 -7.31 -21.70 -47.78
C VAL F 13 -7.86 -20.88 -48.94
N LYS F 14 -7.20 -19.77 -49.26
CA LYS F 14 -7.61 -18.98 -50.41
C LYS F 14 -7.46 -19.77 -51.70
N LYS F 15 -6.35 -20.49 -51.86
CA LYS F 15 -6.16 -21.33 -53.04
C LYS F 15 -7.26 -22.38 -53.12
N PHE F 16 -7.56 -23.03 -52.00
CA PHE F 16 -8.63 -24.04 -52.00
C PHE F 16 -9.94 -23.43 -52.45
N LEU F 17 -10.34 -22.32 -51.82
CA LEU F 17 -11.63 -21.70 -52.13
C LEU F 17 -11.69 -21.25 -53.58
N GLN F 18 -10.57 -20.79 -54.13
CA GLN F 18 -10.60 -20.22 -55.48
C GLN F 18 -10.48 -21.28 -56.56
N GLU F 19 -9.83 -22.41 -56.30
CA GLU F 19 -9.57 -23.38 -57.34
C GLU F 19 -10.10 -24.78 -57.00
N PHE F 20 -11.04 -24.89 -56.08
CA PHE F 20 -11.73 -26.15 -55.85
C PHE F 20 -12.96 -26.25 -56.75
N TYR F 21 -13.23 -27.46 -57.22
CA TYR F 21 -14.36 -27.69 -58.11
C TYR F 21 -14.86 -29.11 -57.92
N GLN F 22 -16.09 -29.34 -58.36
CA GLN F 22 -16.70 -30.66 -58.29
C GLN F 22 -17.79 -30.74 -59.34
N ASP F 23 -18.32 -31.96 -59.52
CA ASP F 23 -19.34 -32.26 -60.51
C ASP F 23 -20.72 -32.38 -59.89
N ASP F 24 -21.01 -31.55 -58.88
CA ASP F 24 -22.28 -31.65 -58.17
C ASP F 24 -23.46 -31.47 -59.12
N GLU F 25 -23.28 -30.76 -60.23
CA GLU F 25 -24.36 -30.48 -61.19
C GLU F 25 -24.09 -31.26 -62.47
N LEU F 26 -24.62 -32.47 -62.53
CA LEU F 26 -24.65 -33.29 -63.74
C LEU F 26 -23.32 -33.22 -64.49
N GLY F 27 -22.26 -33.57 -63.79
CA GLY F 27 -20.95 -33.63 -64.41
C GLY F 27 -20.50 -32.32 -65.02
N LYS F 28 -20.68 -31.23 -64.29
CA LYS F 28 -20.28 -29.90 -64.76
C LYS F 28 -19.38 -29.26 -63.70
N LYS F 29 -18.09 -29.16 -64.01
CA LYS F 29 -17.16 -28.42 -63.16
C LYS F 29 -17.63 -26.98 -63.03
N GLN F 30 -18.04 -26.58 -61.83
CA GLN F 30 -18.67 -25.28 -61.63
C GLN F 30 -17.99 -24.41 -60.58
N PHE F 31 -16.90 -24.87 -59.97
CA PHE F 31 -16.25 -24.11 -58.91
C PHE F 31 -17.25 -23.78 -57.80
N LYS F 32 -17.63 -24.82 -57.07
CA LYS F 32 -18.62 -24.72 -56.01
C LYS F 32 -18.40 -23.50 -55.11
N TYR F 33 -17.23 -23.43 -54.48
CA TYR F 33 -17.00 -22.36 -53.52
C TYR F 33 -16.79 -21.01 -54.21
N GLY F 34 -16.33 -21.01 -55.46
CA GLY F 34 -16.29 -19.76 -56.21
C GLY F 34 -17.69 -19.19 -56.42
N ASN F 35 -18.63 -20.04 -56.81
CA ASN F 35 -20.01 -19.59 -56.98
C ASN F 35 -20.60 -19.14 -55.65
N GLN F 36 -20.32 -19.88 -54.59
CA GLN F 36 -20.80 -19.46 -53.28
C GLN F 36 -20.23 -18.10 -52.89
N LEU F 37 -18.95 -17.87 -53.19
CA LEU F 37 -18.36 -16.56 -52.92
C LEU F 37 -19.03 -15.47 -53.74
N VAL F 38 -19.35 -15.76 -55.00
CA VAL F 38 -20.07 -14.80 -55.82
C VAL F 38 -21.37 -14.41 -55.14
N ARG F 39 -22.13 -15.41 -54.69
CA ARG F 39 -23.41 -15.12 -54.05
C ARG F 39 -23.22 -14.36 -52.74
N LEU F 40 -22.17 -14.70 -51.98
CA LEU F 40 -21.89 -13.98 -50.74
C LEU F 40 -21.60 -12.52 -51.01
N ALA F 41 -20.77 -12.25 -52.03
CA ALA F 41 -20.49 -10.86 -52.38
C ALA F 41 -21.74 -10.13 -52.83
N HIS F 42 -22.59 -10.81 -53.59
CA HIS F 42 -23.87 -10.23 -53.98
C HIS F 42 -24.85 -10.12 -52.82
N ARG F 43 -24.52 -10.69 -51.67
CA ARG F 43 -25.35 -10.66 -50.47
C ARG F 43 -26.64 -11.46 -50.64
N GLU F 44 -26.63 -12.42 -51.54
CA GLU F 44 -27.75 -13.34 -51.72
C GLU F 44 -27.60 -14.60 -50.87
N GLN F 45 -26.58 -14.66 -50.03
CA GLN F 45 -26.32 -15.84 -49.20
C GLN F 45 -25.59 -15.40 -47.94
N VAL F 46 -26.07 -15.85 -46.79
CA VAL F 46 -25.53 -15.46 -45.50
C VAL F 46 -24.48 -16.46 -45.00
N ALA F 47 -24.81 -17.74 -45.02
CA ALA F 47 -23.96 -18.77 -44.44
C ALA F 47 -23.22 -19.52 -45.53
N LEU F 48 -21.95 -19.84 -45.26
CA LEU F 48 -21.11 -20.61 -46.15
C LEU F 48 -20.60 -21.82 -45.39
N TYR F 49 -20.91 -23.01 -45.90
CA TYR F 49 -20.57 -24.27 -45.24
C TYR F 49 -19.41 -24.91 -45.99
N VAL F 50 -18.22 -24.85 -45.41
CA VAL F 50 -17.03 -25.44 -46.00
C VAL F 50 -17.00 -26.92 -45.66
N ASP F 51 -16.81 -27.75 -46.69
CA ASP F 51 -16.82 -29.20 -46.52
C ASP F 51 -15.38 -29.67 -46.29
N LEU F 52 -15.10 -30.10 -45.06
CA LEU F 52 -13.77 -30.61 -44.77
C LEU F 52 -13.46 -31.86 -45.56
N ASP F 53 -14.48 -32.60 -46.02
CA ASP F 53 -14.22 -33.66 -46.98
C ASP F 53 -13.62 -33.09 -48.25
N ASP F 54 -14.19 -31.98 -48.74
CA ASP F 54 -13.63 -31.33 -49.91
C ASP F 54 -12.21 -30.83 -49.65
N VAL F 55 -11.97 -30.28 -48.46
CA VAL F 55 -10.63 -29.81 -48.12
C VAL F 55 -9.65 -30.97 -48.15
N ALA F 56 -9.99 -32.08 -47.48
CA ALA F 56 -9.11 -33.23 -47.43
C ALA F 56 -8.91 -33.87 -48.80
N GLU F 57 -9.86 -33.69 -49.71
CA GLU F 57 -9.68 -34.21 -51.07
C GLU F 57 -8.32 -33.83 -51.64
N ASP F 58 -7.74 -32.73 -51.17
CA ASP F 58 -6.43 -32.28 -51.63
C ASP F 58 -5.41 -32.12 -50.50
N ASP F 59 -5.82 -31.62 -49.34
CA ASP F 59 -4.89 -31.28 -48.26
C ASP F 59 -5.38 -31.89 -46.95
N PRO F 60 -5.19 -33.19 -46.76
CA PRO F 60 -5.65 -33.81 -45.50
C PRO F 60 -5.02 -33.21 -44.26
N GLU F 61 -3.74 -32.81 -44.33
CA GLU F 61 -3.10 -32.24 -43.15
C GLU F 61 -3.73 -30.91 -42.77
N LEU F 62 -4.23 -30.14 -43.74
CA LEU F 62 -4.97 -28.93 -43.40
C LEU F 62 -6.24 -29.26 -42.63
N VAL F 63 -6.93 -30.32 -43.05
CA VAL F 63 -8.12 -30.76 -42.31
C VAL F 63 -7.74 -31.17 -40.89
N ASP F 64 -6.61 -31.87 -40.74
CA ASP F 64 -6.16 -32.25 -39.42
C ASP F 64 -5.88 -31.03 -38.56
N SER F 65 -5.23 -30.02 -39.15
CA SER F 65 -4.96 -28.79 -38.41
C SER F 65 -6.24 -28.09 -38.01
N ILE F 66 -7.23 -28.06 -38.91
CA ILE F 66 -8.51 -27.44 -38.59
C ILE F 66 -9.18 -28.17 -37.42
N CYS F 67 -9.19 -29.50 -37.48
CA CYS F 67 -9.81 -30.26 -36.40
C CYS F 67 -9.09 -30.03 -35.08
N GLU F 68 -7.76 -29.95 -35.11
CA GLU F 68 -6.99 -29.72 -33.89
C GLU F 68 -7.22 -28.32 -33.34
N ASN F 69 -7.41 -27.32 -34.22
CA ASN F 69 -7.64 -25.94 -33.82
C ASN F 69 -8.64 -25.34 -34.80
N ALA F 70 -9.93 -25.47 -34.49
CA ALA F 70 -10.99 -25.06 -35.41
C ALA F 70 -11.24 -23.56 -35.34
N ARG F 71 -11.38 -23.00 -34.14
CA ARG F 71 -11.70 -21.58 -34.02
C ARG F 71 -10.70 -20.73 -34.79
N ARG F 72 -9.40 -21.02 -34.60
CA ARG F 72 -8.38 -20.30 -35.34
C ARG F 72 -8.59 -20.41 -36.84
N TYR F 73 -8.81 -21.64 -37.31
CA TYR F 73 -8.99 -21.83 -38.75
C TYR F 73 -10.36 -21.38 -39.23
N ALA F 74 -11.36 -21.37 -38.35
CA ALA F 74 -12.62 -20.72 -38.69
C ALA F 74 -12.37 -19.24 -38.99
N LYS F 75 -11.61 -18.57 -38.12
CA LYS F 75 -11.29 -17.17 -38.35
C LYS F 75 -10.45 -16.99 -39.62
N LEU F 76 -9.51 -17.91 -39.87
CA LEU F 76 -8.70 -17.81 -41.08
C LEU F 76 -9.57 -17.93 -42.33
N PHE F 77 -10.48 -18.89 -42.36
CA PHE F 77 -11.38 -19.02 -43.50
C PHE F 77 -12.27 -17.79 -43.64
N ALA F 78 -12.75 -17.26 -42.53
CA ALA F 78 -13.58 -16.05 -42.59
C ALA F 78 -12.81 -14.90 -43.21
N ASP F 79 -11.55 -14.70 -42.77
CA ASP F 79 -10.74 -13.63 -43.32
C ASP F 79 -10.45 -13.86 -44.81
N ALA F 80 -10.19 -15.12 -45.19
CA ALA F 80 -9.96 -15.41 -46.59
C ALA F 80 -11.18 -15.06 -47.44
N VAL F 81 -12.36 -15.42 -46.98
CA VAL F 81 -13.59 -15.09 -47.71
C VAL F 81 -13.77 -13.58 -47.76
N GLN F 82 -13.52 -12.90 -46.64
CA GLN F 82 -13.63 -11.44 -46.61
C GLN F 82 -12.74 -10.80 -47.66
N GLU F 83 -11.49 -11.23 -47.73
CA GLU F 83 -10.56 -10.67 -48.70
C GLU F 83 -10.92 -11.07 -50.13
N LEU F 84 -11.58 -12.21 -50.30
CA LEU F 84 -11.90 -12.68 -51.64
C LEU F 84 -13.15 -12.03 -52.21
N LEU F 85 -14.09 -11.62 -51.37
CA LEU F 85 -15.36 -11.11 -51.87
C LEU F 85 -15.20 -10.00 -52.89
N PRO F 86 -14.37 -8.98 -52.68
CA PRO F 86 -14.31 -7.87 -53.65
C PRO F 86 -13.96 -8.31 -55.06
N GLN F 87 -13.05 -9.28 -55.21
CA GLN F 87 -12.65 -9.69 -56.55
C GLN F 87 -13.67 -10.63 -57.21
N TYR F 88 -14.68 -11.09 -56.47
CA TYR F 88 -15.78 -11.83 -57.06
C TYR F 88 -17.02 -10.97 -57.26
N LYS F 89 -17.10 -9.82 -56.60
CA LYS F 89 -18.25 -8.94 -56.77
C LYS F 89 -18.41 -8.55 -58.23
N GLU F 90 -19.65 -8.66 -58.73
CA GLU F 90 -19.95 -8.35 -60.13
C GLU F 90 -20.94 -7.21 -60.31
N ARG F 91 -21.75 -6.89 -59.30
CA ARG F 91 -22.71 -5.81 -59.41
C ARG F 91 -22.94 -5.24 -58.01
N GLU F 92 -23.80 -4.22 -57.95
CA GLU F 92 -23.99 -3.48 -56.70
C GLU F 92 -25.06 -4.14 -55.84
N VAL F 93 -24.80 -4.22 -54.54
CA VAL F 93 -25.76 -4.77 -53.60
C VAL F 93 -26.95 -3.83 -53.49
N VAL F 94 -28.12 -4.41 -53.22
CA VAL F 94 -29.37 -3.66 -53.23
C VAL F 94 -29.69 -3.12 -51.84
N ASN F 95 -28.71 -3.15 -50.94
CA ASN F 95 -28.88 -2.68 -49.56
C ASN F 95 -30.03 -3.43 -48.89
N LYS F 96 -29.79 -4.72 -48.69
CA LYS F 96 -30.83 -5.61 -48.16
C LYS F 96 -31.47 -5.05 -46.89
N ASP F 97 -30.67 -4.46 -46.00
CA ASP F 97 -31.19 -4.10 -44.70
C ASP F 97 -30.42 -2.91 -44.12
N VAL F 98 -30.84 -2.51 -42.91
CA VAL F 98 -30.27 -1.34 -42.26
C VAL F 98 -28.78 -1.55 -42.02
N LEU F 99 -28.37 -2.77 -41.70
CA LEU F 99 -26.95 -3.04 -41.51
C LEU F 99 -26.19 -2.85 -42.82
N ASP F 100 -26.78 -3.23 -43.95
CA ASP F 100 -26.14 -2.96 -45.23
C ASP F 100 -26.02 -1.46 -45.48
N VAL F 101 -27.06 -0.69 -45.14
CA VAL F 101 -26.97 0.76 -45.27
C VAL F 101 -25.83 1.30 -44.42
N TYR F 102 -25.74 0.85 -43.17
CA TYR F 102 -24.66 1.30 -42.29
C TYR F 102 -23.30 0.94 -42.85
N ILE F 103 -23.16 -0.27 -43.36
CA ILE F 103 -21.88 -0.71 -43.90
C ILE F 103 -21.46 0.16 -45.08
N GLU F 104 -22.41 0.43 -45.98
CA GLU F 104 -22.08 1.25 -47.14
C GLU F 104 -21.72 2.67 -46.71
N HIS F 105 -22.46 3.23 -45.75
CA HIS F 105 -22.13 4.56 -45.26
C HIS F 105 -20.73 4.60 -44.67
N ARG F 106 -20.40 3.62 -43.82
CA ARG F 106 -19.10 3.62 -43.17
C ARG F 106 -17.97 3.46 -44.18
N LEU F 107 -18.14 2.55 -45.14
CA LEU F 107 -17.11 2.37 -46.17
C LEU F 107 -16.96 3.63 -47.01
N MET F 108 -18.08 4.26 -47.38
CA MET F 108 -18.03 5.48 -48.18
C MET F 108 -17.25 6.56 -47.44
N MET F 109 -17.56 6.78 -46.16
CA MET F 109 -16.88 7.87 -45.46
C MET F 109 -15.44 7.52 -45.13
N GLU F 110 -15.13 6.23 -44.96
CA GLU F 110 -13.73 5.85 -44.80
C GLU F 110 -12.95 6.14 -46.08
N GLN F 111 -13.51 5.79 -47.24
CA GLN F 111 -12.86 6.16 -48.50
C GLN F 111 -12.72 7.67 -48.60
N ARG F 112 -13.74 8.41 -48.14
CA ARG F 112 -13.70 9.87 -48.22
C ARG F 112 -12.54 10.44 -47.40
N SER F 113 -12.41 10.00 -46.15
CA SER F 113 -11.33 10.44 -45.28
C SER F 113 -10.12 9.51 -45.34
N ARG F 114 -9.93 8.82 -46.47
CA ARG F 114 -8.89 7.79 -46.58
C ARG F 114 -7.51 8.33 -46.23
N ASP F 115 -6.99 9.25 -47.03
CA ASP F 115 -5.58 9.60 -46.94
C ASP F 115 -4.78 8.31 -47.01
N PRO F 116 -4.67 7.70 -48.20
CA PRO F 116 -4.20 6.30 -48.25
C PRO F 116 -2.84 6.08 -47.62
N GLY F 117 -1.90 7.01 -47.80
CA GLY F 117 -0.55 6.80 -47.30
C GLY F 117 -0.45 6.89 -45.79
N MET F 118 -1.37 7.62 -45.16
CA MET F 118 -1.27 7.86 -43.72
C MET F 118 -1.43 6.55 -42.95
N VAL F 119 -0.56 6.33 -41.98
CA VAL F 119 -0.64 5.14 -41.14
C VAL F 119 -1.65 5.40 -40.02
N ARG F 120 -2.62 4.50 -39.90
CA ARG F 120 -3.69 4.65 -38.93
C ARG F 120 -3.43 3.76 -37.72
N SER F 121 -3.78 4.28 -36.54
CA SER F 121 -3.61 3.50 -35.32
C SER F 121 -4.44 2.22 -35.42
N PRO F 122 -3.96 1.12 -34.85
CA PRO F 122 -4.72 -0.14 -34.94
C PRO F 122 -6.12 -0.04 -34.38
N GLN F 123 -6.33 0.76 -33.33
CA GLN F 123 -7.65 0.99 -32.78
C GLN F 123 -8.48 1.97 -33.60
N ASN F 124 -8.02 2.35 -34.79
CA ASN F 124 -8.68 3.34 -35.62
C ASN F 124 -9.16 2.73 -36.92
N GLN F 125 -9.74 1.54 -36.84
CA GLN F 125 -10.28 0.86 -38.01
C GLN F 125 -11.56 0.13 -37.62
N TYR F 126 -12.32 -0.27 -38.63
CA TYR F 126 -13.57 -0.97 -38.41
C TYR F 126 -13.29 -2.44 -38.07
N PRO F 127 -13.82 -2.96 -36.96
CA PRO F 127 -13.61 -4.38 -36.65
C PRO F 127 -14.09 -5.26 -37.79
N ALA F 128 -13.36 -6.35 -38.02
CA ALA F 128 -13.70 -7.23 -39.13
C ALA F 128 -15.10 -7.78 -38.99
N GLU F 129 -15.48 -8.21 -37.77
CA GLU F 129 -16.82 -8.76 -37.56
C GLU F 129 -17.91 -7.73 -37.79
N LEU F 130 -17.57 -6.44 -37.79
CA LEU F 130 -18.56 -5.39 -37.96
C LEU F 130 -18.95 -5.17 -39.41
N MET F 131 -18.27 -5.81 -40.36
CA MET F 131 -18.50 -5.57 -41.78
C MET F 131 -18.64 -6.87 -42.54
N ARG F 132 -19.07 -7.94 -41.88
CA ARG F 132 -19.10 -9.26 -42.52
C ARG F 132 -20.37 -9.45 -43.35
N ARG F 133 -21.52 -9.45 -42.69
CA ARG F 133 -22.79 -9.85 -43.31
C ARG F 133 -22.74 -11.28 -43.84
N PHE F 134 -21.82 -12.10 -43.33
CA PHE F 134 -21.78 -13.50 -43.69
C PHE F 134 -21.15 -14.29 -42.56
N GLU F 135 -21.41 -15.59 -42.57
CA GLU F 135 -20.92 -16.51 -41.56
C GLU F 135 -20.30 -17.72 -42.26
N LEU F 136 -19.29 -18.31 -41.62
CA LEU F 136 -18.59 -19.46 -42.19
C LEU F 136 -18.58 -20.59 -41.17
N TYR F 137 -19.07 -21.75 -41.58
CA TYR F 137 -19.13 -22.93 -40.71
C TYR F 137 -18.48 -24.10 -41.43
N PHE F 138 -18.16 -25.14 -40.66
CA PHE F 138 -17.47 -26.32 -41.17
C PHE F 138 -18.41 -27.50 -41.18
N GLN F 139 -18.44 -28.23 -42.29
CA GLN F 139 -19.12 -29.52 -42.37
C GLN F 139 -18.10 -30.60 -42.01
N GLY F 140 -18.22 -31.16 -40.81
CA GLY F 140 -17.25 -32.09 -40.29
C GLY F 140 -16.87 -33.17 -41.28
N PRO F 141 -15.62 -33.62 -41.23
CA PRO F 141 -15.17 -34.63 -42.19
C PRO F 141 -15.86 -35.97 -41.95
N SER F 142 -16.05 -36.71 -43.05
CA SER F 142 -16.67 -38.02 -42.92
C SER F 142 -15.79 -38.99 -42.15
N SER F 143 -14.46 -38.82 -42.22
CA SER F 143 -13.57 -39.71 -41.49
C SER F 143 -13.80 -39.63 -39.99
N ASN F 144 -13.98 -38.41 -39.47
CA ASN F 144 -14.23 -38.24 -38.04
C ASN F 144 -15.47 -39.02 -37.62
N LYS F 145 -15.27 -40.06 -36.82
CA LYS F 145 -16.40 -40.79 -36.28
C LYS F 145 -17.11 -39.95 -35.22
N PRO F 146 -18.45 -39.94 -35.20
CA PRO F 146 -19.15 -39.14 -34.19
C PRO F 146 -18.77 -39.58 -32.79
N ARG F 147 -18.65 -38.60 -31.89
CA ARG F 147 -18.27 -38.85 -30.52
C ARG F 147 -19.53 -39.11 -29.69
N VAL F 148 -19.37 -39.16 -28.37
CA VAL F 148 -20.47 -39.33 -27.44
C VAL F 148 -20.37 -38.23 -26.39
N ILE F 149 -21.50 -37.58 -26.10
CA ILE F 149 -21.51 -36.43 -25.19
C ILE F 149 -20.67 -36.73 -23.95
N ARG F 150 -20.78 -37.96 -23.44
CA ARG F 150 -19.98 -38.32 -22.26
C ARG F 150 -18.50 -38.40 -22.59
N GLU F 151 -18.15 -38.85 -23.80
CA GLU F 151 -16.76 -39.03 -24.18
C GLU F 151 -16.08 -37.74 -24.63
N VAL F 152 -16.84 -36.71 -24.94
CA VAL F 152 -16.26 -35.42 -25.34
C VAL F 152 -15.82 -34.71 -24.06
N ARG F 153 -14.51 -34.71 -23.82
CA ARG F 153 -13.96 -34.20 -22.57
C ARG F 153 -12.88 -33.15 -22.83
N ALA F 154 -12.13 -32.78 -21.79
CA ALA F 154 -11.20 -31.67 -21.90
C ALA F 154 -10.22 -31.85 -23.04
N ASP F 155 -9.88 -33.09 -23.39
CA ASP F 155 -8.96 -33.32 -24.50
C ASP F 155 -9.52 -32.83 -25.82
N SER F 156 -10.83 -32.58 -25.90
CA SER F 156 -11.46 -32.08 -27.12
C SER F 156 -11.68 -30.58 -27.11
N VAL F 157 -11.30 -29.88 -26.03
CA VAL F 157 -11.50 -28.44 -25.98
C VAL F 157 -10.81 -27.80 -27.17
N GLY F 158 -11.52 -26.88 -27.82
CA GLY F 158 -11.02 -26.24 -29.02
C GLY F 158 -11.02 -27.12 -30.25
N LYS F 159 -11.57 -28.33 -30.16
CA LYS F 159 -11.57 -29.27 -31.27
C LYS F 159 -12.93 -29.30 -31.94
N LEU F 160 -12.91 -29.64 -33.24
CA LEU F 160 -14.12 -29.78 -34.03
C LEU F 160 -14.68 -31.18 -33.83
N VAL F 161 -15.62 -31.30 -32.90
CA VAL F 161 -16.24 -32.57 -32.57
C VAL F 161 -17.62 -32.61 -33.21
N THR F 162 -18.05 -33.82 -33.57
CA THR F 162 -19.39 -34.08 -34.09
C THR F 162 -20.09 -35.04 -33.15
N VAL F 163 -21.28 -34.66 -32.69
CA VAL F 163 -22.03 -35.41 -31.70
C VAL F 163 -23.44 -35.63 -32.26
N ARG F 164 -24.12 -36.63 -31.72
CA ARG F 164 -25.49 -36.92 -32.09
C ARG F 164 -26.34 -37.06 -30.84
N GLY F 165 -27.58 -36.59 -30.89
CA GLY F 165 -28.40 -36.67 -29.71
C GLY F 165 -29.80 -36.13 -29.94
N ILE F 166 -30.58 -36.13 -28.86
CA ILE F 166 -31.96 -35.66 -28.86
C ILE F 166 -31.98 -34.26 -28.28
N VAL F 167 -32.72 -33.37 -28.93
CA VAL F 167 -32.86 -32.00 -28.45
C VAL F 167 -33.93 -31.99 -27.36
N THR F 168 -33.51 -31.81 -26.11
CA THR F 168 -34.43 -31.77 -25.00
C THR F 168 -34.99 -30.38 -24.73
N ARG F 169 -34.44 -29.35 -25.38
CA ARG F 169 -34.80 -27.98 -25.08
C ARG F 169 -34.09 -27.06 -26.07
N VAL F 170 -34.75 -25.97 -26.41
CA VAL F 170 -34.14 -24.93 -27.24
C VAL F 170 -34.82 -23.60 -26.92
N SER F 171 -34.01 -22.57 -26.71
CA SER F 171 -34.56 -21.24 -26.47
C SER F 171 -35.02 -20.62 -27.78
N GLU F 172 -35.66 -19.46 -27.66
CA GLU F 172 -36.14 -18.73 -28.83
C GLU F 172 -35.05 -17.77 -29.30
N VAL F 173 -35.01 -17.57 -30.62
CA VAL F 173 -33.99 -16.73 -31.22
C VAL F 173 -33.98 -15.37 -30.55
N LYS F 174 -32.86 -15.01 -29.94
CA LYS F 174 -32.68 -13.74 -29.28
C LYS F 174 -31.59 -12.93 -29.97
N PRO F 175 -31.59 -11.60 -29.82
CA PRO F 175 -30.50 -10.79 -30.36
C PRO F 175 -29.32 -10.75 -29.41
N LYS F 176 -28.21 -11.34 -29.84
CA LYS F 176 -26.96 -11.30 -29.10
C LYS F 176 -26.02 -10.32 -29.78
N MET F 177 -25.46 -9.39 -29.01
CA MET F 177 -24.64 -8.33 -29.57
C MET F 177 -23.25 -8.85 -29.87
N VAL F 178 -22.79 -8.63 -31.10
CA VAL F 178 -21.44 -9.01 -31.51
C VAL F 178 -20.48 -7.84 -31.39
N VAL F 179 -20.86 -6.69 -31.94
CA VAL F 179 -20.03 -5.49 -31.91
C VAL F 179 -20.91 -4.34 -31.43
N ALA F 180 -20.75 -3.93 -30.19
CA ALA F 180 -21.47 -2.76 -29.70
C ALA F 180 -20.95 -1.50 -30.39
N THR F 181 -21.86 -0.56 -30.63
CA THR F 181 -21.52 0.72 -31.22
C THR F 181 -21.90 1.85 -30.27
N TYR F 182 -21.09 2.91 -30.28
CA TYR F 182 -21.33 4.07 -29.44
C TYR F 182 -21.14 5.33 -30.27
N THR F 183 -21.89 6.37 -29.93
CA THR F 183 -21.76 7.67 -30.58
C THR F 183 -21.50 8.73 -29.51
N CYS F 184 -20.57 9.63 -29.80
CA CYS F 184 -20.13 10.63 -28.83
C CYS F 184 -20.97 11.89 -28.94
N ASP F 185 -21.09 12.60 -27.81
CA ASP F 185 -21.82 13.86 -27.77
C ASP F 185 -20.95 15.06 -28.11
N GLN F 186 -19.67 14.85 -28.42
CA GLN F 186 -18.75 15.94 -28.68
C GLN F 186 -18.10 15.88 -30.05
N CYS F 187 -17.72 14.70 -30.52
CA CYS F 187 -16.88 14.59 -31.72
C CYS F 187 -17.60 14.06 -32.94
N GLY F 188 -18.74 13.41 -32.78
CA GLY F 188 -19.40 12.82 -33.94
C GLY F 188 -18.58 11.72 -34.58
N ALA F 189 -17.89 10.93 -33.76
CA ALA F 189 -17.16 9.75 -34.23
C ALA F 189 -17.72 8.53 -33.52
N GLU F 190 -17.72 7.40 -34.23
CA GLU F 190 -18.29 6.17 -33.72
C GLU F 190 -17.23 5.32 -33.04
N THR F 191 -17.51 4.89 -31.82
CA THR F 191 -16.69 3.93 -31.11
C THR F 191 -17.28 2.53 -31.28
N TYR F 192 -16.43 1.53 -31.28
CA TYR F 192 -16.87 0.16 -31.42
C TYR F 192 -16.25 -0.71 -30.33
N GLN F 193 -17.01 -1.70 -29.89
CA GLN F 193 -16.58 -2.62 -28.83
C GLN F 193 -17.01 -4.02 -29.21
N PRO F 194 -16.12 -4.79 -29.84
CA PRO F 194 -16.44 -6.20 -30.10
C PRO F 194 -16.67 -6.95 -28.80
N ILE F 195 -17.58 -7.92 -28.85
CA ILE F 195 -18.00 -8.67 -27.68
C ILE F 195 -17.52 -10.10 -27.84
N GLN F 196 -16.76 -10.58 -26.85
CA GLN F 196 -16.33 -11.97 -26.76
C GLN F 196 -16.81 -12.63 -25.48
N SER F 197 -16.83 -11.90 -24.37
CA SER F 197 -17.30 -12.43 -23.11
C SER F 197 -18.82 -12.58 -23.13
N PRO F 198 -19.38 -13.43 -22.27
CA PRO F 198 -20.85 -13.51 -22.19
C PRO F 198 -21.50 -12.20 -21.78
N THR F 199 -20.76 -11.32 -21.09
CA THR F 199 -21.28 -10.02 -20.72
C THR F 199 -20.28 -8.95 -21.15
N PHE F 200 -20.55 -7.69 -20.78
CA PHE F 200 -19.59 -6.63 -21.05
C PHE F 200 -19.98 -5.40 -20.24
N MET F 201 -19.03 -4.48 -20.12
CA MET F 201 -19.24 -3.21 -19.44
C MET F 201 -19.35 -2.11 -20.48
N PRO F 202 -20.47 -1.39 -20.59
CA PRO F 202 -20.56 -0.33 -21.60
C PRO F 202 -19.51 0.76 -21.34
N LEU F 203 -19.00 1.32 -22.42
CA LEU F 203 -17.97 2.35 -22.31
C LEU F 203 -18.58 3.66 -21.81
N ILE F 204 -17.73 4.50 -21.23
CA ILE F 204 -18.14 5.78 -20.68
C ILE F 204 -17.56 6.94 -21.46
N MET F 205 -16.25 6.95 -21.67
CA MET F 205 -15.57 8.03 -22.36
C MET F 205 -15.21 7.64 -23.78
N CYS F 206 -15.09 8.64 -24.64
CA CYS F 206 -14.86 8.41 -26.07
C CYS F 206 -13.36 8.42 -26.38
N PRO F 207 -12.86 7.48 -27.18
CA PRO F 207 -11.45 7.47 -27.55
C PRO F 207 -11.12 8.18 -28.85
N SER F 208 -12.07 8.89 -29.45
CA SER F 208 -11.83 9.48 -30.76
C SER F 208 -10.67 10.46 -30.71
N GLN F 209 -9.92 10.52 -31.81
CA GLN F 209 -8.77 11.41 -31.87
C GLN F 209 -9.18 12.85 -31.58
N GLU F 210 -10.31 13.28 -32.12
CA GLU F 210 -10.76 14.65 -31.90
C GLU F 210 -11.03 14.93 -30.43
N CYS F 211 -11.73 14.00 -29.76
CA CYS F 211 -12.02 14.19 -28.34
C CYS F 211 -10.74 14.19 -27.52
N GLN F 212 -9.81 13.28 -27.83
CA GLN F 212 -8.55 13.25 -27.10
C GLN F 212 -7.79 14.56 -27.29
N THR F 213 -7.77 15.09 -28.51
CA THR F 213 -7.09 16.35 -28.76
C THR F 213 -7.74 17.49 -27.97
N ASN F 214 -9.07 17.61 -28.06
CA ASN F 214 -9.77 18.71 -27.41
C ASN F 214 -9.84 18.55 -25.89
N ARG F 215 -9.50 17.37 -25.37
CA ARG F 215 -9.56 17.12 -23.93
C ARG F 215 -10.95 17.42 -23.39
N SER F 216 -11.97 17.13 -24.20
CA SER F 216 -13.35 17.29 -23.78
C SER F 216 -13.79 16.10 -22.96
N GLY F 217 -14.98 16.21 -22.37
CA GLY F 217 -15.52 15.10 -21.61
C GLY F 217 -15.75 13.87 -22.47
N GLY F 218 -16.35 14.07 -23.64
CA GLY F 218 -16.45 13.01 -24.62
C GLY F 218 -17.19 11.77 -24.15
N ARG F 219 -18.25 11.95 -23.37
CA ARG F 219 -19.11 10.82 -23.06
C ARG F 219 -19.75 10.29 -24.35
N LEU F 220 -19.95 8.98 -24.40
CA LEU F 220 -20.54 8.35 -25.57
C LEU F 220 -21.67 7.44 -25.15
N TYR F 221 -22.66 7.31 -26.03
CA TYR F 221 -23.91 6.62 -25.75
C TYR F 221 -23.99 5.37 -26.60
N LEU F 222 -24.43 4.27 -25.98
CA LEU F 222 -24.56 2.98 -26.64
C LEU F 222 -25.76 2.98 -27.57
N GLN F 223 -25.55 2.49 -28.79
CA GLN F 223 -26.56 2.53 -29.85
C GLN F 223 -26.91 1.12 -30.28
N THR F 224 -28.20 0.82 -30.32
CA THR F 224 -28.67 -0.42 -30.91
C THR F 224 -28.82 -0.31 -32.42
N ARG F 225 -28.62 0.88 -33.00
CA ARG F 225 -28.77 1.07 -34.43
C ARG F 225 -27.53 0.63 -35.19
N GLY F 226 -26.40 1.28 -34.92
CA GLY F 226 -25.17 0.91 -35.60
C GLY F 226 -24.55 -0.36 -35.10
N SER F 227 -24.89 -0.79 -33.88
CA SER F 227 -24.37 -2.04 -33.35
C SER F 227 -24.74 -3.21 -34.26
N ARG F 228 -24.04 -4.32 -34.06
CA ARG F 228 -24.27 -5.53 -34.83
C ARG F 228 -24.75 -6.64 -33.90
N PHE F 229 -25.83 -7.29 -34.29
CA PHE F 229 -26.40 -8.41 -33.56
C PHE F 229 -26.40 -9.64 -34.46
N ILE F 230 -26.64 -10.80 -33.84
CA ILE F 230 -26.79 -12.06 -34.57
C ILE F 230 -27.82 -12.90 -33.84
N LYS F 231 -28.65 -13.59 -34.61
CA LYS F 231 -29.64 -14.49 -34.02
C LYS F 231 -28.94 -15.49 -33.12
N PHE F 232 -29.42 -15.61 -31.89
CA PHE F 232 -28.78 -16.45 -30.89
C PHE F 232 -29.80 -17.43 -30.31
N GLN F 233 -29.45 -18.72 -30.31
CA GLN F 233 -30.26 -19.76 -29.72
C GLN F 233 -29.38 -20.62 -28.82
N GLU F 234 -29.95 -21.08 -27.72
CA GLU F 234 -29.26 -21.98 -26.79
C GLU F 234 -30.11 -23.23 -26.65
N MET F 235 -29.59 -24.37 -27.13
CA MET F 235 -30.30 -25.62 -27.03
C MET F 235 -29.50 -26.60 -26.18
N LYS F 236 -30.18 -27.65 -25.74
CA LYS F 236 -29.56 -28.72 -24.97
C LYS F 236 -29.80 -30.03 -25.70
N MET F 237 -28.72 -30.68 -26.10
CA MET F 237 -28.78 -31.95 -26.79
C MET F 237 -28.53 -33.06 -25.77
N GLN F 238 -29.14 -34.22 -25.99
CA GLN F 238 -29.12 -35.30 -25.02
C GLN F 238 -28.60 -36.57 -25.67
N GLU F 239 -27.99 -37.43 -24.86
CA GLU F 239 -27.48 -38.70 -25.37
C GLU F 239 -28.63 -39.58 -25.85
N HIS F 240 -28.40 -40.26 -26.98
CA HIS F 240 -29.33 -41.29 -27.40
C HIS F 240 -29.35 -42.42 -26.38
N SER F 241 -30.49 -43.09 -26.28
CA SER F 241 -30.63 -44.16 -25.29
C SER F 241 -29.66 -45.30 -25.57
N ASP F 242 -29.46 -45.64 -26.84
CA ASP F 242 -28.66 -46.80 -27.21
C ASP F 242 -27.18 -46.64 -26.87
N GLN F 243 -26.72 -45.43 -26.52
CA GLN F 243 -25.30 -45.18 -26.27
C GLN F 243 -25.10 -44.54 -24.91
N VAL F 244 -25.91 -44.94 -23.93
CA VAL F 244 -25.70 -44.53 -22.53
C VAL F 244 -25.07 -45.72 -21.81
N PRO F 245 -24.23 -45.50 -20.80
CA PRO F 245 -23.73 -46.64 -20.02
C PRO F 245 -24.88 -47.43 -19.42
N VAL F 246 -24.52 -48.59 -18.87
CA VAL F 246 -25.53 -49.55 -18.41
C VAL F 246 -26.46 -48.88 -17.40
N GLY F 247 -25.92 -48.46 -16.27
CA GLY F 247 -26.74 -47.94 -15.19
C GLY F 247 -26.82 -46.43 -15.14
N ASN F 248 -26.52 -45.76 -16.24
CA ASN F 248 -26.41 -44.31 -16.28
C ASN F 248 -27.60 -43.67 -16.98
N ILE F 249 -27.93 -42.46 -16.54
CA ILE F 249 -28.93 -41.62 -17.20
C ILE F 249 -28.23 -40.81 -18.28
N PRO F 250 -28.89 -40.51 -19.40
CA PRO F 250 -28.18 -39.88 -20.51
C PRO F 250 -27.66 -38.50 -20.13
N ARG F 251 -26.55 -38.13 -20.76
CA ARG F 251 -25.87 -36.87 -20.47
C ARG F 251 -26.26 -35.83 -21.52
N SER F 252 -26.28 -34.57 -21.10
CA SER F 252 -26.72 -33.47 -21.93
C SER F 252 -25.60 -32.45 -22.14
N ILE F 253 -25.52 -31.92 -23.34
CA ILE F 253 -24.52 -30.93 -23.72
C ILE F 253 -25.23 -29.67 -24.18
N THR F 254 -24.71 -28.52 -23.73
CA THR F 254 -25.27 -27.22 -24.09
C THR F 254 -24.68 -26.78 -25.43
N VAL F 255 -25.51 -26.74 -26.46
CA VAL F 255 -25.10 -26.28 -27.79
C VAL F 255 -25.55 -24.84 -27.94
N LEU F 256 -24.64 -23.99 -28.42
CA LEU F 256 -24.95 -22.60 -28.71
C LEU F 256 -24.98 -22.43 -30.23
N VAL F 257 -26.11 -21.97 -30.75
CA VAL F 257 -26.34 -21.82 -32.17
C VAL F 257 -26.45 -20.34 -32.47
N GLU F 258 -25.81 -19.89 -33.55
CA GLU F 258 -25.83 -18.49 -33.91
C GLU F 258 -25.95 -18.35 -35.41
N GLY F 259 -26.57 -17.25 -35.83
CA GLY F 259 -26.69 -16.96 -37.25
C GLY F 259 -27.67 -17.90 -37.93
N GLU F 260 -27.31 -18.34 -39.14
CA GLU F 260 -28.22 -19.11 -39.97
C GLU F 260 -28.52 -20.49 -39.41
N ASN F 261 -27.79 -20.95 -38.40
CA ASN F 261 -28.05 -22.25 -37.82
C ASN F 261 -29.24 -22.25 -36.88
N THR F 262 -29.73 -21.08 -36.48
CA THR F 262 -30.90 -21.04 -35.61
C THR F 262 -32.15 -21.48 -36.37
N ARG F 263 -33.18 -21.84 -35.60
CA ARG F 263 -34.46 -22.26 -36.16
C ARG F 263 -34.30 -23.47 -37.08
N ILE F 264 -33.38 -24.38 -36.71
CA ILE F 264 -33.23 -25.64 -37.40
C ILE F 264 -33.62 -26.81 -36.50
N ALA F 265 -33.29 -26.74 -35.21
CA ALA F 265 -33.53 -27.82 -34.27
C ALA F 265 -34.55 -27.40 -33.23
N GLN F 266 -35.59 -28.21 -33.07
CA GLN F 266 -36.62 -28.03 -32.06
C GLN F 266 -36.60 -29.21 -31.10
N PRO F 267 -37.18 -29.07 -29.92
CA PRO F 267 -37.10 -30.15 -28.93
C PRO F 267 -37.71 -31.44 -29.48
N GLY F 268 -37.08 -32.55 -29.14
CA GLY F 268 -37.49 -33.85 -29.63
C GLY F 268 -36.82 -34.29 -30.90
N ASP F 269 -36.16 -33.39 -31.62
CA ASP F 269 -35.50 -33.75 -32.87
C ASP F 269 -34.26 -34.59 -32.59
N HIS F 270 -34.00 -35.53 -33.49
CA HIS F 270 -32.75 -36.28 -33.51
C HIS F 270 -31.76 -35.52 -34.38
N VAL F 271 -30.76 -34.90 -33.76
CA VAL F 271 -29.88 -33.96 -34.44
C VAL F 271 -28.44 -34.44 -34.30
N SER F 272 -27.71 -34.38 -35.42
CA SER F 272 -26.26 -34.53 -35.45
C SER F 272 -25.66 -33.14 -35.57
N VAL F 273 -24.96 -32.70 -34.53
CA VAL F 273 -24.38 -31.37 -34.46
C VAL F 273 -22.87 -31.51 -34.58
N THR F 274 -22.31 -30.95 -35.65
CA THR F 274 -20.88 -30.73 -35.76
C THR F 274 -20.58 -29.32 -35.27
N GLY F 275 -19.49 -29.18 -34.51
CA GLY F 275 -19.16 -27.88 -33.98
C GLY F 275 -17.93 -27.96 -33.10
N ILE F 276 -17.54 -26.80 -32.59
CA ILE F 276 -16.30 -26.66 -31.83
C ILE F 276 -16.62 -26.75 -30.35
N PHE F 277 -15.90 -27.60 -29.63
CA PHE F 277 -16.05 -27.68 -28.19
C PHE F 277 -15.18 -26.61 -27.54
N LEU F 278 -15.81 -25.73 -26.77
CA LEU F 278 -15.14 -24.56 -26.23
C LEU F 278 -15.52 -24.38 -24.76
N PRO F 279 -14.69 -23.68 -24.00
CA PRO F 279 -15.04 -23.37 -22.60
C PRO F 279 -15.64 -21.97 -22.46
N ILE F 280 -16.20 -21.72 -21.28
CA ILE F 280 -16.68 -20.40 -20.88
C ILE F 280 -16.15 -20.12 -19.49
N LEU F 281 -15.36 -19.06 -19.34
CA LEU F 281 -14.75 -18.77 -18.06
C LEU F 281 -15.83 -18.57 -16.99
N ARG F 282 -15.54 -19.06 -15.79
CA ARG F 282 -16.49 -19.09 -14.68
C ARG F 282 -16.21 -17.99 -13.66
N THR F 283 -15.84 -16.80 -14.11
CA THR F 283 -15.63 -15.68 -13.20
C THR F 283 -16.84 -15.47 -12.31
N GLY F 284 -16.66 -14.76 -11.19
CA GLY F 284 -17.75 -14.48 -10.29
C GLY F 284 -17.90 -15.50 -9.19
N PHE F 285 -18.12 -16.76 -9.56
CA PHE F 285 -18.30 -17.81 -8.56
C PHE F 285 -17.07 -17.91 -7.67
N ARG F 286 -17.30 -17.98 -6.36
CA ARG F 286 -16.18 -18.24 -5.44
C ARG F 286 -15.78 -19.70 -5.57
N GLN F 287 -14.90 -19.99 -6.53
CA GLN F 287 -14.57 -21.37 -6.87
C GLN F 287 -14.02 -22.11 -5.65
N VAL F 288 -14.46 -23.35 -5.49
CA VAL F 288 -13.92 -24.21 -4.43
C VAL F 288 -12.44 -24.46 -4.67
N VAL F 289 -12.07 -24.75 -5.92
CA VAL F 289 -10.69 -25.06 -6.29
C VAL F 289 -10.14 -23.89 -7.07
N GLN F 290 -8.96 -23.42 -6.68
CA GLN F 290 -8.31 -22.35 -7.44
C GLN F 290 -7.95 -22.85 -8.83
N GLY F 291 -7.89 -21.91 -9.77
CA GLY F 291 -7.62 -22.24 -11.15
C GLY F 291 -8.69 -21.69 -12.06
N LEU F 292 -8.41 -21.63 -13.36
CA LEU F 292 -9.34 -21.06 -14.32
C LEU F 292 -10.30 -22.14 -14.80
N LEU F 293 -11.12 -22.61 -13.86
CA LEU F 293 -12.17 -23.55 -14.17
C LEU F 293 -13.23 -22.85 -15.03
N SER F 294 -13.79 -23.59 -15.98
CA SER F 294 -14.70 -22.99 -16.95
C SER F 294 -15.78 -23.99 -17.34
N GLU F 295 -16.99 -23.48 -17.57
CA GLU F 295 -18.06 -24.28 -18.13
C GLU F 295 -17.68 -24.67 -19.56
N THR F 296 -18.55 -25.46 -20.19
CA THR F 296 -18.32 -25.92 -21.56
C THR F 296 -19.59 -25.84 -22.36
N TYR F 297 -19.42 -25.79 -23.68
CA TYR F 297 -20.54 -25.76 -24.61
C TYR F 297 -20.01 -26.17 -25.97
N LEU F 298 -20.94 -26.35 -26.90
CA LEU F 298 -20.61 -26.70 -28.27
C LEU F 298 -21.06 -25.55 -29.16
N GLU F 299 -20.10 -24.78 -29.67
CA GLU F 299 -20.38 -23.77 -30.69
C GLU F 299 -20.77 -24.49 -31.97
N ALA F 300 -22.06 -24.46 -32.31
CA ALA F 300 -22.54 -25.23 -33.45
C ALA F 300 -22.01 -24.65 -34.76
N HIS F 301 -21.67 -25.53 -35.69
CA HIS F 301 -21.28 -25.20 -37.04
C HIS F 301 -22.19 -25.82 -38.09
N ARG F 302 -22.62 -27.06 -37.87
CA ARG F 302 -23.48 -27.73 -38.84
C ARG F 302 -24.44 -28.63 -38.09
N ILE F 303 -25.72 -28.26 -38.06
CA ILE F 303 -26.76 -29.05 -37.42
C ILE F 303 -27.55 -29.77 -38.52
N VAL F 304 -27.65 -31.08 -38.41
CA VAL F 304 -28.40 -31.89 -39.36
C VAL F 304 -29.45 -32.69 -38.59
N LYS F 305 -30.56 -33.00 -39.25
CA LYS F 305 -31.61 -33.79 -38.65
C LYS F 305 -31.42 -35.27 -39.00
N MET F 306 -31.57 -36.13 -38.00
CA MET F 306 -31.29 -37.55 -38.14
C MET F 306 -32.56 -38.36 -37.91
N ASN F 307 -32.57 -39.57 -38.46
CA ASN F 307 -33.62 -40.57 -38.20
C ASN F 307 -34.97 -39.96 -38.57
N LYS F 308 -36.00 -40.07 -37.71
CA LYS F 308 -37.31 -39.57 -38.06
C LYS F 308 -37.32 -38.05 -38.26
N SER F 309 -36.36 -37.34 -37.67
CA SER F 309 -36.31 -35.89 -37.82
C SER F 309 -35.86 -35.46 -39.21
N GLU F 310 -35.48 -36.40 -40.08
CA GLU F 310 -34.91 -36.05 -41.38
C GLU F 310 -35.74 -34.99 -42.09
N ASP F 311 -35.07 -34.21 -42.92
CA ASP F 311 -35.70 -33.15 -43.69
C ASP F 311 -35.95 -33.61 -45.12
N LEU F 319 -37.88 -37.84 -57.03
CA LEU F 319 -37.61 -39.26 -56.95
C LEU F 319 -37.35 -39.86 -58.33
N THR F 320 -36.95 -41.13 -58.36
CA THR F 320 -36.60 -41.78 -59.60
C THR F 320 -37.86 -42.24 -60.34
N ARG F 321 -37.68 -42.59 -61.61
CA ARG F 321 -38.80 -43.05 -62.42
C ARG F 321 -39.39 -44.34 -61.86
N GLU F 322 -38.53 -45.25 -61.38
CA GLU F 322 -39.05 -46.47 -60.75
C GLU F 322 -39.75 -46.17 -59.44
N GLU F 323 -39.29 -45.15 -58.70
CA GLU F 323 -40.00 -44.72 -57.50
C GLU F 323 -41.40 -44.24 -57.85
N LEU F 324 -41.50 -43.42 -58.90
CA LEU F 324 -42.82 -42.96 -59.34
C LEU F 324 -43.67 -44.13 -59.82
N ARG F 325 -43.05 -45.13 -60.46
CA ARG F 325 -43.78 -46.32 -60.87
C ARG F 325 -44.37 -47.03 -59.66
N GLN F 326 -43.57 -47.25 -58.62
CA GLN F 326 -44.08 -47.94 -57.44
C GLN F 326 -45.18 -47.14 -56.77
N ILE F 327 -45.06 -45.80 -56.79
CA ILE F 327 -46.13 -44.96 -56.24
C ILE F 327 -47.41 -45.18 -57.04
N ALA F 328 -47.30 -45.18 -58.37
CA ALA F 328 -48.47 -45.31 -59.23
C ALA F 328 -49.07 -46.72 -59.19
N GLU F 329 -48.30 -47.72 -58.78
CA GLU F 329 -48.78 -49.09 -58.79
C GLU F 329 -50.04 -49.23 -57.96
N GLU F 330 -51.00 -49.99 -58.49
CA GLU F 330 -52.30 -50.12 -57.83
C GLU F 330 -52.18 -50.71 -56.43
N ASP F 331 -51.12 -51.48 -56.18
CA ASP F 331 -50.93 -52.15 -54.91
C ASP F 331 -50.09 -51.33 -53.93
N PHE F 332 -49.78 -50.08 -54.26
CA PHE F 332 -48.92 -49.27 -53.41
C PHE F 332 -49.48 -49.15 -52.00
N TYR F 333 -50.79 -48.99 -51.87
CA TYR F 333 -51.40 -48.86 -50.55
C TYR F 333 -51.19 -50.13 -49.73
N GLU F 334 -51.41 -51.29 -50.34
CA GLU F 334 -51.20 -52.55 -49.62
C GLU F 334 -49.73 -52.75 -49.27
N LYS F 335 -48.82 -52.36 -50.18
CA LYS F 335 -47.40 -52.45 -49.88
C LYS F 335 -47.05 -51.61 -48.66
N LEU F 336 -47.55 -50.37 -48.61
CA LEU F 336 -47.27 -49.52 -47.46
C LEU F 336 -47.87 -50.10 -46.20
N ALA F 337 -49.10 -50.62 -46.28
CA ALA F 337 -49.74 -51.20 -45.10
C ALA F 337 -48.97 -52.43 -44.61
N ALA F 338 -48.37 -53.19 -45.52
CA ALA F 338 -47.63 -54.37 -45.13
C ALA F 338 -46.27 -54.01 -44.54
N SER F 339 -45.62 -52.98 -45.08
CA SER F 339 -44.26 -52.64 -44.65
C SER F 339 -44.21 -52.10 -43.23
N ILE F 340 -45.33 -51.77 -42.63
CA ILE F 340 -45.33 -51.22 -41.27
C ILE F 340 -45.17 -52.36 -40.27
N ALA F 341 -44.08 -52.34 -39.52
CA ALA F 341 -43.81 -53.33 -38.49
C ALA F 341 -43.94 -54.75 -39.05
N PRO F 342 -43.12 -55.12 -40.03
CA PRO F 342 -43.24 -56.47 -40.60
C PRO F 342 -42.97 -57.58 -39.61
N GLU F 343 -42.19 -57.32 -38.56
CA GLU F 343 -41.92 -58.37 -37.58
C GLU F 343 -43.15 -58.75 -36.78
N ILE F 344 -44.23 -57.97 -36.86
CA ILE F 344 -45.48 -58.29 -36.20
C ILE F 344 -46.37 -59.02 -37.21
N TYR F 345 -46.76 -60.25 -36.88
CA TYR F 345 -47.54 -61.07 -37.79
C TYR F 345 -49.01 -60.63 -37.79
N GLY F 346 -49.69 -60.89 -38.91
CA GLY F 346 -51.10 -60.60 -38.98
C GLY F 346 -51.38 -59.12 -38.84
N HIS F 347 -52.58 -58.81 -38.34
CA HIS F 347 -52.99 -57.44 -38.09
C HIS F 347 -52.85 -56.58 -39.34
N GLU F 348 -53.21 -57.15 -40.49
CA GLU F 348 -53.12 -56.38 -41.74
C GLU F 348 -54.03 -55.16 -41.69
N ASP F 349 -55.24 -55.33 -41.17
CA ASP F 349 -56.18 -54.22 -41.12
C ASP F 349 -55.76 -53.16 -40.12
N VAL F 350 -55.22 -53.57 -38.96
CA VAL F 350 -54.71 -52.59 -38.01
C VAL F 350 -53.52 -51.85 -38.60
N LYS F 351 -52.68 -52.55 -39.36
CA LYS F 351 -51.58 -51.89 -40.05
C LYS F 351 -52.09 -50.86 -41.04
N LYS F 352 -53.13 -51.20 -41.79
CA LYS F 352 -53.73 -50.24 -42.71
C LYS F 352 -54.27 -49.03 -41.95
N ALA F 353 -54.91 -49.28 -40.81
CA ALA F 353 -55.45 -48.17 -40.02
C ALA F 353 -54.33 -47.26 -39.52
N LEU F 354 -53.22 -47.85 -39.07
CA LEU F 354 -52.10 -47.03 -38.62
C LEU F 354 -51.47 -46.25 -39.77
N LEU F 355 -51.43 -46.85 -40.96
CA LEU F 355 -50.97 -46.11 -42.12
C LEU F 355 -51.86 -44.91 -42.40
N LEU F 356 -53.17 -45.10 -42.28
CA LEU F 356 -54.09 -43.99 -42.46
C LEU F 356 -53.89 -42.92 -41.39
N LEU F 357 -53.62 -43.35 -40.15
CA LEU F 357 -53.34 -42.38 -39.10
C LEU F 357 -52.10 -41.57 -39.41
N LEU F 358 -51.05 -42.24 -39.93
CA LEU F 358 -49.85 -41.52 -40.32
C LEU F 358 -50.15 -40.50 -41.42
N VAL F 359 -50.88 -40.92 -42.45
CA VAL F 359 -51.14 -40.04 -43.58
C VAL F 359 -52.01 -38.86 -43.16
N GLY F 360 -53.05 -39.11 -42.37
CA GLY F 360 -53.98 -38.09 -41.97
C GLY F 360 -55.02 -37.83 -43.04
N GLY F 361 -56.03 -37.05 -42.67
CA GLY F 361 -57.09 -36.68 -43.60
C GLY F 361 -56.75 -35.41 -44.33
N VAL F 362 -57.65 -34.42 -44.27
CA VAL F 362 -57.38 -33.09 -44.81
C VAL F 362 -58.08 -32.06 -43.94
N ASP F 363 -57.31 -31.19 -43.31
CA ASP F 363 -57.90 -30.18 -42.43
C ASP F 363 -58.77 -29.22 -43.24
N GLN F 364 -59.94 -28.89 -42.70
CA GLN F 364 -60.86 -27.98 -43.33
C GLN F 364 -61.23 -26.86 -42.35
N SER F 365 -61.24 -25.63 -42.86
CA SER F 365 -61.59 -24.45 -42.08
C SER F 365 -62.58 -23.61 -42.88
N PRO F 366 -63.80 -24.12 -43.09
CA PRO F 366 -64.83 -23.41 -43.85
C PRO F 366 -65.43 -22.23 -43.09
N MET F 369 -65.31 -22.06 -38.29
CA MET F 369 -65.37 -23.38 -37.69
C MET F 369 -64.39 -24.33 -38.36
N LYS F 370 -63.28 -24.60 -37.67
CA LYS F 370 -62.21 -25.44 -38.20
C LYS F 370 -62.43 -26.88 -37.75
N ILE F 371 -62.45 -27.80 -38.72
CA ILE F 371 -62.66 -29.22 -38.46
C ILE F 371 -61.34 -29.94 -38.74
N ARG F 372 -60.83 -30.62 -37.73
CA ARG F 372 -59.53 -31.29 -37.85
C ARG F 372 -59.58 -32.44 -38.84
N GLY F 373 -58.48 -32.65 -39.55
CA GLY F 373 -58.30 -33.76 -40.45
C GLY F 373 -57.45 -34.89 -39.91
N ASN F 374 -57.17 -34.90 -38.61
CA ASN F 374 -56.38 -35.96 -38.01
C ASN F 374 -57.25 -37.20 -37.79
N ILE F 375 -56.57 -38.35 -37.72
CA ILE F 375 -57.21 -39.63 -37.46
C ILE F 375 -56.70 -40.16 -36.13
N ASN F 376 -57.62 -40.44 -35.22
CA ASN F 376 -57.30 -40.98 -33.91
C ASN F 376 -57.70 -42.45 -33.88
N ILE F 377 -56.77 -43.30 -33.42
CA ILE F 377 -57.00 -44.74 -33.39
C ILE F 377 -56.66 -45.25 -32.00
N CYS F 378 -57.54 -46.08 -31.44
CA CYS F 378 -57.32 -46.70 -30.13
C CYS F 378 -57.36 -48.20 -30.30
N LEU F 379 -56.21 -48.85 -30.07
CA LEU F 379 -56.10 -50.30 -30.10
C LEU F 379 -56.43 -50.82 -28.70
N MET F 380 -57.67 -51.30 -28.52
CA MET F 380 -58.06 -52.00 -27.32
C MET F 380 -57.88 -53.49 -27.59
N GLY F 381 -57.27 -54.19 -26.65
CA GLY F 381 -56.97 -55.59 -26.94
C GLY F 381 -56.60 -56.36 -25.71
N ASP F 382 -56.43 -57.67 -25.92
CA ASP F 382 -55.96 -58.57 -24.88
C ASP F 382 -54.45 -58.45 -24.72
N PRO F 383 -53.90 -58.87 -23.59
CA PRO F 383 -52.46 -58.73 -23.36
C PRO F 383 -51.66 -59.50 -24.41
N GLY F 384 -50.49 -58.96 -24.74
CA GLY F 384 -49.57 -59.62 -25.62
C GLY F 384 -50.06 -59.78 -27.05
N VAL F 385 -50.61 -58.71 -27.64
CA VAL F 385 -51.12 -58.76 -29.00
C VAL F 385 -50.47 -57.68 -29.85
N ALA F 386 -49.23 -57.31 -29.51
CA ALA F 386 -48.40 -56.40 -30.31
C ALA F 386 -48.86 -54.95 -30.24
N LYS F 387 -49.71 -54.60 -29.28
CA LYS F 387 -50.14 -53.21 -29.16
C LYS F 387 -48.95 -52.28 -28.92
N SER F 388 -48.15 -52.59 -27.91
CA SER F 388 -46.99 -51.76 -27.61
C SER F 388 -45.96 -51.82 -28.71
N GLN F 389 -45.81 -52.96 -29.37
CA GLN F 389 -44.87 -53.07 -30.48
C GLN F 389 -45.26 -52.12 -31.62
N LEU F 390 -46.54 -52.11 -31.98
CA LEU F 390 -46.99 -51.21 -33.04
C LEU F 390 -46.89 -49.75 -32.61
N LEU F 391 -47.22 -49.45 -31.35
CA LEU F 391 -47.06 -48.09 -30.87
C LEU F 391 -45.61 -47.64 -31.00
N SER F 392 -44.66 -48.48 -30.58
CA SER F 392 -43.26 -48.12 -30.66
C SER F 392 -42.81 -47.99 -32.11
N TYR F 393 -43.30 -48.85 -32.99
CA TYR F 393 -42.92 -48.73 -34.40
C TYR F 393 -43.39 -47.41 -34.97
N ILE F 394 -44.63 -47.01 -34.68
CA ILE F 394 -45.11 -45.73 -35.17
C ILE F 394 -44.29 -44.60 -34.56
N ASP F 395 -43.98 -44.70 -33.28
CA ASP F 395 -43.14 -43.68 -32.63
C ASP F 395 -41.83 -43.51 -33.38
N ARG F 396 -41.20 -44.62 -33.77
CA ARG F 396 -39.94 -44.52 -34.51
C ARG F 396 -40.15 -44.02 -35.93
N LEU F 397 -41.31 -44.31 -36.52
CA LEU F 397 -41.51 -44.05 -37.94
C LEU F 397 -41.92 -42.61 -38.21
N ALA F 398 -42.95 -42.13 -37.51
CA ALA F 398 -43.53 -40.83 -37.86
C ALA F 398 -42.50 -39.72 -37.69
N PRO F 399 -42.38 -38.79 -38.64
CA PRO F 399 -41.32 -37.78 -38.53
C PRO F 399 -41.37 -36.98 -37.25
N ARG F 400 -42.56 -36.60 -36.80
CA ARG F 400 -42.75 -35.91 -35.53
C ARG F 400 -43.63 -36.80 -34.66
N SER F 401 -43.04 -37.38 -33.62
CA SER F 401 -43.78 -38.32 -32.80
C SER F 401 -43.26 -38.28 -31.37
N GLN F 402 -44.16 -38.60 -30.44
CA GLN F 402 -43.81 -38.77 -29.04
C GLN F 402 -44.46 -40.05 -28.55
N TYR F 403 -43.88 -40.64 -27.51
CA TYR F 403 -44.36 -41.89 -26.94
C TYR F 403 -44.53 -41.70 -25.43
N THR F 404 -45.70 -42.06 -24.92
CA THR F 404 -45.99 -41.97 -23.50
C THR F 404 -46.51 -43.33 -23.03
N THR F 405 -45.77 -43.95 -22.10
CA THR F 405 -46.13 -45.24 -21.53
C THR F 405 -46.55 -45.02 -20.09
N GLY F 406 -47.84 -45.16 -19.82
CA GLY F 406 -48.30 -45.09 -18.45
C GLY F 406 -48.07 -43.71 -17.84
N ARG F 407 -47.82 -43.71 -16.54
CA ARG F 407 -47.75 -42.50 -15.75
C ARG F 407 -46.33 -42.00 -15.56
N GLY F 408 -45.35 -42.58 -16.26
CA GLY F 408 -44.00 -42.02 -16.21
C GLY F 408 -43.95 -40.60 -16.73
N SER F 409 -44.64 -40.34 -17.84
CA SER F 409 -44.78 -39.01 -18.40
C SER F 409 -46.25 -38.62 -18.29
N SER F 410 -46.63 -38.07 -17.13
CA SER F 410 -48.00 -37.70 -16.85
C SER F 410 -48.05 -36.28 -16.32
N GLY F 411 -49.18 -35.62 -16.53
CA GLY F 411 -49.32 -34.23 -16.14
C GLY F 411 -48.50 -33.32 -17.00
N VAL F 412 -47.58 -32.58 -16.39
CA VAL F 412 -46.74 -31.66 -17.14
C VAL F 412 -45.85 -32.36 -18.15
N GLY F 413 -45.83 -33.69 -18.15
CA GLY F 413 -45.14 -34.42 -19.20
C GLY F 413 -45.90 -34.45 -20.51
N LEU F 414 -47.24 -34.33 -20.44
CA LEU F 414 -48.07 -34.26 -21.63
C LEU F 414 -48.36 -32.81 -22.04
N THR F 415 -48.69 -31.97 -21.06
CA THR F 415 -48.96 -30.56 -21.30
C THR F 415 -47.68 -29.76 -21.12
N ALA F 416 -47.81 -28.44 -21.06
CA ALA F 416 -46.66 -27.57 -20.89
C ALA F 416 -46.49 -27.16 -19.43
N ALA F 417 -45.37 -26.51 -19.15
CA ALA F 417 -45.09 -26.03 -17.81
C ALA F 417 -44.18 -24.80 -17.88
N VAL F 418 -44.22 -24.00 -16.82
CA VAL F 418 -43.41 -22.79 -16.74
C VAL F 418 -42.12 -23.12 -16.03
N LEU F 419 -40.99 -22.78 -16.67
CA LEU F 419 -39.67 -23.16 -16.22
C LEU F 419 -38.75 -21.95 -16.30
N ARG F 420 -37.81 -21.88 -15.35
CA ARG F 420 -36.89 -20.75 -15.27
C ARG F 420 -35.92 -20.78 -16.45
N ASP F 421 -36.01 -19.79 -17.33
CA ASP F 421 -35.12 -19.71 -18.47
C ASP F 421 -33.69 -19.50 -18.02
N SER F 422 -32.75 -19.70 -18.95
CA SER F 422 -31.33 -19.64 -18.64
C SER F 422 -30.59 -18.52 -19.36
N VAL F 423 -30.91 -18.26 -20.62
CA VAL F 423 -30.18 -17.24 -21.37
C VAL F 423 -30.30 -15.87 -20.71
N SER F 424 -31.47 -15.57 -20.16
CA SER F 424 -31.71 -14.32 -19.44
C SER F 424 -32.16 -14.54 -18.01
N GLY F 425 -33.00 -15.54 -17.78
CA GLY F 425 -33.54 -15.81 -16.46
C GLY F 425 -34.94 -15.28 -16.32
N GLU F 426 -35.92 -16.16 -16.54
CA GLU F 426 -37.32 -15.77 -16.46
C GLU F 426 -38.21 -17.00 -16.65
N LEU F 427 -39.52 -16.82 -16.59
CA LEU F 427 -40.46 -17.92 -16.69
C LEU F 427 -40.83 -18.12 -18.16
N THR F 428 -40.23 -19.12 -18.79
CA THR F 428 -40.57 -19.51 -20.16
C THR F 428 -41.47 -20.73 -20.14
N LEU F 429 -42.03 -21.05 -21.29
CA LEU F 429 -43.00 -22.13 -21.42
C LEU F 429 -42.35 -23.29 -22.16
N GLU F 430 -42.32 -24.46 -21.51
CA GLU F 430 -41.76 -25.67 -22.08
C GLU F 430 -42.90 -26.62 -22.41
N GLY F 431 -42.88 -27.19 -23.62
CA GLY F 431 -43.96 -28.04 -24.06
C GLY F 431 -43.72 -29.50 -23.71
N GLY F 432 -44.79 -30.18 -23.29
CA GLY F 432 -44.72 -31.57 -22.94
C GLY F 432 -44.86 -32.47 -24.15
N ALA F 433 -45.29 -33.71 -23.89
CA ALA F 433 -45.35 -34.70 -24.97
C ALA F 433 -46.31 -34.26 -26.06
N LEU F 434 -47.48 -33.74 -25.68
CA LEU F 434 -48.44 -33.32 -26.68
C LEU F 434 -47.91 -32.17 -27.53
N VAL F 435 -47.28 -31.18 -26.88
CA VAL F 435 -46.73 -30.06 -27.63
C VAL F 435 -45.65 -30.55 -28.59
N LEU F 436 -44.75 -31.40 -28.10
CA LEU F 436 -43.70 -31.92 -28.96
C LEU F 436 -44.26 -32.75 -30.10
N ALA F 437 -45.41 -33.38 -29.90
CA ALA F 437 -46.08 -34.15 -30.94
C ALA F 437 -46.95 -33.28 -31.82
N ASP F 438 -47.10 -32.00 -31.50
CA ASP F 438 -47.89 -31.07 -32.31
C ASP F 438 -47.60 -31.26 -33.79
N GLN F 439 -48.67 -31.26 -34.59
CA GLN F 439 -48.58 -31.58 -36.01
C GLN F 439 -47.79 -32.86 -36.23
N GLY F 440 -48.04 -33.84 -35.38
CA GLY F 440 -47.38 -35.14 -35.48
C GLY F 440 -48.24 -36.22 -34.90
N VAL F 441 -47.62 -37.16 -34.20
CA VAL F 441 -48.31 -38.31 -33.62
C VAL F 441 -47.91 -38.46 -32.16
N CYS F 442 -48.86 -38.82 -31.32
CA CYS F 442 -48.60 -39.17 -29.93
C CYS F 442 -49.09 -40.59 -29.71
N CYS F 443 -48.17 -41.48 -29.34
CA CYS F 443 -48.48 -42.88 -29.08
C CYS F 443 -48.64 -43.05 -27.59
N ILE F 444 -49.88 -43.22 -27.15
CA ILE F 444 -50.21 -43.27 -25.72
C ILE F 444 -50.49 -44.73 -25.40
N ASP F 445 -49.44 -45.44 -24.96
CA ASP F 445 -49.63 -46.81 -24.49
C ASP F 445 -50.24 -46.78 -23.10
N GLU F 446 -50.90 -47.88 -22.75
CA GLU F 446 -51.51 -48.01 -21.43
C GLU F 446 -52.51 -46.89 -21.19
N PHE F 447 -53.28 -46.56 -22.23
CA PHE F 447 -54.21 -45.44 -22.15
C PHE F 447 -55.18 -45.60 -20.98
N ASP F 448 -55.84 -46.75 -20.90
CA ASP F 448 -56.92 -46.92 -19.93
C ASP F 448 -56.46 -46.74 -18.49
N LYS F 449 -55.16 -46.89 -18.23
CA LYS F 449 -54.63 -46.72 -16.88
C LYS F 449 -54.20 -45.29 -16.59
N MET F 450 -54.29 -44.39 -17.56
CA MET F 450 -53.82 -43.03 -17.37
C MET F 450 -54.70 -42.29 -16.38
N ALA F 451 -54.14 -41.24 -15.79
CA ALA F 451 -54.87 -40.44 -14.81
C ALA F 451 -56.03 -39.70 -15.49
N GLU F 452 -57.02 -39.35 -14.68
CA GLU F 452 -58.21 -38.69 -15.21
C GLU F 452 -57.86 -37.34 -15.83
N ALA F 453 -56.96 -36.58 -15.19
CA ALA F 453 -56.58 -35.28 -15.75
C ALA F 453 -55.92 -35.43 -17.11
N ASP F 454 -55.01 -36.40 -17.23
CA ASP F 454 -54.37 -36.64 -18.52
C ASP F 454 -55.37 -37.10 -19.56
N ARG F 455 -56.34 -37.91 -19.14
CA ARG F 455 -57.39 -38.34 -20.07
C ARG F 455 -58.22 -37.16 -20.54
N THR F 456 -58.54 -36.23 -19.64
CA THR F 456 -59.26 -35.03 -20.06
C THR F 456 -58.45 -34.20 -21.03
N ALA F 457 -57.15 -34.07 -20.77
CA ALA F 457 -56.29 -33.33 -21.70
C ALA F 457 -56.27 -33.99 -23.06
N ILE F 458 -56.18 -35.32 -23.11
CA ILE F 458 -56.20 -36.02 -24.38
C ILE F 458 -57.56 -35.85 -25.06
N HIS F 459 -58.63 -35.84 -24.27
CA HIS F 459 -59.96 -35.60 -24.83
C HIS F 459 -60.01 -34.26 -25.54
N GLU F 460 -59.55 -33.21 -24.86
CA GLU F 460 -59.55 -31.89 -25.48
C GLU F 460 -58.66 -31.86 -26.72
N VAL F 461 -57.51 -32.52 -26.66
CA VAL F 461 -56.61 -32.52 -27.81
C VAL F 461 -57.23 -33.22 -29.01
N MET F 462 -58.00 -34.28 -28.76
CA MET F 462 -58.52 -35.09 -29.87
C MET F 462 -59.56 -34.36 -30.69
N GLU F 463 -60.18 -33.31 -30.15
CA GLU F 463 -61.21 -32.57 -30.86
C GLU F 463 -60.79 -31.14 -31.17
N GLN F 464 -60.31 -30.40 -30.17
CA GLN F 464 -60.01 -28.99 -30.35
C GLN F 464 -58.59 -28.73 -30.82
N GLN F 465 -57.70 -29.71 -30.70
CA GLN F 465 -56.30 -29.55 -31.09
C GLN F 465 -55.58 -28.54 -30.20
N THR F 466 -56.07 -28.35 -28.97
CA THR F 466 -55.48 -27.38 -28.06
C THR F 466 -55.32 -27.99 -26.69
N ILE F 467 -54.68 -27.24 -25.81
CA ILE F 467 -54.55 -27.60 -24.40
C ILE F 467 -54.74 -26.32 -23.59
N SER F 468 -55.89 -26.17 -22.95
CA SER F 468 -56.24 -24.93 -22.27
C SER F 468 -55.83 -25.05 -20.81
N ILE F 469 -54.65 -24.54 -20.48
CA ILE F 469 -54.12 -24.62 -19.12
C ILE F 469 -54.45 -23.31 -18.42
N ALA F 470 -55.00 -23.41 -17.21
CA ALA F 470 -55.33 -22.24 -16.40
C ALA F 470 -54.95 -22.47 -14.96
N LYS F 471 -53.74 -23.00 -14.74
CA LYS F 471 -53.26 -23.29 -13.39
C LYS F 471 -52.78 -21.98 -12.77
N ALA F 472 -52.15 -22.09 -11.59
CA ALA F 472 -51.69 -20.88 -10.90
C ALA F 472 -50.65 -20.15 -11.72
N GLY F 473 -49.48 -20.76 -11.92
CA GLY F 473 -48.40 -20.06 -12.58
C GLY F 473 -48.53 -19.93 -14.07
N ILE F 474 -49.52 -20.58 -14.67
CA ILE F 474 -49.65 -20.64 -16.12
C ILE F 474 -51.11 -20.39 -16.49
N LEU F 475 -51.31 -19.62 -17.56
CA LEU F 475 -52.65 -19.40 -18.12
C LEU F 475 -52.46 -19.20 -19.63
N THR F 476 -52.58 -20.30 -20.37
CA THR F 476 -52.30 -20.29 -21.80
C THR F 476 -53.17 -21.32 -22.49
N THR F 477 -53.03 -21.38 -23.82
CA THR F 477 -53.75 -22.35 -24.66
C THR F 477 -52.73 -22.89 -25.68
N LEU F 478 -52.09 -23.99 -25.32
CA LEU F 478 -51.09 -24.60 -26.19
C LEU F 478 -51.76 -25.19 -27.43
N ASN F 479 -51.00 -25.24 -28.52
CA ASN F 479 -51.47 -25.84 -29.78
C ASN F 479 -50.90 -27.26 -29.86
N ALA F 480 -51.80 -28.26 -29.83
CA ALA F 480 -51.42 -29.66 -29.91
C ALA F 480 -52.21 -30.28 -31.06
N ARG F 481 -51.73 -30.08 -32.28
CA ARG F 481 -52.38 -30.62 -33.47
C ARG F 481 -51.80 -31.99 -33.82
N CYS F 482 -51.91 -32.91 -32.87
CA CYS F 482 -51.29 -34.22 -32.97
C CYS F 482 -52.35 -35.30 -33.06
N SER F 483 -52.17 -36.22 -34.00
CA SER F 483 -52.97 -37.43 -34.02
C SER F 483 -52.65 -38.26 -32.78
N ILE F 484 -53.63 -39.06 -32.34
CA ILE F 484 -53.50 -39.87 -31.13
C ILE F 484 -53.62 -41.33 -31.53
N LEU F 485 -52.59 -42.11 -31.23
CA LEU F 485 -52.63 -43.57 -31.37
C LEU F 485 -52.50 -44.13 -29.97
N ALA F 486 -53.63 -44.51 -29.39
CA ALA F 486 -53.68 -45.00 -28.01
C ALA F 486 -53.77 -46.52 -27.99
N ALA F 487 -53.39 -47.09 -26.85
CA ALA F 487 -53.51 -48.52 -26.62
C ALA F 487 -54.09 -48.77 -25.24
N ALA F 488 -54.90 -49.81 -25.13
CA ALA F 488 -55.56 -50.12 -23.87
C ALA F 488 -56.02 -51.57 -23.89
N ASN F 489 -56.48 -52.03 -22.74
CA ASN F 489 -57.03 -53.37 -22.60
C ASN F 489 -58.38 -53.30 -21.91
N PRO F 490 -59.29 -54.24 -22.21
CA PRO F 490 -60.63 -54.21 -21.62
C PRO F 490 -60.66 -54.71 -20.17
N PRO F 508 -67.33 -49.49 -24.78
CA PRO F 508 -67.07 -48.34 -23.92
C PRO F 508 -67.39 -47.01 -24.59
N ALA F 509 -68.45 -46.34 -24.12
CA ALA F 509 -68.86 -45.08 -24.71
C ALA F 509 -67.79 -44.02 -24.56
N ALA F 510 -67.16 -43.95 -23.38
CA ALA F 510 -66.22 -42.86 -23.09
C ALA F 510 -65.07 -42.83 -24.07
N LEU F 511 -64.79 -43.94 -24.75
CA LEU F 511 -63.74 -44.02 -25.76
C LEU F 511 -64.28 -44.16 -27.17
N LEU F 512 -65.37 -44.91 -27.34
CA LEU F 512 -65.92 -45.15 -28.66
C LEU F 512 -66.55 -43.88 -29.24
N SER F 513 -67.14 -43.04 -28.38
CA SER F 513 -67.71 -41.79 -28.86
C SER F 513 -66.64 -40.86 -29.41
N ARG F 514 -65.46 -40.84 -28.78
CA ARG F 514 -64.42 -39.91 -29.13
C ARG F 514 -63.52 -40.42 -30.25
N PHE F 515 -62.88 -41.56 -30.03
CA PHE F 515 -61.83 -42.01 -30.95
C PHE F 515 -62.39 -42.26 -32.34
N ASP F 516 -61.61 -41.88 -33.36
CA ASP F 516 -62.03 -42.07 -34.73
C ASP F 516 -62.23 -43.55 -35.03
N LEU F 517 -61.24 -44.37 -34.70
CA LEU F 517 -61.34 -45.82 -34.81
C LEU F 517 -61.06 -46.44 -33.46
N LEU F 518 -61.88 -47.41 -33.06
CA LEU F 518 -61.67 -48.20 -31.86
C LEU F 518 -61.58 -49.65 -32.29
N TRP F 519 -60.38 -50.22 -32.23
CA TRP F 519 -60.09 -51.52 -32.81
C TRP F 519 -59.85 -52.53 -31.71
N LEU F 520 -60.64 -53.61 -31.70
CA LEU F 520 -60.49 -54.66 -30.70
C LEU F 520 -59.61 -55.78 -31.25
N ILE F 521 -58.64 -56.21 -30.45
CA ILE F 521 -57.71 -57.27 -30.83
C ILE F 521 -57.79 -58.34 -29.75
N GLN F 522 -58.53 -59.41 -30.05
CA GLN F 522 -58.65 -60.57 -29.16
C GLN F 522 -57.86 -61.72 -29.74
N ASP F 523 -57.03 -62.35 -28.91
CA ASP F 523 -56.24 -63.51 -29.33
C ASP F 523 -57.01 -64.77 -28.94
N ARG F 524 -57.82 -65.27 -29.88
CA ARG F 524 -58.55 -66.50 -29.66
C ARG F 524 -57.71 -67.68 -30.13
N PRO F 525 -57.43 -68.67 -29.27
CA PRO F 525 -56.56 -69.76 -29.70
C PRO F 525 -57.14 -70.50 -30.89
N ASP F 526 -56.25 -70.85 -31.83
CA ASP F 526 -56.61 -71.65 -32.99
C ASP F 526 -55.35 -72.35 -33.46
N ARG F 527 -55.48 -73.63 -33.83
CA ARG F 527 -54.30 -74.43 -34.11
C ARG F 527 -53.50 -73.85 -35.27
N ASP F 528 -54.15 -73.63 -36.42
CA ASP F 528 -53.43 -73.18 -37.60
C ASP F 528 -52.87 -71.77 -37.40
N ASN F 529 -53.68 -70.87 -36.86
CA ASN F 529 -53.23 -69.49 -36.69
C ASN F 529 -52.07 -69.42 -35.72
N ASP F 530 -52.17 -70.14 -34.60
CA ASP F 530 -51.08 -70.14 -33.62
C ASP F 530 -49.83 -70.79 -34.20
N LEU F 531 -49.99 -71.83 -35.02
CA LEU F 531 -48.82 -72.45 -35.64
C LEU F 531 -48.12 -71.47 -36.57
N ARG F 532 -48.89 -70.76 -37.39
CA ARG F 532 -48.27 -69.77 -38.28
C ARG F 532 -47.60 -68.66 -37.50
N LEU F 533 -48.26 -68.18 -36.45
CA LEU F 533 -47.68 -67.12 -35.63
C LEU F 533 -46.39 -67.59 -34.98
N ALA F 534 -46.37 -68.83 -34.50
CA ALA F 534 -45.17 -69.36 -33.87
C ALA F 534 -44.04 -69.49 -34.88
N GLN F 535 -44.35 -69.97 -36.09
CA GLN F 535 -43.31 -70.04 -37.12
C GLN F 535 -42.74 -68.66 -37.41
N HIS F 536 -43.62 -67.66 -37.54
CA HIS F 536 -43.18 -66.29 -37.82
C HIS F 536 -42.26 -65.78 -36.70
N ILE F 537 -42.70 -65.95 -35.45
CA ILE F 537 -41.93 -65.41 -34.34
C ILE F 537 -40.61 -66.16 -34.18
N THR F 538 -40.61 -67.46 -34.41
CA THR F 538 -39.37 -68.23 -34.33
C THR F 538 -38.39 -67.81 -35.40
N TYR F 539 -38.87 -67.60 -36.63
CA TYR F 539 -37.97 -67.12 -37.67
C TYR F 539 -37.42 -65.75 -37.33
N VAL F 540 -38.26 -64.89 -36.75
CA VAL F 540 -37.79 -63.57 -36.32
C VAL F 540 -36.69 -63.72 -35.28
N HIS F 541 -36.90 -64.59 -34.29
CA HIS F 541 -35.88 -64.80 -33.27
C HIS F 541 -34.60 -65.38 -33.85
N GLN F 542 -34.72 -66.20 -34.89
CA GLN F 542 -33.54 -66.81 -35.50
C GLN F 542 -32.73 -65.78 -36.26
N HIS F 543 -33.36 -65.08 -37.21
CA HIS F 543 -32.63 -64.27 -38.18
C HIS F 543 -32.77 -62.77 -37.92
N SER F 544 -33.23 -62.38 -36.73
CA SER F 544 -33.38 -60.97 -36.36
C SER F 544 -34.04 -60.17 -37.48
N ARG F 545 -34.94 -60.80 -38.23
CA ARG F 545 -35.64 -60.13 -39.31
C ARG F 545 -36.92 -60.89 -39.62
N GLN F 546 -37.83 -60.19 -40.30
CA GLN F 546 -39.11 -60.79 -40.65
C GLN F 546 -38.92 -61.88 -41.71
N PRO F 547 -39.78 -62.90 -41.72
CA PRO F 547 -39.68 -63.94 -42.74
C PRO F 547 -39.89 -63.36 -44.12
N PRO F 548 -39.18 -63.86 -45.13
CA PRO F 548 -39.34 -63.32 -46.48
C PRO F 548 -40.78 -63.48 -46.97
N SER F 549 -41.23 -62.48 -47.73
CA SER F 549 -42.57 -62.51 -48.31
C SER F 549 -42.49 -62.26 -49.81
N GLN F 550 -43.64 -62.06 -50.46
CA GLN F 550 -43.64 -61.81 -51.90
C GLN F 550 -42.87 -60.54 -52.23
N PHE F 551 -43.05 -59.49 -51.42
CA PHE F 551 -42.41 -58.20 -51.64
C PHE F 551 -41.55 -57.84 -50.45
N GLU F 552 -40.38 -57.28 -50.73
CA GLU F 552 -39.50 -56.83 -49.66
C GLU F 552 -40.14 -55.64 -48.95
N PRO F 553 -40.25 -55.64 -47.62
CA PRO F 553 -40.81 -54.47 -46.94
C PRO F 553 -39.94 -53.24 -47.15
N LEU F 554 -40.59 -52.08 -47.17
CA LEU F 554 -39.91 -50.83 -47.44
C LEU F 554 -39.23 -50.32 -46.16
N ASP F 555 -38.10 -49.65 -46.36
CA ASP F 555 -37.34 -49.11 -45.24
C ASP F 555 -38.09 -47.97 -44.58
N MET F 556 -37.68 -47.63 -43.36
CA MET F 556 -38.30 -46.51 -42.67
C MET F 556 -38.08 -45.21 -43.42
N LYS F 557 -36.90 -45.03 -44.01
CA LYS F 557 -36.64 -43.82 -44.79
C LYS F 557 -37.62 -43.69 -45.95
N LEU F 558 -37.75 -44.75 -46.74
CA LEU F 558 -38.64 -44.70 -47.90
C LEU F 558 -40.09 -44.53 -47.47
N MET F 559 -40.49 -45.20 -46.38
CA MET F 559 -41.85 -45.05 -45.89
C MET F 559 -42.13 -43.63 -45.44
N ARG F 560 -41.20 -43.01 -44.71
CA ARG F 560 -41.39 -41.62 -44.30
C ARG F 560 -41.46 -40.70 -45.51
N ARG F 561 -40.61 -40.93 -46.50
CA ARG F 561 -40.64 -40.10 -47.70
C ARG F 561 -41.99 -40.19 -48.39
N TYR F 562 -42.53 -41.41 -48.53
CA TYR F 562 -43.83 -41.56 -49.19
C TYR F 562 -44.94 -40.97 -48.35
N ILE F 563 -44.88 -41.13 -47.03
CA ILE F 563 -45.91 -40.54 -46.17
C ILE F 563 -45.91 -39.03 -46.31
N ALA F 564 -44.72 -38.42 -46.29
CA ALA F 564 -44.63 -36.97 -46.44
C ALA F 564 -45.12 -36.54 -47.81
N MET F 565 -44.75 -37.27 -48.87
CA MET F 565 -45.23 -36.95 -50.20
C MET F 565 -46.76 -37.05 -50.27
N CYS F 566 -47.35 -37.92 -49.46
CA CYS F 566 -48.81 -38.02 -49.41
C CYS F 566 -49.43 -36.88 -48.62
N ARG F 567 -48.74 -36.37 -47.60
CA ARG F 567 -49.33 -35.33 -46.76
C ARG F 567 -49.76 -34.12 -47.59
N GLU F 568 -48.91 -33.68 -48.50
CA GLU F 568 -49.20 -32.48 -49.31
C GLU F 568 -49.90 -32.83 -50.62
N LYS F 569 -51.01 -33.56 -50.52
CA LYS F 569 -51.77 -33.99 -51.69
C LYS F 569 -53.27 -33.88 -51.40
N GLN F 570 -53.69 -32.75 -50.82
CA GLN F 570 -55.07 -32.56 -50.39
C GLN F 570 -56.05 -32.86 -51.52
N PRO F 571 -56.86 -33.91 -51.42
CA PRO F 571 -57.93 -34.12 -52.39
C PRO F 571 -59.24 -33.51 -51.91
N MET F 572 -60.22 -33.53 -52.79
CA MET F 572 -61.52 -32.93 -52.52
C MET F 572 -62.63 -33.93 -52.84
N VAL F 573 -63.75 -33.78 -52.14
CA VAL F 573 -64.91 -34.65 -52.31
C VAL F 573 -65.77 -34.08 -53.43
N PRO F 574 -66.03 -34.83 -54.50
CA PRO F 574 -66.96 -34.32 -55.52
C PRO F 574 -68.39 -34.29 -55.01
N GLU F 575 -69.22 -33.50 -55.69
CA GLU F 575 -70.65 -33.48 -55.38
C GLU F 575 -71.29 -34.83 -55.62
N SER F 576 -70.71 -35.64 -56.50
CA SER F 576 -71.30 -36.94 -56.81
C SER F 576 -71.31 -37.85 -55.59
N LEU F 577 -70.24 -37.83 -54.80
CA LEU F 577 -70.11 -38.72 -53.65
C LEU F 577 -71.07 -38.38 -52.53
N ALA F 578 -71.75 -37.24 -52.58
CA ALA F 578 -72.62 -36.84 -51.48
C ALA F 578 -73.71 -37.87 -51.23
N ASP F 579 -74.40 -38.29 -52.28
CA ASP F 579 -75.51 -39.24 -52.12
C ASP F 579 -75.00 -40.57 -51.59
N TYR F 580 -73.89 -41.07 -52.15
CA TYR F 580 -73.36 -42.36 -51.72
C TYR F 580 -72.94 -42.31 -50.26
N ILE F 581 -72.25 -41.25 -49.86
CA ILE F 581 -71.77 -41.12 -48.49
C ILE F 581 -72.96 -41.00 -47.53
N THR F 582 -73.96 -40.21 -47.90
CA THR F 582 -75.14 -40.07 -47.05
C THR F 582 -75.87 -41.38 -46.89
N ALA F 583 -76.01 -42.14 -47.99
CA ALA F 583 -76.67 -43.44 -47.91
C ALA F 583 -75.90 -44.38 -46.98
N ALA F 584 -74.57 -44.41 -47.13
CA ALA F 584 -73.77 -45.26 -46.25
C ALA F 584 -73.92 -44.85 -44.79
N TYR F 585 -73.91 -43.55 -44.52
CA TYR F 585 -74.03 -43.08 -43.15
C TYR F 585 -75.37 -43.48 -42.55
N VAL F 586 -76.45 -43.27 -43.30
CA VAL F 586 -77.78 -43.60 -42.77
C VAL F 586 -77.90 -45.10 -42.56
N GLU F 587 -77.34 -45.90 -43.47
CA GLU F 587 -77.38 -47.34 -43.31
C GLU F 587 -76.67 -47.77 -42.02
N MET F 588 -75.42 -47.31 -41.85
CA MET F 588 -74.67 -47.72 -40.68
C MET F 588 -75.31 -47.19 -39.40
N ARG F 589 -75.95 -46.02 -39.46
CA ARG F 589 -76.65 -45.49 -38.30
C ARG F 589 -77.86 -46.34 -37.96
N ARG F 590 -78.59 -46.83 -38.98
CA ARG F 590 -79.68 -47.76 -38.73
C ARG F 590 -79.17 -49.02 -38.06
N GLU F 591 -78.03 -49.54 -38.53
CA GLU F 591 -77.46 -50.73 -37.91
C GLU F 591 -77.15 -50.49 -36.44
N ALA F 592 -76.51 -49.35 -36.15
CA ALA F 592 -76.18 -49.04 -34.76
C ALA F 592 -77.45 -48.90 -33.92
N TRP F 593 -78.47 -48.25 -34.47
CA TRP F 593 -79.72 -48.08 -33.72
C TRP F 593 -80.39 -49.42 -33.44
N ALA F 594 -80.40 -50.32 -34.41
CA ALA F 594 -81.07 -51.61 -34.23
C ALA F 594 -80.30 -52.49 -33.26
N SER F 595 -78.99 -52.58 -33.41
CA SER F 595 -78.20 -53.47 -32.56
C SER F 595 -78.22 -53.00 -31.11
N LYS F 596 -78.00 -53.94 -30.20
CA LYS F 596 -77.97 -53.65 -28.78
C LYS F 596 -76.55 -53.32 -28.32
N TYR F 600 -71.96 -47.25 -31.18
CA TYR F 600 -72.47 -45.89 -31.20
C TYR F 600 -72.14 -45.18 -32.50
N THR F 601 -73.17 -44.69 -33.17
CA THR F 601 -73.03 -43.93 -34.41
C THR F 601 -73.48 -42.49 -34.18
N SER F 602 -72.79 -41.56 -34.82
CA SER F 602 -73.10 -40.14 -34.71
C SER F 602 -72.51 -39.43 -35.92
N ALA F 603 -72.58 -38.10 -35.91
CA ALA F 603 -71.96 -37.33 -36.99
C ALA F 603 -70.46 -37.56 -37.03
N ARG F 604 -69.85 -37.88 -35.88
CA ARG F 604 -68.44 -38.21 -35.86
C ARG F 604 -68.13 -39.41 -36.75
N THR F 605 -69.08 -40.34 -36.87
CA THR F 605 -68.86 -41.48 -37.75
C THR F 605 -68.71 -41.03 -39.20
N LEU F 606 -69.60 -40.15 -39.66
CA LEU F 606 -69.49 -39.66 -41.02
C LEU F 606 -68.24 -38.82 -41.21
N LEU F 607 -67.88 -38.03 -40.21
CA LEU F 607 -66.63 -37.28 -40.27
C LEU F 607 -65.44 -38.24 -40.41
N ALA F 608 -65.47 -39.33 -39.66
CA ALA F 608 -64.40 -40.33 -39.75
C ALA F 608 -64.34 -40.95 -41.13
N ILE F 609 -65.50 -41.30 -41.69
CA ILE F 609 -65.51 -41.85 -43.05
C ILE F 609 -64.90 -40.84 -44.02
N LEU F 610 -65.28 -39.58 -43.88
CA LEU F 610 -64.76 -38.55 -44.79
C LEU F 610 -63.24 -38.45 -44.69
N ARG F 611 -62.71 -38.33 -43.48
CA ARG F 611 -61.27 -38.12 -43.35
C ARG F 611 -60.49 -39.37 -43.72
N LEU F 612 -61.01 -40.56 -43.43
CA LEU F 612 -60.34 -41.78 -43.86
C LEU F 612 -60.33 -41.89 -45.38
N SER F 613 -61.45 -41.53 -46.04
CA SER F 613 -61.48 -41.55 -47.49
C SER F 613 -60.48 -40.55 -48.07
N THR F 614 -60.37 -39.37 -47.45
CA THR F 614 -59.40 -38.39 -47.92
C THR F 614 -57.98 -38.90 -47.74
N ALA F 615 -57.71 -39.60 -46.64
CA ALA F 615 -56.39 -40.19 -46.45
C ALA F 615 -56.10 -41.24 -47.52
N LEU F 616 -57.10 -42.07 -47.84
CA LEU F 616 -56.91 -43.06 -48.90
C LEU F 616 -56.62 -42.38 -50.23
N ALA F 617 -57.32 -41.28 -50.52
CA ALA F 617 -57.04 -40.53 -51.74
C ALA F 617 -55.62 -39.97 -51.73
N ARG F 618 -55.20 -39.42 -50.59
CA ARG F 618 -53.82 -38.96 -50.47
C ARG F 618 -52.85 -40.07 -50.82
N LEU F 619 -53.07 -41.26 -50.26
CA LEU F 619 -52.20 -42.38 -50.55
C LEU F 619 -52.24 -42.75 -52.03
N ARG F 620 -53.40 -42.61 -52.66
CA ARG F 620 -53.52 -42.93 -54.08
C ARG F 620 -53.01 -41.83 -54.99
N MET F 621 -52.63 -40.68 -54.45
CA MET F 621 -52.04 -39.58 -55.23
C MET F 621 -53.05 -39.04 -56.24
N VAL F 622 -54.26 -38.78 -55.76
CA VAL F 622 -55.31 -38.15 -56.55
C VAL F 622 -55.87 -36.98 -55.76
N ASP F 623 -56.37 -35.98 -56.49
CA ASP F 623 -56.95 -34.80 -55.89
C ASP F 623 -58.46 -34.91 -55.68
N VAL F 624 -59.06 -36.04 -56.02
CA VAL F 624 -60.50 -36.24 -55.92
C VAL F 624 -60.75 -37.56 -55.20
N VAL F 625 -61.50 -37.49 -54.09
CA VAL F 625 -61.88 -38.70 -53.38
C VAL F 625 -62.87 -39.50 -54.22
N GLU F 626 -62.69 -40.82 -54.25
CA GLU F 626 -63.40 -41.68 -55.18
C GLU F 626 -64.23 -42.74 -54.45
N LYS F 627 -64.97 -43.50 -55.26
CA LYS F 627 -65.81 -44.56 -54.72
C LYS F 627 -64.98 -45.62 -54.01
N GLU F 628 -63.81 -45.94 -54.55
CA GLU F 628 -62.93 -46.88 -53.86
C GLU F 628 -62.49 -46.34 -52.51
N ASP F 629 -62.20 -45.04 -52.44
CA ASP F 629 -61.82 -44.45 -51.16
C ASP F 629 -62.94 -44.61 -50.14
N VAL F 630 -64.16 -44.25 -50.51
CA VAL F 630 -65.26 -44.38 -49.56
C VAL F 630 -65.51 -45.84 -49.20
N ASN F 631 -65.36 -46.74 -50.19
CA ASN F 631 -65.55 -48.16 -49.92
C ASN F 631 -64.55 -48.68 -48.90
N GLU F 632 -63.28 -48.30 -49.06
CA GLU F 632 -62.27 -48.74 -48.11
C GLU F 632 -62.50 -48.12 -46.73
N ALA F 633 -62.96 -46.87 -46.69
CA ALA F 633 -63.28 -46.25 -45.42
C ALA F 633 -64.38 -47.03 -44.70
N ILE F 634 -65.45 -47.36 -45.42
CA ILE F 634 -66.54 -48.08 -44.79
C ILE F 634 -66.12 -49.49 -44.41
N ARG F 635 -65.27 -50.13 -45.22
CA ARG F 635 -64.78 -51.46 -44.86
C ARG F 635 -63.96 -51.41 -43.58
N LEU F 636 -63.08 -50.42 -43.46
CA LEU F 636 -62.30 -50.26 -42.24
C LEU F 636 -63.20 -50.04 -41.05
N MET F 637 -64.21 -49.17 -41.19
CA MET F 637 -65.13 -48.94 -40.09
C MET F 637 -65.87 -50.22 -39.72
N GLU F 638 -66.34 -50.96 -40.73
CA GLU F 638 -67.10 -52.17 -40.47
C GLU F 638 -66.27 -53.19 -39.74
N MET F 639 -65.01 -53.38 -40.14
CA MET F 639 -64.17 -54.37 -39.45
C MET F 639 -63.78 -53.90 -38.06
N SER F 640 -63.54 -52.59 -37.89
CA SER F 640 -63.27 -52.08 -36.56
C SER F 640 -64.44 -52.33 -35.62
N LYS F 641 -65.67 -52.11 -36.10
CA LYS F 641 -66.84 -52.35 -35.26
C LYS F 641 -67.05 -53.85 -35.04
N ASP F 642 -66.85 -54.66 -36.08
CA ASP F 642 -66.93 -56.10 -35.92
C ASP F 642 -65.98 -56.59 -34.85
N SER F 643 -64.81 -55.96 -34.72
CA SER F 643 -63.89 -56.31 -33.65
C SER F 643 -64.54 -56.12 -32.29
N LEU F 644 -65.44 -55.15 -32.16
CA LEU F 644 -66.13 -54.94 -30.89
C LEU F 644 -67.08 -56.07 -30.54
N LEU F 645 -67.49 -56.87 -31.52
CA LEU F 645 -68.35 -58.02 -31.26
C LEU F 645 -67.55 -59.31 -31.36
N ASP G 176 -17.39 50.57 16.82
CA ASP G 176 -17.71 51.03 18.16
C ASP G 176 -16.60 50.59 19.12
N LEU G 177 -16.92 50.48 20.42
CA LEU G 177 -15.93 50.10 21.42
C LEU G 177 -16.64 49.43 22.58
N LYS G 178 -16.61 48.09 22.61
CA LYS G 178 -17.22 47.30 23.67
C LYS G 178 -16.89 45.84 23.39
N GLY G 179 -17.20 44.99 24.36
CA GLY G 179 -17.13 43.54 24.16
C GLY G 179 -15.79 42.96 24.62
N HIS G 180 -15.00 42.47 23.65
CA HIS G 180 -13.78 41.72 23.95
C HIS G 180 -12.61 42.26 23.13
N SER G 181 -11.51 41.50 23.07
CA SER G 181 -10.29 41.96 22.42
C SER G 181 -10.59 42.50 21.02
N VAL G 182 -9.73 43.42 20.58
CA VAL G 182 -9.97 44.15 19.33
C VAL G 182 -10.02 43.19 18.15
N ARG G 183 -9.17 42.17 18.15
CA ARG G 183 -9.10 41.26 17.01
C ARG G 183 -10.46 40.65 16.72
N GLU G 184 -11.06 40.01 17.73
CA GLU G 184 -12.37 39.39 17.53
C GLU G 184 -13.46 40.44 17.41
N TRP G 185 -13.31 41.57 18.11
CA TRP G 185 -14.32 42.62 18.04
C TRP G 185 -14.49 43.12 16.61
N VAL G 186 -13.40 43.28 15.89
CA VAL G 186 -13.48 43.72 14.50
C VAL G 186 -13.68 42.55 13.53
N SER G 187 -13.34 41.32 13.94
CA SER G 187 -13.67 40.17 13.10
C SER G 187 -15.17 39.96 13.04
N MET G 188 -15.88 40.23 14.13
CA MET G 188 -17.32 40.05 14.14
C MET G 188 -17.99 40.94 13.09
N ALA G 189 -19.04 40.42 12.47
CA ALA G 189 -19.62 41.07 11.29
C ALA G 189 -20.16 42.45 11.63
N GLY G 190 -21.00 42.56 12.66
CA GLY G 190 -21.63 43.80 13.01
C GLY G 190 -20.65 44.96 13.04
N PRO G 191 -19.67 44.88 13.93
CA PRO G 191 -18.61 45.90 13.93
C PRO G 191 -17.88 45.99 12.61
N ARG G 192 -17.72 44.87 11.89
CA ARG G 192 -17.05 44.91 10.60
C ARG G 192 -17.78 45.82 9.62
N LEU G 193 -19.10 45.61 9.47
CA LEU G 193 -19.87 46.46 8.57
C LEU G 193 -19.92 47.89 9.07
N GLU G 194 -20.03 48.09 10.38
CA GLU G 194 -20.03 49.44 10.93
C GLU G 194 -18.76 50.18 10.54
N ILE G 195 -17.60 49.55 10.74
CA ILE G 195 -16.34 50.17 10.42
C ILE G 195 -16.19 50.37 8.92
N HIS G 196 -16.70 49.43 8.13
CA HIS G 196 -16.69 49.61 6.67
C HIS G 196 -17.43 50.86 6.28
N HIS G 197 -18.64 51.07 6.84
CA HIS G 197 -19.40 52.28 6.54
C HIS G 197 -18.66 53.52 7.01
N ARG G 198 -18.08 53.47 8.21
CA ARG G 198 -17.36 54.63 8.74
C ARG G 198 -16.20 55.00 7.84
N PHE G 199 -15.44 54.01 7.38
CA PHE G 199 -14.29 54.30 6.53
C PHE G 199 -14.73 54.78 5.15
N LYS G 200 -15.83 54.24 4.63
CA LYS G 200 -16.35 54.76 3.37
C LYS G 200 -16.74 56.23 3.51
N ASN G 201 -17.41 56.58 4.61
CA ASN G 201 -17.76 57.97 4.85
C ASN G 201 -16.51 58.84 4.96
N PHE G 202 -15.50 58.37 5.68
CA PHE G 202 -14.26 59.13 5.81
C PHE G 202 -13.61 59.35 4.44
N LEU G 203 -13.55 58.30 3.63
CA LEU G 203 -12.94 58.41 2.32
C LEU G 203 -13.70 59.41 1.44
N ARG G 204 -15.03 59.34 1.45
CA ARG G 204 -15.83 60.21 0.60
C ARG G 204 -15.87 61.64 1.09
N THR G 205 -15.70 61.88 2.39
CA THR G 205 -15.84 63.20 3.00
C THR G 205 -14.58 63.51 3.80
N HIS G 206 -13.67 64.29 3.21
CA HIS G 206 -12.46 64.70 3.90
C HIS G 206 -11.84 65.86 3.15
N VAL G 207 -11.49 66.91 3.88
CA VAL G 207 -10.94 68.11 3.28
C VAL G 207 -9.42 68.12 3.47
N ASP G 208 -8.75 68.99 2.73
CA ASP G 208 -7.30 69.13 2.82
C ASP G 208 -6.91 70.20 3.83
N SER G 209 -7.82 70.53 4.74
CA SER G 209 -7.73 71.63 5.69
C SER G 209 -8.05 72.96 4.99
N HIS G 210 -8.34 72.94 3.70
CA HIS G 210 -8.72 74.12 2.95
C HIS G 210 -9.99 73.89 2.14
N GLY G 211 -10.71 72.80 2.39
CA GLY G 211 -11.88 72.45 1.63
C GLY G 211 -11.61 71.52 0.45
N HIS G 212 -10.36 71.44 0.00
CA HIS G 212 -10.00 70.56 -1.10
C HIS G 212 -10.22 69.12 -0.69
N ASN G 213 -11.12 68.43 -1.39
CA ASN G 213 -11.39 67.02 -1.12
C ASN G 213 -10.19 66.21 -1.58
N VAL G 214 -9.33 65.86 -0.63
CA VAL G 214 -8.04 65.26 -0.98
C VAL G 214 -8.24 63.89 -1.61
N PHE G 215 -9.14 63.08 -1.05
CA PHE G 215 -9.26 61.70 -1.52
C PHE G 215 -9.84 61.62 -2.92
N LYS G 216 -10.72 62.55 -3.29
CA LYS G 216 -11.23 62.56 -4.65
C LYS G 216 -10.09 62.66 -5.67
N GLU G 217 -9.21 63.66 -5.49
CA GLU G 217 -8.10 63.82 -6.41
C GLU G 217 -7.10 62.67 -6.29
N ARG G 218 -6.89 62.17 -5.07
CA ARG G 218 -6.00 61.03 -4.89
C ARG G 218 -6.46 59.85 -5.72
N ILE G 219 -7.73 59.49 -5.60
CA ILE G 219 -8.27 58.37 -6.36
C ILE G 219 -8.24 58.69 -7.85
N SER G 220 -8.49 59.94 -8.21
CA SER G 220 -8.45 60.33 -9.62
C SER G 220 -7.10 60.01 -10.22
N ASP G 221 -6.03 60.48 -9.58
CA ASP G 221 -4.69 60.24 -10.12
C ASP G 221 -4.31 58.76 -10.01
N MET G 222 -4.74 58.10 -8.95
CA MET G 222 -4.44 56.68 -8.79
C MET G 222 -5.01 55.87 -9.95
N CYS G 223 -6.29 56.11 -10.28
CA CYS G 223 -6.89 55.42 -11.42
C CYS G 223 -6.29 55.91 -12.73
N LYS G 224 -5.88 57.17 -12.79
CA LYS G 224 -5.28 57.70 -14.01
C LYS G 224 -4.00 56.96 -14.36
N GLU G 225 -3.16 56.70 -13.36
CA GLU G 225 -1.87 56.05 -13.59
C GLU G 225 -1.90 54.55 -13.31
N ASN G 226 -3.05 54.00 -12.90
CA ASN G 226 -3.19 52.57 -12.67
C ASN G 226 -2.17 52.09 -11.63
N ARG G 227 -2.35 52.61 -10.41
CA ARG G 227 -1.39 52.39 -9.33
C ARG G 227 -1.83 51.37 -8.30
N GLU G 228 -3.13 51.11 -8.17
CA GLU G 228 -3.70 50.08 -7.30
C GLU G 228 -3.54 50.36 -5.82
N SER G 229 -2.85 51.43 -5.44
CA SER G 229 -2.55 51.72 -4.04
C SER G 229 -3.02 53.12 -3.69
N LEU G 230 -3.77 53.22 -2.60
CA LEU G 230 -4.24 54.50 -2.07
C LEU G 230 -3.56 54.74 -0.73
N VAL G 231 -2.90 55.88 -0.61
CA VAL G 231 -2.11 56.21 0.58
C VAL G 231 -2.98 57.05 1.51
N VAL G 232 -3.25 56.52 2.70
CA VAL G 232 -4.01 57.21 3.72
C VAL G 232 -3.05 57.75 4.77
N ASN G 233 -3.21 59.02 5.13
CA ASN G 233 -2.41 59.60 6.19
C ASN G 233 -3.02 59.23 7.53
N TYR G 234 -2.22 58.58 8.39
CA TYR G 234 -2.74 58.20 9.69
C TYR G 234 -3.14 59.41 10.52
N GLU G 235 -2.44 60.53 10.36
CA GLU G 235 -2.83 61.74 11.09
C GLU G 235 -4.23 62.18 10.69
N ASP G 236 -4.51 62.18 9.38
CA ASP G 236 -5.85 62.54 8.92
C ASP G 236 -6.88 61.55 9.41
N LEU G 237 -6.57 60.26 9.36
CA LEU G 237 -7.53 59.26 9.82
C LEU G 237 -7.84 59.44 11.29
N ALA G 238 -6.81 59.68 12.11
CA ALA G 238 -7.03 59.90 13.53
C ALA G 238 -7.84 61.17 13.78
N ALA G 239 -7.53 62.25 13.05
CA ALA G 239 -8.27 63.49 13.25
C ALA G 239 -9.74 63.32 12.91
N ARG G 240 -10.04 62.62 11.82
CA ARG G 240 -11.43 62.49 11.39
C ARG G 240 -12.16 61.44 12.22
N GLU G 241 -11.71 60.20 12.18
CA GLU G 241 -12.33 59.10 12.93
C GLU G 241 -11.26 58.49 13.82
N HIS G 242 -11.34 58.81 15.12
CA HIS G 242 -10.31 58.33 16.05
C HIS G 242 -10.48 56.85 16.37
N VAL G 243 -11.69 56.32 16.25
CA VAL G 243 -11.92 54.91 16.55
C VAL G 243 -11.15 54.03 15.58
N LEU G 244 -11.22 54.34 14.28
CA LEU G 244 -10.48 53.57 13.30
C LEU G 244 -8.98 53.70 13.54
N ALA G 245 -8.51 54.90 13.88
CA ALA G 245 -7.09 55.09 14.13
C ALA G 245 -6.63 54.27 15.32
N TYR G 246 -7.45 54.19 16.36
CA TYR G 246 -7.07 53.40 17.54
C TYR G 246 -7.11 51.90 17.23
N PHE G 247 -8.07 51.45 16.41
CA PHE G 247 -8.17 50.04 16.10
C PHE G 247 -7.10 49.58 15.11
N LEU G 248 -6.63 50.47 14.24
CA LEU G 248 -5.69 50.05 13.20
C LEU G 248 -4.43 49.42 13.76
N PRO G 249 -3.73 50.01 14.73
CA PRO G 249 -2.50 49.40 15.23
C PRO G 249 -2.71 48.22 16.15
N GLU G 250 -3.95 47.78 16.37
CA GLU G 250 -4.23 46.63 17.23
C GLU G 250 -4.61 45.38 16.45
N ALA G 251 -5.41 45.52 15.39
CA ALA G 251 -5.79 44.40 14.53
C ALA G 251 -5.59 44.82 13.07
N PRO G 252 -4.36 45.11 12.68
CA PRO G 252 -4.14 45.70 11.35
C PRO G 252 -4.60 44.83 10.19
N ALA G 253 -4.59 43.50 10.34
CA ALA G 253 -4.97 42.66 9.20
C ALA G 253 -6.43 42.88 8.82
N GLU G 254 -7.34 42.75 9.79
CA GLU G 254 -8.76 42.92 9.48
C GLU G 254 -9.06 44.34 9.05
N LEU G 255 -8.47 45.33 9.72
CA LEU G 255 -8.71 46.72 9.37
C LEU G 255 -8.24 47.00 7.95
N LEU G 256 -7.06 46.47 7.57
CA LEU G 256 -6.56 46.66 6.22
C LEU G 256 -7.46 45.99 5.20
N GLN G 257 -7.94 44.78 5.49
CA GLN G 257 -8.85 44.12 4.54
C GLN G 257 -10.13 44.92 4.37
N ILE G 258 -10.69 45.41 5.47
CA ILE G 258 -11.91 46.21 5.41
C ILE G 258 -11.67 47.49 4.62
N PHE G 259 -10.54 48.15 4.87
CA PHE G 259 -10.23 49.38 4.16
C PHE G 259 -10.04 49.10 2.67
N ASP G 260 -9.40 47.98 2.34
CA ASP G 260 -9.23 47.64 0.92
C ASP G 260 -10.57 47.43 0.25
N GLU G 261 -11.48 46.71 0.91
CA GLU G 261 -12.80 46.48 0.33
C GLU G 261 -13.55 47.81 0.14
N ALA G 262 -13.54 48.65 1.16
CA ALA G 262 -14.24 49.93 1.06
C ALA G 262 -13.64 50.81 -0.02
N ALA G 263 -12.31 50.86 -0.10
CA ALA G 263 -11.66 51.66 -1.13
C ALA G 263 -11.97 51.12 -2.51
N LEU G 264 -12.02 49.81 -2.67
CA LEU G 264 -12.40 49.24 -3.95
C LEU G 264 -13.82 49.64 -4.32
N GLU G 265 -14.74 49.61 -3.35
CA GLU G 265 -16.11 50.03 -3.63
C GLU G 265 -16.15 51.49 -4.08
N VAL G 266 -15.45 52.36 -3.36
CA VAL G 266 -15.47 53.78 -3.72
C VAL G 266 -14.83 54.01 -5.08
N VAL G 267 -13.72 53.33 -5.34
CA VAL G 267 -13.02 53.50 -6.62
C VAL G 267 -13.89 53.02 -7.77
N LEU G 268 -14.59 51.90 -7.59
CA LEU G 268 -15.49 51.43 -8.63
C LEU G 268 -16.64 52.40 -8.83
N ALA G 269 -17.16 52.97 -7.74
CA ALA G 269 -18.22 53.97 -7.87
C ALA G 269 -17.74 55.15 -8.71
N MET G 270 -16.54 55.66 -8.42
CA MET G 270 -16.02 56.79 -9.18
C MET G 270 -15.75 56.41 -10.63
N TYR G 271 -15.10 55.26 -10.85
CA TYR G 271 -14.73 54.80 -12.18
C TYR G 271 -15.22 53.36 -12.31
N PRO G 272 -16.49 53.15 -12.64
CA PRO G 272 -17.01 51.78 -12.75
C PRO G 272 -16.24 50.93 -13.76
N LYS G 273 -15.54 51.59 -14.68
CA LYS G 273 -14.73 50.87 -15.67
C LYS G 273 -13.41 50.40 -15.10
N TYR G 274 -13.04 50.81 -13.88
CA TYR G 274 -11.73 50.48 -13.31
C TYR G 274 -11.67 49.07 -12.76
N ASP G 275 -12.78 48.34 -12.73
CA ASP G 275 -12.76 46.99 -12.19
C ASP G 275 -11.88 46.06 -13.02
N ARG G 276 -11.72 46.34 -14.31
CA ARG G 276 -10.97 45.47 -15.20
C ARG G 276 -9.47 45.71 -15.14
N ILE G 277 -9.01 46.64 -14.32
CA ILE G 277 -7.59 46.95 -14.20
C ILE G 277 -6.97 46.25 -13.00
N THR G 278 -7.59 46.37 -11.83
CA THR G 278 -6.97 45.88 -10.60
C THR G 278 -7.89 44.99 -9.77
N ASN G 279 -9.18 45.30 -9.70
CA ASN G 279 -10.14 44.57 -8.87
C ASN G 279 -9.68 44.44 -7.42
N HIS G 280 -8.75 45.28 -6.98
CA HIS G 280 -8.30 45.26 -5.60
C HIS G 280 -7.48 46.52 -5.35
N ILE G 281 -7.71 47.14 -4.20
CA ILE G 281 -7.05 48.38 -3.82
C ILE G 281 -6.32 48.16 -2.49
N HIS G 282 -5.05 48.53 -2.45
CA HIS G 282 -4.25 48.40 -1.24
C HIS G 282 -4.19 49.74 -0.53
N VAL G 283 -4.64 49.78 0.71
CA VAL G 283 -4.63 51.00 1.52
C VAL G 283 -3.33 51.04 2.30
N ARG G 284 -2.43 51.94 1.90
CA ARG G 284 -1.13 52.09 2.55
C ARG G 284 -1.22 53.16 3.63
N ILE G 285 -1.05 52.78 4.89
CA ILE G 285 -1.05 53.76 5.96
C ILE G 285 0.27 54.53 5.93
N SER G 286 0.24 55.75 6.44
CA SER G 286 1.42 56.61 6.42
C SER G 286 1.44 57.47 7.67
N HIS G 287 2.65 57.91 8.03
CA HIS G 287 2.87 58.80 9.16
C HIS G 287 2.28 58.22 10.45
N LEU G 288 2.59 56.96 10.71
CA LEU G 288 2.24 56.38 12.00
C LEU G 288 2.98 57.12 13.10
N PRO G 289 2.33 57.40 14.23
CA PRO G 289 2.99 58.25 15.25
C PRO G 289 4.24 57.62 15.83
N LEU G 290 4.14 56.41 16.35
CA LEU G 290 5.26 55.77 17.02
C LEU G 290 6.18 55.11 16.00
N VAL G 291 7.48 55.42 16.09
CA VAL G 291 8.50 54.81 15.25
C VAL G 291 9.37 53.94 16.14
N GLU G 292 9.35 52.63 15.90
CA GLU G 292 10.10 51.66 16.68
C GLU G 292 11.35 51.24 15.92
N GLU G 293 12.48 51.24 16.60
CA GLU G 293 13.73 50.79 16.00
C GLU G 293 13.86 49.28 16.13
N LEU G 294 14.56 48.67 15.18
CA LEU G 294 14.57 47.21 15.07
C LEU G 294 15.01 46.55 16.37
N ARG G 295 15.87 47.21 17.14
CA ARG G 295 16.34 46.60 18.39
C ARG G 295 15.28 46.58 19.47
N SER G 296 14.21 47.36 19.31
CA SER G 296 13.16 47.45 20.33
C SER G 296 11.94 46.61 20.00
N LEU G 297 11.99 45.80 18.95
CA LEU G 297 10.87 44.93 18.60
C LEU G 297 10.86 43.73 19.54
N ARG G 298 9.74 43.52 20.23
CA ARG G 298 9.59 42.45 21.19
C ARG G 298 8.34 41.65 20.86
N GLN G 299 8.06 40.63 21.66
CA GLN G 299 6.84 39.86 21.49
C GLN G 299 5.60 40.70 21.76
N LEU G 300 5.75 41.81 22.49
CA LEU G 300 4.63 42.70 22.73
C LEU G 300 4.08 43.26 21.42
N HIS G 301 4.97 43.60 20.49
CA HIS G 301 4.57 44.20 19.22
C HIS G 301 4.14 43.18 18.18
N LEU G 302 3.89 41.93 18.57
CA LEU G 302 3.48 40.92 17.61
C LEU G 302 2.04 41.14 17.18
N ASN G 303 1.79 40.96 15.88
CA ASN G 303 0.47 41.16 15.29
C ASN G 303 -0.01 42.59 15.55
N GLN G 304 0.81 43.55 15.16
CA GLN G 304 0.46 44.96 15.27
C GLN G 304 1.14 45.71 14.13
N LEU G 305 0.59 46.88 13.80
CA LEU G 305 1.16 47.74 12.79
C LEU G 305 2.23 48.60 13.44
N ILE G 306 3.46 48.50 12.94
CA ILE G 306 4.60 49.19 13.50
C ILE G 306 5.32 49.95 12.40
N ARG G 307 6.00 51.03 12.80
CA ARG G 307 6.77 51.87 11.91
C ARG G 307 8.22 51.87 12.40
N THR G 308 9.15 51.55 11.50
CA THR G 308 10.56 51.47 11.82
C THR G 308 11.35 52.14 10.71
N SER G 309 12.65 52.30 10.93
CA SER G 309 13.54 52.85 9.93
C SER G 309 14.78 51.97 9.84
N GLY G 310 15.34 51.86 8.64
CA GLY G 310 16.49 51.00 8.46
C GLY G 310 17.14 51.19 7.12
N VAL G 311 18.09 50.29 6.85
CA VAL G 311 18.88 50.32 5.62
C VAL G 311 18.73 48.96 4.94
N VAL G 312 18.20 48.96 3.72
CA VAL G 312 18.05 47.72 2.98
C VAL G 312 19.43 47.14 2.71
N THR G 313 19.71 45.96 3.28
CA THR G 313 20.99 45.31 3.07
C THR G 313 20.95 44.36 1.88
N SER G 314 19.91 43.52 1.80
CA SER G 314 19.73 42.61 0.69
C SER G 314 18.28 42.66 0.24
N CYS G 315 18.05 42.32 -1.02
CA CYS G 315 16.72 42.40 -1.60
C CYS G 315 16.62 41.37 -2.72
N THR G 316 15.75 40.39 -2.56
CA THR G 316 15.59 39.35 -3.57
C THR G 316 14.89 39.91 -4.80
N GLY G 317 14.97 39.17 -5.90
CA GLY G 317 14.26 39.55 -7.10
C GLY G 317 12.77 39.52 -6.88
N VAL G 318 12.00 39.89 -7.90
CA VAL G 318 10.55 39.84 -7.80
C VAL G 318 10.10 38.41 -8.11
N LEU G 319 9.45 37.77 -7.14
CA LEU G 319 9.07 36.38 -7.24
C LEU G 319 7.57 36.26 -7.40
N PRO G 320 7.08 35.43 -8.33
CA PRO G 320 5.62 35.26 -8.49
C PRO G 320 5.06 34.34 -7.42
N GLN G 321 4.36 34.92 -6.45
CA GLN G 321 3.71 34.17 -5.40
C GLN G 321 2.27 33.87 -5.79
N LEU G 322 1.78 32.71 -5.37
CA LEU G 322 0.41 32.34 -5.64
C LEU G 322 -0.54 33.25 -4.88
N SER G 323 -1.56 33.75 -5.58
CA SER G 323 -2.58 34.60 -4.95
C SER G 323 -3.95 33.94 -4.99
N MET G 324 -4.45 33.59 -6.17
CA MET G 324 -5.69 32.83 -6.33
C MET G 324 -5.34 31.61 -7.17
N VAL G 325 -5.10 30.49 -6.51
CA VAL G 325 -4.49 29.32 -7.12
C VAL G 325 -5.56 28.34 -7.54
N LYS G 326 -5.51 27.95 -8.81
CA LYS G 326 -6.34 26.86 -9.33
C LYS G 326 -5.51 25.59 -9.34
N TYR G 327 -6.15 24.46 -9.05
CA TYR G 327 -5.45 23.19 -8.97
C TYR G 327 -5.97 22.22 -10.02
N ASN G 328 -5.06 21.51 -10.67
CA ASN G 328 -5.40 20.40 -11.53
C ASN G 328 -5.41 19.12 -10.72
N CYS G 329 -6.53 18.41 -10.74
CA CYS G 329 -6.60 17.07 -10.17
C CYS G 329 -6.12 16.08 -11.23
N ASN G 330 -4.93 15.53 -11.03
CA ASN G 330 -4.33 14.66 -12.03
C ASN G 330 -4.83 13.23 -11.87
N LYS G 331 -6.13 13.08 -11.65
CA LYS G 331 -6.78 11.78 -11.63
C LYS G 331 -7.93 11.82 -12.62
N CYS G 332 -8.60 12.98 -12.71
CA CYS G 332 -9.66 13.20 -13.67
C CYS G 332 -9.53 14.52 -14.41
N ASN G 333 -8.47 15.30 -14.16
CA ASN G 333 -8.17 16.55 -14.85
C ASN G 333 -9.14 17.67 -14.51
N PHE G 334 -9.96 17.50 -13.49
CA PHE G 334 -10.80 18.59 -13.03
C PHE G 334 -9.92 19.74 -12.53
N VAL G 335 -10.51 20.93 -12.46
CA VAL G 335 -9.80 22.14 -12.05
C VAL G 335 -10.46 22.67 -10.79
N LEU G 336 -9.91 22.30 -9.63
CA LEU G 336 -10.35 22.89 -8.38
C LEU G 336 -10.17 24.41 -8.43
N GLY G 337 -11.23 25.13 -8.05
CA GLY G 337 -11.30 26.54 -8.27
C GLY G 337 -10.36 27.31 -7.37
N PRO G 338 -10.42 28.64 -7.49
CA PRO G 338 -9.43 29.48 -6.82
C PRO G 338 -9.57 29.45 -5.31
N PHE G 339 -8.42 29.35 -4.64
CA PHE G 339 -8.34 29.44 -3.19
C PHE G 339 -7.38 30.55 -2.84
N CYS G 340 -7.76 31.40 -1.89
CA CYS G 340 -6.95 32.55 -1.51
C CYS G 340 -5.68 32.06 -0.82
N GLN G 341 -4.54 32.22 -1.49
CA GLN G 341 -3.24 31.85 -0.91
C GLN G 341 -2.88 32.88 0.15
N SER G 342 -3.13 32.54 1.41
CA SER G 342 -2.77 33.43 2.50
C SER G 342 -1.25 33.46 2.68
N GLN G 343 -0.79 34.42 3.47
CA GLN G 343 0.64 34.59 3.74
C GLN G 343 1.10 33.80 4.95
N ASN G 344 0.23 32.99 5.56
CA ASN G 344 0.59 32.21 6.73
C ASN G 344 0.90 30.76 6.38
N GLN G 345 -0.04 30.05 5.76
CA GLN G 345 0.10 28.63 5.51
C GLN G 345 -0.10 28.32 4.04
N GLU G 346 0.52 27.22 3.60
CA GLU G 346 0.25 26.71 2.26
C GLU G 346 -1.22 26.31 2.15
N VAL G 347 -1.80 26.55 0.99
CA VAL G 347 -3.19 26.18 0.74
C VAL G 347 -3.19 24.77 0.15
N LYS G 348 -3.65 23.81 0.95
CA LYS G 348 -3.68 22.41 0.54
C LYS G 348 -5.12 22.00 0.29
N PRO G 349 -5.54 21.77 -0.95
CA PRO G 349 -6.93 21.35 -1.20
C PRO G 349 -7.25 20.05 -0.50
N GLY G 350 -8.55 19.76 -0.43
CA GLY G 350 -9.02 18.53 0.18
C GLY G 350 -9.25 17.47 -0.88
N SER G 351 -10.51 17.20 -1.18
CA SER G 351 -10.88 16.25 -2.21
C SER G 351 -11.19 16.98 -3.51
N CYS G 352 -11.09 16.25 -4.61
CA CYS G 352 -11.55 16.79 -5.88
C CYS G 352 -13.07 16.74 -5.90
N PRO G 353 -13.76 17.86 -6.16
CA PRO G 353 -15.23 17.82 -6.10
C PRO G 353 -15.85 16.80 -7.03
N GLU G 354 -15.20 16.50 -8.16
CA GLU G 354 -15.79 15.54 -9.09
C GLU G 354 -15.53 14.11 -8.67
N CYS G 355 -14.26 13.70 -8.62
CA CYS G 355 -13.92 12.32 -8.31
C CYS G 355 -13.73 12.08 -6.81
N GLN G 356 -13.79 13.12 -5.99
CA GLN G 356 -13.67 12.98 -4.53
C GLN G 356 -12.37 12.31 -4.13
N SER G 357 -11.35 12.38 -4.97
CA SER G 357 -10.06 11.78 -4.68
C SER G 357 -9.17 12.81 -3.99
N ALA G 358 -8.74 12.51 -2.78
CA ALA G 358 -7.80 13.36 -2.06
C ALA G 358 -6.40 13.24 -2.60
N GLY G 359 -6.22 12.50 -3.70
CA GLY G 359 -4.91 12.17 -4.20
C GLY G 359 -4.13 13.39 -4.65
N PRO G 360 -3.05 13.16 -5.40
CA PRO G 360 -2.14 14.26 -5.73
C PRO G 360 -2.84 15.34 -6.54
N PHE G 361 -2.48 16.58 -6.26
CA PHE G 361 -2.94 17.74 -7.01
C PHE G 361 -1.72 18.49 -7.54
N GLU G 362 -1.94 19.27 -8.59
CA GLU G 362 -0.90 20.12 -9.15
C GLU G 362 -1.42 21.54 -9.23
N VAL G 363 -0.51 22.50 -9.30
CA VAL G 363 -0.91 23.90 -9.48
C VAL G 363 -1.08 24.15 -10.97
N ASN G 364 -2.26 24.57 -11.37
CA ASN G 364 -2.53 24.93 -12.76
C ASN G 364 -2.00 26.34 -12.98
N MET G 365 -0.83 26.45 -13.58
CA MET G 365 -0.18 27.75 -13.65
C MET G 365 -0.85 28.68 -14.66
N GLU G 366 -1.53 28.13 -15.67
CA GLU G 366 -2.24 29.00 -16.61
C GLU G 366 -3.45 29.64 -15.96
N GLU G 367 -4.24 28.88 -15.21
CA GLU G 367 -5.44 29.41 -14.59
C GLU G 367 -5.15 30.19 -13.32
N THR G 368 -3.99 29.99 -12.70
CA THR G 368 -3.66 30.69 -11.48
C THR G 368 -3.28 32.13 -11.76
N ILE G 369 -3.47 33.00 -10.77
CA ILE G 369 -3.05 34.39 -10.83
C ILE G 369 -2.10 34.64 -9.66
N TYR G 370 -0.96 35.26 -9.94
CA TYR G 370 0.11 35.43 -8.98
C TYR G 370 0.28 36.91 -8.63
N GLN G 371 0.77 37.16 -7.43
CA GLN G 371 1.13 38.50 -6.98
C GLN G 371 2.63 38.57 -6.77
N ASN G 372 3.24 39.65 -7.24
CA ASN G 372 4.68 39.80 -7.10
C ASN G 372 5.08 39.77 -5.63
N TYR G 373 6.17 39.07 -5.35
CA TYR G 373 6.65 38.86 -3.99
C TYR G 373 8.13 39.20 -3.93
N GLN G 374 8.52 39.98 -2.91
CA GLN G 374 9.92 40.31 -2.72
C GLN G 374 10.26 40.25 -1.24
N ARG G 375 11.46 39.75 -0.93
CA ARG G 375 11.94 39.67 0.44
C ARG G 375 13.16 40.56 0.59
N ILE G 376 13.10 41.47 1.56
CA ILE G 376 14.21 42.39 1.81
C ILE G 376 14.68 42.21 3.25
N ARG G 377 15.91 42.64 3.49
CA ARG G 377 16.46 42.68 4.84
C ARG G 377 16.87 44.12 5.15
N ILE G 378 16.38 44.63 6.26
CA ILE G 378 16.69 45.99 6.71
C ILE G 378 17.38 45.90 8.07
N GLN G 379 18.51 46.57 8.21
CA GLN G 379 19.26 46.59 9.45
C GLN G 379 19.26 48.00 10.02
N GLU G 380 19.41 48.09 11.34
CA GLU G 380 19.55 49.39 11.98
C GLU G 380 20.66 50.18 11.31
N SER G 381 20.41 51.46 11.11
CA SER G 381 21.42 52.31 10.48
C SER G 381 22.63 52.46 11.40
N PRO G 382 23.85 52.45 10.85
CA PRO G 382 25.02 52.55 11.73
C PRO G 382 25.01 53.78 12.62
N GLY G 383 24.51 54.90 12.12
CA GLY G 383 24.43 56.09 12.95
C GLY G 383 23.55 55.88 14.17
N LYS G 384 22.40 55.23 13.98
CA LYS G 384 21.52 54.96 15.11
C LYS G 384 22.10 53.92 16.04
N VAL G 385 22.84 52.95 15.52
CA VAL G 385 23.51 51.98 16.39
C VAL G 385 24.48 52.72 17.29
N ALA G 386 24.39 52.47 18.59
CA ALA G 386 25.12 53.24 19.60
C ALA G 386 25.99 52.33 20.44
N ALA G 387 26.95 52.95 21.13
CA ALA G 387 27.87 52.28 22.05
C ALA G 387 28.57 51.15 21.26
N GLY G 388 28.64 49.93 21.81
CA GLY G 388 29.25 48.83 21.10
C GLY G 388 28.24 47.75 20.77
N ARG G 389 27.04 48.17 20.39
CA ARG G 389 25.95 47.26 20.08
C ARG G 389 25.95 46.94 18.60
N LEU G 390 25.57 45.71 18.28
CA LEU G 390 25.55 45.28 16.89
C LEU G 390 24.27 45.73 16.20
N PRO G 391 24.31 45.91 14.88
CA PRO G 391 23.10 46.32 14.13
C PRO G 391 22.16 45.14 13.94
N ARG G 392 20.94 45.27 14.44
CA ARG G 392 19.95 44.22 14.29
C ARG G 392 19.24 44.35 12.94
N SER G 393 18.99 43.21 12.30
CA SER G 393 18.36 43.15 11.00
C SER G 393 17.05 42.38 11.08
N LYS G 394 16.12 42.74 10.20
CA LYS G 394 14.82 42.10 10.12
C LYS G 394 14.49 41.85 8.66
N ASP G 395 13.64 40.84 8.43
CA ASP G 395 13.15 40.50 7.11
C ASP G 395 11.78 41.13 6.90
N ALA G 396 11.56 41.66 5.70
CA ALA G 396 10.31 42.28 5.33
C ALA G 396 9.85 41.73 3.99
N ILE G 397 8.53 41.72 3.81
CA ILE G 397 7.87 41.09 2.67
C ILE G 397 7.08 42.16 1.93
N LEU G 398 7.36 42.29 0.64
CA LEU G 398 6.73 43.27 -0.25
C LEU G 398 5.84 42.54 -1.24
N LEU G 399 4.60 43.01 -1.39
CA LEU G 399 3.54 42.27 -2.08
C LEU G 399 2.90 43.11 -3.18
N ALA G 400 3.41 42.97 -4.41
CA ALA G 400 2.72 43.32 -5.64
C ALA G 400 2.59 44.81 -5.91
N ASP G 401 2.89 45.64 -4.92
CA ASP G 401 3.01 47.07 -5.16
C ASP G 401 4.21 47.71 -4.50
N LEU G 402 4.70 47.16 -3.39
CA LEU G 402 5.91 47.66 -2.75
C LEU G 402 7.17 47.05 -3.35
N VAL G 403 7.03 46.09 -4.26
CA VAL G 403 8.19 45.47 -4.86
C VAL G 403 8.96 46.50 -5.69
N ASP G 404 10.29 46.36 -5.72
CA ASP G 404 11.18 47.25 -6.44
C ASP G 404 11.04 48.70 -5.99
N SER G 405 10.42 48.93 -4.83
CA SER G 405 10.36 50.26 -4.24
C SER G 405 11.60 50.59 -3.42
N CYS G 406 12.54 49.65 -3.30
CA CYS G 406 13.77 49.87 -2.57
C CYS G 406 14.87 49.04 -3.21
N LYS G 407 16.11 49.45 -2.98
CA LYS G 407 17.28 48.75 -3.47
C LYS G 407 18.28 48.60 -2.33
N PRO G 408 19.19 47.64 -2.43
CA PRO G 408 20.21 47.48 -1.38
C PRO G 408 20.95 48.78 -1.13
N GLY G 409 21.06 49.14 0.14
CA GLY G 409 21.72 50.36 0.55
C GLY G 409 20.79 51.53 0.78
N ASP G 410 19.58 51.48 0.24
CA ASP G 410 18.63 52.57 0.44
C ASP G 410 18.21 52.66 1.89
N GLU G 411 18.13 53.90 2.39
CA GLU G 411 17.61 54.16 3.72
C GLU G 411 16.11 54.37 3.59
N ILE G 412 15.33 53.58 4.33
CA ILE G 412 13.89 53.58 4.18
C ILE G 412 13.22 53.62 5.55
N GLU G 413 11.96 54.00 5.54
CA GLU G 413 11.06 53.85 6.67
C GLU G 413 9.96 52.88 6.28
N LEU G 414 9.79 51.84 7.07
CA LEU G 414 8.93 50.71 6.75
C LEU G 414 7.81 50.64 7.77
N THR G 415 6.57 50.56 7.28
CA THR G 415 5.40 50.38 8.10
C THR G 415 4.74 49.06 7.73
N GLY G 416 4.50 48.22 8.71
CA GLY G 416 3.95 46.91 8.40
C GLY G 416 3.59 46.14 9.66
N ILE G 417 3.07 44.94 9.44
CA ILE G 417 2.60 44.08 10.51
C ILE G 417 3.76 43.23 11.01
N TYR G 418 4.01 43.25 12.30
CA TYR G 418 5.06 42.43 12.90
C TYR G 418 4.55 40.99 12.94
N HIS G 419 4.74 40.28 11.84
CA HIS G 419 4.19 38.95 11.68
C HIS G 419 4.95 37.95 12.55
N ASN G 420 4.26 36.89 12.96
CA ASN G 420 4.88 35.87 13.79
C ASN G 420 4.62 34.46 13.29
N ASN G 421 3.47 34.23 12.66
CA ASN G 421 2.93 32.88 12.45
C ASN G 421 2.74 32.61 10.97
N TYR G 422 3.79 32.12 10.30
CA TYR G 422 3.64 31.57 8.95
C TYR G 422 4.02 30.10 8.90
N ASP G 423 5.28 29.76 9.13
CA ASP G 423 5.70 28.37 9.29
C ASP G 423 6.89 28.20 10.22
N GLY G 424 7.39 29.27 10.83
CA GLY G 424 8.66 29.22 11.51
C GLY G 424 8.53 29.18 13.02
N SER G 425 8.79 28.01 13.60
CA SER G 425 8.79 27.84 15.05
C SER G 425 9.96 27.01 15.54
N LEU G 426 10.86 26.57 14.67
CA LEU G 426 11.96 25.70 15.06
C LEU G 426 11.45 24.46 15.77
N ASN G 427 10.50 23.77 15.12
CA ASN G 427 9.93 22.55 15.65
C ASN G 427 10.79 21.33 15.37
N THR G 428 11.91 21.49 14.67
CA THR G 428 12.77 20.38 14.31
C THR G 428 13.64 19.90 15.47
N ALA G 429 13.35 20.33 16.69
CA ALA G 429 14.12 19.98 17.88
C ALA G 429 15.56 20.50 17.82
N ASN G 430 15.86 21.37 16.85
CA ASN G 430 17.20 21.90 16.71
C ASN G 430 17.61 22.72 17.93
N GLY G 431 16.65 23.14 18.75
CA GLY G 431 16.96 23.91 19.92
C GLY G 431 15.71 24.39 20.64
N PHE G 432 15.73 25.64 21.07
CA PHE G 432 14.62 26.19 21.82
C PHE G 432 13.47 26.56 20.88
N PRO G 433 12.24 26.60 21.39
CA PRO G 433 11.08 26.89 20.52
C PRO G 433 10.89 28.38 20.29
N VAL G 434 11.75 28.96 19.48
CA VAL G 434 11.67 30.37 19.14
C VAL G 434 11.00 30.49 17.77
N PHE G 435 10.42 31.66 17.52
CA PHE G 435 9.70 31.94 16.29
C PHE G 435 10.47 32.96 15.47
N ALA G 436 10.70 32.64 14.20
CA ALA G 436 11.33 33.57 13.27
C ALA G 436 10.28 34.56 12.80
N THR G 437 10.42 35.82 13.21
CA THR G 437 9.43 36.84 12.90
C THR G 437 9.82 37.60 11.63
N VAL G 438 8.80 37.99 10.88
CA VAL G 438 8.96 38.75 9.66
C VAL G 438 7.99 39.93 9.71
N ILE G 439 8.23 40.92 8.86
CA ILE G 439 7.39 42.12 8.79
C ILE G 439 6.72 42.16 7.43
N LEU G 440 5.39 42.12 7.43
CA LEU G 440 4.62 42.28 6.19
C LEU G 440 4.54 43.76 5.87
N ALA G 441 5.40 44.23 4.96
CA ALA G 441 5.46 45.65 4.68
C ALA G 441 4.11 46.15 4.17
N ASN G 442 3.64 47.25 4.76
CA ASN G 442 2.42 47.89 4.32
C ASN G 442 2.65 49.24 3.65
N HIS G 443 3.78 49.89 3.92
CA HIS G 443 4.08 51.18 3.31
C HIS G 443 5.55 51.47 3.45
N VAL G 444 6.22 51.76 2.34
CA VAL G 444 7.65 52.02 2.31
C VAL G 444 7.86 53.47 1.88
N ALA G 445 8.68 54.20 2.63
CA ALA G 445 9.00 55.60 2.32
C ALA G 445 10.52 55.75 2.33
N LYS G 446 11.10 55.89 1.15
CA LYS G 446 12.54 56.12 1.06
C LYS G 446 12.89 57.50 1.63
N LYS G 447 14.12 57.63 2.10
CA LYS G 447 14.64 58.88 2.64
C LYS G 447 15.68 59.41 1.67
N ASP G 448 15.27 60.31 0.79
CA ASP G 448 16.19 60.93 -0.16
C ASP G 448 15.58 62.20 -0.73
N LEU G 456 13.33 64.20 -17.95
CA LEU G 456 13.40 64.77 -16.60
C LEU G 456 13.82 66.23 -16.67
N THR G 457 14.23 66.68 -17.85
CA THR G 457 14.73 68.04 -18.06
C THR G 457 13.77 68.76 -19.01
N ASP G 458 12.85 69.55 -18.45
CA ASP G 458 11.99 70.42 -19.25
C ASP G 458 12.25 71.89 -18.96
N GLU G 459 12.03 72.35 -17.73
CA GLU G 459 12.47 73.68 -17.35
C GLU G 459 13.97 73.71 -17.16
N ASP G 460 14.54 72.58 -16.75
CA ASP G 460 15.99 72.41 -16.78
C ASP G 460 16.52 72.75 -18.16
N VAL G 461 16.09 71.98 -19.18
CA VAL G 461 16.57 72.23 -20.54
C VAL G 461 16.23 73.63 -21.00
N LYS G 462 15.15 74.22 -20.46
CA LYS G 462 14.86 75.62 -20.77
C LYS G 462 16.00 76.53 -20.29
N MET G 463 16.48 76.31 -19.07
CA MET G 463 17.43 77.23 -18.46
C MET G 463 18.89 76.93 -18.79
N ILE G 464 19.22 75.67 -19.06
CA ILE G 464 20.62 75.33 -19.29
C ILE G 464 21.10 75.92 -20.60
N THR G 465 20.21 76.10 -21.57
CA THR G 465 20.60 76.79 -22.80
C THR G 465 20.99 78.23 -22.51
N SER G 466 20.21 78.92 -21.67
CA SER G 466 20.57 80.28 -21.28
C SER G 466 21.90 80.29 -20.53
N LEU G 467 22.12 79.32 -19.65
CA LEU G 467 23.39 79.24 -18.96
C LEU G 467 24.53 79.04 -19.96
N SER G 468 24.31 78.24 -20.98
CA SER G 468 25.34 78.04 -22.01
C SER G 468 25.63 79.35 -22.73
N LYS G 469 24.59 80.10 -23.09
CA LYS G 469 24.79 81.40 -23.73
C LYS G 469 25.40 82.43 -22.79
N ASP G 470 25.39 82.16 -21.48
CA ASP G 470 26.01 83.07 -20.52
C ASP G 470 27.39 83.53 -20.97
N GLN G 471 28.10 82.72 -21.74
CA GLN G 471 29.38 83.00 -22.37
C GLN G 471 30.55 82.89 -21.38
N GLN G 472 30.30 82.67 -20.09
CA GLN G 472 31.34 82.34 -19.13
C GLN G 472 31.08 80.98 -18.48
N ILE G 473 30.33 80.13 -19.18
CA ILE G 473 29.93 78.85 -18.61
C ILE G 473 31.13 77.96 -18.35
N GLY G 474 32.15 78.02 -19.22
CA GLY G 474 33.32 77.20 -18.99
C GLY G 474 34.01 77.51 -17.67
N GLU G 475 34.25 78.79 -17.42
CA GLU G 475 34.85 79.20 -16.15
C GLU G 475 33.92 78.89 -14.99
N LYS G 476 32.61 79.08 -15.18
CA LYS G 476 31.67 78.78 -14.11
C LYS G 476 31.74 77.31 -13.72
N ILE G 477 31.78 76.41 -14.71
CA ILE G 477 31.89 74.98 -14.40
C ILE G 477 33.23 74.68 -13.73
N PHE G 478 34.31 75.21 -14.29
CA PHE G 478 35.63 74.93 -13.74
C PHE G 478 35.74 75.37 -12.30
N ALA G 479 35.04 76.46 -11.93
CA ALA G 479 35.01 76.89 -10.54
C ALA G 479 34.00 76.11 -9.71
N SER G 480 32.98 75.54 -10.34
CA SER G 480 31.97 74.79 -9.61
C SER G 480 32.41 73.37 -9.28
N ILE G 481 33.44 72.86 -9.96
CA ILE G 481 33.92 71.53 -9.64
C ILE G 481 34.67 71.56 -8.31
N ALA G 482 34.33 70.64 -7.42
CA ALA G 482 34.98 70.47 -6.13
C ALA G 482 34.93 71.76 -5.33
N PRO G 483 33.74 72.21 -4.91
CA PRO G 483 33.66 73.43 -4.11
C PRO G 483 34.33 73.32 -2.77
N SER G 484 34.56 72.10 -2.28
CA SER G 484 35.20 71.89 -0.98
C SER G 484 36.71 71.75 -1.09
N ILE G 485 37.28 71.79 -2.29
CA ILE G 485 38.72 71.68 -2.49
C ILE G 485 39.24 73.05 -2.89
N TYR G 486 40.18 73.57 -2.11
CA TYR G 486 40.78 74.87 -2.39
C TYR G 486 41.83 74.75 -3.48
N GLY G 487 41.86 75.76 -4.36
CA GLY G 487 42.90 75.80 -5.37
C GLY G 487 42.77 74.66 -6.37
N HIS G 488 43.90 74.28 -6.95
CA HIS G 488 43.96 73.21 -7.94
C HIS G 488 43.05 73.51 -9.12
N GLU G 489 43.18 74.73 -9.65
CA GLU G 489 42.34 75.14 -10.78
C GLU G 489 42.62 74.28 -12.00
N ASP G 490 43.89 73.96 -12.25
CA ASP G 490 44.22 73.11 -13.40
C ASP G 490 43.59 71.73 -13.25
N ILE G 491 43.66 71.16 -12.04
CA ILE G 491 43.06 69.85 -11.82
C ILE G 491 41.56 69.92 -12.04
N LYS G 492 40.91 70.97 -11.51
CA LYS G 492 39.48 71.10 -11.68
C LYS G 492 39.10 71.25 -13.15
N ARG G 493 39.89 72.01 -13.91
CA ARG G 493 39.63 72.17 -15.34
C ARG G 493 39.76 70.84 -16.07
N GLY G 494 40.82 70.09 -15.77
CA GLY G 494 40.97 68.78 -16.38
C GLY G 494 39.82 67.86 -16.02
N LEU G 495 39.36 67.90 -14.77
CA LEU G 495 38.25 67.06 -14.36
C LEU G 495 36.95 67.46 -15.05
N ALA G 496 36.75 68.77 -15.28
CA ALA G 496 35.58 69.20 -16.03
C ALA G 496 35.63 68.66 -17.45
N LEU G 497 36.79 68.77 -18.10
CA LEU G 497 36.92 68.24 -19.45
C LEU G 497 36.66 66.74 -19.47
N ALA G 498 37.18 66.01 -18.48
CA ALA G 498 36.94 64.57 -18.41
C ALA G 498 35.47 64.27 -18.19
N LEU G 499 34.81 65.02 -17.31
CA LEU G 499 33.40 64.79 -17.02
C LEU G 499 32.56 64.96 -18.28
N PHE G 500 32.81 66.03 -19.04
CA PHE G 500 32.04 66.23 -20.26
C PHE G 500 32.48 65.31 -21.39
N GLY G 501 33.69 64.75 -21.33
CA GLY G 501 34.09 63.73 -22.26
C GLY G 501 34.31 64.27 -23.66
N GLY G 502 34.74 63.37 -24.54
CA GLY G 502 34.98 63.71 -25.93
C GLY G 502 33.92 63.14 -26.85
N GLU G 503 34.31 62.79 -28.06
CA GLU G 503 33.40 62.19 -29.03
C GLU G 503 34.03 60.92 -29.59
N PRO G 504 33.57 59.73 -29.20
CA PRO G 504 34.15 58.51 -29.76
C PRO G 504 33.85 58.40 -31.24
N LYS G 505 34.76 57.73 -31.96
CA LYS G 505 34.62 57.57 -33.40
C LYS G 505 35.34 56.31 -33.84
N ASN G 506 35.00 55.85 -35.02
CA ASN G 506 35.54 54.62 -35.56
C ASN G 506 35.46 54.65 -37.08
N PRO G 507 36.46 55.18 -37.78
CA PRO G 507 36.45 55.12 -39.24
C PRO G 507 36.16 53.72 -39.74
N GLY G 508 35.11 53.56 -40.53
CA GLY G 508 34.65 52.22 -40.86
C GLY G 508 34.29 51.48 -39.58
N GLY G 509 34.77 50.25 -39.46
CA GLY G 509 34.62 49.49 -38.24
C GLY G 509 35.94 48.90 -37.83
N LYS G 510 37.03 49.60 -38.13
CA LYS G 510 38.36 49.02 -38.07
C LYS G 510 39.41 49.92 -37.43
N HIS G 511 39.06 51.13 -37.02
CA HIS G 511 40.04 52.08 -36.47
C HIS G 511 39.48 52.75 -35.21
N LYS G 512 38.98 51.94 -34.29
CA LYS G 512 38.36 52.47 -33.08
C LYS G 512 39.27 53.48 -32.39
N VAL G 513 38.70 54.62 -32.02
CA VAL G 513 39.39 55.65 -31.25
C VAL G 513 38.45 56.09 -30.12
N ARG G 514 38.95 56.05 -28.89
CA ARG G 514 38.11 56.35 -27.74
C ARG G 514 37.76 57.83 -27.68
N GLY G 515 36.62 58.12 -27.07
CA GLY G 515 36.21 59.49 -26.83
C GLY G 515 36.27 59.85 -25.37
N ASP G 516 37.00 59.06 -24.59
CA ASP G 516 37.11 59.23 -23.15
C ASP G 516 38.41 59.93 -22.79
N ILE G 517 38.32 60.94 -21.94
CA ILE G 517 39.48 61.69 -21.49
C ILE G 517 39.92 61.10 -20.15
N ASN G 518 41.00 60.34 -20.17
CA ASN G 518 41.52 59.71 -18.97
C ASN G 518 42.42 60.68 -18.22
N VAL G 519 42.32 60.67 -16.89
CA VAL G 519 43.05 61.60 -16.04
C VAL G 519 43.81 60.81 -14.99
N LEU G 520 45.02 61.26 -14.68
CA LEU G 520 45.87 60.62 -13.67
C LEU G 520 46.47 61.71 -12.79
N LEU G 521 46.01 61.77 -11.54
CA LEU G 521 46.54 62.72 -10.57
C LEU G 521 47.64 62.03 -9.78
N CYS G 522 48.89 62.34 -10.10
CA CYS G 522 50.04 61.80 -9.36
C CYS G 522 50.55 62.90 -8.43
N GLY G 523 50.53 62.63 -7.13
CA GLY G 523 50.85 63.68 -6.17
C GLY G 523 51.31 63.12 -4.85
N ASP G 524 52.11 63.90 -4.15
CA ASP G 524 52.56 63.55 -2.82
C ASP G 524 51.40 63.65 -1.82
N PRO G 525 51.52 63.01 -0.66
CA PRO G 525 50.40 63.00 0.28
C PRO G 525 49.92 64.40 0.64
N GLY G 526 48.69 64.46 1.14
CA GLY G 526 48.07 65.72 1.54
C GLY G 526 47.80 66.67 0.38
N THR G 527 47.29 66.15 -0.74
CA THR G 527 46.98 66.98 -1.89
C THR G 527 45.56 66.77 -2.41
N ALA G 528 44.68 66.15 -1.62
CA ALA G 528 43.26 66.05 -1.92
C ALA G 528 42.96 65.25 -3.18
N LYS G 529 43.84 64.34 -3.59
CA LYS G 529 43.51 63.47 -4.72
C LYS G 529 42.31 62.59 -4.40
N SER G 530 42.27 62.05 -3.18
CA SER G 530 41.12 61.24 -2.78
C SER G 530 39.85 62.08 -2.75
N GLN G 531 39.95 63.33 -2.31
CA GLN G 531 38.76 64.19 -2.30
C GLN G 531 38.29 64.49 -3.71
N PHE G 532 39.22 64.70 -4.64
CA PHE G 532 38.82 64.89 -6.04
C PHE G 532 38.08 63.67 -6.56
N LEU G 533 38.63 62.48 -6.30
CA LEU G 533 37.98 61.27 -6.77
C LEU G 533 36.59 61.11 -6.14
N LYS G 534 36.47 61.41 -4.85
CA LYS G 534 35.19 61.27 -4.17
C LYS G 534 34.17 62.27 -4.70
N TYR G 535 34.61 63.50 -4.99
CA TYR G 535 33.69 64.46 -5.57
C TYR G 535 33.22 64.02 -6.95
N ILE G 536 34.13 63.48 -7.75
CA ILE G 536 33.73 62.98 -9.07
C ILE G 536 32.76 61.83 -8.93
N GLU G 537 32.96 60.98 -7.92
CA GLU G 537 32.01 59.93 -7.62
C GLU G 537 30.64 60.52 -7.31
N LYS G 538 30.60 61.55 -6.47
CA LYS G 538 29.34 62.14 -6.06
C LYS G 538 28.61 62.78 -7.23
N VAL G 539 29.34 63.49 -8.09
CA VAL G 539 28.71 64.24 -9.17
C VAL G 539 28.35 63.31 -10.32
N SER G 540 29.34 62.64 -10.90
CA SER G 540 29.12 61.88 -12.12
C SER G 540 28.10 60.78 -11.88
N SER G 541 27.27 60.54 -12.89
CA SER G 541 26.37 59.39 -12.91
C SER G 541 27.09 58.20 -13.50
N ARG G 542 26.85 57.01 -12.94
CA ARG G 542 27.59 55.81 -13.28
C ARG G 542 29.08 56.00 -12.94
N ALA G 543 29.33 56.42 -11.71
CA ALA G 543 30.68 56.61 -11.20
C ALA G 543 30.92 55.58 -10.11
N ILE G 544 31.97 54.78 -10.26
CA ILE G 544 32.26 53.70 -9.32
C ILE G 544 33.69 53.86 -8.82
N PHE G 545 33.85 53.78 -7.50
CA PHE G 545 35.12 54.02 -6.83
C PHE G 545 35.76 52.68 -6.47
N THR G 546 36.95 52.43 -7.02
CA THR G 546 37.73 51.24 -6.70
C THR G 546 39.12 51.68 -6.28
N THR G 547 39.79 50.82 -5.52
CA THR G 547 41.09 51.14 -4.96
C THR G 547 42.11 50.08 -5.37
N GLY G 548 43.37 50.51 -5.46
CA GLY G 548 44.44 49.58 -5.77
C GLY G 548 44.66 48.54 -4.70
N GLN G 549 44.21 48.80 -3.48
CA GLN G 549 44.28 47.83 -2.41
C GLN G 549 43.15 46.80 -2.58
N GLY G 550 42.99 45.93 -1.60
CA GLY G 550 41.93 44.92 -1.64
C GLY G 550 40.75 45.27 -0.76
N ALA G 551 40.63 46.53 -0.37
CA ALA G 551 39.61 46.99 0.58
C ALA G 551 38.48 47.73 -0.12
N SER G 552 38.11 47.32 -1.33
CA SER G 552 37.05 47.96 -2.10
C SER G 552 35.88 47.00 -2.30
N ALA G 553 34.69 47.58 -2.38
CA ALA G 553 33.50 46.78 -2.64
C ALA G 553 33.61 46.05 -3.97
N VAL G 554 34.12 46.73 -5.00
CA VAL G 554 34.32 46.14 -6.30
C VAL G 554 35.82 45.99 -6.56
N GLY G 555 36.16 45.26 -7.62
CA GLY G 555 37.52 45.06 -8.01
C GLY G 555 37.70 45.28 -9.50
N LEU G 556 38.96 45.50 -9.89
CA LEU G 556 39.24 45.79 -11.29
C LEU G 556 39.04 44.56 -12.17
N THR G 557 39.37 43.38 -11.65
CA THR G 557 39.33 42.16 -12.45
C THR G 557 38.00 41.45 -12.29
N ALA G 558 37.47 40.94 -13.40
CA ALA G 558 36.20 40.25 -13.41
C ALA G 558 36.41 38.77 -13.10
N TYR G 559 35.46 38.19 -12.38
CA TYR G 559 35.50 36.78 -12.02
C TYR G 559 34.08 36.22 -12.08
N VAL G 560 33.96 34.92 -11.85
CA VAL G 560 32.65 34.25 -11.83
C VAL G 560 32.60 33.39 -10.58
N GLN G 561 31.62 33.63 -9.72
CA GLN G 561 31.51 32.86 -8.48
C GLN G 561 30.10 33.01 -7.93
N ARG G 562 29.78 32.13 -6.99
CA ARG G 562 28.52 32.20 -6.28
C ARG G 562 28.56 33.35 -5.28
N HIS G 563 27.60 34.26 -5.38
CA HIS G 563 27.65 35.48 -4.59
C HIS G 563 27.52 35.15 -3.10
N PRO G 564 28.28 35.83 -2.23
CA PRO G 564 28.17 35.52 -0.79
C PRO G 564 26.77 35.68 -0.23
N VAL G 565 26.03 36.69 -0.69
CA VAL G 565 24.71 37.01 -0.13
C VAL G 565 23.63 36.32 -0.95
N SER G 566 23.60 36.61 -2.25
CA SER G 566 22.57 36.04 -3.11
C SER G 566 22.71 34.53 -3.24
N ARG G 567 23.85 33.96 -2.85
CA ARG G 567 24.09 32.53 -2.99
C ARG G 567 23.84 32.08 -4.43
N GLU G 568 24.05 32.99 -5.38
CA GLU G 568 23.68 32.76 -6.77
C GLU G 568 24.92 32.82 -7.64
N TRP G 569 25.06 31.83 -8.53
CA TRP G 569 26.20 31.77 -9.43
C TRP G 569 26.18 32.96 -10.37
N THR G 570 27.08 33.92 -10.14
CA THR G 570 27.05 35.20 -10.83
C THR G 570 28.39 35.49 -11.48
N LEU G 571 28.34 36.07 -12.68
CA LEU G 571 29.54 36.57 -13.37
C LEU G 571 29.79 37.99 -12.87
N GLU G 572 30.57 38.10 -11.80
CA GLU G 572 30.88 39.40 -11.22
C GLU G 572 31.88 40.11 -12.13
N ALA G 573 31.36 40.97 -13.00
CA ALA G 573 32.22 41.78 -13.85
C ALA G 573 32.91 42.84 -13.00
N GLY G 574 34.04 43.33 -13.51
CA GLY G 574 34.88 44.23 -12.73
C GLY G 574 34.32 45.63 -12.62
N ALA G 575 35.00 46.42 -11.79
CA ALA G 575 34.68 47.84 -11.68
C ALA G 575 34.97 48.60 -12.96
N LEU G 576 35.72 48.01 -13.89
CA LEU G 576 35.86 48.61 -15.21
C LEU G 576 34.60 48.41 -16.04
N VAL G 577 33.90 47.30 -15.85
CA VAL G 577 32.69 47.03 -16.61
C VAL G 577 31.45 47.62 -15.96
N LEU G 578 31.45 47.78 -14.64
CA LEU G 578 30.29 48.41 -13.99
C LEU G 578 30.18 49.89 -14.30
N ALA G 579 31.12 50.45 -15.05
CA ALA G 579 31.07 51.83 -15.53
C ALA G 579 31.25 51.86 -17.05
N ASP G 580 30.48 51.01 -17.74
CA ASP G 580 30.65 50.88 -19.19
C ASP G 580 30.55 52.23 -19.88
N ARG G 581 29.58 53.05 -19.49
CA ARG G 581 29.40 54.38 -20.06
C ARG G 581 29.51 55.44 -18.97
N GLY G 582 30.45 55.26 -18.05
CA GLY G 582 30.63 56.19 -16.95
C GLY G 582 32.08 56.40 -16.56
N VAL G 583 32.34 56.54 -15.27
CA VAL G 583 33.67 56.87 -14.78
C VAL G 583 34.10 55.86 -13.74
N CYS G 584 35.33 55.37 -13.87
CA CYS G 584 35.97 54.49 -12.91
C CYS G 584 37.03 55.29 -12.16
N LEU G 585 36.87 55.41 -10.85
CA LEU G 585 37.75 56.20 -10.00
C LEU G 585 38.70 55.25 -9.29
N ILE G 586 39.91 55.12 -9.82
CA ILE G 586 40.88 54.15 -9.34
C ILE G 586 41.85 54.88 -8.41
N ASP G 587 41.60 54.77 -7.11
CA ASP G 587 42.52 55.34 -6.14
C ASP G 587 43.72 54.40 -5.95
N GLU G 588 44.80 54.96 -5.41
CA GLU G 588 46.02 54.19 -5.17
C GLU G 588 46.43 53.43 -6.42
N PHE G 589 46.44 54.12 -7.56
CA PHE G 589 46.68 53.48 -8.84
C PHE G 589 48.06 52.85 -8.91
N ASP G 590 48.99 53.25 -8.04
CA ASP G 590 50.35 52.73 -8.07
C ASP G 590 50.53 51.45 -7.28
N LYS G 591 49.53 51.01 -6.53
CA LYS G 591 49.63 49.87 -5.64
C LYS G 591 48.71 48.74 -6.07
N MET G 592 48.69 48.44 -7.37
CA MET G 592 47.78 47.45 -7.92
C MET G 592 48.51 46.15 -8.20
N ASN G 593 47.78 45.04 -8.08
CA ASN G 593 48.34 43.72 -8.32
C ASN G 593 48.70 43.56 -9.79
N ASP G 594 49.38 42.45 -10.09
CA ASP G 594 49.69 42.14 -11.48
C ASP G 594 48.41 41.94 -12.30
N GLN G 595 47.46 41.21 -11.73
CA GLN G 595 46.21 40.99 -12.46
C GLN G 595 45.42 42.29 -12.61
N ASP G 596 45.42 43.14 -11.58
CA ASP G 596 44.75 44.43 -11.70
C ASP G 596 45.39 45.28 -12.77
N ARG G 597 46.72 45.31 -12.83
CA ARG G 597 47.41 46.09 -13.84
C ARG G 597 47.10 45.56 -15.24
N THR G 598 47.08 44.23 -15.40
CA THR G 598 46.74 43.66 -16.71
C THR G 598 45.30 44.00 -17.08
N SER G 599 44.38 43.93 -16.12
CA SER G 599 42.98 44.24 -16.39
C SER G 599 42.81 45.69 -16.82
N ILE G 600 43.48 46.61 -16.11
CA ILE G 600 43.37 48.02 -16.46
C ILE G 600 44.01 48.29 -17.81
N HIS G 601 45.12 47.61 -18.11
CA HIS G 601 45.72 47.74 -19.42
C HIS G 601 44.75 47.30 -20.51
N GLU G 602 44.11 46.14 -20.31
CA GLU G 602 43.16 45.64 -21.29
C GLU G 602 42.01 46.61 -21.48
N ALA G 603 41.46 47.12 -20.37
CA ALA G 603 40.33 48.04 -20.46
C ALA G 603 40.72 49.32 -21.18
N MET G 604 41.84 49.92 -20.78
CA MET G 604 42.23 51.20 -21.38
C MET G 604 42.57 51.05 -22.85
N GLU G 605 43.31 50.00 -23.22
CA GLU G 605 43.76 49.89 -24.60
C GLU G 605 42.68 49.35 -25.52
N GLN G 606 41.79 48.50 -25.01
CA GLN G 606 40.79 47.83 -25.83
C GLN G 606 39.37 48.25 -25.50
N GLN G 607 39.11 48.77 -24.30
CA GLN G 607 37.76 49.05 -23.82
C GLN G 607 36.92 47.77 -23.76
N SER G 608 37.56 46.61 -23.64
CA SER G 608 36.89 45.35 -23.50
C SER G 608 37.56 44.54 -22.40
N ILE G 609 36.81 43.61 -21.83
CA ILE G 609 37.30 42.69 -20.80
C ILE G 609 36.96 41.28 -21.24
N SER G 610 37.96 40.41 -21.28
CA SER G 610 37.81 39.05 -21.81
C SER G 610 37.87 38.07 -20.65
N ILE G 611 36.84 37.24 -20.52
CA ILE G 611 36.77 36.18 -19.52
C ILE G 611 36.85 34.85 -20.23
N SER G 612 37.68 33.96 -19.71
CA SER G 612 37.80 32.59 -20.20
C SER G 612 37.84 31.63 -19.01
N LYS G 613 36.89 31.78 -18.09
CA LYS G 613 37.12 31.34 -16.71
C LYS G 613 36.70 29.90 -16.42
N ALA G 614 35.39 29.64 -16.41
CA ALA G 614 34.90 28.29 -16.10
C ALA G 614 34.45 27.56 -17.34
N GLY G 615 33.43 28.08 -18.00
CA GLY G 615 33.10 27.74 -19.37
C GLY G 615 32.79 29.03 -20.10
N ILE G 616 32.82 30.13 -19.35
CA ILE G 616 32.49 31.45 -19.87
C ILE G 616 33.69 31.93 -20.68
N VAL G 617 33.53 31.93 -22.00
CA VAL G 617 34.47 32.56 -22.92
C VAL G 617 33.76 33.74 -23.57
N THR G 618 33.89 34.91 -22.98
CA THR G 618 33.15 36.10 -23.40
C THR G 618 34.09 37.30 -23.46
N SER G 619 33.64 38.32 -24.18
CA SER G 619 34.35 39.59 -24.28
C SER G 619 33.30 40.70 -24.15
N LEU G 620 33.26 41.33 -22.98
CA LEU G 620 32.23 42.32 -22.67
C LEU G 620 32.83 43.70 -22.57
N GLN G 621 32.09 44.70 -23.05
CA GLN G 621 32.63 46.04 -23.23
C GLN G 621 32.65 46.83 -21.92
N ALA G 622 33.75 47.55 -21.68
CA ALA G 622 33.94 48.46 -20.56
C ALA G 622 34.54 49.75 -21.14
N ARG G 623 33.66 50.67 -21.53
CA ARG G 623 34.08 51.94 -22.15
C ARG G 623 34.04 53.07 -21.13
N CYS G 624 34.76 52.89 -20.03
CA CYS G 624 34.75 53.84 -18.95
C CYS G 624 35.80 54.92 -19.18
N THR G 625 35.64 56.03 -18.47
CA THR G 625 36.66 57.06 -18.36
C THR G 625 37.39 56.83 -17.03
N VAL G 626 38.71 56.67 -17.10
CA VAL G 626 39.50 56.31 -15.94
C VAL G 626 40.06 57.58 -15.32
N ILE G 627 39.69 57.83 -14.07
CA ILE G 627 40.30 58.89 -13.28
C ILE G 627 41.05 58.19 -12.15
N ALA G 628 42.38 58.30 -12.18
CA ALA G 628 43.25 57.56 -11.29
C ALA G 628 43.99 58.50 -10.36
N ALA G 629 44.29 58.02 -9.16
CA ALA G 629 45.09 58.74 -8.19
C ALA G 629 46.31 57.89 -7.84
N ALA G 630 47.48 58.53 -7.79
CA ALA G 630 48.72 57.81 -7.55
C ALA G 630 49.67 58.67 -6.75
N ASN G 631 50.62 58.00 -6.09
CA ASN G 631 51.69 58.64 -5.36
C ASN G 631 53.03 58.37 -6.04
N PRO G 632 53.98 59.29 -5.95
CA PRO G 632 55.27 59.08 -6.61
C PRO G 632 56.17 58.16 -5.81
N ILE G 633 57.18 57.62 -6.49
CA ILE G 633 58.16 56.78 -5.82
C ILE G 633 58.79 57.56 -4.67
N GLY G 634 58.80 56.96 -3.49
CA GLY G 634 59.36 57.59 -2.32
C GLY G 634 58.44 58.53 -1.58
N GLY G 635 57.22 58.73 -2.08
CA GLY G 635 56.27 59.59 -1.39
C GLY G 635 56.53 61.06 -1.53
N ARG G 636 57.32 61.47 -2.51
CA ARG G 636 57.61 62.89 -2.74
C ARG G 636 58.01 63.07 -4.19
N TYR G 637 57.17 63.76 -4.96
CA TYR G 637 57.48 63.98 -6.37
C TYR G 637 58.76 64.80 -6.50
N ASP G 638 59.65 64.35 -7.38
CA ASP G 638 60.92 65.03 -7.61
C ASP G 638 60.99 65.49 -9.05
N PRO G 639 60.86 66.79 -9.34
CA PRO G 639 60.91 67.22 -10.74
C PRO G 639 62.24 66.94 -11.41
N SER G 640 63.30 66.70 -10.64
CA SER G 640 64.58 66.35 -11.24
C SER G 640 64.42 65.18 -12.22
N LEU G 641 63.61 64.19 -11.84
CA LEU G 641 63.32 63.05 -12.70
C LEU G 641 62.01 63.29 -13.46
N THR G 642 61.78 62.45 -14.47
CA THR G 642 60.59 62.60 -15.30
C THR G 642 59.39 61.93 -14.62
N PHE G 643 58.20 62.24 -15.15
CA PHE G 643 56.97 61.72 -14.57
C PHE G 643 56.92 60.19 -14.66
N SER G 644 57.39 59.64 -15.78
CA SER G 644 57.32 58.19 -15.96
C SER G 644 58.10 57.46 -14.88
N GLU G 645 59.30 57.93 -14.56
CA GLU G 645 60.11 57.31 -13.53
C GLU G 645 59.82 57.87 -12.14
N ASN G 646 58.90 58.83 -12.02
CA ASN G 646 58.43 59.28 -10.72
C ASN G 646 57.19 58.53 -10.25
N VAL G 647 56.36 58.08 -11.17
CA VAL G 647 55.02 57.62 -10.80
C VAL G 647 54.96 56.16 -10.32
N ASP G 648 55.92 55.32 -10.70
CA ASP G 648 55.88 53.89 -10.38
C ASP G 648 54.80 53.15 -11.18
N LEU G 649 54.73 53.45 -12.48
CA LEU G 649 53.78 52.78 -13.36
C LEU G 649 54.46 52.48 -14.69
N THR G 650 53.92 51.50 -15.40
CA THR G 650 54.48 51.12 -16.68
C THR G 650 54.18 52.18 -17.73
N GLU G 651 55.11 52.34 -18.68
CA GLU G 651 54.91 53.33 -19.74
C GLU G 651 53.66 53.06 -20.56
N PRO G 652 53.36 51.81 -20.97
CA PRO G 652 52.07 51.58 -21.65
C PRO G 652 50.88 52.02 -20.82
N ILE G 653 50.91 51.82 -19.51
CA ILE G 653 49.81 52.25 -18.65
C ILE G 653 49.72 53.76 -18.66
N ILE G 654 50.85 54.46 -18.55
CA ILE G 654 50.84 55.92 -18.51
C ILE G 654 50.34 56.48 -19.82
N SER G 655 50.73 55.87 -20.95
CA SER G 655 50.44 56.45 -22.25
C SER G 655 48.94 56.64 -22.47
N ARG G 656 48.12 55.75 -21.92
CA ARG G 656 46.68 55.79 -22.17
C ARG G 656 45.96 56.86 -21.37
N PHE G 657 46.68 57.80 -20.78
CA PHE G 657 46.09 58.89 -20.01
C PHE G 657 46.21 60.19 -20.80
N ASP G 658 45.08 60.88 -20.96
CA ASP G 658 45.08 62.14 -21.70
C ASP G 658 45.63 63.28 -20.85
N ILE G 659 45.33 63.31 -19.56
CA ILE G 659 45.76 64.37 -18.66
C ILE G 659 46.56 63.74 -17.53
N LEU G 660 47.72 64.31 -17.24
CA LEU G 660 48.61 63.85 -16.18
C LEU G 660 48.86 65.03 -15.24
N CYS G 661 48.11 65.08 -14.15
CA CYS G 661 48.19 66.19 -13.21
C CYS G 661 49.24 65.88 -12.17
N VAL G 662 50.36 66.60 -12.21
CA VAL G 662 51.42 66.48 -11.21
C VAL G 662 51.04 67.39 -10.05
N VAL G 663 50.47 66.81 -9.01
CA VAL G 663 50.00 67.59 -7.85
C VAL G 663 51.18 67.68 -6.89
N ARG G 664 52.04 68.65 -7.15
CA ARG G 664 53.18 68.89 -6.28
C ARG G 664 52.77 69.69 -5.05
N ASP G 665 53.43 69.42 -3.94
CA ASP G 665 53.22 70.15 -2.70
C ASP G 665 54.48 70.92 -2.35
N THR G 666 54.34 72.21 -2.10
CA THR G 666 55.44 73.08 -1.73
C THR G 666 55.01 73.96 -0.57
N VAL G 667 55.99 74.38 0.23
CA VAL G 667 55.71 75.21 1.39
C VAL G 667 55.59 76.66 0.94
N ASP G 668 54.39 77.05 0.51
CA ASP G 668 54.14 78.40 0.02
C ASP G 668 53.32 79.16 1.04
N PRO G 669 53.87 80.20 1.68
CA PRO G 669 53.16 80.87 2.78
C PRO G 669 51.69 81.16 2.52
N VAL G 670 51.38 81.87 1.44
CA VAL G 670 50.01 82.30 1.17
C VAL G 670 49.11 81.09 0.95
N GLN G 671 49.58 80.12 0.18
CA GLN G 671 48.77 78.93 -0.10
C GLN G 671 48.48 78.17 1.19
N ASP G 672 49.50 78.01 2.04
CA ASP G 672 49.28 77.32 3.31
C ASP G 672 48.27 78.07 4.17
N GLU G 673 48.40 79.39 4.24
CA GLU G 673 47.47 80.17 5.07
C GLU G 673 46.04 80.02 4.56
N MET G 674 45.85 80.14 3.24
CA MET G 674 44.50 80.03 2.69
C MET G 674 43.93 78.64 2.88
N LEU G 675 44.74 77.60 2.65
CA LEU G 675 44.25 76.23 2.83
C LEU G 675 43.88 75.97 4.29
N ALA G 676 44.69 76.47 5.22
CA ALA G 676 44.36 76.32 6.63
C ALA G 676 43.06 77.03 6.95
N ARG G 677 42.87 78.24 6.41
CA ARG G 677 41.61 78.95 6.60
C ARG G 677 40.45 78.11 6.11
N PHE G 678 40.56 77.55 4.91
CA PHE G 678 39.48 76.75 4.35
C PHE G 678 39.17 75.56 5.23
N VAL G 679 40.19 74.82 5.66
CA VAL G 679 39.97 73.61 6.44
C VAL G 679 39.34 73.94 7.78
N VAL G 680 39.88 74.94 8.47
CA VAL G 680 39.36 75.29 9.79
C VAL G 680 37.93 75.81 9.67
N GLY G 681 37.64 76.57 8.62
CA GLY G 681 36.28 77.04 8.41
C GLY G 681 35.32 75.90 8.17
N SER G 682 35.73 74.92 7.36
CA SER G 682 34.88 73.76 7.14
C SER G 682 34.61 73.04 8.44
N HIS G 683 35.64 72.84 9.27
CA HIS G 683 35.44 72.21 10.57
C HIS G 683 34.47 73.02 11.41
N VAL G 684 34.66 74.33 11.46
CA VAL G 684 33.82 75.18 12.32
C VAL G 684 32.37 75.08 11.89
N ARG G 685 32.10 75.19 10.59
CA ARG G 685 30.73 75.20 10.13
C ARG G 685 30.09 73.81 10.16
N HIS G 686 30.89 72.75 10.12
CA HIS G 686 30.37 71.39 10.18
C HIS G 686 30.41 70.81 11.59
N HIS G 687 30.79 71.61 12.58
CA HIS G 687 30.74 71.15 13.96
C HIS G 687 29.34 70.62 14.27
N PRO G 688 29.20 69.47 14.92
CA PRO G 688 27.87 68.84 15.03
C PRO G 688 26.83 69.71 15.71
N SER G 689 27.25 70.60 16.62
CA SER G 689 26.31 71.47 17.32
C SER G 689 25.86 72.61 16.41
N ASN G 690 25.24 72.22 15.29
CA ASN G 690 24.74 73.19 14.31
C ASN G 690 23.61 72.57 13.50
N GLY G 711 36.53 84.70 -11.44
CA GLY G 711 35.75 85.11 -10.29
C GLY G 711 34.25 85.15 -10.59
N VAL G 712 33.63 83.96 -10.64
CA VAL G 712 32.22 83.84 -10.91
C VAL G 712 31.60 82.91 -9.86
N GLU G 713 30.32 83.08 -9.64
CA GLU G 713 29.62 82.26 -8.65
C GLU G 713 29.48 80.83 -9.16
N PRO G 714 29.83 79.83 -8.37
CA PRO G 714 29.67 78.44 -8.82
C PRO G 714 28.22 78.09 -9.09
N LEU G 715 28.01 77.22 -10.07
CA LEU G 715 26.69 76.68 -10.32
C LEU G 715 26.28 75.75 -9.18
N PRO G 716 24.99 75.67 -8.87
CA PRO G 716 24.54 74.64 -7.93
C PRO G 716 24.78 73.25 -8.48
N GLN G 717 25.04 72.31 -7.57
CA GLN G 717 25.51 70.99 -7.98
C GLN G 717 24.49 70.26 -8.83
N GLU G 718 23.20 70.33 -8.46
CA GLU G 718 22.17 69.66 -9.25
C GLU G 718 22.07 70.26 -10.65
N VAL G 719 22.16 71.58 -10.76
CA VAL G 719 22.16 72.21 -12.08
C VAL G 719 23.36 71.75 -12.89
N LEU G 720 24.52 71.64 -12.24
CA LEU G 720 25.70 71.14 -12.94
C LEU G 720 25.47 69.72 -13.43
N LYS G 721 24.87 68.87 -12.61
CA LYS G 721 24.58 67.50 -13.02
C LYS G 721 23.69 67.49 -14.25
N LYS G 722 22.59 68.23 -14.21
CA LYS G 722 21.66 68.25 -15.35
C LYS G 722 22.32 68.83 -16.58
N TYR G 723 23.14 69.87 -16.40
CA TYR G 723 23.91 70.42 -17.51
C TYR G 723 24.77 69.34 -18.15
N ILE G 724 25.44 68.54 -17.33
CA ILE G 724 26.27 67.46 -17.84
C ILE G 724 25.41 66.46 -18.61
N ILE G 725 24.25 66.11 -18.05
CA ILE G 725 23.38 65.15 -18.73
C ILE G 725 23.02 65.65 -20.12
N TYR G 726 22.57 66.90 -20.21
CA TYR G 726 22.15 67.45 -21.49
C TYR G 726 23.32 67.53 -22.46
N ALA G 727 24.47 68.03 -21.98
CA ALA G 727 25.62 68.20 -22.85
C ALA G 727 26.10 66.86 -23.40
N LYS G 728 26.09 65.82 -22.57
CA LYS G 728 26.52 64.51 -23.03
C LYS G 728 25.49 63.86 -23.93
N GLU G 729 24.21 64.15 -23.74
CA GLU G 729 23.17 63.44 -24.46
C GLU G 729 22.85 64.04 -25.82
N ARG G 730 22.92 65.37 -25.97
CA ARG G 730 22.43 66.01 -27.19
C ARG G 730 23.53 66.60 -28.04
N VAL G 731 24.35 67.50 -27.50
CA VAL G 731 25.34 68.18 -28.33
C VAL G 731 26.47 67.21 -28.67
N HIS G 732 26.84 67.17 -29.94
CA HIS G 732 27.91 66.30 -30.45
C HIS G 732 28.84 67.15 -31.30
N PRO G 733 29.86 67.77 -30.70
CA PRO G 733 30.72 68.68 -31.46
C PRO G 733 31.38 68.00 -32.66
N LYS G 734 31.54 68.77 -33.73
CA LYS G 734 32.16 68.32 -34.96
C LYS G 734 33.41 69.15 -35.23
N LEU G 735 34.34 68.55 -35.98
CA LEU G 735 35.69 69.10 -36.15
C LEU G 735 35.91 69.71 -37.53
N ASN G 736 34.84 70.05 -38.25
CA ASN G 736 35.00 70.56 -39.60
C ASN G 736 35.85 71.83 -39.62
N GLN G 737 35.67 72.70 -38.63
CA GLN G 737 36.36 73.99 -38.57
C GLN G 737 37.41 73.94 -37.46
N MET G 738 38.60 73.46 -37.80
CA MET G 738 39.77 73.51 -36.92
C MET G 738 40.99 73.74 -37.78
N ASP G 739 41.88 74.62 -37.32
CA ASP G 739 43.04 74.98 -38.14
C ASP G 739 44.03 73.83 -38.22
N GLN G 740 43.88 72.99 -39.25
CA GLN G 740 44.81 71.90 -39.45
C GLN G 740 46.23 72.42 -39.59
N ASP G 741 46.39 73.53 -40.31
CA ASP G 741 47.73 74.09 -40.50
C ASP G 741 48.35 74.48 -39.17
N LYS G 742 47.59 75.21 -38.34
CA LYS G 742 48.13 75.67 -37.06
C LYS G 742 48.47 74.49 -36.16
N VAL G 743 47.58 73.51 -36.07
CA VAL G 743 47.81 72.39 -35.18
C VAL G 743 48.99 71.54 -35.66
N ALA G 744 49.09 71.33 -36.98
CA ALA G 744 50.21 70.57 -37.51
C ALA G 744 51.53 71.30 -37.26
N LYS G 745 51.54 72.63 -37.44
CA LYS G 745 52.74 73.39 -37.14
C LYS G 745 53.12 73.26 -35.67
N MET G 746 52.12 73.35 -34.79
CA MET G 746 52.39 73.17 -33.36
C MET G 746 52.98 71.79 -33.09
N TYR G 747 52.41 70.75 -33.71
CA TYR G 747 52.90 69.39 -33.48
C TYR G 747 54.34 69.24 -33.96
N SER G 748 54.64 69.77 -35.14
CA SER G 748 56.00 69.68 -35.67
C SER G 748 56.98 70.45 -34.78
N ASP G 749 56.60 71.65 -34.33
CA ASP G 749 57.45 72.42 -33.46
C ASP G 749 57.68 71.71 -32.13
N LEU G 750 56.63 71.10 -31.59
CA LEU G 750 56.78 70.35 -30.34
C LEU G 750 57.73 69.18 -30.52
N ARG G 751 57.63 68.47 -31.64
CA ARG G 751 58.56 67.38 -31.90
C ARG G 751 59.99 67.87 -31.99
N LYS G 752 60.20 68.95 -32.75
CA LYS G 752 61.53 69.51 -32.89
C LYS G 752 62.11 69.89 -31.54
N GLU G 753 61.33 70.57 -30.71
CA GLU G 753 61.81 70.95 -29.38
C GLU G 753 61.99 69.72 -28.49
N SER G 754 61.22 68.66 -28.72
CA SER G 754 61.34 67.47 -27.90
C SER G 754 62.68 66.80 -28.11
N MET G 755 63.10 66.65 -29.36
CA MET G 755 64.41 66.03 -29.60
C MET G 755 65.56 67.05 -29.65
N ALA G 756 65.27 68.35 -29.55
CA ALA G 756 66.34 69.31 -29.32
C ALA G 756 66.94 69.13 -27.94
N THR G 757 66.20 68.57 -27.00
CA THR G 757 66.67 68.22 -25.68
C THR G 757 66.41 66.74 -25.43
N GLY G 758 66.98 66.23 -24.34
CA GLY G 758 66.80 64.84 -23.98
C GLY G 758 65.52 64.61 -23.19
N SER G 759 64.38 64.61 -23.86
CA SER G 759 63.07 64.51 -23.22
C SER G 759 62.20 63.50 -23.96
N ILE G 760 61.02 63.26 -23.39
CA ILE G 760 60.05 62.34 -23.98
C ILE G 760 59.44 62.99 -25.21
N PRO G 761 59.49 62.36 -26.39
CA PRO G 761 58.91 62.99 -27.57
C PRO G 761 57.40 63.05 -27.52
N ILE G 762 56.85 64.02 -28.23
CA ILE G 762 55.41 64.12 -28.43
C ILE G 762 55.02 63.15 -29.56
N THR G 763 53.79 62.66 -29.50
CA THR G 763 53.33 61.65 -30.45
C THR G 763 51.91 61.95 -30.88
N VAL G 764 51.50 61.31 -31.98
CA VAL G 764 50.14 61.46 -32.50
C VAL G 764 49.11 61.21 -31.40
N ARG G 765 49.49 60.43 -30.39
CA ARG G 765 48.61 60.23 -29.25
C ARG G 765 48.25 61.56 -28.61
N HIS G 766 49.22 62.48 -28.52
CA HIS G 766 48.97 63.77 -27.89
C HIS G 766 48.03 64.63 -28.74
N ILE G 767 48.19 64.62 -30.06
CA ILE G 767 47.29 65.42 -30.88
C ILE G 767 45.88 64.84 -30.84
N GLU G 768 45.76 63.51 -30.79
CA GLU G 768 44.43 62.92 -30.66
C GLU G 768 43.79 63.28 -29.31
N SER G 769 44.58 63.27 -28.23
CA SER G 769 44.05 63.69 -26.94
C SER G 769 43.64 65.15 -26.97
N MET G 770 44.41 65.99 -27.67
CA MET G 770 44.03 67.39 -27.83
C MET G 770 42.72 67.52 -28.59
N ILE G 771 42.53 66.69 -29.61
CA ILE G 771 41.25 66.68 -30.33
C ILE G 771 40.12 66.32 -29.38
N ARG G 772 40.34 65.30 -28.55
CA ARG G 772 39.31 64.91 -27.59
C ARG G 772 38.98 66.05 -26.65
N MET G 773 40.00 66.75 -26.14
CA MET G 773 39.75 67.84 -25.21
C MET G 773 39.08 69.02 -25.89
N ALA G 774 39.41 69.28 -27.15
CA ALA G 774 38.70 70.32 -27.90
C ALA G 774 37.23 69.97 -28.05
N GLU G 775 36.94 68.71 -28.38
CA GLU G 775 35.54 68.27 -28.43
C GLU G 775 34.87 68.42 -27.07
N ALA G 776 35.60 68.14 -26.00
CA ALA G 776 35.04 68.27 -24.66
C ALA G 776 34.70 69.72 -24.35
N HIS G 777 35.58 70.65 -24.72
CA HIS G 777 35.30 72.06 -24.48
C HIS G 777 34.11 72.53 -25.33
N ALA G 778 34.05 72.08 -26.58
CA ALA G 778 32.89 72.40 -27.41
C ALA G 778 31.61 71.88 -26.80
N ARG G 779 31.67 70.68 -26.21
CA ARG G 779 30.49 70.13 -25.53
C ARG G 779 30.16 70.95 -24.28
N ILE G 780 31.18 71.41 -23.57
CA ILE G 780 30.93 72.25 -22.39
C ILE G 780 30.14 73.49 -22.80
N HIS G 781 30.52 74.11 -23.90
CA HIS G 781 29.85 75.32 -24.37
C HIS G 781 28.70 75.03 -25.31
N LEU G 782 28.34 73.76 -25.51
CA LEU G 782 27.21 73.36 -26.34
C LEU G 782 27.32 73.88 -27.76
N ARG G 783 28.54 74.15 -28.23
CA ARG G 783 28.70 74.83 -29.50
C ARG G 783 28.20 73.99 -30.66
N ASP G 784 28.39 72.68 -30.60
CA ASP G 784 28.17 71.74 -31.71
C ASP G 784 29.26 71.87 -32.77
N TYR G 785 30.21 72.78 -32.59
CA TYR G 785 31.36 72.91 -33.47
C TYR G 785 32.52 73.42 -32.66
N VAL G 786 33.70 72.82 -32.84
CA VAL G 786 34.87 73.25 -32.10
C VAL G 786 35.35 74.57 -32.68
N ILE G 787 35.43 75.59 -31.84
CA ILE G 787 35.84 76.92 -32.25
C ILE G 787 37.32 77.10 -31.89
N GLU G 788 37.96 78.07 -32.53
CA GLU G 788 39.39 78.26 -32.35
C GLU G 788 39.76 78.44 -30.89
N ASP G 789 38.88 79.07 -30.10
CA ASP G 789 39.14 79.18 -28.67
C ASP G 789 39.12 77.81 -28.00
N ASP G 790 38.19 76.94 -28.41
CA ASP G 790 38.16 75.59 -27.87
C ASP G 790 39.46 74.85 -28.22
N VAL G 791 39.89 74.97 -29.47
CA VAL G 791 41.13 74.31 -29.89
C VAL G 791 42.30 74.84 -29.09
N ASN G 792 42.35 76.15 -28.86
CA ASN G 792 43.44 76.74 -28.09
C ASN G 792 43.43 76.25 -26.65
N MET G 793 42.25 76.14 -26.04
CA MET G 793 42.18 75.65 -24.67
C MET G 793 42.61 74.18 -24.59
N ALA G 794 42.18 73.37 -25.55
CA ALA G 794 42.63 71.98 -25.57
C ALA G 794 44.14 71.90 -25.74
N ILE G 795 44.70 72.74 -26.61
CA ILE G 795 46.15 72.79 -26.78
C ILE G 795 46.82 73.20 -25.49
N ARG G 796 46.25 74.16 -24.78
CA ARG G 796 46.85 74.60 -23.52
C ARG G 796 46.88 73.46 -22.52
N VAL G 797 45.79 72.71 -22.41
CA VAL G 797 45.76 71.58 -21.47
C VAL G 797 46.80 70.54 -21.87
N MET G 798 46.80 70.17 -23.16
CA MET G 798 47.72 69.13 -23.62
C MET G 798 49.17 69.56 -23.40
N LEU G 799 49.50 70.79 -23.74
CA LEU G 799 50.83 71.32 -23.51
C LEU G 799 51.15 71.23 -22.02
N GLU G 800 50.42 71.99 -21.19
CA GLU G 800 50.69 71.98 -19.76
C GLU G 800 51.00 70.57 -19.25
N SER G 801 50.17 69.59 -19.63
CA SER G 801 50.40 68.22 -19.19
C SER G 801 51.74 67.68 -19.70
N PHE G 802 51.98 67.78 -21.01
CA PHE G 802 53.19 67.23 -21.60
C PHE G 802 54.44 67.90 -21.04
N ILE G 803 54.35 69.21 -20.78
CA ILE G 803 55.46 69.95 -20.21
C ILE G 803 55.73 69.47 -18.79
N ASP G 804 54.68 69.34 -17.97
CA ASP G 804 54.88 68.89 -16.60
C ASP G 804 55.43 67.47 -16.56
N THR G 805 55.14 66.66 -17.59
CA THR G 805 55.70 65.31 -17.62
C THR G 805 57.21 65.31 -17.82
N GLN G 806 57.81 66.43 -18.19
CA GLN G 806 59.24 66.49 -18.47
C GLN G 806 60.03 66.81 -17.22
N LYS G 807 61.34 66.54 -17.29
CA LYS G 807 62.25 66.93 -16.21
C LYS G 807 62.42 68.44 -16.19
N PHE G 808 62.91 68.96 -15.06
CA PHE G 808 63.05 70.39 -14.89
C PHE G 808 63.86 70.99 -16.03
N SER G 809 65.01 70.39 -16.34
CA SER G 809 65.89 70.95 -17.37
C SER G 809 65.13 71.18 -18.68
N VAL G 810 64.35 70.19 -19.10
CA VAL G 810 63.57 70.34 -20.33
C VAL G 810 62.21 70.97 -20.05
N MET G 811 61.67 70.81 -18.84
CA MET G 811 60.37 71.40 -18.53
C MET G 811 60.43 72.92 -18.68
N ARG G 812 61.41 73.55 -18.04
CA ARG G 812 61.50 75.00 -18.12
C ARG G 812 61.81 75.46 -19.54
N SER G 813 62.68 74.73 -20.24
CA SER G 813 63.01 75.10 -21.61
C SER G 813 61.77 75.07 -22.50
N MET G 814 60.98 74.00 -22.41
CA MET G 814 59.76 73.92 -23.22
C MET G 814 58.76 74.96 -22.81
N ARG G 815 58.64 75.24 -21.50
CA ARG G 815 57.72 76.28 -21.05
C ARG G 815 58.09 77.62 -21.67
N LYS G 816 59.38 77.97 -21.65
CA LYS G 816 59.81 79.23 -22.24
C LYS G 816 59.59 79.24 -23.75
N THR G 817 59.89 78.12 -24.43
CA THR G 817 59.75 78.09 -25.88
C THR G 817 58.28 78.22 -26.30
N PHE G 818 57.37 77.55 -25.60
CA PHE G 818 55.96 77.49 -25.99
C PHE G 818 55.08 78.31 -25.05
N ALA G 819 55.65 79.34 -24.39
CA ALA G 819 54.83 80.20 -23.55
C ALA G 819 53.66 80.82 -24.31
N ARG G 820 53.78 80.94 -25.63
CA ARG G 820 52.67 81.44 -26.43
C ARG G 820 51.41 80.62 -26.20
N TYR G 821 51.52 79.30 -26.35
CA TYR G 821 50.36 78.44 -26.15
C TYR G 821 49.94 78.40 -24.68
N LEU G 822 50.91 78.29 -23.77
CA LEU G 822 50.59 78.15 -22.36
C LEU G 822 49.91 79.40 -21.80
N SER G 823 50.16 80.57 -22.40
CA SER G 823 49.61 81.82 -21.91
C SER G 823 48.19 82.08 -22.42
N PHE G 824 47.65 81.22 -23.28
CA PHE G 824 46.33 81.46 -23.83
C PHE G 824 45.28 81.46 -22.73
N ARG G 825 44.28 82.32 -22.89
CA ARG G 825 43.20 82.47 -21.92
C ARG G 825 43.73 82.80 -20.53
N ARG G 826 44.87 83.49 -20.48
CA ARG G 826 45.43 84.02 -19.25
C ARG G 826 45.32 85.54 -19.28
N ASP G 827 44.68 86.11 -18.26
CA ASP G 827 44.43 87.55 -18.24
C ASP G 827 45.68 88.38 -18.03
N ASN G 828 46.86 87.76 -17.95
CA ASN G 828 48.15 88.40 -17.74
C ASN G 828 48.34 88.87 -16.31
N ASN G 829 47.39 88.60 -15.41
CA ASN G 829 47.58 88.85 -13.99
C ASN G 829 48.11 87.62 -13.27
N GLU G 830 47.62 86.43 -13.65
CA GLU G 830 48.11 85.21 -13.03
C GLU G 830 49.58 84.98 -13.34
N LEU G 831 50.00 85.29 -14.57
CA LEU G 831 51.41 85.14 -14.93
C LEU G 831 52.28 86.05 -14.06
N LEU G 832 51.89 87.30 -13.91
CA LEU G 832 52.66 88.23 -13.09
C LEU G 832 52.66 87.80 -11.63
N LEU G 833 51.53 87.31 -11.13
CA LEU G 833 51.46 86.86 -9.75
C LEU G 833 52.38 85.66 -9.53
N PHE G 834 52.41 84.73 -10.49
CA PHE G 834 53.32 83.58 -10.38
C PHE G 834 54.78 84.01 -10.43
N ILE G 835 55.10 84.98 -11.29
CA ILE G 835 56.48 85.47 -11.36
C ILE G 835 56.88 86.11 -10.03
N LEU G 836 55.99 86.94 -9.47
CA LEU G 836 56.25 87.55 -8.18
C LEU G 836 56.41 86.48 -7.11
N LYS G 837 55.58 85.45 -7.15
CA LYS G 837 55.64 84.37 -6.16
C LYS G 837 56.97 83.64 -6.24
N GLN G 838 57.44 83.34 -7.45
CA GLN G 838 58.72 82.65 -7.57
C GLN G 838 59.87 83.54 -7.11
N LEU G 839 59.80 84.85 -7.42
CA LEU G 839 60.84 85.76 -6.95
C LEU G 839 60.89 85.80 -5.42
N VAL G 840 59.73 85.94 -4.78
CA VAL G 840 59.70 86.01 -3.34
C VAL G 840 60.08 84.68 -2.72
N ALA G 841 59.77 83.57 -3.38
CA ALA G 841 60.20 82.25 -2.89
C ALA G 841 61.72 82.13 -2.96
N GLU G 842 62.33 82.60 -4.04
CA GLU G 842 63.79 82.62 -4.10
C GLU G 842 64.35 83.46 -2.97
N GLN G 843 63.76 84.63 -2.72
CA GLN G 843 64.26 85.49 -1.66
C GLN G 843 64.12 84.83 -0.30
N VAL G 844 62.99 84.17 -0.04
CA VAL G 844 62.74 83.59 1.28
C VAL G 844 63.65 82.38 1.50
N THR G 845 63.88 81.58 0.45
CA THR G 845 64.82 80.46 0.62
C THR G 845 66.24 80.97 0.80
N TYR G 846 66.59 82.10 0.18
CA TYR G 846 67.88 82.72 0.45
C TYR G 846 67.99 83.14 1.91
N GLN G 847 66.94 83.80 2.43
CA GLN G 847 66.98 84.35 3.78
C GLN G 847 66.99 83.24 4.83
N ARG G 848 66.11 82.25 4.68
CA ARG G 848 66.00 81.20 5.70
C ARG G 848 67.33 80.49 5.91
N ASN G 849 68.19 80.46 4.88
CA ASN G 849 69.48 79.80 4.97
C ASN G 849 70.58 80.76 5.41
N ARG G 850 70.63 81.98 4.87
CA ARG G 850 71.67 82.91 5.27
C ARG G 850 71.53 83.30 6.73
N PHE G 851 70.30 83.48 7.21
CA PHE G 851 70.06 83.87 8.59
C PHE G 851 69.42 82.71 9.37
N VAL G 860 60.48 92.26 -2.80
CA VAL G 860 61.54 92.26 -3.81
C VAL G 860 61.52 93.58 -4.57
N PRO G 861 62.62 93.91 -5.25
CA PRO G 861 62.68 95.19 -5.98
C PRO G 861 61.71 95.22 -7.15
N GLU G 862 61.28 96.43 -7.50
CA GLU G 862 60.44 96.61 -8.67
C GLU G 862 61.20 96.25 -9.94
N LYS G 863 62.53 96.37 -9.92
CA LYS G 863 63.32 96.15 -11.12
C LYS G 863 63.19 94.72 -11.61
N ASP G 864 63.27 93.75 -10.70
CA ASP G 864 63.16 92.34 -11.10
C ASP G 864 61.79 92.05 -11.69
N LEU G 865 60.74 92.57 -11.06
CA LEU G 865 59.39 92.34 -11.57
C LEU G 865 59.21 92.93 -12.96
N VAL G 866 59.70 94.16 -13.17
CA VAL G 866 59.54 94.79 -14.48
C VAL G 866 60.38 94.04 -15.53
N ASP G 867 61.57 93.57 -15.15
CA ASP G 867 62.39 92.83 -16.09
C ASP G 867 61.71 91.53 -16.51
N LYS G 868 61.15 90.80 -15.54
CA LYS G 868 60.46 89.56 -15.87
C LYS G 868 59.20 89.84 -16.69
N ALA G 869 58.51 90.94 -16.41
CA ALA G 869 57.36 91.30 -17.22
C ALA G 869 57.77 91.58 -18.66
N ARG G 870 58.90 92.27 -18.84
CA ARG G 870 59.42 92.48 -20.20
C ARG G 870 59.75 91.14 -20.86
N GLN G 871 60.36 90.22 -20.12
CA GLN G 871 60.66 88.89 -20.64
C GLN G 871 59.42 88.23 -21.21
N HIS G 875 54.73 95.23 -19.21
CA HIS G 875 54.89 96.67 -19.33
C HIS G 875 53.92 97.41 -18.40
N ASN G 876 52.77 96.79 -18.14
CA ASN G 876 51.73 97.38 -17.30
C ASN G 876 51.70 96.62 -15.97
N LEU G 877 52.10 97.30 -14.90
CA LEU G 877 52.03 96.74 -13.56
C LEU G 877 51.02 97.44 -12.67
N SER G 878 50.43 98.55 -13.13
CA SER G 878 49.43 99.24 -12.32
C SER G 878 48.21 98.35 -12.09
N ALA G 879 47.76 97.63 -13.12
CA ALA G 879 46.63 96.73 -12.96
C ALA G 879 46.94 95.62 -11.97
N PHE G 880 48.14 95.04 -12.07
CA PHE G 880 48.52 93.98 -11.14
C PHE G 880 48.59 94.49 -9.72
N TYR G 881 49.17 95.68 -9.52
CA TYR G 881 49.24 96.25 -8.17
C TYR G 881 47.85 96.53 -7.62
N ASP G 882 46.96 97.05 -8.46
CA ASP G 882 45.59 97.33 -8.05
C ASP G 882 44.68 96.14 -8.38
N ALA H 4 4.91 -21.99 -13.45
CA ALA H 4 5.99 -21.37 -14.20
C ALA H 4 5.58 -19.97 -14.67
N GLY H 5 5.57 -19.74 -15.97
CA GLY H 5 5.21 -18.44 -16.49
C GLY H 5 5.24 -18.44 -18.01
N THR H 6 5.09 -17.25 -18.57
CA THR H 6 5.11 -17.10 -20.02
C THR H 6 6.42 -17.61 -20.59
N VAL H 7 6.33 -18.41 -21.66
CA VAL H 7 7.49 -18.91 -22.37
C VAL H 7 7.20 -18.81 -23.86
N VAL H 8 8.04 -18.07 -24.59
CA VAL H 8 7.81 -17.87 -26.01
C VAL H 8 8.07 -19.16 -26.76
N LEU H 9 7.28 -19.42 -27.79
CA LEU H 9 7.45 -20.59 -28.64
C LEU H 9 7.92 -20.22 -30.03
N ASP H 10 7.21 -19.33 -30.71
CA ASP H 10 7.53 -18.90 -32.07
C ASP H 10 7.81 -17.41 -32.04
N ASP H 11 9.05 -17.05 -31.75
CA ASP H 11 9.53 -15.67 -31.89
C ASP H 11 10.20 -15.58 -33.26
N VAL H 12 9.45 -15.09 -34.25
CA VAL H 12 9.94 -15.09 -35.62
C VAL H 12 11.21 -14.25 -35.73
N GLU H 13 11.20 -13.06 -35.12
CA GLU H 13 12.37 -12.20 -35.19
C GLU H 13 13.58 -12.85 -34.54
N LEU H 14 13.38 -13.47 -33.37
CA LEU H 14 14.50 -14.11 -32.69
C LEU H 14 15.05 -15.27 -33.51
N ARG H 15 14.17 -16.09 -34.08
CA ARG H 15 14.62 -17.20 -34.92
C ARG H 15 15.40 -16.69 -36.11
N GLU H 16 14.90 -15.65 -36.79
CA GLU H 16 15.59 -15.11 -37.94
C GLU H 16 16.95 -14.54 -37.56
N ALA H 17 17.00 -13.82 -36.45
CA ALA H 17 18.27 -13.24 -35.99
C ALA H 17 19.28 -14.33 -35.69
N GLN H 18 18.84 -15.38 -34.98
CA GLN H 18 19.75 -16.48 -34.67
C GLN H 18 20.25 -17.16 -35.94
N ARG H 19 19.34 -17.39 -36.89
CA ARG H 19 19.75 -18.04 -38.14
C ARG H 19 20.77 -17.20 -38.88
N ASP H 20 20.50 -15.89 -39.00
CA ASP H 20 21.42 -15.03 -39.75
C ASP H 20 22.77 -14.92 -39.04
N TYR H 21 22.77 -14.81 -37.71
CA TYR H 21 24.04 -14.71 -37.00
C TYR H 21 24.84 -16.00 -37.10
N LEU H 22 24.16 -17.15 -37.02
CA LEU H 22 24.88 -18.41 -37.18
C LEU H 22 25.41 -18.57 -38.60
N ASP H 23 24.64 -18.12 -39.59
CA ASP H 23 25.13 -18.15 -40.97
C ASP H 23 26.37 -17.28 -41.12
N PHE H 24 26.34 -16.09 -40.52
CA PHE H 24 27.50 -15.19 -40.59
C PHE H 24 28.71 -15.81 -39.89
N LEU H 25 28.49 -16.44 -38.73
CA LEU H 25 29.58 -17.03 -37.97
C LEU H 25 30.09 -18.34 -38.57
N ASP H 26 29.32 -18.97 -39.44
CA ASP H 26 29.81 -20.16 -40.12
C ASP H 26 31.12 -19.84 -40.83
N ASP H 27 31.07 -18.91 -41.78
CA ASP H 27 32.23 -18.30 -42.42
C ASP H 27 33.12 -19.29 -43.13
N GLU H 28 32.84 -20.60 -43.06
CA GLU H 28 33.76 -21.58 -43.60
C GLU H 28 33.98 -21.38 -45.10
N GLU H 29 32.91 -21.13 -45.84
CA GLU H 29 33.05 -20.83 -47.26
C GLU H 29 33.58 -19.42 -47.47
N ASP H 30 33.29 -18.50 -46.56
CA ASP H 30 33.75 -17.12 -46.64
C ASP H 30 35.14 -16.98 -46.01
N GLN H 31 36.07 -17.77 -46.54
CA GLN H 31 37.44 -17.85 -46.05
C GLN H 31 37.52 -17.86 -44.52
N GLY H 32 36.55 -18.54 -43.88
CA GLY H 32 36.62 -18.90 -42.48
C GLY H 32 37.26 -17.88 -41.56
N ILE H 33 37.00 -16.60 -41.77
CA ILE H 33 37.59 -15.58 -40.90
C ILE H 33 37.06 -15.74 -39.48
N TYR H 34 35.74 -15.78 -39.33
CA TYR H 34 35.16 -15.89 -38.00
C TYR H 34 35.21 -17.32 -37.48
N GLN H 35 35.25 -18.31 -38.36
CA GLN H 35 35.57 -19.66 -37.92
C GLN H 35 36.93 -19.70 -37.24
N SER H 36 37.94 -19.11 -37.88
CA SER H 36 39.27 -19.07 -37.29
C SER H 36 39.27 -18.25 -36.01
N LYS H 37 38.52 -17.15 -35.97
CA LYS H 37 38.46 -16.36 -34.74
C LYS H 37 37.84 -17.15 -33.60
N VAL H 38 36.77 -17.89 -33.87
CA VAL H 38 36.14 -18.71 -32.83
C VAL H 38 37.11 -19.79 -32.37
N ARG H 39 37.81 -20.42 -33.30
CA ARG H 39 38.79 -21.43 -32.92
C ARG H 39 39.90 -20.83 -32.06
N GLU H 40 40.34 -19.62 -32.42
CA GLU H 40 41.40 -18.96 -31.68
C GLU H 40 40.96 -18.63 -30.27
N LEU H 41 39.73 -18.13 -30.11
CA LEU H 41 39.25 -17.83 -28.76
C LEU H 41 39.05 -19.11 -27.96
N ILE H 42 38.60 -20.18 -28.63
CA ILE H 42 38.49 -21.48 -27.96
C ILE H 42 39.84 -21.89 -27.40
N SER H 43 40.87 -21.84 -28.24
CA SER H 43 42.20 -22.23 -27.79
C SER H 43 42.71 -21.33 -26.68
N ASP H 44 42.50 -20.02 -26.81
CA ASP H 44 42.96 -19.05 -25.83
C ASP H 44 42.14 -19.09 -24.54
N ASN H 45 41.03 -19.83 -24.52
CA ASN H 45 40.20 -19.95 -23.33
C ASN H 45 39.47 -18.63 -23.04
N GLN H 46 38.97 -17.99 -24.10
CA GLN H 46 38.20 -16.76 -24.01
C GLN H 46 36.73 -17.06 -24.28
N TYR H 47 35.86 -16.18 -23.79
CA TYR H 47 34.42 -16.34 -24.00
C TYR H 47 33.79 -15.02 -24.45
N ARG H 48 34.57 -14.18 -25.14
CA ARG H 48 34.06 -12.95 -25.74
C ARG H 48 34.59 -12.87 -27.16
N LEU H 49 33.69 -12.89 -28.13
CA LEU H 49 34.05 -12.77 -29.54
C LEU H 49 33.91 -11.32 -29.98
N ILE H 50 34.96 -10.78 -30.57
CA ILE H 50 34.94 -9.43 -31.12
C ILE H 50 34.64 -9.55 -32.61
N VAL H 51 33.55 -8.92 -33.04
CA VAL H 51 33.06 -9.02 -34.41
C VAL H 51 33.25 -7.69 -35.11
N ASN H 52 33.73 -7.74 -36.35
CA ASN H 52 33.94 -6.54 -37.14
C ASN H 52 32.62 -6.14 -37.79
N VAL H 53 32.07 -5.00 -37.35
CA VAL H 53 30.78 -4.57 -37.87
C VAL H 53 30.85 -4.33 -39.37
N ASN H 54 32.02 -3.98 -39.90
CA ASN H 54 32.14 -3.81 -41.34
C ASN H 54 31.92 -5.13 -42.07
N ASP H 55 32.53 -6.21 -41.58
CA ASP H 55 32.29 -7.52 -42.16
C ASP H 55 30.84 -7.94 -41.98
N LEU H 56 30.26 -7.65 -40.81
CA LEU H 56 28.86 -7.99 -40.58
C LEU H 56 27.95 -7.27 -41.57
N ARG H 57 28.22 -5.98 -41.81
CA ARG H 57 27.41 -5.23 -42.77
C ARG H 57 27.62 -5.74 -44.18
N ARG H 58 28.85 -6.10 -44.53
CA ARG H 58 29.10 -6.64 -45.86
C ARG H 58 28.33 -7.95 -46.07
N LYS H 59 28.33 -8.82 -45.06
CA LYS H 59 27.60 -10.09 -45.18
C LYS H 59 26.10 -9.84 -45.24
N ASN H 60 25.57 -9.06 -44.30
CA ASN H 60 24.12 -8.82 -44.20
C ASN H 60 23.93 -7.41 -43.65
N GLU H 61 23.74 -6.44 -44.55
CA GLU H 61 23.51 -5.07 -44.11
C GLU H 61 22.25 -4.98 -43.25
N LYS H 62 21.25 -5.82 -43.52
CA LYS H 62 20.04 -5.80 -42.70
C LYS H 62 20.37 -6.13 -41.26
N ARG H 63 21.11 -7.22 -41.04
CA ARG H 63 21.47 -7.60 -39.68
C ARG H 63 22.33 -6.54 -39.03
N ALA H 64 23.24 -5.93 -39.78
CA ALA H 64 24.09 -4.89 -39.21
C ALA H 64 23.26 -3.72 -38.71
N ASN H 65 22.33 -3.24 -39.54
CA ASN H 65 21.48 -2.13 -39.13
C ASN H 65 20.62 -2.51 -37.94
N ARG H 66 20.04 -3.72 -37.96
CA ARG H 66 19.20 -4.16 -36.86
C ARG H 66 19.99 -4.22 -35.56
N LEU H 67 21.23 -4.74 -35.62
CA LEU H 67 22.06 -4.81 -34.43
C LEU H 67 22.41 -3.42 -33.92
N LEU H 68 22.81 -2.53 -34.83
CA LEU H 68 23.21 -1.19 -34.39
C LEU H 68 22.05 -0.44 -33.76
N ASN H 69 20.86 -0.52 -34.36
CA ASN H 69 19.74 0.26 -33.88
C ASN H 69 18.96 -0.40 -32.75
N ASN H 70 19.07 -1.72 -32.60
CA ASN H 70 18.46 -2.46 -31.50
C ASN H 70 19.59 -3.27 -30.86
N ALA H 71 20.11 -2.79 -29.74
CA ALA H 71 21.33 -3.36 -29.17
C ALA H 71 21.04 -4.63 -28.37
N PHE H 72 20.17 -4.55 -27.37
CA PHE H 72 20.02 -5.66 -26.44
C PHE H 72 19.49 -6.92 -27.13
N GLU H 73 18.40 -6.78 -27.89
CA GLU H 73 17.79 -7.95 -28.52
C GLU H 73 18.77 -8.62 -29.46
N GLU H 74 19.38 -7.83 -30.35
CA GLU H 74 20.26 -8.41 -31.35
C GLU H 74 21.54 -8.96 -30.73
N LEU H 75 22.04 -8.32 -29.67
CA LEU H 75 23.20 -8.87 -28.98
C LEU H 75 22.87 -10.19 -28.31
N VAL H 76 21.67 -10.32 -27.73
CA VAL H 76 21.27 -11.59 -27.14
C VAL H 76 21.17 -12.66 -28.21
N ALA H 77 20.58 -12.33 -29.35
CA ALA H 77 20.50 -13.31 -30.44
C ALA H 77 21.90 -13.70 -30.92
N PHE H 78 22.79 -12.72 -31.05
CA PHE H 78 24.15 -13.00 -31.48
C PHE H 78 24.87 -13.90 -30.48
N GLN H 79 24.66 -13.66 -29.19
CA GLN H 79 25.29 -14.48 -28.18
C GLN H 79 24.75 -15.91 -28.19
N ARG H 80 23.44 -16.06 -28.41
CA ARG H 80 22.89 -17.40 -28.56
C ARG H 80 23.52 -18.11 -29.75
N ALA H 81 23.64 -17.41 -30.88
CA ALA H 81 24.25 -18.01 -32.06
C ALA H 81 25.71 -18.38 -31.79
N LEU H 82 26.43 -17.50 -31.10
CA LEU H 82 27.83 -17.78 -30.78
C LEU H 82 27.96 -18.99 -29.86
N LYS H 83 27.09 -19.09 -28.86
CA LYS H 83 27.13 -20.25 -27.97
C LYS H 83 26.83 -21.53 -28.74
N ASP H 84 25.85 -21.49 -29.65
CA ASP H 84 25.55 -22.66 -30.47
C ASP H 84 26.74 -23.03 -31.34
N PHE H 85 27.40 -22.04 -31.94
CA PHE H 85 28.56 -22.33 -32.77
C PHE H 85 29.70 -22.91 -31.94
N VAL H 86 29.92 -22.37 -30.75
CA VAL H 86 30.97 -22.87 -29.87
C VAL H 86 30.67 -24.30 -29.46
N ALA H 87 29.41 -24.61 -29.17
CA ALA H 87 29.05 -25.99 -28.87
C ALA H 87 29.30 -26.90 -30.06
N SER H 88 28.94 -26.45 -31.26
CA SER H 88 29.13 -27.28 -32.45
C SER H 88 30.60 -27.58 -32.68
N ILE H 89 31.46 -26.58 -32.52
CA ILE H 89 32.89 -26.79 -32.70
C ILE H 89 33.46 -27.64 -31.56
N ASP H 90 33.01 -27.38 -30.32
CA ASP H 90 33.50 -28.10 -29.16
C ASP H 90 32.46 -27.97 -28.05
N ALA H 91 31.82 -29.09 -27.71
CA ALA H 91 30.69 -29.02 -26.78
C ALA H 91 31.14 -28.78 -25.35
N THR H 92 32.27 -29.39 -24.94
CA THR H 92 32.67 -29.29 -23.56
C THR H 92 32.97 -27.84 -23.17
N TYR H 93 33.61 -27.09 -24.05
CA TYR H 93 33.89 -25.69 -23.77
C TYR H 93 32.61 -24.88 -23.64
N ALA H 94 31.65 -25.14 -24.54
CA ALA H 94 30.37 -24.45 -24.46
C ALA H 94 29.68 -24.72 -23.14
N LYS H 95 29.71 -25.97 -22.67
CA LYS H 95 29.13 -26.28 -21.37
C LYS H 95 29.93 -25.66 -20.24
N GLN H 96 31.25 -25.52 -20.41
CA GLN H 96 32.07 -24.88 -19.39
C GLN H 96 31.66 -23.43 -19.19
N TYR H 97 31.42 -22.71 -20.29
CA TYR H 97 31.09 -21.29 -20.22
C TYR H 97 29.60 -21.10 -20.47
N GLU H 98 28.91 -20.46 -19.50
CA GLU H 98 27.46 -20.35 -19.57
C GLU H 98 27.02 -19.46 -20.73
N GLU H 99 27.61 -18.26 -20.82
CA GLU H 99 27.21 -17.27 -21.81
C GLU H 99 28.45 -16.75 -22.52
N PHE H 100 28.41 -16.76 -23.85
CA PHE H 100 29.50 -16.24 -24.67
C PHE H 100 29.10 -14.85 -25.16
N TYR H 101 29.89 -13.85 -24.80
CA TYR H 101 29.57 -12.47 -25.11
C TYR H 101 30.10 -12.09 -26.48
N VAL H 102 29.50 -11.04 -27.05
CA VAL H 102 29.90 -10.51 -28.34
C VAL H 102 30.15 -9.01 -28.18
N GLY H 103 31.38 -8.59 -28.50
CA GLY H 103 31.71 -7.17 -28.61
C GLY H 103 31.85 -6.79 -30.06
N LEU H 104 31.74 -5.50 -30.37
CA LEU H 104 31.75 -5.04 -31.75
C LEU H 104 32.96 -4.16 -32.02
N GLU H 105 33.31 -4.08 -33.30
CA GLU H 105 34.47 -3.33 -33.75
C GLU H 105 34.25 -2.95 -35.20
N GLY H 106 34.97 -1.91 -35.65
CA GLY H 106 34.96 -1.51 -37.03
C GLY H 106 34.55 -0.06 -37.19
N SER H 107 33.98 0.25 -38.35
CA SER H 107 33.61 1.61 -38.72
C SER H 107 32.12 1.80 -38.47
N PHE H 108 31.79 2.62 -37.48
CA PHE H 108 30.40 3.01 -37.21
C PHE H 108 30.15 4.36 -37.87
N GLY H 109 29.35 4.36 -38.93
CA GLY H 109 29.09 5.57 -39.68
C GLY H 109 28.70 6.75 -38.79
N SER H 110 27.54 6.65 -38.15
CA SER H 110 27.04 7.71 -37.28
C SER H 110 27.12 7.38 -35.80
N LYS H 111 27.15 6.10 -35.44
CA LYS H 111 27.16 5.71 -34.04
C LYS H 111 28.47 6.07 -33.35
N HIS H 112 29.54 6.29 -34.10
CA HIS H 112 30.83 6.69 -33.51
C HIS H 112 30.74 8.13 -33.06
N VAL H 113 30.79 8.36 -31.75
CA VAL H 113 30.57 9.66 -31.16
C VAL H 113 31.57 9.87 -30.02
N SER H 114 31.43 11.00 -29.34
CA SER H 114 32.22 11.31 -28.16
C SER H 114 31.28 11.53 -26.99
N PRO H 115 31.78 11.69 -25.77
CA PRO H 115 30.87 11.92 -24.63
C PRO H 115 30.04 13.18 -24.77
N ARG H 116 30.46 14.13 -25.60
CA ARG H 116 29.68 15.34 -25.81
C ARG H 116 28.57 15.09 -26.83
N THR H 117 28.92 14.55 -28.00
CA THR H 117 27.94 14.31 -29.04
C THR H 117 27.02 13.14 -28.73
N LEU H 118 27.31 12.36 -27.68
CA LEU H 118 26.46 11.24 -27.30
C LEU H 118 25.20 11.78 -26.63
N THR H 119 24.12 11.87 -27.38
CA THR H 119 22.86 12.40 -26.91
C THR H 119 21.86 11.27 -26.70
N SER H 120 20.65 11.64 -26.27
CA SER H 120 19.61 10.65 -26.02
C SER H 120 19.11 9.98 -27.29
N CYS H 121 19.47 10.50 -28.47
CA CYS H 121 19.08 9.86 -29.71
C CYS H 121 19.73 8.49 -29.89
N PHE H 122 20.75 8.17 -29.10
CA PHE H 122 21.47 6.91 -29.23
C PHE H 122 21.08 5.88 -28.18
N LEU H 123 20.05 6.16 -27.38
CA LEU H 123 19.62 5.19 -26.37
C LEU H 123 19.25 3.87 -27.04
N SER H 124 19.64 2.77 -26.40
CA SER H 124 19.37 1.43 -26.88
C SER H 124 20.08 1.12 -28.19
N CYS H 125 21.10 1.88 -28.54
CA CYS H 125 21.88 1.67 -29.75
C CYS H 125 23.31 1.30 -29.38
N VAL H 126 24.06 0.85 -30.39
CA VAL H 126 25.46 0.52 -30.23
C VAL H 126 26.28 1.76 -30.57
N VAL H 127 26.99 2.28 -29.57
CA VAL H 127 27.81 3.49 -29.74
C VAL H 127 29.25 3.16 -29.40
N CYS H 128 30.16 3.67 -30.21
CA CYS H 128 31.60 3.55 -30.02
C CYS H 128 32.13 4.93 -29.61
N VAL H 129 32.33 5.13 -28.31
CA VAL H 129 32.67 6.42 -27.75
C VAL H 129 34.15 6.44 -27.42
N GLU H 130 34.84 7.50 -27.85
CA GLU H 130 36.25 7.73 -27.53
C GLU H 130 36.35 8.66 -26.33
N GLY H 131 37.41 8.52 -25.56
CA GLY H 131 37.63 9.46 -24.49
C GLY H 131 38.81 9.07 -23.62
N ILE H 132 38.91 9.73 -22.47
CA ILE H 132 39.96 9.46 -21.49
C ILE H 132 39.29 9.09 -20.18
N VAL H 133 39.78 8.02 -19.56
CA VAL H 133 39.20 7.54 -18.31
C VAL H 133 39.55 8.52 -17.21
N THR H 134 38.56 9.28 -16.73
CA THR H 134 38.80 10.21 -15.65
C THR H 134 38.93 9.52 -14.31
N LYS H 135 38.19 8.44 -14.09
CA LYS H 135 38.28 7.71 -12.84
C LYS H 135 37.80 6.28 -13.05
N CYS H 136 38.17 5.42 -12.12
CA CYS H 136 37.77 4.02 -12.12
C CYS H 136 37.29 3.64 -10.73
N SER H 137 36.54 2.54 -10.66
CA SER H 137 36.04 2.01 -9.42
C SER H 137 36.65 0.64 -9.16
N LEU H 138 36.68 0.26 -7.88
CA LEU H 138 37.17 -1.05 -7.51
C LEU H 138 36.34 -2.13 -8.18
N VAL H 139 36.99 -3.24 -8.53
CA VAL H 139 36.31 -4.35 -9.18
C VAL H 139 35.54 -5.11 -8.10
N ARG H 140 34.18 -5.02 -8.12
CA ARG H 140 33.39 -5.72 -7.13
C ARG H 140 32.73 -6.94 -7.74
N PRO H 141 32.56 -8.02 -6.97
CA PRO H 141 31.82 -9.17 -7.48
C PRO H 141 30.32 -9.06 -7.21
N LYS H 142 29.51 -9.21 -8.24
CA LYS H 142 28.07 -9.29 -8.10
C LYS H 142 27.65 -10.75 -8.25
N VAL H 143 26.84 -11.24 -7.33
CA VAL H 143 26.47 -12.64 -7.33
C VAL H 143 25.49 -12.89 -8.47
N VAL H 144 25.85 -13.78 -9.39
CA VAL H 144 24.96 -14.17 -10.48
C VAL H 144 24.28 -15.50 -10.19
N ARG H 145 24.78 -16.28 -9.23
CA ARG H 145 24.15 -17.55 -8.86
C ARG H 145 24.66 -17.91 -7.48
N SER H 146 23.79 -17.82 -6.48
CA SER H 146 24.17 -18.12 -5.11
C SER H 146 23.72 -19.53 -4.75
N VAL H 147 24.49 -20.19 -3.89
CA VAL H 147 24.20 -21.53 -3.42
C VAL H 147 24.13 -21.51 -1.90
N HIS H 148 23.11 -22.15 -1.35
CA HIS H 148 22.88 -22.16 0.09
C HIS H 148 22.67 -23.59 0.56
N TYR H 149 23.12 -23.85 1.79
CA TYR H 149 23.01 -25.15 2.42
C TYR H 149 22.29 -24.98 3.75
N CYS H 150 21.33 -25.87 4.02
CA CYS H 150 20.55 -25.81 5.25
C CYS H 150 21.02 -26.90 6.20
N PRO H 151 21.75 -26.57 7.27
CA PRO H 151 22.17 -27.63 8.20
C PRO H 151 21.01 -28.41 8.79
N ALA H 152 19.88 -27.75 9.05
CA ALA H 152 18.76 -28.41 9.71
C ALA H 152 18.18 -29.53 8.85
N THR H 153 18.23 -29.38 7.52
CA THR H 153 17.63 -30.35 6.62
C THR H 153 18.60 -30.93 5.61
N LYS H 154 19.85 -30.48 5.59
CA LYS H 154 20.87 -30.96 4.67
C LYS H 154 20.54 -30.64 3.22
N LYS H 155 19.54 -29.79 2.97
CA LYS H 155 19.18 -29.42 1.62
C LYS H 155 20.17 -28.39 1.06
N THR H 156 20.28 -28.37 -0.27
CA THR H 156 21.15 -27.43 -0.97
C THR H 156 20.33 -26.77 -2.08
N ILE H 157 20.09 -25.47 -1.94
CA ILE H 157 19.31 -24.70 -2.90
C ILE H 157 20.26 -23.80 -3.67
N GLU H 158 19.81 -23.38 -4.85
CA GLU H 158 20.59 -22.49 -5.70
C GLU H 158 19.67 -21.44 -6.30
N ARG H 159 19.91 -20.18 -5.96
CA ARG H 159 19.14 -19.06 -6.50
C ARG H 159 19.92 -18.40 -7.63
N ARG H 160 19.21 -17.95 -8.64
CA ARG H 160 19.79 -17.26 -9.79
C ARG H 160 19.26 -15.85 -9.86
N TYR H 161 20.15 -14.91 -10.15
CA TYR H 161 19.80 -13.50 -10.32
C TYR H 161 20.13 -13.08 -11.74
N SER H 162 19.15 -12.52 -12.43
CA SER H 162 19.35 -12.13 -13.82
C SER H 162 20.00 -10.75 -13.89
N ASP H 163 20.57 -10.46 -15.06
CA ASP H 163 21.29 -9.20 -15.29
C ASP H 163 20.27 -8.11 -15.65
N LEU H 164 19.55 -7.65 -14.62
CA LEU H 164 18.58 -6.57 -14.77
C LEU H 164 19.22 -5.21 -14.49
N THR H 165 20.34 -4.94 -15.17
CA THR H 165 21.03 -3.67 -14.97
C THR H 165 20.23 -2.52 -15.58
N THR H 166 19.73 -2.70 -16.79
CA THR H 166 18.94 -1.71 -17.50
C THR H 166 17.57 -2.26 -17.86
N LEU H 167 16.96 -2.97 -16.92
CA LEU H 167 15.64 -3.57 -17.10
C LEU H 167 14.86 -3.42 -15.81
N VAL H 168 13.53 -3.50 -15.94
CA VAL H 168 12.67 -3.37 -14.77
C VAL H 168 13.00 -4.50 -13.80
N ALA H 169 13.31 -4.12 -12.56
CA ALA H 169 13.67 -5.06 -11.51
C ALA H 169 12.74 -4.89 -10.33
N PHE H 170 12.34 -6.01 -9.73
CA PHE H 170 11.41 -6.04 -8.62
C PHE H 170 12.09 -6.60 -7.38
N PRO H 171 11.55 -6.32 -6.20
CA PRO H 171 12.18 -6.85 -4.97
C PRO H 171 12.31 -8.36 -4.96
N SER H 172 11.41 -9.08 -5.63
CA SER H 172 11.48 -10.54 -5.62
C SER H 172 12.79 -11.03 -6.24
N SER H 173 13.21 -10.42 -7.35
CA SER H 173 14.39 -10.90 -8.05
C SER H 173 15.67 -10.67 -7.26
N SER H 174 15.70 -9.65 -6.41
CA SER H 174 16.92 -9.22 -5.74
C SER H 174 16.82 -9.41 -4.23
N VAL H 175 16.28 -10.54 -3.78
CA VAL H 175 16.22 -10.89 -2.38
C VAL H 175 17.14 -12.08 -2.15
N TYR H 176 18.06 -11.93 -1.19
CA TYR H 176 19.05 -12.97 -0.92
C TYR H 176 18.52 -13.88 0.17
N PRO H 177 18.25 -15.16 -0.10
CA PRO H 177 17.63 -16.01 0.92
C PRO H 177 18.49 -16.09 2.17
N THR H 178 17.82 -16.02 3.32
CA THR H 178 18.49 -16.11 4.61
C THR H 178 17.80 -17.10 5.54
N LYS H 179 16.71 -17.72 5.11
CA LYS H 179 16.00 -18.72 5.89
C LYS H 179 15.37 -19.72 4.95
N ASP H 180 15.05 -20.88 5.48
CA ASP H 180 14.30 -21.88 4.74
C ASP H 180 12.80 -21.65 4.96
N GLU H 181 11.98 -22.36 4.17
CA GLU H 181 10.54 -22.19 4.29
C GLU H 181 10.05 -22.47 5.70
N GLU H 182 10.78 -23.28 6.47
CA GLU H 182 10.44 -23.56 7.86
C GLU H 182 11.22 -22.69 8.84
N ASN H 183 11.82 -21.59 8.35
CA ASN H 183 12.62 -20.69 9.19
C ASN H 183 13.87 -21.39 9.72
N ASN H 184 14.54 -22.15 8.86
CA ASN H 184 15.82 -22.76 9.20
C ASN H 184 16.94 -21.88 8.66
N PRO H 185 17.84 -21.37 9.49
CA PRO H 185 18.92 -20.54 8.96
C PRO H 185 19.73 -21.26 7.90
N LEU H 186 20.11 -20.52 6.85
CA LEU H 186 20.91 -21.05 5.77
C LEU H 186 22.36 -20.64 5.94
N GLU H 187 23.24 -21.27 5.16
CA GLU H 187 24.64 -20.90 5.09
C GLU H 187 25.07 -20.90 3.64
N THR H 188 25.63 -19.79 3.17
CA THR H 188 25.99 -19.69 1.77
C THR H 188 27.31 -20.38 1.49
N GLU H 189 27.35 -21.12 0.38
CA GLU H 189 28.56 -21.80 -0.08
C GLU H 189 29.25 -20.88 -1.07
N TYR H 190 30.18 -20.07 -0.55
CA TYR H 190 30.85 -19.09 -1.40
C TYR H 190 31.60 -19.78 -2.52
N GLY H 191 32.27 -20.89 -2.24
CA GLY H 191 33.01 -21.59 -3.27
C GLY H 191 32.12 -22.06 -4.41
N LEU H 192 30.94 -22.59 -4.07
CA LEU H 192 30.03 -23.08 -5.10
C LEU H 192 29.31 -21.95 -5.81
N SER H 193 29.14 -20.81 -5.15
CA SER H 193 28.41 -19.70 -5.74
C SER H 193 29.16 -19.16 -6.96
N VAL H 194 28.41 -18.49 -7.83
CA VAL H 194 28.95 -17.90 -9.05
C VAL H 194 28.88 -16.39 -8.90
N TYR H 195 30.03 -15.73 -9.05
CA TYR H 195 30.12 -14.28 -9.02
C TYR H 195 30.63 -13.78 -10.36
N LYS H 196 30.35 -12.51 -10.65
CA LYS H 196 30.82 -11.86 -11.86
C LYS H 196 31.47 -10.53 -11.47
N ASP H 197 32.66 -10.28 -11.99
CA ASP H 197 33.34 -9.04 -11.69
C ASP H 197 32.70 -7.88 -12.44
N HIS H 198 32.57 -6.73 -11.76
CA HIS H 198 31.88 -5.57 -12.29
C HIS H 198 32.62 -4.32 -11.85
N GLN H 199 32.74 -3.37 -12.77
CA GLN H 199 33.45 -2.12 -12.53
C GLN H 199 32.74 -0.98 -13.25
N THR H 200 32.91 0.22 -12.73
CA THR H 200 32.32 1.43 -13.31
C THR H 200 33.43 2.44 -13.55
N ILE H 201 33.51 2.95 -14.77
CA ILE H 201 34.51 3.95 -15.13
C ILE H 201 33.79 5.18 -15.68
N THR H 202 34.55 6.26 -15.84
CA THR H 202 34.03 7.51 -16.38
C THR H 202 34.90 7.94 -17.54
N ILE H 203 34.28 8.13 -18.70
CA ILE H 203 34.98 8.53 -19.93
C ILE H 203 34.67 9.99 -20.17
N GLN H 204 35.72 10.80 -20.27
CA GLN H 204 35.59 12.23 -20.52
C GLN H 204 36.11 12.56 -21.91
N GLU H 205 35.51 13.55 -22.55
CA GLU H 205 35.98 13.96 -23.86
C GLU H 205 37.44 14.38 -23.80
N MET H 206 38.20 13.96 -24.80
CA MET H 206 39.62 14.27 -24.83
C MET H 206 39.83 15.78 -24.83
N PRO H 207 40.65 16.32 -23.93
CA PRO H 207 40.83 17.79 -23.91
C PRO H 207 41.28 18.36 -25.23
N GLU H 208 42.16 17.68 -25.96
CA GLU H 208 42.61 18.19 -27.24
C GLU H 208 41.52 18.13 -28.30
N LYS H 209 40.41 17.43 -28.04
CA LYS H 209 39.29 17.37 -28.95
C LYS H 209 38.11 18.23 -28.52
N ALA H 210 37.98 18.49 -27.22
CA ALA H 210 36.85 19.26 -26.72
C ALA H 210 36.92 20.70 -27.23
N PRO H 211 35.77 21.35 -27.41
CA PRO H 211 35.79 22.77 -27.76
C PRO H 211 36.56 23.57 -26.73
N ALA H 212 37.39 24.50 -27.20
CA ALA H 212 38.26 25.24 -26.32
C ALA H 212 37.46 26.15 -25.39
N GLY H 213 37.84 26.17 -24.12
CA GLY H 213 37.26 27.06 -23.14
C GLY H 213 35.98 26.57 -22.49
N GLN H 214 35.46 25.42 -22.90
CA GLN H 214 34.25 24.87 -22.32
C GLN H 214 34.59 23.76 -21.34
N LEU H 215 33.66 23.49 -20.43
CA LEU H 215 33.80 22.36 -19.52
C LEU H 215 33.64 21.06 -20.30
N PRO H 216 34.26 19.97 -19.83
CA PRO H 216 34.23 18.72 -20.60
C PRO H 216 32.99 17.88 -20.31
N ARG H 217 32.64 17.07 -21.30
CA ARG H 217 31.48 16.20 -21.22
C ARG H 217 31.91 14.77 -20.88
N SER H 218 31.22 14.16 -19.94
CA SER H 218 31.56 12.86 -19.41
C SER H 218 30.43 11.86 -19.67
N VAL H 219 30.74 10.59 -19.46
CA VAL H 219 29.77 9.52 -19.55
C VAL H 219 30.22 8.40 -18.61
N ASP H 220 29.25 7.69 -18.03
CA ASP H 220 29.52 6.58 -17.14
C ASP H 220 29.45 5.28 -17.93
N VAL H 221 30.43 4.40 -17.71
CA VAL H 221 30.56 3.15 -18.45
C VAL H 221 30.59 2.01 -17.45
N ILE H 222 29.88 0.93 -17.78
CA ILE H 222 29.79 -0.27 -16.97
C ILE H 222 30.54 -1.39 -17.67
N LEU H 223 31.55 -1.94 -16.99
CA LEU H 223 32.33 -3.06 -17.47
C LEU H 223 32.01 -4.27 -16.60
N ASP H 224 31.97 -5.45 -17.22
CA ASP H 224 31.71 -6.67 -16.48
C ASP H 224 32.74 -7.74 -16.83
N ASP H 225 32.50 -8.98 -16.42
CA ASP H 225 33.49 -10.05 -16.53
C ASP H 225 34.24 -10.00 -17.85
N ASP H 226 35.57 -10.03 -17.75
CA ASP H 226 36.56 -10.06 -18.83
C ASP H 226 36.78 -8.68 -19.44
N LEU H 227 36.13 -7.63 -18.94
CA LEU H 227 36.40 -6.26 -19.36
C LEU H 227 36.65 -5.32 -18.20
N VAL H 228 36.70 -5.80 -16.96
CA VAL H 228 36.67 -4.91 -15.81
C VAL H 228 37.93 -4.06 -15.75
N ASP H 229 39.10 -4.66 -15.92
CA ASP H 229 40.38 -3.99 -15.71
C ASP H 229 41.08 -3.70 -17.04
N LYS H 230 40.30 -3.35 -18.06
CA LYS H 230 40.88 -3.03 -19.36
C LYS H 230 41.41 -1.60 -19.45
N ALA H 231 41.20 -0.77 -18.42
CA ALA H 231 41.63 0.61 -18.47
C ALA H 231 41.87 1.13 -17.07
N LYS H 232 42.68 2.17 -16.98
CA LYS H 232 43.00 2.87 -15.75
C LYS H 232 42.87 4.37 -15.99
N PRO H 233 42.75 5.17 -14.95
CA PRO H 233 42.58 6.62 -15.14
C PRO H 233 43.68 7.19 -16.03
N GLY H 234 43.28 8.03 -16.97
CA GLY H 234 44.21 8.60 -17.92
C GLY H 234 44.40 7.82 -19.19
N ASP H 235 43.59 6.78 -19.42
CA ASP H 235 43.72 5.96 -20.62
C ASP H 235 42.81 6.50 -21.71
N ARG H 236 43.40 6.76 -22.88
CA ARG H 236 42.65 7.16 -24.07
C ARG H 236 42.02 5.90 -24.65
N VAL H 237 40.80 5.61 -24.22
CA VAL H 237 40.13 4.36 -24.54
C VAL H 237 38.99 4.61 -25.51
N GLN H 238 38.73 3.59 -26.33
CA GLN H 238 37.56 3.49 -27.18
C GLN H 238 36.66 2.41 -26.60
N VAL H 239 35.47 2.80 -26.14
CA VAL H 239 34.52 1.87 -25.55
C VAL H 239 33.36 1.70 -26.52
N VAL H 240 33.17 0.47 -26.98
CA VAL H 240 32.02 0.11 -27.79
C VAL H 240 31.00 -0.54 -26.86
N GLY H 241 29.80 0.01 -26.81
CA GLY H 241 28.82 -0.48 -25.87
C GLY H 241 27.41 -0.10 -26.28
N THR H 242 26.48 -0.34 -25.37
CA THR H 242 25.08 -0.04 -25.56
C THR H 242 24.67 1.07 -24.60
N TYR H 243 24.11 2.14 -25.14
CA TYR H 243 23.71 3.30 -24.35
C TYR H 243 22.28 3.11 -23.86
N ARG H 244 22.08 3.23 -22.55
CA ARG H 244 20.79 2.90 -21.97
C ARG H 244 20.53 3.76 -20.75
N CYS H 245 19.26 3.80 -20.35
CA CYS H 245 18.83 4.54 -19.17
C CYS H 245 18.82 3.62 -17.97
N LEU H 246 19.43 4.06 -16.88
CA LEU H 246 19.47 3.27 -15.67
C LEU H 246 18.16 3.41 -14.89
N PRO H 247 17.51 2.31 -14.50
CA PRO H 247 16.26 2.44 -13.76
C PRO H 247 16.46 3.15 -12.43
N GLY H 248 15.47 3.96 -12.05
CA GLY H 248 15.47 4.55 -10.73
C GLY H 248 14.88 3.63 -9.70
N LYS H 249 15.04 4.01 -8.44
CA LYS H 249 14.49 3.22 -7.35
C LYS H 249 12.98 3.33 -7.32
N LYS H 250 12.33 2.27 -6.84
CA LYS H 250 10.88 2.26 -6.68
C LYS H 250 10.42 3.52 -5.96
N GLY H 251 9.61 4.32 -6.64
CA GLY H 251 9.23 5.62 -6.14
C GLY H 251 7.77 5.76 -5.78
N GLY H 252 7.00 6.31 -6.71
CA GLY H 252 5.64 6.73 -6.45
C GLY H 252 5.43 8.09 -7.08
N TYR H 253 6.51 8.87 -7.12
CA TYR H 253 6.57 10.11 -7.89
C TYR H 253 7.89 10.12 -8.64
N THR H 254 7.82 10.37 -9.95
CA THR H 254 9.00 10.39 -10.80
C THR H 254 9.14 11.77 -11.42
N SER H 255 10.37 12.29 -11.43
CA SER H 255 10.65 13.57 -12.06
C SER H 255 10.89 13.44 -13.56
N GLY H 256 10.88 12.23 -14.10
CA GLY H 256 11.13 12.03 -15.50
C GLY H 256 12.58 12.08 -15.91
N THR H 257 13.49 12.25 -14.95
CA THR H 257 14.92 12.31 -15.24
C THR H 257 15.51 10.91 -15.11
N PHE H 258 16.27 10.49 -16.12
CA PHE H 258 16.84 9.14 -16.17
C PHE H 258 18.34 9.23 -16.39
N ARG H 259 19.11 8.76 -15.42
CA ARG H 259 20.55 8.62 -15.61
C ARG H 259 20.81 7.64 -16.74
N THR H 260 21.72 8.01 -17.64
CA THR H 260 22.11 7.14 -18.74
C THR H 260 23.51 6.60 -18.48
N VAL H 261 23.82 5.49 -19.15
CA VAL H 261 25.08 4.79 -18.93
C VAL H 261 25.38 3.97 -20.18
N LEU H 262 26.64 3.59 -20.34
CA LEU H 262 27.10 2.81 -21.48
C LEU H 262 27.54 1.44 -20.99
N ILE H 263 26.76 0.41 -21.31
CA ILE H 263 27.14 -0.96 -20.98
C ILE H 263 28.18 -1.38 -22.01
N ALA H 264 29.46 -1.36 -21.62
CA ALA H 264 30.52 -1.62 -22.58
C ALA H 264 30.49 -3.07 -23.02
N CYS H 265 30.55 -3.29 -24.33
CA CYS H 265 30.72 -4.61 -24.90
C CYS H 265 32.14 -4.85 -25.42
N ASN H 266 32.98 -3.82 -25.40
CA ASN H 266 34.37 -3.96 -25.83
C ASN H 266 35.13 -2.70 -25.44
N VAL H 267 36.38 -2.88 -25.02
CA VAL H 267 37.25 -1.78 -24.63
C VAL H 267 38.56 -1.91 -25.38
N LYS H 268 39.04 -0.80 -25.95
CA LYS H 268 40.30 -0.80 -26.68
C LYS H 268 41.15 0.38 -26.25
N GLN H 269 42.47 0.17 -26.27
CA GLN H 269 43.45 1.21 -26.01
C GLN H 269 44.03 1.69 -27.33
N MET H 270 44.96 2.63 -27.26
CA MET H 270 45.60 3.14 -28.46
C MET H 270 46.31 2.01 -29.18
N SER H 271 45.95 1.80 -30.46
CA SER H 271 46.50 0.69 -31.22
C SER H 271 48.00 0.82 -31.46
N LYS H 272 48.58 2.00 -31.26
CA LYS H 272 50.01 2.17 -31.48
C LYS H 272 50.82 1.31 -30.52
N ASP H 273 50.37 1.22 -29.27
CA ASP H 273 51.05 0.40 -28.26
C ASP H 273 50.62 -1.06 -28.32
N ALA H 274 49.68 -1.42 -29.18
CA ALA H 274 49.20 -2.78 -29.26
C ALA H 274 50.26 -3.67 -29.93
N GLN H 275 50.12 -4.97 -29.71
CA GLN H 275 51.04 -5.94 -30.30
C GLN H 275 50.90 -5.88 -31.82
N PRO H 276 51.97 -5.58 -32.56
CA PRO H 276 51.86 -5.55 -34.02
C PRO H 276 51.54 -6.92 -34.59
N SER H 277 50.77 -6.92 -35.68
CA SER H 277 50.38 -8.15 -36.35
C SER H 277 51.48 -8.56 -37.31
N PHE H 278 52.12 -9.69 -37.04
CA PHE H 278 53.22 -10.21 -37.85
C PHE H 278 52.71 -11.42 -38.63
N SER H 279 52.44 -11.21 -39.92
CA SER H 279 52.03 -12.30 -40.79
C SER H 279 53.26 -13.09 -41.25
N ALA H 280 52.99 -14.24 -41.88
CA ALA H 280 54.07 -15.09 -42.34
C ALA H 280 54.97 -14.35 -43.32
N GLU H 281 54.38 -13.63 -44.26
CA GLU H 281 55.17 -12.89 -45.24
C GLU H 281 55.97 -11.78 -44.56
N ASP H 282 55.38 -11.10 -43.58
CA ASP H 282 56.09 -10.03 -42.88
C ASP H 282 57.30 -10.58 -42.15
N ILE H 283 57.12 -11.68 -41.41
CA ILE H 283 58.26 -12.25 -40.67
C ILE H 283 59.30 -12.79 -41.64
N ALA H 284 58.87 -13.34 -42.77
CA ALA H 284 59.82 -13.80 -43.78
C ALA H 284 60.63 -12.62 -44.34
N LYS H 285 59.97 -11.49 -44.57
CA LYS H 285 60.68 -10.31 -45.04
C LYS H 285 61.68 -9.81 -44.00
N ILE H 286 61.29 -9.84 -42.73
CA ILE H 286 62.22 -9.45 -41.67
C ILE H 286 63.44 -10.38 -41.65
N LYS H 287 63.20 -11.68 -41.76
CA LYS H 287 64.29 -12.65 -41.81
C LYS H 287 65.21 -12.36 -43.00
N LYS H 288 64.61 -12.12 -44.17
CA LYS H 288 65.40 -11.84 -45.37
C LYS H 288 66.26 -10.60 -45.17
N PHE H 289 65.66 -9.53 -44.67
CA PHE H 289 66.41 -8.29 -44.43
C PHE H 289 67.58 -8.56 -43.50
N SER H 290 67.31 -9.18 -42.34
CA SER H 290 68.36 -9.39 -41.35
C SER H 290 69.48 -10.25 -41.89
N LYS H 291 69.15 -11.30 -42.64
CA LYS H 291 70.19 -12.22 -43.11
C LYS H 291 70.98 -11.63 -44.27
N THR H 292 70.28 -11.18 -45.33
CA THR H 292 70.98 -10.66 -46.49
C THR H 292 71.83 -9.45 -46.14
N ARG H 293 71.31 -8.54 -45.32
CA ARG H 293 72.01 -7.32 -44.97
C ARG H 293 72.18 -7.27 -43.45
N SER H 294 73.42 -7.49 -43.00
CA SER H 294 73.74 -7.46 -41.58
C SER H 294 74.92 -6.53 -41.31
N LYS H 295 75.86 -6.46 -42.26
CA LYS H 295 77.04 -5.64 -42.08
C LYS H 295 76.70 -4.16 -41.92
N ASP H 296 75.76 -3.66 -42.73
CA ASP H 296 75.43 -2.24 -42.77
C ASP H 296 73.97 -1.98 -42.42
N ILE H 297 73.30 -2.95 -41.80
CA ILE H 297 71.88 -2.79 -41.51
C ILE H 297 71.67 -1.66 -40.51
N PHE H 298 72.56 -1.55 -39.51
CA PHE H 298 72.43 -0.48 -38.54
C PHE H 298 72.56 0.88 -39.20
N ASP H 299 73.53 1.05 -40.09
CA ASP H 299 73.70 2.32 -40.79
C ASP H 299 72.49 2.62 -41.66
N GLN H 300 71.97 1.60 -42.37
CA GLN H 300 70.79 1.81 -43.20
C GLN H 300 69.61 2.29 -42.37
N LEU H 301 69.36 1.63 -41.24
CA LEU H 301 68.25 2.04 -40.39
C LEU H 301 68.47 3.44 -39.83
N ALA H 302 69.70 3.75 -39.42
CA ALA H 302 69.97 5.08 -38.88
C ALA H 302 69.73 6.17 -39.92
N LYS H 303 70.14 5.93 -41.16
CA LYS H 303 69.96 6.95 -42.20
C LYS H 303 68.51 7.02 -42.64
N SER H 304 67.77 5.93 -42.57
CA SER H 304 66.35 5.92 -42.94
C SER H 304 65.44 6.32 -41.80
N LEU H 305 65.98 6.54 -40.60
CA LEU H 305 65.17 6.86 -39.44
C LEU H 305 64.26 8.06 -39.68
N ALA H 306 64.83 9.24 -39.89
CA ALA H 306 64.06 10.47 -40.08
C ALA H 306 64.44 11.07 -41.42
N PRO H 307 63.74 10.70 -42.49
CA PRO H 307 64.12 11.22 -43.82
C PRO H 307 64.05 12.73 -43.92
N SER H 308 63.13 13.38 -43.22
CA SER H 308 62.90 14.80 -43.39
C SER H 308 63.99 15.66 -42.75
N ILE H 309 64.77 15.12 -41.82
CA ILE H 309 65.83 15.86 -41.15
C ILE H 309 67.15 15.46 -41.77
N HIS H 310 67.88 16.42 -42.32
CA HIS H 310 69.12 16.17 -43.02
C HIS H 310 70.31 16.20 -42.06
N GLY H 311 71.32 15.40 -42.36
CA GLY H 311 72.51 15.38 -41.55
C GLY H 311 72.27 14.74 -40.18
N HIS H 312 73.15 15.12 -39.25
CA HIS H 312 73.07 14.60 -37.88
C HIS H 312 73.11 13.08 -37.88
N ASP H 313 74.07 12.51 -38.62
CA ASP H 313 74.15 11.06 -38.75
C ASP H 313 74.42 10.39 -37.41
N TYR H 314 75.37 10.93 -36.64
CA TYR H 314 75.69 10.34 -35.34
C TYR H 314 74.50 10.45 -34.38
N VAL H 315 73.82 11.59 -34.38
CA VAL H 315 72.65 11.74 -33.52
C VAL H 315 71.57 10.75 -33.92
N LYS H 316 71.36 10.57 -35.23
CA LYS H 316 70.37 9.60 -35.68
C LYS H 316 70.74 8.18 -35.26
N LYS H 317 72.01 7.83 -35.35
CA LYS H 317 72.44 6.50 -34.90
C LYS H 317 72.22 6.35 -33.40
N ALA H 318 72.51 7.39 -32.62
CA ALA H 318 72.26 7.33 -31.19
C ALA H 318 70.77 7.17 -30.90
N ILE H 319 69.92 7.86 -31.65
CA ILE H 319 68.48 7.73 -31.44
C ILE H 319 68.03 6.31 -31.78
N LEU H 320 68.59 5.73 -32.83
CA LEU H 320 68.25 4.34 -33.16
C LEU H 320 68.69 3.40 -32.04
N CYS H 321 69.87 3.64 -31.47
CA CYS H 321 70.32 2.85 -30.34
C CYS H 321 69.38 3.01 -29.16
N LEU H 322 68.91 4.23 -28.91
CA LEU H 322 67.95 4.46 -27.83
C LEU H 322 66.65 3.71 -28.08
N LEU H 323 66.17 3.73 -29.33
CA LEU H 323 64.94 3.01 -29.65
C LEU H 323 65.10 1.52 -29.42
N LEU H 324 66.23 0.96 -29.88
CA LEU H 324 66.45 -0.48 -29.71
C LEU H 324 66.70 -0.84 -28.26
N GLY H 325 67.25 0.09 -27.47
CA GLY H 325 67.51 -0.15 -26.07
C GLY H 325 68.56 -1.23 -25.85
N GLY H 326 69.07 -1.32 -24.63
CA GLY H 326 69.94 -2.40 -24.23
C GLY H 326 69.15 -3.55 -23.65
N VAL H 327 69.78 -4.26 -22.72
CA VAL H 327 69.14 -5.35 -22.00
C VAL H 327 69.39 -5.14 -20.52
N GLU H 328 68.33 -5.20 -19.72
CA GLU H 328 68.46 -5.08 -18.28
C GLU H 328 69.20 -6.30 -17.72
N ARG H 329 69.95 -6.08 -16.65
CA ARG H 329 70.64 -7.14 -15.94
C ARG H 329 69.93 -7.35 -14.61
N ASP H 330 69.32 -8.52 -14.45
CA ASP H 330 68.60 -8.88 -13.23
C ASP H 330 69.48 -9.87 -12.46
N LEU H 331 70.33 -9.33 -11.59
CA LEU H 331 71.23 -10.17 -10.82
C LEU H 331 70.46 -10.97 -9.79
N GLU H 332 71.00 -12.14 -9.44
CA GLU H 332 70.32 -13.02 -8.49
C GLU H 332 70.07 -12.32 -7.16
N ASN H 333 70.97 -11.44 -6.74
CA ASN H 333 70.84 -10.73 -5.49
C ASN H 333 69.98 -9.47 -5.60
N GLY H 334 69.21 -9.33 -6.67
CA GLY H 334 68.28 -8.24 -6.82
C GLY H 334 68.85 -6.97 -7.41
N SER H 335 70.17 -6.84 -7.49
CA SER H 335 70.75 -5.65 -8.10
C SER H 335 70.31 -5.56 -9.56
N HIS H 336 70.01 -4.33 -9.99
CA HIS H 336 69.48 -4.09 -11.33
C HIS H 336 70.38 -3.11 -12.08
N ILE H 337 70.48 -3.33 -13.39
CA ILE H 337 71.20 -2.43 -14.29
C ILE H 337 70.27 -2.10 -15.45
N ARG H 338 70.07 -0.80 -15.68
CA ARG H 338 69.14 -0.39 -16.72
C ARG H 338 69.74 -0.64 -18.11
N GLY H 339 68.87 -0.99 -19.05
CA GLY H 339 69.26 -1.15 -20.43
C GLY H 339 68.75 -0.03 -21.30
N ASP H 340 68.38 1.08 -20.68
CA ASP H 340 67.78 2.21 -21.39
C ASP H 340 68.83 3.30 -21.60
N ILE H 341 68.98 3.73 -22.84
CA ILE H 341 69.93 4.78 -23.20
C ILE H 341 69.25 6.13 -23.04
N ASN H 342 69.92 7.06 -22.38
CA ASN H 342 69.45 8.43 -22.23
C ASN H 342 70.26 9.35 -23.13
N ILE H 343 69.56 10.19 -23.90
CA ILE H 343 70.20 11.05 -24.89
C ILE H 343 69.78 12.48 -24.63
N LEU H 344 70.73 13.40 -24.68
CA LEU H 344 70.48 14.83 -24.53
C LEU H 344 71.04 15.56 -25.74
N LEU H 345 70.16 16.18 -26.52
CA LEU H 345 70.55 17.00 -27.66
C LEU H 345 70.53 18.46 -27.22
N ILE H 346 71.69 19.09 -27.25
CA ILE H 346 71.82 20.52 -26.97
C ILE H 346 72.55 21.14 -28.14
N GLY H 347 72.28 22.41 -28.40
CA GLY H 347 72.99 23.07 -29.48
C GLY H 347 72.28 24.33 -29.94
N ASP H 348 72.68 24.77 -31.12
CA ASP H 348 72.21 26.06 -31.64
C ASP H 348 70.74 25.97 -32.03
N PRO H 349 70.01 27.09 -31.97
CA PRO H 349 68.59 27.07 -32.35
C PRO H 349 68.42 26.74 -33.82
N SER H 350 67.29 26.12 -34.14
CA SER H 350 66.96 25.71 -35.49
C SER H 350 67.99 24.71 -36.03
N VAL H 351 68.11 23.59 -35.32
CA VAL H 351 68.94 22.48 -35.75
C VAL H 351 68.09 21.21 -35.75
N ALA H 352 66.78 21.37 -35.70
CA ALA H 352 65.82 20.28 -35.81
C ALA H 352 65.87 19.31 -34.63
N LYS H 353 66.37 19.75 -33.48
CA LYS H 353 66.36 18.87 -32.31
C LYS H 353 64.93 18.60 -31.85
N SER H 354 64.10 19.64 -31.81
CA SER H 354 62.69 19.43 -31.49
C SER H 354 62.01 18.57 -32.54
N GLN H 355 62.44 18.68 -33.80
CA GLN H 355 61.89 17.82 -34.85
C GLN H 355 62.25 16.37 -34.61
N LEU H 356 63.49 16.09 -34.20
CA LEU H 356 63.88 14.72 -33.88
C LEU H 356 63.08 14.18 -32.70
N LEU H 357 62.89 15.02 -31.67
CA LEU H 357 62.08 14.59 -30.53
C LEU H 357 60.65 14.30 -30.97
N ARG H 358 60.10 15.14 -31.84
CA ARG H 358 58.74 14.91 -32.33
C ARG H 358 58.66 13.64 -33.16
N TYR H 359 59.69 13.36 -33.95
CA TYR H 359 59.71 12.11 -34.71
C TYR H 359 59.72 10.91 -33.79
N VAL H 360 60.53 10.96 -32.73
CA VAL H 360 60.53 9.87 -31.76
C VAL H 360 59.16 9.73 -31.12
N LEU H 361 58.52 10.85 -30.79
CA LEU H 361 57.18 10.80 -30.22
C LEU H 361 56.21 10.12 -31.17
N CYS H 362 56.29 10.45 -32.46
CA CYS H 362 55.34 9.91 -33.42
C CYS H 362 55.60 8.43 -33.69
N THR H 363 56.86 7.99 -33.64
CA THR H 363 57.20 6.63 -34.03
C THR H 363 57.25 5.67 -32.85
N ALA H 364 58.08 5.95 -31.86
CA ALA H 364 58.32 4.99 -30.79
C ALA H 364 57.04 4.73 -30.00
N PRO H 365 56.73 3.48 -29.68
CA PRO H 365 55.57 3.21 -28.82
C PRO H 365 55.80 3.70 -27.41
N ARG H 366 54.71 4.06 -26.74
CA ARG H 366 54.74 4.59 -25.38
C ARG H 366 55.76 5.73 -25.27
N ALA H 367 55.55 6.74 -26.10
CA ALA H 367 56.37 7.95 -26.10
C ALA H 367 55.53 9.09 -25.55
N ILE H 368 56.01 9.72 -24.48
CA ILE H 368 55.29 10.76 -23.79
C ILE H 368 55.98 12.10 -24.09
N PRO H 369 55.31 13.06 -24.72
CA PRO H 369 55.90 14.40 -24.83
C PRO H 369 55.89 15.11 -23.48
N THR H 370 56.84 16.04 -23.34
CA THR H 370 56.89 16.86 -22.13
C THR H 370 57.72 18.09 -22.43
N THR H 371 57.41 19.18 -21.73
CA THR H 371 58.10 20.45 -21.89
C THR H 371 58.67 20.87 -20.54
N GLY H 372 59.76 21.65 -20.60
CA GLY H 372 60.47 22.10 -19.41
C GLY H 372 59.54 22.46 -18.27
N ARG H 373 58.63 23.40 -18.50
CA ARG H 373 57.68 23.83 -17.48
C ARG H 373 56.30 23.23 -17.66
N GLY H 374 56.08 22.46 -18.73
CA GLY H 374 54.77 21.84 -18.91
C GLY H 374 54.42 20.88 -17.79
N SER H 375 55.42 20.20 -17.25
CA SER H 375 55.25 19.29 -16.13
C SER H 375 56.12 19.76 -14.98
N SER H 376 55.56 19.78 -13.78
CA SER H 376 56.25 20.28 -12.58
C SER H 376 56.17 19.23 -11.49
N GLY H 377 57.25 18.45 -11.33
CA GLY H 377 57.36 17.51 -10.23
C GLY H 377 56.27 16.46 -10.24
N VAL H 378 55.34 16.56 -9.30
CA VAL H 378 54.28 15.56 -9.15
C VAL H 378 53.67 15.22 -10.50
N GLY H 379 53.56 16.19 -11.39
CA GLY H 379 53.08 15.88 -12.73
C GLY H 379 54.06 15.03 -13.52
N LEU H 380 55.36 15.28 -13.33
CA LEU H 380 56.38 14.54 -14.08
C LEU H 380 56.50 13.12 -13.56
N THR H 381 56.80 12.97 -12.28
CA THR H 381 56.86 11.67 -11.62
C THR H 381 55.48 11.33 -11.08
N ALA H 382 55.39 10.26 -10.28
CA ALA H 382 54.12 9.89 -9.68
C ALA H 382 53.75 10.87 -8.58
N ALA H 383 52.47 10.85 -8.20
CA ALA H 383 51.95 11.73 -7.17
C ALA H 383 51.06 10.93 -6.22
N VAL H 384 50.96 11.42 -4.98
CA VAL H 384 50.16 10.78 -3.94
C VAL H 384 49.06 11.75 -3.55
N THR H 385 47.81 11.32 -3.70
CA THR H 385 46.64 12.11 -3.35
C THR H 385 45.75 11.30 -2.41
N THR H 386 44.56 11.82 -2.14
CA THR H 386 43.58 11.14 -1.30
C THR H 386 42.29 10.95 -2.08
N ASP H 387 41.57 9.87 -1.74
CA ASP H 387 40.35 9.54 -2.48
C ASP H 387 39.25 10.58 -2.26
N GLN H 388 39.28 11.28 -1.13
CA GLN H 388 38.31 12.31 -0.73
C GLN H 388 36.95 11.72 -0.38
N GLU H 389 36.74 10.43 -0.57
CA GLU H 389 35.46 9.80 -0.25
C GLU H 389 35.68 8.64 0.71
N THR H 390 36.82 7.97 0.58
CA THR H 390 37.20 6.90 1.49
C THR H 390 38.22 7.32 2.53
N GLY H 391 38.90 8.44 2.32
CA GLY H 391 39.95 8.87 3.22
C GLY H 391 41.26 8.13 3.06
N GLU H 392 41.44 7.42 1.96
CA GLU H 392 42.61 6.58 1.74
C GLU H 392 43.53 7.22 0.70
N ARG H 393 44.83 7.00 0.86
CA ARG H 393 45.80 7.48 -0.08
C ARG H 393 45.64 6.76 -1.42
N ARG H 394 46.09 7.42 -2.49
CA ARG H 394 46.02 6.87 -3.83
C ARG H 394 47.20 7.40 -4.63
N LEU H 395 47.56 6.64 -5.66
CA LEU H 395 48.71 6.94 -6.50
C LEU H 395 48.24 7.35 -7.89
N GLU H 396 48.85 8.40 -8.43
CA GLU H 396 48.59 8.86 -9.78
C GLU H 396 49.88 8.81 -10.58
N ALA H 397 49.84 8.13 -11.71
CA ALA H 397 51.03 7.92 -12.53
C ALA H 397 51.41 9.20 -13.26
N GLY H 398 52.69 9.57 -13.17
CA GLY H 398 53.21 10.72 -13.86
C GLY H 398 53.64 10.38 -15.28
N ALA H 399 54.31 11.35 -15.91
CA ALA H 399 54.76 11.15 -17.29
C ALA H 399 55.74 9.98 -17.37
N MET H 400 56.68 9.91 -16.44
CA MET H 400 57.66 8.83 -16.46
C MET H 400 56.99 7.48 -16.29
N VAL H 401 56.06 7.39 -15.33
CA VAL H 401 55.38 6.12 -15.08
C VAL H 401 54.59 5.69 -16.30
N LEU H 402 53.87 6.63 -16.91
CA LEU H 402 53.12 6.30 -18.12
C LEU H 402 54.06 5.90 -19.26
N ALA H 403 55.27 6.45 -19.28
CA ALA H 403 56.25 6.12 -20.30
C ALA H 403 57.06 4.88 -19.97
N ASP H 404 56.82 4.26 -18.82
CA ASP H 404 57.48 3.00 -18.48
C ASP H 404 57.57 2.08 -19.69
N ARG H 405 58.74 1.47 -19.88
CA ARG H 405 59.02 0.66 -21.06
C ARG H 405 58.79 1.45 -22.33
N GLY H 406 59.19 2.71 -22.33
CA GLY H 406 58.99 3.58 -23.46
C GLY H 406 59.99 4.71 -23.45
N VAL H 407 59.55 5.87 -23.94
CA VAL H 407 60.40 7.04 -24.11
C VAL H 407 59.70 8.26 -23.55
N VAL H 408 60.48 9.14 -22.93
CA VAL H 408 60.00 10.44 -22.49
C VAL H 408 60.77 11.47 -23.29
N CYS H 409 60.07 12.20 -24.16
CA CYS H 409 60.70 13.22 -25.00
C CYS H 409 60.48 14.57 -24.35
N ILE H 410 61.52 15.08 -23.71
CA ILE H 410 61.46 16.33 -22.96
C ILE H 410 62.08 17.43 -23.81
N ASP H 411 61.40 18.56 -23.90
CA ASP H 411 61.89 19.73 -24.61
C ASP H 411 62.02 20.89 -23.63
N GLU H 412 62.93 21.81 -23.93
CA GLU H 412 63.26 22.89 -23.01
C GLU H 412 63.81 22.33 -21.70
N PHE H 413 64.62 21.29 -21.81
CA PHE H 413 65.19 20.65 -20.64
C PHE H 413 65.96 21.65 -19.79
N ASP H 414 66.69 22.58 -20.43
CA ASP H 414 67.39 23.62 -19.69
C ASP H 414 66.41 24.48 -18.91
N LYS H 415 65.31 24.87 -19.54
CA LYS H 415 64.30 25.67 -18.85
C LYS H 415 63.64 24.91 -17.71
N MET H 416 63.64 23.58 -17.77
CA MET H 416 63.08 22.81 -16.66
C MET H 416 63.75 23.20 -15.36
N SER H 417 62.93 23.37 -14.31
CA SER H 417 63.47 23.78 -13.03
C SER H 417 64.40 22.71 -12.46
N ASP H 418 65.38 23.15 -11.68
CA ASP H 418 66.35 22.22 -11.12
C ASP H 418 65.67 21.15 -10.27
N MET H 419 64.57 21.50 -9.59
CA MET H 419 63.89 20.52 -8.75
C MET H 419 63.40 19.34 -9.55
N ASP H 420 62.84 19.59 -10.73
CA ASP H 420 62.32 18.50 -11.55
C ASP H 420 63.43 17.60 -12.05
N ARG H 421 64.55 18.17 -12.48
CA ARG H 421 65.67 17.36 -12.93
C ARG H 421 66.23 16.52 -11.79
N THR H 422 66.32 17.10 -10.60
CA THR H 422 66.74 16.35 -9.43
C THR H 422 65.77 15.20 -9.15
N ALA H 423 64.48 15.46 -9.28
CA ALA H 423 63.48 14.42 -9.05
C ALA H 423 63.64 13.28 -10.04
N ILE H 424 63.86 13.59 -11.31
CA ILE H 424 63.96 12.54 -12.34
C ILE H 424 65.31 11.86 -12.36
N HIS H 425 66.31 12.40 -11.64
CA HIS H 425 67.59 11.70 -11.51
C HIS H 425 67.40 10.21 -11.29
N GLU H 426 66.54 9.84 -10.35
CA GLU H 426 66.33 8.42 -10.05
C GLU H 426 65.80 7.67 -11.26
N VAL H 427 64.81 8.25 -11.94
CA VAL H 427 64.21 7.58 -13.09
C VAL H 427 65.26 7.36 -14.18
N MET H 428 66.16 8.33 -14.35
CA MET H 428 67.11 8.26 -15.45
C MET H 428 68.05 7.07 -15.30
N GLU H 429 68.34 6.64 -14.07
CA GLU H 429 69.29 5.57 -13.83
C GLU H 429 68.62 4.31 -13.30
N GLN H 430 67.91 4.40 -12.16
CA GLN H 430 67.25 3.21 -11.62
C GLN H 430 65.98 2.85 -12.37
N GLY H 431 65.43 3.77 -13.17
CA GLY H 431 64.21 3.48 -13.89
C GLY H 431 63.04 3.16 -13.00
N ARG H 432 62.91 3.88 -11.88
CA ARG H 432 61.81 3.64 -10.97
C ARG H 432 61.57 4.91 -10.16
N VAL H 433 60.32 5.09 -9.73
CA VAL H 433 59.91 6.26 -8.96
C VAL H 433 59.60 5.79 -7.54
N THR H 434 60.25 6.40 -6.56
CA THR H 434 60.10 6.04 -5.15
C THR H 434 59.37 7.19 -4.46
N ILE H 435 58.05 7.03 -4.29
CA ILE H 435 57.22 8.03 -3.63
C ILE H 435 56.58 7.39 -2.40
N ALA H 436 56.20 8.24 -1.45
CA ALA H 436 55.58 7.73 -0.24
C ALA H 436 55.01 8.88 0.57
N LYS H 437 53.81 8.68 1.10
CA LYS H 437 53.21 9.54 2.10
C LYS H 437 52.97 8.71 3.36
N ALA H 438 52.34 9.33 4.36
CA ALA H 438 52.20 8.65 5.65
C ALA H 438 51.41 7.36 5.52
N GLY H 439 50.32 7.39 4.77
CA GLY H 439 49.45 6.24 4.64
C GLY H 439 49.74 5.31 3.49
N ILE H 440 50.79 5.56 2.71
CA ILE H 440 51.10 4.73 1.55
C ILE H 440 52.55 4.96 1.17
N HIS H 441 53.17 3.92 0.59
CA HIS H 441 54.50 4.04 0.02
C HIS H 441 54.60 3.03 -1.12
N ALA H 442 55.21 3.46 -2.22
CA ALA H 442 55.33 2.61 -3.39
C ALA H 442 56.63 2.92 -4.10
N ARG H 443 57.04 1.99 -4.97
CA ARG H 443 58.22 2.14 -5.81
C ARG H 443 57.78 1.83 -7.23
N LEU H 444 57.26 2.85 -7.91
CA LEU H 444 56.68 2.64 -9.23
C LEU H 444 57.76 2.36 -10.26
N ASN H 445 57.42 1.52 -11.23
CA ASN H 445 58.34 1.19 -12.31
C ASN H 445 58.25 2.26 -13.39
N ALA H 446 59.38 2.93 -13.66
CA ALA H 446 59.49 3.88 -14.77
C ALA H 446 60.74 3.50 -15.55
N ARG H 447 60.61 2.51 -16.42
CA ARG H 447 61.73 2.03 -17.23
C ARG H 447 61.66 2.67 -18.62
N CYS H 448 61.93 3.97 -18.64
CA CYS H 448 61.80 4.78 -19.83
C CYS H 448 63.13 5.43 -20.18
N SER H 449 63.40 5.52 -21.48
CA SER H 449 64.56 6.24 -21.98
C SER H 449 64.21 7.72 -22.13
N VAL H 450 65.07 8.58 -21.61
CA VAL H 450 64.83 10.03 -21.63
C VAL H 450 65.57 10.61 -22.82
N LEU H 451 64.82 11.22 -23.74
CA LEU H 451 65.37 11.95 -24.87
C LEU H 451 65.05 13.42 -24.64
N ALA H 452 66.07 14.19 -24.26
CA ALA H 452 65.89 15.56 -23.85
C ALA H 452 66.49 16.52 -24.89
N ALA H 453 65.94 17.72 -24.95
CA ALA H 453 66.46 18.79 -25.79
C ALA H 453 66.62 20.05 -24.93
N ALA H 454 67.65 20.83 -25.25
CA ALA H 454 67.94 22.02 -24.46
C ALA H 454 68.65 23.05 -25.34
N ASN H 455 68.64 24.29 -24.86
CA ASN H 455 69.36 25.38 -25.50
C ASN H 455 70.55 25.75 -24.66
N PRO H 456 71.75 25.86 -25.22
CA PRO H 456 72.91 26.23 -24.41
C PRO H 456 72.73 27.61 -23.80
N VAL H 457 73.34 27.80 -22.63
CA VAL H 457 73.31 29.10 -21.97
C VAL H 457 73.79 30.13 -22.98
N TYR H 458 73.25 31.35 -22.90
CA TYR H 458 73.48 32.42 -23.86
C TYR H 458 72.66 32.21 -25.13
N GLY H 459 71.67 31.34 -25.11
CA GLY H 459 70.80 31.14 -26.27
C GLY H 459 71.42 30.38 -27.41
N ARG H 460 72.60 30.79 -27.86
CA ARG H 460 73.31 30.16 -28.95
C ARG H 460 74.66 29.65 -28.46
N TYR H 461 75.10 28.53 -29.02
CA TYR H 461 76.33 27.91 -28.56
C TYR H 461 77.51 28.84 -28.78
N ASP H 462 78.43 28.85 -27.82
CA ASP H 462 79.63 29.68 -27.86
C ASP H 462 80.80 28.79 -28.25
N GLN H 463 81.22 28.89 -29.51
CA GLN H 463 82.32 28.06 -30.00
C GLN H 463 83.62 28.31 -29.24
N TYR H 464 83.78 29.48 -28.63
CA TYR H 464 85.03 29.87 -28.00
C TYR H 464 84.98 29.75 -26.48
N LYS H 465 84.09 28.90 -25.96
CA LYS H 465 84.02 28.63 -24.53
C LYS H 465 83.89 27.12 -24.32
N THR H 466 84.30 26.68 -23.14
CA THR H 466 84.27 25.26 -22.84
C THR H 466 82.83 24.75 -22.86
N PRO H 467 82.62 23.49 -23.28
CA PRO H 467 81.27 22.93 -23.21
C PRO H 467 80.72 22.93 -21.80
N MET H 468 81.58 22.80 -20.79
CA MET H 468 81.10 22.87 -19.41
C MET H 468 80.44 24.21 -19.14
N GLU H 469 81.04 25.30 -19.63
CA GLU H 469 80.46 26.62 -19.43
C GLU H 469 79.26 26.86 -20.34
N ASN H 470 79.29 26.32 -21.56
CA ASN H 470 78.15 26.48 -22.45
C ASN H 470 76.92 25.79 -21.88
N ILE H 471 77.08 24.60 -21.30
CA ILE H 471 75.99 23.83 -20.74
C ILE H 471 75.93 24.13 -19.25
N GLY H 472 74.82 24.67 -18.78
CA GLY H 472 74.68 25.00 -17.38
C GLY H 472 74.33 23.83 -16.49
N LEU H 473 74.25 22.63 -17.06
CA LEU H 473 73.88 21.44 -16.31
C LEU H 473 75.12 20.88 -15.62
N GLN H 474 75.00 20.62 -14.32
CA GLN H 474 76.13 20.17 -13.53
C GLN H 474 76.45 18.70 -13.83
N ASP H 475 77.61 18.27 -13.33
CA ASP H 475 78.12 16.96 -13.67
C ASP H 475 77.19 15.85 -13.17
N SER H 476 76.58 16.05 -12.01
CA SER H 476 75.71 15.02 -11.46
C SER H 476 74.59 14.68 -12.43
N LEU H 477 73.95 15.69 -13.00
CA LEU H 477 72.88 15.46 -13.97
C LEU H 477 73.44 15.06 -15.33
N LEU H 478 74.62 15.56 -15.70
CA LEU H 478 75.18 15.23 -17.01
C LEU H 478 75.56 13.77 -17.10
N SER H 479 76.06 13.19 -16.02
CA SER H 479 76.61 11.84 -16.08
C SER H 479 75.55 10.83 -16.48
N ARG H 480 74.35 10.91 -15.88
CA ARG H 480 73.33 9.92 -16.16
C ARG H 480 72.80 10.01 -17.58
N PHE H 481 73.13 11.05 -18.33
CA PHE H 481 72.82 11.09 -19.75
C PHE H 481 73.85 10.24 -20.49
N ASP H 482 73.41 9.13 -21.05
CA ASP H 482 74.34 8.21 -21.70
C ASP H 482 75.07 8.90 -22.85
N LEU H 483 74.35 9.66 -23.66
CA LEU H 483 74.95 10.40 -24.77
C LEU H 483 74.50 11.85 -24.71
N LEU H 484 75.42 12.75 -25.00
CA LEU H 484 75.16 14.18 -25.02
C LEU H 484 75.72 14.74 -26.32
N PHE H 485 74.83 15.13 -27.23
CA PHE H 485 75.21 15.59 -28.56
C PHE H 485 75.05 17.09 -28.68
N ILE H 486 76.11 17.77 -29.10
CA ILE H 486 76.10 19.21 -29.34
C ILE H 486 75.91 19.40 -30.85
N MET H 487 74.74 19.92 -31.21
CA MET H 487 74.35 20.11 -32.60
C MET H 487 74.55 21.58 -32.94
N LEU H 488 75.60 21.85 -33.71
CA LEU H 488 76.01 23.21 -34.03
C LEU H 488 75.47 23.64 -35.38
N ASP H 489 74.95 24.87 -35.43
CA ASP H 489 74.45 25.46 -36.67
C ASP H 489 75.63 26.08 -37.42
N GLN H 490 76.54 25.22 -37.87
CA GLN H 490 77.69 25.67 -38.61
C GLN H 490 77.25 26.37 -39.89
N MET H 491 77.97 27.43 -40.26
CA MET H 491 77.61 28.29 -41.39
C MET H 491 78.41 27.93 -42.64
N ASP H 492 78.74 26.66 -42.82
CA ASP H 492 79.45 26.25 -44.03
C ASP H 492 78.55 26.47 -45.25
N PRO H 493 79.06 27.11 -46.31
CA PRO H 493 78.21 27.29 -47.49
C PRO H 493 77.69 26.00 -48.08
N GLU H 494 78.50 24.94 -48.11
CA GLU H 494 78.05 23.69 -48.72
C GLU H 494 77.01 22.98 -47.86
N GLN H 495 77.22 22.99 -46.54
CA GLN H 495 76.22 22.39 -45.66
C GLN H 495 74.91 23.17 -45.73
N ASP H 496 75.01 24.50 -45.84
CA ASP H 496 73.80 25.30 -46.04
C ASP H 496 73.12 24.95 -47.35
N ARG H 497 73.90 24.74 -48.41
CA ARG H 497 73.33 24.31 -49.68
C ARG H 497 72.53 23.02 -49.50
N GLU H 498 73.15 22.02 -48.87
CA GLU H 498 72.48 20.73 -48.70
C GLU H 498 71.22 20.87 -47.85
N ILE H 499 71.32 21.60 -46.74
CA ILE H 499 70.17 21.75 -45.84
C ILE H 499 69.03 22.45 -46.55
N SER H 500 69.34 23.53 -47.28
CA SER H 500 68.30 24.26 -48.00
C SER H 500 67.67 23.40 -49.08
N ASP H 501 68.47 22.64 -49.82
CA ASP H 501 67.92 21.77 -50.85
C ASP H 501 66.97 20.76 -50.24
N HIS H 502 67.38 20.13 -49.14
CA HIS H 502 66.53 19.14 -48.48
C HIS H 502 65.23 19.78 -47.99
N VAL H 503 65.33 20.95 -47.36
CA VAL H 503 64.15 21.61 -46.80
C VAL H 503 63.17 21.96 -47.91
N LEU H 504 63.68 22.53 -49.00
CA LEU H 504 62.80 22.95 -50.09
C LEU H 504 62.17 21.74 -50.77
N ARG H 505 62.93 20.66 -50.94
CA ARG H 505 62.33 19.46 -51.52
C ARG H 505 61.21 18.94 -50.62
N MET H 506 61.44 18.90 -49.31
CA MET H 506 60.41 18.41 -48.41
C MET H 506 59.18 19.29 -48.47
N HIS H 507 59.38 20.61 -48.56
CA HIS H 507 58.25 21.52 -48.65
C HIS H 507 57.49 21.32 -49.95
N ARG H 508 58.19 21.07 -51.05
CA ARG H 508 57.53 20.92 -52.34
C ARG H 508 56.89 19.55 -52.54
N TYR H 509 57.16 18.58 -51.67
CA TYR H 509 56.50 17.29 -51.79
C TYR H 509 55.00 17.41 -51.55
N ARG H 510 54.22 16.63 -52.31
CA ARG H 510 52.80 16.48 -52.09
C ARG H 510 52.45 15.01 -52.05
N ALA H 511 51.49 14.64 -51.22
CA ALA H 511 51.06 13.26 -51.12
C ALA H 511 50.36 12.84 -52.41
N PRO H 512 50.71 11.70 -53.00
CA PRO H 512 50.02 11.26 -54.22
C PRO H 512 48.54 10.96 -53.95
N GLY H 513 47.73 11.21 -54.97
CA GLY H 513 46.32 10.85 -54.91
C GLY H 513 45.49 11.76 -54.04
N GLU H 514 45.77 11.78 -52.74
CA GLU H 514 44.95 12.57 -51.81
C GLU H 514 45.03 14.06 -52.14
N GLN H 515 46.22 14.56 -52.47
CA GLN H 515 46.41 15.96 -52.80
C GLN H 515 46.40 16.13 -54.32
N ASP H 516 45.64 17.10 -54.80
CA ASP H 516 45.54 17.39 -56.22
C ASP H 516 46.31 18.63 -56.64
N GLY H 517 47.10 19.21 -55.74
CA GLY H 517 47.93 20.36 -56.05
C GLY H 517 47.48 21.66 -55.41
N ASP H 518 46.27 21.71 -54.86
CA ASP H 518 45.80 22.94 -54.22
C ASP H 518 45.04 22.68 -52.92
N ALA H 519 44.97 21.44 -52.45
CA ALA H 519 44.14 21.10 -51.31
C ALA H 519 44.76 21.56 -50.00
N MET H 520 43.89 21.97 -49.07
CA MET H 520 44.26 22.22 -47.69
C MET H 520 43.68 21.10 -46.82
N PRO H 521 44.51 20.23 -46.23
CA PRO H 521 43.95 19.02 -45.59
C PRO H 521 43.25 19.23 -44.26
N LEU H 522 43.28 20.43 -43.69
CA LEU H 522 42.73 20.61 -42.35
C LEU H 522 41.24 20.32 -42.33
N GLY H 523 40.79 19.66 -41.26
CA GLY H 523 39.38 19.47 -40.98
C GLY H 523 38.97 20.24 -39.73
N SER H 524 37.65 20.31 -39.52
CA SER H 524 37.08 21.14 -38.44
C SER H 524 36.08 20.32 -37.61
N ALA H 525 36.59 19.59 -36.64
CA ALA H 525 35.86 19.08 -35.47
C ALA H 525 34.66 18.21 -35.82
N VAL H 526 34.40 17.92 -37.09
CA VAL H 526 33.23 17.14 -37.47
C VAL H 526 33.67 15.91 -38.24
N ASP H 527 34.56 16.10 -39.21
CA ASP H 527 35.04 14.97 -40.00
C ASP H 527 35.74 13.94 -39.12
N ILE H 528 36.29 14.37 -37.99
CA ILE H 528 37.00 13.45 -37.11
C ILE H 528 36.05 12.36 -36.62
N LEU H 529 34.86 12.75 -36.16
CA LEU H 529 33.86 11.77 -35.77
C LEU H 529 33.18 11.13 -36.97
N ALA H 530 33.05 11.87 -38.07
CA ALA H 530 32.42 11.29 -39.25
C ALA H 530 33.18 10.07 -39.76
N THR H 531 34.50 10.16 -39.79
CA THR H 531 35.36 9.06 -40.23
C THR H 531 35.95 8.35 -39.02
N ASP H 532 36.40 7.12 -39.24
CA ASP H 532 36.98 6.33 -38.17
C ASP H 532 38.23 7.00 -37.62
N ASP H 533 38.42 6.88 -36.32
CA ASP H 533 39.60 7.44 -35.68
C ASP H 533 40.83 6.68 -36.15
N PRO H 534 41.88 7.36 -36.68
CA PRO H 534 43.14 6.69 -36.98
C PRO H 534 44.07 6.58 -35.77
N ASN H 535 43.48 6.18 -34.64
CA ASN H 535 44.21 5.98 -33.39
C ASN H 535 43.88 4.66 -32.71
N PHE H 536 42.73 4.06 -33.03
CA PHE H 536 42.34 2.76 -32.50
C PHE H 536 41.90 1.83 -33.63
N SER H 537 42.42 2.07 -34.84
CA SER H 537 42.02 1.31 -36.01
C SER H 537 42.72 -0.04 -36.03
N GLN H 538 42.37 -0.86 -37.02
CA GLN H 538 42.94 -2.20 -37.16
C GLN H 538 44.16 -2.17 -38.07
N ILE H 546 48.80 -5.51 -46.50
CA ILE H 546 50.04 -5.63 -47.27
C ILE H 546 51.01 -4.54 -46.85
N TYR H 547 52.25 -4.94 -46.56
CA TYR H 547 53.30 -4.02 -46.14
C TYR H 547 54.56 -4.30 -46.95
N GLU H 548 55.18 -3.26 -47.47
CA GLU H 548 56.40 -3.37 -48.24
C GLU H 548 57.60 -3.15 -47.31
N LYS H 549 58.79 -3.14 -47.91
CA LYS H 549 60.04 -3.07 -47.16
C LYS H 549 60.86 -1.82 -47.47
N HIS H 550 61.08 -1.50 -48.74
CA HIS H 550 61.87 -0.35 -49.15
C HIS H 550 60.96 0.68 -49.81
N ASP H 551 61.07 1.93 -49.34
CA ASP H 551 60.25 3.01 -49.89
C ASP H 551 60.54 3.18 -51.38
N ASN H 552 59.47 3.27 -52.17
CA ASN H 552 59.62 3.54 -53.59
C ASN H 552 60.16 4.95 -53.80
N LEU H 553 60.95 5.12 -54.86
CA LEU H 553 61.52 6.42 -55.15
C LEU H 553 60.42 7.46 -55.31
N LEU H 554 60.63 8.63 -54.72
CA LEU H 554 59.65 9.70 -54.74
C LEU H 554 60.41 11.03 -54.61
N HIS H 555 59.65 12.12 -54.48
CA HIS H 555 60.25 13.45 -54.38
C HIS H 555 61.10 13.62 -53.13
N GLY H 556 60.98 12.74 -52.14
CA GLY H 556 61.78 12.88 -50.94
C GLY H 556 63.27 12.86 -51.24
N THR H 557 63.69 12.00 -52.15
CA THR H 557 65.08 11.92 -52.58
C THR H 557 65.12 11.83 -54.10
N LYS H 558 66.25 12.26 -54.69
CA LYS H 558 66.33 12.28 -56.14
C LYS H 558 66.59 10.89 -56.71
N LYS H 559 67.74 10.30 -56.40
CA LYS H 559 68.06 8.94 -56.82
C LYS H 559 69.42 8.50 -56.31
N LYS H 560 69.62 7.21 -56.10
CA LYS H 560 70.93 6.62 -55.86
C LYS H 560 70.73 5.11 -55.73
N LYS H 561 71.84 4.40 -55.62
CA LYS H 561 71.81 2.95 -55.39
C LYS H 561 71.73 2.63 -53.90
N GLU H 562 70.75 3.21 -53.23
CA GLU H 562 70.54 2.94 -51.80
C GLU H 562 69.10 3.32 -51.47
N LYS H 563 68.28 2.34 -51.16
CA LYS H 563 66.88 2.56 -50.89
C LYS H 563 66.68 3.06 -49.46
N MET H 564 65.47 3.53 -49.19
CA MET H 564 65.09 4.04 -47.87
C MET H 564 64.02 3.14 -47.27
N VAL H 565 64.18 2.79 -45.99
CA VAL H 565 63.31 1.82 -45.36
C VAL H 565 61.94 2.43 -45.12
N SER H 566 60.89 1.65 -45.40
CA SER H 566 59.53 2.10 -45.13
C SER H 566 59.30 2.26 -43.64
N ALA H 567 58.40 3.18 -43.29
CA ALA H 567 58.12 3.46 -41.89
C ALA H 567 57.50 2.25 -41.20
N ALA H 568 56.52 1.61 -41.83
CA ALA H 568 55.90 0.44 -41.23
C ALA H 568 56.87 -0.71 -41.09
N PHE H 569 57.68 -0.96 -42.14
CA PHE H 569 58.67 -2.02 -42.07
C PHE H 569 59.69 -1.74 -40.97
N MET H 570 60.12 -0.48 -40.84
CA MET H 570 61.06 -0.13 -39.79
C MET H 570 60.45 -0.32 -38.41
N LYS H 571 59.18 0.05 -38.24
CA LYS H 571 58.52 -0.15 -36.95
C LYS H 571 58.47 -1.63 -36.61
N LYS H 572 58.07 -2.46 -37.57
CA LYS H 572 58.01 -3.90 -37.31
C LYS H 572 59.39 -4.46 -37.00
N TYR H 573 60.40 -4.05 -37.76
CA TYR H 573 61.75 -4.56 -37.55
C TYR H 573 62.28 -4.16 -36.17
N ILE H 574 62.05 -2.90 -35.78
CA ILE H 574 62.51 -2.45 -34.47
C ILE H 574 61.78 -3.18 -33.36
N HIS H 575 60.47 -3.39 -33.52
CA HIS H 575 59.73 -4.14 -32.50
C HIS H 575 60.28 -5.56 -32.35
N VAL H 576 60.57 -6.21 -33.48
CA VAL H 576 61.09 -7.58 -33.42
C VAL H 576 62.48 -7.58 -32.80
N ALA H 577 63.33 -6.63 -33.19
CA ALA H 577 64.72 -6.62 -32.73
C ALA H 577 64.86 -6.20 -31.28
N LYS H 578 63.92 -5.42 -30.75
CA LYS H 578 64.01 -5.00 -29.35
C LYS H 578 63.90 -6.19 -28.42
N ILE H 579 63.14 -7.22 -28.79
CA ILE H 579 62.99 -8.39 -27.94
C ILE H 579 64.30 -9.16 -27.83
N ILE H 580 65.13 -9.11 -28.87
CA ILE H 580 66.39 -9.85 -28.83
C ILE H 580 67.24 -9.35 -27.67
N LYS H 581 67.94 -10.27 -27.03
CA LYS H 581 68.82 -9.95 -25.89
C LYS H 581 70.20 -10.52 -26.18
N PRO H 582 70.93 -9.91 -27.12
CA PRO H 582 72.25 -10.45 -27.46
C PRO H 582 73.18 -10.46 -26.25
N VAL H 583 74.01 -11.51 -26.19
CA VAL H 583 74.88 -11.75 -25.05
C VAL H 583 76.26 -11.19 -25.34
N LEU H 584 76.89 -10.62 -24.31
CA LEU H 584 78.19 -9.99 -24.49
C LEU H 584 79.28 -11.05 -24.60
N THR H 585 80.05 -10.99 -25.69
CA THR H 585 81.12 -11.94 -25.94
C THR H 585 82.41 -11.49 -25.24
N GLN H 586 83.33 -12.43 -25.08
CA GLN H 586 84.58 -12.13 -24.39
C GLN H 586 85.43 -11.14 -25.18
N GLU H 587 85.48 -11.28 -26.50
CA GLU H 587 86.27 -10.37 -27.32
C GLU H 587 85.75 -8.95 -27.20
N SER H 588 84.43 -8.77 -27.35
CA SER H 588 83.84 -7.45 -27.21
C SER H 588 84.03 -6.92 -25.79
N ALA H 589 83.92 -7.79 -24.79
CA ALA H 589 84.11 -7.35 -23.41
C ALA H 589 85.52 -6.81 -23.20
N THR H 590 86.53 -7.54 -23.67
CA THR H 590 87.91 -7.08 -23.52
C THR H 590 88.14 -5.78 -24.28
N TYR H 591 87.62 -5.70 -25.50
CA TYR H 591 87.79 -4.50 -26.30
C TYR H 591 87.16 -3.30 -25.60
N ILE H 592 85.95 -3.47 -25.08
CA ILE H 592 85.26 -2.38 -24.40
C ILE H 592 86.00 -1.99 -23.13
N ALA H 593 86.53 -2.96 -22.39
CA ALA H 593 87.25 -2.64 -21.17
C ALA H 593 88.50 -1.83 -21.46
N GLU H 594 89.29 -2.26 -22.44
CA GLU H 594 90.50 -1.51 -22.77
C GLU H 594 90.16 -0.13 -23.29
N GLU H 595 89.13 -0.03 -24.14
CA GLU H 595 88.73 1.27 -24.66
C GLU H 595 88.23 2.19 -23.56
N TYR H 596 87.51 1.65 -22.59
CA TYR H 596 87.07 2.48 -21.46
C TYR H 596 88.25 2.97 -20.65
N SER H 597 89.24 2.09 -20.42
CA SER H 597 90.43 2.54 -19.70
C SER H 597 91.12 3.67 -20.43
N ARG H 598 91.31 3.51 -21.75
CA ARG H 598 91.94 4.56 -22.54
C ARG H 598 91.13 5.84 -22.51
N LEU H 599 89.81 5.72 -22.65
CA LEU H 599 88.94 6.89 -22.67
C LEU H 599 89.00 7.65 -21.35
N ARG H 600 88.97 6.92 -20.24
CA ARG H 600 89.05 7.56 -18.94
C ARG H 600 90.41 8.22 -18.74
N SER H 601 91.47 7.59 -19.22
CA SER H 601 92.79 8.23 -19.19
C SER H 601 92.77 9.43 -20.15
N GLN H 602 92.80 10.63 -19.58
CA GLN H 602 92.64 11.83 -20.39
C GLN H 602 93.74 11.98 -21.44
N ASP H 603 94.90 11.37 -21.23
CA ASP H 603 96.01 11.56 -22.15
C ASP H 603 95.69 11.08 -23.57
N SER H 604 94.68 10.21 -23.72
CA SER H 604 94.37 9.68 -25.04
C SER H 604 93.88 10.79 -25.98
N MET H 605 92.99 11.66 -25.50
CA MET H 605 92.42 12.70 -26.34
C MET H 605 93.39 13.87 -26.49
N SER H 606 93.33 14.52 -27.65
CA SER H 606 94.27 15.57 -27.99
C SER H 606 94.05 16.80 -27.12
N SER H 607 94.91 17.80 -27.32
CA SER H 607 94.77 19.08 -26.64
C SER H 607 93.65 19.89 -27.30
N ASP H 608 93.40 21.08 -26.74
CA ASP H 608 92.35 21.99 -27.22
C ASP H 608 91.01 21.28 -27.34
N THR H 609 90.84 20.16 -26.64
CA THR H 609 89.63 19.36 -26.69
C THR H 609 89.07 19.25 -25.28
N ALA H 610 87.81 19.67 -25.11
CA ALA H 610 87.15 19.66 -23.82
C ALA H 610 86.04 18.62 -23.81
N ARG H 611 85.89 17.95 -22.68
CA ARG H 611 84.92 16.87 -22.55
C ARG H 611 83.51 17.44 -22.38
N THR H 612 82.57 16.95 -23.19
CA THR H 612 81.19 17.38 -23.03
C THR H 612 80.64 16.97 -21.67
N SER H 613 80.82 15.71 -21.31
CA SER H 613 80.36 15.17 -20.04
C SER H 613 81.44 14.32 -19.41
N PRO H 614 81.46 14.21 -18.08
CA PRO H 614 82.51 13.42 -17.43
C PRO H 614 82.38 11.94 -17.73
N VAL H 615 83.51 11.25 -17.69
CA VAL H 615 83.60 9.82 -17.99
C VAL H 615 83.50 9.03 -16.69
N THR H 616 82.77 7.92 -16.73
CA THR H 616 82.49 7.18 -15.49
C THR H 616 82.08 5.75 -15.82
N ALA H 617 82.00 4.94 -14.77
CA ALA H 617 81.41 3.61 -14.86
C ALA H 617 80.15 3.65 -15.69
N ARG H 618 79.37 4.74 -15.56
CA ARG H 618 78.21 4.90 -16.41
C ARG H 618 78.61 5.04 -17.88
N THR H 619 79.77 5.65 -18.15
CA THR H 619 80.26 5.67 -19.53
C THR H 619 80.53 4.26 -20.02
N LEU H 620 81.12 3.42 -19.18
CA LEU H 620 81.31 2.03 -19.56
C LEU H 620 79.97 1.33 -19.81
N GLU H 621 78.99 1.59 -18.93
CA GLU H 621 77.70 0.94 -19.06
C GLU H 621 77.00 1.36 -20.34
N THR H 622 77.09 2.64 -20.71
CA THR H 622 76.51 3.06 -21.98
C THR H 622 77.27 2.50 -23.17
N LEU H 623 78.58 2.30 -23.04
CA LEU H 623 79.31 1.58 -24.07
C LEU H 623 78.73 0.19 -24.26
N ILE H 624 78.52 -0.52 -23.17
CA ILE H 624 77.96 -1.87 -23.25
C ILE H 624 76.57 -1.84 -23.85
N ARG H 625 75.74 -0.88 -23.41
CA ARG H 625 74.38 -0.77 -23.92
C ARG H 625 74.36 -0.46 -25.41
N LEU H 626 75.26 0.41 -25.87
CA LEU H 626 75.32 0.73 -27.29
C LEU H 626 75.76 -0.47 -28.11
N ALA H 627 76.74 -1.23 -27.60
CA ALA H 627 77.12 -2.46 -28.29
C ALA H 627 75.94 -3.43 -28.36
N THR H 628 75.18 -3.54 -27.26
CA THR H 628 74.01 -4.41 -27.25
C THR H 628 72.97 -3.93 -28.25
N ALA H 629 72.78 -2.62 -28.35
CA ALA H 629 71.81 -2.07 -29.29
C ALA H 629 72.23 -2.35 -30.73
N HIS H 630 73.53 -2.22 -31.02
CA HIS H 630 74.00 -2.54 -32.36
C HIS H 630 73.79 -4.01 -32.67
N ALA H 631 74.03 -4.88 -31.68
CA ALA H 631 73.76 -6.30 -31.86
C ALA H 631 72.27 -6.54 -32.16
N LYS H 632 71.39 -5.87 -31.41
CA LYS H 632 69.96 -5.98 -31.66
C LYS H 632 69.63 -5.56 -33.07
N ALA H 633 70.18 -4.43 -33.51
CA ALA H 633 69.94 -3.96 -34.88
C ALA H 633 70.37 -5.01 -35.89
N ARG H 634 71.52 -5.64 -35.65
CA ARG H 634 71.99 -6.69 -36.55
C ARG H 634 71.22 -8.00 -36.39
N MET H 635 70.39 -8.13 -35.36
CA MET H 635 69.74 -9.41 -35.05
C MET H 635 70.78 -10.49 -34.77
N SER H 636 71.91 -10.08 -34.19
CA SER H 636 73.06 -10.96 -34.03
C SER H 636 72.85 -11.99 -32.92
N LYS H 637 72.23 -11.57 -31.82
CA LYS H 637 72.08 -12.37 -30.59
C LYS H 637 73.39 -12.48 -29.83
N THR H 638 74.47 -11.89 -30.33
CA THR H 638 75.74 -11.84 -29.62
C THR H 638 76.42 -10.52 -29.93
N VAL H 639 76.93 -9.87 -28.90
CA VAL H 639 77.63 -8.59 -29.08
C VAL H 639 79.01 -8.89 -29.66
N ASP H 640 79.26 -8.40 -30.87
CA ASP H 640 80.45 -8.71 -31.63
C ASP H 640 81.41 -7.53 -31.67
N LEU H 641 82.57 -7.77 -32.29
CA LEU H 641 83.60 -6.74 -32.35
C LEU H 641 83.11 -5.52 -33.11
N GLN H 642 82.36 -5.71 -34.18
CA GLN H 642 81.82 -4.57 -34.92
C GLN H 642 80.88 -3.76 -34.05
N ASP H 643 80.04 -4.43 -33.26
CA ASP H 643 79.15 -3.72 -32.35
C ASP H 643 79.94 -2.90 -31.33
N ALA H 644 80.97 -3.50 -30.75
CA ALA H 644 81.80 -2.78 -29.80
C ALA H 644 82.48 -1.57 -30.47
N GLU H 645 82.95 -1.77 -31.70
CA GLU H 645 83.59 -0.68 -32.44
C GLU H 645 82.62 0.47 -32.65
N GLU H 646 81.38 0.15 -33.05
CA GLU H 646 80.40 1.22 -33.26
C GLU H 646 80.10 1.95 -31.96
N ALA H 647 79.97 1.20 -30.86
CA ALA H 647 79.68 1.84 -29.58
C ALA H 647 80.81 2.79 -29.17
N VAL H 648 82.06 2.34 -29.32
CA VAL H 648 83.18 3.18 -28.93
C VAL H 648 83.27 4.39 -29.86
N GLU H 649 83.02 4.20 -31.15
CA GLU H 649 83.00 5.33 -32.08
C GLU H 649 81.99 6.38 -31.63
N LEU H 650 80.77 5.93 -31.33
CA LEU H 650 79.71 6.87 -30.97
C LEU H 650 80.04 7.61 -29.68
N VAL H 651 80.51 6.89 -28.67
CA VAL H 651 80.81 7.56 -27.40
C VAL H 651 81.99 8.50 -27.56
N GLN H 652 82.99 8.12 -28.34
CA GLN H 652 84.13 8.99 -28.57
C GLN H 652 83.71 10.28 -29.25
N TYR H 653 82.84 10.18 -30.27
CA TYR H 653 82.34 11.38 -30.92
C TYR H 653 81.55 12.24 -29.95
N ALA H 654 80.71 11.61 -29.12
CA ALA H 654 79.78 12.37 -28.29
C ALA H 654 80.45 13.02 -27.08
N TYR H 655 81.52 12.42 -26.55
CA TYR H 655 82.05 12.88 -25.27
C TYR H 655 83.07 14.00 -25.38
N PHE H 656 83.49 14.38 -26.59
CA PHE H 656 84.54 15.37 -26.76
C PHE H 656 84.12 16.40 -27.82
N LYS H 657 84.45 17.66 -27.55
CA LYS H 657 84.19 18.76 -28.47
C LYS H 657 85.41 19.66 -28.52
N LYS H 658 85.82 20.05 -29.73
CA LYS H 658 86.99 20.89 -29.90
C LYS H 658 86.65 22.34 -29.58
N VAL H 659 87.45 22.96 -28.72
CA VAL H 659 87.28 24.36 -28.36
C VAL H 659 88.00 25.21 -29.39
N LEU H 660 87.23 26.04 -30.11
CA LEU H 660 87.79 26.86 -31.17
C LEU H 660 88.44 28.11 -30.60
N GLU H 661 89.38 28.66 -31.37
CA GLU H 661 90.07 29.89 -31.00
C GLU H 661 90.97 30.35 -32.15
N VAL I 110 27.03 1.15 57.66
CA VAL I 110 25.94 2.07 57.34
C VAL I 110 25.44 2.76 58.60
N ARG I 111 25.16 4.06 58.47
CA ARG I 111 24.62 4.86 59.56
C ARG I 111 23.55 5.81 59.06
N GLY I 112 22.78 5.39 58.06
CA GLY I 112 21.84 6.26 57.39
C GLY I 112 22.45 7.10 56.28
N THR I 113 23.74 6.94 56.02
CA THR I 113 24.39 7.69 54.95
C THR I 113 23.85 7.23 53.60
N PRO I 114 23.64 8.16 52.65
CA PRO I 114 23.16 7.77 51.32
C PRO I 114 24.31 7.19 50.49
N VAL I 115 24.12 5.97 50.00
CA VAL I 115 25.13 5.29 49.20
C VAL I 115 25.05 5.86 47.79
N ARG I 116 25.97 6.77 47.46
CA ARG I 116 26.03 7.34 46.13
C ARG I 116 26.37 6.28 45.10
N GLN I 117 25.84 6.46 43.88
CA GLN I 117 26.11 5.52 42.81
C GLN I 117 27.55 5.70 42.30
N ARG I 118 28.02 4.69 41.57
CA ARG I 118 29.39 4.65 41.05
C ARG I 118 29.32 4.60 39.53
N PRO I 119 29.19 5.75 38.87
CA PRO I 119 29.10 5.74 37.41
C PRO I 119 30.35 5.20 36.73
N ASP I 120 31.51 5.27 37.39
CA ASP I 120 32.74 4.74 36.81
C ASP I 120 32.64 3.23 36.61
N LEU I 121 32.01 2.54 37.55
CA LEU I 121 31.83 1.09 37.44
C LEU I 121 30.79 0.70 36.42
N GLY I 122 30.28 1.62 35.61
CA GLY I 122 29.37 1.28 34.56
C GLY I 122 27.97 0.99 35.07
N SER I 123 27.12 0.56 34.14
CA SER I 123 25.76 0.19 34.49
C SER I 123 25.76 -1.13 35.24
N ALA I 124 25.07 -1.16 36.39
CA ALA I 124 24.99 -2.38 37.19
C ALA I 124 24.53 -3.54 36.32
N GLN I 125 25.03 -4.73 36.63
CA GLN I 125 24.75 -5.93 35.86
C GLN I 125 23.68 -6.76 36.54
N LYS I 126 23.43 -7.95 36.00
CA LYS I 126 22.44 -8.84 36.60
C LYS I 126 22.83 -9.24 38.01
N GLY I 127 24.12 -9.52 38.23
CA GLY I 127 24.59 -9.97 39.53
C GLY I 127 24.00 -11.32 39.90
N LEU I 128 24.03 -12.26 38.96
CA LEU I 128 23.40 -13.56 39.16
C LEU I 128 24.29 -14.44 40.03
N GLN I 129 23.75 -14.87 41.17
CA GLN I 129 24.45 -15.80 42.05
C GLN I 129 24.26 -17.22 41.53
N VAL I 130 25.35 -17.98 41.48
CA VAL I 130 25.35 -19.34 40.97
C VAL I 130 26.11 -20.23 41.93
N ASP I 131 25.50 -21.35 42.33
CA ASP I 131 26.13 -22.31 43.21
C ASP I 131 26.85 -23.36 42.38
N LEU I 132 28.11 -23.61 42.74
CA LEU I 132 28.94 -24.53 41.95
C LEU I 132 28.66 -25.99 42.22
N GLN I 133 27.85 -26.31 43.23
CA GLN I 133 27.52 -27.69 43.54
C GLN I 133 26.17 -28.08 42.94
N LYS I 152 31.72 -21.70 46.14
CA LYS I 152 30.43 -22.12 46.68
C LYS I 152 29.29 -21.45 45.93
N LEU I 153 29.16 -20.14 46.14
CA LEU I 153 28.02 -19.34 45.69
C LEU I 153 28.50 -18.17 44.85
N VAL I 154 29.30 -18.46 43.83
CA VAL I 154 30.03 -17.44 43.08
C VAL I 154 29.05 -16.53 42.35
N ILE I 155 29.55 -15.40 41.85
CA ILE I 155 28.79 -14.59 40.91
C ILE I 155 28.89 -15.22 39.53
N TRP I 156 27.80 -15.17 38.77
CA TRP I 156 27.79 -15.80 37.47
C TRP I 156 28.92 -15.27 36.60
N GLY I 157 29.61 -16.18 35.91
CA GLY I 157 30.70 -15.82 35.04
C GLY I 157 31.99 -15.47 35.76
N THR I 158 32.00 -15.50 37.09
CA THR I 158 33.19 -15.16 37.86
C THR I 158 33.49 -16.25 38.87
N ASP I 159 34.43 -16.00 39.76
CA ASP I 159 34.74 -16.89 40.88
C ASP I 159 34.85 -16.09 42.16
N VAL I 160 34.02 -15.07 42.31
CA VAL I 160 34.00 -14.21 43.49
C VAL I 160 32.70 -14.46 44.24
N ASN I 161 32.80 -14.63 45.54
CA ASN I 161 31.64 -14.68 46.42
C ASN I 161 31.67 -13.46 47.33
N VAL I 162 30.56 -12.72 47.35
CA VAL I 162 30.54 -11.41 47.99
C VAL I 162 30.98 -11.52 49.43
N ALA I 163 30.50 -12.53 50.15
CA ALA I 163 30.84 -12.66 51.56
C ALA I 163 32.35 -12.83 51.74
N ALA I 164 32.96 -13.72 50.94
CA ALA I 164 34.39 -13.95 51.08
C ALA I 164 35.19 -12.72 50.70
N CYS I 165 34.82 -12.05 49.61
CA CYS I 165 35.57 -10.86 49.22
C CYS I 165 35.46 -9.77 50.28
N LYS I 166 34.25 -9.56 50.82
CA LYS I 166 34.06 -8.55 51.84
C LYS I 166 34.87 -8.89 53.10
N GLU I 167 34.86 -10.16 53.50
CA GLU I 167 35.64 -10.54 54.68
C GLU I 167 37.13 -10.35 54.45
N ASN I 168 37.62 -10.74 53.28
CA ASN I 168 39.04 -10.59 52.97
C ASN I 168 39.45 -9.12 53.00
N PHE I 169 38.65 -8.26 52.38
CA PHE I 169 39.01 -6.83 52.37
C PHE I 169 38.88 -6.22 53.75
N GLN I 170 37.89 -6.65 54.53
CA GLN I 170 37.79 -6.18 55.91
C GLN I 170 39.00 -6.57 56.71
N ARG I 171 39.50 -7.79 56.52
CA ARG I 171 40.73 -8.21 57.19
C ARG I 171 41.91 -7.37 56.72
N PHE I 172 42.01 -7.13 55.42
CA PHE I 172 43.09 -6.31 54.88
C PHE I 172 43.11 -4.94 55.52
N LEU I 173 41.94 -4.32 55.67
CA LEU I 173 41.85 -3.03 56.34
C LEU I 173 42.22 -3.14 57.81
N GLN I 174 41.64 -4.12 58.51
CA GLN I 174 41.82 -4.20 59.95
C GLN I 174 43.28 -4.40 60.31
N ARG I 175 43.99 -5.28 59.59
CA ARG I 175 45.38 -5.60 59.91
C ARG I 175 46.16 -5.79 58.61
N PHE I 176 46.78 -4.71 58.15
CA PHE I 176 47.81 -4.76 57.12
C PHE I 176 48.86 -3.72 57.45
N ILE I 177 50.12 -4.16 57.51
CA ILE I 177 51.24 -3.29 57.81
C ILE I 177 52.28 -3.44 56.71
N ASP I 178 52.90 -2.33 56.32
CA ASP I 178 53.89 -2.35 55.25
C ASP I 178 55.28 -2.46 55.87
N PRO I 179 56.02 -3.55 55.64
CA PRO I 179 57.32 -3.70 56.31
C PRO I 179 58.41 -2.84 55.67
N LEU I 180 58.33 -2.65 54.36
CA LEU I 180 59.31 -1.85 53.63
C LEU I 180 58.91 -0.39 53.52
N ALA I 181 57.81 0.01 54.15
CA ALA I 181 57.37 1.40 54.07
C ALA I 181 58.40 2.33 54.70
N LYS I 182 58.52 3.52 54.12
CA LYS I 182 59.44 4.54 54.58
C LYS I 182 58.67 5.73 55.13
N GLU I 183 59.24 6.35 56.17
CA GLU I 183 58.58 7.51 56.77
C GLU I 183 58.41 8.63 55.75
N GLU I 184 59.31 8.72 54.78
CA GLU I 184 59.17 9.72 53.72
C GLU I 184 58.12 9.29 52.70
N GLU I 185 58.06 7.99 52.40
CA GLU I 185 57.05 7.49 51.47
C GLU I 185 55.64 7.73 52.01
N ASN I 186 55.44 7.52 53.30
CA ASN I 186 54.14 7.71 53.93
C ASN I 186 54.27 8.80 54.99
N VAL I 187 53.53 9.89 54.80
CA VAL I 187 53.56 11.04 55.71
C VAL I 187 52.33 10.99 56.59
N GLY I 188 52.54 11.15 57.90
CA GLY I 188 51.45 11.02 58.84
C GLY I 188 51.00 9.59 59.10
N ILE I 189 51.78 8.61 58.65
CA ILE I 189 51.42 7.20 58.76
C ILE I 189 52.51 6.50 59.55
N ASP I 190 52.12 5.82 60.62
CA ASP I 190 53.06 5.00 61.37
C ASP I 190 53.26 3.66 60.65
N ILE I 191 54.52 3.23 60.55
CA ILE I 191 54.83 1.96 59.89
C ILE I 191 54.51 0.77 60.78
N THR I 192 54.04 1.01 62.01
CA THR I 192 53.68 -0.06 62.94
C THR I 192 52.19 -0.36 62.94
N GLU I 193 51.36 0.66 63.16
CA GLU I 193 49.91 0.47 63.15
C GLU I 193 49.45 0.08 61.75
N PRO I 194 48.33 -0.64 61.63
CA PRO I 194 47.84 -1.00 60.30
C PRO I 194 47.66 0.24 59.42
N LEU I 195 48.00 0.08 58.14
CA LEU I 195 48.11 1.22 57.25
C LEU I 195 46.78 1.96 57.13
N TYR I 196 45.76 1.31 56.58
CA TYR I 196 44.57 2.02 56.13
C TYR I 196 43.62 2.39 57.25
N MET I 197 43.79 1.87 58.46
CA MET I 197 42.99 2.36 59.57
C MET I 197 43.30 3.83 59.85
N GLN I 198 44.58 4.22 59.71
CA GLN I 198 44.93 5.63 59.81
C GLN I 198 44.29 6.44 58.68
N ARG I 199 44.22 5.85 57.49
CA ARG I 199 43.54 6.53 56.39
C ARG I 199 42.07 6.76 56.72
N LEU I 200 41.41 5.76 57.29
CA LEU I 200 40.02 5.93 57.71
C LEU I 200 39.90 7.00 58.79
N GLY I 201 40.87 7.06 59.70
CA GLY I 201 40.89 8.15 60.67
C GLY I 201 40.98 9.51 60.00
N GLU I 202 41.80 9.61 58.96
CA GLU I 202 41.89 10.85 58.21
C GLU I 202 40.57 11.19 57.54
N ILE I 203 39.90 10.18 56.97
CA ILE I 203 38.61 10.41 56.33
C ILE I 203 37.57 10.82 57.36
N ASN I 204 37.73 10.38 58.61
CA ASN I 204 36.87 10.88 59.68
C ASN I 204 37.17 12.33 59.99
N VAL I 205 38.46 12.69 60.06
CA VAL I 205 38.83 14.05 60.39
C VAL I 205 38.32 15.03 59.35
N ILE I 206 38.45 14.67 58.07
CA ILE I 206 37.99 15.50 56.97
C ILE I 206 36.67 14.94 56.44
N GLY I 207 36.04 15.68 55.54
CA GLY I 207 34.76 15.26 55.01
C GLY I 207 34.86 14.37 53.78
N GLU I 208 36.01 14.37 53.11
CA GLU I 208 36.17 13.65 51.86
C GLU I 208 36.04 12.14 52.07
N PRO I 209 34.94 11.51 51.65
CA PRO I 209 34.78 10.06 51.91
C PRO I 209 35.37 9.18 50.80
N PHE I 210 36.69 9.25 50.65
CA PHE I 210 37.39 8.43 49.67
C PHE I 210 38.61 7.80 50.32
N LEU I 211 38.92 6.58 49.87
CA LEU I 211 40.05 5.81 50.40
C LEU I 211 40.83 5.24 49.23
N ASN I 212 42.06 5.72 49.03
CA ASN I 212 42.92 5.21 47.99
C ASN I 212 43.67 4.00 48.53
N VAL I 213 43.47 2.84 47.90
CA VAL I 213 44.05 1.58 48.36
C VAL I 213 45.00 1.07 47.29
N ASN I 214 46.20 0.71 47.70
CA ASN I 214 47.25 0.31 46.77
C ASN I 214 47.06 -1.13 46.34
N CYS I 215 46.84 -1.34 45.05
CA CYS I 215 46.72 -2.70 44.53
C CYS I 215 47.97 -3.51 44.83
N GLU I 216 49.13 -2.87 44.92
CA GLU I 216 50.33 -3.58 45.33
C GLU I 216 50.21 -4.10 46.75
N HIS I 217 49.67 -3.27 47.65
CA HIS I 217 49.44 -3.73 49.02
C HIS I 217 48.46 -4.89 49.04
N ILE I 218 47.39 -4.80 48.25
CA ILE I 218 46.42 -5.90 48.21
C ILE I 218 47.08 -7.17 47.69
N LYS I 219 47.91 -7.05 46.65
CA LYS I 219 48.59 -8.22 46.12
C LYS I 219 49.50 -8.85 47.17
N SER I 220 50.24 -8.02 47.90
CA SER I 220 51.13 -8.55 48.93
C SER I 220 50.34 -9.24 50.03
N PHE I 221 49.22 -8.66 50.45
CA PHE I 221 48.44 -9.23 51.54
C PHE I 221 47.73 -10.50 51.11
N ASP I 222 46.81 -10.39 50.14
CA ASP I 222 46.03 -11.53 49.65
C ASP I 222 46.11 -11.50 48.12
N LYS I 223 46.94 -12.36 47.55
CA LYS I 223 47.16 -12.36 46.11
C LYS I 223 45.88 -12.70 45.35
N ASN I 224 45.12 -13.68 45.85
CA ASN I 224 43.87 -14.04 45.19
C ASN I 224 42.88 -12.89 45.22
N LEU I 225 42.85 -12.14 46.33
CA LEU I 225 42.01 -10.94 46.37
C LEU I 225 42.42 -9.95 45.31
N TYR I 226 43.73 -9.77 45.10
CA TYR I 226 44.20 -8.88 44.05
C TYR I 226 43.75 -9.36 42.68
N ARG I 227 43.88 -10.65 42.41
CA ARG I 227 43.48 -11.15 41.10
C ARG I 227 41.99 -10.97 40.89
N GLN I 228 41.19 -11.23 41.92
CA GLN I 228 39.75 -11.04 41.79
C GLN I 228 39.42 -9.57 41.55
N LEU I 229 40.10 -8.67 42.27
CA LEU I 229 39.85 -7.24 42.06
C LEU I 229 40.18 -6.83 40.63
N ILE I 230 41.31 -7.29 40.12
CA ILE I 230 41.76 -6.86 38.79
C ILE I 230 40.85 -7.45 37.71
N SER I 231 40.40 -8.68 37.89
CA SER I 231 39.62 -9.34 36.84
C SER I 231 38.12 -9.02 36.92
N TYR I 232 37.62 -8.65 38.09
CA TYR I 232 36.20 -8.34 38.29
C TYR I 232 36.07 -7.06 39.10
N PRO I 233 36.42 -5.92 38.50
CA PRO I 233 36.37 -4.67 39.29
C PRO I 233 34.95 -4.25 39.63
N GLN I 234 34.02 -4.35 38.69
CA GLN I 234 32.66 -3.87 38.93
C GLN I 234 32.01 -4.64 40.07
N GLU I 235 32.30 -5.94 40.17
CA GLU I 235 31.71 -6.77 41.22
C GLU I 235 32.46 -6.62 42.53
N VAL I 236 33.79 -6.66 42.48
CA VAL I 236 34.59 -6.68 43.69
C VAL I 236 34.55 -5.33 44.40
N ILE I 237 34.72 -4.23 43.64
CA ILE I 237 34.89 -2.91 44.27
C ILE I 237 33.71 -2.57 45.15
N PRO I 238 32.45 -2.80 44.76
CA PRO I 238 31.34 -2.54 45.70
C PRO I 238 31.46 -3.32 46.98
N THR I 239 32.01 -4.53 46.95
CA THR I 239 32.23 -5.28 48.19
C THR I 239 33.25 -4.56 49.07
N PHE I 240 34.31 -4.02 48.47
CA PHE I 240 35.28 -3.24 49.22
C PHE I 240 34.61 -2.01 49.83
N ASP I 241 33.72 -1.36 49.07
CA ASP I 241 33.00 -0.21 49.59
C ASP I 241 32.17 -0.61 50.80
N MET I 242 31.45 -1.74 50.70
CA MET I 242 30.67 -2.21 51.83
C MET I 242 31.56 -2.47 53.04
N ALA I 243 32.71 -3.10 52.83
CA ALA I 243 33.59 -3.43 53.94
C ALA I 243 34.12 -2.17 54.62
N VAL I 244 34.60 -1.21 53.82
CA VAL I 244 35.13 0.02 54.39
C VAL I 244 34.05 0.76 55.14
N ASN I 245 32.84 0.84 54.57
CA ASN I 245 31.75 1.52 55.26
C ASN I 245 31.45 0.82 56.58
N GLU I 246 31.39 -0.51 56.57
CA GLU I 246 31.09 -1.25 57.79
C GLU I 246 32.11 -0.93 58.86
N ILE I 247 33.40 -1.06 58.54
CA ILE I 247 34.44 -0.83 59.55
C ILE I 247 34.38 0.61 60.04
N PHE I 248 34.27 1.56 59.11
CA PHE I 248 34.33 2.97 59.47
C PHE I 248 33.16 3.36 60.37
N PHE I 249 31.95 2.91 60.02
CA PHE I 249 30.78 3.28 60.81
C PHE I 249 30.68 2.47 62.10
N ASP I 250 31.36 1.32 62.18
CA ASP I 250 31.49 0.65 63.46
C ASP I 250 32.40 1.43 64.39
N ARG I 251 33.54 1.88 63.87
CA ARG I 251 34.47 2.65 64.70
C ARG I 251 33.87 3.99 65.10
N TYR I 252 33.16 4.64 64.19
CA TYR I 252 32.62 5.99 64.41
C TYR I 252 31.10 5.94 64.29
N PRO I 253 30.37 5.87 65.41
CA PRO I 253 28.90 5.88 65.32
C PRO I 253 28.28 7.26 65.17
N ASP I 254 29.10 8.32 65.09
CA ASP I 254 28.59 9.68 65.02
C ASP I 254 29.15 10.50 63.88
N SER I 255 30.28 10.11 63.27
CA SER I 255 30.83 10.88 62.17
C SER I 255 29.83 10.97 61.03
N ILE I 256 29.74 12.16 60.43
CA ILE I 256 28.77 12.43 59.37
C ILE I 256 29.52 12.65 58.07
N LEU I 257 29.12 11.92 57.03
CA LEU I 257 29.70 12.05 55.71
C LEU I 257 28.58 12.23 54.68
N GLU I 258 28.86 13.01 53.65
CA GLU I 258 27.84 13.29 52.64
C GLU I 258 27.38 11.99 51.98
N HIS I 259 28.29 11.05 51.78
CA HIS I 259 27.94 9.76 51.19
C HIS I 259 28.91 8.71 51.71
N GLN I 260 28.51 7.45 51.56
CA GLN I 260 29.34 6.36 52.07
C GLN I 260 30.70 6.37 51.40
N ILE I 261 31.74 6.04 52.17
CA ILE I 261 33.10 6.09 51.67
C ILE I 261 33.23 5.23 50.41
N GLN I 262 34.10 5.66 49.50
CA GLN I 262 34.33 4.96 48.25
C GLN I 262 35.80 4.60 48.11
N VAL I 263 36.05 3.41 47.56
CA VAL I 263 37.39 2.82 47.50
C VAL I 263 37.94 3.02 46.10
N ARG I 264 39.18 3.51 46.02
CA ARG I 264 39.88 3.73 44.76
C ARG I 264 41.07 2.79 44.68
N PRO I 265 41.00 1.70 43.92
CA PRO I 265 42.18 0.82 43.76
C PRO I 265 43.08 1.36 42.66
N PHE I 266 44.33 1.65 43.03
CA PHE I 266 45.31 2.14 42.07
C PHE I 266 46.61 1.36 42.23
N ASN I 267 47.54 1.64 41.31
CA ASN I 267 48.85 1.00 41.26
C ASN I 267 48.77 -0.45 40.79
N ALA I 268 47.70 -0.83 40.11
CA ALA I 268 47.61 -2.15 39.52
C ALA I 268 48.84 -2.38 38.65
N LEU I 269 49.18 -3.64 38.40
CA LEU I 269 50.37 -3.94 37.61
C LEU I 269 50.36 -3.18 36.30
N LYS I 270 51.37 -2.32 36.12
CA LYS I 270 51.37 -1.38 35.00
C LYS I 270 51.23 -2.10 33.67
N THR I 271 50.34 -1.60 32.82
CA THR I 271 50.23 -2.04 31.44
C THR I 271 51.22 -1.23 30.62
N LYS I 272 52.33 -1.86 30.24
CA LYS I 272 53.40 -1.13 29.58
C LYS I 272 53.02 -0.67 28.18
N ASN I 273 51.90 -1.13 27.63
CA ASN I 273 51.44 -0.66 26.33
C ASN I 273 50.00 -1.07 26.14
N MET I 274 49.13 -0.10 25.85
CA MET I 274 47.73 -0.40 25.60
C MET I 274 47.54 -1.23 24.35
N ARG I 275 48.43 -1.09 23.37
CA ARG I 275 48.31 -1.82 22.13
C ARG I 275 48.45 -3.32 22.31
N ASN I 276 48.97 -3.76 23.46
CA ASN I 276 49.10 -5.19 23.75
C ASN I 276 47.90 -5.75 24.50
N LEU I 277 47.05 -4.90 25.06
CA LEU I 277 45.83 -5.38 25.69
C LEU I 277 44.94 -6.04 24.65
N ASN I 278 44.21 -7.06 25.09
CA ASN I 278 43.43 -7.91 24.21
C ASN I 278 41.98 -7.94 24.67
N PRO I 279 41.05 -8.34 23.78
CA PRO I 279 39.65 -8.46 24.19
C PRO I 279 39.47 -9.25 25.48
N GLU I 280 40.42 -10.14 25.78
CA GLU I 280 40.34 -10.88 27.03
C GLU I 280 40.44 -9.97 28.25
N ASP I 281 40.97 -8.77 28.09
CA ASP I 281 41.18 -7.85 29.20
C ASP I 281 40.04 -6.85 29.37
N ILE I 282 39.01 -6.92 28.52
CA ILE I 282 37.94 -5.93 28.58
C ILE I 282 37.26 -5.97 29.94
N ASP I 283 36.81 -4.80 30.39
CA ASP I 283 36.11 -4.61 31.66
C ASP I 283 36.99 -4.90 32.87
N GLN I 284 38.29 -5.03 32.69
CA GLN I 284 39.22 -5.26 33.78
C GLN I 284 39.88 -3.95 34.19
N LEU I 285 40.38 -3.94 35.43
CA LEU I 285 41.03 -2.76 36.00
C LEU I 285 42.49 -2.75 35.55
N ILE I 286 42.84 -1.80 34.67
CA ILE I 286 44.20 -1.66 34.20
C ILE I 286 44.75 -0.33 34.72
N THR I 287 46.05 -0.13 34.51
CA THR I 287 46.73 1.12 34.85
C THR I 287 47.68 1.48 33.74
N ILE I 288 47.62 2.72 33.28
CA ILE I 288 48.50 3.23 32.24
C ILE I 288 49.01 4.59 32.66
N SER I 289 49.94 5.14 31.88
CA SER I 289 50.54 6.43 32.16
C SER I 289 50.56 7.26 30.89
N GLY I 290 50.38 8.57 31.05
CA GLY I 290 50.44 9.46 29.91
C GLY I 290 50.12 10.88 30.32
N MET I 291 50.29 11.79 29.36
CA MET I 291 49.97 13.19 29.57
C MET I 291 48.62 13.51 28.96
N VAL I 292 47.89 14.41 29.60
CA VAL I 292 46.55 14.78 29.17
C VAL I 292 46.66 15.76 28.01
N ILE I 293 46.02 15.43 26.89
CA ILE I 293 46.00 16.33 25.74
C ILE I 293 44.83 17.30 25.84
N ARG I 294 43.66 16.83 26.28
CA ARG I 294 42.50 17.71 26.32
C ARG I 294 41.51 17.19 27.35
N THR I 295 40.68 18.11 27.86
CA THR I 295 39.63 17.79 28.82
C THR I 295 38.36 18.51 28.39
N SER I 296 37.38 17.76 27.90
CA SER I 296 36.16 18.35 27.38
C SER I 296 35.36 19.01 28.51
N GLN I 297 34.24 19.61 28.13
CA GLN I 297 33.40 20.30 29.10
C GLN I 297 32.64 19.31 29.98
N LEU I 298 32.09 19.84 31.07
CA LEU I 298 31.34 19.02 32.02
C LEU I 298 30.04 18.54 31.39
N ILE I 299 29.96 17.24 31.14
CA ILE I 299 28.77 16.62 30.53
C ILE I 299 27.88 16.10 31.65
N PRO I 300 26.63 16.56 31.75
CA PRO I 300 25.74 16.00 32.78
C PRO I 300 25.14 14.68 32.32
N GLU I 301 25.01 13.76 33.27
CA GLU I 301 24.46 12.44 33.02
C GLU I 301 23.26 12.21 33.92
N MET I 302 22.21 11.60 33.36
CA MET I 302 21.01 11.33 34.13
C MET I 302 21.26 10.21 35.13
N GLN I 303 20.70 10.35 36.31
CA GLN I 303 20.76 9.30 37.34
C GLN I 303 19.39 8.96 37.89
N GLU I 304 18.48 9.93 38.00
CA GLU I 304 17.16 9.67 38.56
C GLU I 304 16.17 10.62 37.90
N ALA I 305 15.42 10.10 36.94
CA ALA I 305 14.45 10.93 36.23
C ALA I 305 13.30 11.34 37.15
N PHE I 306 12.80 12.55 36.91
CA PHE I 306 11.67 13.11 37.64
C PHE I 306 10.50 13.24 36.68
N PHE I 307 9.37 12.64 37.01
CA PHE I 307 8.18 12.66 36.17
C PHE I 307 7.04 13.34 36.90
N GLN I 308 6.27 14.14 36.17
CA GLN I 308 5.10 14.81 36.71
C GLN I 308 3.91 14.58 35.79
N CYS I 309 2.73 14.46 36.38
CA CYS I 309 1.52 14.21 35.61
C CYS I 309 0.99 15.50 35.01
N GLN I 310 0.64 15.46 33.73
CA GLN I 310 0.08 16.61 33.04
C GLN I 310 -1.38 16.86 33.38
N VAL I 311 -1.94 16.14 34.37
CA VAL I 311 -3.34 16.31 34.73
C VAL I 311 -3.45 16.68 36.20
N CYS I 312 -3.01 15.79 37.09
CA CYS I 312 -3.10 16.02 38.52
C CYS I 312 -1.78 16.46 39.14
N ALA I 313 -0.73 16.60 38.35
CA ALA I 313 0.58 17.05 38.83
C ALA I 313 1.21 16.08 39.83
N HIS I 314 0.82 14.81 39.77
CA HIS I 314 1.44 13.81 40.64
C HIS I 314 2.90 13.61 40.23
N THR I 315 3.78 13.55 41.24
CA THR I 315 5.22 13.50 41.03
C THR I 315 5.75 12.12 41.40
N THR I 316 6.65 11.60 40.57
CA THR I 316 7.32 10.35 40.84
C THR I 316 8.77 10.44 40.38
N ARG I 317 9.61 9.56 40.93
CA ARG I 317 11.02 9.49 40.60
C ARG I 317 11.36 8.08 40.15
N VAL I 318 12.19 7.98 39.11
CA VAL I 318 12.60 6.70 38.54
C VAL I 318 14.12 6.70 38.48
N GLU I 319 14.75 5.92 39.36
CA GLU I 319 16.20 5.83 39.37
C GLU I 319 16.72 5.09 38.15
N MET I 320 17.93 5.45 37.73
CA MET I 320 18.56 4.76 36.62
C MET I 320 18.78 3.29 36.99
N ASP I 321 18.50 2.40 36.04
CA ASP I 321 18.62 0.96 36.27
C ASP I 321 19.22 0.32 35.03
N ARG I 322 20.46 -0.16 35.16
CA ARG I 322 21.13 -0.86 34.06
C ARG I 322 21.19 0.01 32.82
N GLY I 323 21.53 1.28 33.01
CA GLY I 323 21.74 2.20 31.90
C GLY I 323 20.48 2.52 31.10
N ARG I 324 19.37 2.77 31.77
CA ARG I 324 18.15 3.22 31.11
C ARG I 324 17.12 3.53 32.18
N ILE I 325 16.03 4.18 31.75
CA ILE I 325 14.96 4.60 32.64
C ILE I 325 13.63 4.17 32.06
N ALA I 326 12.73 3.72 32.93
CA ALA I 326 11.42 3.25 32.53
C ALA I 326 10.39 4.33 32.82
N GLU I 327 9.75 4.84 31.77
CA GLU I 327 8.74 5.87 31.94
C GLU I 327 7.52 5.29 32.65
N PRO I 328 6.91 6.03 33.58
CA PRO I 328 5.76 5.46 34.32
C PRO I 328 4.64 4.95 33.42
N SER I 329 4.33 5.66 32.34
CA SER I 329 3.33 5.23 31.36
C SER I 329 1.92 5.26 31.92
N VAL I 330 1.77 5.53 33.21
CA VAL I 330 0.46 5.61 33.86
C VAL I 330 0.65 6.39 35.15
N CYS I 331 -0.27 7.30 35.42
CA CYS I 331 -0.20 8.04 36.68
C CYS I 331 -0.62 7.15 37.83
N GLY I 332 0.14 7.25 38.92
CA GLY I 332 -0.16 6.49 40.12
C GLY I 332 -1.23 7.09 41.00
N ARG I 333 -1.78 8.23 40.63
CA ARG I 333 -2.81 8.89 41.42
C ARG I 333 -4.14 9.02 40.67
N CYS I 334 -4.11 9.50 39.43
CA CYS I 334 -5.32 9.64 38.63
C CYS I 334 -5.48 8.54 37.60
N HIS I 335 -4.51 7.64 37.49
CA HIS I 335 -4.59 6.48 36.61
C HIS I 335 -4.74 6.87 35.14
N THR I 336 -4.41 8.10 34.79
CA THR I 336 -4.43 8.54 33.41
C THR I 336 -3.23 7.95 32.67
N THR I 337 -3.48 7.34 31.53
CA THR I 337 -2.42 6.68 30.78
C THR I 337 -1.54 7.72 30.09
N HIS I 338 -0.23 7.62 30.30
CA HIS I 338 0.74 8.47 29.62
C HIS I 338 0.55 9.94 29.94
N SER I 339 -0.03 10.25 31.10
CA SER I 339 -0.13 11.63 31.54
C SER I 339 1.13 12.13 32.24
N MET I 340 2.14 11.27 32.39
CA MET I 340 3.35 11.60 33.13
C MET I 340 4.42 12.08 32.16
N ALA I 341 4.99 13.24 32.45
CA ALA I 341 6.00 13.86 31.61
C ALA I 341 7.29 14.06 32.41
N LEU I 342 8.42 13.88 31.72
CA LEU I 342 9.72 13.98 32.37
C LEU I 342 10.11 15.43 32.57
N ILE I 343 10.53 15.78 33.78
CA ILE I 343 10.95 17.13 34.12
C ILE I 343 12.48 17.13 34.12
N HIS I 344 13.05 17.63 33.02
CA HIS I 344 14.49 17.56 32.84
C HIS I 344 15.22 18.21 34.00
N ASN I 345 14.87 19.44 34.33
CA ASN I 345 15.63 20.24 35.27
C ASN I 345 15.24 19.98 36.71
N ARG I 346 14.24 19.14 36.95
CA ARG I 346 13.95 18.62 38.28
C ARG I 346 14.48 17.22 38.49
N SER I 347 14.92 16.55 37.43
CA SER I 347 15.61 15.27 37.58
C SER I 347 16.91 15.48 38.33
N LEU I 348 17.66 14.39 38.53
CA LEU I 348 18.96 14.41 39.18
C LEU I 348 20.02 13.94 38.20
N PHE I 349 21.13 14.67 38.13
CA PHE I 349 22.19 14.39 37.18
C PHE I 349 23.52 14.23 37.91
N SER I 350 24.49 13.66 37.19
CA SER I 350 25.85 13.48 37.69
C SER I 350 26.84 13.99 36.64
N ASP I 351 27.98 14.47 37.12
CA ASP I 351 28.97 15.05 36.22
C ASP I 351 29.66 13.97 35.41
N LYS I 352 30.26 14.39 34.30
CA LYS I 352 31.05 13.51 33.45
C LYS I 352 31.97 14.40 32.61
N GLN I 353 33.03 13.81 32.09
CA GLN I 353 33.99 14.59 31.31
C GLN I 353 34.84 13.64 30.47
N MET I 354 34.81 13.84 29.15
CA MET I 354 35.77 13.18 28.29
C MET I 354 37.16 13.77 28.52
N ILE I 355 38.19 12.93 28.51
CA ILE I 355 39.56 13.39 28.65
C ILE I 355 40.40 12.65 27.61
N LYS I 356 40.92 13.39 26.64
CA LYS I 356 41.81 12.83 25.64
C LYS I 356 43.22 12.82 26.21
N LEU I 357 43.78 11.62 26.38
CA LEU I 357 45.08 11.42 26.99
C LEU I 357 46.00 10.69 26.01
N GLN I 358 47.27 11.05 26.01
CA GLN I 358 48.27 10.44 25.13
C GLN I 358 49.13 9.50 25.96
N GLU I 359 49.20 8.25 25.53
CA GLU I 359 49.87 7.23 26.31
C GLU I 359 51.39 7.35 26.21
N SER I 360 52.06 7.04 27.30
CA SER I 360 53.51 6.99 27.35
C SER I 360 53.95 5.55 27.51
N PRO I 361 53.83 4.73 26.45
CA PRO I 361 54.13 3.30 26.60
C PRO I 361 55.58 3.06 26.94
N GLU I 362 55.81 2.40 28.07
CA GLU I 362 57.17 2.00 28.43
C GLU I 362 57.74 1.05 27.38
N ASP I 363 56.93 0.10 26.91
CA ASP I 363 57.32 -0.80 25.85
C ASP I 363 56.87 -0.20 24.52
N MET I 364 57.85 0.19 23.69
CA MET I 364 57.59 0.86 22.42
C MET I 364 58.10 -0.03 21.30
N PRO I 365 57.25 -0.90 20.74
CA PRO I 365 57.70 -1.76 19.64
C PRO I 365 57.99 -0.98 18.38
N ALA I 366 58.81 -1.58 17.51
CA ALA I 366 59.22 -0.92 16.29
C ALA I 366 58.03 -0.61 15.40
N GLY I 367 58.02 0.59 14.84
CA GLY I 367 56.99 0.98 13.90
C GLY I 367 55.67 1.39 14.52
N GLN I 368 55.61 1.58 15.83
CA GLN I 368 54.37 1.90 16.52
C GLN I 368 54.35 3.40 16.82
N THR I 369 53.30 4.08 16.38
CA THR I 369 53.15 5.50 16.60
C THR I 369 52.54 5.78 17.96
N PRO I 370 52.66 7.01 18.46
CA PRO I 370 52.05 7.34 19.75
C PRO I 370 50.55 7.05 19.75
N HIS I 371 50.00 6.92 20.95
CA HIS I 371 48.66 6.40 21.16
C HIS I 371 47.83 7.40 21.95
N THR I 372 46.62 7.67 21.47
CA THR I 372 45.66 8.52 22.16
C THR I 372 44.49 7.67 22.64
N VAL I 373 44.17 7.75 23.92
CA VAL I 373 43.15 6.92 24.54
C VAL I 373 42.12 7.84 25.20
N ILE I 374 40.85 7.53 24.99
CA ILE I 374 39.77 8.32 25.57
C ILE I 374 39.55 7.86 27.01
N LEU I 375 39.53 8.81 27.94
CA LEU I 375 39.18 8.56 29.32
C LEU I 375 37.79 9.11 29.60
N PHE I 376 37.26 8.75 30.76
CA PHE I 376 36.00 9.30 31.23
C PHE I 376 36.05 9.41 32.75
N ALA I 377 35.97 10.63 33.25
CA ALA I 377 35.87 10.91 34.67
C ALA I 377 34.42 11.04 35.08
N HIS I 378 34.14 10.80 36.36
CA HIS I 378 32.76 10.69 36.84
C HIS I 378 32.63 11.31 38.22
N ASN I 379 32.10 12.54 38.27
CA ASN I 379 31.45 13.10 39.44
C ASN I 379 32.40 13.50 40.56
N ASP I 380 33.65 13.07 40.51
CA ASP I 380 34.68 13.67 41.36
C ASP I 380 36.02 13.87 40.68
N LEU I 381 36.32 13.11 39.62
CA LEU I 381 37.56 13.27 38.87
C LEU I 381 37.39 14.24 37.71
N VAL I 382 36.20 14.78 37.52
CA VAL I 382 35.97 15.73 36.45
C VAL I 382 36.76 17.00 36.73
N ASP I 383 37.61 17.40 35.78
CA ASP I 383 38.40 18.62 35.88
C ASP I 383 39.38 18.53 37.05
N LYS I 384 40.11 17.41 37.10
CA LYS I 384 41.19 17.23 38.06
C LYS I 384 42.57 17.17 37.41
N VAL I 385 42.65 16.89 36.12
CA VAL I 385 43.91 16.87 35.39
C VAL I 385 43.77 17.80 34.20
N GLN I 386 44.63 18.81 34.13
CA GLN I 386 44.61 19.76 33.03
C GLN I 386 45.42 19.23 31.86
N PRO I 387 45.20 19.77 30.66
CA PRO I 387 46.04 19.35 29.53
C PRO I 387 47.51 19.61 29.82
N GLY I 388 48.34 18.67 29.39
CA GLY I 388 49.77 18.73 29.64
C GLY I 388 50.20 18.08 30.94
N ASP I 389 49.28 17.82 31.86
CA ASP I 389 49.62 17.10 33.09
C ASP I 389 49.91 15.65 32.77
N ARG I 390 50.92 15.09 33.43
CA ARG I 390 51.29 13.70 33.29
C ARG I 390 50.77 12.92 34.49
N VAL I 391 50.09 11.81 34.24
CA VAL I 391 49.40 11.08 35.28
C VAL I 391 49.43 9.59 34.98
N ASN I 392 49.46 8.80 36.04
CA ASN I 392 49.14 7.38 35.99
C ASN I 392 47.65 7.24 36.27
N VAL I 393 46.90 6.77 35.27
CA VAL I 393 45.47 6.62 35.38
C VAL I 393 45.18 5.13 35.54
N THR I 394 44.52 4.78 36.63
CA THR I 394 43.99 3.45 36.85
C THR I 394 42.50 3.48 36.58
N GLY I 395 42.00 2.50 35.83
CA GLY I 395 40.59 2.52 35.49
C GLY I 395 40.17 1.26 34.77
N ILE I 396 38.88 1.18 34.53
CA ILE I 396 38.29 0.01 33.88
C ILE I 396 38.41 0.17 32.38
N TYR I 397 38.91 -0.86 31.71
CA TYR I 397 39.11 -0.86 30.27
C TYR I 397 37.83 -1.31 29.59
N ARG I 398 37.07 -0.35 29.06
CA ARG I 398 35.76 -0.63 28.49
C ARG I 398 35.83 -0.72 26.97
N ALA I 399 34.95 -1.56 26.42
CA ALA I 399 34.69 -1.60 24.98
C ALA I 399 33.21 -1.35 24.76
N VAL I 400 32.89 -0.45 23.85
CA VAL I 400 31.51 -0.04 23.61
C VAL I 400 31.25 -0.03 22.12
N PRO I 401 30.01 -0.20 21.70
CA PRO I 401 29.69 -0.27 20.28
C PRO I 401 29.74 1.09 19.60
N ILE I 402 29.82 1.05 18.27
CA ILE I 402 29.83 2.24 17.43
C ILE I 402 28.58 2.19 16.56
N ARG I 403 27.74 3.21 16.69
CA ARG I 403 26.57 3.31 15.82
C ARG I 403 27.01 3.62 14.40
N VAL I 404 26.31 3.02 13.42
CA VAL I 404 26.63 3.30 12.02
C VAL I 404 26.41 4.78 11.73
N ASN I 405 25.31 5.33 12.23
CA ASN I 405 25.01 6.75 12.18
C ASN I 405 24.60 7.22 13.57
N PRO I 406 24.79 8.50 13.89
CA PRO I 406 24.34 9.00 15.19
C PRO I 406 22.83 9.02 15.35
N ARG I 407 22.09 8.69 14.29
CA ARG I 407 20.63 8.68 14.33
C ARG I 407 20.02 7.29 14.31
N VAL I 408 20.72 6.30 13.79
CA VAL I 408 20.24 4.93 13.77
C VAL I 408 20.84 4.19 14.96
N SER I 409 20.25 3.03 15.27
CA SER I 409 20.73 2.20 16.37
C SER I 409 21.60 1.04 15.92
N ASN I 410 21.66 0.77 14.62
CA ASN I 410 22.58 -0.25 14.13
C ASN I 410 24.00 0.08 14.55
N VAL I 411 24.71 -0.92 15.08
CA VAL I 411 26.07 -0.73 15.55
C VAL I 411 27.02 -1.52 14.65
N LYS I 412 28.31 -1.34 14.88
CA LYS I 412 29.35 -1.97 14.10
C LYS I 412 29.88 -3.21 14.81
N SER I 413 30.28 -4.20 14.01
CA SER I 413 30.85 -5.42 14.58
C SER I 413 32.11 -5.12 15.38
N VAL I 414 32.83 -4.05 15.05
CA VAL I 414 34.07 -3.68 15.71
C VAL I 414 33.76 -2.60 16.73
N TYR I 415 34.13 -2.85 17.97
CA TYR I 415 33.91 -1.89 19.04
C TYR I 415 35.08 -0.93 19.15
N LYS I 416 34.90 0.12 19.95
CA LYS I 416 35.97 1.00 20.35
C LYS I 416 36.16 0.87 21.85
N THR I 417 37.34 1.25 22.32
CA THR I 417 37.70 1.07 23.71
C THR I 417 38.07 2.41 24.34
N HIS I 418 37.81 2.51 25.64
CA HIS I 418 38.16 3.70 26.42
C HIS I 418 38.40 3.27 27.86
N ILE I 419 38.63 4.25 28.74
CA ILE I 419 38.95 3.97 30.13
C ILE I 419 37.99 4.73 31.02
N ASP I 420 37.16 4.01 31.77
CA ASP I 420 36.40 4.62 32.86
C ASP I 420 37.36 4.82 34.02
N VAL I 421 37.77 6.07 34.26
CA VAL I 421 38.86 6.31 35.20
C VAL I 421 38.37 6.10 36.62
N ILE I 422 39.10 5.29 37.38
CA ILE I 422 38.85 5.10 38.80
C ILE I 422 39.75 5.98 39.65
N HIS I 423 41.03 6.11 39.27
CA HIS I 423 41.98 6.85 40.09
C HIS I 423 43.01 7.56 39.23
N TYR I 424 43.31 8.81 39.60
CA TYR I 424 44.40 9.59 39.03
C TYR I 424 45.53 9.65 40.04
N ARG I 425 46.75 9.35 39.60
CA ARG I 425 47.93 9.50 40.44
C ARG I 425 48.92 10.42 39.74
N LYS I 426 49.29 11.50 40.41
CA LYS I 426 50.21 12.48 39.85
C LYS I 426 51.66 12.15 40.15
N THR I 427 51.92 11.58 41.32
CA THR I 427 53.30 11.36 41.77
C THR I 427 54.05 10.47 40.79
N ASP I 428 55.28 10.87 40.49
CA ASP I 428 56.18 10.09 39.64
C ASP I 428 57.56 10.06 40.29
N ALA I 429 58.30 9.00 40.01
CA ALA I 429 59.61 8.81 40.63
C ALA I 429 60.70 9.56 39.88
N LYS I 430 60.62 9.59 38.54
CA LYS I 430 61.67 10.17 37.72
C LYS I 430 61.43 11.63 37.38
N ARG I 431 60.37 12.24 37.91
CA ARG I 431 60.02 13.63 37.65
C ARG I 431 60.04 14.41 38.95
N LEU I 432 59.74 15.70 38.85
CA LEU I 432 59.68 16.59 40.00
C LEU I 432 58.24 16.73 40.47
N HIS I 433 58.09 17.24 41.70
CA HIS I 433 56.76 17.43 42.26
C HIS I 433 55.94 18.34 41.38
N GLY I 434 54.66 17.99 41.19
CA GLY I 434 53.77 18.80 40.40
C GLY I 434 53.20 19.97 41.19
N LEU I 435 52.49 20.84 40.48
CA LEU I 435 51.92 22.03 41.11
C LEU I 435 50.92 21.65 42.19
N ASP I 436 50.06 20.66 41.94
CA ASP I 436 49.08 20.26 42.92
C ASP I 436 49.74 19.70 44.17
N GLU I 437 50.75 18.85 43.98
CA GLU I 437 51.46 18.29 45.13
C GLU I 437 52.16 19.37 45.93
N GLU I 438 52.78 20.33 45.25
CA GLU I 438 53.41 21.45 45.96
C GLU I 438 52.37 22.24 46.73
N ALA I 439 51.20 22.47 46.14
CA ALA I 439 50.16 23.24 46.81
C ALA I 439 49.67 22.52 48.06
N GLU I 440 49.52 21.19 47.99
CA GLU I 440 49.03 20.45 49.14
C GLU I 440 49.93 20.69 50.35
N GLN I 441 49.31 20.89 51.51
CA GLN I 441 50.07 21.25 52.70
C GLN I 441 50.94 20.10 53.18
N LYS I 442 50.36 18.91 53.31
CA LYS I 442 51.05 17.77 53.92
C LYS I 442 51.79 16.98 52.84
N LEU I 443 52.84 17.61 52.31
CA LEU I 443 53.71 16.95 51.35
C LEU I 443 55.02 16.47 51.95
N PHE I 444 55.41 17.00 53.11
CA PHE I 444 56.68 16.66 53.73
C PHE I 444 56.48 16.44 55.22
N SER I 445 57.16 15.41 55.75
CA SER I 445 57.22 15.23 57.19
C SER I 445 58.13 16.28 57.81
N GLU I 446 57.94 16.50 59.12
CA GLU I 446 58.77 17.47 59.82
C GLU I 446 60.24 17.07 59.76
N LYS I 447 60.53 15.76 59.80
CA LYS I 447 61.90 15.30 59.68
C LYS I 447 62.48 15.69 58.32
N ARG I 448 61.71 15.50 57.25
CA ARG I 448 62.18 15.88 55.92
C ARG I 448 62.38 17.39 55.82
N VAL I 449 61.48 18.16 56.44
CA VAL I 449 61.63 19.62 56.42
C VAL I 449 62.92 20.02 57.10
N GLU I 450 63.21 19.44 58.26
CA GLU I 450 64.44 19.78 58.97
C GLU I 450 65.66 19.36 58.17
N LEU I 451 65.60 18.18 57.54
CA LEU I 451 66.73 17.73 56.72
C LEU I 451 66.99 18.68 55.56
N LEU I 452 65.92 19.13 54.89
CA LEU I 452 66.10 20.06 53.78
C LEU I 452 66.63 21.40 54.27
N LYS I 453 66.17 21.87 55.44
CA LYS I 453 66.69 23.12 55.96
C LYS I 453 68.18 23.00 56.30
N GLU I 454 68.59 21.85 56.82
CA GLU I 454 70.02 21.62 57.04
C GLU I 454 70.78 21.63 55.71
N LEU I 455 70.23 20.95 54.70
CA LEU I 455 70.88 20.95 53.40
C LEU I 455 71.00 22.35 52.83
N SER I 456 70.03 23.22 53.14
CA SER I 456 70.10 24.61 52.68
C SER I 456 71.18 25.37 53.44
N ARG I 457 71.20 25.24 54.76
CA ARG I 457 72.25 25.88 55.55
C ARG I 457 73.64 25.40 55.15
N LYS I 458 73.72 24.23 54.53
CA LYS I 458 74.98 23.79 53.96
C LYS I 458 75.51 24.87 53.02
N PRO I 459 76.84 25.08 52.95
CA PRO I 459 77.35 26.27 52.25
C PRO I 459 77.46 26.11 50.75
N ASP I 460 77.60 24.88 50.26
CA ASP I 460 77.76 24.61 48.83
C ASP I 460 76.53 23.93 48.25
N ILE I 461 75.35 24.25 48.78
CA ILE I 461 74.12 23.63 48.28
C ILE I 461 73.92 23.95 46.81
N TYR I 462 74.26 25.18 46.41
CA TYR I 462 74.09 25.58 45.02
C TYR I 462 74.86 24.66 44.08
N GLU I 463 76.16 24.48 44.35
CA GLU I 463 76.98 23.65 43.48
C GLU I 463 76.58 22.18 43.60
N ARG I 464 76.19 21.75 44.80
CA ARG I 464 75.73 20.36 44.97
C ARG I 464 74.54 20.08 44.06
N LEU I 465 73.54 20.96 44.09
CA LEU I 465 72.35 20.76 43.27
C LEU I 465 72.68 20.88 41.79
N ALA I 466 73.56 21.82 41.43
CA ALA I 466 73.94 21.94 40.03
C ALA I 466 74.61 20.67 39.53
N SER I 467 75.49 20.08 40.33
CA SER I 467 76.13 18.83 39.95
C SER I 467 75.12 17.68 39.91
N ALA I 468 74.18 17.67 40.85
CA ALA I 468 73.15 16.64 40.85
C ALA I 468 72.34 16.67 39.57
N LEU I 469 71.98 17.86 39.10
CA LEU I 469 71.28 17.97 37.83
C LEU I 469 72.13 17.36 36.72
N ALA I 470 71.50 16.51 35.92
CA ALA I 470 72.18 15.81 34.84
C ALA I 470 73.48 15.20 35.37
N PRO I 471 73.40 14.17 36.21
CA PRO I 471 74.63 13.66 36.85
C PRO I 471 75.67 13.17 35.85
N SER I 472 75.27 12.79 34.64
CA SER I 472 76.18 12.19 33.68
C SER I 472 76.57 13.16 32.56
N ILE I 473 76.45 14.47 32.79
CA ILE I 473 76.94 15.48 31.89
C ILE I 473 78.18 16.11 32.54
N TYR I 474 79.30 16.07 31.81
CA TYR I 474 80.60 16.32 32.43
C TYR I 474 80.90 17.81 32.52
N GLU I 475 81.01 18.30 33.76
CA GLU I 475 81.50 19.63 34.09
C GLU I 475 80.97 20.69 33.13
N HIS I 476 79.65 20.89 33.18
CA HIS I 476 79.02 22.03 32.54
C HIS I 476 78.51 22.95 33.65
N GLU I 477 79.33 23.13 34.68
CA GLU I 477 78.88 23.69 35.95
C GLU I 477 77.99 24.91 35.76
N ASP I 478 78.41 25.85 34.91
CA ASP I 478 77.63 27.07 34.75
C ASP I 478 76.29 26.79 34.09
N ILE I 479 76.26 25.95 33.05
CA ILE I 479 75.01 25.63 32.38
C ILE I 479 74.07 24.90 33.34
N LYS I 480 74.61 23.96 34.11
CA LYS I 480 73.79 23.24 35.08
C LYS I 480 73.25 24.18 36.15
N LYS I 481 74.07 25.13 36.60
CA LYS I 481 73.60 26.11 37.58
C LYS I 481 72.48 26.96 36.99
N GLY I 482 72.63 27.38 35.74
CA GLY I 482 71.56 28.15 35.10
C GLY I 482 70.28 27.36 34.96
N ILE I 483 70.39 26.09 34.57
CA ILE I 483 69.20 25.26 34.43
C ILE I 483 68.55 25.04 35.80
N LEU I 484 69.35 24.88 36.84
CA LEU I 484 68.80 24.76 38.19
C LEU I 484 68.04 26.02 38.57
N LEU I 485 68.61 27.19 38.27
CA LEU I 485 67.91 28.43 38.56
C LEU I 485 66.61 28.51 37.76
N GLN I 486 66.63 28.02 36.52
CA GLN I 486 65.41 27.99 35.72
C GLN I 486 64.35 27.11 36.39
N LEU I 487 64.76 25.94 36.88
CA LEU I 487 63.82 25.05 37.55
C LEU I 487 63.24 25.71 38.80
N PHE I 488 64.09 26.37 39.59
CA PHE I 488 63.62 27.00 40.81
C PHE I 488 62.69 28.16 40.52
N GLY I 489 63.02 28.97 39.51
CA GLY I 489 62.18 30.07 39.11
C GLY I 489 62.17 31.22 40.10
N GLY I 490 61.90 32.43 39.62
CA GLY I 490 61.85 33.60 40.47
C GLY I 490 60.58 33.65 41.31
N THR I 491 60.13 34.84 41.66
CA THR I 491 58.93 35.02 42.46
C THR I 491 57.78 35.50 41.57
N ARG I 492 56.59 34.99 41.86
CA ARG I 492 55.38 35.47 41.20
C ARG I 492 54.96 36.79 41.83
N LYS I 493 54.72 37.80 41.00
CA LYS I 493 54.42 39.15 41.45
C LYS I 493 53.06 39.58 40.95
N ASP I 494 52.31 40.25 41.82
CA ASP I 494 50.97 40.74 41.51
C ASP I 494 51.06 42.24 41.23
N PHE I 495 51.29 42.59 39.97
CA PHE I 495 51.37 43.97 39.54
C PHE I 495 50.04 44.50 39.01
N SER I 496 48.93 43.80 39.30
CA SER I 496 47.64 44.26 38.82
C SER I 496 47.30 45.63 39.37
N HIS I 497 47.57 45.85 40.67
CA HIS I 497 47.26 47.14 41.28
C HIS I 497 48.09 48.27 40.68
N THR I 498 49.23 47.95 40.07
CA THR I 498 50.09 48.97 39.48
C THR I 498 49.74 49.28 38.03
N GLY I 499 48.77 48.58 37.46
CA GLY I 499 48.45 48.79 36.06
C GLY I 499 49.62 48.56 35.14
N ARG I 500 50.61 47.78 35.57
CA ARG I 500 51.83 47.56 34.82
C ARG I 500 51.70 46.40 33.83
N GLY I 501 50.89 45.41 34.17
CA GLY I 501 50.81 44.16 33.43
C GLY I 501 51.24 43.00 34.30
N LYS I 502 51.52 41.87 33.65
CA LYS I 502 51.97 40.67 34.33
C LYS I 502 53.46 40.47 34.06
N PHE I 503 54.23 40.32 35.14
CA PHE I 503 55.68 40.17 35.04
C PHE I 503 56.03 38.69 34.95
N ARG I 504 56.95 38.36 34.03
CA ARG I 504 57.38 36.98 33.85
C ARG I 504 58.40 36.63 34.93
N ALA I 505 58.01 35.74 35.84
CA ALA I 505 58.95 35.23 36.84
C ALA I 505 59.79 34.07 36.32
N GLU I 506 59.44 33.49 35.18
CA GLU I 506 60.20 32.39 34.63
C GLU I 506 61.52 32.87 34.05
N ILE I 507 62.48 31.96 34.00
CA ILE I 507 63.81 32.22 33.45
C ILE I 507 63.95 31.47 32.14
N ASN I 508 64.50 32.13 31.12
CA ASN I 508 64.71 31.53 29.81
C ASN I 508 66.19 31.39 29.52
N ILE I 509 66.55 30.26 28.92
CA ILE I 509 67.94 29.92 28.65
C ILE I 509 68.08 29.54 27.18
N LEU I 510 69.14 30.02 26.55
CA LEU I 510 69.48 29.69 25.18
C LEU I 510 70.90 29.14 25.15
N LEU I 511 71.04 27.89 24.76
CA LEU I 511 72.34 27.24 24.62
C LEU I 511 72.75 27.35 23.16
N CYS I 512 73.62 28.30 22.86
CA CYS I 512 74.15 28.47 21.51
C CYS I 512 75.46 27.69 21.42
N GLY I 513 75.48 26.63 20.63
CA GLY I 513 76.65 25.78 20.60
C GLY I 513 76.76 24.99 19.31
N ASP I 514 77.96 24.51 19.06
CA ASP I 514 78.20 23.67 17.90
C ASP I 514 77.46 22.34 18.05
N PRO I 515 76.94 21.77 16.96
CA PRO I 515 76.33 20.44 17.06
C PRO I 515 77.31 19.43 17.65
N GLY I 516 76.81 18.62 18.57
CA GLY I 516 77.66 17.71 19.31
C GLY I 516 78.24 18.27 20.59
N THR I 517 77.68 19.36 21.11
CA THR I 517 78.14 19.95 22.36
C THR I 517 77.24 19.59 23.53
N SER I 518 76.32 18.64 23.36
CA SER I 518 75.48 18.08 24.41
C SER I 518 74.31 19.00 24.77
N LYS I 519 74.07 20.07 24.00
CA LYS I 519 72.93 20.91 24.28
C LYS I 519 71.62 20.15 24.11
N SER I 520 71.54 19.32 23.07
CA SER I 520 70.35 18.49 22.89
C SER I 520 70.18 17.51 24.04
N GLN I 521 71.28 16.96 24.55
CA GLN I 521 71.20 16.05 25.69
C GLN I 521 70.66 16.78 26.91
N LEU I 522 71.14 17.99 27.18
CA LEU I 522 70.62 18.76 28.31
C LEU I 522 69.14 19.08 28.12
N LEU I 523 68.76 19.47 26.90
CA LEU I 523 67.36 19.73 26.61
C LEU I 523 66.49 18.53 26.93
N GLN I 524 66.90 17.35 26.44
CA GLN I 524 66.12 16.14 26.67
C GLN I 524 66.09 15.78 28.16
N TYR I 525 67.20 15.99 28.87
CA TYR I 525 67.20 15.70 30.29
C TYR I 525 66.18 16.57 31.01
N VAL I 526 66.17 17.87 30.71
CA VAL I 526 65.19 18.75 31.36
C VAL I 526 63.78 18.33 30.97
N TYR I 527 63.58 17.98 29.69
CA TYR I 527 62.25 17.59 29.22
C TYR I 527 61.74 16.36 29.97
N ASN I 528 62.60 15.36 30.17
CA ASN I 528 62.20 14.16 30.88
C ASN I 528 62.19 14.35 32.40
N LEU I 529 62.79 15.43 32.90
CA LEU I 529 62.85 15.66 34.33
C LEU I 529 61.67 16.48 34.84
N VAL I 530 61.23 17.49 34.10
CA VAL I 530 60.25 18.44 34.61
C VAL I 530 58.83 17.97 34.32
N PRO I 531 57.90 18.08 35.28
CA PRO I 531 56.48 17.94 34.94
C PRO I 531 56.02 19.14 34.13
N ARG I 532 55.01 18.92 33.30
CA ARG I 532 54.53 19.94 32.37
C ARG I 532 55.68 20.41 31.48
N GLY I 533 56.27 19.46 30.79
CA GLY I 533 57.36 19.73 29.87
C GLY I 533 56.94 19.35 28.46
N GLN I 534 57.26 20.23 27.51
CA GLN I 534 56.98 19.97 26.11
C GLN I 534 58.28 20.14 25.32
N TYR I 535 58.34 19.47 24.18
CA TYR I 535 59.56 19.43 23.38
C TYR I 535 59.22 19.60 21.91
N THR I 536 59.90 20.54 21.25
CA THR I 536 59.78 20.73 19.81
C THR I 536 61.17 20.97 19.24
N SER I 537 61.32 20.70 17.95
CA SER I 537 62.64 20.75 17.31
C SER I 537 62.52 21.30 15.90
N GLY I 538 63.27 22.36 15.63
CA GLY I 538 63.47 22.82 14.27
C GLY I 538 62.17 23.13 13.55
N LYS I 539 62.11 22.70 12.28
CA LYS I 539 60.98 22.97 11.42
C LYS I 539 59.83 22.00 11.63
N GLY I 540 59.82 21.24 12.73
CA GLY I 540 58.73 20.34 13.01
C GLY I 540 57.51 20.99 13.63
N SER I 541 57.58 22.28 13.94
CA SER I 541 56.51 23.00 14.59
C SER I 541 55.94 24.07 13.66
N SER I 542 54.82 24.64 14.09
CA SER I 542 54.16 25.72 13.38
C SER I 542 53.53 26.67 14.38
N ALA I 543 53.21 27.87 13.92
CA ALA I 543 52.63 28.87 14.81
C ALA I 543 51.30 28.38 15.39
N VAL I 544 50.41 27.89 14.52
CA VAL I 544 49.12 27.40 15.00
C VAL I 544 49.31 26.18 15.90
N GLY I 545 50.18 25.26 15.49
CA GLY I 545 50.38 24.05 16.27
C GLY I 545 50.98 24.33 17.64
N LEU I 546 51.71 25.44 17.77
CA LEU I 546 52.25 25.82 19.07
C LEU I 546 51.23 26.58 19.91
N THR I 547 50.43 27.44 19.26
CA THR I 547 49.49 28.26 20.01
C THR I 547 48.19 27.52 20.33
N ALA I 548 47.44 27.18 19.29
CA ALA I 548 46.14 26.52 19.41
C ALA I 548 45.63 26.32 17.99
N TYR I 549 44.50 25.60 17.89
CA TYR I 549 43.85 25.41 16.60
C TYR I 549 42.48 24.80 16.86
N VAL I 550 41.72 24.62 15.79
CA VAL I 550 40.36 24.07 15.87
C VAL I 550 40.35 22.75 15.11
N MET I 551 39.84 21.70 15.76
CA MET I 551 39.68 20.40 15.13
C MET I 551 38.24 19.93 15.37
N LYS I 552 37.95 18.73 14.86
CA LYS I 552 36.63 18.13 14.98
C LYS I 552 36.76 16.91 15.87
N ASP I 553 36.44 17.07 17.16
CA ASP I 553 36.51 15.97 18.10
C ASP I 553 35.75 14.78 17.53
N PRO I 554 36.44 13.69 17.14
CA PRO I 554 35.78 12.57 16.45
C PRO I 554 35.09 11.58 17.39
N GLU I 555 34.55 12.09 18.50
CA GLU I 555 33.62 11.32 19.32
C GLU I 555 32.30 12.04 19.57
N THR I 556 32.30 13.37 19.60
CA THR I 556 31.07 14.16 19.65
C THR I 556 30.73 14.78 18.30
N ARG I 557 31.56 14.59 17.28
CA ARG I 557 31.37 15.19 15.97
C ARG I 557 31.27 16.71 16.05
N GLN I 558 31.76 17.29 17.13
CA GLN I 558 31.70 18.73 17.36
C GLN I 558 33.06 19.36 17.15
N LEU I 559 33.06 20.60 16.67
CA LEU I 559 34.29 21.36 16.53
C LEU I 559 34.73 21.87 17.90
N VAL I 560 35.97 21.55 18.26
CA VAL I 560 36.54 21.96 19.54
C VAL I 560 37.90 22.62 19.27
N LEU I 561 38.45 23.21 20.33
CA LEU I 561 39.72 23.91 20.26
C LEU I 561 40.79 23.10 21.00
N GLN I 562 41.90 22.85 20.32
CA GLN I 562 43.01 22.07 20.85
C GLN I 562 44.20 22.98 21.05
N THR I 563 44.85 22.86 22.22
CA THR I 563 45.99 23.68 22.56
C THR I 563 47.22 23.25 21.76
N GLY I 564 48.33 23.92 22.03
CA GLY I 564 49.62 23.56 21.44
C GLY I 564 50.66 23.31 22.50
N ALA I 565 51.93 23.20 22.09
CA ALA I 565 52.99 22.91 23.05
C ALA I 565 53.15 24.04 24.06
N LEU I 566 53.11 25.29 23.59
CA LEU I 566 53.35 26.42 24.49
C LEU I 566 52.26 26.54 25.54
N VAL I 567 51.06 26.05 25.25
CA VAL I 567 49.98 26.06 26.23
C VAL I 567 50.04 24.83 27.12
N LEU I 568 50.29 23.66 26.53
CA LEU I 568 50.43 22.45 27.34
C LEU I 568 51.54 22.58 28.37
N SER I 569 52.56 23.39 28.08
CA SER I 569 53.62 23.68 29.03
C SER I 569 53.34 24.96 29.82
N ASP I 570 52.08 25.26 30.11
CA ASP I 570 51.72 26.56 30.65
C ASP I 570 52.51 26.89 31.91
N ASN I 571 52.49 25.99 32.89
CA ASN I 571 53.19 26.21 34.16
C ASN I 571 54.43 25.32 34.25
N GLY I 572 55.10 25.11 33.12
CA GLY I 572 56.29 24.29 33.10
C GLY I 572 57.32 24.80 32.13
N ILE I 573 57.87 23.90 31.30
CA ILE I 573 59.00 24.22 30.44
C ILE I 573 58.71 23.75 29.02
N CYS I 574 59.17 24.54 28.06
CA CYS I 574 59.19 24.17 26.66
C CYS I 574 60.63 24.13 26.19
N CYS I 575 61.03 23.02 25.58
CA CYS I 575 62.39 22.81 25.10
C CYS I 575 62.37 22.87 23.57
N ILE I 576 62.96 23.91 23.02
CA ILE I 576 62.97 24.14 21.58
C ILE I 576 64.39 23.84 21.10
N ASP I 577 64.59 22.63 20.60
CA ASP I 577 65.85 22.27 19.95
C ASP I 577 65.86 22.81 18.53
N GLU I 578 67.06 22.96 17.98
CA GLU I 578 67.24 23.54 16.65
C GLU I 578 66.53 24.89 16.57
N PHE I 579 66.74 25.72 17.60
CA PHE I 579 66.01 26.97 17.74
C PHE I 579 66.32 27.96 16.63
N ASP I 580 67.29 27.66 15.76
CA ASP I 580 67.57 28.54 14.63
C ASP I 580 66.81 28.15 13.37
N LYS I 581 66.46 26.88 13.21
CA LYS I 581 65.65 26.42 12.08
C LYS I 581 64.17 26.51 12.43
N MET I 582 63.75 27.73 12.72
CA MET I 582 62.43 28.03 13.30
C MET I 582 61.78 29.18 12.55
N ASN I 583 61.65 29.04 11.23
CA ASN I 583 61.33 30.14 10.32
C ASN I 583 60.39 31.17 10.96
N GLU I 584 60.75 32.44 10.81
CA GLU I 584 60.19 33.51 11.64
C GLU I 584 58.68 33.43 11.79
N SER I 585 57.99 32.83 10.82
CA SER I 585 56.53 32.74 10.90
C SER I 585 56.08 32.19 12.25
N THR I 586 56.80 31.19 12.76
CA THR I 586 56.50 30.61 14.07
C THR I 586 57.33 31.21 15.19
N ARG I 587 58.55 31.67 14.89
CA ARG I 587 59.38 32.29 15.92
C ARG I 587 58.76 33.57 16.45
N SER I 588 57.91 34.23 15.64
CA SER I 588 57.25 35.45 16.09
C SER I 588 56.34 35.18 17.28
N VAL I 589 55.74 33.99 17.33
CA VAL I 589 54.82 33.64 18.41
C VAL I 589 55.52 33.77 19.75
N LEU I 590 56.81 33.45 19.80
CA LEU I 590 57.51 33.41 21.08
C LEU I 590 57.62 34.79 21.73
N HIS I 591 57.51 35.87 20.96
CA HIS I 591 57.63 37.20 21.54
C HIS I 591 56.60 37.40 22.65
N GLU I 592 55.33 37.14 22.33
CA GLU I 592 54.27 37.35 23.32
C GLU I 592 54.44 36.43 24.52
N VAL I 593 54.75 35.17 24.26
CA VAL I 593 54.89 34.19 25.33
C VAL I 593 56.00 34.60 26.29
N MET I 594 57.15 35.00 25.75
CA MET I 594 58.30 35.32 26.57
C MET I 594 58.22 36.70 27.19
N GLU I 595 57.35 37.58 26.68
CA GLU I 595 57.25 38.91 27.26
C GLU I 595 56.14 39.02 28.31
N GLN I 596 54.93 38.56 27.98
CA GLN I 596 53.77 38.78 28.85
C GLN I 596 53.12 37.48 29.32
N GLN I 597 53.72 36.32 29.04
CA GLN I 597 53.16 35.05 29.48
C GLN I 597 51.76 34.81 28.95
N THR I 598 51.40 35.47 27.85
CA THR I 598 50.06 35.39 27.30
C THR I 598 50.14 35.06 25.82
N LEU I 599 49.10 34.40 25.32
CA LEU I 599 49.02 33.98 23.93
C LEU I 599 47.66 34.43 23.43
N SER I 600 47.60 35.61 22.83
CA SER I 600 46.34 36.22 22.41
C SER I 600 45.99 35.69 21.02
N ILE I 601 45.01 34.80 20.97
CA ILE I 601 44.52 34.25 19.71
C ILE I 601 43.23 34.96 19.35
N ALA I 602 43.20 35.52 18.13
CA ALA I 602 42.01 36.16 17.58
C ALA I 602 41.79 35.55 16.20
N LYS I 603 41.09 34.43 16.17
CA LYS I 603 40.82 33.70 14.94
C LYS I 603 39.38 33.99 14.49
N ALA I 604 38.95 33.27 13.44
CA ALA I 604 37.67 33.58 12.81
C ALA I 604 36.52 33.57 13.83
N GLY I 605 36.47 32.54 14.68
CA GLY I 605 35.35 32.38 15.58
C GLY I 605 35.68 32.57 17.05
N ILE I 606 36.89 32.22 17.45
CA ILE I 606 37.27 32.19 18.86
C ILE I 606 38.29 33.28 19.12
N ILE I 607 37.99 34.14 20.10
CA ILE I 607 38.90 35.17 20.57
C ILE I 607 39.17 34.93 22.05
N CYS I 608 40.44 34.94 22.43
CA CYS I 608 40.80 34.77 23.83
C CYS I 608 42.30 35.01 23.98
N GLN I 609 42.77 34.98 25.21
CA GLN I 609 44.19 35.03 25.52
C GLN I 609 44.50 33.91 26.49
N LEU I 610 45.26 32.92 26.02
CA LEU I 610 45.61 31.75 26.82
C LEU I 610 46.84 32.03 27.67
N ASN I 611 46.81 31.56 28.91
CA ASN I 611 47.98 31.65 29.77
C ASN I 611 49.07 30.72 29.24
N ALA I 612 50.28 31.25 29.06
CA ALA I 612 51.42 30.48 28.56
C ALA I 612 52.64 30.80 29.41
N ARG I 613 52.48 30.74 30.72
CA ARG I 613 53.54 31.15 31.64
C ARG I 613 54.65 30.12 31.67
N THR I 614 55.26 29.87 30.52
CA THR I 614 56.25 28.81 30.38
C THR I 614 57.65 29.35 30.63
N SER I 615 58.59 28.42 30.77
CA SER I 615 60.01 28.74 30.73
C SER I 615 60.60 28.08 29.50
N VAL I 616 61.34 28.84 28.70
CA VAL I 616 61.85 28.36 27.42
C VAL I 616 63.32 27.99 27.59
N LEU I 617 63.65 26.75 27.23
CA LEU I 617 65.02 26.28 27.11
C LEU I 617 65.24 25.97 25.63
N ALA I 618 66.07 26.77 24.97
CA ALA I 618 66.26 26.67 23.53
C ALA I 618 67.69 26.29 23.23
N ALA I 619 67.88 25.62 22.09
CA ALA I 619 69.19 25.22 21.62
C ALA I 619 69.39 25.76 20.22
N ALA I 620 70.50 26.47 20.00
CA ALA I 620 70.78 27.10 18.73
C ALA I 620 72.14 26.67 18.22
N ASN I 621 72.27 26.58 16.90
CA ASN I 621 73.52 26.24 16.25
C ASN I 621 74.07 27.46 15.52
N PRO I 622 75.33 27.83 15.70
CA PRO I 622 75.87 28.95 14.94
C PRO I 622 75.79 28.71 13.44
N ILE I 623 75.62 29.79 12.69
CA ILE I 623 75.53 29.72 11.24
C ILE I 623 76.70 28.92 10.70
N GLU I 624 76.46 28.18 9.62
CA GLU I 624 77.39 27.21 9.05
C GLU I 624 77.57 25.99 9.95
N SER I 625 76.75 25.85 10.98
CA SER I 625 76.83 24.76 11.95
C SER I 625 78.16 24.73 12.68
N GLN I 626 78.95 25.80 12.60
CA GLN I 626 80.24 25.87 13.26
C GLN I 626 80.51 27.31 13.66
N TRP I 627 81.10 27.48 14.84
CA TRP I 627 81.36 28.81 15.38
C TRP I 627 82.65 29.35 14.77
N ASN I 628 82.51 30.32 13.87
CA ASN I 628 83.68 30.99 13.31
C ASN I 628 84.37 31.77 14.41
N PRO I 629 85.68 31.55 14.67
CA PRO I 629 86.40 32.34 15.68
C PRO I 629 86.92 33.67 15.12
N LYS I 630 86.15 34.28 14.22
CA LYS I 630 86.43 35.61 13.72
C LYS I 630 85.25 36.56 13.80
N LYS I 631 84.02 36.04 13.77
CA LYS I 631 82.83 36.87 13.86
C LYS I 631 82.42 37.03 15.32
N THR I 632 81.81 38.16 15.63
CA THR I 632 81.45 38.48 17.00
C THR I 632 80.32 37.59 17.48
N THR I 633 79.98 37.72 18.76
CA THR I 633 78.97 36.86 19.37
C THR I 633 77.64 36.98 18.63
N ILE I 634 77.17 38.21 18.43
CA ILE I 634 75.88 38.41 17.76
C ILE I 634 75.95 37.92 16.32
N GLU I 635 77.04 38.24 15.61
CA GLU I 635 77.15 37.82 14.22
C GLU I 635 77.13 36.30 14.10
N ASN I 636 77.62 35.60 15.12
CA ASN I 636 77.60 34.14 15.08
C ASN I 636 76.23 33.59 15.46
N ILE I 637 75.62 34.13 16.51
CA ILE I 637 74.32 33.64 16.95
C ILE I 637 73.29 33.84 15.85
N GLN I 638 73.27 35.02 15.25
CA GLN I 638 72.34 35.33 14.16
C GLN I 638 70.89 35.19 14.63
N LEU I 639 70.58 35.86 15.74
CA LEU I 639 69.22 35.97 16.23
C LEU I 639 68.91 37.43 16.52
N PRO I 640 67.72 37.89 16.15
CA PRO I 640 67.42 39.32 16.34
C PRO I 640 67.55 39.72 17.80
N HIS I 641 68.08 40.93 18.02
CA HIS I 641 68.21 41.42 19.39
C HIS I 641 66.87 41.48 20.09
N THR I 642 65.80 41.78 19.35
CA THR I 642 64.47 41.79 19.94
C THR I 642 64.19 40.48 20.66
N LEU I 643 64.62 39.36 20.08
CA LEU I 643 64.40 38.06 20.68
C LEU I 643 65.46 37.73 21.72
N LEU I 644 66.73 37.97 21.38
CA LEU I 644 67.81 37.62 22.30
C LEU I 644 67.68 38.34 23.63
N SER I 645 67.13 39.55 23.63
CA SER I 645 66.96 40.28 24.88
C SER I 645 65.92 39.63 25.78
N ARG I 646 65.06 38.77 25.23
CA ARG I 646 64.09 38.05 26.04
C ARG I 646 64.76 36.97 26.88
N PHE I 647 65.67 36.21 26.28
CA PHE I 647 66.40 35.18 27.01
C PHE I 647 67.22 35.82 28.12
N ASP I 648 66.89 35.49 29.36
CA ASP I 648 67.63 35.99 30.51
C ASP I 648 68.84 35.14 30.83
N LEU I 649 69.23 34.22 29.94
CA LEU I 649 70.51 33.54 30.05
C LEU I 649 70.89 32.98 28.70
N ILE I 650 72.10 33.27 28.24
CA ILE I 650 72.61 32.75 26.98
C ILE I 650 73.98 32.14 27.24
N PHE I 651 74.09 30.83 27.03
CA PHE I 651 75.33 30.09 27.26
C PHE I 651 75.95 29.72 25.93
N LEU I 652 77.21 30.11 25.73
CA LEU I 652 77.96 29.76 24.53
C LEU I 652 78.71 28.46 24.80
N MET I 653 78.17 27.35 24.29
CA MET I 653 78.83 26.05 24.37
C MET I 653 79.91 26.01 23.30
N LEU I 654 81.08 26.53 23.65
CA LEU I 654 82.21 26.58 22.74
C LEU I 654 83.29 25.61 23.20
N ASP I 655 84.05 25.09 22.24
CA ASP I 655 84.99 24.00 22.50
C ASP I 655 86.39 24.58 22.65
N PRO I 656 86.97 24.57 23.86
CA PRO I 656 88.39 24.93 23.99
C PRO I 656 89.26 23.70 23.74
N GLN I 657 90.19 23.84 22.80
CA GLN I 657 91.10 22.75 22.44
C GLN I 657 92.09 22.56 23.59
N ASP I 658 91.66 21.80 24.59
CA ASP I 658 92.39 21.64 25.84
C ASP I 658 92.69 20.17 26.09
N GLU I 659 93.96 19.87 26.37
CA GLU I 659 94.37 18.50 26.61
C GLU I 659 93.66 17.89 27.80
N ALA I 660 93.66 18.60 28.93
CA ALA I 660 93.05 18.06 30.14
C ALA I 660 91.56 17.83 29.95
N TYR I 661 90.87 18.80 29.34
CA TYR I 661 89.45 18.64 29.10
C TYR I 661 89.18 17.44 28.20
N ASP I 662 89.93 17.32 27.11
CA ASP I 662 89.71 16.20 26.21
C ASP I 662 89.95 14.87 26.91
N ARG I 663 91.03 14.77 27.69
CA ARG I 663 91.36 13.52 28.36
C ARG I 663 90.29 13.14 29.38
N ARG I 664 89.88 14.09 30.21
CA ARG I 664 88.87 13.79 31.22
C ARG I 664 87.53 13.47 30.58
N LEU I 665 87.18 14.18 29.50
CA LEU I 665 85.94 13.88 28.80
C LEU I 665 85.96 12.48 28.22
N ALA I 666 87.08 12.07 27.64
CA ALA I 666 87.18 10.71 27.12
C ALA I 666 87.06 9.69 28.23
N HIS I 667 87.71 9.96 29.37
CA HIS I 667 87.58 9.06 30.51
C HIS I 667 86.12 8.92 30.93
N HIS I 668 85.41 10.04 31.03
CA HIS I 668 84.00 10.00 31.44
C HIS I 668 83.14 9.24 30.43
N LEU I 669 83.34 9.51 29.14
CA LEU I 669 82.53 8.87 28.12
C LEU I 669 82.77 7.37 28.07
N VAL I 670 84.02 6.94 28.25
CA VAL I 670 84.30 5.51 28.29
C VAL I 670 83.73 4.91 29.58
N ALA I 671 83.83 5.63 30.69
CA ALA I 671 83.29 5.14 31.95
C ALA I 671 81.79 4.90 31.86
N LEU I 672 81.08 5.73 31.09
CA LEU I 672 79.66 5.49 30.87
C LEU I 672 79.42 4.18 30.14
N TYR I 673 80.44 3.62 29.49
CA TYR I 673 80.28 2.41 28.70
C TYR I 673 80.49 1.13 29.51
N TYR I 674 80.94 1.22 30.76
CA TYR I 674 81.05 0.04 31.62
C TYR I 674 80.47 0.22 33.01
N GLN I 675 80.24 1.45 33.47
CA GLN I 675 79.64 1.66 34.78
C GLN I 675 79.30 3.14 34.97
N LEU I 685 73.90 13.90 44.88
CA LEU I 685 72.69 13.95 45.69
C LEU I 685 71.61 13.05 45.11
N ASP I 686 70.62 12.72 45.95
CA ASP I 686 69.53 11.86 45.53
C ASP I 686 68.48 12.65 44.76
N MET I 687 67.90 12.01 43.75
CA MET I 687 66.75 12.58 43.08
C MET I 687 65.67 12.93 44.09
N ALA I 688 65.49 12.10 45.11
CA ALA I 688 64.48 12.36 46.12
C ALA I 688 64.72 13.68 46.84
N VAL I 689 65.96 13.88 47.31
CA VAL I 689 66.25 15.11 48.05
C VAL I 689 66.17 16.32 47.12
N LEU I 690 66.65 16.18 45.88
CA LEU I 690 66.55 17.29 44.94
C LEU I 690 65.10 17.67 44.70
N LYS I 691 64.26 16.68 44.44
CA LYS I 691 62.84 16.92 44.18
C LYS I 691 62.16 17.55 45.38
N ASP I 692 62.44 17.03 46.58
CA ASP I 692 61.83 17.58 47.79
C ASP I 692 62.29 19.01 48.03
N TYR I 693 63.58 19.29 47.77
CA TYR I 693 64.10 20.62 47.96
C TYR I 693 63.42 21.61 47.03
N ILE I 694 63.27 21.24 45.75
CA ILE I 694 62.60 22.13 44.80
C ILE I 694 61.15 22.34 45.21
N ALA I 695 60.46 21.27 45.60
CA ALA I 695 59.07 21.38 45.99
C ALA I 695 58.90 22.31 47.19
N TYR I 696 59.74 22.14 48.21
CA TYR I 696 59.65 23.00 49.38
C TYR I 696 59.95 24.44 49.02
N ALA I 697 60.96 24.66 48.17
CA ALA I 697 61.29 26.01 47.74
C ALA I 697 60.10 26.68 47.08
N HIS I 698 59.49 26.01 46.11
CA HIS I 698 58.31 26.58 45.46
C HIS I 698 57.17 26.77 46.45
N SER I 699 57.05 25.86 47.42
CA SER I 699 55.92 25.90 48.33
C SER I 699 55.97 27.14 49.23
N THR I 700 57.12 27.37 49.89
CA THR I 700 57.13 28.39 50.93
C THR I 700 58.33 29.33 50.86
N ILE I 701 58.91 29.55 49.69
CA ILE I 701 60.01 30.50 49.52
C ILE I 701 59.60 31.54 48.51
N MET I 702 59.49 32.79 48.96
CA MET I 702 59.13 33.93 48.12
C MET I 702 60.13 35.04 48.37
N PRO I 703 61.32 34.96 47.76
CA PRO I 703 62.35 35.97 48.04
C PRO I 703 61.87 37.37 47.70
N ARG I 704 62.25 38.32 48.56
CA ARG I 704 61.94 39.73 48.36
C ARG I 704 63.23 40.53 48.36
N LEU I 705 63.32 41.50 47.45
CA LEU I 705 64.51 42.33 47.36
C LEU I 705 64.71 43.12 48.64
N SER I 706 65.93 43.08 49.16
CA SER I 706 66.35 43.94 50.25
C SER I 706 66.97 45.22 49.69
N GLU I 707 67.13 46.22 50.55
CA GLU I 707 67.63 47.51 50.10
C GLU I 707 69.05 47.40 49.53
N GLU I 708 69.91 46.66 50.22
CA GLU I 708 71.27 46.48 49.75
C GLU I 708 71.29 45.75 48.40
N ALA I 709 70.47 44.71 48.28
CA ALA I 709 70.36 44.01 47.00
C ALA I 709 69.82 44.92 45.91
N SER I 710 68.94 45.85 46.27
CA SER I 710 68.41 46.79 45.28
C SER I 710 69.50 47.70 44.76
N GLN I 711 70.30 48.28 45.65
CA GLN I 711 71.40 49.12 45.21
C GLN I 711 72.39 48.31 44.38
N ALA I 712 72.67 47.07 44.81
CA ALA I 712 73.58 46.22 44.05
C ALA I 712 73.04 45.94 42.66
N LEU I 713 71.73 45.71 42.54
CA LEU I 713 71.12 45.47 41.24
C LEU I 713 71.21 46.72 40.36
N ILE I 714 70.99 47.90 40.93
CA ILE I 714 71.11 49.13 40.16
C ILE I 714 72.52 49.25 39.59
N GLU I 715 73.52 49.10 40.46
CA GLU I 715 74.90 49.20 40.00
C GLU I 715 75.22 48.10 38.99
N ALA I 716 74.68 46.91 39.20
CA ALA I 716 74.91 45.80 38.27
C ALA I 716 74.36 46.13 36.90
N TYR I 717 73.15 46.68 36.83
CA TYR I 717 72.57 47.00 35.54
C TYR I 717 73.36 48.10 34.84
N VAL I 718 73.75 49.14 35.58
CA VAL I 718 74.47 50.22 34.92
C VAL I 718 75.81 49.70 34.38
N ASP I 719 76.53 48.91 35.18
CA ASP I 719 77.80 48.37 34.71
C ASP I 719 77.59 47.43 33.53
N MET I 720 76.55 46.60 33.58
CA MET I 720 76.29 45.66 32.50
C MET I 720 75.95 46.38 31.20
N ARG I 721 75.14 47.44 31.30
CA ARG I 721 74.85 48.24 30.10
C ARG I 721 76.11 48.89 29.57
N LYS I 722 76.95 49.42 30.46
CA LYS I 722 78.19 50.04 30.02
C LYS I 722 79.06 49.04 29.27
N ILE I 723 79.16 47.80 29.78
CA ILE I 723 79.95 46.78 29.12
C ILE I 723 79.32 46.41 27.78
N GLY I 724 78.00 46.19 27.77
CA GLY I 724 77.31 45.75 26.57
C GLY I 724 77.19 46.80 25.49
N SER I 725 77.49 48.06 25.81
CA SER I 725 77.53 49.08 24.77
C SER I 725 78.52 48.76 23.66
N SER I 726 79.39 47.78 23.86
CA SER I 726 80.34 47.40 22.83
C SER I 726 79.62 47.05 21.52
N ARG I 727 80.40 47.02 20.44
CA ARG I 727 79.87 46.88 19.09
C ARG I 727 79.12 45.57 18.90
N GLY I 728 79.83 44.45 18.99
CA GLY I 728 79.28 43.17 18.59
C GLY I 728 78.74 42.32 19.74
N MET I 729 78.99 42.75 20.97
CA MET I 729 78.52 41.99 22.11
C MET I 729 76.99 42.02 22.17
N VAL I 730 76.44 41.27 23.11
CA VAL I 730 74.99 41.25 23.33
C VAL I 730 74.66 42.45 24.20
N SER I 731 74.08 43.48 23.59
CA SER I 731 73.77 44.71 24.32
C SER I 731 72.74 44.44 25.40
N ALA I 732 72.78 45.24 26.46
CA ALA I 732 71.94 45.05 27.62
C ALA I 732 70.93 46.20 27.71
N TYR I 733 69.64 45.84 27.68
CA TYR I 733 68.54 46.77 27.88
C TYR I 733 67.93 46.54 29.26
N PRO I 734 66.96 47.34 29.67
CA PRO I 734 66.32 47.09 30.98
C PRO I 734 65.72 45.71 31.11
N ARG I 735 65.45 45.02 30.00
CA ARG I 735 65.11 43.61 30.09
C ARG I 735 66.21 42.85 30.82
N GLN I 736 67.45 43.30 30.71
CA GLN I 736 68.54 42.63 31.42
C GLN I 736 68.53 42.94 32.90
N LEU I 737 68.09 44.14 33.31
CA LEU I 737 67.87 44.38 34.73
C LEU I 737 66.76 43.48 35.26
N GLU I 738 65.70 43.30 34.46
CA GLU I 738 64.65 42.35 34.83
C GLU I 738 65.24 40.95 34.97
N SER I 739 66.11 40.56 34.04
CA SER I 739 66.74 39.25 34.08
C SER I 739 67.60 39.09 35.32
N LEU I 740 68.35 40.13 35.68
CA LEU I 740 69.17 40.07 36.87
C LEU I 740 68.31 39.92 38.12
N ILE I 741 67.18 40.63 38.18
CA ILE I 741 66.27 40.48 39.32
C ILE I 741 65.76 39.04 39.36
N ARG I 742 65.36 38.49 38.21
CA ARG I 742 64.88 37.12 38.16
C ARG I 742 65.93 36.15 38.67
N LEU I 743 67.16 36.26 38.17
CA LEU I 743 68.21 35.33 38.55
C LEU I 743 68.56 35.46 40.03
N ALA I 744 68.62 36.70 40.55
CA ALA I 744 68.90 36.89 41.96
C ALA I 744 67.82 36.28 42.81
N GLU I 745 66.56 36.46 42.42
CA GLU I 745 65.46 35.87 43.18
C GLU I 745 65.52 34.34 43.13
N ALA I 746 65.86 33.78 41.97
CA ALA I 746 66.00 32.34 41.86
C ALA I 746 67.11 31.82 42.76
N HIS I 747 68.23 32.52 42.81
CA HIS I 747 69.33 32.09 43.68
C HIS I 747 68.94 32.19 45.15
N ALA I 748 68.23 33.26 45.52
CA ALA I 748 67.76 33.38 46.90
C ALA I 748 66.81 32.24 47.23
N LYS I 749 65.94 31.87 46.28
CA LYS I 749 65.05 30.74 46.49
C LYS I 749 65.84 29.45 46.66
N VAL I 750 66.90 29.26 45.86
CA VAL I 750 67.75 28.09 46.02
C VAL I 750 68.33 28.06 47.42
N ARG I 751 68.72 29.22 47.94
CA ARG I 751 69.26 29.29 49.30
C ARG I 751 68.19 29.24 50.37
N LEU I 752 66.91 29.30 50.01
CA LEU I 752 65.80 29.32 50.96
C LEU I 752 65.83 30.56 51.85
N SER I 753 66.54 31.60 51.42
CA SER I 753 66.70 32.78 52.27
C SER I 753 65.36 33.45 52.53
N ASN I 754 64.52 33.55 51.50
CA ASN I 754 63.28 34.32 51.52
C ASN I 754 63.55 35.82 51.41
N LYS I 755 64.81 36.24 51.39
CA LYS I 755 65.18 37.64 51.22
C LYS I 755 66.34 37.67 50.23
N VAL I 756 66.12 38.27 49.06
CA VAL I 756 67.20 38.37 48.07
C VAL I 756 68.30 39.23 48.64
N GLU I 757 69.54 38.77 48.49
CA GLU I 757 70.70 39.40 49.11
C GLU I 757 71.75 39.76 48.07
N ALA I 758 72.69 40.60 48.49
CA ALA I 758 73.78 40.99 47.62
C ALA I 758 74.56 39.78 47.14
N ILE I 759 74.61 38.71 47.93
CA ILE I 759 75.25 37.49 47.47
C ILE I 759 74.51 36.95 46.25
N ASP I 760 73.18 36.91 46.32
CA ASP I 760 72.39 36.40 45.20
C ASP I 760 72.54 37.29 43.98
N VAL I 761 72.51 38.61 44.16
CA VAL I 761 72.62 39.49 43.00
C VAL I 761 74.02 39.38 42.38
N GLU I 762 75.04 39.23 43.21
CA GLU I 762 76.39 39.04 42.69
C GLU I 762 76.49 37.73 41.91
N GLU I 763 75.87 36.67 42.42
CA GLU I 763 75.90 35.40 41.69
C GLU I 763 75.16 35.52 40.37
N ALA I 764 74.06 36.28 40.35
CA ALA I 764 73.36 36.52 39.09
C ALA I 764 74.26 37.26 38.12
N LYS I 765 74.95 38.30 38.60
CA LYS I 765 75.92 38.99 37.76
C LYS I 765 76.94 38.02 37.19
N ARG I 766 77.54 37.22 38.06
CA ARG I 766 78.60 36.31 37.62
C ARG I 766 78.08 35.33 36.59
N LEU I 767 76.89 34.77 36.82
CA LEU I 767 76.36 33.78 35.90
C LEU I 767 76.06 34.41 34.55
N HIS I 768 75.38 35.55 34.54
CA HIS I 768 75.06 36.21 33.28
C HIS I 768 76.32 36.67 32.55
N ARG I 769 77.41 36.91 33.29
CA ARG I 769 78.64 37.37 32.66
C ARG I 769 79.44 36.21 32.10
N GLU I 770 79.60 35.14 32.87
CA GLU I 770 80.27 33.94 32.36
C GLU I 770 79.53 33.38 31.17
N ALA I 771 78.21 33.33 31.23
CA ALA I 771 77.42 33.06 30.05
C ALA I 771 77.69 34.17 29.03
N LEU I 772 77.76 33.80 27.76
CA LEU I 772 78.17 34.63 26.64
C LEU I 772 79.69 34.83 26.63
N LYS I 773 80.41 34.39 27.65
CA LYS I 773 81.86 34.53 27.71
C LYS I 773 82.27 36.00 27.59
N GLN I 774 81.60 36.86 28.38
CA GLN I 774 81.95 38.28 28.38
C GLN I 774 83.38 38.49 28.85
N SER I 775 83.80 37.76 29.88
CA SER I 775 85.16 37.91 30.39
C SER I 775 86.19 37.52 29.34
N ALA I 776 85.88 36.55 28.48
CA ALA I 776 86.83 36.02 27.51
C ALA I 776 86.73 36.71 26.15
N THR I 777 85.91 37.75 26.03
CA THR I 777 85.76 38.49 24.78
C THR I 777 86.10 39.96 25.02
N ASP I 778 86.88 40.53 24.11
CA ASP I 778 87.25 41.93 24.21
C ASP I 778 86.08 42.81 23.77
N PRO I 779 86.04 44.07 24.22
CA PRO I 779 84.91 44.94 23.89
C PRO I 779 84.89 45.39 22.44
N ARG I 780 85.83 44.87 21.63
CA ARG I 780 85.87 45.15 20.20
C ARG I 780 85.55 43.94 19.35
N THR I 781 86.27 42.84 19.55
CA THR I 781 86.09 41.61 18.79
C THR I 781 85.46 40.53 19.66
N GLY I 782 85.29 39.35 19.09
CA GLY I 782 84.74 38.23 19.80
C GLY I 782 85.76 37.53 20.68
N SER J 2 -14.85 -18.78 -24.22
CA SER J 2 -15.20 -17.57 -24.92
C SER J 2 -14.94 -16.34 -24.06
N GLY J 3 -15.11 -16.48 -22.74
CA GLY J 3 -14.95 -15.36 -21.84
C GLY J 3 -13.51 -15.10 -21.46
N PHE J 4 -12.58 -15.38 -22.35
CA PHE J 4 -11.15 -15.24 -22.09
C PHE J 4 -10.52 -14.05 -22.79
N ASP J 5 -10.66 -13.96 -24.11
CA ASP J 5 -10.04 -12.88 -24.85
C ASP J 5 -10.74 -11.55 -24.59
N ASP J 6 -9.97 -10.47 -24.69
CA ASP J 6 -10.47 -9.10 -24.47
C ASP J 6 -10.02 -8.23 -25.63
N PRO J 7 -10.74 -8.24 -26.75
CA PRO J 7 -10.35 -7.40 -27.88
C PRO J 7 -10.40 -5.92 -27.51
N GLY J 8 -9.56 -5.15 -28.18
CA GLY J 8 -9.47 -3.74 -27.88
C GLY J 8 -10.63 -2.94 -28.44
N ILE J 9 -10.70 -1.68 -28.01
CA ILE J 9 -11.70 -0.76 -28.52
C ILE J 9 -11.30 -0.29 -29.91
N PHE J 10 -12.29 0.12 -30.69
CA PHE J 10 -12.07 0.66 -32.02
C PHE J 10 -12.88 1.94 -32.17
N TYR J 11 -12.40 2.83 -33.02
CA TYR J 11 -13.09 4.07 -33.33
C TYR J 11 -12.82 4.44 -34.77
N SER J 12 -13.61 5.37 -35.30
CA SER J 12 -13.51 5.83 -36.66
C SER J 12 -13.19 7.32 -36.69
N ASP J 13 -12.92 7.81 -37.90
CA ASP J 13 -12.75 9.24 -38.09
C ASP J 13 -14.09 9.95 -37.89
N SER J 14 -14.02 11.16 -37.35
CA SER J 14 -15.24 11.92 -37.09
C SER J 14 -16.05 12.08 -38.37
N PHE J 15 -17.35 11.82 -38.27
CA PHE J 15 -18.24 11.88 -39.42
C PHE J 15 -18.83 13.28 -39.60
N GLY J 16 -17.95 14.28 -39.68
CA GLY J 16 -18.39 15.65 -39.82
C GLY J 16 -19.12 16.15 -38.60
N GLY J 17 -19.45 17.44 -38.57
CA GLY J 17 -20.16 18.03 -37.44
C GLY J 17 -19.27 18.96 -36.64
N GLY J 24 -19.00 29.14 -31.83
CA GLY J 24 -18.50 29.90 -30.70
C GLY J 24 -16.98 29.96 -30.65
N GLN J 25 -16.44 29.69 -29.46
CA GLN J 25 -14.98 29.69 -29.30
C GLN J 25 -14.38 28.48 -29.99
N ALA J 26 -13.30 28.71 -30.74
CA ALA J 26 -12.70 27.64 -31.54
C ALA J 26 -12.15 26.55 -30.64
N ARG J 27 -12.32 25.30 -31.06
CA ARG J 27 -11.83 24.16 -30.31
C ARG J 27 -10.37 23.89 -30.62
N LYS J 28 -9.72 23.15 -29.72
CA LYS J 28 -8.30 22.85 -29.89
C LYS J 28 -8.04 22.09 -31.19
N SER J 29 -8.94 21.17 -31.55
CA SER J 29 -8.78 20.45 -32.81
C SER J 29 -8.85 21.39 -34.00
N GLN J 30 -9.77 22.35 -33.97
CA GLN J 30 -9.85 23.33 -35.05
C GLN J 30 -8.60 24.19 -35.10
N LEU J 31 -8.08 24.59 -33.94
CA LEU J 31 -6.85 25.37 -33.91
C LEU J 31 -5.69 24.56 -34.47
N GLN J 32 -5.64 23.27 -34.18
CA GLN J 32 -4.58 22.42 -34.74
C GLN J 32 -4.73 22.32 -36.26
N ARG J 33 -5.96 22.20 -36.75
CA ARG J 33 -6.16 22.15 -38.20
C ARG J 33 -5.72 23.46 -38.83
N ARG J 34 -5.99 24.59 -38.17
CA ARG J 34 -5.54 25.88 -38.68
C ARG J 34 -4.03 25.99 -38.66
N PHE J 35 -3.38 25.46 -37.63
CA PHE J 35 -1.92 25.43 -37.61
C PHE J 35 -1.38 24.62 -38.77
N LYS J 36 -1.99 23.47 -39.04
CA LYS J 36 -1.55 22.65 -40.16
C LYS J 36 -1.73 23.39 -41.48
N GLU J 37 -2.87 24.06 -41.65
CA GLU J 37 -3.09 24.79 -42.88
C GLU J 37 -2.10 25.94 -43.03
N PHE J 38 -1.78 26.61 -41.92
CA PHE J 38 -0.78 27.69 -41.97
C PHE J 38 0.57 27.14 -42.40
N LEU J 39 1.01 26.05 -41.76
CA LEU J 39 2.30 25.47 -42.13
C LEU J 39 2.31 25.04 -43.58
N ARG J 40 1.20 24.49 -44.08
CA ARG J 40 1.18 23.99 -45.44
C ARG J 40 1.11 25.11 -46.47
N GLN J 41 0.38 26.19 -46.16
CA GLN J 41 0.01 27.18 -47.17
C GLN J 41 0.56 28.56 -46.85
N TYR J 42 1.61 28.66 -46.02
CA TYR J 42 2.28 29.94 -45.89
C TYR J 42 3.08 30.23 -47.14
N ARG J 43 2.94 31.44 -47.67
CA ARG J 43 3.48 31.81 -48.96
C ARG J 43 4.45 32.98 -48.81
N VAL J 44 5.60 32.89 -49.47
CA VAL J 44 6.61 33.93 -49.44
C VAL J 44 7.10 34.17 -50.86
N GLY J 45 7.69 35.35 -51.06
CA GLY J 45 8.20 35.75 -52.35
C GLY J 45 7.31 36.72 -53.07
N THR J 46 7.48 36.77 -54.39
CA THR J 46 6.69 37.65 -55.24
C THR J 46 6.50 36.99 -56.60
N ASP J 47 5.53 37.51 -57.35
CA ASP J 47 5.23 36.93 -58.66
C ASP J 47 6.44 36.96 -59.58
N ARG J 48 7.16 38.09 -59.60
CA ARG J 48 8.37 38.17 -60.41
C ARG J 48 9.42 37.18 -59.91
N THR J 49 9.59 37.09 -58.58
CA THR J 49 10.57 36.20 -57.99
C THR J 49 10.00 34.80 -57.71
N GLY J 50 8.71 34.59 -57.91
CA GLY J 50 8.09 33.31 -57.65
C GLY J 50 7.61 33.17 -56.22
N PHE J 51 6.76 32.16 -56.01
CA PHE J 51 6.19 31.86 -54.71
C PHE J 51 6.62 30.47 -54.27
N THR J 52 6.92 30.34 -52.98
CA THR J 52 7.37 29.08 -52.41
C THR J 52 6.71 28.88 -51.06
N PHE J 53 6.51 27.61 -50.69
CA PHE J 53 5.91 27.25 -49.40
C PHE J 53 7.04 27.11 -48.39
N LYS J 54 7.29 28.21 -47.66
CA LYS J 54 8.42 28.27 -46.75
C LYS J 54 8.44 27.07 -45.80
N TYR J 55 7.40 26.93 -44.98
CA TYR J 55 7.43 25.94 -43.92
C TYR J 55 7.26 24.53 -44.45
N ARG J 56 6.49 24.33 -45.52
CA ARG J 56 6.40 23.00 -46.10
C ARG J 56 7.76 22.53 -46.58
N ASP J 57 8.47 23.38 -47.33
CA ASP J 57 9.79 23.00 -47.81
C ASP J 57 10.76 22.83 -46.65
N GLU J 58 10.64 23.68 -45.62
CA GLU J 58 11.52 23.54 -44.47
C GLU J 58 11.31 22.21 -43.77
N LEU J 59 10.06 21.81 -43.58
CA LEU J 59 9.78 20.51 -42.99
C LEU J 59 10.36 19.39 -43.83
N LYS J 60 10.14 19.44 -45.14
CA LYS J 60 10.66 18.39 -46.01
C LYS J 60 12.18 18.29 -45.88
N ARG J 61 12.87 19.43 -45.98
CA ARG J 61 14.33 19.41 -45.94
C ARG J 61 14.86 18.93 -44.59
N HIS J 62 14.32 19.49 -43.50
CA HIS J 62 14.78 19.09 -42.18
C HIS J 62 14.56 17.61 -41.94
N TYR J 63 13.37 17.09 -42.29
CA TYR J 63 13.11 15.68 -42.07
C TYR J 63 14.01 14.81 -42.92
N ASN J 64 14.22 15.17 -44.19
CA ASN J 64 15.12 14.40 -45.04
C ASN J 64 16.54 14.41 -44.49
N LEU J 65 16.96 15.50 -43.86
CA LEU J 65 18.26 15.56 -43.21
C LEU J 65 18.24 14.98 -41.80
N GLY J 66 17.09 14.54 -41.31
CA GLY J 66 16.99 14.02 -39.96
C GLY J 66 17.16 15.10 -38.91
N GLU J 67 16.60 16.28 -39.15
CA GLU J 67 16.67 17.37 -38.18
C GLU J 67 15.45 17.40 -37.27
N TYR J 68 14.26 17.13 -37.80
CA TYR J 68 13.05 16.99 -36.99
C TYR J 68 12.76 18.25 -36.19
N TRP J 69 13.14 19.41 -36.73
CA TRP J 69 12.76 20.68 -36.11
C TRP J 69 12.65 21.72 -37.20
N ILE J 70 11.91 22.79 -36.89
CA ILE J 70 11.78 23.93 -37.78
C ILE J 70 11.74 25.20 -36.95
N GLU J 71 11.97 26.32 -37.64
CA GLU J 71 11.89 27.66 -37.05
C GLU J 71 10.65 28.35 -37.60
N VAL J 72 9.76 28.76 -36.69
CA VAL J 72 8.50 29.39 -37.04
C VAL J 72 8.54 30.83 -36.56
N GLU J 73 8.28 31.77 -37.47
CA GLU J 73 8.33 33.19 -37.14
C GLU J 73 6.97 33.65 -36.64
N MET J 74 6.96 34.26 -35.45
CA MET J 74 5.72 34.78 -34.89
C MET J 74 5.11 35.84 -35.80
N GLU J 75 5.96 36.62 -36.50
CA GLU J 75 5.44 37.59 -37.44
C GLU J 75 4.70 36.91 -38.58
N ASP J 76 5.28 35.84 -39.13
CA ASP J 76 4.60 35.08 -40.17
C ASP J 76 3.29 34.50 -39.67
N LEU J 77 3.29 33.96 -38.45
CA LEU J 77 2.06 33.41 -37.90
C LEU J 77 1.00 34.49 -37.76
N ALA J 78 1.37 35.67 -37.26
CA ALA J 78 0.42 36.75 -37.11
C ALA J 78 -0.12 37.18 -38.47
N SER J 79 0.74 37.28 -39.48
CA SER J 79 0.30 37.67 -40.80
C SER J 79 -0.71 36.68 -41.35
N PHE J 80 -0.41 35.38 -41.25
CA PHE J 80 -1.30 34.38 -41.81
C PHE J 80 -2.61 34.30 -41.04
N ASP J 81 -2.54 34.36 -39.70
CA ASP J 81 -3.74 34.29 -38.87
C ASP J 81 -3.42 34.95 -37.53
N GLU J 82 -4.02 36.12 -37.29
CA GLU J 82 -3.71 36.86 -36.07
C GLU J 82 -4.14 36.10 -34.82
N ASP J 83 -5.27 35.39 -34.90
CA ASP J 83 -5.79 34.71 -33.72
C ASP J 83 -4.81 33.67 -33.20
N LEU J 84 -4.18 32.92 -34.11
CA LEU J 84 -3.21 31.92 -33.68
C LEU J 84 -2.03 32.55 -32.96
N ALA J 85 -1.53 33.67 -33.49
CA ALA J 85 -0.42 34.35 -32.84
C ALA J 85 -0.81 34.85 -31.45
N ASP J 86 -2.01 35.42 -31.33
CA ASP J 86 -2.46 35.88 -30.02
C ASP J 86 -2.60 34.72 -29.06
N TYR J 87 -3.14 33.60 -29.53
CA TYR J 87 -3.26 32.41 -28.69
C TYR J 87 -1.89 31.94 -28.21
N LEU J 88 -0.91 31.89 -29.12
CA LEU J 88 0.42 31.47 -28.72
C LEU J 88 0.99 32.42 -27.68
N TYR J 89 0.81 33.73 -27.87
CA TYR J 89 1.35 34.69 -26.91
C TYR J 89 0.70 34.53 -25.55
N LYS J 90 -0.61 34.31 -25.51
CA LYS J 90 -1.32 34.33 -24.23
C LYS J 90 -1.19 32.99 -23.50
N GLN J 91 -1.43 31.89 -24.21
CA GLN J 91 -1.35 30.54 -23.66
C GLN J 91 -0.47 29.73 -24.60
N PRO J 92 0.85 29.79 -24.44
CA PRO J 92 1.74 29.17 -25.44
C PRO J 92 1.81 27.66 -25.34
N ALA J 93 1.73 27.13 -24.11
CA ALA J 93 1.97 25.72 -23.88
C ALA J 93 1.07 24.82 -24.71
N GLU J 94 -0.24 24.87 -24.46
CA GLU J 94 -1.15 23.97 -25.16
C GLU J 94 -1.16 24.26 -26.67
N HIS J 95 -1.13 25.53 -27.04
CA HIS J 95 -1.12 25.86 -28.45
C HIS J 95 0.22 25.51 -29.09
N LEU J 96 1.30 25.54 -28.31
CA LEU J 96 2.56 25.00 -28.83
C LEU J 96 2.45 23.51 -29.08
N GLN J 97 1.77 22.78 -28.20
CA GLN J 97 1.54 21.36 -28.43
C GLN J 97 0.76 21.16 -29.73
N LEU J 98 -0.29 21.96 -29.92
CA LEU J 98 -1.08 21.85 -31.15
C LEU J 98 -0.23 22.14 -32.37
N LEU J 99 0.62 23.16 -32.30
CA LEU J 99 1.47 23.50 -33.43
C LEU J 99 2.46 22.39 -33.73
N GLU J 100 3.04 21.78 -32.70
CA GLU J 100 3.96 20.68 -32.91
C GLU J 100 3.26 19.47 -33.52
N GLU J 101 2.04 19.19 -33.07
CA GLU J 101 1.28 18.10 -33.67
C GLU J 101 0.99 18.37 -35.15
N ALA J 102 0.61 19.61 -35.47
CA ALA J 102 0.38 19.97 -36.86
C ALA J 102 1.66 19.85 -37.67
N ALA J 103 2.80 20.21 -37.07
CA ALA J 103 4.07 20.05 -37.76
C ALA J 103 4.35 18.60 -38.05
N LYS J 104 4.07 17.72 -37.08
CA LYS J 104 4.21 16.28 -37.32
C LYS J 104 3.35 15.86 -38.51
N GLU J 105 2.09 16.30 -38.53
CA GLU J 105 1.20 15.92 -39.62
C GLU J 105 1.73 16.40 -40.96
N VAL J 106 2.21 17.65 -41.03
CA VAL J 106 2.69 18.18 -42.30
C VAL J 106 3.96 17.47 -42.73
N ALA J 107 4.83 17.15 -41.79
CA ALA J 107 6.04 16.40 -42.12
C ALA J 107 5.68 15.04 -42.70
N ASP J 108 4.71 14.35 -42.09
CA ASP J 108 4.26 13.08 -42.65
C ASP J 108 3.70 13.26 -44.05
N GLU J 109 2.89 14.30 -44.25
CA GLU J 109 2.29 14.53 -45.56
C GLU J 109 3.36 14.77 -46.62
N VAL J 110 4.39 15.54 -46.28
CA VAL J 110 5.40 15.90 -47.28
C VAL J 110 6.45 14.81 -47.47
N THR J 111 6.58 13.88 -46.52
CA THR J 111 7.54 12.78 -46.66
C THR J 111 6.84 11.43 -46.57
N ARG J 112 5.61 11.33 -47.07
CA ARG J 112 4.87 10.07 -46.98
C ARG J 112 5.60 8.90 -47.60
N PRO J 113 6.12 8.96 -48.83
CA PRO J 113 6.77 7.79 -49.43
C PRO J 113 8.23 7.63 -48.99
N ARG J 114 8.43 7.52 -47.67
CA ARG J 114 9.76 7.42 -47.13
C ARG J 114 10.38 6.05 -47.43
N PRO J 115 11.70 5.96 -47.42
CA PRO J 115 12.35 4.68 -47.73
C PRO J 115 12.20 3.67 -46.60
N SER J 116 12.43 2.41 -46.95
CA SER J 116 12.34 1.34 -45.97
C SER J 116 13.39 1.53 -44.88
N GLY J 117 13.03 1.15 -43.65
CA GLY J 117 13.89 1.30 -42.50
C GLY J 117 13.72 2.60 -41.76
N GLU J 118 12.93 3.53 -42.27
CA GLU J 118 12.64 4.81 -41.62
C GLU J 118 11.16 5.12 -41.69
N GLU J 119 10.33 4.11 -41.46
CA GLU J 119 8.89 4.27 -41.64
C GLU J 119 8.27 5.07 -40.50
N VAL J 120 8.72 4.85 -39.27
CA VAL J 120 8.07 5.47 -38.12
C VAL J 120 8.20 6.99 -38.24
N LEU J 121 7.08 7.68 -38.04
CA LEU J 121 7.08 9.14 -38.08
C LEU J 121 7.70 9.69 -36.81
N GLN J 122 8.58 10.68 -36.96
CA GLN J 122 9.31 11.26 -35.86
C GLN J 122 8.68 12.59 -35.45
N ASP J 123 8.67 12.86 -34.15
CA ASP J 123 8.17 14.13 -33.66
C ASP J 123 8.93 15.28 -34.29
N ILE J 124 8.35 16.47 -34.22
CA ILE J 124 8.93 17.69 -34.76
C ILE J 124 8.94 18.75 -33.68
N GLN J 125 10.06 19.43 -33.53
CA GLN J 125 10.16 20.55 -32.59
C GLN J 125 10.05 21.86 -33.35
N VAL J 126 9.05 22.65 -33.00
CA VAL J 126 8.82 23.96 -33.60
C VAL J 126 9.42 24.99 -32.67
N MET J 127 10.60 25.49 -33.00
CA MET J 127 11.21 26.59 -32.27
C MET J 127 10.69 27.89 -32.87
N LEU J 128 10.09 28.73 -32.04
CA LEU J 128 9.43 29.94 -32.51
C LEU J 128 10.32 31.15 -32.23
N LYS J 129 10.49 31.98 -33.26
CA LYS J 129 11.34 33.16 -33.19
C LYS J 129 10.53 34.39 -33.58
N SER J 130 10.83 35.51 -32.94
CA SER J 130 10.10 36.75 -33.14
C SER J 130 11.06 37.90 -33.36
N ASP J 131 10.63 38.86 -34.16
CA ASP J 131 11.39 40.08 -34.40
C ASP J 131 11.08 41.16 -33.37
N ALA J 132 10.18 40.90 -32.43
CA ALA J 132 9.80 41.91 -31.46
C ALA J 132 10.97 42.27 -30.56
N SER J 133 10.99 43.51 -30.10
CA SER J 133 12.03 43.95 -29.18
C SER J 133 11.89 43.21 -27.85
N PRO J 134 12.99 42.75 -27.27
CA PRO J 134 12.90 42.02 -26.00
C PRO J 134 12.59 42.96 -24.84
N SER J 135 12.14 42.35 -23.74
CA SER J 135 11.84 43.07 -22.51
C SER J 135 12.88 42.73 -21.45
N SER J 136 13.10 43.67 -20.53
CA SER J 136 14.12 43.48 -19.51
C SER J 136 13.74 42.35 -18.57
N ILE J 137 14.76 41.74 -17.96
CA ILE J 137 14.51 40.72 -16.95
C ILE J 137 13.72 41.30 -15.79
N ARG J 138 14.01 42.55 -15.42
CA ARG J 138 13.29 43.18 -14.33
C ARG J 138 11.82 43.37 -14.66
N SER J 139 11.46 43.32 -15.95
CA SER J 139 10.06 43.44 -16.35
C SER J 139 9.27 42.16 -16.12
N LEU J 140 9.93 41.02 -15.90
CA LEU J 140 9.21 39.77 -15.68
C LEU J 140 8.54 39.79 -14.32
N LYS J 141 7.28 40.20 -14.30
CA LYS J 141 6.48 40.25 -13.08
C LYS J 141 5.49 39.09 -13.06
N SER J 142 4.69 39.03 -12.01
CA SER J 142 3.69 37.98 -11.88
C SER J 142 2.71 38.00 -13.04
N ASP J 143 2.54 39.16 -13.68
CA ASP J 143 1.54 39.27 -14.74
C ASP J 143 1.86 38.38 -15.92
N MET J 144 3.14 38.23 -16.26
CA MET J 144 3.55 37.47 -17.43
C MET J 144 3.68 35.98 -17.18
N MET J 145 3.48 35.54 -15.94
CA MET J 145 3.64 34.12 -15.64
C MET J 145 2.75 33.27 -16.54
N SER J 146 3.32 32.24 -17.14
CA SER J 146 2.68 31.31 -18.06
C SER J 146 2.53 31.89 -19.45
N HIS J 147 2.93 33.14 -19.69
CA HIS J 147 2.84 33.76 -21.00
C HIS J 147 4.17 33.67 -21.73
N LEU J 148 4.10 33.80 -23.05
CA LEU J 148 5.29 33.77 -23.89
C LEU J 148 6.02 35.09 -23.78
N VAL J 149 7.17 35.08 -23.12
CA VAL J 149 7.96 36.29 -22.88
C VAL J 149 9.26 36.19 -23.67
N LYS J 150 9.84 37.35 -23.94
CA LYS J 150 11.12 37.46 -24.63
C LYS J 150 12.08 38.24 -23.74
N ILE J 151 13.28 37.69 -23.55
CA ILE J 151 14.20 38.22 -22.55
C ILE J 151 15.63 38.24 -23.11
N PRO J 152 16.39 39.30 -22.91
CA PRO J 152 17.82 39.28 -23.24
C PRO J 152 18.66 38.92 -22.03
N GLY J 153 19.82 38.32 -22.29
CA GLY J 153 20.72 38.00 -21.19
C GLY J 153 22.00 37.39 -21.72
N ILE J 154 22.90 37.13 -20.78
CA ILE J 154 24.18 36.47 -21.06
C ILE J 154 24.23 35.19 -20.27
N ILE J 155 24.58 34.09 -20.94
CA ILE J 155 24.62 32.78 -20.31
C ILE J 155 25.89 32.67 -19.47
N ILE J 156 25.74 32.18 -18.24
CA ILE J 156 26.88 31.97 -17.35
C ILE J 156 27.03 30.52 -16.95
N ALA J 157 26.12 29.65 -17.35
CA ALA J 157 26.23 28.22 -17.05
C ALA J 157 25.44 27.44 -18.08
N ALA J 158 25.82 26.18 -18.27
CA ALA J 158 25.11 25.30 -19.19
C ALA J 158 25.39 23.86 -18.75
N SER J 159 24.43 23.26 -18.05
CA SER J 159 24.61 21.91 -17.56
C SER J 159 24.79 20.93 -18.72
N ALA J 160 25.16 19.70 -18.37
CA ALA J 160 25.31 18.66 -19.37
C ALA J 160 23.94 18.23 -19.89
N VAL J 161 23.93 17.76 -21.13
CA VAL J 161 22.69 17.34 -21.79
C VAL J 161 22.28 16.01 -21.18
N ARG J 162 21.36 16.04 -20.22
CA ARG J 162 20.82 14.83 -19.63
C ARG J 162 19.68 14.30 -20.49
N ALA J 163 19.05 13.22 -20.02
CA ALA J 163 17.92 12.60 -20.70
C ALA J 163 16.68 12.74 -19.84
N LYS J 164 15.60 13.23 -20.44
CA LYS J 164 14.30 13.34 -19.77
C LYS J 164 13.26 12.62 -20.61
N ALA J 165 12.25 12.09 -19.94
CA ALA J 165 11.29 11.18 -20.55
C ALA J 165 10.07 11.96 -21.03
N THR J 166 9.77 11.85 -22.33
CA THR J 166 8.53 12.38 -22.85
C THR J 166 7.38 11.39 -22.67
N ARG J 167 7.65 10.11 -22.91
CA ARG J 167 6.67 9.04 -22.71
C ARG J 167 7.31 7.95 -21.87
N ILE J 168 6.64 7.57 -20.79
CA ILE J 168 7.11 6.49 -19.95
C ILE J 168 6.16 5.30 -20.12
N SER J 169 6.65 4.13 -19.71
CA SER J 169 5.85 2.93 -19.62
C SER J 169 6.08 2.32 -18.25
N ILE J 170 5.03 1.72 -17.68
CA ILE J 170 5.12 1.10 -16.37
C ILE J 170 4.51 -0.28 -16.43
N GLN J 171 4.95 -1.13 -15.51
CA GLN J 171 4.52 -2.52 -15.46
C GLN J 171 4.09 -2.86 -14.04
N CYS J 172 3.11 -3.76 -13.94
CA CYS J 172 2.63 -4.22 -12.64
C CYS J 172 3.51 -5.36 -12.14
N ARG J 173 3.97 -5.25 -10.90
CA ARG J 173 4.86 -6.26 -10.33
C ARG J 173 4.19 -7.62 -10.29
N SER J 174 2.91 -7.67 -9.90
CA SER J 174 2.23 -8.94 -9.74
C SER J 174 1.79 -9.53 -11.07
N CYS J 175 0.91 -8.82 -11.79
CA CYS J 175 0.34 -9.36 -13.02
C CYS J 175 1.16 -9.05 -14.26
N ARG J 176 2.21 -8.23 -14.15
CA ARG J 176 3.13 -7.98 -15.25
C ARG J 176 2.39 -7.46 -16.48
N ASN J 177 1.39 -6.61 -16.26
CA ASN J 177 0.71 -5.91 -17.33
C ASN J 177 1.24 -4.50 -17.44
N THR J 178 1.26 -3.98 -18.67
CA THR J 178 1.90 -2.72 -18.98
C THR J 178 0.88 -1.61 -19.19
N LEU J 179 1.35 -0.37 -19.00
CA LEU J 179 0.57 0.84 -19.13
C LEU J 179 1.28 1.79 -20.10
N THR J 180 1.62 1.26 -21.28
CA THR J 180 2.57 1.90 -22.16
C THR J 180 2.14 3.30 -22.58
N ASN J 181 3.15 4.13 -22.88
CA ASN J 181 2.97 5.43 -23.53
C ASN J 181 2.13 6.37 -22.68
N ILE J 182 2.60 6.60 -21.46
CA ILE J 182 2.02 7.63 -20.61
C ILE J 182 2.70 8.95 -20.93
N ALA J 183 1.91 9.93 -21.35
CA ALA J 183 2.46 11.23 -21.72
C ALA J 183 3.05 11.93 -20.50
N MET J 184 4.22 12.53 -20.68
CA MET J 184 4.90 13.28 -19.64
C MET J 184 4.78 14.76 -19.94
N ARG J 185 4.37 15.53 -18.95
CA ARG J 185 4.19 16.97 -19.16
C ARG J 185 5.54 17.62 -19.44
N PRO J 186 5.65 18.42 -20.51
CA PRO J 186 6.95 19.02 -20.83
C PRO J 186 7.36 20.06 -19.80
N GLY J 187 8.66 20.33 -19.78
CA GLY J 187 9.22 21.25 -18.79
C GLY J 187 9.55 20.53 -17.50
N LEU J 188 10.00 21.32 -16.53
CA LEU J 188 10.36 20.77 -15.22
C LEU J 188 9.09 20.47 -14.43
N GLU J 189 8.35 19.49 -14.94
CA GLU J 189 7.14 19.00 -14.30
C GLU J 189 7.27 17.50 -14.10
N GLY J 190 6.91 17.02 -12.91
CA GLY J 190 7.04 15.62 -12.57
C GLY J 190 5.82 14.81 -12.94
N TYR J 191 5.65 13.70 -12.25
CA TYR J 191 4.56 12.76 -12.55
C TYR J 191 4.37 11.78 -11.41
N ALA J 192 3.14 11.60 -10.97
CA ALA J 192 2.81 10.67 -9.89
C ALA J 192 2.32 9.37 -10.49
N LEU J 193 2.91 8.26 -10.04
CA LEU J 193 2.53 6.96 -10.55
C LEU J 193 1.14 6.57 -10.03
N PRO J 194 0.37 5.81 -10.81
CA PRO J 194 -0.91 5.32 -10.30
C PRO J 194 -0.72 4.39 -9.12
N ARG J 195 -1.72 4.40 -8.23
CA ARG J 195 -1.70 3.55 -7.04
C ARG J 195 -2.70 2.40 -7.14
N LYS J 196 -3.14 2.07 -8.36
CA LYS J 196 -4.06 0.96 -8.60
C LYS J 196 -3.73 0.34 -9.94
N CYS J 197 -4.00 -0.95 -10.07
CA CYS J 197 -3.72 -1.67 -11.30
C CYS J 197 -4.97 -1.66 -12.18
N ASN J 198 -4.79 -1.26 -13.45
CA ASN J 198 -5.92 -1.16 -14.37
C ASN J 198 -6.46 -2.53 -14.77
N THR J 199 -5.58 -3.54 -14.86
CA THR J 199 -5.96 -4.85 -15.39
C THR J 199 -7.32 -5.28 -14.88
N ASP J 200 -8.16 -5.77 -15.80
CA ASP J 200 -9.49 -6.22 -15.44
C ASP J 200 -9.36 -7.52 -14.65
N GLN J 201 -9.46 -7.41 -13.33
CA GLN J 201 -9.22 -8.56 -12.47
C GLN J 201 -10.19 -9.69 -12.80
N ALA J 202 -9.68 -10.92 -12.76
CA ALA J 202 -10.46 -12.12 -13.06
C ALA J 202 -10.90 -12.84 -11.80
N GLY J 203 -11.13 -12.11 -10.71
CA GLY J 203 -11.52 -12.70 -9.45
C GLY J 203 -10.38 -13.16 -8.58
N ARG J 204 -9.14 -13.05 -9.04
CA ARG J 204 -7.99 -13.41 -8.23
C ARG J 204 -7.82 -12.38 -7.12
N PRO J 205 -6.88 -12.59 -6.20
CA PRO J 205 -6.48 -11.51 -5.31
C PRO J 205 -5.97 -10.33 -6.13
N LYS J 206 -6.40 -9.13 -5.74
CA LYS J 206 -6.03 -7.95 -6.50
C LYS J 206 -4.55 -7.64 -6.34
N CYS J 207 -3.99 -6.98 -7.35
CA CYS J 207 -2.59 -6.61 -7.32
C CYS J 207 -2.32 -5.69 -6.13
N PRO J 208 -1.05 -5.47 -5.77
CA PRO J 208 -0.76 -4.71 -4.55
C PRO J 208 -1.13 -3.24 -4.63
N LEU J 209 -0.88 -2.50 -3.55
CA LEU J 209 -1.30 -1.11 -3.49
C LEU J 209 -0.53 -0.25 -4.49
N ASP J 210 0.79 -0.36 -4.50
CA ASP J 210 1.66 0.45 -5.37
C ASP J 210 2.41 -0.51 -6.29
N PRO J 211 1.75 -1.01 -7.33
CA PRO J 211 2.32 -2.10 -8.12
C PRO J 211 3.21 -1.69 -9.29
N TYR J 212 3.31 -0.41 -9.62
CA TYR J 212 3.86 0.01 -10.90
C TYR J 212 5.34 0.34 -10.79
N PHE J 213 6.12 -0.23 -11.70
CA PHE J 213 7.55 0.04 -11.83
C PHE J 213 7.83 0.56 -13.23
N ILE J 214 8.70 1.58 -13.31
CA ILE J 214 9.06 2.15 -14.60
C ILE J 214 9.84 1.13 -15.41
N MET J 215 9.53 1.04 -16.70
CA MET J 215 10.27 0.17 -17.60
C MET J 215 11.25 1.02 -18.40
N PRO J 216 12.49 1.19 -17.94
CA PRO J 216 13.40 2.12 -18.65
C PRO J 216 13.63 1.74 -20.09
N ASP J 217 13.57 0.45 -20.42
CA ASP J 217 13.71 0.04 -21.82
C ASP J 217 12.59 0.62 -22.67
N LYS J 218 11.36 0.60 -22.15
CA LYS J 218 10.20 1.08 -22.89
C LYS J 218 9.87 2.51 -22.48
N CYS J 219 10.79 3.41 -22.82
CA CYS J 219 10.59 4.84 -22.59
C CYS J 219 11.15 5.61 -23.78
N LYS J 220 10.53 6.76 -24.06
CA LYS J 220 11.02 7.69 -25.07
C LYS J 220 11.59 8.89 -24.33
N CYS J 221 12.92 9.01 -24.34
CA CYS J 221 13.61 10.08 -23.65
C CYS J 221 14.18 11.07 -24.66
N VAL J 222 14.33 12.31 -24.22
CA VAL J 222 14.84 13.39 -25.06
C VAL J 222 15.88 14.16 -24.27
N ASP J 223 16.74 14.86 -25.02
CA ASP J 223 17.74 15.71 -24.41
C ASP J 223 17.06 16.80 -23.58
N PHE J 224 17.74 17.21 -22.52
CA PHE J 224 17.21 18.29 -21.68
C PHE J 224 18.39 18.96 -20.99
N GLN J 225 18.50 20.27 -21.14
CA GLN J 225 19.60 21.04 -20.58
C GLN J 225 19.06 22.17 -19.73
N THR J 226 19.78 22.49 -18.66
CA THR J 226 19.44 23.58 -17.76
C THR J 226 20.52 24.65 -17.86
N LEU J 227 20.11 25.88 -18.16
CA LEU J 227 21.01 26.99 -18.36
C LEU J 227 20.75 28.06 -17.32
N LYS J 228 21.77 28.87 -17.03
CA LYS J 228 21.65 30.03 -16.18
C LYS J 228 21.86 31.28 -17.02
N LEU J 229 20.90 32.20 -16.95
CA LEU J 229 20.94 33.43 -17.71
C LEU J 229 21.06 34.61 -16.74
N GLN J 230 21.82 35.61 -17.13
CA GLN J 230 22.10 36.75 -16.26
C GLN J 230 21.72 38.03 -16.97
N GLU J 231 21.23 38.99 -16.18
CA GLU J 231 20.90 40.30 -16.69
C GLU J 231 22.12 40.93 -17.35
N LEU J 232 21.93 41.47 -18.55
CA LEU J 232 23.05 42.04 -19.28
C LEU J 232 23.71 43.12 -18.44
N PRO J 233 25.05 43.19 -18.42
CA PRO J 233 25.70 44.15 -17.52
C PRO J 233 25.26 45.58 -17.75
N ASP J 234 25.06 45.98 -19.02
CA ASP J 234 24.56 47.32 -19.28
C ASP J 234 23.14 47.48 -18.76
N ALA J 235 22.29 46.47 -18.95
CA ALA J 235 20.91 46.57 -18.51
C ALA J 235 20.78 46.69 -17.00
N VAL J 236 21.79 46.29 -16.24
CA VAL J 236 21.71 46.37 -14.79
C VAL J 236 21.67 47.84 -14.37
N PRO J 237 20.74 48.26 -13.50
CA PRO J 237 20.82 49.62 -12.96
C PRO J 237 22.16 49.89 -12.32
N HIS J 238 22.49 51.15 -12.07
CA HIS J 238 23.84 51.49 -11.62
C HIS J 238 24.20 50.73 -10.35
N GLY J 239 23.52 51.01 -9.25
CA GLY J 239 23.76 50.26 -8.03
C GLY J 239 22.73 49.16 -7.84
N GLU J 240 23.03 47.97 -8.35
CA GLU J 240 22.08 46.87 -8.32
C GLU J 240 22.82 45.58 -8.67
N MET J 241 22.54 44.53 -7.93
CA MET J 241 23.07 43.23 -8.28
C MET J 241 22.33 42.66 -9.49
N PRO J 242 23.03 42.02 -10.42
CA PRO J 242 22.35 41.48 -11.60
C PRO J 242 21.30 40.44 -11.21
N ARG J 243 20.23 40.41 -11.98
CA ARG J 243 19.19 39.40 -11.81
C ARG J 243 19.55 38.14 -12.59
N HIS J 244 19.01 37.02 -12.14
CA HIS J 244 19.30 35.72 -12.75
C HIS J 244 18.01 34.97 -13.04
N MET J 245 18.03 34.20 -14.11
CA MET J 245 16.93 33.35 -14.49
C MET J 245 17.45 31.97 -14.84
N GLN J 246 16.62 30.95 -14.65
CA GLN J 246 16.94 29.60 -15.04
C GLN J 246 16.19 29.26 -16.31
N LEU J 247 16.82 28.49 -17.20
CA LEU J 247 16.25 28.17 -18.50
C LEU J 247 16.23 26.67 -18.69
N TYR J 248 15.14 26.16 -19.26
CA TYR J 248 14.98 24.76 -19.60
C TYR J 248 14.94 24.60 -21.11
N CYS J 249 15.82 23.77 -21.65
CA CYS J 249 15.96 23.57 -23.09
C CYS J 249 15.76 22.10 -23.42
N ASP J 250 15.12 21.82 -24.55
CA ASP J 250 14.74 20.45 -24.89
C ASP J 250 14.93 20.15 -26.38
N ARG J 251 15.71 19.10 -26.64
CA ARG J 251 15.79 18.36 -27.89
C ARG J 251 16.52 19.03 -29.05
N TYR J 252 16.57 20.36 -29.09
CA TYR J 252 17.46 21.04 -30.03
C TYR J 252 17.93 22.38 -29.46
N LEU J 253 17.38 22.77 -28.32
CA LEU J 253 17.82 23.95 -27.62
C LEU J 253 18.93 23.63 -26.64
N CYS J 254 19.39 22.39 -26.61
CA CYS J 254 20.52 21.97 -25.81
C CYS J 254 21.77 21.99 -26.66
N ASP J 255 22.86 22.54 -26.12
CA ASP J 255 24.12 22.68 -26.85
C ASP J 255 23.95 23.54 -28.10
N LYS J 256 23.01 24.50 -28.06
CA LYS J 256 22.93 25.53 -29.07
C LYS J 256 23.63 26.81 -28.65
N VAL J 257 23.81 27.02 -27.35
CA VAL J 257 24.48 28.20 -26.82
C VAL J 257 25.40 27.75 -25.68
N VAL J 258 26.63 28.26 -25.68
CA VAL J 258 27.59 27.91 -24.65
C VAL J 258 27.67 29.06 -23.65
N PRO J 259 28.16 28.83 -22.44
CA PRO J 259 28.21 29.93 -21.46
C PRO J 259 29.02 31.10 -22.00
N GLY J 260 28.59 32.30 -21.64
CA GLY J 260 29.22 33.52 -22.07
C GLY J 260 28.59 34.18 -23.28
N ASN J 261 27.80 33.44 -24.06
CA ASN J 261 27.13 34.02 -25.21
C ASN J 261 26.06 35.00 -24.76
N ARG J 262 25.80 35.98 -25.63
CA ARG J 262 24.70 36.92 -25.45
C ARG J 262 23.53 36.44 -26.27
N VAL J 263 22.39 36.23 -25.63
CA VAL J 263 21.23 35.60 -26.27
C VAL J 263 19.96 36.36 -25.94
N THR J 264 18.98 36.20 -26.82
CA THR J 264 17.59 36.52 -26.57
C THR J 264 16.79 35.23 -26.59
N ILE J 265 16.03 34.99 -25.52
CA ILE J 265 15.29 33.76 -25.32
C ILE J 265 13.81 34.09 -25.32
N MET J 266 13.05 33.35 -26.11
CA MET J 266 11.59 33.44 -26.11
C MET J 266 11.05 32.18 -25.49
N GLY J 267 10.47 32.29 -24.30
CA GLY J 267 10.06 31.12 -23.55
C GLY J 267 8.85 31.38 -22.68
N ILE J 268 8.39 30.33 -22.02
CA ILE J 268 7.17 30.36 -21.22
C ILE J 268 7.59 30.55 -19.77
N TYR J 269 7.57 31.79 -19.30
CA TYR J 269 7.83 32.06 -17.89
C TYR J 269 6.93 31.18 -17.04
N SER J 270 7.54 30.27 -16.29
CA SER J 270 6.81 29.18 -15.66
C SER J 270 7.29 29.02 -14.21
N ILE J 271 6.82 27.94 -13.58
CA ILE J 271 7.24 27.56 -12.24
C ILE J 271 7.50 26.06 -12.24
N LYS J 272 8.29 25.62 -11.26
CA LYS J 272 8.53 24.19 -11.08
C LYS J 272 7.29 23.53 -10.51
N LYS J 273 6.87 22.44 -11.12
CA LYS J 273 5.65 21.72 -10.71
C LYS J 273 6.07 20.32 -10.27
N PHE J 274 6.25 20.15 -8.96
CA PHE J 274 6.66 18.87 -8.40
C PHE J 274 5.79 18.48 -7.21
N GLY J 275 4.53 18.87 -7.21
CA GLY J 275 3.58 18.35 -6.26
C GLY J 275 3.37 19.15 -4.99
N LEU J 276 3.62 20.46 -5.03
CA LEU J 276 3.37 21.35 -3.89
C LEU J 276 3.80 20.70 -2.57
N THR J 277 5.08 20.35 -2.51
CA THR J 277 5.66 19.76 -1.32
C THR J 277 6.72 20.68 -0.73
N ARG J 284 10.74 27.80 5.11
CA ARG J 284 11.09 28.76 6.16
C ARG J 284 10.11 29.94 6.17
N VAL J 285 10.37 30.94 5.34
CA VAL J 285 9.58 32.16 5.32
C VAL J 285 8.76 32.28 4.04
N GLY J 286 9.30 31.83 2.91
CA GLY J 286 8.59 31.96 1.66
C GLY J 286 7.49 30.94 1.51
N VAL J 287 6.24 31.38 1.65
CA VAL J 287 5.07 30.53 1.56
C VAL J 287 4.34 30.87 0.28
N GLY J 288 4.05 29.86 -0.53
CA GLY J 288 3.42 30.05 -1.81
C GLY J 288 4.37 30.35 -2.94
N ILE J 289 5.67 30.48 -2.67
CA ILE J 289 6.66 30.75 -3.69
C ILE J 289 7.14 29.44 -4.28
N ARG J 290 7.10 29.34 -5.61
CA ARG J 290 7.61 28.19 -6.33
C ARG J 290 8.69 28.68 -7.28
N SER J 291 9.84 28.01 -7.28
CA SER J 291 10.95 28.47 -8.09
C SER J 291 10.54 28.63 -9.54
N SER J 292 10.84 29.80 -10.09
CA SER J 292 10.44 30.13 -11.45
C SER J 292 11.56 29.80 -12.43
N TYR J 293 11.22 29.79 -13.71
CA TYR J 293 12.19 29.55 -14.77
C TYR J 293 11.51 29.90 -16.09
N ILE J 294 12.26 29.72 -17.17
CA ILE J 294 11.77 29.95 -18.52
C ILE J 294 11.92 28.66 -19.30
N ARG J 295 10.81 28.12 -19.78
CA ARG J 295 10.85 26.95 -20.65
C ARG J 295 11.11 27.47 -22.06
N VAL J 296 12.40 27.50 -22.43
CA VAL J 296 12.80 28.21 -23.64
C VAL J 296 12.13 27.58 -24.85
N LEU J 297 11.49 28.41 -25.67
CA LEU J 297 10.92 27.98 -26.93
C LEU J 297 11.75 28.39 -28.13
N GLY J 298 12.57 29.43 -27.99
CA GLY J 298 13.40 29.90 -29.07
C GLY J 298 14.65 30.59 -28.58
N ILE J 299 15.78 30.26 -29.18
CA ILE J 299 17.09 30.79 -28.81
C ILE J 299 17.63 31.59 -29.97
N GLN J 300 18.07 32.82 -29.71
CA GLN J 300 18.79 33.61 -30.69
C GLN J 300 20.07 34.09 -30.07
N VAL J 301 21.19 33.91 -30.77
CA VAL J 301 22.51 34.27 -30.27
C VAL J 301 22.91 35.61 -30.83
N ASP J 302 23.25 36.55 -29.95
CA ASP J 302 23.66 37.88 -30.35
C ASP J 302 25.14 37.87 -30.72
N THR J 303 25.43 38.12 -31.99
CA THR J 303 26.80 38.13 -32.48
C THR J 303 27.26 39.55 -32.80
N ALA J 313 29.64 29.22 -44.30
CA ALA J 313 28.47 29.60 -45.09
C ALA J 313 28.84 30.65 -46.13
N VAL J 314 29.20 30.18 -47.32
CA VAL J 314 29.55 31.05 -48.44
C VAL J 314 28.59 30.76 -49.58
N SER J 315 27.90 31.81 -50.04
CA SER J 315 26.99 31.65 -51.15
C SER J 315 27.77 31.52 -52.45
N PRO J 316 27.15 30.95 -53.49
CA PRO J 316 27.81 30.97 -54.82
C PRO J 316 28.20 32.36 -55.27
N GLN J 317 27.38 33.37 -54.98
CA GLN J 317 27.74 34.74 -55.33
C GLN J 317 29.02 35.17 -54.63
N GLU J 318 29.13 34.88 -53.33
CA GLU J 318 30.34 35.23 -52.59
C GLU J 318 31.54 34.48 -53.12
N GLU J 319 31.36 33.20 -53.47
CA GLU J 319 32.47 32.44 -54.03
C GLU J 319 32.94 33.04 -55.35
N GLU J 320 31.99 33.42 -56.22
CA GLU J 320 32.36 34.08 -57.46
C GLU J 320 33.09 35.38 -57.19
N GLU J 321 32.60 36.16 -56.23
CA GLU J 321 33.24 37.43 -55.90
C GLU J 321 34.69 37.21 -55.45
N PHE J 322 34.90 36.24 -54.56
CA PHE J 322 36.25 35.96 -54.10
C PHE J 322 37.13 35.45 -55.22
N ARG J 323 36.59 34.62 -56.10
CA ARG J 323 37.39 34.09 -57.21
C ARG J 323 37.84 35.22 -58.12
N ARG J 324 36.93 36.13 -58.47
CA ARG J 324 37.33 37.24 -59.34
C ARG J 324 38.28 38.19 -58.62
N LEU J 325 38.06 38.40 -57.32
CA LEU J 325 38.96 39.28 -56.56
C LEU J 325 40.37 38.71 -56.54
N ALA J 326 40.49 37.40 -56.37
CA ALA J 326 41.81 36.77 -56.48
C ALA J 326 42.36 36.91 -57.90
N ALA J 327 41.49 36.76 -58.90
CA ALA J 327 41.93 36.88 -60.28
C ALA J 327 42.37 38.30 -60.63
N LEU J 328 42.02 39.29 -59.83
CA LEU J 328 42.40 40.66 -60.14
C LEU J 328 43.94 40.76 -60.24
N PRO J 329 44.47 41.54 -61.19
CA PRO J 329 45.92 41.65 -61.30
C PRO J 329 46.59 42.16 -60.03
N ASN J 330 46.19 43.34 -59.57
CA ASN J 330 46.77 43.93 -58.37
C ASN J 330 45.98 43.58 -57.11
N VAL J 331 45.67 42.28 -56.96
CA VAL J 331 44.98 41.83 -55.77
C VAL J 331 45.86 42.03 -54.54
N TYR J 332 47.17 41.84 -54.70
CA TYR J 332 48.09 42.06 -53.61
C TYR J 332 48.00 43.49 -53.09
N GLU J 333 48.08 44.47 -54.01
CA GLU J 333 47.99 45.86 -53.60
C GLU J 333 46.63 46.18 -53.01
N VAL J 334 45.57 45.64 -53.62
CA VAL J 334 44.23 45.88 -53.10
C VAL J 334 44.14 45.43 -51.64
N ILE J 335 44.57 44.20 -51.36
CA ILE J 335 44.50 43.68 -49.99
C ILE J 335 45.38 44.50 -49.06
N SER J 336 46.59 44.81 -49.49
CA SER J 336 47.53 45.51 -48.62
C SER J 336 46.99 46.87 -48.21
N LYS J 337 46.43 47.62 -49.17
CA LYS J 337 45.81 48.90 -48.81
C LYS J 337 44.55 48.69 -48.00
N SER J 338 43.76 47.67 -48.34
CA SER J 338 42.48 47.48 -47.66
C SER J 338 42.66 47.16 -46.18
N ILE J 339 43.79 46.57 -45.80
CA ILE J 339 43.92 46.10 -44.42
C ILE J 339 43.84 47.29 -43.45
N ALA J 340 44.72 48.28 -43.60
CA ALA J 340 44.78 49.41 -42.68
C ALA J 340 44.86 50.71 -43.47
N PRO J 341 43.80 51.06 -44.20
CA PRO J 341 43.80 52.35 -44.90
C PRO J 341 43.91 53.54 -43.97
N SER J 342 43.33 53.44 -42.76
CA SER J 342 43.33 54.55 -41.84
C SER J 342 44.67 54.75 -41.13
N ILE J 343 45.60 53.82 -41.27
CA ILE J 343 46.93 53.93 -40.68
C ILE J 343 47.87 54.47 -41.74
N PHE J 344 48.60 55.53 -41.39
CA PHE J 344 49.44 56.22 -42.36
C PHE J 344 50.74 55.48 -42.60
N GLY J 345 51.12 55.36 -43.87
CA GLY J 345 52.41 54.79 -44.22
C GLY J 345 52.50 53.32 -43.87
N GLY J 346 53.74 52.87 -43.72
CA GLY J 346 53.99 51.47 -43.39
C GLY J 346 53.46 50.50 -44.42
N THR J 347 53.67 50.79 -45.70
CA THR J 347 53.15 49.91 -46.75
C THR J 347 53.73 48.51 -46.64
N ASP J 348 55.03 48.40 -46.39
CA ASP J 348 55.65 47.09 -46.25
C ASP J 348 55.10 46.36 -45.03
N MET J 349 54.88 47.08 -43.93
CA MET J 349 54.32 46.44 -42.74
C MET J 349 52.92 45.93 -43.01
N LYS J 350 52.10 46.71 -43.72
CA LYS J 350 50.76 46.25 -44.06
C LYS J 350 50.81 45.04 -45.00
N LYS J 351 51.75 45.04 -45.94
CA LYS J 351 51.93 43.87 -46.79
C LYS J 351 52.27 42.64 -45.96
N ALA J 352 53.16 42.80 -44.98
CA ALA J 352 53.52 41.69 -44.11
C ALA J 352 52.32 41.23 -43.29
N ILE J 353 51.49 42.17 -42.84
CA ILE J 353 50.29 41.80 -42.09
C ILE J 353 49.34 41.00 -42.97
N ALA J 354 49.19 41.39 -44.23
CA ALA J 354 48.35 40.61 -45.15
C ALA J 354 48.93 39.22 -45.34
N CYS J 355 50.25 39.12 -45.49
CA CYS J 355 50.88 37.82 -45.62
C CYS J 355 50.63 36.96 -44.39
N LEU J 356 50.70 37.56 -43.20
CA LEU J 356 50.40 36.82 -41.97
C LEU J 356 48.95 36.35 -41.95
N LEU J 357 48.01 37.22 -42.34
CA LEU J 357 46.62 36.84 -42.31
C LEU J 357 46.33 35.68 -43.25
N PHE J 358 46.93 35.71 -44.45
CA PHE J 358 46.68 34.63 -45.39
C PHE J 358 47.41 33.35 -44.98
N GLY J 359 48.63 33.49 -44.45
CA GLY J 359 49.38 32.35 -43.98
C GLY J 359 49.98 31.52 -45.11
N GLY J 360 50.87 30.62 -44.77
CA GLY J 360 51.45 29.69 -45.72
C GLY J 360 50.68 28.39 -45.78
N SER J 361 51.37 27.32 -46.16
CA SER J 361 50.77 25.99 -46.23
C SER J 361 51.31 25.13 -45.10
N ARG J 362 50.42 24.46 -44.39
CA ARG J 362 50.81 23.52 -43.35
C ARG J 362 50.89 22.13 -43.96
N LYS J 363 52.03 21.47 -43.77
CA LYS J 363 52.33 20.22 -44.47
C LYS J 363 52.71 19.14 -43.49
N ARG J 364 52.24 17.93 -43.74
CA ARG J 364 52.61 16.74 -42.97
C ARG J 364 53.37 15.81 -43.90
N LEU J 365 54.67 15.67 -43.67
CA LEU J 365 55.52 14.87 -44.52
C LEU J 365 55.29 13.38 -44.24
N PRO J 366 55.75 12.51 -45.16
CA PRO J 366 55.46 11.07 -44.98
C PRO J 366 55.95 10.52 -43.65
N ASP J 367 57.09 11.00 -43.14
CA ASP J 367 57.60 10.50 -41.88
C ASP J 367 56.73 10.89 -40.69
N GLY J 368 55.79 11.80 -40.87
CA GLY J 368 54.95 12.26 -39.80
C GLY J 368 55.39 13.55 -39.13
N LEU J 369 56.34 14.26 -39.71
CA LEU J 369 56.83 15.53 -39.16
C LEU J 369 56.11 16.67 -39.88
N THR J 370 55.26 17.37 -39.15
CA THR J 370 54.49 18.47 -39.72
C THR J 370 55.34 19.73 -39.82
N ARG J 371 55.03 20.55 -40.82
CA ARG J 371 55.67 21.84 -41.01
C ARG J 371 54.59 22.91 -40.96
N ARG J 372 54.76 23.89 -40.08
CA ARG J 372 53.74 24.90 -39.88
C ARG J 372 53.65 25.84 -41.07
N GLY J 373 52.42 26.23 -41.42
CA GLY J 373 52.20 27.18 -42.48
C GLY J 373 51.97 28.59 -41.95
N ASP J 374 51.77 28.70 -40.63
CA ASP J 374 51.54 30.01 -40.03
C ASP J 374 52.79 30.87 -40.11
N ILE J 375 52.58 32.18 -40.15
CA ILE J 375 53.65 33.17 -40.23
C ILE J 375 53.62 34.01 -38.96
N ASN J 376 54.78 34.16 -38.33
CA ASN J 376 54.91 34.92 -37.10
C ASN J 376 55.65 36.22 -37.39
N LEU J 377 55.08 37.33 -36.94
CA LEU J 377 55.58 38.66 -37.26
C LEU J 377 55.72 39.45 -35.96
N LEU J 378 56.90 40.03 -35.74
CA LEU J 378 57.18 40.86 -34.59
C LEU J 378 57.38 42.30 -35.03
N MET J 379 56.90 43.23 -34.21
CA MET J 379 57.00 44.66 -34.48
C MET J 379 57.58 45.33 -33.24
N LEU J 380 58.89 45.56 -33.25
CA LEU J 380 59.58 46.26 -32.16
C LEU J 380 59.71 47.71 -32.58
N GLY J 381 59.16 48.62 -31.79
CA GLY J 381 59.14 50.00 -32.23
C GLY J 381 58.93 50.98 -31.10
N ASP J 382 58.97 52.26 -31.47
CA ASP J 382 58.76 53.32 -30.50
C ASP J 382 57.29 53.36 -30.07
N PRO J 383 57.02 53.87 -28.86
CA PRO J 383 55.63 53.88 -28.39
C PRO J 383 54.70 54.74 -29.22
N GLY J 384 55.21 55.70 -29.97
CA GLY J 384 54.34 56.59 -30.72
C GLY J 384 53.55 55.90 -31.81
N THR J 385 54.20 55.00 -32.55
CA THR J 385 53.58 54.41 -33.72
C THR J 385 52.32 53.64 -33.34
N ALA J 386 51.47 53.40 -34.34
CA ALA J 386 50.17 52.77 -34.14
C ALA J 386 50.25 51.25 -34.31
N LYS J 387 51.23 50.63 -33.64
CA LYS J 387 51.37 49.18 -33.73
C LYS J 387 50.27 48.47 -32.95
N SER J 388 49.87 49.02 -31.81
CA SER J 388 48.73 48.46 -31.10
C SER J 388 47.46 48.55 -31.94
N GLN J 389 47.27 49.67 -32.63
CA GLN J 389 46.11 49.81 -33.52
C GLN J 389 46.17 48.81 -34.66
N LEU J 390 47.36 48.56 -35.20
CA LEU J 390 47.49 47.54 -36.24
C LEU J 390 47.11 46.17 -35.68
N LEU J 391 47.56 45.86 -34.46
CA LEU J 391 47.15 44.62 -33.82
C LEU J 391 45.64 44.54 -33.69
N LYS J 392 45.01 45.63 -33.27
CA LYS J 392 43.55 45.63 -33.10
C LYS J 392 42.86 45.35 -34.42
N PHE J 393 43.30 46.01 -35.50
CA PHE J 393 42.67 45.74 -36.78
C PHE J 393 42.85 44.29 -37.18
N VAL J 394 44.06 43.74 -37.00
CA VAL J 394 44.29 42.37 -37.41
C VAL J 394 43.39 41.43 -36.61
N GLU J 395 43.21 41.71 -35.33
CA GLU J 395 42.32 40.90 -34.51
C GLU J 395 40.90 40.97 -35.02
N LYS J 396 40.43 42.16 -35.39
CA LYS J 396 39.07 42.27 -35.92
C LYS J 396 38.94 41.64 -37.30
N CYS J 397 40.04 41.58 -38.05
CA CYS J 397 39.98 41.20 -39.46
C CYS J 397 40.22 39.70 -39.69
N SER J 398 40.93 39.04 -38.79
CA SER J 398 41.15 37.61 -39.01
C SER J 398 39.87 36.83 -38.73
N PRO J 399 39.59 35.75 -39.48
CA PRO J 399 38.39 34.96 -39.22
C PRO J 399 38.29 34.55 -37.75
N ILE J 400 39.34 33.88 -37.26
CA ILE J 400 39.49 33.59 -35.84
C ILE J 400 40.63 34.46 -35.33
N GLY J 401 40.33 35.33 -34.37
CA GLY J 401 41.34 36.26 -33.89
C GLY J 401 41.16 36.63 -32.45
N VAL J 402 42.27 36.66 -31.70
CA VAL J 402 42.25 37.04 -30.29
C VAL J 402 43.37 38.03 -30.04
N TYR J 403 43.05 39.13 -29.38
CA TYR J 403 44.03 40.15 -29.01
C TYR J 403 44.27 40.07 -27.51
N THR J 404 45.53 39.89 -27.12
CA THR J 404 45.90 39.75 -25.73
C THR J 404 47.25 40.42 -25.50
N SER J 405 47.53 40.73 -24.24
CA SER J 405 48.82 41.28 -23.88
C SER J 405 49.81 40.15 -23.65
N GLY J 406 51.03 40.51 -23.24
CA GLY J 406 52.01 39.49 -22.90
C GLY J 406 51.59 38.69 -21.67
N LYS J 407 50.98 39.35 -20.69
CA LYS J 407 50.53 38.72 -19.46
C LYS J 407 49.06 38.32 -19.53
N GLY J 408 48.54 38.06 -20.72
CA GLY J 408 47.15 37.68 -20.85
C GLY J 408 46.22 38.86 -20.67
N SER J 409 44.93 38.55 -20.67
CA SER J 409 43.88 39.55 -20.54
C SER J 409 43.33 39.54 -19.12
N SER J 410 42.28 40.32 -18.90
CA SER J 410 41.64 40.41 -17.58
C SER J 410 40.86 39.13 -17.31
N ALA J 411 41.44 38.23 -16.52
CA ALA J 411 40.81 36.95 -16.20
C ALA J 411 40.82 36.01 -17.41
N ALA J 412 41.88 36.08 -18.21
CA ALA J 412 42.10 35.14 -19.29
C ALA J 412 43.60 34.94 -19.45
N GLY J 413 43.99 33.70 -19.77
CA GLY J 413 45.39 33.35 -19.85
C GLY J 413 45.91 33.40 -21.27
N LEU J 414 47.24 33.50 -21.38
CA LEU J 414 47.88 33.49 -22.69
C LEU J 414 47.99 32.08 -23.26
N THR J 415 48.11 31.07 -22.40
CA THR J 415 48.22 29.69 -22.84
C THR J 415 47.33 28.82 -21.97
N ALA J 416 47.01 27.64 -22.49
CA ALA J 416 46.10 26.73 -21.80
C ALA J 416 46.69 26.25 -20.48
N SER J 417 45.81 25.98 -19.53
CA SER J 417 46.21 25.39 -18.26
C SER J 417 45.24 24.26 -17.91
N VAL J 418 45.78 23.09 -17.59
CA VAL J 418 44.98 21.92 -17.28
C VAL J 418 44.95 21.72 -15.77
N MET J 419 43.76 21.48 -15.22
CA MET J 419 43.58 21.19 -13.81
C MET J 419 42.64 20.01 -13.67
N ARG J 420 42.62 19.40 -12.48
CA ARG J 420 41.72 18.29 -12.18
C ARG J 420 40.73 18.74 -11.12
N ASP J 421 39.45 18.58 -11.41
CA ASP J 421 38.41 18.93 -10.46
C ASP J 421 38.44 17.95 -9.30
N PRO J 422 38.64 18.40 -8.06
CA PRO J 422 38.69 17.44 -6.95
C PRO J 422 37.41 16.64 -6.78
N SER J 423 36.25 17.21 -7.09
CA SER J 423 34.99 16.52 -6.87
C SER J 423 34.69 15.53 -7.99
N SER J 424 34.51 16.03 -9.21
CA SER J 424 34.16 15.19 -10.34
C SER J 424 35.36 14.47 -10.94
N ARG J 425 36.58 14.88 -10.60
CA ARG J 425 37.80 14.28 -11.14
C ARG J 425 37.85 14.38 -12.66
N ASN J 426 37.21 15.41 -13.22
CA ASN J 426 37.35 15.71 -14.63
C ASN J 426 38.58 16.59 -14.86
N PHE J 427 39.01 16.64 -16.11
CA PHE J 427 40.18 17.45 -16.50
C PHE J 427 39.67 18.73 -17.14
N ILE J 428 39.65 19.80 -16.35
CA ILE J 428 39.18 21.10 -16.80
C ILE J 428 40.36 21.83 -17.43
N MET J 429 40.23 22.16 -18.71
CA MET J 429 41.28 22.82 -19.47
C MET J 429 40.86 24.26 -19.70
N GLU J 430 41.40 25.17 -18.90
CA GLU J 430 41.17 26.59 -19.12
C GLU J 430 41.94 27.04 -20.35
N GLY J 431 41.21 27.53 -21.35
CA GLY J 431 41.79 27.88 -22.62
C GLY J 431 42.36 29.29 -22.66
N GLY J 432 43.66 29.38 -22.88
CA GLY J 432 44.31 30.67 -23.04
C GLY J 432 44.12 31.21 -24.44
N ALA J 433 44.74 32.36 -24.69
CA ALA J 433 44.63 32.98 -26.01
C ALA J 433 45.14 32.06 -27.11
N MET J 434 46.28 31.41 -26.85
CA MET J 434 46.92 30.61 -27.90
C MET J 434 46.00 29.47 -28.36
N VAL J 435 45.38 28.77 -27.41
CA VAL J 435 44.50 27.67 -27.77
C VAL J 435 43.17 28.19 -28.31
N LEU J 436 42.62 29.23 -27.69
CA LEU J 436 41.34 29.77 -28.14
C LEU J 436 41.41 30.22 -29.58
N ALA J 437 42.51 30.86 -29.97
CA ALA J 437 42.69 31.31 -31.35
C ALA J 437 43.37 30.24 -32.20
N ASP J 438 42.87 29.02 -32.14
CA ASP J 438 43.43 27.93 -32.91
C ASP J 438 43.00 28.04 -34.36
N GLY J 439 43.94 27.88 -35.28
CA GLY J 439 43.65 28.03 -36.69
C GLY J 439 43.50 29.45 -37.16
N GLY J 440 43.78 30.43 -36.30
CA GLY J 440 43.63 31.82 -36.66
C GLY J 440 44.83 32.67 -36.28
N VAL J 441 44.59 33.79 -35.62
CA VAL J 441 45.63 34.76 -35.31
C VAL J 441 45.51 35.19 -33.86
N VAL J 442 46.66 35.28 -33.19
CA VAL J 442 46.76 35.83 -31.84
C VAL J 442 47.67 37.05 -31.92
N CYS J 443 47.18 38.18 -31.44
CA CYS J 443 47.90 39.44 -31.45
C CYS J 443 48.39 39.72 -30.04
N ILE J 444 49.68 39.53 -29.82
CA ILE J 444 50.29 39.64 -28.51
C ILE J 444 50.94 41.02 -28.40
N ASP J 445 50.27 41.93 -27.71
CA ASP J 445 50.83 43.25 -27.46
C ASP J 445 51.67 43.21 -26.20
N GLU J 446 52.67 44.09 -26.15
CA GLU J 446 53.65 44.08 -25.06
C GLU J 446 54.31 42.71 -24.95
N PHE J 447 54.72 42.16 -26.09
CA PHE J 447 55.29 40.82 -26.12
C PHE J 447 56.53 40.72 -25.24
N ASP J 448 57.24 41.82 -25.03
CA ASP J 448 58.47 41.77 -24.25
C ASP J 448 58.19 41.34 -22.81
N LYS J 449 57.12 41.86 -22.21
CA LYS J 449 56.78 41.55 -20.82
C LYS J 449 55.90 40.31 -20.81
N MET J 450 56.40 39.23 -20.21
CA MET J 450 55.67 37.97 -20.20
C MET J 450 56.32 37.04 -19.17
N ARG J 451 55.51 36.18 -18.59
CA ARG J 451 55.99 35.29 -17.54
C ARG J 451 56.77 34.13 -18.14
N GLU J 452 57.56 33.48 -17.28
CA GLU J 452 58.55 32.51 -17.76
C GLU J 452 57.87 31.26 -18.31
N ASP J 453 56.87 30.74 -17.59
CA ASP J 453 56.18 29.55 -18.07
C ASP J 453 55.45 29.82 -19.39
N ASP J 454 54.81 30.99 -19.49
CA ASP J 454 54.15 31.35 -20.74
C ASP J 454 55.16 31.47 -21.87
N ARG J 455 56.32 32.06 -21.60
CA ARG J 455 57.36 32.19 -22.62
C ARG J 455 57.81 30.82 -23.10
N VAL J 456 58.03 29.90 -22.15
CA VAL J 456 58.46 28.55 -22.52
C VAL J 456 57.37 27.86 -23.34
N ALA J 457 56.11 28.05 -22.96
CA ALA J 457 55.02 27.43 -23.70
C ALA J 457 54.97 27.95 -25.13
N ILE J 458 55.02 29.28 -25.31
CA ILE J 458 54.96 29.84 -26.64
C ILE J 458 56.19 29.45 -27.45
N HIS J 459 57.30 29.13 -26.78
CA HIS J 459 58.48 28.66 -27.52
C HIS J 459 58.14 27.52 -28.45
N GLU J 460 57.35 26.55 -27.98
CA GLU J 460 56.93 25.45 -28.83
C GLU J 460 55.61 25.72 -29.54
N ALA J 461 54.72 26.52 -28.93
CA ALA J 461 53.45 26.81 -29.58
C ALA J 461 53.62 27.67 -30.82
N MET J 462 54.77 28.32 -30.98
CA MET J 462 55.03 29.14 -32.15
C MET J 462 55.68 28.37 -33.28
N GLU J 463 56.32 27.24 -32.98
CA GLU J 463 56.93 26.39 -34.01
C GLU J 463 56.21 25.06 -34.15
N GLN J 464 56.01 24.34 -33.04
CA GLN J 464 55.31 23.07 -33.11
C GLN J 464 53.80 23.24 -33.12
N GLN J 465 53.29 24.41 -32.74
CA GLN J 465 51.87 24.71 -32.72
C GLN J 465 51.10 23.78 -31.78
N THR J 466 51.78 23.23 -30.78
CA THR J 466 51.13 22.39 -29.78
C THR J 466 51.69 22.72 -28.40
N ILE J 467 50.80 22.74 -27.42
CA ILE J 467 51.17 22.97 -26.02
C ILE J 467 51.03 21.63 -25.30
N SER J 468 52.16 21.11 -24.79
CA SER J 468 52.18 19.83 -24.11
C SER J 468 52.04 20.07 -22.61
N ILE J 469 50.93 19.61 -22.04
CA ILE J 469 50.67 19.72 -20.61
C ILE J 469 50.60 18.31 -20.06
N ALA J 470 51.51 17.97 -19.16
CA ALA J 470 51.59 16.64 -18.56
C ALA J 470 51.41 16.81 -17.05
N LYS J 471 50.17 16.71 -16.59
CA LYS J 471 49.86 16.81 -15.18
C LYS J 471 49.67 15.41 -14.59
N ALA J 472 49.77 15.33 -13.26
CA ALA J 472 49.68 14.04 -12.59
C ALA J 472 48.51 13.22 -13.12
N GLY J 473 47.45 13.88 -13.57
CA GLY J 473 46.33 13.19 -14.17
C GLY J 473 46.67 12.59 -15.53
N ILE J 474 46.96 13.44 -16.50
CA ILE J 474 47.05 13.01 -17.90
C ILE J 474 48.08 13.86 -18.63
N THR J 475 48.49 13.38 -19.80
CA THR J 475 49.34 14.11 -20.72
C THR J 475 48.54 14.46 -21.96
N THR J 476 48.51 15.73 -22.33
CA THR J 476 47.75 16.22 -23.47
C THR J 476 48.64 17.12 -24.32
N THR J 477 48.36 17.14 -25.62
CA THR J 477 49.03 18.03 -26.58
C THR J 477 47.94 18.87 -27.23
N LEU J 478 47.61 19.99 -26.57
CA LEU J 478 46.59 20.88 -27.10
C LEU J 478 47.08 21.55 -28.38
N ASN J 479 46.19 21.69 -29.35
CA ASN J 479 46.53 22.28 -30.64
C ASN J 479 46.31 23.79 -30.59
N SER J 480 47.34 24.55 -30.97
CA SER J 480 47.24 26.00 -31.11
C SER J 480 47.91 26.34 -32.44
N ARG J 481 47.18 26.20 -33.53
CA ARG J 481 47.70 26.50 -34.87
C ARG J 481 47.45 27.97 -35.21
N CYS J 482 47.94 28.83 -34.32
CA CYS J 482 47.72 30.27 -34.43
C CYS J 482 48.96 30.96 -34.97
N SER J 483 48.73 32.01 -35.76
CA SER J 483 49.81 32.88 -36.21
C SER J 483 49.97 34.01 -35.20
N VAL J 484 51.20 34.28 -34.80
CA VAL J 484 51.50 35.22 -33.73
C VAL J 484 51.92 36.55 -34.36
N LEU J 485 51.15 37.60 -34.07
CA LEU J 485 51.51 38.97 -34.42
C LEU J 485 51.86 39.67 -33.10
N ALA J 486 53.15 39.81 -32.84
CA ALA J 486 53.63 40.36 -31.59
C ALA J 486 54.08 41.80 -31.78
N ALA J 487 53.85 42.62 -30.76
CA ALA J 487 54.30 44.01 -30.76
C ALA J 487 55.02 44.30 -29.46
N ALA J 488 56.04 45.15 -29.53
CA ALA J 488 56.84 45.44 -28.35
C ALA J 488 57.56 46.77 -28.51
N ASN J 489 58.01 47.30 -27.38
CA ASN J 489 58.85 48.49 -27.34
C ASN J 489 60.28 48.09 -27.00
N SER J 490 61.21 49.00 -27.28
CA SER J 490 62.59 48.77 -26.93
C SER J 490 62.77 48.83 -25.41
N VAL J 491 63.81 48.16 -24.93
CA VAL J 491 64.05 48.08 -23.49
C VAL J 491 64.24 49.48 -22.91
N PHE J 492 64.82 50.40 -23.68
CA PHE J 492 65.07 51.76 -23.22
C PHE J 492 63.90 52.69 -23.48
N GLY J 493 62.82 52.21 -24.09
CA GLY J 493 61.70 53.04 -24.45
C GLY J 493 61.80 53.67 -25.83
N ARG J 494 63.02 53.96 -26.28
CA ARG J 494 63.27 54.48 -27.62
C ARG J 494 64.43 53.72 -28.23
N TRP J 495 64.45 53.65 -29.56
CA TRP J 495 65.36 52.73 -30.23
C TRP J 495 66.81 53.03 -29.87
N ASP J 496 67.22 54.30 -29.94
CA ASP J 496 68.57 54.71 -29.58
C ASP J 496 69.61 53.97 -30.45
N GLU J 497 69.55 54.27 -31.74
CA GLU J 497 70.39 53.58 -32.73
C GLU J 497 71.83 53.38 -32.24
N THR J 498 72.32 54.27 -31.39
CA THR J 498 73.70 54.15 -30.93
C THR J 498 73.94 52.82 -30.24
N LYS J 499 72.98 52.38 -29.41
CA LYS J 499 73.15 51.09 -28.72
C LYS J 499 73.34 49.96 -29.70
N GLY J 500 72.77 50.07 -30.90
CA GLY J 500 72.94 49.06 -31.92
C GLY J 500 72.03 47.85 -31.73
N GLU J 501 72.34 47.03 -30.73
CA GLU J 501 71.55 45.83 -30.45
C GLU J 501 71.21 45.65 -28.97
N ASP J 502 71.79 46.44 -28.08
CA ASP J 502 71.44 46.33 -26.67
C ASP J 502 69.99 46.74 -26.42
N ASN J 503 69.38 47.48 -27.32
CA ASN J 503 68.00 47.93 -27.17
C ASN J 503 66.97 46.82 -27.39
N ILE J 504 67.39 45.56 -27.58
CA ILE J 504 66.47 44.44 -27.66
C ILE J 504 66.99 43.36 -26.71
N ASP J 505 66.14 42.93 -25.78
CA ASP J 505 66.51 41.93 -24.79
C ASP J 505 65.99 40.54 -25.12
N PHE J 506 65.42 40.36 -26.30
CA PHE J 506 64.87 39.05 -26.68
C PHE J 506 66.00 38.06 -26.95
N MET J 507 65.81 36.83 -26.48
CA MET J 507 66.80 35.81 -26.71
C MET J 507 66.85 35.41 -28.18
N PRO J 508 68.00 34.95 -28.67
CA PRO J 508 68.04 34.48 -30.06
C PRO J 508 67.09 33.34 -30.32
N THR J 509 66.85 32.48 -29.33
CA THR J 509 65.89 31.40 -29.51
C THR J 509 64.51 31.95 -29.84
N ILE J 510 64.05 32.94 -29.08
CA ILE J 510 62.75 33.55 -29.33
C ILE J 510 62.77 34.25 -30.69
N LEU J 511 63.79 35.07 -30.93
CA LEU J 511 63.81 35.86 -32.16
C LEU J 511 63.87 34.99 -33.40
N SER J 512 64.39 33.76 -33.29
CA SER J 512 64.36 32.86 -34.43
C SER J 512 62.94 32.42 -34.77
N ARG J 513 62.06 32.35 -33.76
CA ARG J 513 60.71 31.86 -34.00
C ARG J 513 59.96 32.73 -35.00
N PHE J 514 60.09 34.05 -34.86
CA PHE J 514 59.33 34.97 -35.70
C PHE J 514 59.78 34.87 -37.16
N ASP J 515 58.81 34.78 -38.06
CA ASP J 515 59.14 34.76 -39.48
C ASP J 515 59.68 36.11 -39.94
N MET J 516 59.10 37.20 -39.44
CA MET J 516 59.54 38.54 -39.81
C MET J 516 59.69 39.39 -38.55
N ILE J 517 60.64 40.31 -38.59
CA ILE J 517 60.84 41.29 -37.52
C ILE J 517 60.92 42.67 -38.17
N PHE J 518 60.15 43.61 -37.63
CA PHE J 518 60.15 44.99 -38.09
C PHE J 518 60.64 45.88 -36.96
N ILE J 519 61.48 46.87 -37.31
CA ILE J 519 61.92 47.90 -36.39
C ILE J 519 61.24 49.20 -36.80
N VAL J 520 60.42 49.74 -35.91
CA VAL J 520 59.60 50.91 -36.21
C VAL J 520 60.14 52.11 -35.45
N LYS J 521 61.02 52.86 -36.09
CA LYS J 521 61.59 54.07 -35.51
C LYS J 521 60.78 55.27 -35.97
N ASP J 522 60.37 56.10 -35.01
CA ASP J 522 59.56 57.28 -35.32
C ASP J 522 60.46 58.35 -35.90
N GLU J 523 60.80 58.20 -37.17
CA GLU J 523 61.57 59.21 -37.87
C GLU J 523 60.83 60.54 -37.84
N HIS J 524 61.59 61.62 -37.70
CA HIS J 524 61.02 62.95 -37.51
C HIS J 524 61.30 63.86 -38.69
N ASN J 525 61.09 63.38 -39.91
CA ASN J 525 61.07 64.28 -41.05
C ASN J 525 59.90 65.26 -40.87
N GLU J 526 60.19 66.55 -41.07
CA GLU J 526 59.17 67.56 -40.81
C GLU J 526 57.97 67.40 -41.73
N GLU J 527 58.23 67.09 -43.01
CA GLU J 527 57.13 66.89 -43.94
C GLU J 527 56.25 65.72 -43.51
N ARG J 528 56.87 64.61 -43.11
CA ARG J 528 56.09 63.47 -42.62
C ARG J 528 55.31 63.85 -41.38
N ASP J 529 55.91 64.63 -40.49
CA ASP J 529 55.22 65.05 -39.28
C ASP J 529 53.97 65.85 -39.60
N VAL J 530 54.09 66.82 -40.49
CA VAL J 530 52.94 67.64 -40.88
C VAL J 530 51.89 66.78 -41.56
N MET J 531 52.30 65.91 -42.48
CA MET J 531 51.35 65.05 -43.16
C MET J 531 50.62 64.14 -42.19
N LEU J 532 51.34 63.61 -41.19
CA LEU J 532 50.72 62.74 -40.21
C LEU J 532 49.69 63.49 -39.37
N ALA J 533 50.04 64.70 -38.92
CA ALA J 533 49.07 65.49 -38.17
C ALA J 533 47.83 65.76 -39.00
N LYS J 534 48.02 66.16 -40.26
CA LYS J 534 46.89 66.46 -41.12
C LYS J 534 46.04 65.23 -41.37
N HIS J 535 46.68 64.07 -41.55
CA HIS J 535 45.94 62.83 -41.77
C HIS J 535 45.13 62.44 -40.54
N VAL J 536 45.72 62.58 -39.35
CA VAL J 536 44.99 62.25 -38.13
C VAL J 536 43.77 63.15 -37.99
N ILE J 537 43.95 64.45 -38.23
CA ILE J 537 42.81 65.36 -38.11
C ILE J 537 41.78 65.07 -39.19
N THR J 538 42.22 64.68 -40.38
CA THR J 538 41.30 64.33 -41.45
C THR J 538 40.45 63.12 -41.05
N LEU J 539 41.08 62.12 -40.44
CA LEU J 539 40.33 60.97 -39.93
C LEU J 539 39.31 61.42 -38.90
N HIS J 540 39.75 62.21 -37.91
CA HIS J 540 38.85 62.64 -36.85
C HIS J 540 37.69 63.47 -37.39
N VAL J 541 37.91 64.19 -38.50
CA VAL J 541 36.84 65.00 -39.08
C VAL J 541 35.90 64.16 -39.90
N SER J 542 36.43 63.38 -40.85
CA SER J 542 35.59 62.59 -41.73
C SER J 542 34.76 61.58 -40.96
N ALA J 543 35.37 60.93 -39.96
CA ALA J 543 34.65 59.95 -39.16
C ALA J 543 33.41 60.56 -38.52
N GLY J 552 37.95 52.50 -53.07
CA GLY J 552 38.36 51.36 -53.88
C GLY J 552 39.19 50.36 -53.09
N GLU J 553 38.54 49.68 -52.14
CA GLU J 553 39.22 48.71 -51.29
C GLU J 553 38.20 47.62 -50.94
N ILE J 554 38.52 46.83 -49.91
CA ILE J 554 37.67 45.75 -49.43
C ILE J 554 37.24 46.09 -48.00
N ASP J 555 35.95 45.95 -47.71
CA ASP J 555 35.46 46.24 -46.38
C ASP J 555 35.88 45.14 -45.42
N LEU J 556 35.61 45.36 -44.13
CA LEU J 556 36.13 44.48 -43.09
C LEU J 556 35.52 43.09 -43.18
N ALA J 557 34.19 43.00 -43.26
CA ALA J 557 33.54 41.69 -43.30
C ALA J 557 33.91 40.94 -44.57
N LYS J 558 33.92 41.63 -45.71
CA LYS J 558 34.30 40.98 -46.95
C LYS J 558 35.73 40.49 -46.90
N LEU J 559 36.63 41.27 -46.30
CA LEU J 559 38.01 40.83 -46.17
C LEU J 559 38.11 39.61 -45.27
N LYS J 560 37.37 39.59 -44.16
CA LYS J 560 37.32 38.40 -43.31
C LYS J 560 36.92 37.17 -44.11
N LYS J 561 35.81 37.28 -44.84
CA LYS J 561 35.30 36.14 -45.59
C LYS J 561 36.28 35.72 -46.67
N PHE J 562 36.90 36.69 -47.35
CA PHE J 562 37.86 36.35 -48.40
C PHE J 562 39.07 35.63 -47.83
N ILE J 563 39.59 36.10 -46.69
CA ILE J 563 40.73 35.43 -46.06
C ILE J 563 40.35 34.01 -45.68
N ALA J 564 39.17 33.84 -45.06
CA ALA J 564 38.75 32.51 -44.65
C ALA J 564 38.63 31.58 -45.86
N TYR J 565 38.01 32.06 -46.93
CA TYR J 565 37.83 31.23 -48.11
C TYR J 565 39.17 30.86 -48.72
N CYS J 566 40.09 31.82 -48.83
CA CYS J 566 41.40 31.52 -49.39
C CYS J 566 42.12 30.47 -48.54
N ARG J 567 42.07 30.62 -47.22
CA ARG J 567 42.73 29.66 -46.34
C ARG J 567 42.14 28.26 -46.53
N VAL J 568 40.82 28.16 -46.58
CA VAL J 568 40.19 26.84 -46.69
C VAL J 568 40.46 26.23 -48.06
N LYS J 569 40.47 27.05 -49.11
CA LYS J 569 40.54 26.54 -50.48
C LYS J 569 41.98 26.22 -50.89
N CYS J 570 42.87 27.19 -50.81
CA CYS J 570 44.16 27.12 -51.49
C CYS J 570 45.27 26.89 -50.47
N GLY J 571 46.05 25.82 -50.70
CA GLY J 571 47.34 25.67 -50.10
C GLY J 571 48.39 25.52 -51.19
N PRO J 572 49.24 26.53 -51.38
CA PRO J 572 50.21 26.47 -52.47
C PRO J 572 51.47 25.70 -52.09
N ARG J 573 52.30 25.48 -53.12
CA ARG J 573 53.62 24.89 -52.95
C ARG J 573 54.59 25.61 -53.88
N LEU J 574 55.85 25.66 -53.48
CA LEU J 574 56.87 26.28 -54.33
C LEU J 574 57.11 25.45 -55.58
N SER J 575 57.46 26.13 -56.66
CA SER J 575 57.84 25.47 -57.90
C SER J 575 59.34 25.16 -57.89
N ALA J 576 59.79 24.43 -58.91
CA ALA J 576 61.20 24.05 -58.97
C ALA J 576 62.11 25.27 -59.11
N GLU J 577 61.80 26.13 -60.08
CA GLU J 577 62.62 27.33 -60.29
C GLU J 577 62.54 28.27 -59.08
N ALA J 578 61.34 28.40 -58.50
CA ALA J 578 61.20 29.24 -57.31
C ALA J 578 62.05 28.71 -56.17
N ALA J 579 62.04 27.40 -55.97
CA ALA J 579 62.86 26.80 -54.92
C ALA J 579 64.34 27.00 -55.20
N GLU J 580 64.76 26.86 -56.45
CA GLU J 580 66.17 27.08 -56.78
C GLU J 580 66.60 28.50 -56.46
N LYS J 581 65.81 29.48 -56.90
CA LYS J 581 66.14 30.87 -56.63
C LYS J 581 66.16 31.15 -55.13
N LEU J 582 65.16 30.63 -54.41
CA LEU J 582 65.11 30.83 -52.97
C LEU J 582 66.33 30.22 -52.29
N LYS J 583 66.73 29.02 -52.73
CA LYS J 583 67.90 28.37 -52.14
C LYS J 583 69.15 29.21 -52.36
N ASN J 584 69.34 29.70 -53.58
CA ASN J 584 70.54 30.50 -53.85
C ASN J 584 70.54 31.77 -53.02
N ARG J 585 69.39 32.46 -52.96
CA ARG J 585 69.33 33.69 -52.16
C ARG J 585 69.55 33.40 -50.68
N TYR J 586 69.02 32.29 -50.18
CA TYR J 586 69.23 31.93 -48.79
C TYR J 586 70.70 31.65 -48.52
N ILE J 587 71.37 30.95 -49.44
CA ILE J 587 72.79 30.68 -49.26
C ILE J 587 73.58 31.99 -49.19
N ILE J 588 73.28 32.91 -50.11
CA ILE J 588 73.98 34.19 -50.11
C ILE J 588 73.71 34.94 -48.81
N MET J 589 72.46 34.93 -48.36
CA MET J 589 72.10 35.64 -47.14
C MET J 589 72.80 35.05 -45.93
N ARG J 590 72.87 33.71 -45.85
CA ARG J 590 73.58 33.08 -44.75
C ARG J 590 75.05 33.44 -44.76
N SER J 591 75.68 33.43 -45.94
CA SER J 591 77.09 33.81 -46.02
C SER J 591 77.28 35.25 -45.57
N GLY J 592 76.40 36.15 -46.01
CA GLY J 592 76.51 37.54 -45.61
C GLY J 592 76.33 37.73 -44.11
N ALA J 593 75.36 37.03 -43.52
CA ALA J 593 75.15 37.13 -42.08
C ALA J 593 76.36 36.61 -41.32
N ARG J 594 76.92 35.48 -41.78
CA ARG J 594 78.12 34.95 -41.14
C ARG J 594 79.26 35.97 -41.21
N GLN J 595 79.45 36.57 -42.38
CA GLN J 595 80.52 37.55 -42.53
C GLN J 595 80.30 38.74 -41.63
N HIS J 596 79.06 39.21 -41.53
CA HIS J 596 78.77 40.36 -40.66
C HIS J 596 79.05 40.01 -39.21
N GLU J 597 78.63 38.82 -38.76
CA GLU J 597 78.89 38.42 -37.38
C GLU J 597 80.38 38.33 -37.11
N ARG J 598 81.14 37.74 -38.05
CA ARG J 598 82.58 37.64 -37.87
C ARG J 598 83.23 39.01 -37.82
N ASP J 599 82.82 39.92 -38.71
CA ASP J 599 83.42 41.24 -38.76
C ASP J 599 83.14 42.02 -37.48
N SER J 600 81.88 42.05 -37.05
CA SER J 600 81.54 42.75 -35.83
C SER J 600 82.10 42.01 -34.62
N ASP J 601 82.52 42.78 -33.61
CA ASP J 601 83.02 42.18 -32.38
C ASP J 601 81.85 41.81 -31.48
N ARG J 602 80.91 41.03 -32.02
CA ARG J 602 79.70 40.65 -31.31
C ARG J 602 78.99 39.61 -32.17
N ARG J 603 77.91 39.06 -31.62
CA ARG J 603 77.11 38.06 -32.31
C ARG J 603 75.75 38.64 -32.65
N SER J 604 75.23 38.28 -33.83
CA SER J 604 73.97 38.82 -34.30
C SER J 604 72.83 38.49 -33.35
N SER J 605 72.27 39.51 -32.71
CA SER J 605 71.13 39.30 -31.83
C SER J 605 69.92 38.76 -32.58
N ILE J 606 69.87 38.95 -33.89
CA ILE J 606 68.82 38.42 -34.75
C ILE J 606 69.41 37.27 -35.56
N PRO J 607 69.03 36.02 -35.29
CA PRO J 607 69.58 34.91 -36.07
C PRO J 607 68.93 34.80 -37.44
N ILE J 608 69.70 34.23 -38.38
CA ILE J 608 69.22 33.90 -39.71
C ILE J 608 69.44 32.41 -39.90
N THR J 609 68.35 31.65 -39.91
CA THR J 609 68.43 30.19 -39.83
C THR J 609 67.54 29.56 -40.88
N VAL J 610 67.57 28.23 -40.93
CA VAL J 610 66.66 27.47 -41.77
C VAL J 610 65.22 27.76 -41.38
N ARG J 611 64.99 28.18 -40.13
CA ARG J 611 63.67 28.64 -39.75
C ARG J 611 63.28 29.87 -40.55
N GLN J 612 64.21 30.80 -40.76
CA GLN J 612 63.93 31.94 -41.62
C GLN J 612 63.80 31.53 -43.08
N LEU J 613 64.54 30.51 -43.51
CA LEU J 613 64.32 29.96 -44.83
C LEU J 613 62.86 29.52 -45.00
N GLU J 614 62.38 28.71 -44.05
CA GLU J 614 61.00 28.26 -44.10
C GLU J 614 60.04 29.43 -43.96
N ALA J 615 60.43 30.48 -43.24
CA ALA J 615 59.59 31.67 -43.14
C ALA J 615 59.41 32.33 -44.50
N ILE J 616 60.50 32.46 -45.27
CA ILE J 616 60.39 33.02 -46.61
C ILE J 616 59.54 32.12 -47.50
N VAL J 617 59.70 30.81 -47.35
CA VAL J 617 58.87 29.89 -48.13
C VAL J 617 57.40 30.08 -47.78
N ARG J 618 57.09 30.25 -46.49
CA ARG J 618 55.71 30.46 -46.06
C ARG J 618 55.16 31.78 -46.59
N ILE J 619 56.00 32.82 -46.62
CA ILE J 619 55.54 34.11 -47.17
C ILE J 619 55.24 33.97 -48.65
N ALA J 620 56.09 33.25 -49.38
CA ALA J 620 55.81 32.99 -50.79
C ALA J 620 54.49 32.24 -50.95
N GLU J 621 54.27 31.24 -50.10
CA GLU J 621 53.00 30.51 -50.15
C GLU J 621 51.82 31.42 -49.85
N ALA J 622 51.97 32.34 -48.90
CA ALA J 622 50.88 33.26 -48.59
C ALA J 622 50.59 34.17 -49.77
N LEU J 623 51.64 34.65 -50.43
CA LEU J 623 51.44 35.50 -51.61
C LEU J 623 50.71 34.73 -52.71
N SER J 624 51.10 33.48 -52.93
CA SER J 624 50.40 32.67 -53.92
C SER J 624 48.96 32.39 -53.50
N LYS J 625 48.74 32.18 -52.21
CA LYS J 625 47.39 31.92 -51.71
C LYS J 625 46.49 33.12 -51.93
N MET J 626 47.03 34.33 -51.77
CA MET J 626 46.23 35.52 -52.05
C MET J 626 45.64 35.46 -53.46
N LYS J 627 46.36 34.89 -54.41
CA LYS J 627 45.90 34.73 -55.78
C LYS J 627 45.23 33.39 -56.03
N LEU J 628 45.24 32.49 -55.06
CA LEU J 628 44.68 31.15 -55.22
C LEU J 628 45.41 30.38 -56.31
N GLN J 629 46.68 30.71 -56.53
CA GLN J 629 47.49 29.99 -57.49
C GLN J 629 47.98 28.68 -56.89
N PRO J 630 47.80 27.53 -57.55
CA PRO J 630 48.26 26.27 -56.96
C PRO J 630 49.74 26.27 -56.62
N PHE J 631 50.57 26.93 -57.41
CA PHE J 631 52.01 26.95 -57.21
C PHE J 631 52.48 28.39 -57.04
N ALA J 632 53.43 28.60 -56.14
CA ALA J 632 54.03 29.91 -55.95
C ALA J 632 55.09 30.17 -57.00
N THR J 633 55.08 31.38 -57.55
CA THR J 633 55.95 31.71 -58.67
C THR J 633 57.23 32.39 -58.20
N GLU J 634 58.16 32.54 -59.14
CA GLU J 634 59.41 33.24 -58.84
C GLU J 634 59.13 34.67 -58.42
N ALA J 635 58.10 35.30 -58.99
CA ALA J 635 57.75 36.67 -58.58
C ALA J 635 57.30 36.69 -57.13
N ASP J 636 56.48 35.71 -56.71
CA ASP J 636 56.08 35.64 -55.32
C ASP J 636 57.27 35.41 -54.41
N VAL J 637 58.20 34.53 -54.82
CA VAL J 637 59.38 34.29 -54.01
C VAL J 637 60.22 35.56 -53.90
N GLU J 638 60.34 36.31 -54.98
CA GLU J 638 61.13 37.55 -54.95
C GLU J 638 60.47 38.60 -54.07
N GLU J 639 59.14 38.69 -54.11
CA GLU J 639 58.46 39.63 -53.23
C GLU J 639 58.63 39.22 -51.77
N ALA J 640 58.55 37.93 -51.48
CA ALA J 640 58.84 37.46 -50.13
C ALA J 640 60.27 37.80 -49.72
N LEU J 641 61.20 37.68 -50.66
CA LEU J 641 62.58 38.07 -50.39
C LEU J 641 62.67 39.56 -50.06
N ARG J 642 61.92 40.39 -50.78
CA ARG J 642 61.93 41.82 -50.50
C ARG J 642 61.37 42.10 -49.11
N LEU J 643 60.26 41.44 -48.76
CA LEU J 643 59.69 41.64 -47.43
C LEU J 643 60.68 41.22 -46.35
N PHE J 644 61.30 40.06 -46.51
CA PHE J 644 62.30 39.64 -45.55
C PHE J 644 63.54 40.52 -45.59
N GLN J 645 63.78 41.22 -46.70
CA GLN J 645 64.86 42.19 -46.74
C GLN J 645 64.52 43.39 -45.86
N VAL J 646 63.29 43.89 -45.96
CA VAL J 646 62.85 44.97 -45.08
C VAL J 646 62.86 44.52 -43.64
N SER J 647 62.67 43.22 -43.39
CA SER J 647 62.64 42.70 -42.03
C SER J 647 64.03 42.35 -41.48
N THR J 648 64.99 42.05 -42.35
CA THR J 648 66.36 41.76 -41.94
C THR J 648 67.24 43.00 -41.97
N LEU J 649 66.76 44.10 -42.54
CA LEU J 649 67.42 45.38 -42.36
C LEU J 649 67.72 45.65 -40.89
N ASP J 650 66.98 45.02 -39.98
CA ASP J 650 67.18 45.14 -38.56
C ASP J 650 68.40 44.37 -38.06
N ALA J 651 68.97 43.48 -38.88
CA ALA J 651 70.13 42.69 -38.50
C ALA J 651 71.37 43.05 -39.31
N ALA J 652 71.28 42.98 -40.65
CA ALA J 652 72.43 43.27 -41.49
C ALA J 652 72.66 44.78 -41.60
N LEU J 653 71.66 45.50 -42.12
CA LEU J 653 71.80 46.94 -42.27
C LEU J 653 71.90 47.64 -40.92
N SER J 654 71.33 47.05 -39.87
CA SER J 654 71.39 47.69 -38.56
C SER J 654 72.82 47.86 -38.08
N GLY J 655 73.65 46.85 -38.28
CA GLY J 655 75.05 46.91 -37.86
C GLY J 655 75.90 47.66 -38.85
N LEU K 16 -7.69 15.16 43.40
CA LEU K 16 -8.08 16.15 42.41
C LEU K 16 -6.86 16.87 41.85
N GLU K 17 -5.95 17.26 42.72
CA GLU K 17 -4.73 17.96 42.29
C GLU K 17 -3.75 18.05 43.46
N VAL K 18 -2.52 17.62 43.26
CA VAL K 18 -1.50 17.70 44.30
C VAL K 18 -0.83 19.07 44.21
N ARG K 19 -0.65 19.70 45.37
CA ARG K 19 -0.10 21.04 45.47
C ARG K 19 1.33 20.95 46.01
N ASP K 20 2.24 21.66 45.35
CA ASP K 20 3.62 21.74 45.82
C ASP K 20 3.61 22.55 47.12
N GLU K 21 3.67 21.86 48.25
CA GLU K 21 3.53 22.55 49.54
C GLU K 21 4.59 23.62 49.71
N VAL K 22 5.86 23.25 49.48
CA VAL K 22 6.95 24.20 49.70
C VAL K 22 6.86 25.34 48.71
N ALA K 23 6.51 25.05 47.45
CA ALA K 23 6.40 26.10 46.46
C ALA K 23 5.30 27.09 46.80
N GLU K 24 4.15 26.59 47.24
CA GLU K 24 3.05 27.48 47.62
C GLU K 24 3.40 28.31 48.85
N LYS K 25 4.07 27.69 49.82
CA LYS K 25 4.52 28.44 50.98
C LYS K 25 5.49 29.53 50.59
N CYS K 26 6.41 29.21 49.67
CA CYS K 26 7.35 30.21 49.17
C CYS K 26 6.62 31.33 48.44
N GLN K 27 5.57 30.98 47.69
CA GLN K 27 4.77 32.01 47.01
C GLN K 27 4.14 32.96 48.02
N LYS K 28 3.54 32.40 49.08
CA LYS K 28 2.93 33.23 50.11
C LYS K 28 3.96 34.13 50.76
N LEU K 29 5.11 33.57 51.13
CA LEU K 29 6.14 34.37 51.78
C LEU K 29 6.72 35.42 50.83
N PHE K 30 6.83 35.10 49.54
CA PHE K 30 7.33 36.07 48.58
C PHE K 30 6.37 37.23 48.41
N LEU K 31 5.06 36.95 48.37
CA LEU K 31 4.08 38.03 48.33
C LEU K 31 4.17 38.87 49.60
N ASP K 32 4.31 38.23 50.75
CA ASP K 32 4.47 38.98 51.99
C ASP K 32 5.68 39.90 51.94
N PHE K 33 6.81 39.37 51.47
CA PHE K 33 8.01 40.18 51.34
C PHE K 33 7.79 41.35 50.39
N LEU K 34 7.17 41.09 49.25
CA LEU K 34 6.95 42.16 48.27
C LEU K 34 6.10 43.28 48.85
N GLU K 35 5.03 42.92 49.57
CA GLU K 35 4.10 43.93 50.06
C GLU K 35 4.41 44.41 51.47
N GLU K 36 5.51 43.95 52.08
CA GLU K 36 5.81 44.37 53.45
C GLU K 36 7.21 44.93 53.60
N PHE K 37 8.18 44.41 52.84
CA PHE K 37 9.55 44.89 52.98
C PHE K 37 9.63 46.37 52.61
N GLN K 38 10.33 47.13 53.44
CA GLN K 38 10.40 48.58 53.30
C GLN K 38 11.84 49.05 53.45
N SER K 39 12.15 50.19 52.85
CA SER K 39 13.48 50.77 52.90
C SER K 39 13.67 51.50 54.22
N SER K 40 14.80 52.20 54.36
CA SER K 40 15.05 52.96 55.58
C SER K 40 14.02 54.08 55.77
N ASP K 41 13.43 54.55 54.68
CA ASP K 41 12.44 55.62 54.76
C ASP K 41 11.15 55.19 55.44
N GLY K 42 10.97 53.89 55.67
CA GLY K 42 9.74 53.37 56.24
C GLY K 42 8.65 53.08 55.22
N GLU K 43 8.91 53.30 53.94
CA GLU K 43 7.95 53.03 52.88
C GLU K 43 8.28 51.72 52.20
N ILE K 44 7.23 51.03 51.75
CA ILE K 44 7.40 49.73 51.09
C ILE K 44 7.95 49.98 49.69
N LYS K 45 9.26 49.78 49.53
CA LYS K 45 9.93 50.16 48.28
C LYS K 45 9.38 49.38 47.10
N TYR K 46 9.20 48.07 47.27
CA TYR K 46 8.77 47.25 46.14
C TYR K 46 7.37 47.59 45.69
N LEU K 47 6.56 48.20 46.57
CA LEU K 47 5.26 48.68 46.13
C LEU K 47 5.42 49.74 45.05
N GLN K 48 6.31 50.72 45.28
CA GLN K 48 6.56 51.73 44.26
C GLN K 48 7.24 51.13 43.03
N LEU K 49 8.18 50.21 43.24
CA LEU K 49 8.84 49.59 42.10
C LEU K 49 7.83 48.89 41.20
N ALA K 50 6.88 48.16 41.79
CA ALA K 50 5.83 47.52 41.00
C ALA K 50 4.85 48.54 40.43
N GLU K 51 4.59 49.62 41.17
CA GLU K 51 3.77 50.71 40.62
C GLU K 51 4.34 51.18 39.30
N GLU K 52 5.66 51.24 39.20
CA GLU K 52 6.30 51.55 37.92
C GLU K 52 6.05 50.46 36.89
N LEU K 53 5.65 49.26 37.30
CA LEU K 53 5.59 48.10 36.43
C LEU K 53 4.38 48.09 35.50
N ILE K 54 3.37 48.94 35.76
CA ILE K 54 2.16 48.91 34.95
C ILE K 54 2.44 49.33 33.51
N ARG K 55 3.55 50.01 33.26
CA ARG K 55 3.84 50.50 31.93
C ARG K 55 3.99 49.34 30.95
N PRO K 56 3.56 49.49 29.71
CA PRO K 56 3.84 48.47 28.70
C PRO K 56 5.34 48.41 28.40
N GLU K 57 5.78 47.25 27.92
CA GLU K 57 7.20 47.00 27.71
C GLU K 57 7.96 47.13 29.02
N ARG K 58 7.32 46.71 30.11
CA ARG K 58 7.93 46.76 31.44
C ARG K 58 7.28 45.63 32.25
N ASN K 59 7.94 44.47 32.30
CA ASN K 59 7.33 43.27 32.83
C ASN K 59 8.26 42.51 33.79
N THR K 60 9.29 43.15 34.31
CA THR K 60 10.25 42.52 35.19
C THR K 60 10.44 43.37 36.43
N LEU K 61 10.40 42.74 37.60
CA LEU K 61 10.74 43.39 38.86
C LEU K 61 12.07 42.83 39.35
N VAL K 62 12.99 43.72 39.68
CA VAL K 62 14.32 43.35 40.13
C VAL K 62 14.34 43.43 41.65
N VAL K 63 14.61 42.29 42.30
CA VAL K 63 14.63 42.20 43.75
C VAL K 63 16.06 42.00 44.21
N SER K 64 16.35 42.46 45.42
CA SER K 64 17.67 42.36 46.00
C SER K 64 17.69 41.16 46.95
N PHE K 65 18.59 40.21 46.68
CA PHE K 65 18.67 39.03 47.51
C PHE K 65 19.14 39.37 48.92
N VAL K 66 19.93 40.43 49.07
CA VAL K 66 20.31 40.90 50.40
C VAL K 66 19.06 41.33 51.16
N ASP K 67 18.18 42.08 50.51
CA ASP K 67 16.93 42.48 51.13
C ASP K 67 16.08 41.27 51.48
N LEU K 68 16.01 40.29 50.58
CA LEU K 68 15.22 39.11 50.84
C LEU K 68 15.75 38.34 52.04
N GLU K 69 17.08 38.21 52.13
CA GLU K 69 17.67 37.53 53.29
C GLU K 69 17.40 38.29 54.58
N GLN K 70 17.50 39.63 54.53
CA GLN K 70 17.20 40.41 55.72
C GLN K 70 15.76 40.21 56.16
N PHE K 71 14.83 40.18 55.21
CA PHE K 71 13.42 40.03 55.57
C PHE K 71 13.14 38.64 56.13
N ASN K 72 13.64 37.60 55.47
CA ASN K 72 13.36 36.22 55.90
C ASN K 72 14.51 35.34 55.43
N GLN K 73 15.29 34.83 56.40
CA GLN K 73 16.41 33.97 56.05
C GLN K 73 15.95 32.66 55.43
N GLN K 74 14.91 32.04 56.01
CA GLN K 74 14.44 30.76 55.50
C GLN K 74 13.90 30.90 54.09
N LEU K 75 13.17 31.99 53.81
CA LEU K 75 12.66 32.22 52.47
C LEU K 75 13.81 32.34 51.47
N SER K 76 14.84 33.10 51.82
CA SER K 76 16.00 33.23 50.94
C SER K 76 16.66 31.88 50.72
N THR K 77 16.81 31.10 51.79
CA THR K 77 17.48 29.80 51.66
C THR K 77 16.70 28.87 50.74
N THR K 78 15.38 28.79 50.92
CA THR K 78 14.59 27.90 50.07
C THR K 78 14.59 28.37 48.62
N ILE K 79 14.46 29.68 48.41
CA ILE K 79 14.49 30.20 47.04
C ILE K 79 15.82 29.85 46.37
N GLN K 80 16.93 30.09 47.09
CA GLN K 80 18.23 29.79 46.51
C GLN K 80 18.38 28.31 46.22
N GLU K 81 17.97 27.45 47.15
CA GLU K 81 18.23 26.03 47.02
C GLU K 81 17.36 25.37 45.95
N GLU K 82 16.12 25.83 45.79
CA GLU K 82 15.20 25.24 44.82
C GLU K 82 14.63 26.32 43.92
N PHE K 83 15.51 27.17 43.39
CA PHE K 83 15.08 28.31 42.59
C PHE K 83 14.20 27.88 41.42
N TYR K 84 14.65 26.88 40.65
CA TYR K 84 13.95 26.55 39.41
C TYR K 84 12.52 26.10 39.68
N ARG K 85 12.31 25.26 40.68
CA ARG K 85 10.96 24.75 40.94
C ARG K 85 10.03 25.86 41.41
N VAL K 86 10.55 26.79 42.22
CA VAL K 86 9.71 27.82 42.83
C VAL K 86 9.63 29.09 41.99
N TYR K 87 10.38 29.19 40.90
CA TYR K 87 10.39 30.43 40.13
C TYR K 87 9.02 30.81 39.58
N PRO K 88 8.28 29.90 38.95
CA PRO K 88 6.93 30.29 38.48
C PRO K 88 6.04 30.76 39.61
N TYR K 89 6.20 30.19 40.81
CA TYR K 89 5.41 30.62 41.94
C TYR K 89 5.76 32.04 42.35
N LEU K 90 7.05 32.41 42.28
CA LEU K 90 7.44 33.79 42.54
C LEU K 90 6.83 34.72 41.49
N CYS K 91 6.83 34.30 40.23
CA CYS K 91 6.20 35.11 39.19
C CYS K 91 4.71 35.30 39.47
N ARG K 92 4.02 34.25 39.89
CA ARG K 92 2.61 34.37 40.22
C ARG K 92 2.39 35.30 41.40
N ALA K 93 3.26 35.21 42.41
CA ALA K 93 3.17 36.13 43.55
C ALA K 93 3.30 37.57 43.09
N LEU K 94 4.26 37.84 42.21
CA LEU K 94 4.42 39.19 41.68
C LEU K 94 3.17 39.62 40.91
N LYS K 95 2.62 38.70 40.11
CA LYS K 95 1.44 39.05 39.32
C LYS K 95 0.26 39.42 40.20
N THR K 96 0.03 38.64 41.27
CA THR K 96 -1.06 38.98 42.19
C THR K 96 -0.77 40.28 42.91
N PHE K 97 0.49 40.50 43.30
CA PHE K 97 0.85 41.71 44.02
C PHE K 97 0.57 42.94 43.18
N VAL K 98 0.90 42.90 41.89
CA VAL K 98 0.65 44.05 41.03
C VAL K 98 -0.82 44.14 40.64
N LYS K 99 -1.49 43.00 40.49
CA LYS K 99 -2.91 43.00 40.09
C LYS K 99 -3.76 43.68 41.15
N ASP K 100 -3.60 43.28 42.41
CA ASP K 100 -4.45 43.84 43.46
C ASP K 100 -4.27 45.35 43.57
N ARG K 101 -3.05 45.83 43.34
CA ARG K 101 -2.77 47.26 43.51
C ARG K 101 -3.19 48.08 42.31
N LYS K 102 -2.91 47.60 41.10
CA LYS K 102 -3.08 48.40 39.89
C LYS K 102 -4.02 47.69 38.91
N GLU K 103 -4.14 48.27 37.72
CA GLU K 103 -4.95 47.72 36.64
C GLU K 103 -4.02 47.21 35.55
N ILE K 104 -4.11 45.92 35.25
CA ILE K 104 -3.21 45.27 34.29
C ILE K 104 -4.03 44.35 33.40
N PRO K 105 -3.59 44.18 32.15
CA PRO K 105 -4.23 43.16 31.30
C PRO K 105 -4.12 41.78 31.93
N LEU K 106 -5.19 41.00 31.81
CA LEU K 106 -5.21 39.68 32.42
C LEU K 106 -4.15 38.76 31.84
N ALA K 107 -3.75 38.98 30.58
CA ALA K 107 -2.84 38.09 29.88
C ALA K 107 -1.43 38.65 29.79
N LYS K 108 -0.98 39.34 30.84
CA LYS K 108 0.39 39.86 30.91
C LYS K 108 1.16 39.05 31.95
N ASP K 109 2.27 38.47 31.53
CA ASP K 109 3.12 37.68 32.41
C ASP K 109 4.20 38.58 33.01
N PHE K 110 4.39 38.47 34.32
CA PHE K 110 5.42 39.20 35.03
C PHE K 110 6.55 38.27 35.42
N TYR K 111 7.75 38.83 35.54
CA TYR K 111 8.94 38.05 35.88
C TYR K 111 9.70 38.74 36.99
N VAL K 112 10.41 37.92 37.78
CA VAL K 112 11.20 38.40 38.90
C VAL K 112 12.66 38.07 38.61
N ALA K 113 13.52 39.07 38.73
CA ALA K 113 14.95 38.90 38.54
C ALA K 113 15.66 39.28 39.83
N PHE K 114 16.47 38.37 40.36
CA PHE K 114 17.13 38.58 41.63
C PHE K 114 18.56 39.05 41.41
N GLN K 115 19.03 39.94 42.29
CA GLN K 115 20.35 40.52 42.19
C GLN K 115 21.00 40.53 43.57
N ASP K 116 22.29 40.84 43.61
CA ASP K 116 23.04 40.98 44.85
C ASP K 116 23.22 39.64 45.56
N LEU K 117 23.53 38.60 44.79
CA LEU K 117 23.89 37.32 45.41
C LEU K 117 25.23 37.47 46.12
N PRO K 118 25.32 37.14 47.41
CA PRO K 118 26.58 37.38 48.13
C PRO K 118 27.76 36.62 47.56
N THR K 119 27.54 35.45 46.97
CA THR K 119 28.61 34.57 46.52
C THR K 119 28.58 34.41 45.01
N ARG K 120 29.76 34.19 44.44
CA ARG K 120 29.93 34.00 43.00
C ARG K 120 30.61 32.67 42.75
N HIS K 121 30.15 31.97 41.71
CA HIS K 121 30.70 30.68 41.33
C HIS K 121 31.39 30.78 39.97
N LYS K 122 32.47 30.01 39.83
CA LYS K 122 33.20 29.98 38.59
C LYS K 122 32.53 29.05 37.58
N ILE K 123 32.71 29.35 36.30
CA ILE K 123 32.16 28.50 35.25
C ILE K 123 32.65 27.07 35.43
N ARG K 124 33.85 26.89 36.00
CA ARG K 124 34.30 25.56 36.38
C ARG K 124 33.46 25.00 37.51
N GLU K 125 33.15 25.83 38.51
CA GLU K 125 32.34 25.38 39.63
C GLU K 125 30.89 25.07 39.24
N LEU K 126 30.46 25.49 38.06
CA LEU K 126 29.10 25.22 37.59
C LEU K 126 29.02 23.75 37.19
N THR K 127 28.88 22.89 38.20
CA THR K 127 28.73 21.46 38.01
C THR K 127 27.26 21.06 38.10
N SER K 128 27.00 19.79 37.79
CA SER K 128 25.61 19.31 37.83
C SER K 128 24.99 19.45 39.21
N SER K 129 25.81 19.54 40.27
CA SER K 129 25.27 19.79 41.60
C SER K 129 24.61 21.15 41.70
N ARG K 130 24.91 22.07 40.78
CA ARG K 130 24.34 23.41 40.80
C ARG K 130 23.08 23.52 39.95
N ILE K 131 22.59 22.42 39.38
CA ILE K 131 21.41 22.48 38.55
C ILE K 131 20.19 22.84 39.39
N GLY K 132 19.41 23.80 38.92
CA GLY K 132 18.13 24.11 39.51
C GLY K 132 18.15 25.05 40.69
N LEU K 133 19.30 25.57 41.09
CA LEU K 133 19.38 26.50 42.21
C LEU K 133 20.04 27.80 41.77
N LEU K 134 19.84 28.83 42.58
CA LEU K 134 20.23 30.20 42.24
C LEU K 134 21.74 30.36 42.39
N THR K 135 22.41 30.77 41.31
CA THR K 135 23.84 30.99 41.31
C THR K 135 24.16 32.23 40.50
N ARG K 136 25.30 32.84 40.79
CA ARG K 136 25.77 34.03 40.08
C ARG K 136 27.16 33.76 39.52
N ILE K 137 27.31 33.96 38.21
CA ILE K 137 28.57 33.74 37.53
C ILE K 137 29.00 35.04 36.87
N SER K 138 30.31 35.12 36.59
CA SER K 138 30.89 36.24 35.86
C SER K 138 31.57 35.69 34.62
N GLY K 139 31.28 36.28 33.47
CA GLY K 139 31.87 35.84 32.22
C GLY K 139 32.05 36.99 31.27
N GLN K 140 32.78 36.72 30.19
CA GLN K 140 33.02 37.68 29.13
C GLN K 140 32.15 37.31 27.94
N VAL K 141 31.28 38.24 27.53
CA VAL K 141 30.35 37.94 26.44
C VAL K 141 31.13 37.74 25.16
N VAL K 142 30.90 36.60 24.50
CA VAL K 142 31.53 36.33 23.21
C VAL K 142 30.68 36.84 22.06
N ARG K 143 29.38 36.56 22.09
CA ARG K 143 28.47 37.08 21.08
C ARG K 143 27.06 37.09 21.64
N THR K 144 26.20 37.88 21.00
CA THR K 144 24.78 37.94 21.33
C THR K 144 23.98 37.58 20.09
N HIS K 145 22.81 37.00 20.32
CA HIS K 145 21.94 36.55 19.25
C HIS K 145 20.69 37.41 19.16
N PRO K 146 20.02 37.42 18.01
CA PRO K 146 18.84 38.29 17.85
C PRO K 146 17.78 37.95 18.88
N VAL K 147 17.07 38.99 19.34
CA VAL K 147 15.95 38.78 20.24
C VAL K 147 14.83 38.06 19.48
N HIS K 148 14.31 37.01 20.08
CA HIS K 148 13.26 36.19 19.49
C HIS K 148 12.10 36.06 20.46
N PRO K 149 10.89 35.81 19.96
CA PRO K 149 9.79 35.43 20.85
C PRO K 149 9.80 33.94 21.13
N GLU K 150 10.00 33.55 22.39
CA GLU K 150 10.06 32.15 22.77
C GLU K 150 8.70 31.70 23.30
N LEU K 151 8.30 30.50 22.90
CA LEU K 151 7.04 29.93 23.34
C LEU K 151 7.22 29.30 24.72
N VAL K 152 6.37 29.68 25.67
CA VAL K 152 6.46 29.19 27.03
C VAL K 152 5.39 28.15 27.32
N SER K 153 4.16 28.36 26.86
CA SER K 153 3.08 27.40 27.07
C SER K 153 2.09 27.56 25.94
N GLY K 154 2.08 26.60 25.02
CA GLY K 154 1.21 26.65 23.86
C GLY K 154 -0.05 25.83 24.02
N THR K 155 -1.02 26.11 23.15
CA THR K 155 -2.27 25.38 23.08
C THR K 155 -2.31 24.59 21.78
N PHE K 156 -2.64 23.31 21.87
CA PHE K 156 -2.57 22.40 20.74
C PHE K 156 -3.95 21.83 20.42
N LEU K 157 -4.10 21.40 19.18
CA LEU K 157 -5.32 20.75 18.69
C LEU K 157 -4.93 19.34 18.23
N CYS K 158 -5.69 18.35 18.71
CA CYS K 158 -5.48 16.97 18.30
C CYS K 158 -6.08 16.77 16.92
N LEU K 159 -5.27 16.32 15.95
CA LEU K 159 -5.74 16.15 14.59
C LEU K 159 -6.49 14.84 14.38
N ASP K 160 -6.93 14.19 15.45
CA ASP K 160 -7.76 12.99 15.36
C ASP K 160 -9.16 13.21 15.91
N CYS K 161 -9.28 13.78 17.11
CA CYS K 161 -10.58 14.06 17.71
C CYS K 161 -10.80 15.55 17.94
N GLN K 162 -9.94 16.40 17.39
CA GLN K 162 -10.11 17.85 17.38
C GLN K 162 -10.24 18.45 18.78
N THR K 163 -9.91 17.70 19.83
CA THR K 163 -9.92 18.29 21.16
C THR K 163 -8.73 19.22 21.34
N VAL K 164 -8.88 20.17 22.25
CA VAL K 164 -7.90 21.22 22.47
C VAL K 164 -7.23 20.98 23.82
N ILE K 165 -5.90 20.85 23.80
CA ILE K 165 -5.10 20.75 25.00
C ILE K 165 -4.52 22.12 25.29
N ARG K 166 -4.68 22.58 26.53
CA ARG K 166 -4.34 23.95 26.90
C ARG K 166 -3.19 23.96 27.88
N ASP K 167 -2.29 24.95 27.71
CA ASP K 167 -1.22 25.23 28.67
C ASP K 167 -0.33 24.02 28.89
N VAL K 168 0.35 23.60 27.82
CA VAL K 168 1.39 22.59 27.92
C VAL K 168 2.73 23.31 28.07
N GLU K 169 3.37 23.13 29.23
CA GLU K 169 4.61 23.82 29.49
C GLU K 169 5.72 23.31 28.58
N GLN K 170 6.54 24.23 28.08
CA GLN K 170 7.66 23.90 27.22
C GLN K 170 8.92 23.82 28.06
N GLN K 171 9.65 22.71 27.93
CA GLN K 171 10.88 22.50 28.69
C GLN K 171 12.08 22.89 27.84
N PHE K 172 12.16 24.18 27.54
CA PHE K 172 13.23 24.72 26.70
C PHE K 172 13.36 23.92 25.42
N LYS K 173 12.22 23.39 24.95
CA LYS K 173 12.17 22.51 23.80
C LYS K 173 10.74 22.51 23.28
N TYR K 174 10.59 22.22 22.00
CA TYR K 174 9.26 22.15 21.40
C TYR K 174 8.61 20.85 21.83
N THR K 175 7.76 20.91 22.85
CA THR K 175 7.13 19.73 23.44
C THR K 175 5.65 19.75 23.10
N GLN K 176 5.22 18.78 22.29
CA GLN K 176 3.82 18.55 22.06
C GLN K 176 3.21 17.82 23.26
N PRO K 177 1.88 17.81 23.38
CA PRO K 177 1.26 17.16 24.54
C PRO K 177 1.64 15.69 24.61
N ASN K 178 1.83 15.22 25.84
CA ASN K 178 2.22 13.82 26.03
C ASN K 178 1.15 12.87 25.51
N ILE K 179 -0.11 13.17 25.83
CA ILE K 179 -1.24 12.32 25.42
C ILE K 179 -2.45 13.21 25.24
N CYS K 180 -3.23 12.93 24.21
CA CYS K 180 -4.46 13.69 23.98
C CYS K 180 -5.40 13.54 25.17
N ARG K 181 -5.97 14.67 25.59
CA ARG K 181 -6.79 14.68 26.81
C ARG K 181 -8.01 13.76 26.70
N ASN K 182 -8.45 13.45 25.50
CA ASN K 182 -9.62 12.59 25.34
C ASN K 182 -9.27 11.19 25.81
N PRO K 183 -9.96 10.64 26.82
CA PRO K 183 -9.60 9.30 27.30
C PRO K 183 -9.53 8.27 26.19
N VAL K 184 -10.58 8.13 25.38
CA VAL K 184 -10.48 7.23 24.23
C VAL K 184 -9.95 8.04 23.07
N CYS K 185 -8.65 8.35 23.13
CA CYS K 185 -7.90 8.87 22.00
C CYS K 185 -6.43 8.75 22.38
N ALA K 186 -5.70 7.87 21.70
CA ALA K 186 -4.33 7.59 22.05
C ALA K 186 -3.35 8.44 21.27
N ASN K 187 -3.81 9.55 20.70
CA ASN K 187 -2.94 10.34 19.83
C ASN K 187 -1.77 10.90 20.63
N ARG K 188 -0.56 10.69 20.10
CA ARG K 188 0.63 11.33 20.63
C ARG K 188 1.53 11.82 19.51
N ARG K 189 1.04 11.90 18.29
CA ARG K 189 1.85 12.20 17.12
C ARG K 189 1.31 13.37 16.31
N ARG K 190 -0.01 13.53 16.25
CA ARG K 190 -0.66 14.46 15.34
C ARG K 190 -1.30 15.61 16.13
N PHE K 191 -0.50 16.64 16.40
CA PHE K 191 -0.95 17.85 17.06
C PHE K 191 -0.63 19.05 16.19
N LEU K 192 -1.45 20.09 16.33
CA LEU K 192 -1.24 21.35 15.62
C LEU K 192 -1.24 22.48 16.64
N LEU K 193 -0.18 23.27 16.65
CA LEU K 193 -0.07 24.36 17.61
C LEU K 193 -1.05 25.47 17.30
N ASP K 194 -1.68 26.01 18.33
CA ASP K 194 -2.56 27.17 18.21
C ASP K 194 -1.75 28.39 18.62
N THR K 195 -0.97 28.91 17.68
CA THR K 195 -0.08 30.02 17.97
C THR K 195 -0.84 31.24 18.46
N ASN K 196 -2.06 31.46 17.97
CA ASN K 196 -2.83 32.63 18.38
C ASN K 196 -3.15 32.58 19.86
N LYS K 197 -3.55 31.42 20.38
CA LYS K 197 -3.85 31.28 21.80
C LYS K 197 -2.63 30.94 22.65
N SER K 198 -1.48 30.68 22.02
CA SER K 198 -0.25 30.46 22.77
C SER K 198 0.26 31.77 23.34
N ARG K 199 1.12 31.66 24.35
CA ARG K 199 1.78 32.80 24.96
C ARG K 199 3.29 32.65 24.82
N PHE K 200 3.96 33.73 24.44
CA PHE K 200 5.39 33.74 24.19
C PHE K 200 6.11 34.56 25.25
N VAL K 201 7.44 34.60 25.15
CA VAL K 201 8.27 35.43 25.99
C VAL K 201 9.45 35.90 25.16
N ASP K 202 10.08 37.00 25.59
CA ASP K 202 11.25 37.54 24.92
C ASP K 202 12.48 36.73 25.33
N PHE K 203 13.20 36.20 24.36
CA PHE K 203 14.27 35.25 24.59
C PHE K 203 15.49 35.64 23.77
N GLN K 204 16.65 35.71 24.43
CA GLN K 204 17.92 35.95 23.76
C GLN K 204 18.95 34.95 24.27
N LYS K 205 19.84 34.51 23.38
CA LYS K 205 20.89 33.56 23.72
C LYS K 205 22.23 34.23 23.49
N VAL K 206 23.05 34.31 24.53
CA VAL K 206 24.36 34.95 24.45
C VAL K 206 25.41 33.96 24.91
N ARG K 207 26.47 33.80 24.12
CA ARG K 207 27.57 32.91 24.45
C ARG K 207 28.62 33.67 25.23
N ILE K 208 28.92 33.20 26.45
CA ILE K 208 29.96 33.81 27.27
C ILE K 208 31.06 32.78 27.48
N GLN K 209 32.23 33.28 27.86
CA GLN K 209 33.38 32.43 28.15
C GLN K 209 34.02 32.88 29.45
N GLU K 210 34.74 31.96 30.08
CA GLU K 210 35.31 32.21 31.39
C GLU K 210 36.36 33.31 31.31
N THR K 211 36.39 34.15 32.36
CA THR K 211 37.36 35.24 32.43
C THR K 211 38.76 34.67 32.65
N GLN K 212 39.75 35.45 32.23
CA GLN K 212 41.14 35.02 32.36
C GLN K 212 41.58 34.87 33.81
N ALA K 213 40.90 35.55 34.74
CA ALA K 213 41.29 35.47 36.14
C ALA K 213 41.01 34.11 36.76
N GLU K 214 40.27 33.23 36.07
CA GLU K 214 39.88 31.94 36.63
C GLU K 214 40.40 30.75 35.84
N LEU K 215 41.20 30.97 34.80
CA LEU K 215 41.68 29.86 33.99
C LEU K 215 42.62 28.98 34.82
N PRO K 216 42.44 27.67 34.82
CA PRO K 216 43.48 26.76 35.34
C PRO K 216 44.64 26.65 34.36
N ARG K 217 45.72 26.06 34.85
CA ARG K 217 46.94 25.98 34.06
C ARG K 217 46.71 25.23 32.75
N GLY K 218 47.23 25.79 31.67
CA GLY K 218 47.24 25.12 30.38
C GLY K 218 45.88 24.82 29.82
N SER K 219 44.85 25.49 30.33
CA SER K 219 43.47 25.21 29.95
C SER K 219 42.97 26.23 28.93
N ILE K 220 41.96 25.82 28.18
CA ILE K 220 41.24 26.72 27.27
C ILE K 220 39.99 27.19 28.01
N PRO K 221 39.61 28.47 27.89
CA PRO K 221 38.44 28.93 28.65
C PRO K 221 37.18 28.16 28.28
N ARG K 222 36.37 27.87 29.29
CA ARG K 222 35.09 27.22 29.07
C ARG K 222 34.07 28.24 28.62
N SER K 223 33.38 27.93 27.52
CA SER K 223 32.35 28.81 26.97
C SER K 223 31.01 28.12 27.06
N LEU K 224 30.01 28.83 27.61
CA LEU K 224 28.66 28.31 27.71
C LEU K 224 27.68 29.38 27.25
N GLU K 225 26.51 28.92 26.82
CA GLU K 225 25.45 29.81 26.38
C GLU K 225 24.52 30.08 27.55
N VAL K 226 24.25 31.36 27.80
CA VAL K 226 23.29 31.77 28.81
C VAL K 226 22.10 32.40 28.10
N ILE K 227 20.93 32.28 28.74
CA ILE K 227 19.66 32.67 28.16
C ILE K 227 19.08 33.81 28.98
N LEU K 228 18.73 34.89 28.29
CA LEU K 228 18.13 36.07 28.90
C LEU K 228 16.66 36.14 28.48
N ARG K 229 15.78 36.36 29.44
CA ARG K 229 14.35 36.38 29.18
C ARG K 229 13.74 37.68 29.66
N ALA K 230 12.82 38.22 28.86
CA ALA K 230 12.03 39.39 29.21
C ALA K 230 12.88 40.65 29.24
N GLU K 231 12.82 41.41 30.35
CA GLU K 231 13.45 42.73 30.37
C GLU K 231 14.94 42.65 30.04
N ALA K 232 15.63 41.66 30.60
CA ALA K 232 17.08 41.54 30.39
C ALA K 232 17.45 41.08 28.99
N VAL K 233 16.50 40.96 28.07
CA VAL K 233 16.76 40.24 26.83
C VAL K 233 17.98 40.78 26.11
N GLU K 234 18.13 42.11 26.05
CA GLU K 234 19.25 42.74 25.37
C GLU K 234 20.19 43.45 26.33
N SER K 235 20.25 43.00 27.59
CA SER K 235 21.04 43.70 28.59
C SER K 235 22.52 43.35 28.56
N ALA K 236 22.94 42.44 27.69
CA ALA K 236 24.33 42.04 27.58
C ALA K 236 24.80 42.23 26.15
N GLN K 237 25.98 42.84 25.99
CA GLN K 237 26.55 43.12 24.67
C GLN K 237 27.96 42.57 24.60
N ALA K 238 28.40 42.28 23.37
CA ALA K 238 29.67 41.61 23.16
C ALA K 238 30.82 42.38 23.79
N GLY K 239 31.74 41.65 24.42
CA GLY K 239 32.90 42.23 25.05
C GLY K 239 32.70 42.66 26.48
N ASP K 240 31.46 42.76 26.94
CA ASP K 240 31.19 43.20 28.30
C ASP K 240 31.59 42.12 29.30
N LYS K 241 32.14 42.55 30.43
CA LYS K 241 32.39 41.64 31.56
C LYS K 241 31.15 41.68 32.46
N CYS K 242 30.14 40.94 32.03
CA CYS K 242 28.86 40.91 32.72
C CYS K 242 28.96 40.03 33.96
N ASP K 243 27.87 39.97 34.72
CA ASP K 243 27.78 39.14 35.92
C ASP K 243 26.36 38.57 35.96
N PHE K 244 26.19 37.40 35.36
CA PHE K 244 24.87 36.79 35.23
C PHE K 244 24.47 36.12 36.55
N THR K 245 23.29 36.47 37.06
CA THR K 245 22.71 35.83 38.22
C THR K 245 21.46 35.08 37.80
N GLY K 246 21.40 33.80 38.14
CA GLY K 246 20.29 32.96 37.75
C GLY K 246 20.46 31.54 38.21
N THR K 247 20.00 30.57 37.42
CA THR K 247 20.08 29.16 37.78
C THR K 247 20.61 28.36 36.61
N LEU K 248 21.55 27.46 36.90
CA LEU K 248 21.99 26.49 35.92
C LEU K 248 20.84 25.52 35.61
N ILE K 249 20.81 25.04 34.38
CA ILE K 249 19.77 24.11 33.94
C ILE K 249 20.35 23.19 32.89
N VAL K 250 19.62 22.12 32.60
CA VAL K 250 19.98 21.18 31.55
C VAL K 250 19.00 21.36 30.40
N VAL K 251 19.49 21.14 29.19
CA VAL K 251 18.68 21.26 27.98
C VAL K 251 18.85 19.99 27.17
N PRO K 252 17.76 19.32 26.76
CA PRO K 252 17.92 18.10 25.97
C PRO K 252 18.70 18.38 24.69
N ASP K 253 19.55 17.44 24.32
CA ASP K 253 20.48 17.60 23.22
C ASP K 253 20.27 16.51 22.18
N VAL K 254 20.34 16.90 20.91
CA VAL K 254 20.38 15.92 19.81
C VAL K 254 21.86 15.60 19.61
N SER K 255 22.35 14.67 20.43
CA SER K 255 23.77 14.39 20.48
C SER K 255 24.17 13.45 19.35
N LYS K 256 25.36 13.68 18.80
CA LYS K 256 25.91 12.86 17.73
C LYS K 256 26.77 11.71 18.27
N LEU K 257 26.84 11.54 19.59
CA LEU K 257 27.58 10.44 20.17
C LEU K 257 27.17 9.13 19.54
N SER K 258 28.13 8.41 18.98
CA SER K 258 27.85 7.11 18.37
C SER K 258 27.76 5.99 19.40
N THR K 259 28.06 6.26 20.66
CA THR K 259 27.97 5.27 21.71
C THR K 259 26.61 5.37 22.40
N PRO K 260 25.78 4.33 22.37
CA PRO K 260 24.48 4.43 23.05
C PRO K 260 24.66 4.69 24.54
N GLY K 261 23.74 5.47 25.10
CA GLY K 261 23.80 5.78 26.52
C GLY K 261 22.50 6.34 27.08
N ALA K 262 22.12 5.84 28.24
CA ALA K 262 20.99 6.38 29.01
C ALA K 262 19.73 6.49 28.14
N ARG K 263 19.25 5.32 27.71
CA ARG K 263 17.95 5.27 27.07
C ARG K 263 16.84 5.51 28.08
N ALA K 264 15.71 5.99 27.59
CA ALA K 264 14.49 6.12 28.37
C ALA K 264 13.36 5.50 27.59
N GLU K 265 12.59 4.63 28.23
CA GLU K 265 11.56 3.86 27.55
C GLU K 265 10.40 3.62 28.50
N THR K 266 9.31 3.10 27.94
CA THR K 266 8.11 2.86 28.73
C THR K 266 8.32 1.72 29.73
N ASN K 267 7.64 1.83 30.86
CA ASN K 267 7.66 0.78 31.88
C ASN K 267 6.56 -0.26 31.68
N SER K 268 5.72 -0.08 30.66
CA SER K 268 4.67 -1.05 30.37
C SER K 268 5.26 -2.21 29.57
N ARG K 269 5.09 -3.43 30.07
CA ARG K 269 5.68 -4.61 29.44
C ARG K 269 4.78 -5.04 28.29
N VAL K 270 5.21 -4.72 27.07
CA VAL K 270 4.46 -5.04 25.87
C VAL K 270 5.41 -5.73 24.89
N SER K 271 4.93 -6.80 24.26
CA SER K 271 5.73 -7.57 23.32
C SER K 271 4.98 -7.67 22.00
N GLY K 272 5.68 -7.37 20.90
CA GLY K 272 5.05 -7.42 19.61
C GLY K 272 4.65 -8.83 19.22
N VAL K 273 3.55 -8.93 18.49
CA VAL K 273 3.05 -10.20 18.00
C VAL K 273 3.78 -10.56 16.72
N ASP K 274 3.61 -11.80 16.26
CA ASP K 274 4.26 -12.24 15.04
C ASP K 274 3.94 -11.31 13.89
N GLY K 275 4.98 -10.93 13.14
CA GLY K 275 4.84 -9.96 12.08
C GLY K 275 4.96 -8.51 12.51
N TYR K 276 4.87 -8.26 13.82
CA TYR K 276 5.02 -6.93 14.38
C TYR K 276 5.88 -6.98 15.62
N GLU K 277 6.99 -7.72 15.55
CA GLU K 277 7.83 -7.91 16.72
C GLU K 277 8.49 -6.61 17.14
N THR K 278 8.70 -6.46 18.45
CA THR K 278 9.35 -5.29 19.00
C THR K 278 10.87 -5.40 18.81
N GLU K 279 11.28 -5.44 17.55
CA GLU K 279 12.68 -5.53 17.19
C GLU K 279 12.99 -4.58 16.06
N GLY K 280 14.12 -3.91 16.14
CA GLY K 280 14.51 -2.95 15.13
C GLY K 280 13.96 -1.56 15.42
N ILE K 281 13.91 -0.74 14.37
CA ILE K 281 13.36 0.60 14.51
C ILE K 281 11.90 0.54 14.93
N ARG K 282 11.16 -0.45 14.41
CA ARG K 282 9.77 -0.61 14.80
C ARG K 282 9.65 -0.79 16.31
N GLY K 283 10.44 -1.71 16.88
CA GLY K 283 10.36 -1.95 18.30
C GLY K 283 10.84 -0.77 19.12
N LEU K 284 11.91 -0.12 18.67
CA LEU K 284 12.39 1.06 19.37
C LEU K 284 11.30 2.12 19.44
N ARG K 285 10.64 2.39 18.31
CA ARG K 285 9.57 3.37 18.28
C ARG K 285 8.41 2.94 19.17
N ALA K 286 8.02 1.67 19.10
CA ALA K 286 6.89 1.20 19.89
C ALA K 286 7.16 1.36 21.38
N LEU K 287 8.36 0.99 21.82
CA LEU K 287 8.72 1.16 23.22
C LEU K 287 8.99 2.62 23.56
N GLY K 288 9.10 3.49 22.56
CA GLY K 288 9.34 4.89 22.83
C GLY K 288 10.71 5.16 23.43
N VAL K 289 11.74 4.53 22.88
CA VAL K 289 13.10 4.69 23.39
C VAL K 289 13.65 6.01 22.90
N ARG K 290 14.16 6.82 23.82
CA ARG K 290 14.80 8.09 23.48
C ARG K 290 16.07 8.24 24.30
N ASP K 291 17.12 8.79 23.67
CA ASP K 291 18.37 8.99 24.37
C ASP K 291 18.28 10.20 25.29
N LEU K 292 18.85 10.08 26.49
CA LEU K 292 18.86 11.15 27.47
C LEU K 292 20.23 11.82 27.45
N SER K 293 20.45 12.64 26.43
CA SER K 293 21.67 13.43 26.30
C SER K 293 21.33 14.89 26.55
N TYR K 294 22.14 15.56 27.37
CA TYR K 294 21.83 16.89 27.85
C TYR K 294 23.04 17.80 27.70
N ARG K 295 22.76 19.10 27.59
CA ARG K 295 23.77 20.14 27.69
C ARG K 295 23.49 20.97 28.92
N LEU K 296 24.53 21.65 29.41
CA LEU K 296 24.41 22.58 30.52
C LEU K 296 24.25 23.99 29.96
N VAL K 297 23.15 24.64 30.32
CA VAL K 297 22.85 25.98 29.86
C VAL K 297 22.47 26.81 31.08
N PHE K 298 22.80 28.10 31.01
CA PHE K 298 22.54 29.01 32.13
C PHE K 298 21.32 29.85 31.83
N LEU K 299 20.43 29.97 32.81
CA LEU K 299 19.23 30.79 32.69
C LEU K 299 19.40 31.98 33.62
N ALA K 300 19.65 33.15 33.03
CA ALA K 300 19.94 34.37 33.79
C ALA K 300 18.68 35.20 33.92
N CYS K 301 18.26 35.47 35.14
CA CYS K 301 17.12 36.35 35.39
C CYS K 301 17.51 37.82 35.39
N CYS K 302 18.71 38.15 35.87
CA CYS K 302 19.21 39.51 35.89
C CYS K 302 20.61 39.54 35.30
N VAL K 303 21.00 40.72 34.80
CA VAL K 303 22.32 40.94 34.25
C VAL K 303 22.88 42.23 34.83
N ALA K 304 24.20 42.31 34.90
CA ALA K 304 24.87 43.49 35.41
C ALA K 304 26.37 43.39 35.18
N PRO K 305 27.05 44.50 34.94
CA PRO K 305 28.50 44.44 34.72
C PRO K 305 29.23 43.99 35.98
N THR K 306 30.34 43.29 35.77
CA THR K 306 31.12 42.80 36.91
C THR K 306 31.68 43.97 37.71
N ASN K 307 32.20 44.99 37.03
CA ASN K 307 32.74 46.18 37.69
C ASN K 307 31.92 47.38 37.24
N PRO K 308 30.93 47.82 38.03
CA PRO K 308 30.15 48.98 37.61
C PRO K 308 31.01 50.21 37.46
N ARG K 309 30.74 50.99 36.41
CA ARG K 309 31.45 52.24 36.19
C ARG K 309 30.94 53.34 37.11
N PHE K 310 29.66 53.32 37.47
CA PHE K 310 29.06 54.33 38.32
C PHE K 310 28.32 53.66 39.46
N GLY K 311 28.16 54.39 40.55
CA GLY K 311 27.44 53.90 41.71
C GLY K 311 26.15 54.64 41.97
N GLU K 319 20.06 56.56 25.01
CA GLU K 319 21.10 57.42 24.48
C GLU K 319 22.03 57.89 25.61
N GLN K 320 23.04 58.67 25.25
CA GLN K 320 24.03 59.15 26.22
C GLN K 320 24.26 60.64 26.01
N THR K 321 24.42 61.35 27.13
CA THR K 321 24.70 62.78 27.12
C THR K 321 25.43 63.13 28.42
N ALA K 322 26.00 64.33 28.45
CA ALA K 322 26.70 64.76 29.65
C ALA K 322 25.76 64.78 30.85
N GLU K 323 24.55 65.31 30.66
CA GLU K 323 23.57 65.30 31.75
C GLU K 323 23.20 63.88 32.14
N SER K 324 23.09 62.98 31.16
CA SER K 324 22.78 61.59 31.46
C SER K 324 23.86 60.98 32.34
N ILE K 325 25.14 61.22 32.02
CA ILE K 325 26.23 60.69 32.82
C ILE K 325 26.20 61.31 34.22
N LYS K 326 25.95 62.61 34.31
CA LYS K 326 25.90 63.28 35.61
C LYS K 326 24.82 62.65 36.48
N ASN K 327 23.63 62.43 35.90
CA ASN K 327 22.54 61.83 36.66
C ASN K 327 22.88 60.39 37.05
N GLN K 328 23.48 59.63 36.13
CA GLN K 328 23.79 58.24 36.41
C GLN K 328 24.79 58.11 37.55
N MET K 329 25.82 58.94 37.55
CA MET K 329 26.84 58.87 38.59
C MET K 329 26.34 59.51 39.88
N THR K 330 26.77 58.94 41.01
CA THR K 330 26.30 59.38 42.31
C THR K 330 26.89 60.75 42.66
N VAL K 331 26.45 61.28 43.80
CA VAL K 331 26.88 62.61 44.22
C VAL K 331 28.39 62.64 44.46
N LYS K 332 28.91 61.63 45.14
CA LYS K 332 30.34 61.62 45.46
C LYS K 332 31.17 61.50 44.18
N GLU K 333 30.79 60.59 43.28
CA GLU K 333 31.51 60.45 42.03
C GLU K 333 31.42 61.72 41.19
N TRP K 334 30.24 62.34 41.15
CA TRP K 334 30.09 63.57 40.38
C TRP K 334 30.97 64.68 40.94
N GLU K 335 31.00 64.82 42.26
CA GLU K 335 31.82 65.87 42.86
C GLU K 335 33.30 65.59 42.65
N LYS K 336 33.71 64.32 42.68
CA LYS K 336 35.09 63.98 42.38
C LYS K 336 35.43 64.34 40.94
N VAL K 337 34.55 64.02 39.99
CA VAL K 337 34.79 64.37 38.59
C VAL K 337 34.91 65.89 38.45
N PHE K 338 34.00 66.63 39.08
CA PHE K 338 34.02 68.08 38.97
C PHE K 338 35.31 68.66 39.56
N GLU K 339 35.70 68.18 40.73
CA GLU K 339 36.89 68.74 41.38
C GLU K 339 38.14 68.42 40.58
N MET K 340 38.24 67.20 40.02
CA MET K 340 39.41 66.90 39.21
C MET K 340 39.39 67.68 37.90
N SER K 341 38.21 67.93 37.33
CA SER K 341 38.13 68.78 36.14
C SER K 341 38.63 70.19 36.44
N GLN K 342 38.26 70.72 37.61
CA GLN K 342 38.72 72.04 38.00
C GLN K 342 40.19 72.04 38.43
N ASP K 343 40.74 70.89 38.79
CA ASP K 343 42.10 70.84 39.30
C ASP K 343 43.09 71.29 38.23
N LYS K 344 44.12 72.01 38.68
CA LYS K 344 45.16 72.50 37.79
C LYS K 344 46.13 71.38 37.44
N ASN K 345 46.95 71.63 36.42
CA ASN K 345 47.93 70.65 35.93
C ASN K 345 47.30 69.27 35.81
N LEU K 346 46.01 69.23 35.47
CA LEU K 346 45.32 67.96 35.31
C LEU K 346 45.96 67.12 34.22
N TYR K 347 46.56 67.76 33.21
CA TYR K 347 47.25 67.04 32.16
C TYR K 347 48.36 66.16 32.75
N HIS K 348 49.29 66.79 33.45
CA HIS K 348 50.40 66.06 34.06
C HIS K 348 49.90 65.07 35.11
N ASN K 349 48.89 65.47 35.88
CA ASN K 349 48.35 64.57 36.89
C ASN K 349 47.83 63.28 36.26
N LEU K 350 47.05 63.42 35.19
CA LEU K 350 46.52 62.24 34.51
C LEU K 350 47.64 61.40 33.92
N CYS K 351 48.62 62.04 33.27
CA CYS K 351 49.71 61.27 32.68
C CYS K 351 50.44 60.46 33.75
N THR K 352 50.80 61.10 34.86
CA THR K 352 51.52 60.41 35.91
C THR K 352 50.68 59.30 36.54
N SER K 353 49.41 59.59 36.85
CA SER K 353 48.55 58.61 37.48
C SER K 353 48.23 57.44 36.55
N LEU K 354 48.33 57.65 35.23
CA LEU K 354 48.05 56.59 34.28
C LEU K 354 49.28 55.76 33.95
N PHE K 355 50.48 56.34 34.07
CA PHE K 355 51.73 55.62 33.83
C PHE K 355 52.65 55.85 35.02
N PRO K 356 52.38 55.18 36.15
CA PRO K 356 53.20 55.42 37.35
C PRO K 356 54.48 54.61 37.40
N THR K 357 54.68 53.65 36.50
CA THR K 357 55.87 52.82 36.48
C THR K 357 56.84 53.17 35.36
N ILE K 358 56.34 53.67 34.24
CA ILE K 358 57.19 54.02 33.10
C ILE K 358 57.89 55.34 33.42
N HIS K 359 59.20 55.39 33.15
CA HIS K 359 59.99 56.58 33.38
C HIS K 359 60.26 57.28 32.05
N GLY K 360 60.21 58.62 32.08
CA GLY K 360 60.43 59.36 30.86
C GLY K 360 59.27 59.17 29.89
N ASN K 361 59.57 59.41 28.62
CA ASN K 361 58.57 59.25 27.55
C ASN K 361 57.33 60.09 27.86
N ASP K 362 57.55 61.27 28.43
CA ASP K 362 56.43 62.15 28.77
C ASP K 362 55.64 62.52 27.52
N GLU K 363 56.33 62.71 26.40
CA GLU K 363 55.62 62.99 25.15
C GLU K 363 54.69 61.85 24.77
N VAL K 364 55.17 60.62 24.91
CA VAL K 364 54.33 59.46 24.59
C VAL K 364 53.15 59.38 25.55
N LYS K 365 53.38 59.65 26.84
CA LYS K 365 52.29 59.64 27.80
C LYS K 365 51.22 60.68 27.42
N ARG K 366 51.67 61.88 27.08
CA ARG K 366 50.73 62.94 26.70
C ARG K 366 49.96 62.57 25.45
N GLY K 367 50.66 62.02 24.45
CA GLY K 367 49.99 61.62 23.22
C GLY K 367 48.96 60.53 23.46
N VAL K 368 49.28 59.56 24.30
CA VAL K 368 48.33 58.49 24.59
C VAL K 368 47.14 59.03 25.37
N LEU K 369 47.37 59.98 26.28
CA LEU K 369 46.25 60.58 26.99
C LEU K 369 45.32 61.34 26.04
N LEU K 370 45.91 62.11 25.12
CA LEU K 370 45.09 62.81 24.14
C LEU K 370 44.35 61.82 23.25
N MET K 371 44.99 60.70 22.90
CA MET K 371 44.30 59.67 22.15
C MET K 371 43.11 59.12 22.91
N LEU K 372 43.29 58.87 24.22
CA LEU K 372 42.20 58.36 25.03
C LEU K 372 41.04 59.34 25.05
N PHE K 373 41.34 60.64 25.16
CA PHE K 373 40.27 61.63 25.18
C PHE K 373 39.62 61.80 23.82
N GLY K 374 40.37 61.56 22.74
CA GLY K 374 39.82 61.61 21.41
C GLY K 374 39.49 63.02 20.97
N GLY K 375 38.99 63.13 19.74
CA GLY K 375 38.53 64.37 19.18
C GLY K 375 37.02 64.45 19.07
N VAL K 376 36.55 65.27 18.16
CA VAL K 376 35.12 65.46 17.90
C VAL K 376 34.84 65.08 16.46
N PRO K 377 34.27 63.91 16.21
CA PRO K 377 33.93 63.54 14.83
C PRO K 377 32.89 64.47 14.25
N LYS K 378 32.99 64.70 12.94
CA LYS K 378 32.09 65.63 12.26
C LYS K 378 31.76 65.09 10.88
N THR K 379 30.64 65.54 10.34
CA THR K 379 30.18 65.17 9.01
C THR K 379 29.94 66.43 8.20
N THR K 380 30.47 66.46 6.98
CA THR K 380 30.30 67.62 6.11
C THR K 380 28.93 67.58 5.43
N GLY K 381 28.57 68.72 4.83
CA GLY K 381 27.27 68.81 4.18
C GLY K 381 27.12 67.81 3.06
N GLU K 382 28.16 67.64 2.24
CA GLU K 382 28.08 66.71 1.12
C GLU K 382 28.08 65.26 1.55
N GLY K 383 28.36 64.97 2.83
CA GLY K 383 28.34 63.61 3.36
C GLY K 383 29.67 63.14 3.90
N THR K 384 30.77 63.64 3.33
CA THR K 384 32.09 63.20 3.75
C THR K 384 32.28 63.47 5.25
N SER K 385 32.82 62.47 5.95
CA SER K 385 33.00 62.54 7.38
C SER K 385 34.41 63.02 7.73
N LEU K 386 34.51 63.75 8.82
CA LEU K 386 35.78 64.25 9.34
C LEU K 386 36.15 63.43 10.56
N ARG K 387 37.11 62.52 10.40
CA ARG K 387 37.49 61.63 11.50
C ARG K 387 37.97 62.43 12.69
N GLY K 388 37.47 62.09 13.87
CA GLY K 388 37.84 62.78 15.09
C GLY K 388 38.68 61.94 16.02
N ASP K 389 38.86 60.66 15.69
CA ASP K 389 39.64 59.76 16.52
C ASP K 389 41.12 59.97 16.27
N ILE K 390 41.91 59.87 17.33
CA ILE K 390 43.36 60.09 17.28
C ILE K 390 44.06 58.75 17.15
N ASN K 391 44.96 58.64 16.18
CA ASN K 391 45.75 57.45 15.96
C ASN K 391 47.18 57.70 16.40
N VAL K 392 47.73 56.81 17.23
CA VAL K 392 49.05 56.97 17.78
C VAL K 392 49.87 55.72 17.48
N CYS K 393 51.13 55.92 17.08
CA CYS K 393 52.05 54.83 16.86
C CYS K 393 53.35 55.11 17.60
N ILE K 394 53.96 54.05 18.10
CA ILE K 394 55.22 54.14 18.85
C ILE K 394 56.24 53.26 18.15
N VAL K 395 57.32 53.87 17.67
CA VAL K 395 58.43 53.17 17.05
C VAL K 395 59.66 53.45 17.90
N GLY K 396 60.50 52.43 18.07
CA GLY K 396 61.69 52.66 18.87
C GLY K 396 62.51 51.40 19.04
N ASP K 397 63.57 51.55 19.82
CA ASP K 397 64.49 50.46 20.09
C ASP K 397 63.86 49.46 21.06
N PRO K 398 64.38 48.23 21.10
CA PRO K 398 63.79 47.21 21.99
C PRO K 398 63.89 47.61 23.45
N SER K 399 62.92 47.14 24.22
CA SER K 399 62.89 47.38 25.67
C SER K 399 62.79 48.87 25.97
N THR K 400 61.88 49.55 25.27
CA THR K 400 61.63 50.98 25.48
C THR K 400 60.24 51.25 26.06
N ALA K 401 59.54 50.21 26.53
CA ALA K 401 58.26 50.31 27.21
C ALA K 401 57.08 50.53 26.26
N LYS K 402 57.23 50.22 24.97
CA LYS K 402 56.11 50.35 24.05
C LYS K 402 54.99 49.39 24.45
N SER K 403 55.31 48.11 24.62
CA SER K 403 54.32 47.15 25.08
C SER K 403 53.78 47.54 26.43
N GLN K 404 54.59 48.15 27.29
CA GLN K 404 54.11 48.60 28.59
C GLN K 404 53.04 49.68 28.43
N PHE K 405 53.26 50.62 27.51
CA PHE K 405 52.24 51.63 27.25
C PHE K 405 50.95 50.98 26.76
N LEU K 406 51.07 50.04 25.83
CA LEU K 406 49.87 49.39 25.30
C LEU K 406 49.12 48.65 26.39
N LYS K 407 49.84 47.92 27.25
CA LYS K 407 49.20 47.15 28.31
C LYS K 407 48.58 48.06 29.36
N HIS K 408 49.24 49.18 29.69
CA HIS K 408 48.61 50.16 30.57
C HIS K 408 47.29 50.64 29.97
N VAL K 409 47.31 50.99 28.69
CA VAL K 409 46.11 51.50 28.04
C VAL K 409 45.00 50.48 28.12
N GLU K 410 45.32 49.21 27.84
CA GLU K 410 44.28 48.18 27.88
C GLU K 410 43.75 47.97 29.29
N GLU K 411 44.64 47.75 30.25
CA GLU K 411 44.19 47.44 31.60
C GLU K 411 43.42 48.61 32.22
N PHE K 412 43.62 49.83 31.70
CA PHE K 412 42.86 50.97 32.21
C PHE K 412 41.55 51.16 31.46
N SER K 413 41.61 51.35 30.15
CA SER K 413 40.46 51.78 29.37
C SER K 413 39.52 50.61 29.12
N PRO K 414 38.22 50.76 29.40
CA PRO K 414 37.25 49.80 28.89
C PRO K 414 37.09 49.95 27.39
N ARG K 415 36.56 48.91 26.76
CA ARG K 415 36.49 48.84 25.31
C ARG K 415 37.89 48.94 24.71
N ALA K 416 38.86 48.34 25.39
CA ALA K 416 40.24 48.32 24.95
C ALA K 416 40.64 46.87 24.69
N VAL K 417 41.20 46.61 23.51
CA VAL K 417 41.53 45.25 23.10
C VAL K 417 42.99 45.18 22.69
N TYR K 418 43.55 43.97 22.77
CA TYR K 418 44.94 43.70 22.42
C TYR K 418 45.00 42.84 21.16
N THR K 419 46.03 43.10 20.36
CA THR K 419 46.40 42.17 19.30
C THR K 419 47.89 42.29 19.05
N SER K 420 48.47 41.22 18.52
CA SER K 420 49.90 41.13 18.26
C SER K 420 50.16 41.15 16.76
N GLY K 421 51.41 40.96 16.37
CA GLY K 421 51.78 41.03 14.98
C GLY K 421 50.93 40.17 14.08
N LYS K 422 51.08 38.85 14.19
CA LYS K 422 50.32 37.92 13.36
C LYS K 422 49.70 36.81 14.18
N ALA K 423 49.32 37.11 15.43
CA ALA K 423 48.54 36.20 16.24
C ALA K 423 47.05 36.30 15.95
N SER K 424 46.65 37.18 15.03
CA SER K 424 45.25 37.41 14.70
C SER K 424 45.03 37.24 13.20
N SER K 425 43.86 36.73 12.85
CA SER K 425 43.44 36.59 11.46
C SER K 425 42.54 37.76 11.08
N ALA K 426 42.28 37.89 9.78
CA ALA K 426 41.44 38.98 9.32
C ALA K 426 40.03 38.87 9.87
N ALA K 427 39.46 37.67 9.83
CA ALA K 427 38.10 37.48 10.32
C ALA K 427 38.01 37.76 11.82
N GLY K 428 38.96 37.24 12.59
CA GLY K 428 38.97 37.50 14.01
C GLY K 428 39.31 38.94 14.37
N LEU K 429 39.95 39.65 13.47
CA LEU K 429 40.32 41.05 13.70
C LEU K 429 39.21 42.01 13.34
N THR K 430 38.35 41.65 12.38
CA THR K 430 37.28 42.53 11.95
C THR K 430 35.89 42.00 12.32
N ALA K 431 35.50 40.83 11.81
CA ALA K 431 34.19 40.28 12.10
C ALA K 431 34.04 38.95 11.38
N ALA K 432 33.08 38.15 11.84
CA ALA K 432 32.71 36.91 11.17
C ALA K 432 31.20 36.76 11.23
N VAL K 433 30.68 35.89 10.37
CA VAL K 433 29.24 35.66 10.27
C VAL K 433 28.95 34.18 10.50
N VAL K 434 28.00 33.88 11.36
CA VAL K 434 27.59 32.51 11.65
C VAL K 434 26.07 32.45 11.75
N ARG K 435 25.48 31.44 11.12
CA ARG K 435 24.03 31.32 11.14
C ARG K 435 23.53 31.08 12.56
N ASP K 436 22.35 31.60 12.86
CA ASP K 436 21.72 31.39 14.16
C ASP K 436 21.02 30.04 14.12
N GLU K 437 21.50 29.09 14.93
CA GLU K 437 20.92 27.77 14.93
C GLU K 437 19.46 27.76 15.37
N GLU K 438 19.01 28.82 16.04
CA GLU K 438 17.65 28.88 16.56
C GLU K 438 16.65 29.48 15.58
N SER K 439 17.11 30.03 14.46
CA SER K 439 16.21 30.67 13.50
C SER K 439 16.94 30.82 12.17
N HIS K 440 16.37 31.60 11.27
CA HIS K 440 16.97 31.86 9.96
C HIS K 440 17.96 33.01 9.97
N GLU K 441 18.09 33.72 11.09
CA GLU K 441 18.93 34.91 11.13
C GLU K 441 20.41 34.54 11.13
N PHE K 442 21.26 35.56 11.09
CA PHE K 442 22.70 35.39 11.12
C PHE K 442 23.28 36.29 12.21
N VAL K 443 24.13 35.72 13.06
CA VAL K 443 24.81 36.47 14.10
C VAL K 443 26.18 36.88 13.59
N ILE K 444 26.60 38.08 13.99
CA ILE K 444 27.91 38.63 13.64
C ILE K 444 28.78 38.49 14.88
N GLU K 445 29.82 37.65 14.77
CA GLU K 445 30.81 37.54 15.83
C GLU K 445 31.82 38.67 15.67
N ALA K 446 31.93 39.51 16.69
CA ALA K 446 32.70 40.73 16.61
C ALA K 446 34.20 40.44 16.65
N GLY K 447 34.96 41.26 15.92
CA GLY K 447 36.41 41.20 15.95
C GLY K 447 36.99 42.15 16.97
N ALA K 448 38.33 42.23 16.97
CA ALA K 448 39.02 43.07 17.94
C ALA K 448 38.64 44.54 17.75
N LEU K 449 38.63 45.02 16.51
CA LEU K 449 38.25 46.40 16.25
C LEU K 449 36.83 46.67 16.70
N MET K 450 35.93 45.70 16.50
CA MET K 450 34.54 45.88 16.89
C MET K 450 34.40 45.96 18.40
N LEU K 451 35.04 45.02 19.11
CA LEU K 451 34.98 45.05 20.58
C LEU K 451 35.61 46.32 21.13
N ALA K 452 36.58 46.88 20.42
CA ALA K 452 37.19 48.14 20.82
C ALA K 452 36.43 49.36 20.31
N ASP K 453 35.39 49.15 19.50
CA ASP K 453 34.60 50.27 18.99
C ASP K 453 34.25 51.23 20.11
N ASN K 454 34.33 52.52 19.82
CA ASN K 454 34.20 53.59 20.80
C ASN K 454 35.34 53.57 21.81
N GLY K 455 36.35 52.74 21.59
CA GLY K 455 37.46 52.63 22.52
C GLY K 455 38.79 52.52 21.80
N VAL K 456 39.65 51.62 22.27
CA VAL K 456 41.05 51.57 21.84
C VAL K 456 41.38 50.16 21.36
N CYS K 457 42.07 50.08 20.24
CA CYS K 457 42.67 48.84 19.77
C CYS K 457 44.18 49.02 19.83
N CYS K 458 44.85 48.16 20.60
CA CYS K 458 46.29 48.24 20.80
C CYS K 458 46.94 47.12 20.00
N ILE K 459 47.69 47.50 18.98
CA ILE K 459 48.29 46.57 18.03
C ILE K 459 49.79 46.58 18.30
N ASP K 460 50.28 45.60 19.05
CA ASP K 460 51.70 45.49 19.30
C ASP K 460 52.35 44.67 18.20
N GLU K 461 53.65 44.90 17.99
CA GLU K 461 54.37 44.27 16.88
C GLU K 461 53.67 44.55 15.55
N PHE K 462 53.21 45.79 15.40
CA PHE K 462 52.38 46.14 14.25
C PHE K 462 53.12 45.89 12.94
N ASP K 463 54.42 46.17 12.91
CA ASP K 463 55.17 46.06 11.67
C ASP K 463 55.13 44.65 11.10
N LYS K 464 54.94 43.64 11.95
CA LYS K 464 54.94 42.25 11.52
C LYS K 464 53.56 41.77 11.07
N MET K 465 52.54 42.60 11.19
CA MET K 465 51.20 42.19 10.79
C MET K 465 51.17 41.90 9.29
N ASP K 466 50.40 40.89 8.92
CA ASP K 466 50.40 40.43 7.54
C ASP K 466 49.74 41.44 6.62
N VAL K 467 49.96 41.28 5.32
CA VAL K 467 49.50 42.26 4.34
C VAL K 467 47.98 42.35 4.36
N ARG K 468 47.30 41.20 4.41
CA ARG K 468 45.84 41.22 4.40
C ARG K 468 45.30 41.91 5.64
N ASP K 469 45.83 41.55 6.81
CA ASP K 469 45.42 42.20 8.04
C ASP K 469 45.79 43.68 8.03
N GLN K 470 46.91 44.03 7.40
CA GLN K 470 47.26 45.44 7.28
C GLN K 470 46.24 46.19 6.44
N VAL K 471 45.77 45.57 5.35
CA VAL K 471 44.74 46.21 4.54
C VAL K 471 43.46 46.38 5.35
N ALA K 472 43.08 45.35 6.10
CA ALA K 472 41.86 45.43 6.90
C ALA K 472 41.95 46.56 7.94
N ILE K 473 43.08 46.62 8.65
CA ILE K 473 43.23 47.65 9.67
C ILE K 473 43.30 49.03 9.03
N HIS K 474 43.92 49.12 7.85
CA HIS K 474 43.94 50.40 7.13
C HIS K 474 42.53 50.86 6.80
N GLU K 475 41.70 49.95 6.29
CA GLU K 475 40.32 50.31 5.98
C GLU K 475 39.59 50.76 7.24
N ALA K 476 39.79 50.05 8.34
CA ALA K 476 39.14 50.43 9.59
C ALA K 476 39.58 51.83 10.04
N MET K 477 40.88 52.12 9.95
CA MET K 477 41.38 53.42 10.38
C MET K 477 40.87 54.53 9.46
N GLU K 478 40.74 54.24 8.17
CA GLU K 478 40.37 55.28 7.21
C GLU K 478 38.87 55.57 7.24
N GLN K 479 38.05 54.57 6.94
CA GLN K 479 36.61 54.78 6.83
C GLN K 479 35.87 54.56 8.14
N GLN K 480 36.54 54.08 9.18
CA GLN K 480 35.92 53.85 10.48
C GLN K 480 34.69 52.96 10.37
N THR K 481 34.70 52.06 9.39
CA THR K 481 33.61 51.10 9.23
C THR K 481 34.19 49.80 8.70
N ILE K 482 33.44 48.72 8.92
CA ILE K 482 33.81 47.39 8.44
C ILE K 482 32.64 46.84 7.65
N SER K 483 32.92 46.37 6.44
CA SER K 483 31.90 45.82 5.55
C SER K 483 32.11 44.32 5.41
N ILE K 484 31.06 43.55 5.66
CA ILE K 484 31.09 42.10 5.54
C ILE K 484 30.05 41.69 4.51
N THR K 485 30.49 40.91 3.51
CA THR K 485 29.60 40.30 2.52
C THR K 485 29.93 38.81 2.54
N LYS K 486 29.34 38.09 3.49
CA LYS K 486 29.72 36.71 3.76
C LYS K 486 28.51 35.92 4.22
N ALA K 487 28.56 34.61 3.97
CA ALA K 487 27.63 33.66 4.54
C ALA K 487 26.18 34.11 4.40
N GLY K 488 25.84 34.56 3.19
CA GLY K 488 24.47 34.87 2.87
C GLY K 488 23.94 36.17 3.43
N VAL K 489 24.79 37.01 4.01
CA VAL K 489 24.35 38.27 4.60
C VAL K 489 25.37 39.36 4.30
N LYS K 490 24.87 40.59 4.21
CA LYS K 490 25.69 41.78 4.09
C LYS K 490 25.47 42.67 5.31
N ALA K 491 26.53 43.37 5.72
CA ALA K 491 26.42 44.20 6.91
C ALA K 491 27.57 45.19 6.97
N THR K 492 27.25 46.44 7.26
CA THR K 492 28.24 47.47 7.55
C THR K 492 28.15 47.81 9.03
N LEU K 493 29.28 47.85 9.71
CA LEU K 493 29.33 48.07 11.15
C LEU K 493 30.32 49.18 11.46
N ASN K 494 29.87 50.16 12.23
CA ASN K 494 30.73 51.28 12.59
C ASN K 494 31.82 50.82 13.54
N ALA K 495 33.07 51.20 13.24
CA ALA K 495 34.23 50.88 14.06
C ALA K 495 34.92 52.21 14.35
N ARG K 496 34.53 52.86 15.45
CA ARG K 496 35.10 54.13 15.86
C ARG K 496 36.32 53.95 16.74
N THR K 497 37.05 52.86 16.56
CA THR K 497 38.24 52.58 17.34
C THR K 497 39.31 53.63 17.12
N SER K 498 40.08 53.89 18.17
CA SER K 498 41.35 54.60 18.05
C SER K 498 42.47 53.58 18.16
N ILE K 499 43.44 53.66 17.26
CA ILE K 499 44.48 52.65 17.13
C ILE K 499 45.74 53.17 17.81
N LEU K 500 46.23 52.41 18.80
CA LEU K 500 47.52 52.62 19.41
C LEU K 500 48.42 51.47 18.99
N ALA K 501 49.39 51.76 18.13
CA ALA K 501 50.24 50.75 17.55
C ALA K 501 51.64 50.84 18.13
N ALA K 502 52.32 49.71 18.15
CA ALA K 502 53.73 49.63 18.49
C ALA K 502 54.45 48.86 17.41
N ALA K 503 55.52 49.44 16.89
CA ALA K 503 56.28 48.83 15.80
C ALA K 503 57.77 48.91 16.11
N ASN K 504 58.52 47.98 15.51
CA ASN K 504 59.96 47.94 15.67
C ASN K 504 60.64 48.36 14.37
N PRO K 505 61.63 49.25 14.42
CA PRO K 505 62.30 49.66 13.17
C PRO K 505 62.95 48.47 12.50
N ILE K 506 63.01 48.52 11.16
CA ILE K 506 63.77 47.53 10.43
C ILE K 506 65.18 47.47 10.99
N SER K 507 65.70 46.26 11.16
CA SER K 507 66.99 45.98 11.79
C SER K 507 66.89 46.04 13.31
N GLY K 508 65.71 46.28 13.88
CA GLY K 508 65.52 46.27 15.30
C GLY K 508 65.85 47.57 16.00
N HIS K 509 66.83 48.32 15.49
CA HIS K 509 67.24 49.59 16.07
C HIS K 509 66.91 50.73 15.13
N TYR K 510 66.42 51.83 15.69
CA TYR K 510 66.01 52.98 14.89
C TYR K 510 67.24 53.73 14.42
N ASP K 511 67.53 53.65 13.13
CA ASP K 511 68.65 54.39 12.55
C ASP K 511 68.30 55.86 12.46
N ARG K 512 68.91 56.68 13.32
CA ARG K 512 68.56 58.09 13.37
C ARG K 512 68.89 58.83 12.09
N SER K 513 69.71 58.24 11.22
CA SER K 513 70.10 58.87 9.97
C SER K 513 69.17 58.53 8.82
N LYS K 514 67.92 58.18 9.12
CA LYS K 514 66.94 57.85 8.09
C LYS K 514 65.58 58.37 8.52
N SER K 515 64.67 58.47 7.55
CA SER K 515 63.30 58.86 7.81
C SER K 515 62.50 57.66 8.30
N LEU K 516 61.34 57.95 8.90
CA LEU K 516 60.46 56.87 9.34
C LEU K 516 60.10 55.95 8.18
N LYS K 517 59.96 56.53 6.98
CA LYS K 517 59.65 55.71 5.80
C LYS K 517 60.73 54.66 5.58
N GLN K 518 62.00 55.04 5.74
CA GLN K 518 63.09 54.10 5.56
C GLN K 518 63.33 53.24 6.80
N ASN K 519 62.78 53.61 7.94
CA ASN K 519 63.01 52.85 9.17
C ASN K 519 61.96 51.75 9.37
N ILE K 520 60.69 52.11 9.39
CA ILE K 520 59.62 51.16 9.66
C ILE K 520 59.07 50.65 8.33
N ASN K 521 58.52 49.44 8.36
CA ASN K 521 58.03 48.75 7.18
C ASN K 521 56.56 49.02 6.91
N LEU K 522 55.91 49.87 7.70
CA LEU K 522 54.50 50.17 7.48
C LEU K 522 54.30 50.81 6.11
N SER K 523 53.15 50.50 5.50
CA SER K 523 52.83 51.09 4.20
C SER K 523 52.56 52.58 4.35
N ALA K 524 52.66 53.28 3.23
CA ALA K 524 52.47 54.74 3.25
C ALA K 524 51.08 55.12 3.73
N PRO K 525 49.99 54.52 3.25
CA PRO K 525 48.66 54.91 3.77
C PRO K 525 48.53 54.68 5.27
N ILE K 526 49.03 53.55 5.76
CA ILE K 526 48.92 53.25 7.18
C ILE K 526 49.71 54.26 8.00
N MET K 527 50.91 54.59 7.54
CA MET K 527 51.70 55.62 8.22
C MET K 527 50.96 56.96 8.22
N SER K 528 50.37 57.32 7.08
CA SER K 528 49.69 58.61 6.97
C SER K 528 48.51 58.69 7.93
N ARG K 529 47.74 57.62 8.05
CA ARG K 529 46.54 57.65 8.87
C ARG K 529 46.83 57.77 10.37
N PHE K 530 48.09 57.88 10.78
CA PHE K 530 48.44 58.03 12.19
C PHE K 530 48.62 59.49 12.52
N ASP K 531 47.95 59.94 13.59
CA ASP K 531 48.09 61.33 14.01
C ASP K 531 49.45 61.59 14.64
N LEU K 532 49.91 60.70 15.51
CA LEU K 532 51.16 60.89 16.23
C LEU K 532 52.08 59.71 15.99
N PHE K 533 53.36 60.02 15.76
CA PHE K 533 54.44 59.03 15.65
C PHE K 533 55.48 59.36 16.71
N PHE K 534 55.59 58.53 17.74
CA PHE K 534 56.52 58.76 18.83
C PHE K 534 57.73 57.84 18.66
N ILE K 535 58.92 58.45 18.62
CA ILE K 535 60.16 57.72 18.47
C ILE K 535 60.83 57.59 19.82
N LEU K 536 61.16 56.36 20.21
CA LEU K 536 61.83 56.06 21.47
C LEU K 536 63.14 55.36 21.14
N VAL K 537 64.18 56.15 20.91
CA VAL K 537 65.51 55.62 20.63
C VAL K 537 66.26 55.49 21.95
N ASP K 538 66.82 54.32 22.20
CA ASP K 538 67.52 54.06 23.46
C ASP K 538 68.75 54.95 23.54
N GLU K 539 68.70 55.95 24.42
CA GLU K 539 69.86 56.81 24.65
C GLU K 539 70.79 56.13 25.63
N CYS K 540 72.03 55.91 25.23
CA CYS K 540 73.02 55.25 26.08
C CYS K 540 73.61 56.25 27.08
N ASN K 541 72.72 56.83 27.88
CA ASN K 541 73.06 57.83 28.87
C ASN K 541 73.03 57.21 30.25
N GLU K 542 74.12 57.39 31.00
CA GLU K 542 74.22 56.76 32.32
C GLU K 542 73.16 57.31 33.27
N VAL K 543 72.85 58.61 33.17
CA VAL K 543 71.84 59.19 34.05
C VAL K 543 70.47 58.57 33.78
N THR K 544 70.11 58.45 32.50
CA THR K 544 68.83 57.83 32.16
C THR K 544 68.80 56.37 32.60
N ASP K 545 69.91 55.66 32.40
CA ASP K 545 69.97 54.27 32.84
C ASP K 545 69.79 54.15 34.35
N TYR K 546 70.42 55.05 35.10
CA TYR K 546 70.25 55.04 36.55
C TYR K 546 68.80 55.31 36.93
N ALA K 547 68.17 56.29 36.28
CA ALA K 547 66.78 56.57 36.59
C ALA K 547 65.89 55.37 36.31
N ILE K 548 66.09 54.73 35.15
CA ILE K 548 65.29 53.55 34.81
C ILE K 548 65.53 52.44 35.82
N ALA K 549 66.78 52.21 36.20
CA ALA K 549 67.09 51.14 37.14
C ALA K 549 66.45 51.42 38.49
N ARG K 550 66.54 52.66 38.98
CA ARG K 550 65.92 52.98 40.25
C ARG K 550 64.42 52.77 40.19
N ARG K 551 63.78 53.22 39.11
CA ARG K 551 62.33 53.03 38.98
C ARG K 551 61.97 51.55 39.01
N ILE K 552 62.66 50.74 38.20
CA ILE K 552 62.32 49.32 38.09
C ILE K 552 62.57 48.61 39.41
N VAL K 553 63.70 48.89 40.05
CA VAL K 553 64.06 48.18 41.27
C VAL K 553 63.12 48.58 42.40
N ASP K 554 62.76 49.86 42.49
CA ASP K 554 61.78 50.26 43.50
C ASP K 554 60.45 49.59 43.25
N LEU K 555 60.03 49.50 41.98
CA LEU K 555 58.80 48.79 41.66
C LEU K 555 58.85 47.35 42.16
N HIS K 556 59.91 46.63 41.82
CA HIS K 556 60.00 45.23 42.21
C HIS K 556 60.20 45.04 43.71
N SER K 557 60.73 46.05 44.40
CA SER K 557 60.92 45.94 45.84
C SER K 557 59.61 46.19 46.59
N ARG K 558 59.01 47.35 46.37
CA ARG K 558 57.76 47.72 47.02
C ARG K 558 56.65 47.63 45.98
N ILE K 559 55.95 46.49 45.96
CA ILE K 559 54.93 46.26 44.94
C ILE K 559 53.67 47.06 45.26
N GLU K 560 53.07 46.82 46.43
CA GLU K 560 51.87 47.56 46.80
C GLU K 560 52.17 49.04 46.91
N GLU K 561 53.30 49.40 47.53
CA GLU K 561 53.71 50.78 47.63
C GLU K 561 54.46 51.17 46.35
N SER K 562 55.08 52.34 46.35
CA SER K 562 55.78 52.92 45.21
C SER K 562 54.82 53.34 44.10
N ILE K 563 53.52 53.21 44.31
CA ILE K 563 52.52 53.59 43.32
C ILE K 563 51.53 54.51 44.04
N ASP K 564 51.79 55.81 44.00
CA ASP K 564 50.91 56.83 44.57
C ASP K 564 50.35 57.65 43.42
N ARG K 565 49.09 57.42 43.09
CA ARG K 565 48.42 58.07 41.99
C ARG K 565 47.47 59.13 42.53
N VAL K 566 47.58 60.35 42.02
CA VAL K 566 46.74 61.45 42.50
C VAL K 566 45.27 61.13 42.26
N TYR K 567 44.97 60.50 41.13
CA TYR K 567 43.59 60.15 40.76
C TYR K 567 43.47 58.64 40.66
N SER K 568 42.44 58.08 41.29
CA SER K 568 42.20 56.65 41.19
C SER K 568 41.87 56.27 39.75
N LEU K 569 42.17 55.03 39.40
CA LEU K 569 41.92 54.58 38.03
C LEU K 569 40.44 54.61 37.70
N ASP K 570 39.59 54.18 38.63
CA ASP K 570 38.15 54.21 38.39
C ASP K 570 37.65 55.64 38.28
N ASP K 571 38.18 56.55 39.10
CA ASP K 571 37.81 57.95 38.98
C ASP K 571 38.21 58.52 37.63
N ILE K 572 39.40 58.15 37.14
CA ILE K 572 39.82 58.61 35.82
C ILE K 572 38.89 58.05 34.75
N ARG K 573 38.47 56.79 34.90
CA ARG K 573 37.53 56.21 33.95
C ARG K 573 36.22 57.00 33.93
N ARG K 574 35.69 57.31 35.11
CA ARG K 574 34.44 58.06 35.17
C ARG K 574 34.60 59.44 34.56
N TYR K 575 35.71 60.12 34.87
CA TYR K 575 35.93 61.45 34.33
C TYR K 575 36.08 61.41 32.81
N LEU K 576 36.77 60.40 32.30
CA LEU K 576 36.91 60.26 30.85
C LEU K 576 35.57 60.01 30.19
N LEU K 577 34.74 59.16 30.80
CA LEU K 577 33.41 58.92 30.25
C LEU K 577 32.58 60.21 30.24
N PHE K 578 32.66 60.98 31.32
CA PHE K 578 31.92 62.23 31.38
C PHE K 578 32.42 63.23 30.34
N ALA K 579 33.73 63.31 30.16
CA ALA K 579 34.30 64.29 29.24
C ALA K 579 34.09 63.91 27.78
N ARG K 580 34.03 62.62 27.48
CA ARG K 580 33.86 62.21 26.09
C ARG K 580 32.58 62.75 25.48
N GLN K 581 31.59 63.10 26.31
CA GLN K 581 30.34 63.64 25.78
C GLN K 581 30.53 65.07 25.27
N PHE K 582 31.41 65.85 25.89
CA PHE K 582 31.65 67.21 25.43
C PHE K 582 32.17 67.22 24.01
N LYS K 583 31.70 68.18 23.22
CA LYS K 583 32.09 68.35 21.82
C LYS K 583 32.52 69.79 21.62
N PRO K 584 33.71 70.16 22.10
CA PRO K 584 34.10 71.57 22.08
C PRO K 584 34.12 72.13 20.66
N LYS K 585 33.74 73.40 20.54
CA LYS K 585 33.73 74.10 19.27
C LYS K 585 34.99 74.95 19.11
N ILE K 586 35.26 75.36 17.88
CA ILE K 586 36.45 76.12 17.55
C ILE K 586 36.07 77.59 17.47
N SER K 587 36.63 78.40 18.36
CA SER K 587 36.39 79.83 18.35
C SER K 587 37.18 80.50 17.23
N LYS K 588 36.91 81.79 17.01
CA LYS K 588 37.57 82.50 15.92
C LYS K 588 39.03 82.80 16.25
N GLU K 589 39.30 83.24 17.48
CA GLU K 589 40.69 83.42 17.89
C GLU K 589 41.42 82.09 17.88
N SER K 590 40.73 81.01 18.27
CA SER K 590 41.33 79.68 18.19
C SER K 590 41.66 79.32 16.75
N GLU K 591 40.77 79.65 15.80
CA GLU K 591 41.06 79.37 14.40
C GLU K 591 42.26 80.17 13.92
N ASP K 592 42.35 81.44 14.31
CA ASP K 592 43.52 82.24 13.94
C ASP K 592 44.79 81.64 14.50
N PHE K 593 44.77 81.22 15.76
CA PHE K 593 45.94 80.60 16.37
C PHE K 593 46.28 79.29 15.66
N ILE K 594 45.25 78.52 15.26
CA ILE K 594 45.48 77.25 14.59
C ILE K 594 46.18 77.48 13.25
N VAL K 595 45.70 78.46 12.48
CA VAL K 595 46.34 78.74 11.20
C VAL K 595 47.76 79.24 11.41
N GLU K 596 47.99 80.04 12.45
CA GLU K 596 49.35 80.50 12.73
C GLU K 596 50.27 79.33 13.09
N GLN K 597 49.79 78.40 13.91
CA GLN K 597 50.63 77.27 14.29
C GLN K 597 50.91 76.36 13.10
N TYR K 598 49.91 76.15 12.24
CA TYR K 598 50.17 75.37 11.03
C TYR K 598 51.15 76.09 10.12
N LYS K 599 51.07 77.42 10.07
CA LYS K 599 52.05 78.20 9.33
C LYS K 599 53.46 77.93 9.85
N HIS K 600 53.63 78.00 11.17
CA HIS K 600 54.95 77.73 11.74
C HIS K 600 55.40 76.31 11.43
N LEU K 601 54.50 75.35 11.54
CA LEU K 601 54.86 73.95 11.30
C LEU K 601 55.31 73.75 9.86
N ARG K 602 54.58 74.31 8.90
CA ARG K 602 54.97 74.19 7.51
C ARG K 602 56.29 74.90 7.24
N GLN K 603 56.46 76.10 7.81
CA GLN K 603 57.73 76.81 7.64
C GLN K 603 58.89 75.99 8.17
N ARG K 604 58.68 75.23 9.24
CA ARG K 604 59.73 74.37 9.77
C ARG K 604 60.17 73.34 8.74
N ASP K 605 59.33 73.04 7.75
CA ASP K 605 59.67 72.06 6.71
C ASP K 605 60.45 72.66 5.55
N GLY K 606 60.63 73.98 5.53
CA GLY K 606 61.31 74.62 4.43
C GLY K 606 62.71 74.07 4.21
N SER K 607 63.28 74.44 3.07
CA SER K 607 64.62 73.98 2.72
C SER K 607 65.65 74.59 3.67
N GLY K 608 66.91 74.17 3.51
CA GLY K 608 67.99 74.68 4.32
C GLY K 608 68.07 74.03 5.69
N VAL K 609 66.97 74.10 6.45
CA VAL K 609 66.97 73.50 7.77
C VAL K 609 67.17 71.99 7.64
N THR K 610 67.61 71.38 8.75
CA THR K 610 67.84 69.94 8.75
C THR K 610 66.58 69.19 8.36
N LYS K 611 66.75 68.15 7.54
CA LYS K 611 65.61 67.34 7.10
C LYS K 611 64.96 66.69 8.31
N SER K 612 63.62 66.60 8.28
CA SER K 612 62.85 66.02 9.36
C SER K 612 62.53 64.55 9.05
N SER K 613 62.13 63.84 10.11
CA SER K 613 61.80 62.42 9.95
C SER K 613 60.73 62.22 8.89
N TRP K 614 59.60 62.92 9.04
CA TRP K 614 58.56 62.90 8.03
C TRP K 614 58.04 64.32 7.84
N ARG K 615 57.56 64.60 6.63
CA ARG K 615 57.22 65.95 6.25
C ARG K 615 55.95 66.40 6.96
N ILE K 616 55.51 67.62 6.65
CA ILE K 616 54.32 68.22 7.25
C ILE K 616 53.35 68.51 6.11
N THR K 617 52.12 68.04 6.27
CA THR K 617 51.06 68.25 5.30
C THR K 617 49.80 68.69 6.02
N VAL K 618 48.76 69.01 5.24
CA VAL K 618 47.48 69.41 5.82
C VAL K 618 46.94 68.35 6.77
N ARG K 619 47.36 67.10 6.61
CA ARG K 619 47.01 66.09 7.60
C ARG K 619 47.55 66.47 8.96
N GLN K 620 48.71 67.15 9.01
CA GLN K 620 49.22 67.61 10.29
C GLN K 620 48.35 68.71 10.88
N LEU K 621 47.80 69.60 10.04
CA LEU K 621 46.84 70.57 10.53
C LEU K 621 45.60 69.88 11.08
N GLU K 622 45.12 68.86 10.38
CA GLU K 622 43.94 68.12 10.86
C GLU K 622 44.23 67.46 12.21
N SER K 623 45.42 66.87 12.34
CA SER K 623 45.80 66.26 13.61
C SER K 623 45.93 67.30 14.71
N MET K 624 46.45 68.49 14.37
CA MET K 624 46.52 69.56 15.36
C MET K 624 45.13 69.97 15.82
N ILE K 625 44.19 70.05 14.88
CA ILE K 625 42.81 70.36 15.24
C ILE K 625 42.27 69.31 16.19
N ARG K 626 42.51 68.03 15.86
CA ARG K 626 42.02 66.95 16.71
C ARG K 626 42.64 67.03 18.10
N LEU K 627 43.93 67.31 18.18
CA LEU K 627 44.60 67.39 19.48
C LEU K 627 44.09 68.56 20.31
N SER K 628 43.85 69.70 19.67
CA SER K 628 43.27 70.83 20.39
C SER K 628 41.87 70.51 20.89
N GLU K 629 41.07 69.85 20.06
CA GLU K 629 39.75 69.40 20.50
C GLU K 629 39.88 68.44 21.68
N ALA K 630 40.88 67.56 21.64
CA ALA K 630 41.09 66.63 22.74
C ALA K 630 41.46 67.37 24.03
N MET K 631 42.29 68.40 23.92
CA MET K 631 42.63 69.20 25.09
C MET K 631 41.39 69.87 25.67
N ALA K 632 40.56 70.45 24.81
CA ALA K 632 39.33 71.08 25.27
C ALA K 632 38.43 70.06 25.95
N ARG K 633 38.29 68.87 25.35
CA ARG K 633 37.47 67.82 25.92
C ARG K 633 38.01 67.38 27.28
N MET K 634 39.33 67.27 27.39
CA MET K 634 39.95 66.93 28.67
C MET K 634 39.61 67.96 29.73
N HIS K 635 39.67 69.24 29.38
CA HIS K 635 39.35 70.29 30.34
C HIS K 635 37.85 70.54 30.47
N CYS K 636 37.02 69.79 29.74
CA CYS K 636 35.56 69.91 29.84
C CYS K 636 35.08 71.28 29.40
N CYS K 637 35.84 71.94 28.54
CA CYS K 637 35.45 73.23 27.99
C CYS K 637 34.69 73.02 26.69
N ASP K 638 33.61 73.76 26.52
CA ASP K 638 32.76 73.63 25.33
C ASP K 638 33.34 74.34 24.12
N GLU K 639 34.49 74.99 24.24
CA GLU K 639 35.11 75.66 23.10
C GLU K 639 36.62 75.62 23.27
N VAL K 640 37.32 75.22 22.19
CA VAL K 640 38.78 75.16 22.25
C VAL K 640 39.33 76.56 22.45
N GLN K 641 40.58 76.62 22.90
CA GLN K 641 41.17 77.88 23.32
C GLN K 641 42.62 77.99 22.87
N PRO K 642 43.17 79.21 22.87
CA PRO K 642 44.58 79.38 22.52
C PRO K 642 45.51 78.43 23.27
N LYS K 643 45.30 78.22 24.56
CA LYS K 643 46.17 77.32 25.30
C LYS K 643 46.08 75.90 24.76
N HIS K 644 44.87 75.44 24.45
CA HIS K 644 44.70 74.09 23.92
C HIS K 644 45.41 73.94 22.59
N VAL K 645 45.21 74.90 21.68
CA VAL K 645 45.86 74.79 20.38
C VAL K 645 47.38 74.87 20.52
N LYS K 646 47.86 75.71 21.43
CA LYS K 646 49.30 75.82 21.65
C LYS K 646 49.87 74.51 22.15
N GLU K 647 49.19 73.86 23.10
CA GLU K 647 49.66 72.58 23.59
C GLU K 647 49.66 71.53 22.49
N ALA K 648 48.63 71.52 21.66
CA ALA K 648 48.58 70.55 20.57
C ALA K 648 49.72 70.76 19.60
N PHE K 649 49.99 72.01 19.22
CA PHE K 649 51.09 72.29 18.31
C PHE K 649 52.42 71.92 18.94
N ARG K 650 52.61 72.23 20.22
CA ARG K 650 53.84 71.86 20.90
C ARG K 650 54.04 70.35 20.89
N LEU K 651 52.99 69.60 21.17
CA LEU K 651 53.10 68.15 21.19
C LEU K 651 53.46 67.62 19.81
N LEU K 652 52.80 68.12 18.77
CA LEU K 652 53.10 67.66 17.41
C LEU K 652 54.53 68.00 17.02
N ASN K 653 54.98 69.22 17.33
CA ASN K 653 56.32 69.65 16.97
C ASN K 653 57.37 68.81 17.70
N LYS K 654 57.14 68.52 18.98
CA LYS K 654 58.09 67.69 19.71
C LYS K 654 58.08 66.25 19.20
N SER K 655 56.90 65.75 18.82
CA SER K 655 56.82 64.40 18.28
C SER K 655 57.62 64.27 17.00
N ILE K 656 57.49 65.24 16.10
CA ILE K 656 58.33 65.24 14.90
C ILE K 656 59.78 65.49 15.33
N ILE K 657 60.69 64.67 14.81
CA ILE K 657 62.08 64.66 15.25
C ILE K 657 62.99 65.00 14.08
N ARG K 658 64.10 65.67 14.40
CA ARG K 658 65.07 66.06 13.38
C ARG K 658 65.94 64.87 12.98
N VAL K 659 66.07 64.64 11.68
CA VAL K 659 66.98 63.61 11.20
C VAL K 659 68.42 64.07 11.42
N GLU K 660 69.28 63.14 11.82
CA GLU K 660 70.69 63.40 12.06
C GLU K 660 71.51 62.52 11.14
N THR K 661 72.29 63.14 10.25
CA THR K 661 73.13 62.44 9.30
C THR K 661 74.57 62.93 9.41
N PRO K 662 75.56 62.08 9.10
CA PRO K 662 76.95 62.51 9.23
C PRO K 662 77.51 63.12 7.95
N TYR K 720 77.48 69.79 9.01
CA TYR K 720 76.09 69.73 8.58
C TYR K 720 75.63 71.07 8.04
N CYS K 721 76.49 72.08 8.12
CA CYS K 721 76.22 73.40 7.59
C CYS K 721 76.55 73.52 6.10
N ARG K 722 77.10 72.46 5.51
CA ARG K 722 77.46 72.48 4.10
C ARG K 722 76.27 72.79 3.21
N ILE K 723 75.08 72.34 3.59
CA ILE K 723 73.90 72.51 2.75
C ILE K 723 73.56 73.99 2.59
N SER K 724 73.77 74.78 3.64
CA SER K 724 73.51 76.22 3.54
C SER K 724 74.39 76.85 2.47
N ASN K 725 75.69 76.55 2.48
CA ASN K 725 76.57 77.08 1.45
C ASN K 725 76.15 76.59 0.07
N LEU K 726 75.81 75.30 -0.03
CA LEU K 726 75.41 74.75 -1.32
C LEU K 726 74.20 75.49 -1.88
N ILE K 727 73.17 75.68 -1.07
CA ILE K 727 71.95 76.29 -1.57
C ILE K 727 72.18 77.77 -1.88
N VAL K 728 72.97 78.47 -1.06
CA VAL K 728 73.19 79.89 -1.35
C VAL K 728 73.95 80.05 -2.66
N LEU K 729 74.99 79.24 -2.88
CA LEU K 729 75.74 79.37 -4.13
C LEU K 729 74.90 78.94 -5.33
N HIS K 730 74.05 77.91 -5.16
CA HIS K 730 73.15 77.54 -6.25
C HIS K 730 72.15 78.65 -6.55
N LEU K 731 71.63 79.31 -5.52
CA LEU K 731 70.73 80.44 -5.73
C LEU K 731 71.43 81.56 -6.48
N ARG K 732 72.68 81.85 -6.10
CA ARG K 732 73.42 82.89 -6.81
C ARG K 732 73.64 82.52 -8.27
N LYS K 733 73.96 81.26 -8.54
CA LYS K 733 74.14 80.83 -9.92
C LYS K 733 72.84 80.98 -10.71
N VAL K 734 71.71 80.54 -10.13
CA VAL K 734 70.43 80.63 -10.82
C VAL K 734 70.08 82.10 -11.08
N GLU K 735 70.34 82.97 -10.11
CA GLU K 735 70.11 84.39 -10.33
C GLU K 735 70.98 84.92 -11.46
N GLU K 736 72.24 84.45 -11.53
CA GLU K 736 73.11 84.84 -12.63
C GLU K 736 72.51 84.43 -13.97
N GLU K 737 71.92 83.23 -14.02
CA GLU K 737 71.25 82.78 -15.23
C GLU K 737 70.13 83.74 -15.62
N LYS K 744 83.37 79.91 -17.60
CA LYS K 744 84.55 79.08 -17.48
C LYS K 744 84.93 78.92 -16.02
N ARG K 745 85.44 77.74 -15.67
CA ARG K 745 85.75 77.47 -14.26
C ARG K 745 86.73 78.48 -13.70
N SER K 746 87.75 78.85 -14.48
CA SER K 746 88.77 79.77 -13.99
C SER K 746 88.14 81.01 -13.37
N GLU K 747 87.22 81.64 -14.11
CA GLU K 747 86.55 82.84 -13.60
C GLU K 747 85.51 82.49 -12.53
N LEU K 748 84.69 81.46 -12.78
CA LEU K 748 83.52 81.25 -11.94
C LEU K 748 83.89 80.75 -10.54
N VAL K 749 84.92 79.91 -10.44
CA VAL K 749 85.31 79.40 -9.13
C VAL K 749 85.77 80.53 -8.23
N ASN K 750 86.57 81.45 -8.77
CA ASN K 750 87.00 82.60 -8.00
C ASN K 750 85.84 83.53 -7.71
N TRP K 751 84.91 83.68 -8.67
CA TRP K 751 83.71 84.47 -8.42
C TRP K 751 82.98 83.96 -7.19
N TYR K 752 82.76 82.64 -7.13
CA TYR K 752 82.11 82.05 -5.96
C TYR K 752 82.95 82.24 -4.71
N LEU K 753 84.27 82.02 -4.81
CA LEU K 753 85.14 82.13 -3.66
C LEU K 753 85.17 83.54 -3.09
N LYS K 754 84.85 84.56 -3.89
CA LYS K 754 84.80 85.93 -3.41
C LYS K 754 83.42 86.37 -2.97
N GLU K 755 82.36 85.90 -3.64
CA GLU K 755 81.03 86.45 -3.40
C GLU K 755 80.56 86.16 -1.97
N ILE K 756 80.68 84.90 -1.53
CA ILE K 756 80.11 84.53 -0.24
C ILE K 756 80.82 85.21 0.93
N GLU K 757 82.08 85.63 0.74
CA GLU K 757 82.84 86.29 1.79
C GLU K 757 82.62 87.79 1.83
N SER K 758 81.48 88.26 1.35
CA SER K 758 81.16 89.68 1.34
C SER K 758 80.50 90.15 2.63
N GLU K 759 80.29 89.25 3.60
CA GLU K 759 79.67 89.61 4.87
C GLU K 759 80.51 89.25 6.09
N ILE K 760 81.42 88.29 6.00
CA ILE K 760 82.25 87.90 7.13
C ILE K 760 83.66 87.57 6.66
N GLU K 763 90.08 84.09 7.31
CA GLU K 763 91.00 83.62 6.28
C GLU K 763 91.02 82.10 6.22
N GLU K 764 90.47 81.46 7.24
CA GLU K 764 90.48 80.01 7.37
C GLU K 764 89.31 79.32 6.68
N GLU K 765 88.28 80.07 6.28
CA GLU K 765 87.10 79.47 5.68
C GLU K 765 87.18 79.34 4.17
N LEU K 766 88.15 80.00 3.53
CA LEU K 766 88.30 79.85 2.08
C LEU K 766 88.67 78.43 1.70
N ILE K 767 89.52 77.79 2.50
CA ILE K 767 89.90 76.41 2.20
C ILE K 767 88.72 75.48 2.40
N ASN K 768 87.87 75.73 3.41
CA ASN K 768 86.67 74.94 3.58
C ASN K 768 85.72 75.12 2.39
N LYS K 769 85.59 76.36 1.91
CA LYS K 769 84.75 76.62 0.75
C LYS K 769 85.27 75.87 -0.47
N LYS K 770 86.59 75.90 -0.68
CA LYS K 770 87.16 75.15 -1.80
C LYS K 770 86.95 73.65 -1.64
N ARG K 771 87.04 73.16 -0.39
CA ARG K 771 86.81 71.74 -0.15
C ARG K 771 85.39 71.35 -0.52
N ILE K 772 84.40 72.14 -0.09
CA ILE K 772 83.02 71.80 -0.41
C ILE K 772 82.78 71.94 -1.91
N ILE K 773 83.40 72.92 -2.56
CA ILE K 773 83.27 73.06 -4.00
C ILE K 773 83.84 71.83 -4.71
N GLU K 774 84.99 71.35 -4.25
CA GLU K 774 85.58 70.15 -4.84
C GLU K 774 84.69 68.94 -4.63
N LYS K 775 84.11 68.81 -3.44
CA LYS K 775 83.19 67.70 -3.19
C LYS K 775 82.00 67.76 -4.13
N VAL K 776 81.46 68.97 -4.35
CA VAL K 776 80.35 69.11 -5.30
C VAL K 776 80.80 68.71 -6.70
N ILE K 777 81.98 69.16 -7.11
CA ILE K 777 82.51 68.85 -8.43
C ILE K 777 82.74 67.35 -8.57
N VAL K 786 74.40 71.47 -12.26
CA VAL K 786 73.99 70.72 -13.43
C VAL K 786 72.58 71.17 -13.84
N LEU K 787 72.16 70.78 -15.04
CA LEU K 787 70.84 71.16 -15.52
C LEU K 787 69.74 70.63 -14.60
N ILE K 788 69.88 69.39 -14.14
CA ILE K 788 68.88 68.73 -13.32
C ILE K 788 69.35 68.83 -11.87
N GLU K 789 68.84 69.83 -11.16
CA GLU K 789 69.15 69.99 -9.74
C GLU K 789 68.13 70.95 -9.13
N LEU K 790 67.62 70.58 -7.95
CA LEU K 790 66.65 71.38 -7.23
C LEU K 790 67.24 71.81 -5.89
N THR K 791 67.00 73.06 -5.52
CA THR K 791 67.49 73.59 -4.25
C THR K 791 66.70 73.00 -3.09
N LEU L 3 27.54 -32.59 -5.50
CA LEU L 3 27.43 -32.27 -4.08
C LEU L 3 28.11 -33.33 -3.23
N LYS L 4 28.31 -33.02 -1.96
CA LYS L 4 29.04 -33.89 -1.05
C LYS L 4 28.33 -33.94 0.29
N ASP L 5 28.46 -35.09 0.97
CA ASP L 5 27.85 -35.29 2.28
C ASP L 5 28.82 -34.78 3.33
N TYR L 6 28.43 -33.69 4.01
CA TYR L 6 29.35 -33.06 4.94
C TYR L 6 29.52 -33.85 6.22
N ALA L 7 28.60 -34.77 6.54
CA ALA L 7 28.88 -35.70 7.63
C ALA L 7 30.02 -36.63 7.27
N LEU L 8 30.02 -37.14 6.03
CA LEU L 8 31.15 -37.95 5.57
C LEU L 8 32.44 -37.13 5.55
N GLU L 9 32.35 -35.87 5.11
CA GLU L 9 33.53 -35.01 5.12
C GLU L 9 34.05 -34.79 6.53
N LYS L 10 33.14 -34.59 7.50
CA LYS L 10 33.55 -34.42 8.88
C LYS L 10 34.24 -35.68 9.39
N GLU L 11 33.71 -36.86 9.04
CA GLU L 11 34.37 -38.10 9.43
C GLU L 11 35.76 -38.20 8.80
N LYS L 12 35.89 -37.80 7.53
CA LYS L 12 37.20 -37.84 6.87
C LYS L 12 38.19 -36.94 7.59
N VAL L 13 37.78 -35.73 7.94
CA VAL L 13 38.71 -34.81 8.59
C VAL L 13 39.05 -35.31 9.99
N LYS L 14 38.07 -35.90 10.69
CA LYS L 14 38.38 -36.52 11.98
C LYS L 14 39.42 -37.61 11.82
N LYS L 15 39.24 -38.47 10.82
CA LYS L 15 40.19 -39.56 10.59
C LYS L 15 41.58 -39.00 10.33
N PHE L 16 41.68 -38.00 9.47
CA PHE L 16 42.99 -37.40 9.19
C PHE L 16 43.60 -36.82 10.45
N LEU L 17 42.85 -35.97 11.15
CA LEU L 17 43.37 -35.29 12.33
C LEU L 17 43.81 -36.26 13.40
N GLN L 18 43.17 -37.44 13.46
CA GLN L 18 43.50 -38.41 14.49
C GLN L 18 44.66 -39.32 14.09
N GLU L 19 44.71 -39.76 12.82
CA GLU L 19 45.63 -40.80 12.39
C GLU L 19 46.71 -40.28 11.46
N PHE L 20 46.94 -38.97 11.42
CA PHE L 20 48.08 -38.44 10.69
C PHE L 20 49.30 -38.39 11.59
N TYR L 21 50.42 -38.89 11.09
CA TYR L 21 51.67 -38.94 11.84
C TYR L 21 52.81 -38.44 10.98
N GLN L 22 53.82 -37.87 11.63
CA GLN L 22 55.02 -37.44 10.93
C GLN L 22 56.21 -37.59 11.86
N ASP L 23 57.39 -37.70 11.26
CA ASP L 23 58.65 -37.87 11.97
C ASP L 23 59.33 -36.54 12.29
N ASP L 24 58.56 -35.47 12.44
CA ASP L 24 59.14 -34.14 12.60
C ASP L 24 59.99 -34.05 13.86
N GLU L 25 59.53 -34.63 14.96
CA GLU L 25 60.18 -34.46 16.26
C GLU L 25 61.44 -35.31 16.30
N LEU L 26 62.53 -34.74 15.75
CA LEU L 26 63.86 -35.35 15.81
C LEU L 26 63.84 -36.76 15.21
N GLY L 27 63.15 -36.92 14.07
CA GLY L 27 63.06 -38.19 13.40
C GLY L 27 62.11 -39.18 14.01
N LYS L 28 61.74 -39.02 15.29
CA LYS L 28 60.78 -39.91 15.92
C LYS L 28 59.38 -39.66 15.37
N LYS L 29 58.65 -40.74 15.14
CA LYS L 29 57.27 -40.62 14.66
C LYS L 29 56.41 -39.92 15.71
N GLN L 30 55.59 -38.98 15.26
CA GLN L 30 54.74 -38.22 16.15
C GLN L 30 53.38 -38.02 15.50
N PHE L 31 52.35 -37.90 16.34
CA PHE L 31 51.01 -37.52 15.88
C PHE L 31 50.99 -35.99 15.84
N LYS L 32 51.33 -35.45 14.68
CA LYS L 32 51.50 -34.00 14.54
C LYS L 32 50.29 -33.26 15.05
N TYR L 33 49.10 -33.65 14.58
CA TYR L 33 47.88 -32.97 14.98
C TYR L 33 47.29 -33.52 16.27
N GLY L 34 47.55 -34.78 16.60
CA GLY L 34 47.08 -35.30 17.86
C GLY L 34 47.66 -34.56 19.05
N ASN L 35 48.97 -34.31 19.01
CA ASN L 35 49.60 -33.58 20.12
C ASN L 35 49.04 -32.17 20.23
N GLN L 36 48.84 -31.51 19.09
CA GLN L 36 48.25 -30.17 19.11
C GLN L 36 46.83 -30.21 19.67
N LEU L 37 46.05 -31.22 19.30
CA LEU L 37 44.71 -31.36 19.85
C LEU L 37 44.76 -31.52 21.36
N VAL L 38 45.70 -32.32 21.86
CA VAL L 38 45.86 -32.45 23.31
C VAL L 38 46.16 -31.09 23.93
N ARG L 39 47.08 -30.34 23.31
CA ARG L 39 47.46 -29.05 23.85
C ARG L 39 46.26 -28.11 23.93
N LEU L 40 45.52 -27.95 22.83
CA LEU L 40 44.43 -26.99 22.82
C LEU L 40 43.17 -27.52 23.50
N ALA L 41 43.11 -28.82 23.82
CA ALA L 41 42.10 -29.31 24.73
C ALA L 41 42.44 -28.96 26.17
N HIS L 42 43.73 -28.98 26.50
CA HIS L 42 44.20 -28.44 27.77
C HIS L 42 44.20 -26.93 27.79
N ARG L 43 43.94 -26.27 26.65
CA ARG L 43 43.97 -24.82 26.53
C ARG L 43 45.40 -24.29 26.69
N GLU L 44 46.36 -25.01 26.13
CA GLU L 44 47.73 -24.54 26.04
C GLU L 44 48.07 -24.00 24.66
N GLN L 45 47.19 -24.21 23.67
CA GLN L 45 47.36 -23.69 22.33
C GLN L 45 46.02 -23.18 21.85
N VAL L 46 46.05 -22.18 20.96
CA VAL L 46 44.86 -21.51 20.48
C VAL L 46 44.66 -21.71 18.98
N ALA L 47 45.71 -21.49 18.20
CA ALA L 47 45.62 -21.58 16.74
C ALA L 47 46.09 -22.95 16.29
N LEU L 48 45.29 -23.59 15.46
CA LEU L 48 45.62 -24.89 14.87
C LEU L 48 45.74 -24.70 13.37
N TYR L 49 46.96 -24.82 12.85
CA TYR L 49 47.24 -24.59 11.44
C TYR L 49 47.30 -25.94 10.73
N VAL L 50 46.22 -26.29 10.06
CA VAL L 50 46.15 -27.53 9.29
C VAL L 50 46.92 -27.31 7.99
N ASP L 51 47.93 -28.15 7.75
CA ASP L 51 48.74 -28.04 6.54
C ASP L 51 48.08 -28.85 5.43
N LEU L 52 47.67 -28.16 4.37
CA LEU L 52 47.02 -28.85 3.27
C LEU L 52 47.99 -29.75 2.52
N ASP L 53 49.30 -29.50 2.59
CA ASP L 53 50.24 -30.49 2.09
C ASP L 53 50.15 -31.79 2.89
N ASP L 54 50.07 -31.67 4.21
CA ASP L 54 49.87 -32.84 5.05
C ASP L 54 48.58 -33.57 4.66
N VAL L 55 47.51 -32.81 4.46
CA VAL L 55 46.24 -33.44 4.09
C VAL L 55 46.37 -34.15 2.75
N ALA L 56 46.96 -33.48 1.76
CA ALA L 56 47.14 -34.07 0.43
C ALA L 56 48.07 -35.27 0.46
N GLU L 57 48.89 -35.40 1.50
CA GLU L 57 49.78 -36.55 1.58
C GLU L 57 49.00 -37.85 1.49
N ASP L 58 47.74 -37.86 1.93
CA ASP L 58 46.91 -39.06 1.88
C ASP L 58 45.53 -38.85 1.28
N ASP L 59 45.08 -37.61 1.07
CA ASP L 59 43.73 -37.36 0.56
C ASP L 59 43.75 -36.12 -0.32
N PRO L 60 44.22 -36.26 -1.57
CA PRO L 60 44.24 -35.08 -2.46
C PRO L 60 42.87 -34.49 -2.75
N GLU L 61 41.84 -35.33 -2.85
CA GLU L 61 40.51 -34.81 -3.19
C GLU L 61 39.98 -33.91 -2.09
N LEU L 62 40.24 -34.24 -0.84
CA LEU L 62 39.87 -33.35 0.25
C LEU L 62 40.56 -32.01 0.12
N VAL L 63 41.83 -32.01 -0.31
CA VAL L 63 42.55 -30.77 -0.51
C VAL L 63 41.90 -29.94 -1.62
N ASP L 64 41.54 -30.59 -2.73
CA ASP L 64 40.87 -29.86 -3.80
C ASP L 64 39.55 -29.26 -3.33
N SER L 65 38.77 -30.04 -2.58
CA SER L 65 37.49 -29.54 -2.08
C SER L 65 37.70 -28.36 -1.13
N ILE L 66 38.73 -28.43 -0.29
CA ILE L 66 39.03 -27.32 0.61
C ILE L 66 39.43 -26.08 -0.19
N CYS L 67 40.29 -26.26 -1.19
CA CYS L 67 40.74 -25.13 -1.99
C CYS L 67 39.61 -24.54 -2.84
N GLU L 68 38.53 -25.28 -3.05
CA GLU L 68 37.39 -24.77 -3.79
C GLU L 68 36.31 -24.15 -2.91
N ASN L 69 36.12 -24.65 -1.69
CA ASN L 69 35.07 -24.15 -0.79
C ASN L 69 35.63 -23.97 0.62
N ALA L 70 36.75 -23.26 0.73
CA ALA L 70 37.53 -23.26 1.96
C ALA L 70 36.71 -22.92 3.19
N ARG L 71 35.75 -22.01 3.07
CA ARG L 71 34.97 -21.61 4.25
C ARG L 71 34.18 -22.79 4.80
N ARG L 72 33.50 -23.52 3.92
CA ARG L 72 32.75 -24.71 4.34
C ARG L 72 33.66 -25.68 5.07
N TYR L 73 34.80 -26.02 4.45
CA TYR L 73 35.68 -26.99 5.07
C TYR L 73 36.42 -26.40 6.26
N ALA L 74 36.60 -25.08 6.29
CA ALA L 74 37.12 -24.47 7.52
C ALA L 74 36.19 -24.74 8.68
N LYS L 75 34.89 -24.57 8.47
CA LYS L 75 33.92 -24.87 9.53
C LYS L 75 33.90 -26.37 9.84
N LEU L 76 34.00 -27.22 8.82
CA LEU L 76 34.03 -28.65 9.06
C LEU L 76 35.21 -29.03 9.96
N PHE L 77 36.40 -28.51 9.64
CA PHE L 77 37.58 -28.80 10.44
C PHE L 77 37.42 -28.28 11.86
N ALA L 78 36.88 -27.06 12.02
CA ALA L 78 36.70 -26.52 13.35
C ALA L 78 35.75 -27.38 14.17
N ASP L 79 34.64 -27.81 13.56
CA ASP L 79 33.68 -28.64 14.29
C ASP L 79 34.29 -30.01 14.63
N ALA L 80 35.06 -30.58 13.71
CA ALA L 80 35.73 -31.85 14.00
C ALA L 80 36.68 -31.69 15.18
N VAL L 81 37.45 -30.60 15.20
CA VAL L 81 38.35 -30.36 16.33
C VAL L 81 37.57 -30.24 17.62
N GLN L 82 36.45 -29.50 17.59
CA GLN L 82 35.67 -29.30 18.81
C GLN L 82 35.10 -30.63 19.30
N GLU L 83 34.64 -31.48 18.38
CA GLU L 83 34.12 -32.78 18.78
C GLU L 83 35.21 -33.69 19.33
N LEU L 84 36.43 -33.57 18.80
CA LEU L 84 37.51 -34.43 19.26
C LEU L 84 38.13 -33.98 20.58
N LEU L 85 38.04 -32.69 20.92
CA LEU L 85 38.72 -32.20 22.12
C LEU L 85 38.39 -32.98 23.39
N PRO L 86 37.13 -33.30 23.69
CA PRO L 86 36.85 -33.96 24.98
C PRO L 86 37.58 -35.28 25.15
N GLN L 87 37.72 -36.06 24.08
CA GLN L 87 38.39 -37.35 24.19
C GLN L 87 39.91 -37.21 24.23
N TYR L 88 40.45 -36.05 23.89
CA TYR L 88 41.87 -35.78 24.02
C TYR L 88 42.22 -35.07 25.32
N LYS L 89 41.26 -34.47 26.00
CA LYS L 89 41.55 -33.86 27.28
C LYS L 89 41.99 -34.93 28.28
N GLU L 90 43.02 -34.59 29.06
CA GLU L 90 43.62 -35.54 30.00
C GLU L 90 43.67 -35.00 31.43
N ARG L 91 43.09 -33.83 31.68
CA ARG L 91 43.11 -33.22 33.01
C ARG L 91 42.24 -31.98 32.97
N GLU L 92 42.11 -31.32 34.12
CA GLU L 92 41.29 -30.13 34.25
C GLU L 92 42.12 -28.88 33.96
N VAL L 93 41.57 -27.99 33.15
CA VAL L 93 42.26 -26.72 32.87
C VAL L 93 42.21 -25.83 34.10
N VAL L 94 43.14 -24.88 34.16
CA VAL L 94 43.33 -24.07 35.36
C VAL L 94 42.55 -22.77 35.29
N ASN L 95 41.63 -22.66 34.33
CA ASN L 95 40.82 -21.45 34.15
C ASN L 95 41.72 -20.23 34.02
N LYS L 96 42.53 -20.24 32.97
CA LYS L 96 43.45 -19.13 32.71
C LYS L 96 42.76 -17.87 32.24
N ASP L 97 41.46 -17.92 31.93
CA ASP L 97 40.78 -16.79 31.30
C ASP L 97 39.36 -16.65 31.84
N VAL L 98 38.88 -15.40 31.85
CA VAL L 98 37.51 -15.15 32.28
C VAL L 98 36.52 -15.76 31.30
N LEU L 99 36.84 -15.78 30.01
CA LEU L 99 35.98 -16.48 29.06
C LEU L 99 35.97 -17.97 29.36
N ASP L 100 37.09 -18.52 29.81
CA ASP L 100 37.10 -19.91 30.25
C ASP L 100 36.19 -20.10 31.47
N VAL L 101 36.19 -19.14 32.39
CA VAL L 101 35.27 -19.21 33.53
C VAL L 101 33.83 -19.24 33.03
N TYR L 102 33.51 -18.37 32.07
CA TYR L 102 32.15 -18.34 31.54
C TYR L 102 31.78 -19.65 30.87
N ILE L 103 32.70 -20.23 30.10
CA ILE L 103 32.43 -21.51 29.44
C ILE L 103 32.21 -22.60 30.48
N GLU L 104 33.04 -22.62 31.52
CA GLU L 104 32.86 -23.61 32.58
C GLU L 104 31.48 -23.49 33.21
N HIS L 105 31.07 -22.26 33.55
CA HIS L 105 29.76 -22.07 34.16
C HIS L 105 28.64 -22.49 33.21
N ARG L 106 28.75 -22.11 31.93
CA ARG L 106 27.72 -22.47 30.97
C ARG L 106 27.58 -23.98 30.85
N LEU L 107 28.70 -24.69 30.71
CA LEU L 107 28.64 -26.14 30.59
C LEU L 107 28.08 -26.77 31.85
N MET L 108 28.51 -26.29 33.02
CA MET L 108 28.04 -26.88 34.27
C MET L 108 26.53 -26.70 34.39
N MET L 109 26.02 -25.52 34.04
CA MET L 109 24.59 -25.28 34.19
C MET L 109 23.79 -26.06 33.15
N GLU L 110 24.33 -26.21 31.94
CA GLU L 110 23.66 -27.04 30.95
C GLU L 110 23.56 -28.49 31.44
N GLN L 111 24.64 -29.00 32.02
CA GLN L 111 24.59 -30.35 32.59
C GLN L 111 23.60 -30.41 33.73
N ARG L 112 23.57 -29.38 34.59
CA ARG L 112 22.66 -29.38 35.73
C ARG L 112 21.21 -29.46 35.27
N SER L 113 20.85 -28.70 34.24
CA SER L 113 19.51 -28.73 33.67
C SER L 113 19.45 -29.56 32.39
N ARG L 114 20.26 -30.62 32.30
CA ARG L 114 20.34 -31.41 31.09
C ARG L 114 19.01 -32.04 30.73
N ASP L 115 18.52 -32.95 31.58
CA ASP L 115 17.41 -33.81 31.20
C ASP L 115 17.77 -34.48 29.88
N PRO L 116 18.72 -35.43 29.89
CA PRO L 116 19.33 -35.87 28.62
C PRO L 116 18.34 -36.34 27.58
N GLY L 117 17.28 -37.05 27.98
CA GLY L 117 16.35 -37.58 27.00
C GLY L 117 15.52 -36.52 26.30
N MET L 118 15.33 -35.37 26.93
CA MET L 118 14.50 -34.33 26.34
C MET L 118 15.19 -33.73 25.11
N VAL L 119 14.36 -33.30 24.16
CA VAL L 119 14.84 -32.65 22.94
C VAL L 119 14.62 -31.15 23.11
N ARG L 120 15.71 -30.39 23.08
CA ARG L 120 15.65 -28.94 23.17
C ARG L 120 15.58 -28.34 21.77
N SER L 121 14.94 -27.18 21.68
CA SER L 121 14.72 -26.57 20.38
C SER L 121 16.05 -26.22 19.72
N PRO L 122 16.10 -26.14 18.40
CA PRO L 122 17.39 -25.87 17.73
C PRO L 122 18.03 -24.57 18.17
N GLN L 123 17.23 -23.58 18.56
CA GLN L 123 17.75 -22.31 19.02
C GLN L 123 17.93 -22.22 20.52
N ASN L 124 17.59 -23.28 21.26
CA ASN L 124 17.79 -23.30 22.71
C ASN L 124 19.08 -24.04 23.05
N GLN L 125 20.19 -23.50 22.58
CA GLN L 125 21.50 -24.13 22.76
C GLN L 125 22.58 -23.09 22.60
N TYR L 126 23.70 -23.31 23.27
CA TYR L 126 24.84 -22.41 23.12
C TYR L 126 25.36 -22.48 21.69
N PRO L 127 25.68 -21.34 21.07
CA PRO L 127 26.25 -21.38 19.72
C PRO L 127 27.66 -21.97 19.75
N ALA L 128 28.06 -22.52 18.60
CA ALA L 128 29.37 -23.13 18.50
C ALA L 128 30.48 -22.11 18.78
N GLU L 129 30.41 -20.95 18.14
CA GLU L 129 31.46 -19.95 18.29
C GLU L 129 31.57 -19.43 19.71
N LEU L 130 30.51 -19.53 20.50
CA LEU L 130 30.53 -19.00 21.85
C LEU L 130 31.41 -19.81 22.79
N MET L 131 31.72 -21.05 22.46
CA MET L 131 32.40 -21.98 23.37
C MET L 131 33.52 -22.71 22.66
N ARG L 132 34.37 -21.97 21.94
CA ARG L 132 35.47 -22.56 21.17
C ARG L 132 36.81 -22.39 21.87
N ARG L 133 37.20 -21.14 22.17
CA ARG L 133 38.49 -20.83 22.77
C ARG L 133 39.66 -21.32 21.91
N PHE L 134 39.40 -21.63 20.64
CA PHE L 134 40.45 -22.00 19.71
C PHE L 134 40.02 -21.56 18.32
N GLU L 135 40.92 -21.71 17.37
CA GLU L 135 40.64 -21.27 16.01
C GLU L 135 41.50 -22.04 15.04
N LEU L 136 40.90 -22.45 13.93
CA LEU L 136 41.54 -23.33 12.96
C LEU L 136 41.82 -22.53 11.69
N TYR L 137 43.09 -22.54 11.26
CA TYR L 137 43.51 -21.89 10.04
C TYR L 137 44.16 -22.93 9.13
N PHE L 138 44.32 -22.57 7.87
CA PHE L 138 44.96 -23.44 6.89
C PHE L 138 46.37 -22.96 6.58
N GLN L 139 47.14 -23.83 5.93
CA GLN L 139 48.42 -23.49 5.34
C GLN L 139 48.38 -23.98 3.91
N GLY L 140 48.30 -23.05 2.95
CA GLY L 140 48.01 -23.38 1.58
C GLY L 140 48.93 -24.46 1.04
N PRO L 141 48.39 -25.36 0.21
CA PRO L 141 49.23 -26.41 -0.37
C PRO L 141 50.33 -25.80 -1.23
N SER L 142 51.52 -26.39 -1.14
CA SER L 142 52.66 -25.87 -1.88
C SER L 142 52.45 -25.95 -3.39
N SER L 143 51.58 -26.85 -3.86
CA SER L 143 51.32 -26.97 -5.28
C SER L 143 50.51 -25.80 -5.82
N ASN L 144 49.91 -24.98 -4.95
CA ASN L 144 49.13 -23.82 -5.39
C ASN L 144 50.07 -22.65 -5.62
N LYS L 145 50.27 -22.29 -6.88
CA LYS L 145 51.12 -21.16 -7.20
C LYS L 145 50.53 -19.88 -6.63
N PRO L 146 51.32 -19.04 -5.96
CA PRO L 146 50.76 -17.80 -5.42
C PRO L 146 50.20 -16.92 -6.52
N ARG L 147 49.08 -16.27 -6.23
CA ARG L 147 48.39 -15.43 -7.19
C ARG L 147 48.80 -13.97 -7.03
N VAL L 148 48.48 -13.17 -8.03
CA VAL L 148 48.76 -11.74 -8.04
C VAL L 148 47.51 -11.01 -7.59
N ILE L 149 47.70 -10.04 -6.68
CA ILE L 149 46.56 -9.31 -6.13
C ILE L 149 45.68 -8.76 -7.24
N ARG L 150 46.29 -8.34 -8.35
CA ARG L 150 45.52 -7.86 -9.48
C ARG L 150 44.67 -8.97 -10.08
N GLU L 151 45.20 -10.19 -10.15
CA GLU L 151 44.50 -11.30 -10.79
C GLU L 151 43.49 -11.97 -9.87
N VAL L 152 43.55 -11.73 -8.57
CA VAL L 152 42.56 -12.29 -7.66
C VAL L 152 41.24 -11.58 -7.89
N ARG L 153 40.31 -12.23 -8.58
CA ARG L 153 39.10 -11.59 -9.07
C ARG L 153 37.85 -12.32 -8.61
N ALA L 154 36.70 -11.97 -9.19
CA ALA L 154 35.44 -12.61 -8.82
C ALA L 154 35.44 -14.10 -9.12
N ASP L 155 36.24 -14.55 -10.08
CA ASP L 155 36.23 -15.96 -10.45
C ASP L 155 36.82 -16.86 -9.37
N SER L 156 37.41 -16.29 -8.33
CA SER L 156 38.02 -17.05 -7.25
C SER L 156 37.53 -16.52 -5.90
N VAL L 157 36.23 -16.35 -5.77
CA VAL L 157 35.62 -15.95 -4.51
C VAL L 157 35.24 -17.21 -3.74
N GLY L 158 35.60 -17.25 -2.47
CA GLY L 158 35.39 -18.43 -1.65
C GLY L 158 36.48 -19.48 -1.79
N LYS L 159 37.41 -19.31 -2.72
CA LYS L 159 38.53 -20.22 -2.87
C LYS L 159 39.60 -19.89 -1.82
N LEU L 160 40.56 -20.78 -1.69
CA LEU L 160 41.73 -20.55 -0.84
C LEU L 160 42.89 -20.16 -1.75
N VAL L 161 43.41 -18.95 -1.56
CA VAL L 161 44.48 -18.42 -2.38
C VAL L 161 45.53 -17.78 -1.48
N THR L 162 46.76 -17.74 -1.97
CA THR L 162 47.88 -17.11 -1.29
C THR L 162 48.48 -16.04 -2.19
N VAL L 163 48.72 -14.87 -1.62
CA VAL L 163 49.31 -13.75 -2.34
C VAL L 163 50.49 -13.23 -1.55
N ARG L 164 51.37 -12.50 -2.23
CA ARG L 164 52.51 -11.87 -1.57
C ARG L 164 52.60 -10.41 -1.99
N GLY L 165 53.01 -9.58 -1.04
CA GLY L 165 53.07 -8.15 -1.31
C GLY L 165 53.63 -7.41 -0.12
N ILE L 166 53.65 -6.09 -0.25
CA ILE L 166 54.15 -5.20 0.80
C ILE L 166 52.95 -4.69 1.60
N VAL L 167 53.07 -4.74 2.91
CA VAL L 167 52.02 -4.22 3.79
C VAL L 167 52.17 -2.71 3.84
N THR L 168 51.11 -1.99 3.48
CA THR L 168 51.12 -0.53 3.47
C THR L 168 50.44 0.05 4.71
N ARG L 169 49.18 -0.34 4.95
CA ARG L 169 48.39 0.20 6.05
C ARG L 169 47.91 -0.96 6.91
N VAL L 170 48.04 -0.80 8.23
CA VAL L 170 47.58 -1.81 9.18
C VAL L 170 46.93 -1.09 10.35
N SER L 171 45.64 -1.35 10.57
CA SER L 171 44.96 -0.80 11.73
C SER L 171 45.55 -1.42 12.99
N GLU L 172 45.08 -0.94 14.14
CA GLU L 172 45.50 -1.52 15.41
C GLU L 172 44.59 -2.68 15.76
N VAL L 173 44.96 -3.40 16.82
CA VAL L 173 44.18 -4.53 17.28
C VAL L 173 43.06 -4.03 18.18
N LYS L 174 41.83 -4.30 17.79
CA LYS L 174 40.65 -3.83 18.51
C LYS L 174 39.65 -4.98 18.62
N PRO L 175 38.77 -4.93 19.64
CA PRO L 175 37.86 -6.05 19.89
C PRO L 175 36.70 -6.05 18.90
N LYS L 176 36.54 -7.14 18.17
CA LYS L 176 35.44 -7.32 17.22
C LYS L 176 34.47 -8.33 17.79
N MET L 177 33.22 -7.91 17.97
CA MET L 177 32.20 -8.81 18.50
C MET L 177 32.01 -10.00 17.56
N VAL L 178 31.99 -11.20 18.14
CA VAL L 178 31.73 -12.42 17.40
C VAL L 178 30.40 -13.05 17.81
N VAL L 179 30.06 -12.98 19.10
CA VAL L 179 28.78 -13.46 19.61
C VAL L 179 28.34 -12.49 20.69
N ALA L 180 27.30 -11.72 20.42
CA ALA L 180 26.78 -10.76 21.38
C ALA L 180 25.92 -11.47 22.41
N THR L 181 26.19 -11.24 23.68
CA THR L 181 25.45 -11.87 24.77
C THR L 181 24.55 -10.83 25.44
N TYR L 182 23.28 -11.17 25.57
CA TYR L 182 22.30 -10.32 26.23
C TYR L 182 21.74 -11.06 27.44
N THR L 183 21.42 -10.30 28.48
CA THR L 183 20.80 -10.85 29.68
C THR L 183 19.46 -10.15 29.90
N CYS L 184 18.43 -10.94 30.16
CA CYS L 184 17.10 -10.41 30.36
C CYS L 184 16.95 -9.80 31.75
N ASP L 185 15.90 -9.00 31.92
CA ASP L 185 15.59 -8.39 33.20
C ASP L 185 14.40 -9.03 33.90
N GLN L 186 13.80 -10.06 33.30
CA GLN L 186 12.65 -10.75 33.89
C GLN L 186 13.00 -12.19 34.25
N CYS L 187 13.47 -12.98 33.29
CA CYS L 187 13.68 -14.41 33.55
C CYS L 187 15.01 -14.66 34.24
N GLY L 188 16.12 -14.35 33.58
CA GLY L 188 17.42 -14.68 34.10
C GLY L 188 18.17 -15.64 33.20
N ALA L 189 17.72 -15.75 31.96
CA ALA L 189 18.41 -16.56 30.97
C ALA L 189 19.42 -15.69 30.21
N GLU L 190 20.00 -16.24 29.15
CA GLU L 190 20.90 -15.50 28.28
C GLU L 190 20.47 -15.68 26.84
N THR L 191 20.82 -14.72 26.00
CA THR L 191 20.53 -14.76 24.58
C THR L 191 21.83 -14.48 23.83
N TYR L 192 22.03 -15.20 22.72
CA TYR L 192 23.28 -15.14 21.97
C TYR L 192 22.98 -14.81 20.52
N GLN L 193 23.59 -13.75 20.03
CA GLN L 193 23.44 -13.32 18.64
C GLN L 193 24.79 -13.47 17.96
N PRO L 194 25.02 -14.52 17.17
CA PRO L 194 26.28 -14.64 16.42
C PRO L 194 26.35 -13.59 15.32
N ILE L 195 27.36 -12.73 15.39
CA ILE L 195 27.52 -11.63 14.46
C ILE L 195 28.28 -12.14 13.24
N GLN L 196 27.71 -11.91 12.06
CA GLN L 196 28.35 -12.26 10.80
C GLN L 196 28.52 -11.07 9.88
N SER L 197 27.53 -10.18 9.82
CA SER L 197 27.60 -8.99 9.00
C SER L 197 28.50 -7.96 9.66
N PRO L 198 28.98 -6.97 8.90
CA PRO L 198 29.77 -5.89 9.52
C PRO L 198 29.01 -5.10 10.55
N THR L 199 27.68 -5.12 10.51
CA THR L 199 26.84 -4.42 11.47
C THR L 199 25.78 -5.37 12.00
N PHE L 200 25.24 -5.03 13.17
CA PHE L 200 24.14 -5.79 13.73
C PHE L 200 23.22 -4.85 14.50
N MET L 201 21.94 -5.22 14.53
CA MET L 201 20.95 -4.46 15.28
C MET L 201 20.71 -5.15 16.61
N PRO L 202 21.05 -4.55 17.74
CA PRO L 202 20.89 -5.24 19.02
C PRO L 202 19.44 -5.63 19.26
N LEU L 203 19.26 -6.80 19.88
CA LEU L 203 17.92 -7.30 20.17
C LEU L 203 17.30 -6.51 21.32
N ILE L 204 15.97 -6.58 21.39
CA ILE L 204 15.20 -5.85 22.39
C ILE L 204 14.44 -6.78 23.32
N MET L 205 13.85 -7.84 22.79
CA MET L 205 12.98 -8.73 23.55
C MET L 205 13.64 -10.09 23.74
N CYS L 206 13.54 -10.61 24.96
CA CYS L 206 14.19 -11.87 25.31
C CYS L 206 13.34 -13.04 24.86
N PRO L 207 13.84 -13.93 24.01
CA PRO L 207 13.05 -15.08 23.56
C PRO L 207 13.15 -16.31 24.45
N SER L 208 13.63 -16.17 25.68
CA SER L 208 13.78 -17.31 26.57
C SER L 208 12.42 -17.96 26.83
N GLN L 209 12.45 -19.26 27.15
CA GLN L 209 11.22 -19.99 27.39
C GLN L 209 10.44 -19.41 28.57
N GLU L 210 11.15 -19.02 29.63
CA GLU L 210 10.45 -18.51 30.81
C GLU L 210 9.68 -17.24 30.47
N CYS L 211 10.33 -16.32 29.75
CA CYS L 211 9.65 -15.07 29.39
C CYS L 211 8.55 -15.31 28.37
N GLN L 212 8.77 -16.24 27.44
CA GLN L 212 7.72 -16.54 26.47
C GLN L 212 6.48 -17.09 27.18
N THR L 213 6.68 -17.96 28.16
CA THR L 213 5.55 -18.48 28.93
C THR L 213 4.89 -17.39 29.75
N ASN L 214 5.69 -16.58 30.46
CA ASN L 214 5.13 -15.51 31.27
C ASN L 214 4.43 -14.45 30.45
N ARG L 215 4.74 -14.36 29.15
CA ARG L 215 4.25 -13.27 28.32
C ARG L 215 4.52 -11.92 28.98
N SER L 216 5.72 -11.80 29.56
CA SER L 216 6.14 -10.59 30.21
C SER L 216 6.96 -9.74 29.22
N GLY L 217 7.44 -8.60 29.70
CA GLY L 217 8.23 -7.71 28.88
C GLY L 217 9.45 -8.41 28.31
N GLY L 218 10.38 -8.78 29.19
CA GLY L 218 11.57 -9.46 28.74
C GLY L 218 12.49 -8.61 27.89
N ARG L 219 12.73 -7.36 28.29
CA ARG L 219 13.76 -6.56 27.64
C ARG L 219 15.14 -7.04 28.09
N LEU L 220 16.00 -7.34 27.12
CA LEU L 220 17.33 -7.85 27.42
C LEU L 220 18.39 -6.77 27.15
N TYR L 221 19.50 -6.88 27.88
CA TYR L 221 20.54 -5.86 27.91
C TYR L 221 21.81 -6.44 27.28
N LEU L 222 22.25 -5.84 26.18
CA LEU L 222 23.53 -6.21 25.60
C LEU L 222 24.66 -5.83 26.55
N GLN L 223 25.62 -6.74 26.71
CA GLN L 223 26.76 -6.49 27.58
C GLN L 223 27.97 -7.25 27.05
N THR L 224 29.15 -6.73 27.39
CA THR L 224 30.40 -7.28 26.89
C THR L 224 30.97 -8.38 27.78
N ARG L 225 30.48 -8.50 29.02
CA ARG L 225 31.04 -9.48 29.94
C ARG L 225 30.94 -10.89 29.37
N GLY L 226 29.71 -11.36 29.15
CA GLY L 226 29.51 -12.71 28.67
C GLY L 226 29.70 -12.90 27.19
N SER L 227 29.95 -11.83 26.45
CA SER L 227 30.05 -11.92 24.99
C SER L 227 31.38 -12.56 24.59
N ARG L 228 31.59 -12.66 23.29
CA ARG L 228 32.75 -13.35 22.71
C ARG L 228 33.39 -12.44 21.68
N PHE L 229 34.50 -11.81 22.05
CA PHE L 229 35.28 -10.98 21.15
C PHE L 229 36.44 -11.77 20.57
N ILE L 230 37.07 -11.20 19.55
CA ILE L 230 38.25 -11.78 18.92
C ILE L 230 39.17 -10.66 18.48
N LYS L 231 40.47 -10.82 18.75
CA LYS L 231 41.46 -9.88 18.24
C LYS L 231 41.24 -9.66 16.75
N PHE L 232 41.04 -8.42 16.35
CA PHE L 232 40.73 -8.09 14.97
C PHE L 232 41.67 -7.00 14.47
N GLN L 233 42.00 -7.10 13.19
CA GLN L 233 42.86 -6.13 12.52
C GLN L 233 42.48 -6.09 11.06
N GLU L 234 42.70 -4.95 10.42
CA GLU L 234 42.44 -4.78 9.00
C GLU L 234 43.66 -4.14 8.39
N MET L 235 44.24 -4.78 7.38
CA MET L 235 45.46 -4.30 6.76
C MET L 235 45.26 -4.15 5.26
N LYS L 236 46.08 -3.29 4.66
CA LYS L 236 46.15 -3.13 3.22
C LYS L 236 47.46 -3.74 2.73
N MET L 237 47.35 -4.61 1.73
CA MET L 237 48.50 -5.34 1.20
C MET L 237 48.68 -4.95 -0.26
N GLN L 238 49.89 -4.55 -0.62
CA GLN L 238 50.16 -3.94 -1.91
C GLN L 238 51.00 -4.86 -2.78
N GLU L 239 50.73 -4.84 -4.09
CA GLU L 239 51.48 -5.66 -5.01
C GLU L 239 52.98 -5.39 -4.90
N HIS L 240 53.76 -6.31 -5.44
CA HIS L 240 55.20 -6.14 -5.55
C HIS L 240 55.54 -5.47 -6.88
N SER L 241 56.58 -4.63 -6.85
CA SER L 241 56.90 -3.82 -8.01
C SER L 241 57.12 -4.67 -9.26
N ASP L 242 57.77 -5.82 -9.09
CA ASP L 242 58.12 -6.64 -10.26
C ASP L 242 56.91 -7.28 -10.91
N GLN L 243 55.79 -7.43 -10.19
CA GLN L 243 54.62 -8.10 -10.72
C GLN L 243 53.54 -7.15 -11.20
N VAL L 244 53.75 -5.84 -11.09
CA VAL L 244 52.81 -4.85 -11.60
C VAL L 244 52.94 -4.80 -13.11
N PRO L 245 51.86 -4.53 -13.86
CA PRO L 245 52.00 -4.43 -15.32
C PRO L 245 52.90 -3.27 -15.73
N VAL L 246 53.07 -3.08 -17.04
CA VAL L 246 54.07 -2.14 -17.55
C VAL L 246 53.86 -0.76 -16.95
N GLY L 247 52.73 -0.13 -17.24
CA GLY L 247 52.48 1.24 -16.85
C GLY L 247 51.59 1.46 -15.66
N ASN L 248 51.01 0.41 -15.09
CA ASN L 248 50.03 0.56 -14.03
C ASN L 248 50.72 0.90 -12.71
N ILE L 249 49.90 1.17 -11.70
CA ILE L 249 50.37 1.37 -10.34
C ILE L 249 50.09 0.09 -9.57
N PRO L 250 50.77 -0.18 -8.46
CA PRO L 250 50.50 -1.41 -7.71
C PRO L 250 49.08 -1.43 -7.18
N ARG L 251 48.51 -2.63 -7.14
CA ARG L 251 47.14 -2.83 -6.67
C ARG L 251 47.14 -3.23 -5.20
N SER L 252 46.09 -2.82 -4.50
CA SER L 252 45.95 -3.10 -3.08
C SER L 252 44.83 -4.11 -2.87
N ILE L 253 44.94 -4.84 -1.76
CA ILE L 253 43.89 -5.75 -1.32
C ILE L 253 43.68 -5.53 0.17
N THR L 254 42.46 -5.75 0.62
CA THR L 254 42.12 -5.65 2.03
C THR L 254 42.20 -7.02 2.65
N VAL L 255 42.91 -7.14 3.76
CA VAL L 255 43.09 -8.39 4.48
C VAL L 255 42.56 -8.21 5.88
N LEU L 256 41.59 -9.05 6.26
CA LEU L 256 41.02 -9.03 7.59
C LEU L 256 41.67 -10.13 8.42
N VAL L 257 42.38 -9.73 9.47
CA VAL L 257 43.14 -10.62 10.32
C VAL L 257 42.39 -10.79 11.63
N GLU L 258 42.28 -12.02 12.10
CA GLU L 258 41.53 -12.30 13.31
C GLU L 258 42.33 -13.20 14.23
N GLY L 259 42.04 -13.09 15.53
CA GLY L 259 42.61 -14.02 16.49
C GLY L 259 44.11 -13.92 16.57
N GLU L 260 44.77 -15.08 16.47
CA GLU L 260 46.21 -15.18 16.70
C GLU L 260 47.03 -14.71 15.51
N ASN L 261 46.43 -14.54 14.34
CA ASN L 261 47.17 -13.98 13.21
C ASN L 261 47.46 -12.50 13.38
N THR L 262 46.89 -11.86 14.40
CA THR L 262 47.10 -10.43 14.61
C THR L 262 48.51 -10.16 15.12
N ARG L 263 48.92 -8.90 15.00
CA ARG L 263 50.22 -8.43 15.47
C ARG L 263 51.39 -9.17 14.81
N ILE L 264 51.14 -9.83 13.68
CA ILE L 264 52.21 -10.50 12.94
C ILE L 264 52.88 -9.48 12.03
N ALA L 265 52.13 -8.95 11.07
CA ALA L 265 52.68 -8.03 10.10
C ALA L 265 52.56 -6.60 10.57
N GLN L 266 53.46 -5.75 10.08
CA GLN L 266 53.47 -4.33 10.35
C GLN L 266 53.75 -3.61 9.04
N PRO L 267 53.36 -2.34 8.93
CA PRO L 267 53.53 -1.65 7.64
C PRO L 267 54.99 -1.65 7.21
N GLY L 268 55.21 -1.89 5.92
CA GLY L 268 56.52 -1.99 5.36
C GLY L 268 57.05 -3.40 5.21
N ASP L 269 56.41 -4.37 5.85
CA ASP L 269 56.86 -5.76 5.79
C ASP L 269 56.50 -6.38 4.45
N HIS L 270 57.38 -7.23 3.95
CA HIS L 270 57.08 -8.09 2.81
C HIS L 270 56.47 -9.37 3.33
N VAL L 271 55.20 -9.61 3.01
CA VAL L 271 54.46 -10.72 3.59
C VAL L 271 53.85 -11.57 2.49
N SER L 272 53.57 -12.83 2.84
CA SER L 272 52.75 -13.73 2.07
C SER L 272 51.58 -14.13 2.95
N VAL L 273 50.36 -13.87 2.46
CA VAL L 273 49.14 -14.14 3.19
C VAL L 273 48.34 -15.18 2.42
N THR L 274 47.92 -16.24 3.11
CA THR L 274 47.07 -17.28 2.57
C THR L 274 45.73 -17.22 3.28
N GLY L 275 44.65 -17.19 2.49
CA GLY L 275 43.33 -17.05 3.05
C GLY L 275 42.27 -17.22 1.99
N ILE L 276 41.02 -17.00 2.40
CA ILE L 276 39.86 -17.18 1.53
C ILE L 276 39.43 -15.82 1.00
N PHE L 277 39.16 -15.75 -0.30
CA PHE L 277 38.71 -14.52 -0.96
C PHE L 277 37.19 -14.44 -0.80
N LEU L 278 36.73 -13.59 0.12
CA LEU L 278 35.33 -13.54 0.47
C LEU L 278 34.74 -12.15 0.24
N PRO L 279 33.44 -12.06 -0.07
CA PRO L 279 32.81 -10.76 -0.26
C PRO L 279 32.14 -10.21 0.99
N ILE L 280 31.92 -8.91 1.02
CA ILE L 280 31.09 -8.26 2.04
C ILE L 280 29.91 -7.60 1.32
N LEU L 281 28.71 -7.88 1.81
CA LEU L 281 27.51 -7.33 1.17
C LEU L 281 27.53 -5.81 1.26
N ARG L 282 27.10 -5.16 0.18
CA ARG L 282 27.31 -3.72 0.01
C ARG L 282 25.99 -2.95 0.03
N THR L 283 25.12 -3.26 0.97
CA THR L 283 23.86 -2.54 1.10
C THR L 283 24.06 -1.27 1.92
N GLY L 284 23.09 -0.37 1.79
CA GLY L 284 23.14 0.91 2.48
C GLY L 284 23.30 2.07 1.52
N PHE L 285 24.10 1.88 0.48
CA PHE L 285 24.32 2.92 -0.52
C PHE L 285 23.13 2.99 -1.46
N ARG L 286 23.10 4.06 -2.25
CA ARG L 286 22.12 4.21 -3.34
C ARG L 286 22.72 3.58 -4.59
N GLN L 287 22.66 2.26 -4.64
CA GLN L 287 23.27 1.49 -5.71
C GLN L 287 22.81 2.02 -7.06
N VAL L 288 23.76 2.56 -7.85
CA VAL L 288 23.41 3.08 -9.16
C VAL L 288 22.93 1.95 -10.07
N VAL L 289 23.60 0.82 -10.04
CA VAL L 289 23.28 -0.33 -10.89
C VAL L 289 22.65 -1.40 -10.02
N GLN L 290 21.56 -1.99 -10.52
CA GLN L 290 20.86 -3.03 -9.78
C GLN L 290 21.72 -4.27 -9.66
N GLY L 291 21.49 -5.03 -8.58
CA GLY L 291 22.26 -6.22 -8.30
C GLY L 291 22.78 -6.21 -6.88
N LEU L 292 23.28 -7.38 -6.47
CA LEU L 292 23.84 -7.56 -5.12
C LEU L 292 25.35 -7.42 -5.20
N LEU L 293 25.80 -6.17 -5.30
CA LEU L 293 27.22 -5.88 -5.34
C LEU L 293 27.82 -6.00 -3.94
N SER L 294 29.10 -6.33 -3.89
CA SER L 294 29.76 -6.63 -2.62
C SER L 294 31.22 -6.22 -2.69
N GLU L 295 31.79 -5.99 -1.53
CA GLU L 295 33.23 -5.72 -1.43
C GLU L 295 33.99 -7.02 -1.65
N THR L 296 35.31 -6.95 -1.46
CA THR L 296 36.15 -8.13 -1.50
C THR L 296 37.24 -8.01 -0.45
N TYR L 297 37.59 -9.13 0.16
CA TYR L 297 38.66 -9.13 1.14
C TYR L 297 39.23 -10.53 1.24
N LEU L 298 40.42 -10.61 1.82
CA LEU L 298 41.09 -11.87 2.10
C LEU L 298 41.07 -12.07 3.62
N GLU L 299 40.44 -13.15 4.06
CA GLU L 299 40.47 -13.47 5.48
C GLU L 299 41.77 -14.19 5.79
N ALA L 300 42.57 -13.61 6.68
CA ALA L 300 43.93 -14.10 6.90
C ALA L 300 43.91 -15.42 7.64
N HIS L 301 44.40 -16.47 6.99
CA HIS L 301 44.61 -17.76 7.64
C HIS L 301 46.07 -18.04 7.96
N ARG L 302 46.99 -17.59 7.11
CA ARG L 302 48.42 -17.78 7.38
C ARG L 302 49.19 -16.56 6.88
N ILE L 303 49.84 -15.86 7.79
CA ILE L 303 50.68 -14.70 7.47
C ILE L 303 52.13 -15.08 7.71
N VAL L 304 52.97 -14.87 6.70
CA VAL L 304 54.39 -15.25 6.77
C VAL L 304 55.21 -14.10 6.21
N LYS L 305 55.97 -13.43 7.09
CA LYS L 305 56.94 -12.46 6.61
C LYS L 305 57.99 -13.16 5.77
N MET L 306 58.30 -12.61 4.61
CA MET L 306 59.19 -13.32 3.70
C MET L 306 60.04 -12.35 2.89
N ASN L 307 61.23 -12.82 2.52
CA ASN L 307 62.07 -12.26 1.47
C ASN L 307 62.80 -10.98 1.87
N LYS L 308 62.42 -10.36 3.00
CA LYS L 308 63.28 -9.34 3.60
C LYS L 308 63.30 -9.37 5.12
N SER L 309 62.26 -9.88 5.77
CA SER L 309 62.13 -9.80 7.22
C SER L 309 61.60 -11.12 7.78
N GLU L 310 62.13 -12.23 7.28
CA GLU L 310 61.69 -13.54 7.75
C GLU L 310 61.83 -13.63 9.26
N ASP L 311 60.78 -14.09 9.92
CA ASP L 311 60.73 -14.12 11.38
C ASP L 311 61.18 -15.48 11.91
N LEU L 319 70.97 -23.60 14.73
CA LEU L 319 72.06 -23.33 13.79
C LEU L 319 72.73 -24.64 13.38
N THR L 320 73.80 -24.53 12.60
CA THR L 320 74.50 -25.68 12.07
C THR L 320 75.98 -25.60 12.42
N ARG L 321 76.64 -26.76 12.44
CA ARG L 321 78.08 -26.78 12.67
C ARG L 321 78.82 -26.01 11.59
N GLU L 322 78.31 -26.03 10.35
CA GLU L 322 78.94 -25.28 9.27
C GLU L 322 78.96 -23.79 9.58
N GLU L 323 77.82 -23.25 9.99
CA GLU L 323 77.76 -21.82 10.29
C GLU L 323 78.53 -21.48 11.56
N LEU L 324 78.54 -22.39 12.54
CA LEU L 324 79.34 -22.17 13.74
C LEU L 324 80.82 -22.09 13.38
N ARG L 325 81.29 -22.98 12.52
CA ARG L 325 82.68 -22.92 12.07
C ARG L 325 82.94 -21.63 11.29
N GLN L 326 82.00 -21.24 10.43
CA GLN L 326 82.16 -20.01 9.66
C GLN L 326 82.32 -18.82 10.58
N ILE L 327 81.53 -18.77 11.65
CA ILE L 327 81.67 -17.70 12.64
C ILE L 327 83.03 -17.81 13.34
N ALA L 328 83.42 -19.03 13.72
CA ALA L 328 84.68 -19.21 14.41
C ALA L 328 85.86 -18.75 13.56
N GLU L 329 85.72 -18.79 12.24
CA GLU L 329 86.77 -18.28 11.37
C GLU L 329 87.08 -16.83 11.72
N GLU L 330 88.37 -16.49 11.74
CA GLU L 330 88.76 -15.15 12.13
C GLU L 330 88.49 -14.13 11.02
N ASP L 331 88.50 -14.57 9.76
CA ASP L 331 88.23 -13.69 8.63
C ASP L 331 86.73 -13.58 8.33
N PHE L 332 85.88 -13.93 9.28
CA PHE L 332 84.44 -13.83 9.05
C PHE L 332 84.02 -12.39 8.77
N TYR L 333 84.66 -11.43 9.47
CA TYR L 333 84.40 -10.02 9.20
C TYR L 333 84.64 -9.69 7.73
N GLU L 334 85.81 -10.06 7.20
CA GLU L 334 86.11 -9.76 5.81
C GLU L 334 85.20 -10.55 4.86
N LYS L 335 84.82 -11.77 5.24
CA LYS L 335 83.89 -12.52 4.41
C LYS L 335 82.58 -11.77 4.25
N LEU L 336 81.99 -11.32 5.37
CA LEU L 336 80.75 -10.56 5.30
C LEU L 336 80.94 -9.29 4.50
N ALA L 337 82.03 -8.56 4.76
CA ALA L 337 82.27 -7.31 4.04
C ALA L 337 82.30 -7.55 2.53
N ALA L 338 83.12 -8.50 2.09
CA ALA L 338 83.20 -8.79 0.66
C ALA L 338 81.87 -9.29 0.12
N SER L 339 81.06 -9.91 0.97
CA SER L 339 79.75 -10.37 0.52
C SER L 339 78.75 -9.22 0.37
N ILE L 340 78.98 -8.10 1.05
CA ILE L 340 78.10 -6.94 0.89
C ILE L 340 78.28 -6.41 -0.52
N ALA L 341 77.25 -6.56 -1.35
CA ALA L 341 77.28 -6.08 -2.72
C ALA L 341 78.50 -6.62 -3.46
N PRO L 342 78.54 -7.93 -3.72
CA PRO L 342 79.72 -8.49 -4.41
C PRO L 342 79.96 -7.90 -5.77
N GLU L 343 78.90 -7.46 -6.46
CA GLU L 343 79.07 -6.92 -7.80
C GLU L 343 79.92 -5.66 -7.79
N ILE L 344 79.73 -4.79 -6.79
CA ILE L 344 80.46 -3.54 -6.73
C ILE L 344 81.94 -3.83 -6.52
N TYR L 345 82.76 -3.39 -7.47
CA TYR L 345 84.21 -3.61 -7.39
C TYR L 345 84.85 -2.55 -6.52
N GLY L 346 85.76 -2.97 -5.64
CA GLY L 346 86.43 -2.04 -4.78
C GLY L 346 85.55 -1.59 -3.63
N HIS L 347 85.91 -0.44 -3.07
CA HIS L 347 85.19 0.14 -1.94
C HIS L 347 85.16 -0.85 -0.76
N GLU L 348 86.30 -1.48 -0.49
CA GLU L 348 86.36 -2.48 0.56
C GLU L 348 86.06 -1.87 1.92
N ASP L 349 86.73 -0.77 2.25
CA ASP L 349 86.49 -0.11 3.53
C ASP L 349 85.08 0.47 3.60
N VAL L 350 84.56 0.94 2.48
CA VAL L 350 83.18 1.43 2.46
C VAL L 350 82.22 0.31 2.82
N LYS L 351 82.42 -0.87 2.22
CA LYS L 351 81.55 -2.00 2.50
C LYS L 351 81.72 -2.48 3.94
N LYS L 352 82.93 -2.42 4.47
CA LYS L 352 83.12 -2.76 5.87
C LYS L 352 82.37 -1.79 6.78
N ALA L 353 82.41 -0.50 6.45
CA ALA L 353 81.62 0.47 7.21
C ALA L 353 80.13 0.18 7.10
N LEU L 354 79.67 -0.21 5.91
CA LEU L 354 78.26 -0.55 5.74
C LEU L 354 77.88 -1.77 6.58
N LEU L 355 78.76 -2.76 6.65
CA LEU L 355 78.51 -3.92 7.50
C LEU L 355 78.44 -3.50 8.97
N LEU L 356 79.34 -2.63 9.40
CA LEU L 356 79.28 -2.12 10.76
C LEU L 356 77.97 -1.37 11.00
N LEU L 357 77.49 -0.65 10.00
CA LEU L 357 76.19 -0.01 10.09
C LEU L 357 75.09 -1.05 10.30
N LEU L 358 75.09 -2.09 9.47
CA LEU L 358 74.06 -3.12 9.56
C LEU L 358 74.08 -3.80 10.92
N VAL L 359 75.25 -3.90 11.55
CA VAL L 359 75.34 -4.55 12.85
C VAL L 359 74.93 -3.59 13.97
N GLY L 360 75.66 -2.50 14.12
CA GLY L 360 75.34 -1.49 15.10
C GLY L 360 75.96 -1.75 16.46
N GLY L 361 76.11 -0.68 17.23
CA GLY L 361 76.66 -0.75 18.56
C GLY L 361 75.61 -1.01 19.63
N VAL L 362 76.08 -1.14 20.86
CA VAL L 362 75.21 -1.42 22.00
C VAL L 362 74.60 -0.13 22.51
N ASP L 363 73.31 -0.17 22.82
CA ASP L 363 72.63 0.98 23.38
C ASP L 363 72.98 1.12 24.86
N GLN L 364 73.19 2.37 25.29
CA GLN L 364 73.58 2.68 26.65
C GLN L 364 72.52 3.54 27.32
N SER L 365 72.26 3.25 28.60
CA SER L 365 71.29 4.00 29.40
C SER L 365 71.89 4.36 30.75
N PRO L 366 72.95 5.17 30.76
CA PRO L 366 73.57 5.58 32.03
C PRO L 366 72.86 6.76 32.67
N ARG L 367 72.18 6.49 33.77
CA ARG L 367 71.62 7.52 34.65
C ARG L 367 70.81 8.56 33.85
N GLY L 368 69.73 8.08 33.27
CA GLY L 368 68.72 8.95 32.69
C GLY L 368 69.15 9.71 31.45
N MET L 369 69.89 9.07 30.54
CA MET L 369 70.09 9.61 29.20
C MET L 369 70.65 8.52 28.29
N LYS L 370 70.10 8.41 27.09
CA LYS L 370 70.41 7.30 26.21
C LYS L 370 71.51 7.69 25.22
N ILE L 371 72.54 6.87 25.12
CA ILE L 371 73.56 7.01 24.09
C ILE L 371 73.32 5.91 23.07
N ARG L 372 72.57 6.21 22.03
CA ARG L 372 72.16 5.19 21.09
C ARG L 372 73.36 4.56 20.40
N GLY L 373 73.25 3.28 20.10
CA GLY L 373 74.29 2.54 19.44
C GLY L 373 74.23 2.55 17.93
N ASN L 374 73.30 3.30 17.35
CA ASN L 374 73.19 3.34 15.90
C ASN L 374 74.41 4.00 15.28
N ILE L 375 74.71 3.59 14.04
CA ILE L 375 75.85 4.11 13.29
C ILE L 375 75.31 4.89 12.11
N ASN L 376 75.78 6.13 11.95
CA ASN L 376 75.36 7.02 10.88
C ASN L 376 76.49 7.21 9.89
N ILE L 377 76.19 6.96 8.61
CA ILE L 377 77.18 6.98 7.54
C ILE L 377 76.64 7.82 6.40
N CYS L 378 77.48 8.71 5.87
CA CYS L 378 77.11 9.56 4.74
C CYS L 378 78.14 9.36 3.63
N LEU L 379 77.68 8.90 2.48
CA LEU L 379 78.55 8.62 1.33
C LEU L 379 78.54 9.83 0.41
N MET L 380 79.53 10.70 0.58
CA MET L 380 79.81 11.74 -0.40
C MET L 380 80.65 11.16 -1.52
N GLY L 381 80.34 11.55 -2.76
CA GLY L 381 81.10 11.05 -3.88
C GLY L 381 80.71 11.72 -5.18
N ASP L 382 81.59 11.56 -6.17
CA ASP L 382 81.33 12.05 -7.50
C ASP L 382 80.23 11.22 -8.14
N PRO L 383 79.76 11.60 -9.32
CA PRO L 383 78.76 10.78 -10.01
C PRO L 383 79.31 9.41 -10.36
N GLY L 384 78.43 8.41 -10.35
CA GLY L 384 78.77 7.08 -10.79
C GLY L 384 79.84 6.39 -9.98
N VAL L 385 79.72 6.43 -8.65
CA VAL L 385 80.60 5.67 -7.77
C VAL L 385 79.79 4.67 -6.95
N ALA L 386 78.59 4.32 -7.40
CA ALA L 386 77.78 3.26 -6.84
C ALA L 386 77.24 3.56 -5.46
N LYS L 387 77.11 4.84 -5.09
CA LYS L 387 76.46 5.17 -3.82
C LYS L 387 75.01 4.73 -3.82
N SER L 388 74.29 5.02 -4.91
CA SER L 388 72.90 4.59 -5.01
C SER L 388 72.78 3.08 -5.00
N GLN L 389 73.69 2.39 -5.69
CA GLN L 389 73.66 0.93 -5.68
C GLN L 389 73.90 0.39 -4.29
N LEU L 390 74.86 0.97 -3.55
CA LEU L 390 75.12 0.51 -2.19
C LEU L 390 73.90 0.72 -1.31
N LEU L 391 73.27 1.90 -1.40
CA LEU L 391 72.11 2.16 -0.56
C LEU L 391 70.97 1.22 -0.92
N SER L 392 70.74 0.97 -2.21
CA SER L 392 69.67 0.05 -2.60
C SER L 392 69.96 -1.36 -2.10
N TYR L 393 71.22 -1.79 -2.19
CA TYR L 393 71.57 -3.12 -1.68
C TYR L 393 71.34 -3.22 -0.19
N ILE L 394 71.73 -2.18 0.56
CA ILE L 394 71.51 -2.19 2.00
C ILE L 394 70.01 -2.20 2.29
N ASP L 395 69.22 -1.51 1.47
CA ASP L 395 67.78 -1.55 1.65
C ASP L 395 67.24 -2.95 1.45
N ARG L 396 67.70 -3.65 0.41
CA ARG L 396 67.25 -5.01 0.18
C ARG L 396 67.73 -5.96 1.27
N LEU L 397 68.88 -5.67 1.88
CA LEU L 397 69.49 -6.61 2.82
C LEU L 397 68.90 -6.45 4.23
N ALA L 398 68.87 -5.23 4.74
CA ALA L 398 68.49 -5.03 6.13
C ALA L 398 67.03 -5.44 6.35
N PRO L 399 66.68 -5.89 7.56
CA PRO L 399 65.31 -6.34 7.81
C PRO L 399 64.27 -5.24 7.64
N ARG L 400 64.42 -4.14 8.39
CA ARG L 400 63.50 -3.00 8.34
C ARG L 400 64.22 -1.85 7.64
N SER L 401 64.14 -1.82 6.31
CA SER L 401 64.88 -0.86 5.52
C SER L 401 63.91 -0.01 4.70
N GLN L 402 64.09 1.30 4.77
CA GLN L 402 63.32 2.26 3.96
C GLN L 402 64.28 3.07 3.13
N TYR L 403 64.16 2.99 1.81
CA TYR L 403 65.04 3.68 0.87
C TYR L 403 64.29 4.87 0.30
N THR L 404 64.68 6.07 0.71
CA THR L 404 63.99 7.30 0.35
C THR L 404 64.89 8.12 -0.57
N THR L 405 64.40 8.43 -1.76
CA THR L 405 65.13 9.25 -2.72
C THR L 405 64.99 10.72 -2.32
N GLY L 406 65.27 11.62 -3.26
CA GLY L 406 65.29 13.03 -2.96
C GLY L 406 64.02 13.58 -2.33
N ARG L 407 62.96 13.71 -3.11
CA ARG L 407 61.76 14.40 -2.66
C ARG L 407 60.46 13.66 -2.91
N GLY L 408 60.49 12.50 -3.56
CA GLY L 408 59.27 11.72 -3.72
C GLY L 408 58.65 11.38 -2.39
N SER L 409 59.47 11.04 -1.40
CA SER L 409 59.04 10.79 -0.03
C SER L 409 59.59 11.92 0.83
N SER L 410 58.83 13.01 0.91
CA SER L 410 59.25 14.22 1.61
C SER L 410 58.13 14.69 2.52
N GLY L 411 58.51 15.41 3.57
CA GLY L 411 57.55 15.89 4.55
C GLY L 411 56.93 14.74 5.31
N VAL L 412 55.62 14.52 5.11
CA VAL L 412 54.97 13.37 5.72
C VAL L 412 55.37 12.06 5.06
N GLY L 413 56.11 12.12 3.95
CA GLY L 413 56.71 10.91 3.41
C GLY L 413 57.84 10.38 4.27
N LEU L 414 58.42 11.23 5.11
CA LEU L 414 59.42 10.83 6.10
C LEU L 414 58.87 10.83 7.51
N THR L 415 57.98 11.77 7.84
CA THR L 415 57.39 11.90 9.16
C THR L 415 55.93 11.46 9.11
N ALA L 416 55.35 11.21 10.28
CA ALA L 416 53.99 10.71 10.35
C ALA L 416 52.98 11.78 9.97
N ALA L 417 51.82 11.33 9.48
CA ALA L 417 50.68 12.21 9.25
C ALA L 417 49.44 11.62 9.93
N VAL L 418 48.29 12.23 9.68
CA VAL L 418 47.03 11.81 10.28
C VAL L 418 46.04 11.50 9.17
N LEU L 419 45.42 10.33 9.24
CA LEU L 419 44.44 9.90 8.24
C LEU L 419 43.18 9.38 8.93
N ARG L 420 42.04 9.60 8.29
CA ARG L 420 40.79 9.09 8.82
C ARG L 420 40.76 7.56 8.73
N ASP L 421 40.21 6.93 9.75
CA ASP L 421 40.08 5.48 9.79
C ASP L 421 38.79 5.03 9.12
N SER L 422 38.63 3.72 8.99
CA SER L 422 37.42 3.11 8.47
C SER L 422 36.73 2.21 9.49
N VAL L 423 37.49 1.39 10.20
CA VAL L 423 36.90 0.52 11.23
C VAL L 423 36.29 1.36 12.34
N SER L 424 36.93 2.48 12.68
CA SER L 424 36.43 3.37 13.73
C SER L 424 36.14 4.78 13.25
N GLY L 425 36.51 5.13 12.01
CA GLY L 425 36.29 6.48 11.53
C GLY L 425 37.06 7.53 12.29
N GLU L 426 38.06 7.13 13.07
CA GLU L 426 38.85 8.04 13.87
C GLU L 426 39.99 8.61 13.03
N LEU L 427 40.78 9.49 13.65
CA LEU L 427 42.00 10.02 13.04
C LEU L 427 43.18 9.25 13.61
N THR L 428 43.78 8.40 12.77
CA THR L 428 44.90 7.56 13.18
C THR L 428 46.20 8.16 12.65
N LEU L 429 47.25 8.02 13.44
CA LEU L 429 48.56 8.55 13.11
C LEU L 429 49.35 7.50 12.36
N GLU L 430 49.66 7.78 11.09
CA GLU L 430 50.37 6.85 10.23
C GLU L 430 51.81 7.30 10.08
N GLY L 431 52.74 6.37 10.29
CA GLY L 431 54.15 6.72 10.23
C GLY L 431 54.64 6.92 8.82
N GLY L 432 55.73 7.69 8.71
CA GLY L 432 56.40 7.92 7.45
C GLY L 432 57.53 6.93 7.23
N ALA L 433 58.46 7.31 6.36
CA ALA L 433 59.58 6.43 6.06
C ALA L 433 60.41 6.16 7.31
N LEU L 434 60.69 7.20 8.11
CA LEU L 434 61.51 7.00 9.29
C LEU L 434 60.85 6.04 10.27
N VAL L 435 59.53 6.18 10.48
CA VAL L 435 58.86 5.29 11.42
C VAL L 435 58.78 3.87 10.86
N LEU L 436 58.50 3.75 9.55
CA LEU L 436 58.49 2.42 8.94
C LEU L 436 59.85 1.75 9.09
N ALA L 437 60.92 2.52 9.10
CA ALA L 437 62.25 2.01 9.41
C ALA L 437 62.64 2.29 10.86
N ASP L 438 61.66 2.42 11.74
CA ASP L 438 61.89 2.83 13.13
C ASP L 438 63.16 2.23 13.72
N GLN L 439 63.29 0.90 13.69
CA GLN L 439 64.45 0.26 14.31
C GLN L 439 65.25 -0.52 13.27
N GLY L 440 65.48 0.10 12.12
CA GLY L 440 66.28 -0.52 11.08
C GLY L 440 67.20 0.48 10.41
N VAL L 441 67.16 0.51 9.08
CA VAL L 441 68.03 1.36 8.28
C VAL L 441 67.18 2.22 7.37
N CYS L 442 67.46 3.52 7.36
CA CYS L 442 66.83 4.46 6.44
C CYS L 442 67.90 4.97 5.48
N CYS L 443 67.85 4.50 4.24
CA CYS L 443 68.81 4.87 3.21
C CYS L 443 68.31 6.14 2.53
N ILE L 444 68.89 7.28 2.91
CA ILE L 444 68.52 8.56 2.33
C ILE L 444 69.44 8.82 1.14
N ASP L 445 68.84 9.04 -0.03
CA ASP L 445 69.59 9.38 -1.23
C ASP L 445 69.36 10.85 -1.56
N GLU L 446 70.39 11.48 -2.13
CA GLU L 446 70.34 12.90 -2.42
C GLU L 446 70.07 13.72 -1.16
N PHE L 447 70.74 13.34 -0.07
CA PHE L 447 70.54 14.05 1.19
C PHE L 447 70.87 15.52 1.07
N ASP L 448 71.86 15.87 0.24
CA ASP L 448 72.20 17.28 0.05
C ASP L 448 71.04 18.04 -0.59
N LYS L 449 70.40 17.45 -1.59
CA LYS L 449 69.30 18.10 -2.29
C LYS L 449 67.97 17.91 -1.59
N MET L 450 67.92 17.16 -0.50
CA MET L 450 66.69 17.00 0.25
C MET L 450 66.27 18.34 0.86
N ALA L 451 64.96 18.50 1.05
CA ALA L 451 64.41 19.76 1.53
C ALA L 451 64.99 20.13 2.89
N GLU L 452 64.76 21.38 3.28
CA GLU L 452 65.30 21.86 4.55
C GLU L 452 64.55 21.27 5.73
N ALA L 453 63.22 21.21 5.65
CA ALA L 453 62.45 20.60 6.73
C ALA L 453 62.79 19.13 6.88
N ASP L 454 62.91 18.41 5.77
CA ASP L 454 63.29 17.01 5.82
C ASP L 454 64.69 16.84 6.41
N ARG L 455 65.62 17.71 6.02
CA ARG L 455 66.98 17.61 6.56
C ARG L 455 66.99 17.88 8.05
N THR L 456 66.19 18.83 8.52
CA THR L 456 66.10 19.09 9.95
C THR L 456 65.48 17.91 10.68
N ALA L 457 64.48 17.28 10.07
CA ALA L 457 63.90 16.09 10.69
C ALA L 457 64.94 14.97 10.80
N ILE L 458 65.75 14.79 9.76
CA ILE L 458 66.80 13.77 9.82
C ILE L 458 67.82 14.12 10.88
N HIS L 459 68.19 15.39 10.99
CA HIS L 459 69.11 15.80 12.04
C HIS L 459 68.54 15.49 13.41
N GLU L 460 67.25 15.77 13.60
CA GLU L 460 66.62 15.49 14.90
C GLU L 460 66.58 14.00 15.19
N VAL L 461 66.31 13.17 14.18
CA VAL L 461 66.26 11.74 14.41
C VAL L 461 67.65 11.21 14.75
N MET L 462 68.68 11.76 14.10
CA MET L 462 70.05 11.37 14.44
C MET L 462 70.38 11.75 15.88
N GLU L 463 70.04 12.97 16.28
CA GLU L 463 70.44 13.46 17.59
C GLU L 463 69.60 12.85 18.71
N GLN L 464 68.38 12.41 18.42
CA GLN L 464 67.44 11.99 19.46
C GLN L 464 66.73 10.68 19.18
N GLN L 465 66.70 10.19 17.94
CA GLN L 465 65.97 9.00 17.56
C GLN L 465 64.46 9.20 17.60
N THR L 466 63.99 10.42 17.85
CA THR L 466 62.58 10.74 17.90
C THR L 466 62.25 11.79 16.83
N ILE L 467 60.96 12.05 16.66
CA ILE L 467 60.49 13.08 15.75
C ILE L 467 59.37 13.84 16.42
N SER L 468 59.66 15.04 16.93
CA SER L 468 58.65 15.88 17.54
C SER L 468 57.95 16.71 16.48
N ILE L 469 56.63 16.76 16.55
CA ILE L 469 55.80 17.49 15.60
C ILE L 469 54.82 18.34 16.38
N ALA L 470 54.71 19.61 15.99
CA ALA L 470 53.80 20.54 16.64
C ALA L 470 53.05 21.35 15.58
N LYS L 471 52.50 20.66 14.58
CA LYS L 471 51.71 21.30 13.54
C LYS L 471 50.24 21.30 13.95
N ALA L 472 49.35 21.61 13.01
CA ALA L 472 47.94 21.78 13.34
C ALA L 472 47.27 20.45 13.65
N GLY L 473 47.19 19.57 12.67
CA GLY L 473 46.46 18.32 12.84
C GLY L 473 47.20 17.26 13.62
N ILE L 474 48.47 17.48 13.94
CA ILE L 474 49.31 16.46 14.56
C ILE L 474 50.16 17.13 15.64
N LEU L 475 50.22 16.50 16.82
CA LEU L 475 51.04 16.99 17.94
C LEU L 475 51.50 15.77 18.72
N THR L 476 52.69 15.28 18.39
CA THR L 476 53.18 14.02 18.94
C THR L 476 54.70 14.04 18.97
N THR L 477 55.25 13.09 19.73
CA THR L 477 56.70 12.85 19.80
C THR L 477 56.93 11.42 19.32
N LEU L 478 57.22 11.26 18.03
CA LEU L 478 57.36 9.95 17.43
C LEU L 478 58.61 9.25 17.97
N ASN L 479 58.80 8.01 17.53
CA ASN L 479 59.99 7.23 17.84
C ASN L 479 60.52 6.63 16.54
N ALA L 480 61.76 6.99 16.19
CA ALA L 480 62.42 6.45 15.00
C ALA L 480 63.88 6.17 15.39
N ARG L 481 64.14 4.96 15.87
CA ARG L 481 65.49 4.57 16.30
C ARG L 481 66.26 3.95 15.14
N CYS L 482 66.30 4.65 14.02
CA CYS L 482 66.88 4.12 12.79
C CYS L 482 68.31 4.63 12.61
N SER L 483 69.05 3.92 11.77
CA SER L 483 70.41 4.30 11.40
C SER L 483 70.39 4.90 10.01
N ILE L 484 70.92 6.10 9.87
CA ILE L 484 70.85 6.86 8.63
C ILE L 484 72.03 6.50 7.75
N LEU L 485 71.74 6.11 6.52
CA LEU L 485 72.77 5.84 5.51
C LEU L 485 72.52 6.83 4.37
N ALA L 486 73.08 8.02 4.49
CA ALA L 486 72.90 9.07 3.50
C ALA L 486 73.89 8.91 2.36
N ALA L 487 73.47 9.32 1.16
CA ALA L 487 74.30 9.28 -0.04
C ALA L 487 74.17 10.62 -0.75
N ALA L 488 75.02 11.58 -0.36
CA ALA L 488 75.04 12.90 -0.96
C ALA L 488 76.16 12.98 -1.99
N ASN L 489 76.21 14.12 -2.67
CA ASN L 489 77.28 14.41 -3.60
C ASN L 489 77.84 15.80 -3.34
N PRO L 490 79.14 16.03 -3.64
CA PRO L 490 79.70 17.36 -3.39
C PRO L 490 79.12 18.43 -4.30
N GLN L 503 86.79 22.19 2.04
CA GLN L 503 85.51 21.52 1.93
C GLN L 503 85.38 20.82 0.59
N ASN L 504 86.52 20.45 -0.01
CA ASN L 504 86.52 19.92 -1.37
C ASN L 504 85.78 20.90 -2.27
N ILE L 505 84.51 20.63 -2.56
CA ILE L 505 83.63 21.62 -3.15
C ILE L 505 82.32 21.79 -2.40
N GLN L 506 81.86 20.80 -1.65
CA GLN L 506 80.68 20.96 -0.80
C GLN L 506 80.79 19.95 0.34
N LEU L 507 81.22 20.41 1.50
CA LEU L 507 81.46 19.55 2.67
C LEU L 507 80.93 20.25 3.92
N PRO L 508 79.61 20.27 4.09
CA PRO L 508 79.02 21.06 5.19
C PRO L 508 79.50 20.60 6.56
N ALA L 509 79.85 21.58 7.40
CA ALA L 509 80.11 21.29 8.80
C ALA L 509 78.86 20.71 9.46
N ALA L 510 77.68 21.03 8.93
CA ALA L 510 76.45 20.44 9.46
C ALA L 510 76.47 18.92 9.33
N LEU L 511 76.90 18.42 8.16
CA LEU L 511 77.03 16.98 8.00
C LEU L 511 78.19 16.43 8.81
N LEU L 512 79.32 17.17 8.85
CA LEU L 512 80.48 16.68 9.57
C LEU L 512 80.17 16.47 11.06
N SER L 513 79.46 17.43 11.67
CA SER L 513 79.25 17.37 13.11
C SER L 513 78.31 16.25 13.52
N ARG L 514 77.53 15.69 12.59
CA ARG L 514 76.52 14.69 12.91
C ARG L 514 76.89 13.30 12.43
N PHE L 515 77.23 13.14 11.15
CA PHE L 515 77.50 11.81 10.63
C PHE L 515 78.72 11.21 11.33
N ASP L 516 78.55 10.02 11.91
CA ASP L 516 79.65 9.35 12.58
C ASP L 516 80.72 8.89 11.59
N LEU L 517 80.33 8.65 10.34
CA LEU L 517 81.30 8.25 9.31
C LEU L 517 80.91 8.94 8.00
N LEU L 518 81.65 9.99 7.65
CA LEU L 518 81.45 10.71 6.40
C LEU L 518 82.54 10.28 5.43
N TRP L 519 82.15 9.56 4.38
CA TRP L 519 83.08 8.97 3.43
C TRP L 519 83.02 9.75 2.13
N LEU L 520 84.18 10.17 1.63
CA LEU L 520 84.28 10.78 0.32
C LEU L 520 84.79 9.76 -0.68
N ILE L 521 84.09 9.65 -1.82
CA ILE L 521 84.40 8.66 -2.83
C ILE L 521 84.75 9.43 -4.10
N GLN L 522 86.04 9.69 -4.29
CA GLN L 522 86.54 10.36 -5.49
C GLN L 522 87.15 9.31 -6.41
N ASP L 523 86.79 9.36 -7.69
CA ASP L 523 87.26 8.40 -8.68
C ASP L 523 88.20 9.12 -9.63
N ARG L 524 89.48 9.20 -9.24
CA ARG L 524 90.49 9.74 -10.14
C ARG L 524 90.81 8.71 -11.22
N PRO L 525 90.92 9.13 -12.48
CA PRO L 525 91.23 8.17 -13.54
C PRO L 525 92.58 7.49 -13.29
N ASP L 526 92.62 6.20 -13.60
CA ASP L 526 93.84 5.40 -13.43
C ASP L 526 93.74 4.18 -14.32
N ARG L 527 94.75 3.99 -15.18
CA ARG L 527 94.68 2.94 -16.19
C ARG L 527 94.44 1.57 -15.56
N ASP L 528 95.25 1.21 -14.56
CA ASP L 528 95.16 -0.13 -14.00
C ASP L 528 93.84 -0.34 -13.27
N ASN L 529 93.49 0.57 -12.36
CA ASN L 529 92.26 0.42 -11.59
C ASN L 529 91.05 0.49 -12.50
N ASP L 530 91.05 1.42 -13.45
CA ASP L 530 89.92 1.52 -14.38
C ASP L 530 89.79 0.26 -15.22
N LEU L 531 90.91 -0.32 -15.66
CA LEU L 531 90.83 -1.54 -16.45
C LEU L 531 90.29 -2.70 -15.62
N ARG L 532 90.73 -2.82 -14.36
CA ARG L 532 90.20 -3.87 -13.50
C ARG L 532 88.70 -3.69 -13.29
N LEU L 533 88.26 -2.46 -13.02
CA LEU L 533 86.84 -2.20 -12.83
C LEU L 533 86.07 -2.51 -14.10
N ALA L 534 86.62 -2.17 -15.26
CA ALA L 534 85.93 -2.44 -16.52
C ALA L 534 85.79 -3.94 -16.75
N GLN L 535 86.82 -4.71 -16.44
CA GLN L 535 86.72 -6.16 -16.56
C GLN L 535 85.66 -6.71 -15.61
N HIS L 536 85.63 -6.20 -14.37
CA HIS L 536 84.59 -6.62 -13.43
C HIS L 536 83.21 -6.32 -14.01
N ILE L 537 83.01 -5.11 -14.50
CA ILE L 537 81.70 -4.71 -15.01
C ILE L 537 81.31 -5.58 -16.20
N THR L 538 82.25 -5.84 -17.11
CA THR L 538 81.90 -6.57 -18.32
C THR L 538 81.60 -8.04 -18.00
N TYR L 539 82.33 -8.64 -17.06
CA TYR L 539 81.97 -9.99 -16.65
C TYR L 539 80.60 -10.01 -15.97
N VAL L 540 80.30 -8.97 -15.19
CA VAL L 540 78.99 -8.89 -14.54
C VAL L 540 77.90 -8.85 -15.61
N HIS L 541 78.08 -8.03 -16.63
CA HIS L 541 77.09 -7.96 -17.70
C HIS L 541 77.04 -9.23 -18.52
N GLN L 542 78.14 -9.99 -18.56
CA GLN L 542 78.15 -11.24 -19.31
C GLN L 542 77.38 -12.34 -18.58
N HIS L 543 77.57 -12.45 -17.26
CA HIS L 543 77.10 -13.63 -16.53
C HIS L 543 76.09 -13.30 -15.43
N SER L 544 75.56 -12.08 -15.37
CA SER L 544 74.60 -11.68 -14.35
C SER L 544 75.11 -11.95 -12.93
N ARG L 545 76.42 -11.99 -12.76
CA ARG L 545 77.00 -12.21 -11.44
C ARG L 545 78.43 -11.67 -11.43
N GLN L 546 78.93 -11.44 -10.23
CA GLN L 546 80.29 -10.95 -10.09
C GLN L 546 81.28 -12.01 -10.54
N PRO L 547 82.49 -11.61 -10.94
CA PRO L 547 83.50 -12.59 -11.32
C PRO L 547 83.78 -13.54 -10.17
N PRO L 548 84.02 -14.82 -10.46
CA PRO L 548 84.31 -15.76 -9.38
C PRO L 548 85.56 -15.34 -8.61
N SER L 549 85.50 -15.50 -7.29
CA SER L 549 86.58 -15.11 -6.40
C SER L 549 86.98 -16.30 -5.54
N GLN L 550 87.99 -16.09 -4.69
CA GLN L 550 88.43 -17.16 -3.80
C GLN L 550 87.32 -17.56 -2.84
N PHE L 551 86.57 -16.58 -2.34
CA PHE L 551 85.51 -16.82 -1.37
C PHE L 551 84.16 -16.52 -2.01
N GLU L 552 83.27 -17.51 -2.01
CA GLU L 552 81.94 -17.29 -2.55
C GLU L 552 81.16 -16.39 -1.61
N PRO L 553 80.51 -15.34 -2.11
CA PRO L 553 79.81 -14.43 -1.20
C PRO L 553 78.59 -15.10 -0.58
N LEU L 554 78.30 -14.71 0.66
CA LEU L 554 77.18 -15.28 1.38
C LEU L 554 75.86 -14.85 0.75
N ASP L 555 74.88 -15.75 0.81
CA ASP L 555 73.54 -15.40 0.35
C ASP L 555 72.87 -14.46 1.35
N MET L 556 71.97 -13.62 0.84
CA MET L 556 71.35 -12.60 1.68
C MET L 556 70.75 -13.20 2.94
N LYS L 557 70.16 -14.39 2.83
CA LYS L 557 69.58 -15.03 4.01
C LYS L 557 70.65 -15.30 5.05
N LEU L 558 71.79 -15.85 4.61
CA LEU L 558 72.88 -16.11 5.55
C LEU L 558 73.41 -14.80 6.16
N MET L 559 73.56 -13.77 5.34
CA MET L 559 74.05 -12.50 5.86
C MET L 559 73.10 -11.95 6.92
N ARG L 560 71.80 -11.99 6.64
CA ARG L 560 70.82 -11.51 7.60
C ARG L 560 70.87 -12.34 8.88
N ARG L 561 71.01 -13.65 8.75
CA ARG L 561 71.06 -14.52 9.93
C ARG L 561 72.27 -14.17 10.80
N TYR L 562 73.45 -14.06 10.17
CA TYR L 562 74.65 -13.74 10.93
C TYR L 562 74.53 -12.37 11.60
N ILE L 563 74.04 -11.38 10.85
CA ILE L 563 73.92 -10.03 11.41
C ILE L 563 72.95 -10.03 12.58
N ALA L 564 71.82 -10.73 12.44
CA ALA L 564 70.84 -10.79 13.51
C ALA L 564 71.41 -11.46 14.75
N MET L 565 72.14 -12.57 14.56
CA MET L 565 72.75 -13.23 15.70
C MET L 565 73.76 -12.31 16.39
N CYS L 566 74.52 -11.55 15.60
CA CYS L 566 75.44 -10.59 16.19
C CYS L 566 74.69 -9.53 17.00
N ARG L 567 73.56 -9.04 16.47
CA ARG L 567 72.86 -7.93 17.11
C ARG L 567 72.59 -8.21 18.57
N GLU L 568 72.22 -9.45 18.91
CA GLU L 568 71.97 -9.84 20.29
C GLU L 568 73.21 -10.45 20.93
N LYS L 569 74.34 -9.75 20.85
CA LYS L 569 75.60 -10.21 21.43
C LYS L 569 76.34 -9.05 22.07
N GLN L 570 75.60 -8.23 22.81
CA GLN L 570 76.09 -6.98 23.36
C GLN L 570 77.46 -7.14 24.02
N PRO L 571 78.53 -6.62 23.41
CA PRO L 571 79.83 -6.63 24.09
C PRO L 571 80.08 -5.36 24.88
N MET L 572 80.69 -5.52 26.06
CA MET L 572 81.00 -4.40 26.92
C MET L 572 82.43 -3.93 26.69
N VAL L 573 82.73 -2.75 27.20
CA VAL L 573 84.04 -2.13 27.07
C VAL L 573 84.80 -2.34 28.38
N PRO L 574 85.86 -3.14 28.41
CA PRO L 574 86.61 -3.31 29.65
C PRO L 574 87.33 -2.04 30.04
N GLU L 575 87.51 -1.85 31.35
CA GLU L 575 88.19 -0.67 31.84
C GLU L 575 89.65 -0.63 31.44
N SER L 576 90.22 -1.77 31.01
CA SER L 576 91.61 -1.79 30.57
C SER L 576 91.80 -0.91 29.34
N LEU L 577 90.86 -0.95 28.40
CA LEU L 577 90.96 -0.18 27.17
C LEU L 577 90.69 1.30 27.37
N ALA L 578 90.34 1.73 28.58
CA ALA L 578 89.99 3.14 28.80
C ALA L 578 91.14 4.05 28.39
N ASP L 579 92.35 3.78 28.90
CA ASP L 579 93.48 4.65 28.60
C ASP L 579 93.86 4.56 27.13
N TYR L 580 93.75 3.39 26.52
CA TYR L 580 94.06 3.26 25.10
C TYR L 580 93.12 4.12 24.26
N ILE L 581 91.82 4.05 24.56
CA ILE L 581 90.85 4.86 23.83
C ILE L 581 91.11 6.34 24.05
N THR L 582 91.39 6.72 25.30
CA THR L 582 91.65 8.12 25.60
C THR L 582 92.88 8.63 24.85
N ALA L 583 93.93 7.81 24.80
CA ALA L 583 95.15 8.20 24.08
C ALA L 583 94.87 8.36 22.59
N ALA L 584 94.14 7.42 22.00
CA ALA L 584 93.82 7.54 20.58
C ALA L 584 93.01 8.80 20.31
N TYR L 585 92.02 9.08 21.16
CA TYR L 585 91.19 10.26 20.98
C TYR L 585 92.01 11.54 21.10
N VAL L 586 92.89 11.61 22.10
CA VAL L 586 93.71 12.80 22.28
C VAL L 586 94.66 12.98 21.11
N GLU L 587 95.24 11.88 20.62
CA GLU L 587 96.12 11.98 19.46
C GLU L 587 95.37 12.49 18.25
N MET L 588 94.15 12.00 18.01
CA MET L 588 93.36 12.49 16.90
C MET L 588 93.02 13.97 17.07
N ARG L 589 92.73 14.38 18.32
CA ARG L 589 92.45 15.78 18.57
C ARG L 589 93.66 16.65 18.23
N ARG L 590 94.85 16.21 18.64
CA ARG L 590 96.07 16.97 18.32
C ARG L 590 96.27 17.04 16.82
N GLU L 591 96.09 15.93 16.12
CA GLU L 591 96.27 15.93 14.66
C GLU L 591 95.29 16.88 13.99
N ALA L 592 94.03 16.84 14.40
CA ALA L 592 93.02 17.72 13.81
C ALA L 592 93.35 19.18 14.10
N TRP L 593 93.76 19.49 15.32
CA TRP L 593 94.10 20.87 15.66
C TRP L 593 95.27 21.35 14.81
N ALA L 594 96.30 20.51 14.63
CA ALA L 594 97.44 20.91 13.82
C ALA L 594 97.05 21.10 12.36
N SER L 595 96.23 20.20 11.82
CA SER L 595 95.92 20.24 10.40
C SER L 595 94.98 21.40 10.08
N LYS L 596 94.58 21.47 8.82
CA LYS L 596 93.67 22.50 8.34
C LYS L 596 92.28 21.92 8.16
N TYR L 600 87.94 18.19 11.56
CA TYR L 600 86.97 18.30 12.64
C TYR L 600 86.95 17.03 13.49
N THR L 601 86.96 17.21 14.81
CA THR L 601 86.93 16.09 15.74
C THR L 601 86.37 16.58 17.07
N SER L 602 85.65 15.71 17.75
CA SER L 602 85.00 16.09 19.00
C SER L 602 84.46 14.84 19.70
N ALA L 603 83.71 15.07 20.77
CA ALA L 603 83.11 13.97 21.51
C ALA L 603 82.23 13.11 20.62
N ARG L 604 81.66 13.69 19.56
CA ARG L 604 80.95 12.87 18.58
C ARG L 604 81.88 11.88 17.93
N THR L 605 83.10 12.30 17.59
CA THR L 605 84.08 11.38 17.04
C THR L 605 84.48 10.32 18.07
N LEU L 606 84.60 10.71 19.34
CA LEU L 606 84.93 9.72 20.37
C LEU L 606 83.82 8.69 20.49
N LEU L 607 82.56 9.12 20.49
CA LEU L 607 81.46 8.17 20.56
C LEU L 607 81.39 7.30 19.31
N ALA L 608 81.75 7.85 18.15
CA ALA L 608 81.86 7.04 16.95
C ALA L 608 82.91 5.95 17.13
N ILE L 609 84.06 6.30 17.72
CA ILE L 609 85.08 5.30 18.04
C ILE L 609 84.48 4.22 18.92
N LEU L 610 83.81 4.63 20.00
CA LEU L 610 83.29 3.66 20.96
C LEU L 610 82.30 2.71 20.31
N ARG L 611 81.34 3.25 19.56
CA ARG L 611 80.30 2.40 18.99
C ARG L 611 80.82 1.57 17.82
N LEU L 612 81.76 2.08 17.02
CA LEU L 612 82.37 1.25 15.98
C LEU L 612 83.15 0.10 16.59
N SER L 613 83.91 0.36 17.66
CA SER L 613 84.62 -0.73 18.33
C SER L 613 83.65 -1.74 18.90
N THR L 614 82.57 -1.26 19.52
CA THR L 614 81.55 -2.16 20.05
C THR L 614 80.94 -3.02 18.96
N ALA L 615 80.65 -2.42 17.80
CA ALA L 615 80.06 -3.17 16.71
C ALA L 615 81.04 -4.18 16.13
N LEU L 616 82.33 -3.84 16.08
CA LEU L 616 83.33 -4.80 15.64
C LEU L 616 83.43 -5.97 16.60
N ALA L 617 83.42 -5.70 17.90
CA ALA L 617 83.41 -6.77 18.89
C ALA L 617 82.18 -7.64 18.73
N ARG L 618 81.02 -7.01 18.50
CA ARG L 618 79.79 -7.77 18.28
C ARG L 618 79.91 -8.64 17.04
N LEU L 619 80.51 -8.12 15.98
CA LEU L 619 80.72 -8.90 14.77
C LEU L 619 81.58 -10.14 15.07
N ARG L 620 82.67 -9.94 15.80
CA ARG L 620 83.46 -11.08 16.25
C ARG L 620 82.69 -11.98 17.21
N MET L 621 81.58 -11.48 17.76
CA MET L 621 80.67 -12.30 18.56
C MET L 621 81.28 -12.62 19.93
N VAL L 622 82.02 -11.67 20.48
CA VAL L 622 82.58 -11.80 21.81
C VAL L 622 81.78 -10.90 22.75
N ASP L 623 82.02 -11.07 24.05
CA ASP L 623 81.39 -10.25 25.07
C ASP L 623 82.22 -9.05 25.46
N VAL L 624 83.50 -9.02 25.10
CA VAL L 624 84.40 -7.94 25.47
C VAL L 624 85.12 -7.44 24.22
N VAL L 625 85.10 -6.11 24.02
CA VAL L 625 85.81 -5.52 22.90
C VAL L 625 87.32 -5.57 23.15
N GLU L 626 88.09 -5.53 22.07
CA GLU L 626 89.52 -5.74 22.12
C GLU L 626 90.26 -4.65 21.35
N LYS L 627 91.57 -4.59 21.60
CA LYS L 627 92.41 -3.62 20.91
C LYS L 627 92.36 -3.81 19.40
N GLU L 628 92.14 -5.04 18.92
CA GLU L 628 91.99 -5.23 17.49
C GLU L 628 90.75 -4.52 16.97
N ASP L 629 89.63 -4.62 17.70
CA ASP L 629 88.42 -3.90 17.31
C ASP L 629 88.65 -2.39 17.34
N VAL L 630 89.31 -1.90 18.39
CA VAL L 630 89.58 -0.46 18.49
C VAL L 630 90.45 -0.02 17.32
N ASN L 631 91.48 -0.80 17.00
CA ASN L 631 92.38 -0.44 15.90
C ASN L 631 91.64 -0.44 14.58
N GLU L 632 90.76 -1.42 14.35
CA GLU L 632 90.00 -1.43 13.10
C GLU L 632 89.07 -0.23 13.02
N ALA L 633 88.42 0.12 14.13
CA ALA L 633 87.56 1.29 14.14
C ALA L 633 88.34 2.55 13.80
N ILE L 634 89.52 2.72 14.44
CA ILE L 634 90.34 3.89 14.16
C ILE L 634 90.80 3.87 12.71
N ARG L 635 91.12 2.70 12.17
CA ARG L 635 91.58 2.62 10.79
C ARG L 635 90.48 3.05 9.83
N LEU L 636 89.26 2.57 10.04
CA LEU L 636 88.15 2.98 9.19
C LEU L 636 87.89 4.48 9.33
N MET L 637 87.97 5.00 10.55
CA MET L 637 87.76 6.42 10.76
C MET L 637 88.81 7.25 10.03
N GLU L 638 90.08 6.82 10.10
CA GLU L 638 91.14 7.56 9.41
C GLU L 638 90.99 7.46 7.90
N MET L 639 90.56 6.30 7.39
CA MET L 639 90.30 6.20 5.96
C MET L 639 89.22 7.18 5.54
N SER L 640 88.14 7.26 6.32
CA SER L 640 87.08 8.22 6.01
C SER L 640 87.62 9.65 6.07
N LYS L 641 88.41 9.98 7.10
CA LYS L 641 88.90 11.33 7.27
C LYS L 641 89.81 11.74 6.12
N ASP L 642 90.78 10.89 5.77
CA ASP L 642 91.70 11.23 4.71
C ASP L 642 91.11 11.02 3.33
N SER L 643 89.91 10.43 3.23
CA SER L 643 89.18 10.50 1.97
C SER L 643 88.84 11.95 1.63
N LEU L 644 88.69 12.80 2.65
CA LEU L 644 88.43 14.22 2.40
C LEU L 644 89.58 14.85 1.64
N LEU L 645 90.81 14.53 2.01
CA LEU L 645 92.00 15.15 1.43
C LEU L 645 92.37 14.47 0.11
#